data_9L01
#
_entry.id   9L01
#
loop_
_entity.id
_entity.type
_entity.pdbx_description
1 polymer 'adaptor protein'
2 polymer 'Putative portal protein'
#
loop_
_entity_poly.entity_id
_entity_poly.type
_entity_poly.pdbx_seq_one_letter_code
_entity_poly.pdbx_strand_id
1 'polypeptide(L)'
;MNQETLIAVVEQMRKLVPALRKVPDETLYAWVEMAELFVCQKTFKDAYVKALALYALHLAFLDGALKGEDEDLESYSRRV
TSFSLSGEFSQTFGEVTKNQSGDMMLSTPWGKMFEQLKARRRGRFALMTGLRGGCH
;
B,A,C,D,E,F,G,H,I,J,K,L
2 'polypeptide(L)'
;MKIVKHDGYNDIFNGGADGSPKPFFMSDASYHVGSFYNDNATAKRIVDVIPEEMVTAGFKMSGVKDEKEFKSLWDSYKLD
SSLVDLLCWARLYGGAAMVAIIKDNRMLTSQAKPGAKLEGVRVYDRFAITVEKRVTNARSPRYGEPEIYKVSPGDNMQPY
LIHHSRVFIADGERVAQQARKQNQGWGASVLNKSLIDAICDYDYCESLATQILRRKQQAVWKVKGLAEMCDDDDAQYAAR
LRLAQVDDNSGVGRAIGIDAETEEYDVLNSDISGVPEFLSSKMDRIVSLSGIHEIIIKNKNVGGVSASQNTALETFYKLV
DRKREEDYRPLLEFLLPFIVDEEEWSIEFEPLSVPSKKEESEITKNNVESVTKAITEQIIDLEEARDTLRSIAPEFKLKD
GNNINIREPEETTEPEPGLGEKLEDEN
;
M,N,O,P,Q,R,S,T,U,V,W,X
#
# COMPACT_ATOMS: atom_id res chain seq x y z
N ASN A 2 -59.18 46.51 4.80
CA ASN A 2 -60.19 46.99 5.75
C ASN A 2 -60.13 48.50 5.90
N GLN A 3 -60.95 49.03 6.81
CA GLN A 3 -60.96 50.46 7.09
C GLN A 3 -60.54 50.82 8.50
N GLU A 4 -61.13 50.19 9.52
CA GLU A 4 -60.78 50.53 10.90
C GLU A 4 -59.30 50.27 11.18
N THR A 5 -58.70 49.32 10.46
CA THR A 5 -57.26 49.08 10.60
C THR A 5 -56.46 50.32 10.23
N LEU A 6 -56.90 51.04 9.19
CA LEU A 6 -56.19 52.25 8.78
C LEU A 6 -56.20 53.31 9.87
N ILE A 7 -57.37 53.57 10.46
CA ILE A 7 -57.44 54.56 11.53
C ILE A 7 -56.61 54.10 12.73
N ALA A 8 -56.67 52.81 13.06
CA ALA A 8 -55.90 52.32 14.20
C ALA A 8 -54.40 52.50 13.96
N VAL A 9 -53.94 52.17 12.75
CA VAL A 9 -52.51 52.28 12.45
C VAL A 9 -52.07 53.74 12.47
N VAL A 10 -52.86 54.63 11.86
CA VAL A 10 -52.50 56.05 11.85
C VAL A 10 -52.48 56.60 13.27
N GLU A 11 -53.46 56.22 14.09
CA GLU A 11 -53.51 56.71 15.46
C GLU A 11 -52.30 56.19 16.25
N GLN A 12 -51.90 54.94 16.04
CA GLN A 12 -50.71 54.43 16.70
C GLN A 12 -49.45 55.17 16.26
N MET A 13 -49.33 55.45 14.96
CA MET A 13 -48.18 56.20 14.48
C MET A 13 -48.13 57.58 15.10
N ARG A 14 -49.28 58.25 15.21
CA ARG A 14 -49.30 59.58 15.84
C ARG A 14 -49.02 59.50 17.34
N LYS A 15 -49.43 58.41 17.99
CA LYS A 15 -49.11 58.23 19.40
C LYS A 15 -47.61 58.04 19.60
N LEU A 16 -46.98 57.22 18.77
CA LEU A 16 -45.56 56.94 18.93
C LEU A 16 -44.72 58.18 18.66
N VAL A 17 -44.96 58.84 17.53
CA VAL A 17 -44.22 60.03 17.15
C VAL A 17 -45.17 61.22 17.11
N PRO A 18 -44.94 62.23 17.95
CA PRO A 18 -45.72 63.47 17.82
C PRO A 18 -45.25 64.29 16.63
N ALA A 19 -45.91 65.43 16.39
CA ALA A 19 -45.64 66.36 15.30
C ALA A 19 -45.96 65.76 13.93
N LEU A 20 -46.36 64.49 13.86
CA LEU A 20 -46.94 63.93 12.65
C LEU A 20 -48.44 64.17 12.58
N ARG A 21 -49.03 64.75 13.62
CA ARG A 21 -50.45 65.05 13.63
C ARG A 21 -50.80 66.12 12.60
N LYS A 22 -49.89 67.08 12.39
CA LYS A 22 -50.14 68.16 11.46
C LYS A 22 -50.15 67.69 10.00
N VAL A 23 -49.64 66.50 9.73
CA VAL A 23 -49.60 65.99 8.36
C VAL A 23 -51.02 65.63 7.92
N PRO A 24 -51.43 65.96 6.70
CA PRO A 24 -52.79 65.59 6.24
C PRO A 24 -53.01 64.09 6.29
N ASP A 25 -54.25 63.70 6.58
CA ASP A 25 -54.58 62.30 6.81
C ASP A 25 -54.45 61.44 5.57
N GLU A 26 -54.61 62.02 4.37
CA GLU A 26 -54.62 61.20 3.16
C GLU A 26 -53.24 60.66 2.83
N THR A 27 -52.19 61.47 3.04
CA THR A 27 -50.84 60.99 2.78
C THR A 27 -50.46 59.85 3.72
N LEU A 28 -50.86 59.95 4.99
CA LEU A 28 -50.63 58.85 5.92
C LEU A 28 -51.38 57.60 5.49
N TYR A 29 -52.61 57.75 5.00
CA TYR A 29 -53.34 56.60 4.48
C TYR A 29 -52.59 55.96 3.31
N ALA A 30 -52.10 56.77 2.39
CA ALA A 30 -51.37 56.24 1.23
C ALA A 30 -50.13 55.49 1.66
N TRP A 31 -49.37 56.07 2.61
CA TRP A 31 -48.17 55.40 3.09
C TRP A 31 -48.51 54.10 3.81
N VAL A 32 -49.63 54.08 4.54
CA VAL A 32 -50.04 52.86 5.24
C VAL A 32 -50.40 51.77 4.23
N GLU A 33 -51.16 52.10 3.19
CA GLU A 33 -51.48 51.11 2.17
C GLU A 33 -50.22 50.62 1.46
N MET A 34 -49.26 51.51 1.24
CA MET A 34 -47.99 51.07 0.67
C MET A 34 -47.26 50.11 1.60
N ALA A 35 -47.28 50.39 2.91
CA ALA A 35 -46.58 49.54 3.86
C ALA A 35 -47.27 48.19 4.02
N GLU A 36 -48.59 48.15 3.83
CA GLU A 36 -49.33 46.91 4.04
C GLU A 36 -48.92 45.82 3.05
N LEU A 37 -48.35 46.21 1.90
CA LEU A 37 -47.89 45.21 0.94
C LEU A 37 -46.79 44.33 1.50
N PHE A 38 -45.90 44.89 2.32
CA PHE A 38 -44.73 44.16 2.81
C PHE A 38 -45.03 43.34 4.06
N VAL A 39 -45.84 43.87 4.97
CA VAL A 39 -46.06 43.23 6.27
C VAL A 39 -47.02 42.07 6.11
N CYS A 40 -46.66 40.93 6.70
CA CYS A 40 -47.55 39.78 6.75
C CYS A 40 -48.55 39.94 7.90
N GLN A 41 -49.49 39.01 7.97
CA GLN A 41 -50.54 39.06 8.98
C GLN A 41 -50.57 37.82 9.85
N LYS A 42 -50.40 36.62 9.27
CA LYS A 42 -50.52 35.40 10.05
C LYS A 42 -49.44 35.32 11.12
N THR A 43 -48.21 35.72 10.79
CA THR A 43 -47.10 35.60 11.74
C THR A 43 -47.27 36.57 12.91
N PHE A 44 -47.58 37.83 12.62
CA PHE A 44 -47.65 38.82 13.69
C PHE A 44 -48.90 38.64 14.54
N LYS A 45 -50.01 38.23 13.94
CA LYS A 45 -51.23 37.90 14.66
C LYS A 45 -51.76 39.10 15.44
N ASP A 46 -51.54 39.10 16.75
CA ASP A 46 -52.14 40.12 17.61
C ASP A 46 -51.48 41.49 17.43
N ALA A 47 -50.18 41.50 17.14
CA ALA A 47 -49.41 42.73 17.03
C ALA A 47 -49.42 43.32 15.62
N TYR A 48 -50.47 43.02 14.84
CA TYR A 48 -50.52 43.45 13.45
C TYR A 48 -50.49 44.97 13.32
N VAL A 49 -51.28 45.66 14.14
CA VAL A 49 -51.37 47.12 14.04
C VAL A 49 -50.03 47.76 14.36
N LYS A 50 -49.38 47.29 15.43
CA LYS A 50 -48.10 47.88 15.83
C LYS A 50 -47.02 47.58 14.79
N ALA A 51 -47.01 46.37 14.24
CA ALA A 51 -46.04 46.04 13.20
C ALA A 51 -46.25 46.91 11.96
N LEU A 52 -47.51 47.11 11.58
CA LEU A 52 -47.81 47.95 10.42
C LEU A 52 -47.37 49.39 10.67
N ALA A 53 -47.60 49.90 11.89
CA ALA A 53 -47.17 51.25 12.21
C ALA A 53 -45.65 51.38 12.14
N LEU A 54 -44.93 50.39 12.68
CA LEU A 54 -43.47 50.43 12.64
C LEU A 54 -42.95 50.40 11.22
N TYR A 55 -43.52 49.54 10.37
CA TYR A 55 -43.08 49.46 8.98
C TYR A 55 -43.40 50.75 8.22
N ALA A 56 -44.57 51.33 8.49
CA ALA A 56 -44.93 52.58 7.83
C ALA A 56 -43.97 53.70 8.23
N LEU A 57 -43.61 53.77 9.51
CA LEU A 57 -42.64 54.77 9.95
C LEU A 57 -41.28 54.54 9.29
N HIS A 58 -40.86 53.27 9.20
CA HIS A 58 -39.57 52.98 8.57
C HIS A 58 -39.56 53.41 7.11
N LEU A 59 -40.65 53.13 6.38
CA LEU A 59 -40.72 53.56 4.99
C LEU A 59 -40.79 55.08 4.89
N ALA A 60 -41.45 55.74 5.84
CA ALA A 60 -41.54 57.19 5.81
C ALA A 60 -40.21 57.86 6.11
N PHE A 61 -39.32 57.22 6.86
CA PHE A 61 -38.05 57.82 7.22
C PHE A 61 -36.86 56.99 6.73
N LEU A 62 -37.00 56.35 5.58
CA LEU A 62 -35.92 55.51 5.06
C LEU A 62 -34.68 56.34 4.76
N ASP A 63 -34.77 57.24 3.79
CA ASP A 63 -33.69 58.17 3.47
C ASP A 63 -34.19 59.59 3.35
N GLY A 64 -35.43 59.83 3.78
CA GLY A 64 -36.10 61.09 3.58
C GLY A 64 -37.06 60.96 2.42
N ALA A 65 -38.32 60.64 2.71
CA ALA A 65 -39.28 60.36 1.65
C ALA A 65 -40.56 61.16 1.83
N LEU A 66 -40.91 61.48 3.08
CA LEU A 66 -42.13 62.23 3.35
C LEU A 66 -42.06 63.63 2.76
N LYS A 67 -40.99 64.35 3.08
CA LYS A 67 -40.69 65.67 2.51
C LYS A 67 -41.89 66.59 2.80
N GLY A 68 -42.38 67.33 1.81
CA GLY A 68 -43.50 68.23 2.02
C GLY A 68 -44.12 68.61 0.69
N GLU A 69 -45.13 69.47 0.77
CA GLU A 69 -45.85 69.88 -0.43
C GLU A 69 -44.98 70.77 -1.32
N ASP A 70 -44.18 71.65 -0.72
CA ASP A 70 -43.46 72.68 -1.45
C ASP A 70 -41.99 72.41 -1.65
N GLU A 71 -41.48 71.26 -1.19
CA GLU A 71 -40.05 70.95 -1.35
C GLU A 71 -39.66 70.91 -2.83
N ASP A 72 -38.54 71.54 -3.17
CA ASP A 72 -38.10 71.62 -4.55
C ASP A 72 -37.69 70.24 -5.09
N LEU A 73 -37.81 70.06 -6.40
CA LEU A 73 -37.52 68.76 -7.01
C LEU A 73 -36.05 68.38 -6.89
N GLU A 74 -35.16 69.37 -6.80
CA GLU A 74 -33.72 69.07 -6.78
C GLU A 74 -33.31 68.34 -5.51
N SER A 75 -33.98 68.62 -4.39
CA SER A 75 -33.53 68.11 -3.10
C SER A 75 -33.73 66.60 -2.93
N TYR A 76 -34.29 65.91 -3.92
CA TYR A 76 -34.52 64.48 -3.79
C TYR A 76 -33.31 63.63 -4.18
N SER A 77 -32.26 64.24 -4.75
CA SER A 77 -31.04 63.52 -5.07
C SER A 77 -29.81 64.13 -4.40
N ARG A 78 -29.99 65.01 -3.43
CA ARG A 78 -28.91 65.77 -2.82
C ARG A 78 -29.44 66.51 -1.60
N ARG A 79 -28.52 66.89 -0.71
CA ARG A 79 -28.87 67.59 0.52
C ARG A 79 -27.99 68.82 0.68
N VAL A 80 -28.37 69.69 1.61
CA VAL A 80 -27.58 70.88 1.94
C VAL A 80 -26.75 70.56 3.17
N THR A 81 -25.43 70.58 3.03
CA THR A 81 -24.56 70.27 4.16
C THR A 81 -24.51 71.41 5.16
N SER A 82 -24.42 72.65 4.68
CA SER A 82 -24.35 73.81 5.56
C SER A 82 -24.90 75.02 4.85
N PHE A 83 -25.29 76.02 5.64
CA PHE A 83 -25.83 77.27 5.12
C PHE A 83 -25.56 78.38 6.12
N SER A 84 -25.30 79.57 5.59
CA SER A 84 -25.02 80.72 6.44
C SER A 84 -25.43 81.99 5.70
N LEU A 85 -25.93 82.96 6.47
CA LEU A 85 -26.42 84.22 5.93
C LEU A 85 -25.50 85.35 6.42
N SER A 86 -24.50 85.67 5.60
CA SER A 86 -23.57 86.76 5.87
C SER A 86 -23.00 86.70 7.28
N GLY A 87 -23.23 87.76 8.05
CA GLY A 87 -22.86 87.83 9.45
C GLY A 87 -23.99 87.63 10.42
N GLU A 88 -25.10 87.02 9.99
CA GLU A 88 -26.25 86.86 10.87
C GLU A 88 -26.16 85.56 11.66
N PHE A 89 -26.09 84.43 10.96
CA PHE A 89 -26.06 83.13 11.62
C PHE A 89 -25.40 82.11 10.70
N SER A 90 -25.05 80.97 11.28
CA SER A 90 -24.45 79.87 10.52
C SER A 90 -24.97 78.55 11.09
N GLN A 91 -24.93 77.52 10.26
CA GLN A 91 -25.45 76.22 10.67
C GLN A 91 -24.84 75.13 9.78
N THR A 92 -24.62 73.97 10.37
CA THR A 92 -24.08 72.81 9.66
C THR A 92 -24.95 71.59 9.94
N PHE A 93 -25.01 70.69 8.97
CA PHE A 93 -25.85 69.51 9.04
C PHE A 93 -25.02 68.26 8.76
N GLY A 94 -25.58 67.12 9.16
CA GLY A 94 -24.91 65.84 8.95
C GLY A 94 -25.90 64.69 9.02
N GLU A 95 -25.39 63.51 8.69
CA GLU A 95 -26.23 62.31 8.70
C GLU A 95 -26.52 61.88 10.13
N VAL A 96 -27.59 61.09 10.28
CA VAL A 96 -28.04 60.72 11.62
C VAL A 96 -27.22 59.55 12.16
N THR A 97 -26.81 58.64 11.28
CA THR A 97 -26.02 57.48 11.70
C THR A 97 -25.42 56.82 10.46
N LYS A 98 -24.39 56.00 10.71
CA LYS A 98 -23.72 55.24 9.66
C LYS A 98 -23.93 53.76 9.93
N ASN A 99 -24.48 53.05 8.95
CA ASN A 99 -24.65 51.60 9.02
C ASN A 99 -23.57 50.95 8.17
N GLN A 100 -22.74 50.12 8.80
CA GLN A 100 -21.65 49.48 8.08
C GLN A 100 -22.17 48.53 7.01
N SER A 101 -23.12 47.67 7.39
CA SER A 101 -23.67 46.71 6.45
C SER A 101 -24.58 47.42 5.45
N GLY A 102 -24.47 47.04 4.18
CA GLY A 102 -25.34 47.58 3.15
C GLY A 102 -26.70 46.92 3.14
N ASP A 103 -27.37 46.92 4.29
CA ASP A 103 -28.66 46.25 4.45
C ASP A 103 -29.71 47.27 4.87
N MET A 104 -30.82 47.28 4.14
CA MET A 104 -31.97 48.08 4.55
C MET A 104 -32.64 47.41 5.75
N MET A 105 -33.42 48.22 6.49
CA MET A 105 -34.08 47.92 7.77
C MET A 105 -33.10 48.04 8.93
N LEU A 106 -31.82 48.33 8.68
CA LEU A 106 -30.87 48.65 9.74
C LEU A 106 -30.40 50.10 9.66
N SER A 107 -31.14 50.95 8.94
CA SER A 107 -30.79 52.35 8.79
C SER A 107 -31.55 53.26 9.75
N THR A 108 -32.68 52.80 10.30
CA THR A 108 -33.50 53.57 11.21
C THR A 108 -33.88 52.73 12.42
N PRO A 109 -34.12 53.36 13.57
CA PRO A 109 -34.52 52.60 14.76
C PRO A 109 -35.80 51.81 14.58
N TRP A 110 -36.76 52.32 13.81
CA TRP A 110 -38.00 51.59 13.57
C TRP A 110 -37.74 50.30 12.81
N GLY A 111 -36.82 50.32 11.84
CA GLY A 111 -36.46 49.09 11.15
C GLY A 111 -35.87 48.05 12.07
N LYS A 112 -34.98 48.47 12.96
CA LYS A 112 -34.38 47.54 13.92
C LYS A 112 -35.45 46.97 14.85
N MET A 113 -36.36 47.82 15.32
CA MET A 113 -37.44 47.34 16.21
C MET A 113 -38.32 46.34 15.48
N PHE A 114 -38.67 46.62 14.23
CA PHE A 114 -39.47 45.69 13.44
C PHE A 114 -38.75 44.37 13.23
N GLU A 115 -37.45 44.44 12.94
CA GLU A 115 -36.66 43.22 12.72
C GLU A 115 -36.63 42.36 13.97
N GLN A 116 -36.42 42.99 15.13
CA GLN A 116 -36.38 42.21 16.37
C GLN A 116 -37.75 41.67 16.73
N LEU A 117 -38.83 42.42 16.46
CA LEU A 117 -40.16 41.90 16.70
C LEU A 117 -40.44 40.68 15.81
N LYS A 118 -40.05 40.75 14.54
CA LYS A 118 -40.24 39.60 13.65
C LYS A 118 -39.40 38.41 14.12
N ALA A 119 -38.18 38.67 14.58
CA ALA A 119 -37.35 37.58 15.11
C ALA A 119 -37.99 36.95 16.33
N ARG A 120 -38.61 37.76 17.20
CA ARG A 120 -39.26 37.22 18.38
C ARG A 120 -40.48 36.40 18.03
N ARG A 121 -41.29 36.86 17.08
CA ARG A 121 -42.56 36.17 16.83
C ARG A 121 -42.42 34.99 15.89
N ARG A 122 -41.70 35.13 14.78
CA ARG A 122 -41.49 34.02 13.86
C ARG A 122 -40.04 33.63 13.73
N GLY A 123 -39.16 34.58 13.44
CA GLY A 123 -37.76 34.30 13.19
C GLY A 123 -37.32 34.78 11.82
N ARG A 124 -36.01 34.80 11.63
CA ARG A 124 -35.40 35.25 10.38
C ARG A 124 -34.66 34.05 9.77
N PHE A 125 -35.40 33.22 9.03
CA PHE A 125 -34.82 32.06 8.38
C PHE A 125 -35.82 31.55 7.34
N ALA A 126 -35.31 30.71 6.43
CA ALA A 126 -36.13 30.07 5.42
C ALA A 126 -35.49 28.72 5.09
N LEU A 127 -36.03 27.65 5.66
CA LEU A 127 -35.51 26.29 5.49
C LEU A 127 -36.52 25.49 4.69
N MET A 128 -36.15 25.13 3.47
CA MET A 128 -37.09 24.54 2.52
C MET A 128 -36.51 23.26 1.93
N THR A 129 -37.41 22.41 1.44
CA THR A 129 -37.06 21.24 0.64
C THR A 129 -38.02 21.16 -0.53
N GLY A 130 -37.57 20.51 -1.61
CA GLY A 130 -38.38 20.44 -2.82
C GLY A 130 -39.65 19.65 -2.61
N LEU A 131 -40.62 19.91 -3.49
CA LEU A 131 -41.89 19.21 -3.45
C LEU A 131 -41.90 18.01 -4.39
N HIS B 32 3.53 -8.92 50.54
CA HIS B 32 3.13 -10.30 50.78
C HIS B 32 2.64 -10.94 49.48
N VAL B 33 3.24 -12.08 49.12
CA VAL B 33 2.92 -12.72 47.85
C VAL B 33 1.57 -13.42 47.88
N GLY B 34 0.98 -13.61 49.07
CA GLY B 34 -0.31 -14.29 49.13
C GLY B 34 -1.42 -13.51 48.46
N SER B 35 -1.49 -12.20 48.71
CA SER B 35 -2.52 -11.37 48.09
C SER B 35 -2.35 -11.30 46.59
N PHE B 36 -1.10 -11.17 46.12
CA PHE B 36 -0.85 -11.15 44.69
C PHE B 36 -1.20 -12.49 44.04
N TYR B 37 -0.91 -13.59 44.70
CA TYR B 37 -1.30 -14.90 44.20
C TYR B 37 -2.81 -15.04 44.13
N ASN B 38 -3.52 -14.54 45.14
CA ASN B 38 -4.97 -14.69 45.18
C ASN B 38 -5.65 -13.83 44.12
N ASP B 39 -5.24 -12.56 44.00
CA ASP B 39 -5.97 -11.63 43.15
C ASP B 39 -5.69 -11.88 41.66
N ASN B 40 -4.44 -12.12 41.29
CA ASN B 40 -4.07 -12.24 39.89
C ASN B 40 -4.24 -13.67 39.40
N ALA B 41 -4.92 -13.84 38.27
CA ALA B 41 -5.08 -15.16 37.68
C ALA B 41 -3.81 -15.61 36.95
N THR B 42 -3.08 -14.68 36.34
CA THR B 42 -1.87 -15.04 35.62
C THR B 42 -0.81 -15.59 36.55
N ALA B 43 -0.62 -14.96 37.71
CA ALA B 43 0.33 -15.46 38.68
C ALA B 43 -0.08 -16.83 39.21
N LYS B 44 -1.38 -17.03 39.45
CA LYS B 44 -1.86 -18.32 39.91
C LYS B 44 -1.58 -19.40 38.87
N ARG B 45 -1.84 -19.11 37.59
CA ARG B 45 -1.55 -20.08 36.55
C ARG B 45 -0.05 -20.38 36.48
N ILE B 46 0.78 -19.34 36.57
CA ILE B 46 2.22 -19.54 36.50
C ILE B 46 2.68 -20.44 37.64
N VAL B 47 2.13 -20.24 38.84
CA VAL B 47 2.56 -21.04 39.98
C VAL B 47 2.07 -22.49 39.86
N ASP B 48 0.81 -22.69 39.47
CA ASP B 48 0.20 -24.01 39.57
C ASP B 48 0.23 -24.83 38.27
N VAL B 49 0.77 -24.30 37.18
CA VAL B 49 0.71 -25.07 35.93
C VAL B 49 1.66 -26.25 35.94
N ILE B 50 2.84 -26.11 36.56
CA ILE B 50 3.88 -27.13 36.48
C ILE B 50 3.61 -28.31 37.43
N PRO B 51 3.36 -28.09 38.73
CA PRO B 51 3.19 -29.26 39.62
C PRO B 51 2.05 -30.17 39.21
N GLU B 52 0.93 -29.61 38.76
CA GLU B 52 -0.19 -30.44 38.32
C GLU B 52 0.20 -31.26 37.10
N GLU B 53 0.92 -30.66 36.16
CA GLU B 53 1.36 -31.39 34.98
C GLU B 53 2.29 -32.54 35.36
N MET B 54 3.18 -32.31 36.33
CA MET B 54 4.06 -33.37 36.78
C MET B 54 3.27 -34.50 37.44
N VAL B 55 2.41 -34.16 38.39
CA VAL B 55 1.78 -35.19 39.22
C VAL B 55 0.75 -35.99 38.42
N THR B 56 0.03 -35.33 37.49
CA THR B 56 -1.04 -36.01 36.77
C THR B 56 -0.52 -37.17 35.95
N ALA B 57 0.66 -37.02 35.33
CA ALA B 57 1.19 -38.06 34.47
C ALA B 57 1.46 -39.34 35.24
N GLY B 58 2.01 -39.24 36.45
CA GLY B 58 2.27 -40.40 37.27
C GLY B 58 3.66 -40.98 37.06
N PHE B 59 3.91 -42.08 37.75
CA PHE B 59 5.21 -42.75 37.72
C PHE B 59 5.00 -44.25 37.59
N LYS B 60 6.03 -44.92 37.09
CA LYS B 60 6.03 -46.37 36.90
C LYS B 60 7.25 -46.97 37.60
N MET B 61 7.03 -47.96 38.44
CA MET B 61 8.12 -48.63 39.15
C MET B 61 8.33 -50.04 38.60
N SER B 62 9.59 -50.41 38.45
CA SER B 62 9.98 -51.73 37.98
C SER B 62 10.80 -52.43 39.04
N GLY B 63 10.76 -53.76 39.03
CA GLY B 63 11.48 -54.57 39.99
C GLY B 63 10.62 -55.16 41.10
N VAL B 64 9.39 -54.70 41.25
CA VAL B 64 8.50 -55.24 42.26
C VAL B 64 7.84 -56.51 41.73
N LYS B 65 7.50 -57.42 42.66
CA LYS B 65 6.88 -58.68 42.26
C LYS B 65 5.43 -58.48 41.85
N ASP B 66 4.65 -57.81 42.69
CA ASP B 66 3.23 -57.57 42.43
C ASP B 66 3.05 -56.13 41.97
N GLU B 67 2.51 -55.95 40.77
CA GLU B 67 2.26 -54.61 40.25
C GLU B 67 0.89 -54.09 40.66
N LYS B 68 -0.15 -54.90 40.46
CA LYS B 68 -1.51 -54.48 40.78
C LYS B 68 -1.68 -54.29 42.29
N GLU B 69 -1.06 -55.15 43.09
CA GLU B 69 -1.13 -55.00 44.53
C GLU B 69 -0.48 -53.70 44.97
N PHE B 70 0.67 -53.37 44.39
CA PHE B 70 1.31 -52.09 44.70
C PHE B 70 0.44 -50.92 44.27
N LYS B 71 -0.20 -51.03 43.11
CA LYS B 71 -1.08 -49.96 42.65
C LYS B 71 -2.24 -49.75 43.62
N SER B 72 -2.84 -50.84 44.09
CA SER B 72 -3.92 -50.73 45.06
C SER B 72 -3.42 -50.11 46.36
N LEU B 73 -2.24 -50.53 46.83
CA LEU B 73 -1.69 -49.97 48.06
C LEU B 73 -1.43 -48.47 47.91
N TRP B 74 -0.87 -48.06 46.77
CA TRP B 74 -0.59 -46.64 46.55
C TRP B 74 -1.88 -45.83 46.47
N ASP B 75 -2.89 -46.34 45.76
CA ASP B 75 -4.16 -45.63 45.68
C ASP B 75 -4.94 -45.64 46.99
N SER B 76 -4.60 -46.55 47.91
CA SER B 76 -5.25 -46.53 49.21
C SER B 76 -4.92 -45.26 49.99
N TYR B 77 -3.68 -44.79 49.90
CA TYR B 77 -3.25 -43.63 50.68
C TYR B 77 -3.77 -42.30 50.10
N LYS B 78 -4.03 -42.26 48.79
CA LYS B 78 -4.57 -41.08 48.10
C LYS B 78 -3.84 -39.79 48.50
N LEU B 79 -2.52 -39.79 48.29
CA LEU B 79 -1.67 -38.66 48.64
C LEU B 79 -1.48 -37.67 47.50
N ASP B 80 -2.40 -37.65 46.53
CA ASP B 80 -2.24 -36.77 45.37
C ASP B 80 -2.35 -35.30 45.78
N SER B 81 -3.40 -34.94 46.51
CA SER B 81 -3.62 -33.54 46.86
C SER B 81 -2.50 -33.01 47.73
N SER B 82 -2.02 -33.82 48.68
CA SER B 82 -0.92 -33.38 49.53
C SER B 82 0.34 -33.11 48.73
N LEU B 83 0.67 -33.97 47.78
CA LEU B 83 1.85 -33.76 46.95
C LEU B 83 1.71 -32.50 46.11
N VAL B 84 0.55 -32.30 45.48
CA VAL B 84 0.35 -31.13 44.65
C VAL B 84 0.43 -29.86 45.49
N ASP B 85 -0.19 -29.86 46.66
CA ASP B 85 -0.14 -28.69 47.54
C ASP B 85 1.28 -28.41 48.01
N LEU B 86 2.04 -29.47 48.34
CA LEU B 86 3.42 -29.28 48.77
C LEU B 86 4.25 -28.62 47.68
N LEU B 87 4.14 -29.12 46.44
CA LEU B 87 4.90 -28.53 45.35
C LEU B 87 4.46 -27.10 45.07
N CYS B 88 3.16 -26.83 45.14
CA CYS B 88 2.67 -25.47 44.89
C CYS B 88 3.18 -24.51 45.96
N TRP B 89 3.15 -24.92 47.22
CA TRP B 89 3.66 -24.05 48.29
C TRP B 89 5.17 -23.85 48.16
N ALA B 90 5.89 -24.89 47.75
CA ALA B 90 7.34 -24.76 47.56
C ALA B 90 7.63 -23.75 46.46
N ARG B 91 6.88 -23.79 45.36
CA ARG B 91 7.10 -22.82 44.29
C ARG B 91 6.66 -21.42 44.69
N LEU B 92 5.62 -21.29 45.51
CA LEU B 92 5.09 -19.97 45.85
C LEU B 92 5.90 -19.28 46.94
N TYR B 93 5.94 -19.88 48.13
CA TYR B 93 6.57 -19.23 49.27
C TYR B 93 8.09 -19.30 49.22
N GLY B 94 8.64 -20.32 48.56
CA GLY B 94 10.07 -20.55 48.52
C GLY B 94 10.51 -21.76 49.31
N GLY B 95 9.66 -22.30 50.18
CA GLY B 95 10.01 -23.49 50.94
C GLY B 95 8.77 -24.12 51.53
N ALA B 96 8.87 -25.42 51.79
CA ALA B 96 7.78 -26.18 52.38
C ALA B 96 8.36 -27.47 52.93
N ALA B 97 7.52 -28.22 53.66
CA ALA B 97 7.94 -29.48 54.22
C ALA B 97 6.73 -30.37 54.43
N MET B 98 7.00 -31.68 54.53
CA MET B 98 5.97 -32.68 54.73
C MET B 98 6.41 -33.62 55.83
N VAL B 99 5.51 -33.91 56.77
CA VAL B 99 5.79 -34.78 57.91
C VAL B 99 5.05 -36.10 57.70
N ALA B 100 5.79 -37.20 57.78
CA ALA B 100 5.23 -38.53 57.61
C ALA B 100 4.89 -39.12 58.97
N ILE B 101 3.62 -39.40 59.20
CA ILE B 101 3.17 -40.03 60.44
C ILE B 101 3.37 -41.54 60.26
N ILE B 102 4.19 -42.12 61.13
CA ILE B 102 4.63 -43.50 60.96
C ILE B 102 4.27 -44.30 62.20
N LYS B 103 4.05 -45.60 62.00
CA LYS B 103 3.69 -46.51 63.10
C LYS B 103 4.93 -47.26 63.59
N ASP B 104 5.88 -46.49 64.14
CA ASP B 104 7.13 -47.08 64.60
C ASP B 104 7.12 -47.41 66.09
N ASN B 105 6.07 -47.03 66.82
CA ASN B 105 5.90 -47.37 68.22
C ASN B 105 7.07 -46.88 69.08
N ARG B 106 7.48 -45.63 68.87
CA ARG B 106 8.49 -45.00 69.69
C ARG B 106 8.23 -43.49 69.72
N MET B 107 9.15 -42.76 70.34
CA MET B 107 9.02 -41.32 70.42
C MET B 107 9.23 -40.68 69.06
N LEU B 108 8.67 -39.47 68.90
CA LEU B 108 8.87 -38.73 67.67
C LEU B 108 10.33 -38.36 67.47
N THR B 109 11.04 -38.07 68.57
CA THR B 109 12.45 -37.72 68.47
C THR B 109 13.31 -38.92 68.06
N SER B 110 12.91 -40.12 68.45
CA SER B 110 13.68 -41.32 68.11
C SER B 110 13.62 -41.59 66.62
N GLN B 111 14.68 -42.22 66.11
CA GLN B 111 14.78 -42.52 64.68
C GLN B 111 13.71 -43.52 64.26
N ALA B 112 13.32 -43.44 62.99
CA ALA B 112 12.33 -44.36 62.42
C ALA B 112 13.06 -45.58 61.88
N LYS B 113 12.88 -46.72 62.54
CA LYS B 113 13.53 -47.95 62.09
C LYS B 113 12.83 -48.49 60.85
N PRO B 114 13.56 -49.21 60.00
CA PRO B 114 12.92 -49.82 58.82
C PRO B 114 11.90 -50.87 59.23
N GLY B 115 10.86 -51.00 58.43
CA GLY B 115 9.80 -51.97 58.64
C GLY B 115 8.41 -51.39 58.79
N ALA B 116 8.29 -50.14 59.21
CA ALA B 116 6.98 -49.52 59.36
C ALA B 116 6.34 -49.30 57.99
N LYS B 117 5.01 -49.12 58.00
CA LYS B 117 4.25 -49.12 56.75
C LYS B 117 3.36 -47.89 56.60
N LEU B 118 3.65 -46.80 57.33
CA LEU B 118 3.03 -45.50 57.12
C LEU B 118 1.56 -45.46 57.53
N GLU B 119 1.11 -44.31 58.04
CA GLU B 119 -0.31 -44.07 58.30
C GLU B 119 -0.86 -42.88 57.56
N GLY B 120 -0.02 -41.96 57.11
CA GLY B 120 -0.47 -40.76 56.44
C GLY B 120 0.60 -39.68 56.50
N VAL B 121 0.33 -38.59 55.80
CA VAL B 121 1.27 -37.48 55.68
C VAL B 121 0.61 -36.21 56.20
N ARG B 122 1.41 -35.16 56.33
CA ARG B 122 0.94 -33.87 56.80
C ARG B 122 1.84 -32.78 56.24
N VAL B 123 1.33 -32.00 55.29
CA VAL B 123 2.11 -30.94 54.66
C VAL B 123 2.05 -29.70 55.55
N TYR B 124 3.07 -28.85 55.42
CA TYR B 124 3.17 -27.64 56.23
C TYR B 124 3.66 -26.49 55.37
N ASP B 125 3.80 -25.34 56.01
CA ASP B 125 4.24 -24.11 55.36
C ASP B 125 5.67 -23.79 55.79
N ARG B 126 6.29 -22.85 55.07
CA ARG B 126 7.69 -22.52 55.32
C ARG B 126 7.88 -21.94 56.72
N PHE B 127 6.98 -21.05 57.14
CA PHE B 127 7.15 -20.35 58.42
C PHE B 127 6.78 -21.21 59.62
N ALA B 128 6.23 -22.40 59.40
CA ALA B 128 5.77 -23.24 60.50
C ALA B 128 6.82 -24.20 61.01
N ILE B 129 8.04 -24.17 60.46
CA ILE B 129 9.08 -25.12 60.82
C ILE B 129 10.37 -24.36 61.08
N THR B 130 11.02 -24.66 62.21
CA THR B 130 12.32 -24.09 62.55
C THR B 130 13.18 -25.16 63.18
N VAL B 131 14.50 -24.98 63.08
CA VAL B 131 15.47 -25.96 63.54
C VAL B 131 15.83 -25.71 64.99
N GLU B 132 16.02 -26.79 65.75
CA GLU B 132 16.42 -26.70 67.16
C GLU B 132 17.89 -27.05 67.38
N LYS B 133 18.31 -28.23 66.93
CA LYS B 133 19.69 -28.68 67.12
C LYS B 133 20.22 -29.26 65.82
N ARG B 134 21.52 -29.13 65.61
CA ARG B 134 22.16 -29.60 64.38
C ARG B 134 23.44 -30.35 64.73
N VAL B 135 24.05 -30.94 63.70
CA VAL B 135 25.23 -31.78 63.88
C VAL B 135 26.42 -30.92 64.27
N THR B 136 27.18 -31.38 65.26
CA THR B 136 28.37 -30.69 65.73
C THR B 136 29.64 -31.50 65.55
N ASN B 137 29.61 -32.57 64.74
CA ASN B 137 30.77 -33.43 64.52
C ASN B 137 31.43 -33.01 63.20
N ALA B 138 32.65 -32.46 63.30
CA ALA B 138 33.32 -31.92 62.13
C ALA B 138 33.66 -33.00 61.11
N ARG B 139 34.12 -34.16 61.57
CA ARG B 139 34.56 -35.20 60.65
C ARG B 139 33.41 -35.86 59.90
N SER B 140 32.20 -35.76 60.42
CA SER B 140 31.06 -36.38 59.75
C SER B 140 30.75 -35.63 58.46
N PRO B 141 30.48 -36.34 57.36
CA PRO B 141 30.10 -35.65 56.11
C PRO B 141 28.82 -34.84 56.25
N ARG B 142 27.87 -35.31 57.06
CA ARG B 142 26.62 -34.59 57.30
C ARG B 142 26.81 -33.65 58.50
N TYR B 143 27.65 -32.64 58.29
CA TYR B 143 28.03 -31.70 59.33
C TYR B 143 27.38 -30.36 59.08
N GLY B 144 26.68 -29.84 60.09
CA GLY B 144 25.95 -28.61 59.98
C GLY B 144 24.50 -28.75 59.57
N GLU B 145 24.09 -29.91 59.08
CA GLU B 145 22.70 -30.11 58.70
C GLU B 145 21.81 -30.22 59.94
N PRO B 146 20.53 -29.88 59.81
CA PRO B 146 19.62 -29.97 60.95
C PRO B 146 19.45 -31.41 61.42
N GLU B 147 19.12 -31.55 62.71
CA GLU B 147 18.88 -32.85 63.33
C GLU B 147 17.46 -32.99 63.85
N ILE B 148 16.94 -31.99 64.56
CA ILE B 148 15.59 -32.02 65.11
C ILE B 148 14.89 -30.72 64.73
N TYR B 149 13.69 -30.83 64.18
CA TYR B 149 12.88 -29.69 63.79
C TYR B 149 11.77 -29.47 64.82
N LYS B 150 11.45 -28.20 65.06
CA LYS B 150 10.40 -27.87 66.02
C LYS B 150 9.03 -28.27 65.50
N VAL B 151 8.73 -27.91 64.25
CA VAL B 151 7.46 -28.22 63.59
C VAL B 151 6.34 -27.58 64.42
N SER B 152 6.07 -26.31 64.16
CA SER B 152 4.95 -25.63 64.80
C SER B 152 3.70 -25.82 63.97
N PRO B 153 2.65 -26.45 64.49
CA PRO B 153 1.45 -26.71 63.68
C PRO B 153 0.50 -25.54 63.54
N GLY B 154 0.74 -24.44 64.26
CA GLY B 154 -0.19 -23.33 64.22
C GLY B 154 -1.52 -23.71 64.83
N ASP B 155 -2.57 -23.00 64.40
CA ASP B 155 -3.94 -23.27 64.84
C ASP B 155 -4.03 -23.28 66.36
N ASN B 156 -4.45 -24.41 66.93
CA ASN B 156 -4.61 -24.55 68.37
C ASN B 156 -3.61 -25.51 68.99
N MET B 157 -2.90 -26.30 68.21
CA MET B 157 -1.98 -27.28 68.74
C MET B 157 -0.66 -26.63 69.15
N GLN B 158 0.18 -27.41 69.83
CA GLN B 158 1.48 -26.96 70.31
C GLN B 158 2.61 -27.61 69.51
N PRO B 159 3.76 -26.96 69.43
CA PRO B 159 4.88 -27.53 68.66
C PRO B 159 5.32 -28.88 69.22
N TYR B 160 5.70 -29.77 68.32
CA TYR B 160 6.15 -31.12 68.68
C TYR B 160 7.39 -31.45 67.87
N LEU B 161 8.51 -31.68 68.56
CA LEU B 161 9.77 -31.94 67.89
C LEU B 161 9.73 -33.28 67.16
N ILE B 162 10.40 -33.32 66.00
CA ILE B 162 10.42 -34.50 65.14
C ILE B 162 11.86 -34.74 64.69
N HIS B 163 12.25 -36.01 64.65
CA HIS B 163 13.56 -36.38 64.11
C HIS B 163 13.63 -36.06 62.62
N HIS B 164 14.84 -35.74 62.16
CA HIS B 164 15.01 -35.33 60.77
C HIS B 164 14.75 -36.45 59.79
N SER B 165 14.73 -37.71 60.24
CA SER B 165 14.47 -38.82 59.34
C SER B 165 13.00 -38.95 58.97
N ARG B 166 12.12 -38.19 59.61
CA ARG B 166 10.68 -38.22 59.31
C ARG B 166 10.19 -36.92 58.70
N VAL B 167 11.09 -36.04 58.28
CA VAL B 167 10.72 -34.74 57.70
C VAL B 167 11.45 -34.57 56.39
N PHE B 168 10.71 -34.23 55.33
CA PHE B 168 11.26 -33.95 54.03
C PHE B 168 11.17 -32.46 53.75
N ILE B 169 12.28 -31.85 53.36
CA ILE B 169 12.37 -30.41 53.14
C ILE B 169 12.40 -30.16 51.64
N ALA B 170 11.41 -29.43 51.14
CA ALA B 170 11.32 -29.07 49.73
C ALA B 170 11.77 -27.62 49.56
N ASP B 171 12.72 -27.40 48.66
CA ASP B 171 13.29 -26.08 48.42
C ASP B 171 12.80 -25.52 47.09
N GLY B 172 12.70 -24.20 47.04
CA GLY B 172 12.23 -23.50 45.86
C GLY B 172 13.34 -23.19 44.88
N GLU B 173 13.23 -22.02 44.25
CA GLU B 173 14.21 -21.60 43.25
C GLU B 173 15.57 -21.38 43.89
N ARG B 174 16.63 -21.61 43.10
CA ARG B 174 17.98 -21.47 43.60
C ARG B 174 18.32 -20.01 43.84
N VAL B 175 19.05 -19.74 44.93
CA VAL B 175 19.42 -18.39 45.33
C VAL B 175 20.89 -18.41 45.72
N ALA B 176 21.53 -17.25 45.58
CA ALA B 176 22.92 -17.11 45.98
C ALA B 176 23.06 -17.37 47.48
N GLN B 177 24.21 -17.94 47.86
CA GLN B 177 24.41 -18.37 49.24
C GLN B 177 24.31 -17.20 50.21
N GLN B 178 24.84 -16.03 49.83
CA GLN B 178 24.78 -14.86 50.71
C GLN B 178 23.35 -14.47 51.02
N ALA B 179 22.49 -14.47 50.00
CA ALA B 179 21.07 -14.19 50.23
C ALA B 179 20.35 -15.37 50.87
N ARG B 180 20.84 -16.58 50.64
CA ARG B 180 20.24 -17.75 51.28
C ARG B 180 20.43 -17.71 52.79
N LYS B 181 21.59 -17.23 53.25
CA LYS B 181 21.81 -17.09 54.69
C LYS B 181 20.85 -16.09 55.30
N GLN B 182 20.60 -14.97 54.61
CA GLN B 182 19.62 -14.01 55.08
C GLN B 182 18.19 -14.54 54.98
N ASN B 183 17.97 -15.58 54.17
CA ASN B 183 16.66 -16.22 54.06
C ASN B 183 16.55 -17.46 54.94
N GLN B 184 17.28 -17.49 56.06
CA GLN B 184 17.33 -18.61 57.01
C GLN B 184 17.32 -19.97 56.31
N GLY B 185 18.21 -20.11 55.33
CA GLY B 185 18.39 -21.38 54.65
C GLY B 185 17.20 -21.86 53.85
N TRP B 186 16.46 -20.93 53.23
CA TRP B 186 15.35 -21.27 52.35
C TRP B 186 15.57 -20.63 50.98
N GLY B 187 15.02 -21.26 49.96
CA GLY B 187 15.18 -20.78 48.61
C GLY B 187 14.34 -19.53 48.33
N ALA B 188 14.42 -19.09 47.08
CA ALA B 188 13.69 -17.91 46.65
C ALA B 188 12.33 -18.33 46.09
N SER B 189 11.55 -17.36 45.62
CA SER B 189 10.22 -17.60 45.10
C SER B 189 10.21 -17.47 43.59
N VAL B 190 9.23 -18.12 42.95
CA VAL B 190 9.07 -18.01 41.51
C VAL B 190 8.72 -16.59 41.11
N LEU B 191 7.88 -15.93 41.92
CA LEU B 191 7.45 -14.55 41.65
C LEU B 191 8.50 -13.59 42.18
N ASN B 192 9.52 -13.36 41.35
CA ASN B 192 10.56 -12.40 41.69
C ASN B 192 10.07 -10.99 41.36
N LYS B 193 10.98 -10.00 41.42
CA LYS B 193 10.58 -8.62 41.22
C LYS B 193 10.19 -8.35 39.76
N SER B 194 10.91 -8.97 38.81
CA SER B 194 10.69 -8.67 37.40
C SER B 194 9.29 -9.10 36.95
N LEU B 195 8.85 -10.29 37.37
CA LEU B 195 7.52 -10.76 36.97
C LEU B 195 6.43 -9.86 37.53
N ILE B 196 6.54 -9.47 38.79
CA ILE B 196 5.55 -8.60 39.40
C ILE B 196 5.50 -7.26 38.69
N ASP B 197 6.67 -6.69 38.39
CA ASP B 197 6.72 -5.41 37.67
C ASP B 197 6.07 -5.54 36.30
N ALA B 198 6.36 -6.63 35.59
CA ALA B 198 5.79 -6.80 34.25
C ALA B 198 4.28 -6.93 34.30
N ILE B 199 3.76 -7.71 35.26
CA ILE B 199 2.31 -7.89 35.36
C ILE B 199 1.62 -6.57 35.68
N CYS B 200 2.16 -5.81 36.65
CA CYS B 200 1.58 -4.52 36.99
C CYS B 200 1.63 -3.56 35.80
N ASP B 201 2.75 -3.57 35.07
CA ASP B 201 2.87 -2.71 33.90
C ASP B 201 1.83 -3.07 32.83
N TYR B 202 1.61 -4.36 32.61
CA TYR B 202 0.62 -4.77 31.62
C TYR B 202 -0.78 -4.35 32.04
N ASP B 203 -1.13 -4.52 33.32
CA ASP B 203 -2.44 -4.07 33.77
C ASP B 203 -2.62 -2.57 33.60
N TYR B 204 -1.58 -1.80 33.94
CA TYR B 204 -1.65 -0.35 33.77
C TYR B 204 -1.81 0.03 32.29
N CYS B 205 -1.10 -0.67 31.41
CA CYS B 205 -1.22 -0.39 29.98
C CYS B 205 -2.62 -0.72 29.45
N GLU B 206 -3.22 -1.81 29.93
CA GLU B 206 -4.59 -2.11 29.52
C GLU B 206 -5.56 -1.04 29.99
N SER B 207 -5.39 -0.55 31.22
CA SER B 207 -6.24 0.54 31.71
C SER B 207 -6.07 1.78 30.85
N LEU B 208 -4.83 2.12 30.50
CA LEU B 208 -4.59 3.27 29.64
C LEU B 208 -5.22 3.07 28.27
N ALA B 209 -5.19 1.85 27.73
CA ALA B 209 -5.82 1.59 26.44
C ALA B 209 -7.33 1.83 26.51
N THR B 210 -7.97 1.36 27.58
CA THR B 210 -9.40 1.62 27.75
C THR B 210 -9.68 3.11 27.83
N GLN B 211 -8.85 3.84 28.58
CA GLN B 211 -9.04 5.29 28.69
C GLN B 211 -8.85 5.98 27.33
N ILE B 212 -7.91 5.49 26.53
CA ILE B 212 -7.69 6.08 25.20
C ILE B 212 -8.88 5.85 24.30
N LEU B 213 -9.46 4.64 24.35
CA LEU B 213 -10.67 4.38 23.57
C LEU B 213 -11.82 5.27 24.03
N ARG B 214 -11.92 5.51 25.34
CA ARG B 214 -13.03 6.27 25.90
C ARG B 214 -13.11 7.67 25.31
N ARG B 215 -11.97 8.35 25.18
CA ARG B 215 -11.92 9.73 24.70
C ARG B 215 -11.41 9.73 23.25
N LYS B 216 -12.33 9.53 22.31
CA LYS B 216 -12.02 9.62 20.89
C LYS B 216 -12.57 10.87 20.24
N GLN B 217 -13.75 11.32 20.65
CA GLN B 217 -14.35 12.55 20.16
C GLN B 217 -14.78 13.41 21.33
N GLN B 218 -14.60 14.72 21.20
CA GLN B 218 -15.07 15.67 22.19
C GLN B 218 -15.79 16.80 21.49
N ALA B 219 -17.00 17.12 21.95
CA ALA B 219 -17.79 18.22 21.41
C ALA B 219 -17.77 19.36 22.41
N VAL B 220 -17.29 20.53 21.97
CA VAL B 220 -17.13 21.70 22.83
C VAL B 220 -18.18 22.73 22.45
N TRP B 221 -18.91 23.21 23.44
CA TRP B 221 -20.00 24.16 23.24
C TRP B 221 -19.63 25.50 23.87
N LYS B 222 -19.67 26.56 23.08
CA LYS B 222 -19.29 27.90 23.52
C LYS B 222 -20.47 28.84 23.48
N VAL B 223 -20.59 29.68 24.51
CA VAL B 223 -21.63 30.69 24.61
C VAL B 223 -20.96 32.03 24.85
N LYS B 224 -21.61 33.11 24.40
CA LYS B 224 -21.03 34.44 24.56
C LYS B 224 -20.94 34.83 26.03
N GLY B 225 -22.03 34.68 26.77
CA GLY B 225 -22.00 34.97 28.19
C GLY B 225 -22.38 33.76 29.03
N LEU B 226 -21.41 33.20 29.74
CA LEU B 226 -21.62 32.02 30.54
C LEU B 226 -21.00 32.10 31.92
N ALA B 227 -20.11 33.07 32.18
CA ALA B 227 -19.52 33.22 33.49
C ALA B 227 -20.37 34.09 34.42
N GLU B 228 -21.47 34.65 33.92
CA GLU B 228 -22.36 35.47 34.73
C GLU B 228 -23.46 34.63 35.35
N MET B 229 -23.04 33.58 36.05
CA MET B 229 -23.97 32.64 36.67
C MET B 229 -23.59 32.47 38.14
N CYS B 230 -24.59 32.26 38.98
CA CYS B 230 -24.42 32.13 40.43
C CYS B 230 -23.76 30.81 40.84
N ASP B 231 -23.64 29.88 39.88
CA ASP B 231 -22.95 28.61 40.04
C ASP B 231 -23.75 27.60 40.87
N ASP B 232 -24.86 28.04 41.45
CA ASP B 232 -25.75 27.16 42.21
C ASP B 232 -27.22 27.46 42.00
N ASP B 233 -27.59 28.41 41.15
CA ASP B 233 -28.97 28.83 41.01
C ASP B 233 -29.68 27.99 39.95
N ASP B 234 -30.88 28.43 39.56
CA ASP B 234 -31.69 27.66 38.63
C ASP B 234 -31.17 27.75 37.20
N ALA B 235 -30.51 28.87 36.85
CA ALA B 235 -30.02 29.05 35.49
C ALA B 235 -29.02 27.96 35.11
N GLN B 236 -28.07 27.68 36.01
CA GLN B 236 -27.10 26.63 35.74
C GLN B 236 -27.78 25.27 35.59
N TYR B 237 -28.73 24.98 36.48
CA TYR B 237 -29.42 23.68 36.42
C TYR B 237 -30.15 23.52 35.09
N ALA B 238 -30.84 24.57 34.66
CA ALA B 238 -31.54 24.51 33.37
C ALA B 238 -30.56 24.34 32.23
N ALA B 239 -29.41 25.04 32.28
CA ALA B 239 -28.43 24.91 31.21
C ALA B 239 -27.88 23.49 31.13
N ARG B 240 -27.58 22.88 32.29
CA ARG B 240 -27.07 21.51 32.29
C ARG B 240 -28.12 20.53 31.77
N LEU B 241 -29.38 20.72 32.16
CA LEU B 241 -30.44 19.85 31.65
C LEU B 241 -30.57 19.98 30.13
N ARG B 242 -30.53 21.21 29.63
CA ARG B 242 -30.61 21.43 28.18
C ARG B 242 -29.45 20.75 27.46
N LEU B 243 -28.23 20.92 27.99
CA LEU B 243 -27.07 20.32 27.35
C LEU B 243 -27.17 18.80 27.35
N ALA B 244 -27.59 18.22 28.48
CA ALA B 244 -27.72 16.77 28.56
C ALA B 244 -28.73 16.25 27.56
N GLN B 245 -29.90 16.89 27.50
CA GLN B 245 -30.93 16.45 26.56
C GLN B 245 -30.45 16.57 25.12
N VAL B 246 -29.76 17.67 24.79
CA VAL B 246 -29.32 17.89 23.42
C VAL B 246 -28.28 16.86 23.01
N ASP B 247 -27.31 16.58 23.88
CA ASP B 247 -26.30 15.58 23.49
C ASP B 247 -26.89 14.18 23.52
N ASP B 248 -27.98 13.96 24.27
CA ASP B 248 -28.61 12.64 24.26
C ASP B 248 -29.39 12.42 22.97
N ASN B 249 -30.08 13.43 22.47
CA ASN B 249 -30.96 13.26 21.32
C ASN B 249 -30.28 13.54 19.98
N SER B 250 -29.01 13.92 19.98
CA SER B 250 -28.32 14.21 18.73
C SER B 250 -27.76 12.93 18.12
N GLY B 251 -27.09 13.08 16.98
CA GLY B 251 -26.47 11.96 16.29
C GLY B 251 -26.53 12.17 14.79
N VAL B 252 -26.46 11.07 14.05
CA VAL B 252 -26.59 11.10 12.60
C VAL B 252 -28.08 11.08 12.25
N GLY B 253 -28.50 12.02 11.40
CA GLY B 253 -29.90 12.20 11.10
C GLY B 253 -30.61 13.19 11.98
N ARG B 254 -29.96 13.71 13.02
CA ARG B 254 -30.50 14.74 13.87
C ARG B 254 -29.57 15.95 13.86
N ALA B 255 -30.16 17.13 13.94
CA ALA B 255 -29.43 18.39 13.82
C ALA B 255 -29.61 19.24 15.07
N ILE B 256 -28.70 20.19 15.24
CA ILE B 256 -28.75 21.16 16.33
C ILE B 256 -28.94 22.55 15.74
N GLY B 257 -29.84 23.33 16.34
CA GLY B 257 -30.02 24.70 15.98
C GLY B 257 -29.16 25.59 16.86
N ILE B 258 -28.23 26.32 16.24
CA ILE B 258 -27.29 27.18 16.93
C ILE B 258 -27.60 28.62 16.59
N ASP B 259 -27.68 29.46 17.61
CA ASP B 259 -27.84 30.89 17.39
C ASP B 259 -26.50 31.48 16.95
N ALA B 260 -26.51 32.17 15.82
CA ALA B 260 -25.28 32.75 15.30
C ALA B 260 -24.85 33.93 16.17
N GLU B 261 -23.62 34.40 15.92
CA GLU B 261 -23.00 35.59 16.49
C GLU B 261 -23.03 35.61 18.02
N THR B 262 -23.44 34.50 18.64
CA THR B 262 -23.38 34.39 20.10
C THR B 262 -23.02 32.99 20.60
N GLU B 263 -22.76 32.04 19.71
CA GLU B 263 -22.65 30.65 20.13
C GLU B 263 -22.10 29.82 18.97
N GLU B 264 -21.24 28.85 19.30
CA GLU B 264 -20.65 27.96 18.30
C GLU B 264 -20.73 26.53 18.80
N TYR B 265 -20.27 25.61 17.95
CA TYR B 265 -20.27 24.18 18.26
C TYR B 265 -19.16 23.51 17.46
N ASP B 266 -18.20 22.91 18.15
CA ASP B 266 -17.06 22.28 17.52
C ASP B 266 -16.90 20.85 18.03
N VAL B 267 -16.28 20.01 17.20
CA VAL B 267 -16.00 18.63 17.54
C VAL B 267 -14.51 18.37 17.32
N LEU B 268 -13.86 17.77 18.31
CA LEU B 268 -12.44 17.45 18.27
C LEU B 268 -12.28 15.93 18.21
N ASN B 269 -11.44 15.46 17.30
CA ASN B 269 -11.23 14.03 17.08
C ASN B 269 -9.85 13.60 17.55
N SER B 270 -9.63 12.29 17.51
CA SER B 270 -8.36 11.68 17.87
C SER B 270 -8.21 10.41 17.04
N ASP B 271 -7.28 9.54 17.44
CA ASP B 271 -7.08 8.30 16.71
C ASP B 271 -6.60 7.21 17.67
N ILE B 272 -6.78 5.96 17.25
CA ILE B 272 -6.27 4.79 17.97
C ILE B 272 -5.59 3.91 16.92
N SER B 273 -4.27 4.04 16.81
CA SER B 273 -3.52 3.44 15.71
C SER B 273 -2.92 2.08 16.07
N GLY B 274 -2.03 2.04 17.06
CA GLY B 274 -1.28 0.83 17.32
C GLY B 274 -1.37 0.30 18.73
N VAL B 275 -2.53 0.48 19.36
CA VAL B 275 -2.71 -0.01 20.73
C VAL B 275 -2.62 -1.53 20.82
N PRO B 276 -3.32 -2.31 19.98
CA PRO B 276 -3.25 -3.78 20.15
C PRO B 276 -1.85 -4.35 20.01
N GLU B 277 -1.04 -3.79 19.11
CA GLU B 277 0.34 -4.25 18.98
C GLU B 277 1.16 -3.94 20.23
N PHE B 278 0.92 -2.76 20.82
CA PHE B 278 1.60 -2.41 22.07
C PHE B 278 1.24 -3.40 23.18
N LEU B 279 -0.05 -3.71 23.31
CA LEU B 279 -0.47 -4.64 24.35
C LEU B 279 0.10 -6.04 24.09
N SER B 280 0.12 -6.47 22.83
CA SER B 280 0.70 -7.77 22.49
C SER B 280 2.18 -7.81 22.82
N SER B 281 2.90 -6.72 22.56
CA SER B 281 4.32 -6.66 22.91
C SER B 281 4.53 -6.77 24.42
N LYS B 282 3.70 -6.09 25.21
CA LYS B 282 3.84 -6.21 26.66
C LYS B 282 3.54 -7.63 27.14
N MET B 283 2.51 -8.26 26.57
CA MET B 283 2.23 -9.66 26.91
C MET B 283 3.38 -10.58 26.48
N ASP B 284 4.02 -10.27 25.36
CA ASP B 284 5.19 -11.03 24.93
C ASP B 284 6.32 -10.91 25.93
N ARG B 285 6.53 -9.70 26.47
CA ARG B 285 7.54 -9.54 27.51
C ARG B 285 7.20 -10.37 28.74
N ILE B 286 5.92 -10.38 29.13
CA ILE B 286 5.52 -11.21 30.26
C ILE B 286 5.82 -12.68 30.00
N VAL B 287 5.49 -13.15 28.79
CA VAL B 287 5.76 -14.54 28.43
C VAL B 287 7.26 -14.84 28.49
N SER B 288 8.08 -13.91 27.98
CA SER B 288 9.52 -14.13 27.98
C SER B 288 10.08 -14.21 29.40
N LEU B 289 9.61 -13.32 30.28
CA LEU B 289 10.12 -13.32 31.65
C LEU B 289 9.61 -14.50 32.47
N SER B 290 8.39 -14.96 32.22
CA SER B 290 7.79 -16.00 33.06
C SER B 290 8.55 -17.32 32.97
N GLY B 291 9.01 -17.68 31.78
CA GLY B 291 9.66 -18.96 31.60
C GLY B 291 8.77 -20.09 31.15
N ILE B 292 7.57 -19.77 30.65
CA ILE B 292 6.61 -20.77 30.20
C ILE B 292 6.21 -20.42 28.76
N HIS B 293 5.87 -21.45 27.99
CA HIS B 293 5.54 -21.27 26.59
C HIS B 293 4.33 -20.35 26.43
N GLU B 294 4.29 -19.64 25.30
CA GLU B 294 3.22 -18.68 25.07
C GLU B 294 1.87 -19.36 24.88
N ILE B 295 1.86 -20.61 24.40
CA ILE B 295 0.61 -21.32 24.23
C ILE B 295 -0.08 -21.53 25.58
N ILE B 296 0.70 -21.86 26.60
CA ILE B 296 0.13 -22.11 27.92
C ILE B 296 -0.41 -20.82 28.53
N ILE B 297 0.40 -19.75 28.49
CA ILE B 297 0.02 -18.53 29.18
C ILE B 297 -1.08 -17.79 28.43
N LYS B 298 -0.87 -17.52 27.14
CA LYS B 298 -1.88 -16.85 26.34
C LYS B 298 -3.10 -17.72 26.11
N ASN B 299 -2.97 -19.04 26.29
CA ASN B 299 -4.05 -20.00 26.12
C ASN B 299 -4.79 -19.79 24.81
N LYS B 300 -4.05 -19.46 23.76
CA LYS B 300 -4.63 -19.16 22.46
C LYS B 300 -3.70 -19.72 21.39
N ASN B 301 -4.16 -20.72 20.65
CA ASN B 301 -3.42 -21.25 19.51
C ASN B 301 -3.60 -20.31 18.34
N VAL B 302 -3.28 -20.75 17.13
CA VAL B 302 -3.46 -19.99 15.89
C VAL B 302 -2.38 -18.93 15.78
N GLY B 303 -1.67 -18.66 16.88
CA GLY B 303 -0.54 -17.75 16.81
C GLY B 303 0.46 -18.16 15.76
N GLY B 304 0.71 -19.45 15.62
CA GLY B 304 1.49 -19.96 14.51
C GLY B 304 0.65 -20.76 13.55
N VAL B 305 1.24 -21.18 12.42
CA VAL B 305 0.50 -21.98 11.46
C VAL B 305 0.18 -23.35 12.08
N SER B 306 -0.85 -23.99 11.53
CA SER B 306 -1.30 -25.27 12.04
C SER B 306 -0.21 -26.34 11.88
N ALA B 307 0.39 -26.75 12.99
CA ALA B 307 1.41 -27.78 12.99
C ALA B 307 0.76 -29.13 13.29
N SER B 308 1.59 -30.15 13.52
CA SER B 308 1.07 -31.47 13.84
C SER B 308 0.31 -31.44 15.16
N GLN B 309 1.02 -31.16 16.26
CA GLN B 309 0.42 -31.09 17.59
C GLN B 309 1.48 -30.79 18.64
N ASN B 310 2.22 -31.82 19.05
CA ASN B 310 3.21 -31.68 20.11
C ASN B 310 4.43 -30.88 19.68
N THR B 311 4.56 -30.59 18.38
CA THR B 311 5.76 -29.92 17.88
C THR B 311 5.96 -28.56 18.54
N ALA B 312 4.86 -27.83 18.77
CA ALA B 312 4.97 -26.55 19.47
C ALA B 312 5.16 -26.72 20.97
N LEU B 313 4.68 -27.82 21.53
CA LEU B 313 4.71 -28.05 22.97
C LEU B 313 5.93 -28.85 23.43
N GLU B 314 6.87 -29.14 22.53
CA GLU B 314 8.05 -29.90 22.93
C GLU B 314 8.88 -29.14 23.96
N THR B 315 8.99 -27.81 23.83
CA THR B 315 9.75 -27.04 24.81
C THR B 315 9.11 -27.14 26.20
N PHE B 316 7.78 -27.01 26.27
CA PHE B 316 7.10 -27.15 27.54
C PHE B 316 7.26 -28.55 28.11
N TYR B 317 7.21 -29.57 27.25
CA TYR B 317 7.38 -30.94 27.72
C TYR B 317 8.79 -31.17 28.25
N LYS B 318 9.80 -30.60 27.58
CA LYS B 318 11.16 -30.71 28.09
C LYS B 318 11.31 -30.02 29.44
N LEU B 319 10.70 -28.84 29.59
CA LEU B 319 10.74 -28.15 30.87
C LEU B 319 10.08 -28.99 31.96
N VAL B 320 8.94 -29.60 31.65
CA VAL B 320 8.23 -30.41 32.64
C VAL B 320 9.06 -31.64 33.00
N ASP B 321 9.73 -32.24 32.02
CA ASP B 321 10.58 -33.40 32.29
C ASP B 321 11.75 -33.02 33.20
N ARG B 322 12.40 -31.90 32.91
CA ARG B 322 13.50 -31.46 33.77
C ARG B 322 13.01 -31.17 35.18
N LYS B 323 11.86 -30.51 35.30
CA LYS B 323 11.32 -30.19 36.62
C LYS B 323 10.94 -31.46 37.39
N ARG B 324 10.34 -32.44 36.72
CA ARG B 324 10.00 -33.68 37.42
C ARG B 324 11.26 -34.38 37.89
N GLU B 325 12.28 -34.49 37.03
CA GLU B 325 13.52 -35.14 37.43
C GLU B 325 14.19 -34.41 38.59
N GLU B 326 14.06 -33.08 38.64
CA GLU B 326 14.72 -32.33 39.70
C GLU B 326 13.96 -32.40 41.02
N ASP B 327 12.64 -32.37 40.99
CA ASP B 327 11.85 -32.19 42.21
C ASP B 327 11.01 -33.39 42.60
N TYR B 328 10.32 -34.05 41.66
CA TYR B 328 9.35 -35.06 42.04
C TYR B 328 10.04 -36.35 42.48
N ARG B 329 11.17 -36.67 41.88
CA ARG B 329 11.86 -37.92 42.20
C ARG B 329 12.28 -38.03 43.66
N PRO B 330 12.91 -37.01 44.28
CA PRO B 330 13.27 -37.16 45.70
C PRO B 330 12.09 -37.42 46.61
N LEU B 331 10.94 -36.81 46.34
CA LEU B 331 9.76 -37.03 47.17
C LEU B 331 9.32 -38.50 47.10
N LEU B 332 9.29 -39.07 45.90
CA LEU B 332 8.93 -40.48 45.76
C LEU B 332 9.97 -41.38 46.41
N GLU B 333 11.27 -41.07 46.24
CA GLU B 333 12.30 -41.89 46.87
C GLU B 333 12.29 -41.77 48.38
N PHE B 334 11.71 -40.70 48.92
CA PHE B 334 11.55 -40.60 50.36
C PHE B 334 10.31 -41.36 50.85
N LEU B 335 9.22 -41.29 50.09
CA LEU B 335 7.97 -41.92 50.53
C LEU B 335 7.97 -43.43 50.32
N LEU B 336 8.61 -43.93 49.27
CA LEU B 336 8.50 -45.34 48.92
C LEU B 336 9.03 -46.31 49.98
N PRO B 337 10.20 -46.09 50.61
CA PRO B 337 10.71 -47.10 51.56
C PRO B 337 9.75 -47.41 52.69
N PHE B 338 8.83 -46.50 53.02
CA PHE B 338 7.84 -46.76 54.04
C PHE B 338 6.59 -47.44 53.49
N ILE B 339 6.57 -47.76 52.20
CA ILE B 339 5.40 -48.41 51.58
C ILE B 339 5.83 -49.73 50.96
N VAL B 340 6.78 -49.68 50.05
CA VAL B 340 7.20 -50.88 49.32
C VAL B 340 8.00 -51.79 50.23
N ASP B 341 7.60 -53.07 50.30
CA ASP B 341 8.28 -54.02 51.16
C ASP B 341 9.63 -54.44 50.58
N GLU B 342 9.71 -54.66 49.27
CA GLU B 342 10.94 -55.12 48.66
C GLU B 342 12.02 -54.06 48.76
N GLU B 343 13.25 -54.50 49.01
CA GLU B 343 14.36 -53.57 49.19
C GLU B 343 14.87 -53.01 47.88
N GLU B 344 14.71 -53.74 46.78
CA GLU B 344 15.22 -53.32 45.47
C GLU B 344 14.09 -52.83 44.60
N TRP B 345 14.22 -51.61 44.09
CA TRP B 345 13.21 -51.01 43.22
C TRP B 345 13.83 -49.79 42.54
N SER B 346 13.14 -49.31 41.50
CA SER B 346 13.55 -48.12 40.78
C SER B 346 12.33 -47.45 40.18
N ILE B 347 12.41 -46.14 39.97
CA ILE B 347 11.29 -45.34 39.52
C ILE B 347 11.55 -44.89 38.09
N GLU B 348 10.62 -45.20 37.18
CA GLU B 348 10.69 -44.78 35.79
C GLU B 348 9.49 -43.90 35.49
N PHE B 349 9.75 -42.69 34.98
CA PHE B 349 8.68 -41.71 34.76
C PHE B 349 8.00 -41.95 33.42
N GLU B 350 6.67 -41.91 33.44
CA GLU B 350 5.90 -42.08 32.22
C GLU B 350 6.05 -40.85 31.32
N PRO B 351 6.07 -41.05 30.01
CA PRO B 351 6.20 -39.91 29.09
C PRO B 351 4.98 -39.00 29.13
N LEU B 352 5.21 -37.72 28.87
CA LEU B 352 4.12 -36.75 28.82
C LEU B 352 3.32 -36.87 27.53
N SER B 353 3.98 -37.16 26.41
CA SER B 353 3.34 -37.20 25.11
C SER B 353 3.03 -38.64 24.72
N VAL B 354 1.77 -38.90 24.39
CA VAL B 354 1.35 -40.25 23.99
C VAL B 354 0.84 -40.20 22.55
N PRO B 355 1.12 -41.21 21.74
CA PRO B 355 0.66 -41.21 20.35
C PRO B 355 -0.82 -41.56 20.26
N SER B 356 -1.37 -41.35 19.07
CA SER B 356 -2.75 -41.69 18.80
C SER B 356 -2.92 -43.21 18.69
N LYS B 357 -4.18 -43.64 18.66
CA LYS B 357 -4.47 -45.08 18.67
C LYS B 357 -3.94 -45.77 17.42
N LYS B 358 -4.06 -45.13 16.26
CA LYS B 358 -3.57 -45.72 15.02
C LYS B 358 -2.06 -45.90 15.07
N GLU B 359 -1.34 -44.89 15.57
CA GLU B 359 0.11 -45.01 15.71
C GLU B 359 0.47 -46.09 16.71
N GLU B 360 -0.32 -46.23 17.78
CA GLU B 360 -0.08 -47.29 18.75
C GLU B 360 -0.23 -48.67 18.11
N SER B 361 -1.27 -48.83 17.28
CA SER B 361 -1.47 -50.11 16.59
C SER B 361 -0.31 -50.40 15.65
N GLU B 362 0.16 -49.39 14.92
CA GLU B 362 1.30 -49.60 14.03
C GLU B 362 2.56 -49.96 14.81
N ILE B 363 2.78 -49.30 15.95
CA ILE B 363 3.95 -49.61 16.78
C ILE B 363 3.89 -51.04 17.28
N THR B 364 2.71 -51.47 17.75
CA THR B 364 2.58 -52.85 18.22
C THR B 364 2.79 -53.84 17.09
N LYS B 365 2.27 -53.54 15.90
CA LYS B 365 2.48 -54.41 14.75
C LYS B 365 3.97 -54.54 14.43
N ASN B 366 4.69 -53.42 14.42
CA ASN B 366 6.12 -53.47 14.12
C ASN B 366 6.88 -54.26 15.17
N ASN B 367 6.58 -54.03 16.46
CA ASN B 367 7.28 -54.74 17.51
C ASN B 367 7.01 -56.24 17.44
N VAL B 368 5.76 -56.63 17.19
CA VAL B 368 5.42 -58.04 17.08
C VAL B 368 6.14 -58.67 15.90
N GLU B 369 6.19 -57.97 14.76
CA GLU B 369 6.88 -58.50 13.59
C GLU B 369 8.37 -58.69 13.89
N SER B 370 8.97 -57.72 14.57
CA SER B 370 10.39 -57.84 14.91
C SER B 370 10.65 -59.02 15.83
N VAL B 371 9.79 -59.19 16.85
CA VAL B 371 9.98 -60.31 17.78
C VAL B 371 9.81 -61.64 17.06
N THR B 372 8.81 -61.73 16.17
CA THR B 372 8.60 -62.97 15.41
C THR B 372 9.79 -63.27 14.51
N LYS B 373 10.34 -62.25 13.86
CA LYS B 373 11.53 -62.47 13.05
C LYS B 373 12.72 -62.90 13.91
N ALA B 374 12.80 -62.39 15.14
CA ALA B 374 13.87 -62.82 16.04
C ALA B 374 13.69 -64.28 16.43
N ILE B 375 12.44 -64.74 16.59
CA ILE B 375 12.19 -66.14 16.94
C ILE B 375 12.76 -67.06 15.88
N THR B 376 12.51 -66.76 14.61
CA THR B 376 13.07 -67.57 13.53
C THR B 376 14.59 -67.49 13.55
N GLU B 377 15.22 -68.49 12.96
CA GLU B 377 16.67 -68.70 12.93
C GLU B 377 17.24 -69.02 14.31
N GLN B 378 16.40 -69.10 15.35
CA GLN B 378 16.79 -69.62 16.66
C GLN B 378 17.96 -68.84 17.26
N ILE B 379 17.72 -67.56 17.53
CA ILE B 379 18.76 -66.71 18.11
C ILE B 379 18.24 -66.04 19.38
N ILE B 380 16.96 -66.21 19.69
CA ILE B 380 16.35 -65.48 20.79
C ILE B 380 15.68 -66.36 21.83
N ASP B 381 15.33 -67.62 21.50
CA ASP B 381 14.66 -68.54 22.41
C ASP B 381 13.23 -68.08 22.72
N LEU B 382 12.38 -69.03 23.11
CA LEU B 382 10.97 -68.71 23.35
C LEU B 382 10.80 -67.85 24.60
N GLU B 383 11.54 -68.16 25.67
CA GLU B 383 11.32 -67.48 26.94
C GLU B 383 11.65 -66.00 26.84
N GLU B 384 12.82 -65.67 26.30
CA GLU B 384 13.23 -64.27 26.18
C GLU B 384 12.28 -63.50 25.29
N ALA B 385 11.82 -64.11 24.20
CA ALA B 385 10.83 -63.46 23.34
C ALA B 385 9.53 -63.23 24.09
N ARG B 386 9.13 -64.17 24.94
CA ARG B 386 7.91 -64.00 25.73
C ARG B 386 8.04 -62.82 26.70
N ASP B 387 9.18 -62.71 27.38
CA ASP B 387 9.36 -61.55 28.26
C ASP B 387 9.41 -60.25 27.47
N THR B 388 10.05 -60.28 26.29
CA THR B 388 10.10 -59.08 25.45
C THR B 388 8.70 -58.66 25.01
N LEU B 389 7.85 -59.63 24.65
CA LEU B 389 6.48 -59.32 24.29
C LEU B 389 5.69 -58.80 25.49
N ARG B 390 5.94 -59.36 26.68
CA ARG B 390 5.25 -58.90 27.87
C ARG B 390 5.60 -57.45 28.19
N SER B 391 6.87 -57.09 28.02
CA SER B 391 7.31 -55.75 28.42
C SER B 391 7.04 -54.71 27.32
N ILE B 392 7.48 -55.00 26.10
CA ILE B 392 7.39 -54.02 25.01
C ILE B 392 5.93 -53.70 24.68
N ALA B 393 5.08 -54.72 24.62
CA ALA B 393 3.68 -54.56 24.23
C ALA B 393 2.78 -54.87 25.42
N PRO B 394 2.38 -53.87 26.20
CA PRO B 394 1.49 -54.12 27.34
C PRO B 394 0.09 -54.54 26.91
N GLU B 395 -0.30 -54.31 25.65
CA GLU B 395 -1.65 -54.64 25.22
C GLU B 395 -1.92 -56.13 25.31
N PHE B 396 -0.95 -56.95 24.93
CA PHE B 396 -1.09 -58.40 25.03
C PHE B 396 -1.21 -58.81 26.50
N LYS B 397 -2.19 -59.66 26.80
CA LYS B 397 -2.37 -60.18 28.15
C LYS B 397 -1.76 -61.57 28.22
N LEU B 398 -0.44 -61.61 28.36
CA LEU B 398 0.25 -62.88 28.48
C LEU B 398 -0.03 -63.50 29.84
N LYS B 399 -0.11 -64.83 29.85
CA LYS B 399 -0.34 -65.58 31.08
C LYS B 399 1.00 -65.84 31.78
N ASP B 400 0.97 -65.78 33.10
CA ASP B 400 2.18 -65.96 33.90
C ASP B 400 2.81 -67.33 33.63
N GLY B 401 4.12 -67.35 33.51
CA GLY B 401 4.84 -68.57 33.20
C GLY B 401 5.13 -68.69 31.72
N ASN B 402 6.25 -69.36 31.41
CA ASN B 402 6.67 -69.57 30.03
C ASN B 402 6.52 -71.02 29.60
N ASN B 403 5.63 -71.77 30.26
CA ASN B 403 5.45 -73.19 29.96
C ASN B 403 4.46 -73.45 28.83
N ILE B 404 3.75 -72.41 28.37
CA ILE B 404 2.69 -72.48 27.37
C ILE B 404 1.90 -73.79 27.46
N ASN B 405 1.60 -74.39 26.31
CA ASN B 405 0.88 -75.66 26.28
C ASN B 405 1.21 -76.44 25.01
N ASN C 2 -51.89 44.32 32.31
CA ASN C 2 -52.34 44.77 33.62
C ASN C 2 -52.32 46.28 33.71
N GLN C 3 -52.64 46.81 34.89
CA GLN C 3 -52.64 48.24 35.13
C GLN C 3 -51.62 48.69 36.18
N GLU C 4 -51.58 48.03 37.34
CA GLU C 4 -50.62 48.40 38.36
C GLU C 4 -49.19 48.22 37.87
N THR C 5 -48.96 47.24 37.00
CA THR C 5 -47.63 47.04 36.43
C THR C 5 -47.19 48.27 35.65
N LEU C 6 -48.10 48.89 34.90
CA LEU C 6 -47.76 50.09 34.13
C LEU C 6 -47.32 51.21 35.06
N ILE C 7 -48.07 51.44 36.14
CA ILE C 7 -47.72 52.50 37.08
C ILE C 7 -46.37 52.21 37.73
N ALA C 8 -46.15 50.96 38.15
CA ALA C 8 -44.87 50.62 38.77
C ALA C 8 -43.71 50.83 37.81
N VAL C 9 -43.87 50.42 36.55
CA VAL C 9 -42.81 50.56 35.57
C VAL C 9 -42.52 52.03 35.30
N VAL C 10 -43.56 52.84 35.12
CA VAL C 10 -43.36 54.27 34.86
C VAL C 10 -42.68 54.93 36.04
N GLU C 11 -43.10 54.58 37.26
CA GLU C 11 -42.47 55.16 38.45
C GLU C 11 -41.01 54.75 38.55
N GLN C 12 -40.68 53.51 38.20
CA GLN C 12 -39.29 53.08 38.20
C GLN C 12 -38.47 53.83 37.16
N MET C 13 -39.02 54.04 35.95
CA MET C 13 -38.31 54.81 34.95
C MET C 13 -38.06 56.24 35.43
N ARG C 14 -39.05 56.85 36.05
CA ARG C 14 -38.86 58.20 36.57
C ARG C 14 -37.85 58.24 37.71
N LYS C 15 -37.81 57.19 38.53
CA LYS C 15 -36.80 57.12 39.59
C LYS C 15 -35.40 57.00 39.01
N LEU C 16 -35.23 56.17 37.98
CA LEU C 16 -33.90 55.98 37.40
C LEU C 16 -33.39 57.25 36.73
N VAL C 17 -34.21 57.85 35.88
CA VAL C 17 -33.84 59.04 35.14
C VAL C 17 -34.74 60.20 35.58
N PRO C 18 -34.17 61.25 36.15
CA PRO C 18 -34.96 62.46 36.41
C PRO C 18 -35.22 63.24 35.12
N ALA C 19 -36.00 64.31 35.21
CA ALA C 19 -36.42 65.16 34.10
C ALA C 19 -37.32 64.42 33.12
N LEU C 20 -37.60 63.14 33.34
CA LEU C 20 -38.66 62.44 32.63
C LEU C 20 -40.01 62.60 33.31
N ARG C 21 -40.03 63.22 34.49
CA ARG C 21 -41.28 63.46 35.21
C ARG C 21 -42.14 64.47 34.46
N LYS C 22 -41.51 65.42 33.76
CA LYS C 22 -42.26 66.44 33.05
C LYS C 22 -42.94 65.90 31.80
N VAL C 23 -42.55 64.72 31.33
CA VAL C 23 -43.17 64.14 30.14
C VAL C 23 -44.59 63.71 30.47
N PRO C 24 -45.58 63.95 29.61
CA PRO C 24 -46.94 63.50 29.89
C PRO C 24 -47.02 62.00 30.07
N ASP C 25 -47.91 61.57 30.97
CA ASP C 25 -47.98 60.17 31.36
C ASP C 25 -48.41 59.25 30.23
N GLU C 26 -49.21 59.74 29.28
CA GLU C 26 -49.74 58.87 28.23
C GLU C 26 -48.63 58.39 27.29
N THR C 27 -47.67 59.26 26.98
CA THR C 27 -46.56 58.85 26.12
C THR C 27 -45.74 57.75 26.77
N LEU C 28 -45.47 57.88 28.07
CA LEU C 28 -44.75 56.83 28.79
C LEU C 28 -45.54 55.53 28.80
N TYR C 29 -46.87 55.61 28.97
CA TYR C 29 -47.69 54.41 28.90
C TYR C 29 -47.58 53.74 27.54
N ALA C 30 -47.65 54.52 26.47
CA ALA C 30 -47.58 53.95 25.12
C ALA C 30 -46.22 53.29 24.89
N TRP C 31 -45.14 53.95 25.31
CA TRP C 31 -43.82 53.37 25.15
C TRP C 31 -43.67 52.09 25.98
N VAL C 32 -44.27 52.05 27.16
CA VAL C 32 -44.20 50.86 27.99
C VAL C 32 -44.95 49.70 27.34
N GLU C 33 -46.14 49.96 26.80
CA GLU C 33 -46.86 48.90 26.10
C GLU C 33 -46.09 48.41 24.88
N MET C 34 -45.43 49.32 24.16
CA MET C 34 -44.60 48.88 23.04
C MET C 34 -43.43 48.03 23.52
N ALA C 35 -42.80 48.41 24.64
CA ALA C 35 -41.67 47.65 25.15
C ALA C 35 -42.09 46.28 25.66
N GLU C 36 -43.33 46.16 26.16
CA GLU C 36 -43.79 44.90 26.74
C GLU C 36 -43.87 43.79 25.69
N LEU C 37 -43.96 44.13 24.42
CA LEU C 37 -43.99 43.11 23.37
C LEU C 37 -42.70 42.31 23.31
N PHE C 38 -41.57 42.93 23.65
CA PHE C 38 -40.27 42.29 23.50
C PHE C 38 -39.84 41.54 24.75
N VAL C 39 -40.20 42.04 25.93
CA VAL C 39 -39.70 41.49 27.19
C VAL C 39 -40.51 40.27 27.58
N CYS C 40 -39.82 39.18 27.91
CA CYS C 40 -40.47 38.00 28.45
C CYS C 40 -40.76 38.17 29.93
N GLN C 41 -41.49 37.21 30.50
CA GLN C 41 -41.84 37.28 31.90
C GLN C 41 -41.42 36.04 32.68
N LYS C 42 -41.50 34.85 32.08
CA LYS C 42 -41.15 33.64 32.80
C LYS C 42 -39.68 33.63 33.20
N THR C 43 -38.80 34.12 32.32
CA THR C 43 -37.38 34.12 32.63
C THR C 43 -37.03 35.10 33.74
N PHE C 44 -37.54 36.33 33.64
CA PHE C 44 -37.14 37.37 34.59
C PHE C 44 -37.78 37.19 35.95
N LYS C 45 -39.03 36.73 35.99
CA LYS C 45 -39.74 36.45 37.24
C LYS C 45 -39.84 37.69 38.12
N ASP C 46 -39.02 37.73 39.17
CA ASP C 46 -39.10 38.81 40.16
C ASP C 46 -38.74 40.16 39.54
N ALA C 47 -37.71 40.19 38.70
CA ALA C 47 -37.17 41.44 38.15
C ALA C 47 -37.92 41.93 36.93
N TYR C 48 -39.19 41.54 36.77
CA TYR C 48 -39.96 41.90 35.59
C TYR C 48 -40.09 43.41 35.43
N VAL C 49 -40.41 44.10 36.53
CA VAL C 49 -40.64 45.55 36.45
C VAL C 49 -39.35 46.27 36.04
N LYS C 50 -38.22 45.89 36.66
CA LYS C 50 -36.96 46.55 36.35
C LYS C 50 -36.51 46.25 34.93
N ALA C 51 -36.71 45.01 34.47
CA ALA C 51 -36.36 44.67 33.09
C ALA C 51 -37.21 45.45 32.11
N LEU C 52 -38.51 45.59 32.40
CA LEU C 52 -39.40 46.37 31.53
C LEU C 52 -38.97 47.83 31.49
N ALA C 53 -38.60 48.39 32.64
CA ALA C 53 -38.13 49.78 32.67
C ALA C 53 -36.86 49.94 31.84
N LEU C 54 -35.92 49.01 31.98
CA LEU C 54 -34.67 49.10 31.21
C LEU C 54 -34.94 49.02 29.72
N TYR C 55 -35.80 48.08 29.29
CA TYR C 55 -36.10 47.96 27.87
C TYR C 55 -36.83 49.19 27.35
N ALA C 56 -37.76 49.74 28.13
CA ALA C 56 -38.47 50.94 27.70
C ALA C 56 -37.52 52.12 27.55
N LEU C 57 -36.59 52.28 28.49
CA LEU C 57 -35.59 53.34 28.36
C LEU C 57 -34.72 53.14 27.14
N HIS C 58 -34.31 51.89 26.88
CA HIS C 58 -33.49 51.61 25.70
C HIS C 58 -34.23 51.96 24.42
N LEU C 59 -35.51 51.59 24.34
CA LEU C 59 -36.30 51.93 23.15
C LEU C 59 -36.51 53.44 23.03
N ALA C 60 -36.66 54.13 24.17
CA ALA C 60 -36.87 55.57 24.13
C ALA C 60 -35.61 56.34 23.74
N PHE C 61 -34.42 55.78 23.98
CA PHE C 61 -33.18 56.48 23.66
C PHE C 61 -32.33 55.69 22.68
N LEU C 62 -32.97 54.95 21.76
CA LEU C 62 -32.22 54.13 20.80
C LEU C 62 -31.35 55.02 19.91
N ASP C 63 -31.99 55.85 19.08
CA ASP C 63 -31.27 56.80 18.23
C ASP C 63 -31.89 58.18 18.31
N GLY C 64 -32.76 58.40 19.30
CA GLY C 64 -33.54 59.61 19.41
C GLY C 64 -34.94 59.35 18.90
N ALA C 65 -35.85 58.99 19.79
CA ALA C 65 -37.19 58.61 19.37
C ALA C 65 -38.26 59.37 20.14
N LEU C 66 -37.95 59.75 21.39
CA LEU C 66 -38.93 60.47 22.20
C LEU C 66 -39.24 61.84 21.59
N LYS C 67 -38.20 62.62 21.31
CA LYS C 67 -38.31 63.92 20.63
C LYS C 67 -39.26 64.80 21.44
N GLY C 68 -40.23 65.46 20.79
CA GLY C 68 -41.16 66.32 21.49
C GLY C 68 -42.37 66.60 20.63
N GLU C 69 -43.27 67.41 21.18
CA GLU C 69 -44.50 67.74 20.48
C GLU C 69 -44.24 68.62 19.27
N ASP C 70 -43.33 69.58 19.39
CA ASP C 70 -43.13 70.60 18.37
C ASP C 70 -41.91 70.37 17.48
N GLU C 71 -41.19 69.26 17.64
CA GLU C 71 -40.02 68.99 16.82
C GLU C 71 -40.39 68.89 15.34
N ASP C 72 -39.61 69.54 14.48
CA ASP C 72 -39.91 69.57 13.05
C ASP C 72 -39.75 68.18 12.43
N LEU C 73 -40.49 67.94 11.34
CA LEU C 73 -40.49 66.62 10.71
C LEU C 73 -39.14 66.28 10.09
N GLU C 74 -38.36 67.29 9.70
CA GLU C 74 -37.09 67.04 9.02
C GLU C 74 -36.07 66.39 9.95
N SER C 75 -36.08 66.74 11.24
CA SER C 75 -35.03 66.31 12.16
C SER C 75 -35.05 64.81 12.45
N TYR C 76 -35.95 64.04 11.84
CA TYR C 76 -35.99 62.61 12.07
C TYR C 76 -35.09 61.82 11.13
N SER C 77 -34.50 62.47 10.12
CA SER C 77 -33.55 61.82 9.23
C SER C 77 -32.20 62.53 9.18
N ARG C 78 -31.92 63.41 10.13
CA ARG C 78 -30.75 64.28 10.10
C ARG C 78 -30.63 65.01 11.42
N ARG C 79 -29.41 65.45 11.73
CA ARG C 79 -29.14 66.21 12.94
C ARG C 79 -28.36 67.46 12.59
N VAL C 80 -28.31 68.40 13.54
CA VAL C 80 -27.51 69.60 13.38
C VAL C 80 -26.17 69.37 14.08
N THR C 81 -25.07 69.64 13.37
CA THR C 81 -23.75 69.38 13.93
C THR C 81 -23.23 70.59 14.69
N SER C 82 -23.52 71.79 14.21
CA SER C 82 -23.09 73.01 14.88
C SER C 82 -24.04 74.15 14.53
N PHE C 83 -24.08 75.14 15.40
CA PHE C 83 -24.91 76.31 15.19
C PHE C 83 -24.30 77.48 15.95
N SER C 84 -24.34 78.67 15.32
CA SER C 84 -23.78 79.86 15.93
C SER C 84 -24.58 81.07 15.45
N LEU C 85 -24.70 82.06 16.33
CA LEU C 85 -25.48 83.27 16.06
C LEU C 85 -24.51 84.45 15.98
N SER C 86 -24.06 84.74 14.77
CA SER C 86 -23.17 85.87 14.49
C SER C 86 -21.98 85.89 15.44
N GLY C 87 -21.85 86.98 16.19
CA GLY C 87 -20.82 87.13 17.20
C GLY C 87 -21.31 86.95 18.62
N GLU C 88 -22.45 86.29 18.83
CA GLU C 88 -22.99 86.15 20.17
C GLU C 88 -22.46 84.89 20.84
N PHE C 89 -22.67 83.73 20.24
CA PHE C 89 -22.23 82.47 20.82
C PHE C 89 -22.05 81.45 19.71
N SER C 90 -21.34 80.38 20.05
CA SER C 90 -21.11 79.28 19.12
C SER C 90 -21.21 77.96 19.89
N GLN C 91 -21.54 76.90 19.16
CA GLN C 91 -21.71 75.59 19.78
C GLN C 91 -21.52 74.51 18.73
N THR C 92 -20.83 73.44 19.12
CA THR C 92 -20.62 72.27 18.27
C THR C 92 -21.19 71.05 18.97
N PHE C 93 -21.57 70.06 18.18
CA PHE C 93 -22.35 68.95 18.70
C PHE C 93 -21.74 67.64 18.22
N GLY C 94 -21.99 66.57 18.96
CA GLY C 94 -21.38 65.29 18.62
C GLY C 94 -22.17 64.11 19.13
N GLU C 95 -21.81 62.94 18.61
CA GLU C 95 -22.45 61.70 19.01
C GLU C 95 -21.97 61.28 20.39
N VAL C 96 -22.73 60.37 21.02
CA VAL C 96 -22.45 60.01 22.41
C VAL C 96 -21.42 58.90 22.48
N THR C 97 -21.47 57.95 21.54
CA THR C 97 -20.53 56.84 21.55
C THR C 97 -20.60 56.12 20.21
N LYS C 98 -19.49 55.46 19.87
CA LYS C 98 -19.39 54.66 18.65
C LYS C 98 -19.32 53.19 19.03
N ASN C 99 -20.24 52.39 18.49
CA ASN C 99 -20.24 50.95 18.69
C ASN C 99 -19.68 50.28 17.44
N GLN C 100 -18.60 49.52 17.62
CA GLN C 100 -17.97 48.87 16.47
C GLN C 100 -18.90 47.83 15.85
N SER C 101 -19.51 46.98 16.67
CA SER C 101 -20.39 45.95 16.17
C SER C 101 -21.70 46.57 15.71
N GLY C 102 -22.19 46.12 14.56
CA GLY C 102 -23.48 46.57 14.05
C GLY C 102 -24.64 45.86 14.72
N ASP C 103 -24.66 45.86 16.04
CA ASP C 103 -25.66 45.16 16.84
C ASP C 103 -26.44 46.15 17.67
N MET C 104 -27.76 46.05 17.63
CA MET C 104 -28.62 46.81 18.52
C MET C 104 -28.50 46.22 19.93
N MET C 105 -28.85 47.04 20.92
CA MET C 105 -28.78 46.81 22.37
C MET C 105 -27.38 47.04 22.92
N LEU C 106 -26.39 47.36 22.07
CA LEU C 106 -25.08 47.80 22.54
C LEU C 106 -24.84 49.27 22.21
N SER C 107 -25.90 50.02 21.92
CA SER C 107 -25.80 51.45 21.60
C SER C 107 -26.03 52.35 22.81
N THR C 108 -26.71 51.86 23.84
CA THR C 108 -27.04 52.63 25.02
C THR C 108 -26.71 51.84 26.28
N PRO C 109 -26.40 52.53 27.38
CA PRO C 109 -26.11 51.83 28.63
C PRO C 109 -27.25 50.95 29.12
N TRP C 110 -28.49 51.38 28.92
CA TRP C 110 -29.64 50.56 29.33
C TRP C 110 -29.70 49.25 28.56
N GLY C 111 -29.36 49.28 27.27
CA GLY C 111 -29.30 48.03 26.51
C GLY C 111 -28.26 47.07 27.04
N LYS C 112 -27.08 47.58 27.39
CA LYS C 112 -26.04 46.73 27.95
C LYS C 112 -26.46 46.16 29.30
N MET C 113 -27.10 47.00 30.15
CA MET C 113 -27.59 46.51 31.43
C MET C 113 -28.62 45.42 31.25
N PHE C 114 -29.55 45.60 30.30
CA PHE C 114 -30.56 44.58 30.04
C PHE C 114 -29.92 43.30 29.53
N GLU C 115 -28.92 43.42 28.65
CA GLU C 115 -28.25 42.24 28.11
C GLU C 115 -27.55 41.45 29.21
N GLN C 116 -26.85 42.16 30.10
CA GLN C 116 -26.17 41.45 31.18
C GLN C 116 -27.16 40.87 32.19
N LEU C 117 -28.28 41.54 32.43
CA LEU C 117 -29.31 40.97 33.30
C LEU C 117 -29.87 39.70 32.71
N LYS C 118 -30.14 39.70 31.40
CA LYS C 118 -30.65 38.48 30.75
C LYS C 118 -29.62 37.37 30.79
N ALA C 119 -28.34 37.71 30.59
CA ALA C 119 -27.29 36.71 30.70
C ALA C 119 -27.21 36.14 32.11
N ARG C 120 -27.41 36.98 33.12
CA ARG C 120 -27.38 36.52 34.50
C ARG C 120 -28.55 35.59 34.81
N ARG C 121 -29.75 35.93 34.33
CA ARG C 121 -30.92 35.18 34.75
C ARG C 121 -31.19 33.95 33.90
N ARG C 122 -31.14 34.06 32.58
CA ARG C 122 -31.36 32.92 31.70
C ARG C 122 -30.12 32.58 30.88
N GLY C 123 -29.56 33.55 30.18
CA GLY C 123 -28.44 33.33 29.27
C GLY C 123 -28.79 33.72 27.85
N ARG C 124 -27.73 33.82 27.04
CA ARG C 124 -27.84 34.21 25.64
C ARG C 124 -27.43 33.02 24.79
N PHE C 125 -28.38 32.11 24.55
CA PHE C 125 -28.14 30.94 23.72
C PHE C 125 -29.47 30.33 23.34
N ALA C 126 -29.43 29.45 22.33
CA ALA C 126 -30.61 28.69 21.90
C ALA C 126 -30.12 27.37 21.34
N LEU C 127 -30.19 26.32 22.17
CA LEU C 127 -29.73 24.98 21.79
C LEU C 127 -30.97 24.12 21.57
N MET C 128 -31.17 23.69 20.33
CA MET C 128 -32.41 23.05 19.93
C MET C 128 -32.15 21.74 19.21
N THR C 129 -33.15 20.87 19.22
CA THR C 129 -33.18 19.66 18.42
C THR C 129 -34.59 19.48 17.87
N GLY C 130 -34.70 18.77 16.75
CA GLY C 130 -35.98 18.60 16.11
C GLY C 130 -36.94 17.76 16.95
N LEU C 131 -38.23 17.93 16.67
CA LEU C 131 -39.26 17.18 17.36
C LEU C 131 -39.56 15.87 16.65
N HIS D 32 28.48 -5.86 42.32
CA HIS D 32 28.41 -7.26 42.68
C HIS D 32 27.42 -8.00 41.77
N VAL D 33 27.81 -9.20 41.33
CA VAL D 33 26.98 -9.95 40.40
C VAL D 33 25.86 -10.70 41.11
N GLY D 34 25.94 -10.85 42.43
CA GLY D 34 24.90 -11.58 43.15
C GLY D 34 23.56 -10.87 43.10
N SER D 35 23.55 -9.56 43.32
CA SER D 35 22.29 -8.82 43.28
C SER D 35 21.69 -8.83 41.88
N PHE D 36 22.52 -8.67 40.85
CA PHE D 36 22.03 -8.71 39.47
C PHE D 36 21.48 -10.09 39.13
N TYR D 37 22.14 -11.14 39.61
CA TYR D 37 21.65 -12.49 39.38
C TYR D 37 20.31 -12.71 40.08
N ASN D 38 20.16 -12.20 41.30
CA ASN D 38 18.93 -12.40 42.05
C ASN D 38 17.76 -11.63 41.45
N ASP D 39 17.98 -10.35 41.13
CA ASP D 39 16.87 -9.49 40.72
C ASP D 39 16.39 -9.81 39.31
N ASN D 40 17.32 -10.04 38.38
CA ASN D 40 16.98 -10.17 36.97
C ASN D 40 16.68 -11.63 36.63
N ALA D 41 15.57 -11.87 35.94
CA ALA D 41 15.20 -13.22 35.54
C ALA D 41 15.98 -13.67 34.31
N THR D 42 16.26 -12.74 33.38
CA THR D 42 16.99 -13.09 32.18
C THR D 42 18.40 -13.55 32.50
N ALA D 43 19.10 -12.85 33.40
CA ALA D 43 20.43 -13.28 33.80
C ALA D 43 20.40 -14.63 34.49
N LYS D 44 19.39 -14.86 35.34
CA LYS D 44 19.26 -16.15 36.00
C LYS D 44 19.07 -17.27 35.00
N ARG D 45 18.21 -17.08 34.00
CA ARG D 45 18.03 -18.09 32.97
C ARG D 45 19.32 -18.32 32.19
N ILE D 46 20.02 -17.24 31.84
CA ILE D 46 21.28 -17.37 31.11
C ILE D 46 22.28 -18.20 31.90
N VAL D 47 22.36 -17.95 33.21
CA VAL D 47 23.33 -18.65 34.04
C VAL D 47 22.96 -20.13 34.19
N ASP D 48 21.68 -20.41 34.47
CA ASP D 48 21.29 -21.77 34.87
C ASP D 48 20.69 -22.62 33.75
N VAL D 49 20.67 -22.15 32.51
CA VAL D 49 20.03 -22.97 31.48
C VAL D 49 20.94 -24.09 31.01
N ILE D 50 22.26 -23.89 31.00
CA ILE D 50 23.17 -24.89 30.46
C ILE D 50 23.42 -26.03 31.45
N PRO D 51 23.87 -25.76 32.69
CA PRO D 51 24.24 -26.89 33.57
C PRO D 51 23.12 -27.86 33.82
N GLU D 52 21.89 -27.37 34.00
CA GLU D 52 20.77 -28.27 34.20
C GLU D 52 20.54 -29.14 32.96
N GLU D 53 20.66 -28.55 31.77
CA GLU D 53 20.49 -29.31 30.55
C GLU D 53 21.54 -30.40 30.42
N MET D 54 22.79 -30.09 30.80
CA MET D 54 23.83 -31.11 30.72
C MET D 54 23.61 -32.22 31.74
N VAL D 55 23.29 -31.86 32.99
CA VAL D 55 23.21 -32.86 34.05
C VAL D 55 21.99 -33.76 33.86
N THR D 56 20.85 -33.18 33.44
CA THR D 56 19.61 -33.96 33.35
C THR D 56 19.73 -35.11 32.36
N ALA D 57 20.47 -34.90 31.27
CA ALA D 57 20.61 -35.95 30.26
C ALA D 57 21.27 -37.19 30.83
N GLY D 58 22.31 -37.01 31.64
CA GLY D 58 22.99 -38.12 32.26
C GLY D 58 24.15 -38.65 31.43
N PHE D 59 24.78 -39.70 31.97
CA PHE D 59 25.93 -40.31 31.33
C PHE D 59 25.78 -41.83 31.37
N LYS D 60 26.47 -42.49 30.43
CA LYS D 60 26.45 -43.94 30.31
C LYS D 60 27.88 -44.45 30.31
N MET D 61 28.16 -45.47 31.11
CA MET D 61 29.49 -46.05 31.21
C MET D 61 29.50 -47.47 30.64
N SER D 62 30.58 -47.79 29.91
CA SER D 62 30.78 -49.10 29.34
C SER D 62 32.06 -49.71 29.89
N GLY D 63 32.09 -51.03 29.94
CA GLY D 63 33.24 -51.76 30.44
C GLY D 63 33.06 -52.32 31.84
N VAL D 64 32.05 -51.89 32.58
CA VAL D 64 31.80 -52.41 33.92
C VAL D 64 31.06 -53.73 33.82
N LYS D 65 31.29 -54.61 34.81
CA LYS D 65 30.65 -55.91 34.81
C LYS D 65 29.17 -55.80 35.18
N ASP D 66 28.87 -55.11 36.26
CA ASP D 66 27.50 -54.94 36.73
C ASP D 66 27.03 -53.53 36.39
N GLU D 67 25.93 -53.44 35.62
CA GLU D 67 25.40 -52.14 35.25
C GLU D 67 24.36 -51.67 36.26
N LYS D 68 23.41 -52.53 36.61
CA LYS D 68 22.36 -52.14 37.55
C LYS D 68 22.94 -51.88 38.94
N GLU D 69 23.92 -52.69 39.35
CA GLU D 69 24.56 -52.45 40.64
C GLU D 69 25.27 -51.10 40.66
N PHE D 70 25.96 -50.75 39.57
CA PHE D 70 26.59 -49.44 39.48
C PHE D 70 25.55 -48.33 39.52
N LYS D 71 24.41 -48.52 38.83
CA LYS D 71 23.37 -47.51 38.85
C LYS D 71 22.82 -47.29 40.25
N SER D 72 22.60 -48.39 40.99
CA SER D 72 22.14 -48.28 42.36
C SER D 72 23.17 -47.57 43.23
N LEU D 73 24.45 -47.91 43.06
CA LEU D 73 25.50 -47.26 43.84
C LEU D 73 25.55 -45.76 43.54
N TRP D 74 25.45 -45.39 42.27
CA TRP D 74 25.48 -43.98 41.90
C TRP D 74 24.29 -43.22 42.45
N ASP D 75 23.09 -43.82 42.36
CA ASP D 75 21.90 -43.17 42.89
C ASP D 75 21.88 -43.15 44.41
N SER D 76 22.68 -43.98 45.07
CA SER D 76 22.77 -43.92 46.53
C SER D 76 23.34 -42.61 47.00
N TYR D 77 24.35 -42.08 46.31
CA TYR D 77 25.04 -40.87 46.75
C TYR D 77 24.23 -39.61 46.48
N LYS D 78 23.34 -39.64 45.48
CA LYS D 78 22.47 -38.51 45.10
C LYS D 78 23.23 -37.19 45.06
N LEU D 79 24.24 -37.13 44.19
CA LEU D 79 25.10 -35.96 44.03
C LEU D 79 24.62 -35.01 42.94
N ASP D 80 23.35 -35.08 42.56
CA ASP D 80 22.85 -34.24 41.47
C ASP D 80 22.88 -32.77 41.83
N SER D 81 22.31 -32.41 42.99
CA SER D 81 22.21 -31.01 43.38
C SER D 81 23.59 -30.38 43.56
N SER D 82 24.53 -31.12 44.16
CA SER D 82 25.86 -30.58 44.35
C SER D 82 26.54 -30.30 43.01
N LEU D 83 26.42 -31.21 42.05
CA LEU D 83 27.01 -31.00 40.73
C LEU D 83 26.41 -29.79 40.04
N VAL D 84 25.07 -29.69 40.06
CA VAL D 84 24.41 -28.57 39.40
C VAL D 84 24.82 -27.24 40.05
N ASP D 85 24.85 -27.20 41.39
CA ASP D 85 25.25 -25.99 42.08
C ASP D 85 26.69 -25.62 41.79
N LEU D 86 27.58 -26.61 41.74
CA LEU D 86 28.99 -26.34 41.42
C LEU D 86 29.12 -25.72 40.04
N LEU D 87 28.45 -26.30 39.04
CA LEU D 87 28.54 -25.74 37.69
C LEU D 87 27.92 -24.34 37.63
N CYS D 88 26.80 -24.13 38.33
CA CYS D 88 26.17 -22.81 38.32
C CYS D 88 27.07 -21.76 38.96
N TRP D 89 27.70 -22.09 40.08
CA TRP D 89 28.61 -21.14 40.73
C TRP D 89 29.83 -20.88 39.86
N ALA D 90 30.33 -21.92 39.18
CA ALA D 90 31.46 -21.73 38.27
C ALA D 90 31.11 -20.77 37.14
N ARG D 91 29.91 -20.91 36.58
CA ARG D 91 29.49 -20.00 35.52
C ARG D 91 29.21 -18.60 36.04
N LEU D 92 28.72 -18.47 37.27
CA LEU D 92 28.32 -17.17 37.78
C LEU D 92 29.52 -16.37 38.29
N TYR D 93 30.20 -16.88 39.32
CA TYR D 93 31.26 -16.10 39.96
C TYR D 93 32.55 -16.09 39.15
N GLY D 94 32.86 -17.19 38.47
CA GLY D 94 34.11 -17.34 37.75
C GLY D 94 34.95 -18.52 38.19
N GLY D 95 34.65 -19.09 39.36
CA GLY D 95 35.37 -20.24 39.85
C GLY D 95 34.65 -20.88 41.00
N ALA D 96 34.91 -22.17 41.19
CA ALA D 96 34.32 -22.94 42.28
C ALA D 96 35.16 -24.18 42.49
N ALA D 97 34.86 -24.90 43.58
CA ALA D 97 35.59 -26.12 43.89
C ALA D 97 34.69 -27.06 44.68
N MET D 98 35.07 -28.34 44.66
CA MET D 98 34.33 -29.40 45.36
C MET D 98 35.32 -30.26 46.12
N VAL D 99 34.99 -30.56 47.38
CA VAL D 99 35.84 -31.36 48.26
C VAL D 99 35.20 -32.73 48.44
N ALA D 100 36.00 -33.77 48.25
CA ALA D 100 35.52 -35.15 48.36
C ALA D 100 35.92 -35.72 49.73
N ILE D 101 34.95 -36.29 50.43
CA ILE D 101 35.19 -36.90 51.73
C ILE D 101 35.46 -38.38 51.53
N ILE D 102 36.71 -38.80 51.73
CA ILE D 102 37.05 -40.19 51.45
C ILE D 102 37.40 -40.98 52.70
N LYS D 103 37.33 -42.31 52.62
CA LYS D 103 37.64 -43.14 53.77
C LYS D 103 39.06 -43.68 53.68
N ASP D 104 40.04 -42.78 53.74
CA ASP D 104 41.44 -43.19 53.68
C ASP D 104 42.05 -43.42 55.06
N ASN D 105 41.39 -42.96 56.12
CA ASN D 105 41.84 -43.16 57.50
C ASN D 105 43.24 -42.57 57.73
N ARG D 106 43.50 -41.41 57.12
CA ARG D 106 44.73 -40.65 57.38
C ARG D 106 44.37 -39.18 57.49
N MET D 107 45.41 -38.36 57.59
CA MET D 107 45.25 -36.91 57.70
C MET D 107 44.74 -36.33 56.38
N LEU D 108 44.12 -35.15 56.48
CA LEU D 108 43.65 -34.47 55.28
C LEU D 108 44.81 -34.05 54.39
N THR D 109 45.94 -33.71 55.00
CA THR D 109 47.12 -33.32 54.21
C THR D 109 47.71 -34.50 53.45
N SER D 110 47.63 -35.70 54.00
CA SER D 110 48.19 -36.87 53.35
C SER D 110 47.41 -37.22 52.09
N GLN D 111 48.09 -37.87 51.15
CA GLN D 111 47.49 -38.22 49.88
C GLN D 111 46.42 -39.29 50.07
N ALA D 112 45.48 -39.35 49.12
CA ALA D 112 44.39 -40.31 49.15
C ALA D 112 44.81 -41.56 48.40
N LYS D 113 44.95 -42.67 49.12
CA LYS D 113 45.32 -43.92 48.50
C LYS D 113 44.13 -44.51 47.73
N PRO D 114 44.38 -45.09 46.56
CA PRO D 114 43.30 -45.74 45.82
C PRO D 114 42.72 -46.92 46.59
N GLY D 115 41.39 -47.05 46.52
CA GLY D 115 40.69 -48.13 47.19
C GLY D 115 39.54 -47.67 48.07
N ALA D 116 39.57 -46.45 48.59
CA ALA D 116 38.48 -45.95 49.40
C ALA D 116 37.24 -45.70 48.54
N LYS D 117 36.09 -45.62 49.19
CA LYS D 117 34.82 -45.67 48.47
C LYS D 117 33.91 -44.47 48.77
N LEU D 118 34.47 -43.35 49.23
CA LEU D 118 33.76 -42.07 49.32
C LEU D 118 32.68 -42.05 50.40
N GLU D 119 32.44 -40.89 50.99
CA GLU D 119 31.29 -40.66 51.86
C GLU D 119 30.35 -39.61 51.33
N GLY D 120 30.84 -38.63 50.58
CA GLY D 120 30.04 -37.51 50.14
C GLY D 120 30.94 -36.36 49.73
N VAL D 121 30.30 -35.29 49.25
CA VAL D 121 31.02 -34.14 48.74
C VAL D 121 30.50 -32.88 49.44
N ARG D 122 31.34 -31.84 49.42
CA ARG D 122 30.94 -30.51 49.84
C ARG D 122 31.39 -29.52 48.78
N VAL D 123 30.44 -28.79 48.21
CA VAL D 123 30.75 -27.77 47.23
C VAL D 123 31.06 -26.47 47.95
N TYR D 124 31.91 -25.64 47.34
CA TYR D 124 32.35 -24.39 47.95
C TYR D 124 32.27 -23.27 46.92
N ASP D 125 32.67 -22.08 47.36
CA ASP D 125 32.63 -20.88 46.54
C ASP D 125 34.05 -20.42 46.22
N ARG D 126 34.15 -19.49 45.26
CA ARG D 126 35.46 -19.06 44.77
C ARG D 126 36.27 -18.39 45.87
N PHE D 127 35.66 -17.52 46.66
CA PHE D 127 36.39 -16.74 47.65
C PHE D 127 36.71 -17.54 48.91
N ALA D 128 36.23 -18.77 49.02
CA ALA D 128 36.42 -19.56 50.23
C ALA D 128 37.65 -20.47 50.18
N ILE D 129 38.45 -20.39 49.11
CA ILE D 129 39.60 -21.27 48.94
C ILE D 129 40.80 -20.44 48.53
N THR D 130 41.93 -20.65 49.21
CA THR D 130 43.20 -20.02 48.86
C THR D 130 44.32 -21.03 49.02
N VAL D 131 45.40 -20.82 48.26
CA VAL D 131 46.52 -21.74 48.20
C VAL D 131 47.54 -21.38 49.28
N GLU D 132 48.17 -22.40 49.85
CA GLU D 132 49.21 -22.22 50.86
C GLU D 132 50.61 -22.49 50.29
N LYS D 133 50.82 -23.67 49.71
CA LYS D 133 52.13 -24.06 49.20
C LYS D 133 51.96 -24.67 47.82
N ARG D 134 52.98 -24.50 46.97
CA ARG D 134 52.95 -24.99 45.61
C ARG D 134 54.27 -25.68 45.28
N VAL D 135 54.33 -26.29 44.10
CA VAL D 135 55.49 -27.07 43.70
C VAL D 135 56.67 -26.14 43.42
N THR D 136 57.83 -26.52 43.92
CA THR D 136 59.06 -25.75 43.72
C THR D 136 60.13 -26.53 42.96
N ASN D 137 59.76 -27.63 42.30
CA ASN D 137 60.72 -28.45 41.56
C ASN D 137 60.61 -28.10 40.08
N ALA D 138 61.67 -27.49 39.54
CA ALA D 138 61.63 -26.99 38.17
C ALA D 138 61.48 -28.12 37.15
N ARG D 139 62.21 -29.22 37.37
CA ARG D 139 62.20 -30.31 36.38
C ARG D 139 60.87 -31.06 36.33
N SER D 140 60.07 -30.98 37.38
CA SER D 140 58.79 -31.69 37.40
C SER D 140 57.84 -31.04 36.40
N PRO D 141 57.13 -31.84 35.59
CA PRO D 141 56.13 -31.24 34.68
C PRO D 141 55.03 -30.50 35.41
N ARG D 142 54.64 -30.97 36.59
CA ARG D 142 53.62 -30.29 37.40
C ARG D 142 54.31 -29.27 38.32
N TYR D 143 54.81 -28.21 37.68
CA TYR D 143 55.60 -27.19 38.35
C TYR D 143 54.80 -25.89 38.43
N GLY D 144 54.70 -25.34 39.64
CA GLY D 144 53.94 -24.12 39.87
C GLY D 144 52.50 -24.35 40.26
N GLU D 145 51.97 -25.55 40.08
CA GLU D 145 50.59 -25.82 40.43
C GLU D 145 50.43 -25.90 41.95
N PRO D 146 49.24 -25.62 42.46
CA PRO D 146 49.02 -25.68 43.91
C PRO D 146 49.18 -27.10 44.45
N GLU D 147 49.57 -27.17 45.72
CA GLU D 147 49.77 -28.43 46.42
C GLU D 147 48.80 -28.62 47.58
N ILE D 148 48.64 -27.60 48.43
CA ILE D 148 47.74 -27.67 49.57
C ILE D 148 46.86 -26.43 49.58
N TYR D 149 45.55 -26.64 49.69
CA TYR D 149 44.58 -25.56 49.73
C TYR D 149 44.11 -25.33 51.17
N LYS D 150 43.90 -24.06 51.51
CA LYS D 150 43.44 -23.73 52.86
C LYS D 150 42.01 -24.20 53.09
N VAL D 151 41.12 -23.91 52.14
CA VAL D 151 39.71 -24.28 52.19
C VAL D 151 39.11 -23.65 53.46
N SER D 152 38.76 -22.39 53.35
CA SER D 152 38.02 -21.72 54.43
C SER D 152 36.54 -22.06 54.30
N PRO D 153 35.91 -22.62 55.32
CA PRO D 153 34.50 -23.03 55.19
C PRO D 153 33.48 -21.96 55.56
N GLY D 154 33.92 -20.77 55.95
CA GLY D 154 32.98 -19.73 56.34
C GLY D 154 32.19 -20.13 57.56
N ASP D 155 31.01 -19.51 57.70
CA ASP D 155 30.08 -19.81 58.79
C ASP D 155 30.77 -19.72 60.14
N ASN D 156 30.79 -20.83 60.89
CA ASN D 156 31.40 -20.87 62.20
C ASN D 156 32.64 -21.74 62.28
N MET D 157 32.90 -22.57 61.27
CA MET D 157 34.03 -23.47 61.32
C MET D 157 35.33 -22.74 61.00
N GLN D 158 36.44 -23.44 61.20
CA GLN D 158 37.78 -22.92 60.97
C GLN D 158 38.41 -23.57 59.73
N PRO D 159 39.35 -22.88 59.08
CA PRO D 159 39.98 -23.46 57.89
C PRO D 159 40.71 -24.75 58.20
N TYR D 160 40.67 -25.68 57.24
CA TYR D 160 41.32 -26.97 57.38
C TYR D 160 42.02 -27.32 56.06
N LEU D 161 43.33 -27.46 56.10
CA LEU D 161 44.11 -27.70 54.89
C LEU D 161 43.78 -29.08 54.31
N ILE D 162 43.79 -29.15 52.98
CA ILE D 162 43.46 -30.38 52.25
C ILE D 162 44.49 -30.58 51.15
N HIS D 163 44.89 -31.83 50.95
CA HIS D 163 45.79 -32.16 49.86
C HIS D 163 45.10 -31.92 48.52
N HIS D 164 45.90 -31.60 47.50
CA HIS D 164 45.34 -31.27 46.20
C HIS D 164 44.71 -32.46 45.50
N SER D 165 44.96 -33.69 45.99
CA SER D 165 44.38 -34.87 45.38
C SER D 165 42.93 -35.08 45.77
N ARG D 166 42.42 -34.30 46.72
CA ARG D 166 41.03 -34.41 47.17
C ARG D 166 40.21 -33.17 46.85
N VAL D 167 40.72 -32.28 46.00
CA VAL D 167 40.05 -31.04 45.65
C VAL D 167 40.02 -30.92 44.14
N PHE D 168 38.84 -30.62 43.60
CA PHE D 168 38.66 -30.40 42.17
C PHE D 168 38.35 -28.93 41.93
N ILE D 169 39.10 -28.30 41.05
CA ILE D 169 38.99 -26.87 40.77
C ILE D 169 38.27 -26.69 39.44
N ALA D 170 37.11 -26.05 39.49
CA ALA D 170 36.33 -25.77 38.29
C ALA D 170 36.52 -24.31 37.88
N ASP D 171 36.89 -24.11 36.62
CA ASP D 171 37.18 -22.78 36.09
C ASP D 171 36.05 -22.31 35.18
N GLY D 172 35.88 -21.00 35.10
CA GLY D 172 34.84 -20.38 34.31
C GLY D 172 35.29 -20.06 32.90
N GLU D 173 34.78 -18.94 32.38
CA GLU D 173 35.10 -18.54 31.02
C GLU D 173 36.58 -18.20 30.89
N ARG D 174 37.13 -18.48 29.70
CA ARG D 174 38.54 -18.25 29.45
C ARG D 174 38.86 -16.76 29.41
N VAL D 175 39.98 -16.39 29.99
CA VAL D 175 40.42 -15.00 30.10
C VAL D 175 41.88 -14.92 29.70
N ALA D 176 42.30 -13.74 29.24
CA ALA D 176 43.70 -13.52 28.91
C ALA D 176 44.57 -13.69 30.15
N GLN D 177 45.78 -14.21 29.95
CA GLN D 177 46.65 -14.55 31.07
C GLN D 177 46.96 -13.34 31.93
N GLN D 178 47.16 -12.17 31.31
CA GLN D 178 47.48 -10.97 32.08
C GLN D 178 46.35 -10.61 33.05
N ALA D 179 45.11 -10.71 32.59
CA ALA D 179 43.98 -10.47 33.49
C ALA D 179 43.76 -11.64 34.44
N ARG D 180 44.15 -12.85 34.03
CA ARG D 180 44.04 -14.00 34.92
C ARG D 180 44.95 -13.86 36.13
N LYS D 181 46.15 -13.31 35.93
CA LYS D 181 47.05 -13.07 37.06
C LYS D 181 46.45 -12.09 38.05
N GLN D 182 45.82 -11.02 37.56
CA GLN D 182 45.14 -10.08 38.44
C GLN D 182 43.89 -10.69 39.08
N ASN D 183 43.37 -11.78 38.51
CA ASN D 183 42.22 -12.48 39.06
C ASN D 183 42.62 -13.66 39.94
N GLN D 184 43.81 -13.60 40.54
CA GLN D 184 44.39 -14.66 41.38
C GLN D 184 44.11 -16.06 40.83
N GLY D 185 44.41 -16.21 39.54
CA GLY D 185 44.31 -17.52 38.91
C GLY D 185 42.91 -18.08 38.79
N TRP D 186 41.92 -17.23 38.57
CA TRP D 186 40.53 -17.67 38.37
C TRP D 186 40.01 -17.09 37.06
N GLY D 187 39.05 -17.80 36.47
CA GLY D 187 38.49 -17.40 35.20
C GLY D 187 37.56 -16.21 35.34
N ALA D 188 36.95 -15.85 34.22
CA ALA D 188 36.04 -14.71 34.16
C ALA D 188 34.61 -15.21 34.37
N SER D 189 33.65 -14.30 34.29
CA SER D 189 32.25 -14.62 34.50
C SER D 189 31.49 -14.56 33.19
N VAL D 190 30.37 -15.28 33.13
CA VAL D 190 29.53 -15.26 31.94
C VAL D 190 28.93 -13.87 31.73
N LEU D 191 28.55 -13.21 32.82
CA LEU D 191 27.95 -11.88 32.76
C LEU D 191 29.06 -10.83 32.70
N ASN D 192 29.57 -10.62 31.49
CA ASN D 192 30.57 -9.59 31.27
C ASN D 192 29.89 -8.23 31.14
N LYS D 193 30.66 -7.20 30.76
CA LYS D 193 30.12 -5.85 30.75
C LYS D 193 29.05 -5.68 29.67
N SER D 194 29.25 -6.29 28.50
CA SER D 194 28.33 -6.09 27.38
C SER D 194 26.94 -6.60 27.69
N LEU D 195 26.85 -7.78 28.31
CA LEU D 195 25.54 -8.36 28.63
C LEU D 195 24.78 -7.48 29.63
N ILE D 196 25.46 -7.00 30.66
CA ILE D 196 24.82 -6.14 31.65
C ILE D 196 24.34 -4.85 30.99
N ASP D 197 25.19 -4.25 30.14
CA ASP D 197 24.80 -3.03 29.45
C ASP D 197 23.57 -3.26 28.58
N ALA D 198 23.54 -4.38 27.85
CA ALA D 198 22.40 -4.67 26.98
C ALA D 198 21.12 -4.85 27.79
N ILE D 199 21.20 -5.57 28.90
CA ILE D 199 20.00 -5.81 29.72
C ILE D 199 19.48 -4.49 30.29
N CYS D 200 20.38 -3.66 30.82
CA CYS D 200 19.95 -2.37 31.36
C CYS D 200 19.35 -1.50 30.27
N ASP D 201 19.94 -1.51 29.07
CA ASP D 201 19.40 -0.73 27.97
C ASP D 201 18.01 -1.19 27.59
N TYR D 202 17.79 -2.51 27.55
CA TYR D 202 16.47 -3.02 27.21
C TYR D 202 15.43 -2.62 28.26
N ASP D 203 15.79 -2.70 29.54
CA ASP D 203 14.85 -2.27 30.58
C ASP D 203 14.52 -0.79 30.46
N TYR D 204 15.53 0.04 30.21
CA TYR D 204 15.30 1.47 30.04
C TYR D 204 14.39 1.74 28.85
N CYS D 205 14.61 1.02 27.75
CA CYS D 205 13.76 1.21 26.56
C CYS D 205 12.33 0.79 26.82
N GLU D 206 12.12 -0.28 27.58
CA GLU D 206 10.76 -0.68 27.92
C GLU D 206 10.08 0.39 28.78
N SER D 207 10.81 0.96 29.74
CA SER D 207 10.23 2.03 30.54
C SER D 207 9.87 3.23 29.67
N LEU D 208 10.75 3.58 28.73
CA LEU D 208 10.46 4.69 27.82
C LEU D 208 9.24 4.39 26.96
N ALA D 209 9.07 3.14 26.53
CA ALA D 209 7.90 2.77 25.75
C ALA D 209 6.62 2.95 26.55
N THR D 210 6.62 2.52 27.81
CA THR D 210 5.45 2.72 28.66
C THR D 210 5.16 4.20 28.83
N GLN D 211 6.20 5.01 29.05
CA GLN D 211 6.00 6.45 29.19
C GLN D 211 5.45 7.07 27.90
N ILE D 212 5.89 6.58 26.75
CA ILE D 212 5.41 7.11 25.48
C ILE D 212 3.93 6.79 25.29
N LEU D 213 3.53 5.56 25.64
CA LEU D 213 2.11 5.22 25.56
C LEU D 213 1.29 6.07 26.52
N ARG D 214 1.85 6.36 27.69
CA ARG D 214 1.12 7.11 28.72
C ARG D 214 0.68 8.48 28.22
N ARG D 215 1.56 9.21 27.53
CA ARG D 215 1.29 10.56 27.05
C ARG D 215 1.00 10.51 25.56
N LYS D 216 -0.26 10.24 25.21
CA LYS D 216 -0.71 10.26 23.82
C LYS D 216 -1.60 11.46 23.51
N GLN D 217 -2.43 11.88 24.45
CA GLN D 217 -3.28 13.05 24.30
C GLN D 217 -3.10 13.96 25.51
N GLN D 218 -3.22 15.26 25.29
CA GLN D 218 -3.16 16.24 26.36
C GLN D 218 -4.23 17.29 26.14
N ALA D 219 -5.03 17.56 27.17
CA ALA D 219 -6.08 18.57 27.12
C ALA D 219 -5.62 19.80 27.89
N VAL D 220 -5.49 20.92 27.19
CA VAL D 220 -4.98 22.16 27.77
C VAL D 220 -6.15 23.13 27.95
N TRP D 221 -6.31 23.65 29.16
CA TRP D 221 -7.40 24.53 29.51
C TRP D 221 -6.86 25.93 29.79
N LYS D 222 -7.36 26.91 29.07
CA LYS D 222 -6.90 28.29 29.19
C LYS D 222 -8.02 29.18 29.74
N VAL D 223 -7.65 30.04 30.68
CA VAL D 223 -8.58 31.00 31.27
C VAL D 223 -7.95 32.39 31.17
N LYS D 224 -8.79 33.42 31.10
CA LYS D 224 -8.29 34.78 30.97
C LYS D 224 -7.53 35.22 32.22
N GLY D 225 -8.20 35.25 33.36
CA GLY D 225 -7.54 35.57 34.60
C GLY D 225 -7.36 34.36 35.49
N LEU D 226 -6.14 33.83 35.57
CA LEU D 226 -5.85 32.64 36.36
C LEU D 226 -4.63 32.79 37.26
N ALA D 227 -3.77 33.77 36.99
CA ALA D 227 -2.60 34.02 37.83
C ALA D 227 -2.89 34.96 38.99
N GLU D 228 -4.12 35.49 39.08
CA GLU D 228 -4.51 36.38 40.16
C GLU D 228 -5.13 35.59 41.32
N MET D 229 -4.38 34.60 41.80
CA MET D 229 -4.83 33.75 42.88
C MET D 229 -3.74 33.61 43.93
N CYS D 230 -4.15 33.37 45.17
CA CYS D 230 -3.26 33.31 46.33
C CYS D 230 -2.44 32.01 46.40
N ASP D 231 -2.75 31.05 45.52
CA ASP D 231 -2.00 29.81 45.36
C ASP D 231 -2.22 28.82 46.50
N ASP D 232 -2.94 29.23 47.54
CA ASP D 232 -3.25 28.34 48.64
C ASP D 232 -4.65 28.54 49.24
N ASP D 233 -5.47 29.41 48.67
CA ASP D 233 -6.76 29.74 49.26
C ASP D 233 -7.84 28.82 48.69
N ASP D 234 -9.10 29.16 48.97
CA ASP D 234 -10.22 28.32 48.56
C ASP D 234 -10.44 28.34 47.05
N ALA D 235 -10.04 29.43 46.40
CA ALA D 235 -10.29 29.58 44.97
C ALA D 235 -9.57 28.51 44.17
N GLN D 236 -8.29 28.27 44.48
CA GLN D 236 -7.53 27.24 43.77
C GLN D 236 -8.12 25.86 44.05
N TYR D 237 -8.51 25.59 45.29
CA TYR D 237 -9.12 24.31 45.63
C TYR D 237 -10.38 24.07 44.81
N ALA D 238 -11.25 25.07 44.75
CA ALA D 238 -12.49 24.93 43.98
C ALA D 238 -12.20 24.75 42.50
N ALA D 239 -11.25 25.51 41.95
CA ALA D 239 -10.93 25.39 40.53
C ALA D 239 -10.39 24.00 40.21
N ARG D 240 -9.49 23.48 41.05
CA ARG D 240 -8.93 22.16 40.79
C ARG D 240 -9.98 21.06 40.94
N LEU D 241 -10.87 21.19 41.93
CA LEU D 241 -11.96 20.23 42.06
C LEU D 241 -12.86 20.25 40.82
N ARG D 242 -13.19 21.45 40.33
CA ARG D 242 -14.01 21.56 39.13
C ARG D 242 -13.33 20.92 37.94
N LEU D 243 -12.03 21.18 37.77
CA LEU D 243 -11.30 20.59 36.65
C LEU D 243 -11.27 19.07 36.76
N ALA D 244 -11.04 18.55 37.96
CA ALA D 244 -11.03 17.10 38.15
C ALA D 244 -12.37 16.48 37.80
N GLN D 245 -13.46 17.08 38.29
CA GLN D 245 -14.79 16.53 38.00
C GLN D 245 -15.09 16.60 36.51
N VAL D 246 -14.73 17.71 35.86
CA VAL D 246 -15.05 17.87 34.44
C VAL D 246 -14.27 16.87 33.60
N ASP D 247 -12.98 16.68 33.88
CA ASP D 247 -12.23 15.68 33.12
C ASP D 247 -12.63 14.27 33.49
N ASP D 248 -13.24 14.06 34.66
CA ASP D 248 -13.73 12.73 35.01
C ASP D 248 -15.01 12.39 34.27
N ASN D 249 -15.90 13.38 34.09
CA ASN D 249 -17.22 13.11 33.51
C ASN D 249 -17.28 13.33 32.00
N SER D 250 -16.20 13.77 31.37
CA SER D 250 -16.21 14.02 29.94
C SER D 250 -16.01 12.71 29.17
N GLY D 251 -15.95 12.83 27.85
CA GLY D 251 -15.72 11.69 26.98
C GLY D 251 -16.53 11.84 25.70
N VAL D 252 -16.77 10.71 25.05
CA VAL D 252 -17.61 10.67 23.85
C VAL D 252 -19.06 10.56 24.28
N GLY D 253 -19.90 11.42 23.72
CA GLY D 253 -21.28 11.54 24.16
C GLY D 253 -21.51 12.55 25.27
N ARG D 254 -20.45 13.17 25.78
CA ARG D 254 -20.54 14.21 26.79
C ARG D 254 -19.80 15.46 26.31
N ALA D 255 -20.40 16.61 26.56
CA ALA D 255 -19.88 17.88 26.08
C ALA D 255 -19.52 18.79 27.24
N ILE D 256 -18.69 19.79 26.95
CA ILE D 256 -18.29 20.80 27.92
C ILE D 256 -18.86 22.14 27.49
N GLY D 257 -19.36 22.90 28.45
CA GLY D 257 -19.78 24.26 28.18
C GLY D 257 -18.66 25.24 28.45
N ILE D 258 -18.27 26.00 27.43
CA ILE D 258 -17.16 26.94 27.52
C ILE D 258 -17.70 28.34 27.33
N ASP D 259 -17.23 29.28 28.14
CA ASP D 259 -17.55 30.68 27.95
C ASP D 259 -16.62 31.26 26.89
N ALA D 260 -17.20 31.83 25.84
CA ALA D 260 -16.40 32.43 24.79
C ALA D 260 -15.72 33.69 25.29
N GLU D 261 -14.76 34.17 24.49
CA GLU D 261 -14.06 35.44 24.66
C GLU D 261 -13.29 35.53 25.97
N THR D 262 -13.30 34.45 26.78
CA THR D 262 -12.54 34.44 28.02
C THR D 262 -11.92 33.10 28.34
N GLU D 263 -12.08 32.09 27.49
CA GLU D 263 -11.65 30.74 27.85
C GLU D 263 -11.68 29.85 26.61
N GLU D 264 -10.69 28.97 26.50
CA GLU D 264 -10.56 28.06 25.36
C GLU D 264 -10.27 26.66 25.87
N TYR D 265 -10.32 25.70 24.95
CA TYR D 265 -10.06 24.29 25.26
C TYR D 265 -9.47 23.62 24.03
N ASP D 266 -8.26 23.07 24.19
CA ASP D 266 -7.55 22.44 23.08
C ASP D 266 -7.09 21.05 23.49
N VAL D 267 -6.86 20.20 22.49
CA VAL D 267 -6.37 18.85 22.68
C VAL D 267 -5.17 18.66 21.77
N LEU D 268 -4.06 18.16 22.32
CA LEU D 268 -2.84 17.89 21.57
C LEU D 268 -2.63 16.39 21.51
N ASN D 269 -2.34 15.88 20.31
CA ASN D 269 -2.19 14.45 20.09
C ASN D 269 -0.73 14.11 19.79
N SER D 270 -0.48 12.81 19.68
CA SER D 270 0.83 12.27 19.36
C SER D 270 0.62 10.95 18.61
N ASP D 271 1.66 10.14 18.51
CA ASP D 271 1.54 8.86 17.83
C ASP D 271 2.50 7.84 18.43
N ILE D 272 2.21 6.57 18.17
CA ILE D 272 3.07 5.45 18.56
C ILE D 272 3.21 4.56 17.33
N SER D 273 4.29 4.75 16.58
CA SER D 273 4.44 4.12 15.26
C SER D 273 5.24 2.82 15.31
N GLY D 274 6.50 2.89 15.73
CA GLY D 274 7.37 1.73 15.62
C GLY D 274 8.03 1.29 16.90
N VAL D 275 7.32 1.46 18.02
CA VAL D 275 7.87 1.02 19.31
C VAL D 275 8.08 -0.48 19.38
N PRO D 276 7.11 -1.34 19.03
CA PRO D 276 7.34 -2.79 19.18
C PRO D 276 8.53 -3.30 18.39
N GLU D 277 8.76 -2.77 17.19
CA GLU D 277 9.91 -3.20 16.41
C GLU D 277 11.21 -2.77 17.08
N PHE D 278 11.23 -1.58 17.68
CA PHE D 278 12.40 -1.13 18.43
C PHE D 278 12.70 -2.07 19.58
N LEU D 279 11.67 -2.42 20.36
CA LEU D 279 11.87 -3.32 21.49
C LEU D 279 12.33 -4.70 21.02
N SER D 280 11.76 -5.19 19.92
CA SER D 280 12.17 -6.48 19.38
C SER D 280 13.63 -6.44 18.92
N SER D 281 14.06 -5.33 18.32
CA SER D 281 15.45 -5.20 17.91
C SER D 281 16.39 -5.22 19.12
N LYS D 282 16.02 -4.53 20.20
CA LYS D 282 16.85 -4.56 21.39
C LYS D 282 16.93 -5.96 21.99
N MET D 283 15.80 -6.67 22.02
CA MET D 283 15.82 -8.04 22.50
C MET D 283 16.66 -8.94 21.59
N ASP D 284 16.65 -8.66 20.28
CA ASP D 284 17.49 -9.40 19.36
C ASP D 284 18.97 -9.16 19.64
N ARG D 285 19.34 -7.92 19.98
CA ARG D 285 20.72 -7.66 20.38
C ARG D 285 21.08 -8.43 21.64
N ILE D 286 20.17 -8.48 22.61
CA ILE D 286 20.44 -9.24 23.83
C ILE D 286 20.66 -10.71 23.50
N VAL D 287 19.81 -11.27 22.62
CA VAL D 287 19.95 -12.67 22.21
C VAL D 287 21.28 -12.90 21.53
N SER D 288 21.68 -11.99 20.63
CA SER D 288 22.94 -12.15 19.91
C SER D 288 24.13 -12.12 20.87
N LEU D 289 24.12 -11.20 21.83
CA LEU D 289 25.24 -11.09 22.76
C LEU D 289 25.30 -12.23 23.76
N SER D 290 24.13 -12.77 24.16
CA SER D 290 24.10 -13.77 25.22
C SER D 290 24.82 -15.05 24.82
N GLY D 291 24.70 -15.47 23.56
CA GLY D 291 25.28 -16.73 23.14
C GLY D 291 24.36 -17.91 23.21
N ILE D 292 23.05 -17.69 23.34
CA ILE D 292 22.07 -18.77 23.45
C ILE D 292 20.98 -18.52 22.41
N HIS D 293 20.36 -19.60 21.95
CA HIS D 293 19.36 -19.52 20.89
C HIS D 293 18.17 -18.68 21.35
N GLU D 294 17.51 -18.05 20.37
CA GLU D 294 16.41 -17.13 20.69
C GLU D 294 15.19 -17.88 21.20
N ILE D 295 15.01 -19.14 20.84
CA ILE D 295 13.87 -19.91 21.33
C ILE D 295 13.97 -20.09 22.84
N ILE D 296 15.18 -20.30 23.34
CA ILE D 296 15.36 -20.49 24.78
C ILE D 296 15.12 -19.19 25.54
N ILE D 297 15.68 -18.09 25.05
CA ILE D 297 15.62 -16.84 25.79
C ILE D 297 14.24 -16.19 25.65
N LYS D 298 13.80 -15.94 24.42
CA LYS D 298 12.48 -15.38 24.18
C LYS D 298 11.37 -16.31 24.61
N ASN D 299 11.65 -17.61 24.71
CA ASN D 299 10.70 -18.64 25.13
C ASN D 299 9.38 -18.52 24.38
N LYS D 300 9.46 -18.23 23.09
CA LYS D 300 8.29 -18.05 22.24
C LYS D 300 8.61 -18.63 20.86
N ASN D 301 7.88 -19.68 20.49
CA ASN D 301 8.00 -20.25 19.15
C ASN D 301 7.22 -19.38 18.19
N VAL D 302 6.93 -19.89 16.99
CA VAL D 302 6.12 -19.20 15.99
C VAL D 302 6.94 -18.11 15.32
N GLY D 303 8.07 -17.74 15.93
CA GLY D 303 8.96 -16.79 15.30
C GLY D 303 9.36 -17.20 13.89
N GLY D 304 9.60 -18.50 13.69
CA GLY D 304 9.77 -19.05 12.37
C GLY D 304 8.60 -19.93 11.96
N VAL D 305 8.60 -20.36 10.71
CA VAL D 305 7.53 -21.26 10.26
C VAL D 305 7.64 -22.59 10.98
N SER D 306 6.52 -23.31 11.03
CA SER D 306 6.47 -24.59 11.74
C SER D 306 7.40 -25.60 11.10
N ALA D 307 8.49 -25.93 11.79
CA ALA D 307 9.46 -26.91 11.33
C ALA D 307 9.11 -28.28 11.93
N SER D 308 10.00 -29.24 11.74
CA SER D 308 9.80 -30.57 12.30
C SER D 308 9.78 -30.51 13.83
N GLN D 309 10.91 -30.15 14.43
CA GLN D 309 11.05 -30.03 15.87
C GLN D 309 12.47 -29.63 16.26
N ASN D 310 13.37 -30.61 16.26
CA ASN D 310 14.75 -30.37 16.70
C ASN D 310 15.54 -29.53 15.71
N THR D 311 15.00 -29.29 14.52
CA THR D 311 15.74 -28.58 13.48
C THR D 311 16.16 -27.18 13.95
N ALA D 312 15.26 -26.47 14.61
CA ALA D 312 15.59 -25.14 15.13
C ALA D 312 16.48 -25.22 16.37
N LEU D 313 16.47 -26.34 17.08
CA LEU D 313 17.21 -26.50 18.32
C LEU D 313 18.55 -27.21 18.13
N GLU D 314 18.94 -27.51 16.89
CA GLU D 314 20.22 -28.19 16.68
C GLU D 314 21.40 -27.36 17.14
N THR D 315 21.35 -26.04 16.93
CA THR D 315 22.44 -25.18 17.39
C THR D 315 22.58 -25.23 18.91
N PHE D 316 21.46 -25.14 19.62
CA PHE D 316 21.51 -25.23 21.07
C PHE D 316 22.01 -26.59 21.52
N TYR D 317 21.58 -27.66 20.84
CA TYR D 317 22.05 -29.00 21.20
C TYR D 317 23.54 -29.14 20.98
N LYS D 318 24.06 -28.59 19.88
CA LYS D 318 25.50 -28.62 19.64
C LYS D 318 26.26 -27.86 20.71
N LEU D 319 25.76 -26.68 21.08
CA LEU D 319 26.41 -25.92 22.16
C LEU D 319 26.40 -26.70 23.46
N VAL D 320 25.27 -27.34 23.78
CA VAL D 320 25.18 -28.12 25.01
C VAL D 320 26.17 -29.28 24.98
N ASP D 321 26.26 -29.98 23.84
CA ASP D 321 27.18 -31.11 23.73
C ASP D 321 28.63 -30.66 23.91
N ARG D 322 29.00 -29.55 23.29
CA ARG D 322 30.35 -29.03 23.48
C ARG D 322 30.60 -28.67 24.94
N LYS D 323 29.61 -28.08 25.60
CA LYS D 323 29.77 -27.72 27.00
C LYS D 323 29.93 -28.97 27.88
N ARG D 324 29.18 -30.04 27.59
CA ARG D 324 29.41 -31.29 28.33
C ARG D 324 30.83 -31.76 28.13
N GLU D 325 31.26 -31.90 26.86
CA GLU D 325 32.60 -32.43 26.58
C GLU D 325 33.69 -31.56 27.20
N GLU D 326 33.41 -30.27 27.42
CA GLU D 326 34.44 -29.41 27.99
C GLU D 326 34.45 -29.45 29.52
N ASP D 327 33.29 -29.34 30.16
CA ASP D 327 33.22 -29.17 31.61
C ASP D 327 32.77 -30.41 32.37
N TYR D 328 31.79 -31.16 31.87
CA TYR D 328 31.19 -32.20 32.69
C TYR D 328 32.08 -33.43 32.79
N ARG D 329 32.80 -33.75 31.72
CA ARG D 329 33.62 -34.96 31.71
C ARG D 329 34.70 -34.96 32.80
N PRO D 330 35.49 -33.90 32.99
CA PRO D 330 36.51 -33.95 34.06
C PRO D 330 35.94 -34.22 35.44
N LEU D 331 34.76 -33.67 35.75
CA LEU D 331 34.16 -33.92 37.06
C LEU D 331 33.84 -35.40 37.25
N LEU D 332 33.26 -36.03 36.23
CA LEU D 332 32.98 -37.46 36.32
C LEU D 332 34.26 -38.28 36.40
N GLU D 333 35.28 -37.92 35.61
CA GLU D 333 36.54 -38.66 35.66
C GLU D 333 37.27 -38.45 36.98
N PHE D 334 36.96 -37.38 37.72
CA PHE D 334 37.51 -37.21 39.05
C PHE D 334 36.72 -38.00 40.09
N LEU D 335 35.40 -38.03 39.96
CA LEU D 335 34.57 -38.70 40.97
C LEU D 335 34.58 -40.22 40.84
N LEU D 336 34.64 -40.75 39.61
CA LEU D 336 34.46 -42.18 39.41
C LEU D 336 35.51 -43.06 40.08
N PRO D 337 36.82 -42.76 40.06
CA PRO D 337 37.79 -43.68 40.66
C PRO D 337 37.53 -43.97 42.13
N PHE D 338 36.85 -43.09 42.84
CA PHE D 338 36.50 -43.33 44.23
C PHE D 338 35.19 -44.09 44.40
N ILE D 339 34.54 -44.49 43.30
CA ILE D 339 33.29 -45.22 43.36
C ILE D 339 33.44 -46.56 42.64
N VAL D 340 33.81 -46.51 41.36
CA VAL D 340 33.88 -47.72 40.55
C VAL D 340 35.10 -48.54 40.97
N ASP D 341 34.86 -49.83 41.26
CA ASP D 341 35.94 -50.71 41.70
C ASP D 341 36.86 -51.10 40.54
N GLU D 342 36.29 -51.38 39.38
CA GLU D 342 37.09 -51.82 38.24
C GLU D 342 38.02 -50.71 37.76
N GLU D 343 39.24 -51.09 37.37
CA GLU D 343 40.24 -50.12 36.96
C GLU D 343 40.00 -49.61 35.54
N GLU D 344 39.33 -50.40 34.70
CA GLU D 344 39.11 -50.04 33.30
C GLU D 344 37.65 -49.64 33.10
N TRP D 345 37.44 -48.44 32.57
CA TRP D 345 36.10 -47.92 32.30
C TRP D 345 36.22 -46.72 31.37
N SER D 346 35.08 -46.33 30.80
CA SER D 346 35.02 -45.16 29.93
C SER D 346 33.61 -44.59 30.01
N ILE D 347 33.50 -43.29 29.74
CA ILE D 347 32.25 -42.55 29.88
C ILE D 347 31.75 -42.18 28.50
N GLU D 348 30.50 -42.56 28.20
CA GLU D 348 29.83 -42.22 26.96
C GLU D 348 28.59 -41.41 27.26
N PHE D 349 28.47 -40.24 26.65
CA PHE D 349 27.38 -39.33 26.96
C PHE D 349 26.14 -39.67 26.13
N GLU D 350 24.99 -39.69 26.80
CA GLU D 350 23.74 -39.95 26.11
C GLU D 350 23.36 -38.79 25.21
N PRO D 351 22.73 -39.05 24.06
CA PRO D 351 22.33 -37.96 23.17
C PRO D 351 21.22 -37.11 23.80
N LEU D 352 21.22 -35.83 23.44
CA LEU D 352 20.21 -34.91 23.92
C LEU D 352 18.88 -35.10 23.21
N SER D 353 18.92 -35.43 21.92
CA SER D 353 17.72 -35.56 21.10
C SER D 353 17.36 -37.03 20.93
N VAL D 354 16.13 -37.38 21.28
CA VAL D 354 15.65 -38.76 21.18
C VAL D 354 14.49 -38.81 20.18
N PRO D 355 14.39 -39.86 19.38
CA PRO D 355 13.29 -39.94 18.41
C PRO D 355 11.98 -40.35 19.08
N SER D 356 10.91 -40.25 18.30
CA SER D 356 9.60 -40.66 18.77
C SER D 356 9.52 -42.19 18.82
N LYS D 357 8.43 -42.68 19.43
CA LYS D 357 8.27 -44.11 19.63
C LYS D 357 8.16 -44.86 18.30
N LYS D 358 7.43 -44.29 17.34
CA LYS D 358 7.29 -44.92 16.03
C LYS D 358 8.64 -45.04 15.32
N GLU D 359 9.44 -43.97 15.38
CA GLU D 359 10.77 -44.01 14.79
C GLU D 359 11.65 -45.03 15.50
N GLU D 360 11.50 -45.15 16.83
CA GLU D 360 12.25 -46.16 17.57
C GLU D 360 11.88 -47.56 17.13
N SER D 361 10.59 -47.82 16.91
CA SER D 361 10.16 -49.13 16.44
C SER D 361 10.73 -49.42 15.06
N GLU D 362 10.71 -48.42 14.16
CA GLU D 362 11.28 -48.63 12.83
C GLU D 362 12.77 -48.89 12.90
N ILE D 363 13.48 -48.17 13.77
CA ILE D 363 14.91 -48.39 13.94
C ILE D 363 15.20 -49.80 14.44
N THR D 364 14.43 -50.26 15.43
CA THR D 364 14.63 -51.61 15.94
C THR D 364 14.34 -52.65 14.86
N LYS D 365 13.29 -52.44 14.06
CA LYS D 365 12.97 -53.37 12.98
C LYS D 365 14.12 -53.43 11.97
N ASN D 366 14.65 -52.28 11.57
CA ASN D 366 15.76 -52.26 10.62
C ASN D 366 16.98 -52.96 11.18
N ASN D 367 17.33 -52.70 12.44
CA ASN D 367 18.50 -53.33 13.04
C ASN D 367 18.33 -54.84 13.14
N VAL D 368 17.14 -55.29 13.54
CA VAL D 368 16.89 -56.73 13.64
C VAL D 368 16.97 -57.38 12.26
N GLU D 369 16.42 -56.72 11.24
CA GLU D 369 16.50 -57.26 9.89
C GLU D 369 17.95 -57.37 9.43
N SER D 370 18.76 -56.35 9.72
CA SER D 370 20.16 -56.39 9.33
C SER D 370 20.91 -57.53 10.03
N VAL D 371 20.66 -57.69 11.34
CA VAL D 371 21.34 -58.76 12.09
C VAL D 371 20.92 -60.12 11.55
N THR D 372 19.62 -60.30 11.27
CA THR D 372 19.13 -61.58 10.74
C THR D 372 19.75 -61.87 9.39
N LYS D 373 19.84 -60.87 8.51
CA LYS D 373 20.51 -61.07 7.23
C LYS D 373 21.98 -61.40 7.40
N ALA D 374 22.62 -60.85 8.43
CA ALA D 374 24.01 -61.18 8.70
C ALA D 374 24.15 -62.63 9.17
N ILE D 375 23.16 -63.12 9.93
CA ILE D 375 23.20 -64.51 10.40
C ILE D 375 23.24 -65.47 9.22
N THR D 376 22.40 -65.25 8.22
CA THR D 376 22.41 -66.08 7.03
C THR D 376 23.74 -65.93 6.31
N GLU D 377 24.07 -66.94 5.51
CA GLU D 377 25.35 -67.09 4.79
C GLU D 377 26.51 -67.34 5.74
N GLN D 378 26.28 -67.38 7.05
CA GLN D 378 27.28 -67.81 8.04
C GLN D 378 28.54 -66.95 7.96
N ILE D 379 28.35 -65.66 8.25
CA ILE D 379 29.47 -64.71 8.24
C ILE D 379 29.57 -63.96 9.55
N ILE D 380 28.59 -64.12 10.44
CA ILE D 380 28.53 -63.32 11.65
C ILE D 380 28.53 -64.15 12.93
N ASP D 381 28.28 -65.45 12.87
CA ASP D 381 28.24 -66.33 14.03
C ASP D 381 27.09 -65.99 14.97
N LEU D 382 26.70 -66.96 15.78
CA LEU D 382 25.58 -66.76 16.69
C LEU D 382 25.96 -65.82 17.84
N GLU D 383 27.15 -66.01 18.42
CA GLU D 383 27.53 -65.26 19.61
C GLU D 383 27.70 -63.78 19.30
N GLU D 384 28.39 -63.46 18.21
CA GLU D 384 28.58 -62.07 17.83
C GLU D 384 27.25 -61.40 17.50
N ALA D 385 26.36 -62.13 16.83
CA ALA D 385 25.04 -61.58 16.53
C ALA D 385 24.24 -61.33 17.81
N ARG D 386 24.33 -62.25 18.78
CA ARG D 386 23.63 -62.05 20.04
C ARG D 386 24.17 -60.83 20.79
N ASP D 387 25.49 -60.66 20.80
CA ASP D 387 26.07 -59.47 21.44
C ASP D 387 25.64 -58.19 20.72
N THR D 388 25.62 -58.23 19.38
CA THR D 388 25.19 -57.07 18.61
C THR D 388 23.73 -56.74 18.90
N LEU D 389 22.87 -57.76 19.02
CA LEU D 389 21.48 -57.52 19.35
C LEU D 389 21.33 -56.97 20.78
N ARG D 390 22.16 -57.46 21.70
CA ARG D 390 22.11 -56.95 23.07
C ARG D 390 22.49 -55.49 23.14
N SER D 391 23.51 -55.09 22.37
CA SER D 391 23.99 -53.70 22.46
C SER D 391 23.14 -52.74 21.63
N ILE D 392 22.88 -53.09 20.37
CA ILE D 392 22.21 -52.18 19.45
C ILE D 392 20.78 -51.90 19.92
N ALA D 393 20.07 -52.95 20.35
CA ALA D 393 18.66 -52.82 20.72
C ALA D 393 18.48 -53.14 22.20
N PRO D 394 18.52 -52.13 23.08
CA PRO D 394 18.25 -52.40 24.51
C PRO D 394 16.86 -52.94 24.79
N GLU D 395 15.91 -52.76 23.86
CA GLU D 395 14.53 -53.17 24.13
C GLU D 395 14.42 -54.67 24.36
N PHE D 396 15.17 -55.46 23.58
CA PHE D 396 15.19 -56.90 23.80
C PHE D 396 15.81 -57.23 25.15
N LYS D 397 15.14 -58.09 25.92
CA LYS D 397 15.65 -58.53 27.22
C LYS D 397 16.30 -59.91 27.04
N LEU D 398 17.51 -59.89 26.50
CA LEU D 398 18.27 -61.10 26.29
C LEU D 398 18.72 -61.69 27.63
N LYS D 399 18.80 -63.01 27.69
CA LYS D 399 19.26 -63.71 28.89
C LYS D 399 20.78 -63.87 28.83
N ASP D 400 21.42 -63.74 29.98
CA ASP D 400 22.87 -63.82 30.06
C ASP D 400 23.36 -65.18 29.55
N GLY D 401 24.45 -65.15 28.79
CA GLY D 401 25.01 -66.35 28.20
C GLY D 401 24.55 -66.55 26.77
N ASN D 402 25.42 -67.18 25.99
CA ASN D 402 25.14 -67.47 24.58
C ASN D 402 24.91 -68.95 24.33
N ASN D 403 24.48 -69.69 25.35
CA ASN D 403 24.26 -71.12 25.23
C ASN D 403 22.85 -71.49 24.77
N ILE D 404 21.94 -70.52 24.69
CA ILE D 404 20.53 -70.68 24.34
C ILE D 404 19.98 -72.01 24.85
N ASN D 405 19.19 -72.69 24.02
CA ASN D 405 18.68 -74.01 24.36
C ASN D 405 18.47 -74.85 23.11
N ASN E 2 -51.64 50.25 -22.39
CA ASN E 2 -52.98 50.74 -22.09
C ASN E 2 -52.97 52.25 -21.85
N GLN E 3 -54.12 52.79 -21.45
CA GLN E 3 -54.25 54.21 -21.16
C GLN E 3 -54.60 54.50 -19.71
N GLU E 4 -55.61 53.85 -19.16
CA GLU E 4 -55.99 54.08 -17.76
C GLU E 4 -54.86 53.73 -16.82
N THR E 5 -54.03 52.74 -17.19
CA THR E 5 -52.87 52.39 -16.38
C THR E 5 -51.91 53.56 -16.25
N LEU E 6 -51.72 54.32 -17.33
CA LEU E 6 -50.83 55.48 -17.28
C LEU E 6 -51.33 56.51 -16.28
N ILE E 7 -52.63 56.82 -16.34
CA ILE E 7 -53.21 57.81 -15.41
C ILE E 7 -53.11 57.30 -13.98
N ALA E 8 -53.40 56.02 -13.75
CA ALA E 8 -53.30 55.48 -12.40
C ALA E 8 -51.87 55.55 -11.87
N VAL E 9 -50.89 55.21 -12.70
CA VAL E 9 -49.50 55.24 -12.26
C VAL E 9 -49.05 56.66 -11.96
N VAL E 10 -49.42 57.62 -12.83
CA VAL E 10 -49.03 59.01 -12.60
C VAL E 10 -49.68 59.53 -11.32
N GLU E 11 -50.96 59.19 -11.11
CA GLU E 11 -51.64 59.64 -9.90
C GLU E 11 -50.99 59.04 -8.65
N GLN E 12 -50.61 57.76 -8.70
CA GLN E 12 -49.91 57.16 -7.56
C GLN E 12 -48.57 57.82 -7.32
N MET E 13 -47.84 58.13 -8.39
CA MET E 13 -46.55 58.80 -8.24
C MET E 13 -46.73 60.17 -7.59
N ARG E 14 -47.74 60.92 -8.01
CA ARG E 14 -47.98 62.24 -7.41
C ARG E 14 -48.49 62.11 -5.97
N LYS E 15 -49.22 61.05 -5.66
CA LYS E 15 -49.67 60.84 -4.28
C LYS E 15 -48.50 60.52 -3.37
N LEU E 16 -47.60 59.65 -3.80
CA LEU E 16 -46.47 59.26 -2.96
C LEU E 16 -45.54 60.45 -2.71
N VAL E 17 -45.14 61.13 -3.77
CA VAL E 17 -44.24 62.27 -3.68
C VAL E 17 -44.99 63.52 -4.13
N PRO E 18 -45.15 64.50 -3.24
CA PRO E 18 -45.71 65.79 -3.67
C PRO E 18 -44.68 66.61 -4.43
N ALA E 19 -45.08 67.79 -4.91
CA ALA E 19 -44.26 68.72 -5.69
C ALA E 19 -43.94 68.18 -7.07
N LEU E 20 -44.33 66.95 -7.38
CA LEU E 20 -44.29 66.43 -8.74
C LEU E 20 -45.53 66.81 -9.53
N ARG E 21 -46.53 67.41 -8.87
CA ARG E 21 -47.75 67.82 -9.53
C ARG E 21 -47.50 68.95 -10.53
N LYS E 22 -46.57 69.85 -10.21
CA LYS E 22 -46.27 70.97 -11.08
C LYS E 22 -45.58 70.53 -12.37
N VAL E 23 -45.00 69.33 -12.40
CA VAL E 23 -44.33 68.84 -13.60
C VAL E 23 -45.35 68.58 -14.69
N PRO E 24 -45.07 68.95 -15.94
CA PRO E 24 -46.04 68.70 -17.02
C PRO E 24 -46.31 67.21 -17.17
N ASP E 25 -47.56 66.89 -17.56
CA ASP E 25 -48.02 65.52 -17.61
C ASP E 25 -47.31 64.68 -18.67
N GLU E 26 -46.85 65.29 -19.75
CA GLU E 26 -46.27 64.51 -20.85
C GLU E 26 -44.94 63.88 -20.47
N THR E 27 -44.11 64.61 -19.71
CA THR E 27 -42.83 64.06 -19.28
C THR E 27 -43.03 62.86 -18.36
N LEU E 28 -44.00 62.96 -17.44
CA LEU E 28 -44.32 61.83 -16.59
C LEU E 28 -44.80 60.64 -17.40
N TYR E 29 -45.62 60.88 -18.42
CA TYR E 29 -46.04 59.79 -19.29
C TYR E 29 -44.85 59.12 -19.97
N ALA E 30 -43.92 59.94 -20.50
CA ALA E 30 -42.75 59.39 -21.16
C ALA E 30 -41.91 58.54 -20.20
N TRP E 31 -41.70 59.04 -18.99
CA TRP E 31 -40.93 58.29 -18.01
C TRP E 31 -41.63 56.99 -17.62
N VAL E 32 -42.97 57.03 -17.53
CA VAL E 32 -43.72 55.82 -17.20
C VAL E 32 -43.60 54.78 -18.30
N GLU E 33 -43.73 55.20 -19.56
CA GLU E 33 -43.54 54.24 -20.67
C GLU E 33 -42.11 53.70 -20.69
N MET E 34 -41.14 54.54 -20.34
CA MET E 34 -39.77 54.04 -20.26
C MET E 34 -39.61 53.01 -19.16
N ALA E 35 -40.25 53.24 -18.00
CA ALA E 35 -40.15 52.30 -16.89
C ALA E 35 -40.91 51.01 -17.19
N GLU E 36 -41.93 51.08 -18.03
CA GLU E 36 -42.74 49.90 -18.34
C GLU E 36 -41.93 48.82 -19.05
N LEU E 37 -40.82 49.19 -19.69
CA LEU E 37 -40.00 48.20 -20.38
C LEU E 37 -39.36 47.21 -19.41
N PHE E 38 -39.02 47.67 -18.20
CA PHE E 38 -38.29 46.85 -17.25
C PHE E 38 -39.19 46.02 -16.36
N VAL E 39 -40.30 46.59 -15.91
CA VAL E 39 -41.16 45.94 -14.92
C VAL E 39 -41.98 44.85 -15.60
N CYS E 40 -42.01 43.67 -14.99
CA CYS E 40 -42.87 42.59 -15.46
C CYS E 40 -44.29 42.79 -14.95
N GLN E 41 -45.18 41.92 -15.40
CA GLN E 41 -46.59 42.01 -15.04
C GLN E 41 -47.11 40.74 -14.39
N LYS E 42 -46.72 39.56 -14.89
CA LYS E 42 -47.26 38.32 -14.35
C LYS E 42 -46.88 38.13 -12.88
N THR E 43 -45.64 38.47 -12.53
CA THR E 43 -45.17 38.25 -11.16
C THR E 43 -45.88 39.19 -10.18
N PHE E 44 -45.95 40.48 -10.51
CA PHE E 44 -46.50 41.44 -9.57
C PHE E 44 -48.01 41.34 -9.47
N LYS E 45 -48.69 41.02 -10.57
CA LYS E 45 -50.13 40.79 -10.57
C LYS E 45 -50.91 42.01 -10.07
N ASP E 46 -51.40 41.95 -8.83
CA ASP E 46 -52.28 42.99 -8.32
C ASP E 46 -51.53 44.29 -8.07
N ALA E 47 -50.28 44.20 -7.64
CA ALA E 47 -49.48 45.38 -7.28
C ALA E 47 -48.76 46.00 -8.47
N TYR E 48 -49.28 45.80 -9.68
CA TYR E 48 -48.60 46.27 -10.89
C TYR E 48 -48.46 47.78 -10.89
N VAL E 49 -49.53 48.50 -10.53
CA VAL E 49 -49.49 49.96 -10.58
C VAL E 49 -48.46 50.51 -9.61
N LYS E 50 -48.46 49.97 -8.38
CA LYS E 50 -47.53 50.45 -7.37
C LYS E 50 -46.08 50.13 -7.74
N ALA E 51 -45.85 48.94 -8.28
CA ALA E 51 -44.50 48.57 -8.72
C ALA E 51 -44.03 49.48 -9.85
N LEU E 52 -44.93 49.78 -10.80
CA LEU E 52 -44.57 50.68 -11.89
C LEU E 52 -44.26 52.07 -11.37
N ALA E 53 -45.03 52.56 -10.41
CA ALA E 53 -44.75 53.87 -9.84
C ALA E 53 -43.40 53.89 -9.13
N LEU E 54 -43.10 52.84 -8.37
CA LEU E 54 -41.81 52.79 -7.68
C LEU E 54 -40.65 52.77 -8.67
N TYR E 55 -40.77 51.97 -9.73
CA TYR E 55 -39.70 51.90 -10.72
C TYR E 55 -39.54 53.22 -11.46
N ALA E 56 -40.66 53.88 -11.78
CA ALA E 56 -40.60 55.18 -12.44
C ALA E 56 -39.91 56.21 -11.56
N LEU E 57 -40.22 56.23 -10.26
CA LEU E 57 -39.55 57.14 -9.35
C LEU E 57 -38.06 56.82 -9.28
N HIS E 58 -37.71 55.53 -9.21
CA HIS E 58 -36.30 55.16 -9.17
C HIS E 58 -35.55 55.64 -10.40
N LEU E 59 -36.14 55.45 -11.59
CA LEU E 59 -35.49 55.93 -12.81
C LEU E 59 -35.42 57.44 -12.85
N ALA E 60 -36.43 58.13 -12.32
CA ALA E 60 -36.43 59.58 -12.33
C ALA E 60 -35.42 60.18 -11.36
N PHE E 61 -35.05 59.45 -10.31
CA PHE E 61 -34.10 59.98 -9.32
C PHE E 61 -32.87 59.09 -9.20
N LEU E 62 -32.44 58.48 -10.31
CA LEU E 62 -31.28 57.60 -10.27
C LEU E 62 -30.02 58.37 -9.86
N ASP E 63 -29.58 59.29 -10.71
CA ASP E 63 -28.43 60.15 -10.40
C ASP E 63 -28.74 61.61 -10.72
N GLY E 64 -30.01 61.92 -10.96
CA GLY E 64 -30.43 63.22 -11.42
C GLY E 64 -30.68 63.15 -12.91
N ALA E 65 -31.93 62.90 -13.31
CA ALA E 65 -32.25 62.71 -14.71
C ALA E 65 -33.42 63.58 -15.13
N LEU E 66 -34.33 63.87 -14.20
CA LEU E 66 -35.51 64.67 -14.53
C LEU E 66 -35.10 66.09 -14.91
N LYS E 67 -34.30 66.73 -14.07
CA LYS E 67 -33.71 68.06 -14.33
C LYS E 67 -34.85 69.04 -14.63
N GLY E 68 -34.74 69.86 -15.66
CA GLY E 68 -35.77 70.82 -16.00
C GLY E 68 -35.60 71.30 -17.42
N GLU E 69 -36.50 72.20 -17.83
CA GLU E 69 -36.48 72.71 -19.19
C GLU E 69 -35.25 73.56 -19.46
N ASP E 70 -34.85 74.39 -18.50
CA ASP E 70 -33.81 75.39 -18.73
C ASP E 70 -32.45 75.03 -18.16
N GLU E 71 -32.29 73.83 -17.59
CA GLU E 71 -31.01 73.41 -17.04
C GLU E 71 -29.94 73.38 -18.14
N ASP E 72 -28.76 73.93 -17.86
CA ASP E 72 -27.69 74.01 -18.84
C ASP E 72 -27.15 72.63 -19.19
N LEU E 73 -26.62 72.48 -20.40
CA LEU E 73 -26.13 71.19 -20.87
C LEU E 73 -24.93 70.71 -20.06
N GLU E 74 -24.14 71.62 -19.51
CA GLU E 74 -22.91 71.23 -18.81
C GLU E 74 -23.21 70.44 -17.55
N SER E 75 -24.30 70.74 -16.85
CA SER E 75 -24.57 70.18 -15.53
C SER E 75 -24.91 68.69 -15.57
N TYR E 76 -24.88 68.04 -16.74
CA TYR E 76 -25.24 66.63 -16.81
C TYR E 76 -24.05 65.70 -16.60
N SER E 77 -22.84 66.23 -16.50
CA SER E 77 -21.67 65.42 -16.20
C SER E 77 -20.92 65.90 -14.96
N ARG E 78 -21.51 66.80 -14.18
CA ARG E 78 -20.83 67.49 -13.10
C ARG E 78 -21.86 68.26 -12.27
N ARG E 79 -21.47 68.59 -11.04
CA ARG E 79 -22.35 69.30 -10.12
C ARG E 79 -21.59 70.46 -9.48
N VAL E 80 -22.31 71.27 -8.71
CA VAL E 80 -21.72 72.36 -7.96
C VAL E 80 -21.62 71.94 -6.50
N THR E 81 -20.42 71.98 -5.93
CA THR E 81 -20.23 71.59 -4.55
C THR E 81 -20.63 72.70 -3.59
N SER E 82 -20.32 73.94 -3.94
CA SER E 82 -20.65 75.08 -3.08
C SER E 82 -20.77 76.33 -3.93
N PHE E 83 -21.43 77.33 -3.38
CA PHE E 83 -21.60 78.62 -4.04
C PHE E 83 -21.82 79.69 -2.98
N SER E 84 -21.23 80.87 -3.22
CA SER E 84 -21.37 81.99 -2.31
C SER E 84 -21.29 83.29 -3.10
N LEU E 85 -22.05 84.28 -2.66
CA LEU E 85 -22.13 85.58 -3.32
C LEU E 85 -21.56 86.63 -2.36
N SER E 86 -20.28 86.95 -2.54
CA SER E 86 -19.59 87.97 -1.77
C SER E 86 -19.81 87.81 -0.27
N GLY E 87 -20.35 88.84 0.36
CA GLY E 87 -20.71 88.82 1.76
C GLY E 87 -22.18 88.68 2.05
N GLU E 88 -22.96 88.18 1.09
CA GLU E 88 -24.41 88.08 1.29
C GLU E 88 -24.78 86.74 1.93
N PHE E 89 -24.42 85.63 1.30
CA PHE E 89 -24.77 84.31 1.82
C PHE E 89 -23.81 83.28 1.26
N SER E 90 -23.79 82.12 1.89
CA SER E 90 -22.96 81.01 1.46
C SER E 90 -23.74 79.72 1.61
N GLN E 91 -23.37 78.71 0.81
CA GLN E 91 -24.06 77.43 0.85
C GLN E 91 -23.14 76.35 0.32
N THR E 92 -23.26 75.16 0.91
CA THR E 92 -22.48 74.00 0.50
C THR E 92 -23.43 72.83 0.22
N PHE E 93 -22.99 71.93 -0.65
CA PHE E 93 -23.81 70.81 -1.09
C PHE E 93 -23.02 69.51 -0.97
N GLY E 94 -23.76 68.41 -0.91
CA GLY E 94 -23.14 67.09 -0.81
C GLY E 94 -24.08 66.02 -1.32
N GLU E 95 -23.53 64.80 -1.39
CA GLU E 95 -24.31 63.67 -1.87
C GLU E 95 -25.29 63.19 -0.80
N VAL E 96 -26.27 62.40 -1.23
CA VAL E 96 -27.35 62.02 -0.32
C VAL E 96 -27.00 60.75 0.46
N THR E 97 -26.30 59.82 -0.18
CA THR E 97 -25.97 58.55 0.45
C THR E 97 -24.92 57.82 -0.37
N LYS E 98 -23.95 57.24 0.32
CA LYS E 98 -22.88 56.47 -0.31
C LYS E 98 -23.24 55.00 -0.24
N ASN E 99 -23.33 54.35 -1.40
CA ASN E 99 -23.59 52.92 -1.48
C ASN E 99 -22.28 52.19 -1.72
N GLN E 100 -21.93 51.29 -0.81
CA GLN E 100 -20.67 50.56 -0.92
C GLN E 100 -20.65 49.67 -2.16
N SER E 101 -21.73 48.92 -2.37
CA SER E 101 -21.80 48.01 -3.52
C SER E 101 -22.03 48.80 -4.80
N GLY E 102 -21.29 48.45 -5.85
CA GLY E 102 -21.47 49.06 -7.14
C GLY E 102 -22.66 48.49 -7.89
N ASP E 103 -23.83 48.53 -7.26
CA ASP E 103 -25.04 47.95 -7.81
C ASP E 103 -26.12 49.01 -7.92
N MET E 104 -26.75 49.10 -9.10
CA MET E 104 -27.91 49.95 -9.26
C MET E 104 -29.11 49.30 -8.58
N MET E 105 -30.12 50.12 -8.27
CA MET E 105 -31.33 49.83 -7.50
C MET E 105 -31.05 49.85 -6.01
N LEU E 106 -29.81 50.07 -5.57
CA LEU E 106 -29.50 50.29 -4.17
C LEU E 106 -29.00 51.71 -3.92
N SER E 107 -29.29 52.64 -4.83
CA SER E 107 -28.87 54.02 -4.68
C SER E 107 -29.97 54.94 -4.17
N THR E 108 -31.23 54.54 -4.30
CA THR E 108 -32.36 55.34 -3.87
C THR E 108 -33.32 54.49 -3.05
N PRO E 109 -34.06 55.10 -2.13
CA PRO E 109 -35.03 54.32 -1.33
C PRO E 109 -36.09 53.63 -2.17
N TRP E 110 -36.52 54.23 -3.28
CA TRP E 110 -37.49 53.58 -4.15
C TRP E 110 -36.93 52.30 -4.77
N GLY E 111 -35.65 52.29 -5.14
CA GLY E 111 -35.05 51.06 -5.64
C GLY E 111 -35.03 49.95 -4.61
N LYS E 112 -34.68 50.29 -3.36
CA LYS E 112 -34.70 49.28 -2.30
C LYS E 112 -36.11 48.77 -2.05
N MET E 113 -37.09 49.67 -2.06
CA MET E 113 -38.48 49.25 -1.85
C MET E 113 -38.94 48.31 -2.97
N PHE E 114 -38.59 48.65 -4.22
CA PHE E 114 -38.93 47.78 -5.34
C PHE E 114 -38.25 46.42 -5.21
N GLU E 115 -36.98 46.42 -4.80
CA GLU E 115 -36.24 45.17 -4.67
C GLU E 115 -36.88 44.27 -3.62
N GLN E 116 -37.26 44.85 -2.49
CA GLN E 116 -37.89 44.04 -1.44
C GLN E 116 -39.28 43.58 -1.84
N LEU E 117 -40.02 44.41 -2.60
CA LEU E 117 -41.32 43.96 -3.10
C LEU E 117 -41.16 42.79 -4.05
N LYS E 118 -40.17 42.85 -4.95
CA LYS E 118 -39.93 41.74 -5.85
C LYS E 118 -39.49 40.49 -5.10
N ALA E 119 -38.66 40.66 -4.07
CA ALA E 119 -38.26 39.52 -3.26
C ALA E 119 -39.46 38.89 -2.56
N ARG E 120 -40.39 39.71 -2.09
CA ARG E 120 -41.58 39.17 -1.42
C ARG E 120 -42.49 38.45 -2.39
N ARG E 121 -42.71 39.00 -3.58
CA ARG E 121 -43.70 38.41 -4.47
C ARG E 121 -43.17 37.24 -5.30
N ARG E 122 -41.99 37.38 -5.88
CA ARG E 122 -41.40 36.27 -6.63
C ARG E 122 -40.08 35.78 -6.04
N GLY E 123 -39.14 36.68 -5.81
CA GLY E 123 -37.82 36.33 -5.34
C GLY E 123 -36.73 36.79 -6.30
N ARG E 124 -35.51 36.76 -5.79
CA ARG E 124 -34.33 37.19 -6.54
C ARG E 124 -33.44 35.97 -6.74
N PHE E 125 -33.74 35.21 -7.79
CA PHE E 125 -32.96 34.03 -8.13
C PHE E 125 -33.31 33.60 -9.55
N ALA E 126 -32.45 32.74 -10.11
CA ALA E 126 -32.68 32.16 -11.43
C ALA E 126 -32.05 30.77 -11.43
N LEU E 127 -32.88 29.74 -11.32
CA LEU E 127 -32.42 28.35 -11.28
C LEU E 127 -32.94 27.64 -12.53
N MET E 128 -32.03 27.28 -13.43
CA MET E 128 -32.39 26.78 -14.75
C MET E 128 -31.65 25.49 -15.05
N THR E 129 -32.21 24.73 -15.99
CA THR E 129 -31.55 23.58 -16.58
C THR E 129 -31.79 23.59 -18.08
N GLY E 130 -30.88 22.96 -18.82
CA GLY E 130 -30.98 22.98 -20.27
C GLY E 130 -32.20 22.24 -20.77
N LEU E 131 -32.62 22.59 -21.98
CA LEU E 131 -33.77 21.96 -22.62
C LEU E 131 -33.35 20.73 -23.39
N HIS F 32 -22.32 -10.43 45.05
CA HIS F 32 -22.85 -11.78 44.99
C HIS F 32 -22.66 -12.37 43.59
N VAL F 33 -22.10 -13.58 43.53
CA VAL F 33 -21.78 -14.18 42.24
C VAL F 33 -23.00 -14.78 41.55
N GLY F 34 -24.10 -14.97 42.28
CA GLY F 34 -25.28 -15.55 41.67
C GLY F 34 -25.87 -14.68 40.57
N SER F 35 -26.00 -13.37 40.83
CA SER F 35 -26.55 -12.46 39.84
C SER F 35 -25.65 -12.38 38.61
N PHE F 36 -24.32 -12.30 38.83
CA PHE F 36 -23.39 -12.25 37.71
C PHE F 36 -23.44 -13.54 36.89
N TYR F 37 -23.57 -14.69 37.55
CA TYR F 37 -23.69 -15.95 36.83
C TYR F 37 -24.99 -16.00 36.02
N ASN F 38 -26.08 -15.48 36.59
CA ASN F 38 -27.37 -15.53 35.90
C ASN F 38 -27.40 -14.61 34.70
N ASP F 39 -26.95 -13.37 34.87
CA ASP F 39 -27.11 -12.37 33.81
C ASP F 39 -26.14 -12.60 32.66
N ASN F 40 -24.88 -12.91 32.97
CA ASN F 40 -23.84 -12.98 31.95
C ASN F 40 -23.78 -14.39 31.36
N ALA F 41 -23.80 -14.47 30.02
CA ALA F 41 -23.71 -15.75 29.33
C ALA F 41 -22.28 -16.27 29.32
N THR F 42 -21.29 -15.38 29.20
CA THR F 42 -19.89 -15.82 29.16
C THR F 42 -19.48 -16.47 30.48
N ALA F 43 -19.88 -15.87 31.61
CA ALA F 43 -19.59 -16.47 32.90
C ALA F 43 -20.27 -17.83 33.05
N LYS F 44 -21.52 -17.93 32.59
CA LYS F 44 -22.23 -19.20 32.64
C LYS F 44 -21.50 -20.28 31.84
N ARG F 45 -21.06 -19.94 30.63
CA ARG F 45 -20.32 -20.91 29.83
C ARG F 45 -19.01 -21.30 30.51
N ILE F 46 -18.29 -20.31 31.06
CA ILE F 46 -17.03 -20.60 31.73
C ILE F 46 -17.25 -21.57 32.89
N VAL F 47 -18.33 -21.35 33.65
CA VAL F 47 -18.58 -22.22 34.81
C VAL F 47 -19.00 -23.62 34.37
N ASP F 48 -19.90 -23.73 33.40
CA ASP F 48 -20.52 -25.01 33.09
C ASP F 48 -19.88 -25.79 31.95
N VAL F 49 -18.82 -25.28 31.32
CA VAL F 49 -18.29 -26.00 30.16
C VAL F 49 -17.51 -27.24 30.56
N ILE F 50 -16.80 -27.20 31.69
CA ILE F 50 -15.92 -28.30 32.08
C ILE F 50 -16.70 -29.47 32.68
N PRO F 51 -17.55 -29.28 33.70
CA PRO F 51 -18.20 -30.45 34.31
C PRO F 51 -19.02 -31.28 33.35
N GLU F 52 -19.74 -30.63 32.42
CA GLU F 52 -20.52 -31.38 31.44
C GLU F 52 -19.63 -32.19 30.53
N GLU F 53 -18.51 -31.61 30.09
CA GLU F 53 -17.57 -32.33 29.24
C GLU F 53 -16.98 -33.53 29.96
N MET F 54 -16.68 -33.37 31.24
CA MET F 54 -16.13 -34.50 32.00
C MET F 54 -17.16 -35.60 32.19
N VAL F 55 -18.39 -35.24 32.58
CA VAL F 55 -19.38 -36.25 32.93
C VAL F 55 -19.90 -36.97 31.68
N THR F 56 -20.06 -36.25 30.57
CA THR F 56 -20.65 -36.86 29.38
C THR F 56 -19.82 -38.02 28.85
N ALA F 57 -18.49 -37.90 28.91
CA ALA F 57 -17.62 -38.94 28.39
C ALA F 57 -17.83 -40.26 29.13
N GLY F 58 -17.97 -40.20 30.45
CA GLY F 58 -18.22 -41.40 31.24
C GLY F 58 -16.95 -42.06 31.73
N PHE F 59 -17.14 -43.19 32.40
CA PHE F 59 -16.05 -43.95 32.98
C PHE F 59 -16.24 -45.43 32.70
N LYS F 60 -15.14 -46.17 32.73
CA LYS F 60 -15.13 -47.61 32.48
C LYS F 60 -14.44 -48.31 33.66
N MET F 61 -15.06 -49.36 34.16
CA MET F 61 -14.51 -50.12 35.28
C MET F 61 -14.08 -51.51 34.82
N SER F 62 -12.93 -51.95 35.33
CA SER F 62 -12.39 -53.26 35.04
C SER F 62 -12.24 -54.04 36.34
N GLY F 63 -12.33 -55.37 36.24
CA GLY F 63 -12.22 -56.24 37.39
C GLY F 63 -13.54 -56.81 37.87
N VAL F 64 -14.67 -56.26 37.44
CA VAL F 64 -15.97 -56.78 37.82
C VAL F 64 -16.32 -57.97 36.94
N LYS F 65 -17.13 -58.88 37.49
CA LYS F 65 -17.53 -60.07 36.74
C LYS F 65 -18.58 -59.74 35.69
N ASP F 66 -19.71 -59.20 36.12
CA ASP F 66 -20.80 -58.83 35.21
C ASP F 66 -20.67 -57.36 34.87
N GLU F 67 -20.55 -57.06 33.58
CA GLU F 67 -20.43 -55.67 33.15
C GLU F 67 -21.79 -55.08 32.77
N LYS F 68 -22.64 -55.88 32.10
CA LYS F 68 -23.95 -55.39 31.71
C LYS F 68 -24.85 -55.21 32.93
N GLU F 69 -24.75 -56.13 33.90
CA GLU F 69 -25.52 -55.98 35.13
C GLU F 69 -25.09 -54.73 35.89
N PHE F 70 -23.78 -54.45 35.94
CA PHE F 70 -23.32 -53.23 36.57
C PHE F 70 -23.81 -52.00 35.83
N LYS F 71 -23.81 -52.05 34.49
CA LYS F 71 -24.30 -50.91 33.71
C LYS F 71 -25.77 -50.65 34.00
N SER F 72 -26.57 -51.71 34.07
CA SER F 72 -27.98 -51.56 34.39
C SER F 72 -28.16 -50.99 35.80
N LEU F 73 -27.38 -51.49 36.76
CA LEU F 73 -27.48 -50.98 38.12
C LEU F 73 -27.12 -49.50 38.19
N TRP F 74 -26.05 -49.10 37.48
CA TRP F 74 -25.63 -47.70 37.49
C TRP F 74 -26.69 -46.81 36.84
N ASP F 75 -27.25 -47.25 35.72
CA ASP F 75 -28.29 -46.45 35.05
C ASP F 75 -29.61 -46.46 35.82
N SER F 76 -29.80 -47.41 36.75
CA SER F 76 -31.00 -47.39 37.57
C SER F 76 -31.05 -46.16 38.47
N TYR F 77 -29.90 -45.77 39.03
CA TYR F 77 -29.87 -44.66 39.98
C TYR F 77 -29.98 -43.30 39.30
N LYS F 78 -29.56 -43.20 38.03
CA LYS F 78 -29.63 -41.97 37.23
C LYS F 78 -29.15 -40.74 38.01
N LEU F 79 -27.91 -40.80 38.48
CA LEU F 79 -27.31 -39.73 39.26
C LEU F 79 -26.51 -38.74 38.42
N ASP F 80 -26.81 -38.65 37.11
CA ASP F 80 -26.05 -37.76 36.24
C ASP F 80 -26.27 -36.29 36.60
N SER F 81 -27.53 -35.88 36.72
CA SER F 81 -27.83 -34.47 36.98
C SER F 81 -27.28 -34.03 38.32
N SER F 82 -27.37 -34.90 39.33
CA SER F 82 -26.82 -34.56 40.65
C SER F 82 -25.32 -34.35 40.59
N LEU F 83 -24.60 -35.21 39.87
CA LEU F 83 -23.15 -35.04 39.73
C LEU F 83 -22.82 -33.74 39.02
N VAL F 84 -23.52 -33.44 37.91
CA VAL F 84 -23.23 -32.23 37.18
C VAL F 84 -23.51 -30.99 38.03
N ASP F 85 -24.64 -30.99 38.75
CA ASP F 85 -24.97 -29.86 39.61
C ASP F 85 -23.96 -29.70 40.74
N LEU F 86 -23.51 -30.80 41.33
CA LEU F 86 -22.51 -30.73 42.39
C LEU F 86 -21.23 -30.10 41.89
N LEU F 87 -20.74 -30.55 40.73
CA LEU F 87 -19.50 -29.98 40.20
C LEU F 87 -19.68 -28.51 39.82
N CYS F 88 -20.83 -28.16 39.25
CA CYS F 88 -21.07 -26.76 38.88
C CYS F 88 -21.12 -25.86 40.11
N TRP F 89 -21.81 -26.31 41.17
CA TRP F 89 -21.86 -25.51 42.39
C TRP F 89 -20.49 -25.39 43.03
N ALA F 90 -19.71 -26.48 43.01
CA ALA F 90 -18.36 -26.43 43.58
C ALA F 90 -17.49 -25.42 42.82
N ARG F 91 -17.60 -25.40 41.49
CA ARG F 91 -16.83 -24.42 40.72
C ARG F 91 -17.33 -23.00 40.94
N LEU F 92 -18.64 -22.81 41.11
CA LEU F 92 -19.18 -21.46 41.20
C LEU F 92 -18.99 -20.86 42.59
N TYR F 93 -19.59 -21.48 43.61
CA TYR F 93 -19.56 -20.88 44.94
C TYR F 93 -18.23 -21.07 45.64
N GLY F 94 -17.51 -22.15 45.34
CA GLY F 94 -16.27 -22.49 46.00
C GLY F 94 -16.35 -23.73 46.86
N GLY F 95 -17.55 -24.24 47.11
CA GLY F 95 -17.72 -25.46 47.88
C GLY F 95 -19.11 -26.03 47.71
N ALA F 96 -19.20 -27.33 47.93
CA ALA F 96 -20.47 -28.04 47.84
C ALA F 96 -20.31 -29.38 48.56
N ALA F 97 -21.41 -30.10 48.69
CA ALA F 97 -21.38 -31.40 49.35
C ALA F 97 -22.53 -32.26 48.86
N MET F 98 -22.37 -33.57 49.04
CA MET F 98 -23.37 -34.55 48.64
C MET F 98 -23.61 -35.51 49.79
N VAL F 99 -24.88 -35.70 50.14
CA VAL F 99 -25.28 -36.60 51.22
C VAL F 99 -25.88 -37.85 50.59
N ALA F 100 -25.37 -39.01 50.97
CA ALA F 100 -25.83 -40.29 50.43
C ALA F 100 -26.82 -40.94 51.39
N ILE F 101 -28.03 -41.19 50.91
CA ILE F 101 -29.05 -41.88 51.68
C ILE F 101 -28.75 -43.36 51.62
N ILE F 102 -28.60 -44.00 52.78
CA ILE F 102 -28.19 -45.39 52.85
C ILE F 102 -29.19 -46.19 53.67
N LYS F 103 -29.35 -47.45 53.32
CA LYS F 103 -30.26 -48.36 54.02
C LYS F 103 -29.47 -49.18 55.06
N ASP F 104 -28.87 -48.46 56.00
CA ASP F 104 -28.03 -49.09 57.02
C ASP F 104 -28.79 -49.51 58.26
N ASN F 105 -30.05 -49.09 58.40
CA ASN F 105 -30.90 -49.48 59.53
C ASN F 105 -30.27 -49.09 60.87
N ARG F 106 -29.74 -47.87 60.94
CA ARG F 106 -29.28 -47.30 62.21
C ARG F 106 -29.39 -45.78 62.14
N MET F 107 -28.83 -45.12 63.14
CA MET F 107 -28.90 -43.67 63.24
C MET F 107 -28.02 -43.02 62.18
N LEU F 108 -28.35 -41.76 61.86
CA LEU F 108 -27.53 -41.00 60.94
C LEU F 108 -26.15 -40.73 61.52
N THR F 109 -26.07 -40.48 62.84
CA THR F 109 -24.80 -40.22 63.48
C THR F 109 -23.92 -41.46 63.50
N SER F 110 -24.51 -42.65 63.57
CA SER F 110 -23.75 -43.89 63.58
C SER F 110 -23.06 -44.12 62.25
N GLN F 111 -21.92 -44.81 62.29
CA GLN F 111 -21.15 -45.10 61.10
C GLN F 111 -21.90 -46.06 60.18
N ALA F 112 -21.61 -45.96 58.89
CA ALA F 112 -22.23 -46.82 57.88
C ALA F 112 -21.35 -48.05 57.68
N LYS F 113 -21.88 -49.22 58.04
CA LYS F 113 -21.13 -50.46 57.86
C LYS F 113 -21.12 -50.84 56.38
N PRO F 114 -20.10 -51.58 55.93
CA PRO F 114 -20.12 -52.09 54.56
C PRO F 114 -21.24 -53.09 54.37
N GLY F 115 -21.78 -53.13 53.15
CA GLY F 115 -22.82 -54.06 52.78
C GLY F 115 -24.08 -53.42 52.23
N ALA F 116 -24.41 -52.20 52.64
CA ALA F 116 -25.62 -51.54 52.16
C ALA F 116 -25.45 -51.16 50.69
N LYS F 117 -26.58 -50.91 50.03
CA LYS F 117 -26.59 -50.78 48.57
C LYS F 117 -27.24 -49.48 48.08
N LEU F 118 -27.32 -48.46 48.94
CA LEU F 118 -27.69 -47.11 48.55
C LEU F 118 -29.16 -46.98 48.14
N GLU F 119 -29.76 -45.82 48.42
CA GLU F 119 -31.10 -45.51 47.94
C GLU F 119 -31.15 -44.25 47.09
N GLY F 120 -30.20 -43.34 47.24
CA GLY F 120 -30.21 -42.09 46.52
C GLY F 120 -29.29 -41.09 47.18
N VAL F 121 -29.13 -39.95 46.50
CA VAL F 121 -28.23 -38.90 46.95
C VAL F 121 -28.99 -37.58 47.05
N ARG F 122 -28.39 -36.63 47.78
CA ARG F 122 -28.94 -35.29 47.90
C ARG F 122 -27.79 -34.30 47.85
N VAL F 123 -27.75 -33.48 46.81
CA VAL F 123 -26.72 -32.46 46.67
C VAL F 123 -27.11 -31.25 47.50
N TYR F 124 -26.11 -30.50 47.96
CA TYR F 124 -26.34 -29.34 48.80
C TYR F 124 -25.45 -28.20 48.35
N ASP F 125 -25.53 -27.10 49.10
CA ASP F 125 -24.80 -25.87 48.79
C ASP F 125 -23.79 -25.59 49.90
N ARG F 126 -22.86 -24.67 49.61
CA ARG F 126 -21.76 -24.41 50.53
C ARG F 126 -22.26 -23.88 51.87
N PHE F 127 -23.21 -22.95 51.84
CA PHE F 127 -23.68 -22.30 53.06
C PHE F 127 -24.65 -23.15 53.87
N ALA F 128 -25.06 -24.30 53.34
CA ALA F 128 -26.05 -25.14 54.01
C ALA F 128 -25.44 -26.18 54.94
N ILE F 129 -24.12 -26.21 55.08
CA ILE F 129 -23.43 -27.23 55.87
C ILE F 129 -22.42 -26.56 56.78
N THR F 130 -22.43 -26.93 58.07
CA THR F 130 -21.46 -26.46 59.04
C THR F 130 -21.06 -27.62 59.95
N VAL F 131 -19.85 -27.53 60.50
CA VAL F 131 -19.27 -28.59 61.31
C VAL F 131 -19.68 -28.40 62.76
N GLU F 132 -19.91 -29.52 63.46
CA GLU F 132 -20.27 -29.50 64.87
C GLU F 132 -19.12 -29.93 65.76
N LYS F 133 -18.55 -31.12 65.51
CA LYS F 133 -17.48 -31.65 66.34
C LYS F 133 -16.40 -32.22 65.44
N ARG F 134 -15.15 -32.17 65.92
CA ARG F 134 -14.01 -32.63 65.15
C ARG F 134 -13.11 -33.49 66.03
N VAL F 135 -12.08 -34.06 65.41
CA VAL F 135 -11.19 -34.99 66.10
C VAL F 135 -10.31 -34.23 67.08
N THR F 136 -10.16 -34.78 68.28
CA THR F 136 -9.33 -34.18 69.32
C THR F 136 -8.18 -35.08 69.76
N ASN F 137 -7.88 -36.14 69.00
CA ASN F 137 -6.79 -37.06 69.32
C ASN F 137 -5.55 -36.66 68.52
N ALA F 138 -4.53 -36.18 69.23
CA ALA F 138 -3.34 -35.65 68.56
C ALA F 138 -2.60 -36.73 67.79
N ARG F 139 -2.45 -37.92 68.36
CA ARG F 139 -1.66 -38.97 67.73
C ARG F 139 -2.32 -39.54 66.48
N SER F 140 -3.63 -39.39 66.35
CA SER F 140 -4.32 -39.92 65.17
C SER F 140 -3.90 -39.13 63.93
N PRO F 141 -3.61 -39.80 62.82
CA PRO F 141 -3.28 -39.07 61.58
C PRO F 141 -4.41 -38.18 61.11
N ARG F 142 -5.66 -38.59 61.32
CA ARG F 142 -6.83 -37.79 60.94
C ARG F 142 -7.22 -36.90 62.12
N TYR F 143 -6.34 -35.94 62.41
CA TYR F 143 -6.49 -35.04 63.56
C TYR F 143 -6.88 -33.65 63.09
N GLY F 144 -7.95 -33.12 63.69
CA GLY F 144 -8.46 -31.82 63.32
C GLY F 144 -9.53 -31.85 62.25
N GLU F 145 -9.72 -32.98 61.58
CA GLU F 145 -10.72 -33.06 60.53
C GLU F 145 -12.12 -33.17 61.13
N PRO F 146 -13.14 -32.74 60.39
CA PRO F 146 -14.51 -32.79 60.92
C PRO F 146 -14.98 -34.22 61.14
N GLU F 147 -15.89 -34.36 62.10
CA GLU F 147 -16.48 -35.66 62.45
C GLU F 147 -17.97 -35.72 62.18
N ILE F 148 -18.72 -34.70 62.60
CA ILE F 148 -20.16 -34.66 62.40
C ILE F 148 -20.54 -33.31 61.80
N TYR F 149 -21.31 -33.33 60.73
CA TYR F 149 -21.78 -32.11 60.07
C TYR F 149 -23.24 -31.87 60.41
N LYS F 150 -23.60 -30.58 60.55
CA LYS F 150 -24.97 -30.22 60.89
C LYS F 150 -25.93 -30.52 59.74
N VAL F 151 -25.56 -30.10 58.52
CA VAL F 151 -26.35 -30.30 57.31
C VAL F 151 -27.70 -29.62 57.52
N SER F 152 -27.74 -28.32 57.24
CA SER F 152 -29.00 -27.59 57.28
C SER F 152 -29.67 -27.67 55.92
N PRO F 153 -30.86 -28.25 55.81
CA PRO F 153 -31.49 -28.42 54.49
C PRO F 153 -32.19 -27.18 53.96
N GLY F 154 -32.30 -26.11 54.75
CA GLY F 154 -33.03 -24.95 54.29
C GLY F 154 -34.50 -25.26 54.14
N ASP F 155 -35.17 -24.47 53.29
CA ASP F 155 -36.59 -24.65 52.99
C ASP F 155 -37.41 -24.69 54.27
N ASN F 156 -38.12 -25.81 54.50
CA ASN F 156 -38.97 -25.96 55.67
C ASN F 156 -38.46 -27.00 56.66
N MET F 157 -37.48 -27.83 56.27
CA MET F 157 -37.00 -28.88 57.14
C MET F 157 -36.04 -28.32 58.19
N GLN F 158 -35.68 -29.18 59.15
CA GLN F 158 -34.80 -28.83 60.25
C GLN F 158 -33.44 -29.53 60.08
N PRO F 159 -32.38 -28.96 60.65
CA PRO F 159 -31.05 -29.59 60.51
C PRO F 159 -31.02 -30.98 61.13
N TYR F 160 -30.27 -31.88 60.48
CA TYR F 160 -30.12 -33.25 60.94
C TYR F 160 -28.66 -33.65 60.81
N LEU F 161 -28.03 -33.96 61.94
CA LEU F 161 -26.61 -34.29 61.94
C LEU F 161 -26.34 -35.60 61.23
N ILE F 162 -25.21 -35.67 60.55
CA ILE F 162 -24.80 -36.84 59.77
C ILE F 162 -23.35 -37.15 60.07
N HIS F 163 -23.03 -38.43 60.18
CA HIS F 163 -21.64 -38.86 60.34
C HIS F 163 -20.84 -38.52 59.10
N HIS F 164 -19.54 -38.26 59.30
CA HIS F 164 -18.69 -37.83 58.20
C HIS F 164 -18.48 -38.92 57.16
N SER F 165 -18.79 -40.18 57.48
CA SER F 165 -18.63 -41.25 56.51
C SER F 165 -19.71 -41.27 55.45
N ARG F 166 -20.75 -40.45 55.60
CA ARG F 166 -21.85 -40.39 54.64
C ARG F 166 -21.92 -39.04 53.93
N VAL F 167 -20.90 -38.20 54.05
CA VAL F 167 -20.88 -36.88 53.44
C VAL F 167 -19.58 -36.74 52.65
N PHE F 168 -19.69 -36.30 51.39
CA PHE F 168 -18.55 -36.03 50.55
C PHE F 168 -18.43 -34.53 50.34
N ILE F 169 -17.24 -33.99 50.60
CA ILE F 169 -16.98 -32.55 50.52
C ILE F 169 -16.17 -32.28 49.27
N ALA F 170 -16.73 -31.47 48.37
CA ALA F 170 -16.06 -31.08 47.14
C ALA F 170 -15.53 -29.65 47.27
N ASP F 171 -14.25 -29.47 46.99
CA ASP F 171 -13.58 -28.19 47.15
C ASP F 171 -13.35 -27.55 45.79
N GLY F 172 -13.34 -26.21 45.78
CA GLY F 172 -13.15 -25.44 44.57
C GLY F 172 -11.69 -25.17 44.28
N GLU F 173 -11.44 -23.98 43.73
CA GLU F 173 -10.08 -23.60 43.37
C GLU F 173 -9.19 -23.47 44.60
N ARG F 174 -7.91 -23.78 44.41
CA ARG F 174 -6.96 -23.73 45.51
C ARG F 174 -6.71 -22.29 45.96
N VAL F 175 -6.61 -22.11 47.28
CA VAL F 175 -6.42 -20.79 47.87
C VAL F 175 -5.34 -20.91 48.93
N ALA F 176 -4.65 -19.79 49.19
CA ALA F 176 -3.66 -19.75 50.25
C ALA F 176 -4.30 -20.05 51.59
N GLN F 177 -3.54 -20.71 52.48
CA GLN F 177 -4.10 -21.19 53.74
C GLN F 177 -4.60 -20.04 54.60
N GLN F 178 -3.90 -18.90 54.58
CA GLN F 178 -4.33 -17.77 55.38
C GLN F 178 -5.71 -17.28 54.98
N ALA F 179 -5.97 -17.20 53.67
CA ALA F 179 -7.30 -16.83 53.20
C ALA F 179 -8.29 -17.99 53.35
N ARG F 180 -7.79 -19.23 53.33
CA ARG F 180 -8.67 -20.37 53.52
C ARG F 180 -9.26 -20.38 54.94
N LYS F 181 -8.45 -19.99 55.92
CA LYS F 181 -8.96 -19.91 57.29
C LYS F 181 -10.08 -18.87 57.41
N GLN F 182 -9.90 -17.72 56.75
CA GLN F 182 -10.96 -16.71 56.74
C GLN F 182 -12.17 -17.16 55.92
N ASN F 183 -12.00 -18.15 55.04
CA ASN F 183 -13.09 -18.70 54.25
C ASN F 183 -13.71 -19.95 54.88
N GLN F 184 -13.64 -20.06 56.21
CA GLN F 184 -14.14 -21.20 56.99
C GLN F 184 -13.83 -22.54 56.30
N GLY F 185 -12.58 -22.70 55.89
CA GLY F 185 -12.12 -23.95 55.31
C GLY F 185 -12.76 -24.33 54.00
N TRP F 186 -13.10 -23.35 53.17
CA TRP F 186 -13.65 -23.59 51.84
C TRP F 186 -12.77 -22.93 50.80
N GLY F 187 -12.74 -23.52 49.61
CA GLY F 187 -11.91 -23.02 48.54
C GLY F 187 -12.44 -21.73 47.95
N ALA F 188 -11.71 -21.24 46.95
CA ALA F 188 -12.07 -20.00 46.28
C ALA F 188 -13.01 -20.31 45.10
N SER F 189 -13.35 -19.28 44.34
CA SER F 189 -14.26 -19.41 43.22
C SER F 189 -13.53 -19.22 41.90
N VAL F 190 -14.09 -19.80 40.84
CA VAL F 190 -13.50 -19.66 39.51
C VAL F 190 -13.52 -18.20 39.07
N LEU F 191 -14.63 -17.51 39.33
CA LEU F 191 -14.79 -16.11 38.93
C LEU F 191 -14.14 -15.22 39.98
N ASN F 192 -12.82 -15.03 39.84
CA ASN F 192 -12.08 -14.14 40.71
C ASN F 192 -12.27 -12.69 40.24
N LYS F 193 -11.50 -11.77 40.81
CA LYS F 193 -11.67 -10.36 40.50
C LYS F 193 -11.26 -10.05 39.06
N SER F 194 -10.21 -10.69 38.57
CA SER F 194 -9.69 -10.37 37.25
C SER F 194 -10.70 -10.67 36.15
N LEU F 195 -11.36 -11.84 36.23
CA LEU F 195 -12.33 -12.20 35.19
C LEU F 195 -13.51 -11.24 35.19
N ILE F 196 -14.01 -10.88 36.37
CA ILE F 196 -15.13 -9.95 36.45
C ILE F 196 -14.76 -8.60 35.87
N ASP F 197 -13.56 -8.11 36.22
CA ASP F 197 -13.11 -6.83 35.69
C ASP F 197 -12.98 -6.89 34.17
N ALA F 198 -12.43 -7.98 33.64
CA ALA F 198 -12.26 -8.10 32.19
C ALA F 198 -13.61 -8.12 31.47
N ILE F 199 -14.58 -8.87 32.01
CA ILE F 199 -15.89 -8.94 31.37
C ILE F 199 -16.58 -7.59 31.39
N CYS F 200 -16.55 -6.91 32.54
CA CYS F 200 -17.17 -5.58 32.61
C CYS F 200 -16.49 -4.60 31.66
N ASP F 201 -15.16 -4.67 31.56
CA ASP F 201 -14.44 -3.79 30.64
C ASP F 201 -14.83 -4.06 29.20
N TYR F 202 -14.99 -5.34 28.83
CA TYR F 202 -15.38 -5.66 27.46
C TYR F 202 -16.78 -5.15 27.16
N ASP F 203 -17.72 -5.31 28.09
CA ASP F 203 -19.07 -4.80 27.87
C ASP F 203 -19.06 -3.29 27.71
N TYR F 204 -18.30 -2.59 28.56
CA TYR F 204 -18.22 -1.13 28.46
C TYR F 204 -17.61 -0.70 27.13
N CYS F 205 -16.58 -1.42 26.67
CA CYS F 205 -15.97 -1.09 25.38
C CYS F 205 -16.92 -1.33 24.22
N GLU F 206 -17.74 -2.39 24.29
CA GLU F 206 -18.73 -2.60 23.24
C GLU F 206 -19.76 -1.48 23.22
N SER F 207 -20.21 -1.04 24.40
CA SER F 207 -21.14 0.10 24.46
C SER F 207 -20.51 1.34 23.86
N LEU F 208 -19.23 1.60 24.18
CA LEU F 208 -18.55 2.76 23.61
C LEU F 208 -18.43 2.64 22.10
N ALA F 209 -18.19 1.43 21.60
CA ALA F 209 -18.10 1.24 20.15
C ALA F 209 -19.42 1.57 19.47
N THR F 210 -20.54 1.12 20.06
CA THR F 210 -21.84 1.47 19.50
C THR F 210 -22.06 2.97 19.52
N GLN F 211 -21.69 3.63 20.62
CA GLN F 211 -21.85 5.08 20.70
C GLN F 211 -20.98 5.80 19.68
N ILE F 212 -19.79 5.26 19.39
CA ILE F 212 -18.90 5.88 18.41
C ILE F 212 -19.50 5.75 17.01
N LEU F 213 -20.07 4.58 16.69
CA LEU F 213 -20.73 4.43 15.41
C LEU F 213 -21.93 5.37 15.28
N ARG F 214 -22.64 5.59 16.39
CA ARG F 214 -23.84 6.41 16.36
C ARG F 214 -23.56 7.83 15.89
N ARG F 215 -22.49 8.44 16.40
CA ARG F 215 -22.15 9.83 16.10
C ARG F 215 -21.00 9.85 15.09
N LYS F 216 -21.34 9.73 13.81
CA LYS F 216 -20.37 9.85 12.73
C LYS F 216 -20.49 11.15 11.97
N GLN F 217 -21.69 11.65 11.75
CA GLN F 217 -21.93 12.93 11.10
C GLN F 217 -22.86 13.77 11.95
N GLN F 218 -22.55 15.06 12.04
CA GLN F 218 -23.42 16.02 12.73
C GLN F 218 -23.64 17.22 11.83
N ALA F 219 -24.90 17.60 11.65
CA ALA F 219 -25.27 18.75 10.84
C ALA F 219 -25.72 19.87 11.76
N VAL F 220 -25.05 21.01 11.69
CA VAL F 220 -25.30 22.13 12.58
C VAL F 220 -25.97 23.24 11.78
N TRP F 221 -27.07 23.75 12.32
CA TRP F 221 -27.88 24.77 11.65
C TRP F 221 -27.81 26.07 12.44
N LYS F 222 -27.38 27.15 11.79
CA LYS F 222 -27.19 28.43 12.43
C LYS F 222 -28.17 29.45 11.86
N VAL F 223 -28.76 30.25 12.75
CA VAL F 223 -29.68 31.32 12.38
C VAL F 223 -29.20 32.60 13.05
N LYS F 224 -29.51 33.73 12.42
CA LYS F 224 -29.07 35.02 12.95
C LYS F 224 -29.73 35.32 14.28
N GLY F 225 -31.05 35.42 14.30
CA GLY F 225 -31.77 35.63 15.54
C GLY F 225 -32.49 34.38 16.01
N LEU F 226 -31.95 33.73 17.03
CA LEU F 226 -32.52 32.49 17.55
C LEU F 226 -32.68 32.49 19.06
N ALA F 227 -31.97 33.35 19.77
CA ALA F 227 -32.11 33.45 21.22
C ALA F 227 -33.24 34.37 21.65
N GLU F 228 -33.92 35.01 20.70
CA GLU F 228 -35.03 35.91 21.02
C GLU F 228 -36.35 35.16 20.96
N MET F 229 -36.46 34.12 21.79
CA MET F 229 -37.69 33.33 21.87
C MET F 229 -38.00 33.05 23.33
N CYS F 230 -39.28 32.87 23.61
CA CYS F 230 -39.81 32.61 24.95
C CYS F 230 -39.46 31.21 25.47
N ASP F 231 -38.95 30.36 24.57
CA ASP F 231 -38.45 29.02 24.88
C ASP F 231 -39.59 28.04 25.15
N ASP F 232 -40.83 28.54 25.18
CA ASP F 232 -42.00 27.70 25.38
C ASP F 232 -43.20 28.08 24.53
N ASP F 233 -43.10 29.08 23.65
CA ASP F 233 -44.24 29.54 22.88
C ASP F 233 -44.33 28.80 21.55
N ASP F 234 -45.17 29.30 20.64
CA ASP F 234 -45.44 28.61 19.40
C ASP F 234 -44.26 28.70 18.44
N ALA F 235 -43.42 29.73 18.58
CA ALA F 235 -42.32 29.93 17.65
C ALA F 235 -41.32 28.77 17.73
N GLN F 236 -40.97 28.35 18.95
CA GLN F 236 -40.05 27.23 19.11
C GLN F 236 -40.66 25.95 18.56
N TYR F 237 -41.95 25.73 18.81
CA TYR F 237 -42.62 24.54 18.30
C TYR F 237 -42.56 24.49 16.78
N ALA F 238 -42.87 25.62 16.13
CA ALA F 238 -42.84 25.67 14.67
C ALA F 238 -41.43 25.45 14.14
N ALA F 239 -40.43 26.08 14.77
CA ALA F 239 -39.05 25.93 14.31
C ALA F 239 -38.58 24.48 14.44
N ARG F 240 -38.91 23.84 15.56
CA ARG F 240 -38.48 22.45 15.76
C ARG F 240 -39.20 21.50 14.80
N LEU F 241 -40.50 21.75 14.54
CA LEU F 241 -41.21 20.93 13.57
C LEU F 241 -40.60 21.09 12.17
N ARG F 242 -40.28 22.33 11.79
CA ARG F 242 -39.67 22.56 10.49
C ARG F 242 -38.32 21.85 10.38
N LEU F 243 -37.50 21.95 11.43
CA LEU F 243 -36.20 21.29 11.42
C LEU F 243 -36.35 19.77 11.33
N ALA F 244 -37.31 19.21 12.07
CA ALA F 244 -37.53 17.76 12.02
C ALA F 244 -37.94 17.32 10.63
N GLN F 245 -38.89 18.03 10.01
CA GLN F 245 -39.32 17.67 8.67
C GLN F 245 -38.18 17.80 7.67
N VAL F 246 -37.38 18.86 7.78
CA VAL F 246 -36.30 19.09 6.83
C VAL F 246 -35.25 17.98 6.94
N ASP F 247 -34.86 17.62 8.17
CA ASP F 247 -33.87 16.54 8.30
C ASP F 247 -34.48 15.19 7.99
N ASP F 248 -35.80 15.06 8.01
CA ASP F 248 -36.43 13.80 7.61
C ASP F 248 -36.45 13.65 6.10
N ASN F 249 -36.66 14.75 5.37
CA ASN F 249 -36.85 14.66 3.93
C ASN F 249 -35.57 14.90 3.13
N SER F 250 -34.46 15.24 3.78
CA SER F 250 -33.23 15.53 3.06
C SER F 250 -32.45 14.25 2.78
N GLY F 251 -31.36 14.38 2.06
CA GLY F 251 -30.50 13.26 1.71
C GLY F 251 -29.83 13.50 0.37
N VAL F 252 -29.37 12.42 -0.24
CA VAL F 252 -28.78 12.48 -1.57
C VAL F 252 -29.90 12.54 -2.60
N GLY F 253 -29.81 13.51 -3.50
CA GLY F 253 -30.88 13.77 -4.45
C GLY F 253 -31.89 14.80 -4.01
N ARG F 254 -31.81 15.27 -2.77
CA ARG F 254 -32.69 16.32 -2.26
C ARG F 254 -31.84 17.46 -1.71
N ALA F 255 -32.30 18.68 -1.94
CA ALA F 255 -31.56 19.88 -1.58
C ALA F 255 -32.32 20.69 -0.55
N ILE F 256 -31.61 21.60 0.11
CA ILE F 256 -32.19 22.55 1.06
C ILE F 256 -31.97 23.95 0.52
N GLY F 257 -33.01 24.77 0.58
CA GLY F 257 -32.88 26.17 0.25
C GLY F 257 -32.53 27.00 1.47
N ILE F 258 -31.35 27.61 1.48
CA ILE F 258 -30.85 28.39 2.60
C ILE F 258 -30.93 29.86 2.24
N ASP F 259 -31.40 30.68 3.17
CA ASP F 259 -31.36 32.12 2.98
C ASP F 259 -29.96 32.62 3.30
N ALA F 260 -29.38 33.38 2.38
CA ALA F 260 -28.04 33.90 2.58
C ALA F 260 -28.07 35.01 3.63
N GLU F 261 -26.87 35.42 4.04
CA GLU F 261 -26.57 36.56 4.92
C GLU F 261 -27.35 36.51 6.24
N THR F 262 -28.05 35.42 6.52
CA THR F 262 -28.72 35.27 7.81
C THR F 262 -28.71 33.85 8.35
N GLU F 263 -28.10 32.90 7.65
CA GLU F 263 -28.27 31.49 8.01
C GLU F 263 -27.27 30.65 7.25
N GLU F 264 -26.73 29.63 7.91
CA GLU F 264 -25.75 28.74 7.31
C GLU F 264 -26.11 27.29 7.63
N TYR F 265 -25.38 26.37 7.02
CA TYR F 265 -25.60 24.94 7.19
C TYR F 265 -24.26 24.23 7.02
N ASP F 266 -23.81 23.54 8.06
CA ASP F 266 -22.52 22.85 8.04
C ASP F 266 -22.70 21.40 8.49
N VAL F 267 -21.77 20.55 8.04
CA VAL F 267 -21.75 19.14 8.41
C VAL F 267 -20.36 18.81 8.93
N LEU F 268 -20.31 18.16 10.09
CA LEU F 268 -19.05 17.76 10.72
C LEU F 268 -18.94 16.24 10.67
N ASN F 269 -17.80 15.74 10.21
CA ASN F 269 -17.58 14.32 10.02
C ASN F 269 -16.66 13.76 11.10
N SER F 270 -16.53 12.45 11.11
CA SER F 270 -15.65 11.73 12.02
C SER F 270 -15.19 10.46 11.31
N ASP F 271 -14.63 9.52 12.06
CA ASP F 271 -14.18 8.27 11.46
C ASP F 271 -14.26 7.13 12.48
N ILE F 272 -14.26 5.90 11.96
CA ILE F 272 -14.20 4.69 12.76
C ILE F 272 -13.13 3.81 12.15
N SER F 273 -11.91 3.87 12.71
CA SER F 273 -10.74 3.26 12.08
C SER F 273 -10.44 1.86 12.61
N GLY F 274 -10.16 1.73 13.90
CA GLY F 274 -9.67 0.46 14.43
C GLY F 274 -10.46 -0.08 15.60
N VAL F 275 -11.77 0.14 15.60
CA VAL F 275 -12.60 -0.39 16.67
C VAL F 275 -12.63 -1.92 16.69
N PRO F 276 -12.86 -2.62 15.58
CA PRO F 276 -12.93 -4.10 15.66
C PRO F 276 -11.68 -4.74 16.21
N GLU F 277 -10.50 -4.22 15.86
CA GLU F 277 -9.27 -4.79 16.40
C GLU F 277 -9.17 -4.55 17.91
N PHE F 278 -9.64 -3.39 18.37
CA PHE F 278 -9.66 -3.10 19.80
C PHE F 278 -10.54 -4.09 20.54
N LEU F 279 -11.75 -4.34 20.01
CA LEU F 279 -12.67 -5.27 20.64
C LEU F 279 -12.11 -6.69 20.62
N SER F 280 -11.47 -7.07 19.51
CA SER F 280 -10.85 -8.40 19.43
C SER F 280 -9.73 -8.54 20.45
N SER F 281 -8.95 -7.48 20.66
CA SER F 281 -7.89 -7.52 21.66
C SER F 281 -8.45 -7.70 23.06
N LYS F 282 -9.54 -6.98 23.38
CA LYS F 282 -10.13 -7.14 24.70
C LYS F 282 -10.70 -8.55 24.89
N MET F 283 -11.33 -9.10 23.85
CA MET F 283 -11.81 -10.47 23.94
C MET F 283 -10.65 -11.46 24.08
N ASP F 284 -9.51 -11.17 23.44
CA ASP F 284 -8.34 -11.99 23.60
C ASP F 284 -7.83 -11.97 25.03
N ARG F 285 -7.86 -10.80 25.67
CA ARG F 285 -7.50 -10.73 27.09
C ARG F 285 -8.45 -11.57 27.94
N ILE F 286 -9.75 -11.51 27.64
CA ILE F 286 -10.70 -12.34 28.37
C ILE F 286 -10.37 -13.82 28.20
N VAL F 287 -10.07 -14.22 26.97
CA VAL F 287 -9.73 -15.62 26.70
C VAL F 287 -8.49 -16.03 27.47
N SER F 288 -7.47 -15.16 27.49
CA SER F 288 -6.24 -15.48 28.19
C SER F 288 -6.48 -15.62 29.69
N LEU F 289 -7.28 -14.74 30.28
CA LEU F 289 -7.52 -14.80 31.71
C LEU F 289 -8.42 -15.96 32.11
N SER F 290 -9.38 -16.34 31.27
CA SER F 290 -10.37 -17.34 31.65
C SER F 290 -9.75 -18.71 31.89
N GLY F 291 -8.74 -19.08 31.10
CA GLY F 291 -8.16 -20.40 31.23
C GLY F 291 -8.76 -21.44 30.33
N ILE F 292 -9.50 -21.04 29.30
CA ILE F 292 -10.14 -21.96 28.37
C ILE F 292 -9.74 -21.54 26.95
N HIS F 293 -9.71 -22.53 26.05
CA HIS F 293 -9.28 -22.28 24.67
C HIS F 293 -10.20 -21.26 24.01
N GLU F 294 -9.65 -20.56 23.02
CA GLU F 294 -10.41 -19.51 22.34
C GLU F 294 -11.52 -20.08 21.48
N ILE F 295 -11.36 -21.32 20.98
CA ILE F 295 -12.41 -21.93 20.17
C ILE F 295 -13.67 -22.13 21.00
N ILE F 296 -13.52 -22.54 22.25
CA ILE F 296 -14.68 -22.79 23.10
C ILE F 296 -15.38 -21.48 23.44
N ILE F 297 -14.61 -20.46 23.84
CA ILE F 297 -15.21 -19.22 24.32
C ILE F 297 -15.77 -18.40 23.16
N LYS F 298 -14.95 -18.12 22.14
CA LYS F 298 -15.41 -17.37 20.99
C LYS F 298 -16.39 -18.16 20.14
N ASN F 299 -16.42 -19.48 20.27
CA ASN F 299 -17.32 -20.37 19.54
C ASN F 299 -17.31 -20.07 18.05
N LYS F 300 -16.13 -19.77 17.52
CA LYS F 300 -15.98 -19.41 16.11
C LYS F 300 -14.66 -19.98 15.62
N ASN F 301 -14.73 -20.94 14.70
CA ASN F 301 -13.55 -21.49 14.05
C ASN F 301 -13.09 -20.50 12.99
N VAL F 302 -12.21 -20.94 12.07
CA VAL F 302 -11.73 -20.14 10.96
C VAL F 302 -10.68 -19.15 11.45
N GLY F 303 -10.61 -18.94 12.77
CA GLY F 303 -9.57 -18.10 13.32
C GLY F 303 -8.18 -18.55 12.90
N GLY F 304 -7.96 -19.85 12.81
CA GLY F 304 -6.75 -20.38 12.23
C GLY F 304 -7.03 -21.09 10.92
N VAL F 305 -5.96 -21.52 10.23
CA VAL F 305 -6.15 -22.26 8.99
C VAL F 305 -6.81 -23.61 9.29
N SER F 306 -7.46 -24.17 8.26
CA SER F 306 -8.17 -25.43 8.43
C SER F 306 -7.20 -26.55 8.77
N ALA F 307 -7.26 -27.05 10.00
CA ALA F 307 -6.44 -28.15 10.45
C ALA F 307 -7.20 -29.46 10.30
N SER F 308 -6.65 -30.54 10.83
CA SER F 308 -7.32 -31.83 10.79
C SER F 308 -8.64 -31.78 11.55
N GLN F 309 -8.56 -31.57 12.87
CA GLN F 309 -9.72 -31.50 13.74
C GLN F 309 -9.32 -31.30 15.19
N ASN F 310 -8.91 -32.39 15.85
CA ASN F 310 -8.58 -32.34 17.27
C ASN F 310 -7.28 -31.60 17.54
N THR F 311 -6.52 -31.26 16.51
CA THR F 311 -5.21 -30.64 16.70
C THR F 311 -5.32 -29.33 17.48
N ALA F 312 -6.31 -28.49 17.14
CA ALA F 312 -6.52 -27.25 17.87
C ALA F 312 -7.14 -27.48 19.24
N LEU F 313 -7.83 -28.60 19.43
CA LEU F 313 -8.53 -28.87 20.69
C LEU F 313 -7.73 -29.75 21.64
N GLU F 314 -6.48 -30.07 21.31
CA GLU F 314 -5.67 -30.91 22.19
C GLU F 314 -5.43 -30.25 23.53
N THR F 315 -5.21 -28.93 23.55
CA THR F 315 -5.00 -28.23 24.81
C THR F 315 -6.24 -28.33 25.71
N PHE F 316 -7.42 -28.11 25.13
CA PHE F 316 -8.66 -28.24 25.90
C PHE F 316 -8.85 -29.67 26.40
N TYR F 317 -8.52 -30.65 25.56
CA TYR F 317 -8.67 -32.04 25.98
C TYR F 317 -7.71 -32.39 27.11
N LYS F 318 -6.48 -31.88 27.06
CA LYS F 318 -5.54 -32.08 28.15
C LYS F 318 -6.06 -31.46 29.45
N LEU F 319 -6.61 -30.24 29.34
CA LEU F 319 -7.18 -29.59 30.51
C LEU F 319 -8.32 -30.42 31.09
N VAL F 320 -9.19 -30.96 30.24
CA VAL F 320 -10.33 -31.74 30.71
C VAL F 320 -9.85 -33.04 31.36
N ASP F 321 -8.82 -33.67 30.78
CA ASP F 321 -8.28 -34.87 31.40
C ASP F 321 -7.69 -34.58 32.79
N ARG F 322 -6.93 -33.48 32.91
CA ARG F 322 -6.41 -33.13 34.21
C ARG F 322 -7.53 -32.86 35.20
N LYS F 323 -8.57 -32.14 34.76
CA LYS F 323 -9.68 -31.81 35.66
C LYS F 323 -10.44 -33.07 36.08
N ARG F 324 -10.67 -34.01 35.16
CA ARG F 324 -11.36 -35.23 35.55
C ARG F 324 -10.53 -36.03 36.54
N GLU F 325 -9.23 -36.19 36.26
CA GLU F 325 -8.36 -36.92 37.17
C GLU F 325 -8.30 -36.26 38.54
N GLU F 326 -8.47 -34.94 38.61
CA GLU F 326 -8.37 -34.26 39.89
C GLU F 326 -9.68 -34.30 40.67
N ASP F 327 -10.82 -34.12 39.99
CA ASP F 327 -12.11 -33.95 40.67
C ASP F 327 -13.05 -35.14 40.55
N TYR F 328 -13.20 -35.71 39.35
CA TYR F 328 -14.27 -36.69 39.14
C TYR F 328 -13.95 -38.02 39.81
N ARG F 329 -12.69 -38.41 39.82
CA ARG F 329 -12.31 -39.71 40.37
C ARG F 329 -12.67 -39.87 41.85
N PRO F 330 -12.39 -38.91 42.75
CA PRO F 330 -12.78 -39.11 44.15
C PRO F 330 -14.26 -39.32 44.35
N LEU F 331 -15.11 -38.63 43.58
CA LEU F 331 -16.55 -38.83 43.72
C LEU F 331 -16.95 -40.25 43.37
N LEU F 332 -16.42 -40.79 42.27
CA LEU F 332 -16.72 -42.17 41.90
C LEU F 332 -16.17 -43.15 42.92
N GLU F 333 -14.96 -42.91 43.42
CA GLU F 333 -14.39 -43.81 44.42
C GLU F 333 -15.13 -43.74 45.75
N PHE F 334 -15.84 -42.64 46.00
CA PHE F 334 -16.69 -42.57 47.18
C PHE F 334 -18.02 -43.28 46.96
N LEU F 335 -18.61 -43.12 45.78
CA LEU F 335 -19.94 -43.69 45.52
C LEU F 335 -19.89 -45.20 45.26
N LEU F 336 -18.86 -45.70 44.60
CA LEU F 336 -18.85 -47.08 44.14
C LEU F 336 -18.94 -48.13 45.25
N PRO F 337 -18.21 -48.03 46.38
CA PRO F 337 -18.30 -49.09 47.38
C PRO F 337 -19.71 -49.35 47.90
N PHE F 338 -20.62 -48.38 47.75
CA PHE F 338 -22.00 -48.56 48.16
C PHE F 338 -22.87 -49.12 47.04
N ILE F 339 -22.29 -49.45 45.89
CA ILE F 339 -23.04 -50.01 44.77
C ILE F 339 -22.43 -51.34 44.35
N VAL F 340 -21.13 -51.34 44.06
CA VAL F 340 -20.46 -52.54 43.57
C VAL F 340 -20.26 -53.53 44.72
N ASP F 341 -20.69 -54.77 44.50
CA ASP F 341 -20.56 -55.79 45.53
C ASP F 341 -19.12 -56.28 45.67
N GLU F 342 -18.42 -56.45 44.55
CA GLU F 342 -17.05 -56.97 44.60
C GLU F 342 -16.13 -55.99 45.28
N GLU F 343 -15.20 -56.52 46.08
CA GLU F 343 -14.29 -55.68 46.83
C GLU F 343 -13.16 -55.12 45.97
N GLU F 344 -12.79 -55.79 44.90
CA GLU F 344 -11.70 -55.39 44.03
C GLU F 344 -12.24 -54.79 42.74
N TRP F 345 -11.81 -53.57 42.44
CA TRP F 345 -12.23 -52.87 41.22
C TRP F 345 -11.30 -51.68 41.00
N SER F 346 -11.38 -51.12 39.79
CA SER F 346 -10.60 -49.95 39.43
C SER F 346 -11.33 -49.20 38.33
N ILE F 347 -11.08 -47.89 38.25
CA ILE F 347 -11.80 -47.01 37.33
C ILE F 347 -10.83 -46.55 36.26
N GLU F 348 -11.21 -46.75 34.99
CA GLU F 348 -10.45 -46.30 33.85
C GLU F 348 -11.31 -45.34 33.03
N PHE F 349 -10.78 -44.15 32.77
CA PHE F 349 -11.56 -43.12 32.11
C PHE F 349 -11.48 -43.25 30.60
N GLU F 350 -12.63 -43.13 29.95
CA GLU F 350 -12.68 -43.22 28.50
C GLU F 350 -12.06 -41.98 27.86
N PRO F 351 -11.34 -42.15 26.75
CA PRO F 351 -10.76 -40.99 26.08
C PRO F 351 -11.82 -40.07 25.49
N LEU F 352 -11.51 -38.77 25.46
CA LEU F 352 -12.43 -37.80 24.90
C LEU F 352 -12.44 -37.83 23.38
N SER F 353 -11.27 -38.02 22.77
CA SER F 353 -11.14 -37.99 21.32
C SER F 353 -11.27 -39.39 20.77
N VAL F 354 -12.24 -39.57 19.86
CA VAL F 354 -12.48 -40.87 19.24
C VAL F 354 -12.20 -40.76 17.74
N PRO F 355 -11.59 -41.78 17.13
CA PRO F 355 -11.30 -41.73 15.70
C PRO F 355 -12.55 -41.96 14.86
N SER F 356 -12.42 -41.68 13.57
CA SER F 356 -13.51 -41.92 12.64
C SER F 356 -13.67 -43.42 12.38
N LYS F 357 -14.76 -43.77 11.71
CA LYS F 357 -15.09 -45.17 11.49
C LYS F 357 -14.04 -45.87 10.64
N LYS F 358 -13.54 -45.19 9.60
CA LYS F 358 -12.52 -45.78 8.74
C LYS F 358 -11.24 -46.06 9.53
N GLU F 359 -10.82 -45.10 10.37
CA GLU F 359 -9.65 -45.31 11.21
C GLU F 359 -9.90 -46.46 12.19
N GLU F 360 -11.12 -46.57 12.71
CA GLU F 360 -11.44 -47.68 13.61
C GLU F 360 -11.31 -49.02 12.89
N SER F 361 -11.79 -49.10 11.66
CA SER F 361 -11.66 -50.34 10.89
C SER F 361 -10.20 -50.68 10.64
N GLU F 362 -9.38 -49.68 10.29
CA GLU F 362 -7.96 -49.92 10.07
C GLU F 362 -7.28 -50.40 11.35
N ILE F 363 -7.63 -49.80 12.49
CA ILE F 363 -7.06 -50.19 13.78
C ILE F 363 -7.43 -51.64 14.10
N THR F 364 -8.69 -52.00 13.89
CA THR F 364 -9.13 -53.37 14.14
C THR F 364 -8.39 -54.35 13.25
N LYS F 365 -8.23 -54.01 11.96
CA LYS F 365 -7.51 -54.90 11.05
C LYS F 365 -6.06 -55.08 11.48
N ASN F 366 -5.39 -53.99 11.88
CA ASN F 366 -4.00 -54.10 12.33
C ASN F 366 -3.90 -54.97 13.58
N ASN F 367 -4.80 -54.75 14.55
CA ASN F 367 -4.77 -55.55 15.77
C ASN F 367 -5.01 -57.02 15.48
N VAL F 368 -5.99 -57.32 14.61
CA VAL F 368 -6.30 -58.71 14.29
C VAL F 368 -5.12 -59.38 13.60
N GLU F 369 -4.48 -58.67 12.66
CA GLU F 369 -3.34 -59.27 11.97
C GLU F 369 -2.17 -59.49 12.92
N SER F 370 -1.95 -58.56 13.85
CA SER F 370 -0.89 -58.75 14.85
C SER F 370 -1.16 -59.96 15.73
N VAL F 371 -2.41 -60.11 16.18
CA VAL F 371 -2.76 -61.27 17.01
C VAL F 371 -2.59 -62.56 16.23
N THR F 372 -3.02 -62.56 14.95
CA THR F 372 -2.88 -63.76 14.12
C THR F 372 -1.41 -64.13 13.93
N LYS F 373 -0.56 -63.14 13.67
CA LYS F 373 0.87 -63.41 13.57
C LYS F 373 1.44 -63.92 14.88
N ALA F 374 0.90 -63.46 16.01
CA ALA F 374 1.33 -63.99 17.30
C ALA F 374 0.92 -65.45 17.47
N ILE F 375 -0.26 -65.82 16.96
CA ILE F 375 -0.71 -67.21 17.05
C ILE F 375 0.27 -68.15 16.36
N THR F 376 0.69 -67.78 15.15
CA THR F 376 1.69 -68.58 14.44
C THR F 376 3.00 -68.60 15.24
N GLU F 377 3.82 -69.61 14.97
CA GLU F 377 5.06 -69.92 15.66
C GLU F 377 4.85 -70.31 17.11
N GLN F 378 3.60 -70.37 17.59
CA GLN F 378 3.24 -70.95 18.88
C GLN F 378 4.01 -70.29 20.03
N ILE F 379 3.72 -69.00 20.21
CA ILE F 379 4.36 -68.23 21.28
C ILE F 379 3.32 -67.57 22.17
N ILE F 380 2.05 -67.68 21.81
CA ILE F 380 1.00 -66.94 22.49
C ILE F 380 -0.13 -67.82 23.03
N ASP F 381 -0.32 -69.03 22.50
CA ASP F 381 -1.41 -69.93 22.89
C ASP F 381 -2.78 -69.37 22.51
N LEU F 382 -3.77 -70.26 22.40
CA LEU F 382 -5.09 -69.84 21.93
C LEU F 382 -5.83 -69.01 22.97
N GLU F 383 -5.72 -69.36 24.25
CA GLU F 383 -6.52 -68.69 25.28
C GLU F 383 -6.10 -67.23 25.45
N GLU F 384 -4.79 -66.98 25.52
CA GLU F 384 -4.30 -65.61 25.66
C GLU F 384 -4.67 -64.77 24.45
N ALA F 385 -4.57 -65.36 23.26
CA ALA F 385 -4.97 -64.64 22.04
C ALA F 385 -6.46 -64.32 22.06
N ARG F 386 -7.29 -65.25 22.53
CA ARG F 386 -8.73 -65.00 22.60
C ARG F 386 -9.03 -63.87 23.59
N ASP F 387 -8.35 -63.87 24.73
CA ASP F 387 -8.54 -62.77 25.69
C ASP F 387 -8.09 -61.44 25.10
N THR F 388 -6.96 -61.44 24.38
CA THR F 388 -6.46 -60.22 23.76
C THR F 388 -7.43 -59.72 22.71
N LEU F 389 -8.03 -60.62 21.92
CA LEU F 389 -9.02 -60.22 20.94
C LEU F 389 -10.27 -59.67 21.63
N ARG F 390 -10.67 -60.28 22.75
CA ARG F 390 -11.85 -59.82 23.47
C ARG F 390 -11.65 -58.41 24.01
N SER F 391 -10.45 -58.11 24.52
CA SER F 391 -10.22 -56.82 25.15
C SER F 391 -9.86 -55.74 24.13
N ILE F 392 -8.86 -56.00 23.29
CA ILE F 392 -8.37 -54.99 22.36
C ILE F 392 -9.45 -54.59 21.37
N ALA F 393 -10.16 -55.56 20.81
CA ALA F 393 -11.18 -55.32 19.79
C ALA F 393 -12.55 -55.63 20.37
N PRO F 394 -13.30 -54.64 20.84
CA PRO F 394 -14.64 -54.92 21.38
C PRO F 394 -15.68 -55.13 20.31
N GLU F 395 -15.36 -54.84 19.04
CA GLU F 395 -16.33 -55.05 17.97
C GLU F 395 -16.68 -56.52 17.82
N PHE F 396 -15.70 -57.40 17.98
CA PHE F 396 -15.95 -58.83 17.91
C PHE F 396 -16.81 -59.27 19.09
N LYS F 397 -17.84 -60.06 18.81
CA LYS F 397 -18.72 -60.60 19.85
C LYS F 397 -18.28 -62.03 20.17
N LEU F 398 -17.20 -62.13 20.93
CA LEU F 398 -16.70 -63.43 21.35
C LEU F 398 -17.66 -64.09 22.33
N LYS F 399 -17.74 -65.42 22.25
CA LYS F 399 -18.58 -66.19 23.16
C LYS F 399 -17.78 -66.57 24.40
N ASP F 400 -18.46 -66.55 25.55
CA ASP F 400 -17.80 -66.84 26.81
C ASP F 400 -17.19 -68.23 26.80
N GLY F 401 -15.98 -68.34 27.33
CA GLY F 401 -15.26 -69.60 27.35
C GLY F 401 -14.26 -69.68 26.21
N ASN F 402 -13.17 -70.41 26.46
CA ASN F 402 -12.11 -70.61 25.48
C ASN F 402 -12.09 -72.04 24.95
N ASN F 403 -13.24 -72.72 24.97
CA ASN F 403 -13.30 -74.13 24.56
C ASN F 403 -13.60 -74.32 23.08
N ILE F 404 -13.90 -73.25 22.34
CA ILE F 404 -14.32 -73.27 20.93
C ILE F 404 -15.16 -74.51 20.65
N ASN F 405 -14.88 -75.18 19.54
CA ASN F 405 -15.46 -76.49 19.26
C ASN F 405 -14.50 -77.34 18.42
N ASN G 2 -31.43 54.06 -42.26
CA ASN G 2 -32.73 54.63 -42.60
C ASN G 2 -32.80 56.12 -42.30
N GLN G 3 -33.96 56.71 -42.47
CA GLN G 3 -34.16 58.13 -42.18
C GLN G 3 -35.17 58.39 -41.08
N GLU G 4 -36.37 57.80 -41.16
CA GLU G 4 -37.38 58.02 -40.14
C GLU G 4 -36.89 57.57 -38.76
N THR G 5 -36.04 56.55 -38.73
CA THR G 5 -35.46 56.10 -37.47
C THR G 5 -34.65 57.21 -36.81
N LEU G 6 -33.91 57.98 -37.62
CA LEU G 6 -33.13 59.07 -37.06
C LEU G 6 -34.00 60.12 -36.41
N ILE G 7 -35.08 60.53 -37.08
CA ILE G 7 -35.99 61.52 -36.49
C ILE G 7 -36.63 60.97 -35.22
N ALA G 8 -37.07 59.71 -35.25
CA ALA G 8 -37.69 59.12 -34.06
C ALA G 8 -36.71 59.10 -32.89
N VAL G 9 -35.47 58.70 -33.15
CA VAL G 9 -34.47 58.61 -32.08
C VAL G 9 -34.16 59.99 -31.52
N VAL G 10 -33.97 60.98 -32.39
CA VAL G 10 -33.67 62.33 -31.93
C VAL G 10 -34.83 62.88 -31.11
N GLU G 11 -36.07 62.65 -31.57
CA GLU G 11 -37.23 63.12 -30.83
C GLU G 11 -37.32 62.44 -29.47
N GLN G 12 -37.00 61.14 -29.40
CA GLN G 12 -37.00 60.46 -28.10
C GLN G 12 -35.94 61.03 -27.17
N MET G 13 -34.74 61.31 -27.69
CA MET G 13 -33.70 61.92 -26.85
C MET G 13 -34.14 63.28 -26.33
N ARG G 14 -34.76 64.09 -27.20
CA ARG G 14 -35.23 65.39 -26.74
C ARG G 14 -36.39 65.26 -25.76
N LYS G 15 -37.18 64.21 -25.86
CA LYS G 15 -38.25 63.98 -24.90
C LYS G 15 -37.70 63.60 -23.53
N LEU G 16 -36.74 62.66 -23.51
CA LEU G 16 -36.20 62.19 -22.24
C LEU G 16 -35.45 63.28 -21.51
N VAL G 17 -34.57 63.98 -22.22
CA VAL G 17 -33.78 65.06 -21.64
C VAL G 17 -34.19 66.38 -22.31
N PRO G 18 -34.72 67.33 -21.55
CA PRO G 18 -34.95 68.67 -22.13
C PRO G 18 -33.66 69.44 -22.24
N ALA G 19 -33.74 70.67 -22.77
CA ALA G 19 -32.61 71.58 -23.00
C ALA G 19 -31.67 71.06 -24.07
N LEU G 20 -31.90 69.87 -24.62
CA LEU G 20 -31.20 69.40 -25.81
C LEU G 20 -31.88 69.85 -27.09
N ARG G 21 -33.05 70.49 -26.97
CA ARG G 21 -33.76 70.98 -28.14
C ARG G 21 -32.99 72.12 -28.81
N LYS G 22 -32.26 72.91 -28.03
CA LYS G 22 -31.52 74.04 -28.57
C LYS G 22 -30.31 73.61 -29.37
N VAL G 23 -29.86 72.37 -29.21
CA VAL G 23 -28.68 71.88 -29.95
C VAL G 23 -29.04 71.73 -31.42
N PRO G 24 -28.18 72.14 -32.35
CA PRO G 24 -28.49 71.96 -33.78
C PRO G 24 -28.70 70.50 -34.13
N ASP G 25 -29.62 70.28 -35.08
CA ASP G 25 -30.05 68.92 -35.40
C ASP G 25 -28.94 68.07 -36.02
N GLU G 26 -27.99 68.68 -36.71
CA GLU G 26 -26.98 67.89 -37.42
C GLU G 26 -26.04 67.19 -36.44
N THR G 27 -25.69 67.85 -35.33
CA THR G 27 -24.83 67.23 -34.32
C THR G 27 -25.51 66.00 -33.72
N LEU G 28 -26.80 66.12 -33.41
CA LEU G 28 -27.55 64.97 -32.89
C LEU G 28 -27.59 63.84 -33.92
N TYR G 29 -27.77 64.17 -35.19
CA TYR G 29 -27.74 63.14 -36.23
C TYR G 29 -26.40 62.42 -36.26
N ALA G 30 -25.30 63.18 -36.20
CA ALA G 30 -23.97 62.57 -36.24
C ALA G 30 -23.75 61.67 -35.04
N TRP G 31 -24.15 62.12 -33.85
CA TRP G 31 -23.99 61.29 -32.66
C TRP G 31 -24.85 60.04 -32.75
N VAL G 32 -26.05 60.15 -33.34
CA VAL G 32 -26.91 58.97 -33.48
C VAL G 32 -26.29 57.97 -34.45
N GLU G 33 -25.74 58.44 -35.58
CA GLU G 33 -25.08 57.50 -36.49
C GLU G 33 -23.87 56.85 -35.84
N MET G 34 -23.12 57.60 -35.02
CA MET G 34 -22.01 56.99 -34.30
C MET G 34 -22.50 55.94 -33.31
N ALA G 35 -23.61 56.22 -32.62
CA ALA G 35 -24.13 55.27 -31.64
C ALA G 35 -24.68 54.02 -32.31
N GLU G 36 -25.20 54.15 -33.54
CA GLU G 36 -25.81 53.03 -34.22
C GLU G 36 -24.81 51.92 -34.52
N LEU G 37 -23.51 52.24 -34.56
CA LEU G 37 -22.49 51.22 -34.80
C LEU G 37 -22.45 50.19 -33.68
N PHE G 38 -22.76 50.60 -32.45
CA PHE G 38 -22.62 49.73 -31.29
C PHE G 38 -23.89 48.94 -30.98
N VAL G 39 -25.06 49.53 -31.23
CA VAL G 39 -26.32 48.94 -30.80
C VAL G 39 -26.75 47.88 -31.81
N CYS G 40 -27.15 46.71 -31.31
CA CYS G 40 -27.71 45.68 -32.15
C CYS G 40 -29.18 45.96 -32.44
N GLN G 41 -29.77 45.17 -33.34
CA GLN G 41 -31.16 45.33 -33.72
C GLN G 41 -31.98 44.08 -33.56
N LYS G 42 -31.41 42.90 -33.84
CA LYS G 42 -32.16 41.66 -33.73
C LYS G 42 -32.56 41.38 -32.27
N THR G 43 -31.67 41.67 -31.33
CA THR G 43 -31.96 41.38 -29.93
C THR G 43 -33.04 42.31 -29.38
N PHE G 44 -32.91 43.62 -29.63
CA PHE G 44 -33.82 44.58 -29.02
C PHE G 44 -35.19 44.56 -29.67
N LYS G 45 -35.26 44.34 -30.99
CA LYS G 45 -36.52 44.24 -31.72
C LYS G 45 -37.37 45.49 -31.57
N ASP G 46 -38.41 45.42 -30.73
CA ASP G 46 -39.37 46.52 -30.61
C ASP G 46 -38.71 47.75 -30.01
N ALA G 47 -37.86 47.56 -28.99
CA ALA G 47 -37.28 48.67 -28.24
C ALA G 47 -36.04 49.27 -28.90
N TYR G 48 -35.91 49.12 -30.22
CA TYR G 48 -34.71 49.58 -30.92
C TYR G 48 -34.51 51.08 -30.76
N VAL G 49 -35.59 51.86 -30.93
CA VAL G 49 -35.48 53.32 -30.88
C VAL G 49 -35.04 53.77 -29.49
N LYS G 50 -35.65 53.20 -28.45
CA LYS G 50 -35.33 53.59 -27.09
C LYS G 50 -33.90 53.18 -26.72
N ALA G 51 -33.48 51.99 -27.16
CA ALA G 51 -32.11 51.56 -26.90
C ALA G 51 -31.11 52.46 -27.60
N LEU G 52 -31.41 52.84 -28.84
CA LEU G 52 -30.53 53.76 -29.57
C LEU G 52 -30.45 55.11 -28.86
N ALA G 53 -31.58 55.61 -28.36
CA ALA G 53 -31.56 56.88 -27.65
C ALA G 53 -30.72 56.78 -26.38
N LEU G 54 -30.87 55.69 -25.63
CA LEU G 54 -30.07 55.52 -24.42
C LEU G 54 -28.59 55.46 -24.72
N TYR G 55 -28.20 54.70 -25.75
CA TYR G 55 -26.78 54.60 -26.09
C TYR G 55 -26.23 55.93 -26.58
N ALA G 56 -27.01 56.67 -27.38
CA ALA G 56 -26.55 57.97 -27.86
C ALA G 56 -26.37 58.94 -26.70
N LEU G 57 -27.30 58.95 -25.74
CA LEU G 57 -27.15 59.81 -24.57
C LEU G 57 -25.91 59.41 -23.76
N HIS G 58 -25.68 58.10 -23.60
CA HIS G 58 -24.51 57.64 -22.86
C HIS G 58 -23.23 58.09 -23.53
N LEU G 59 -23.15 57.97 -24.87
CA LEU G 59 -21.97 58.42 -25.57
C LEU G 59 -21.82 59.93 -25.51
N ALA G 60 -22.92 60.67 -25.50
CA ALA G 60 -22.85 62.12 -25.44
C ALA G 60 -22.45 62.63 -24.06
N PHE G 61 -22.68 61.85 -23.00
CA PHE G 61 -22.34 62.29 -21.65
C PHE G 61 -21.37 61.32 -20.98
N LEU G 62 -20.48 60.70 -21.75
CA LEU G 62 -19.54 59.75 -21.18
C LEU G 62 -18.61 60.42 -20.17
N ASP G 63 -17.77 61.34 -20.65
CA ASP G 63 -16.88 62.12 -19.78
C ASP G 63 -16.95 63.60 -20.12
N GLY G 64 -17.93 63.99 -20.92
CA GLY G 64 -18.02 65.34 -21.47
C GLY G 64 -17.52 65.33 -22.89
N ALA G 65 -18.43 65.18 -23.85
CA ALA G 65 -18.04 65.04 -25.24
C ALA G 65 -18.79 66.01 -26.13
N LEU G 66 -20.02 66.36 -25.75
CA LEU G 66 -20.82 67.28 -26.55
C LEU G 66 -20.16 68.66 -26.61
N LYS G 67 -19.84 69.22 -25.46
CA LYS G 67 -19.13 70.50 -25.33
C LYS G 67 -19.93 71.57 -26.08
N GLY G 68 -19.29 72.37 -26.91
CA GLY G 68 -19.97 73.41 -27.66
C GLY G 68 -19.11 73.89 -28.80
N GLU G 69 -19.65 74.87 -29.54
CA GLU G 69 -18.95 75.40 -30.70
C GLU G 69 -17.71 76.20 -30.29
N ASP G 70 -17.79 76.97 -29.21
CA ASP G 70 -16.74 77.90 -28.82
C ASP G 70 -15.86 77.43 -27.68
N GLU G 71 -16.05 76.22 -27.17
CA GLU G 71 -15.22 75.71 -26.08
C GLU G 71 -13.76 75.64 -26.49
N ASP G 72 -12.86 76.11 -25.61
CA ASP G 72 -11.44 76.16 -25.91
C ASP G 72 -10.86 74.75 -26.04
N LEU G 73 -9.77 74.62 -26.80
CA LEU G 73 -9.17 73.32 -27.07
C LEU G 73 -8.56 72.71 -25.81
N GLU G 74 -8.13 73.55 -24.86
CA GLU G 74 -7.46 73.04 -23.68
C GLU G 74 -8.39 72.22 -22.79
N SER G 75 -9.66 72.61 -22.71
CA SER G 75 -10.59 72.02 -21.76
C SER G 75 -10.92 70.56 -22.05
N TYR G 76 -10.34 69.95 -23.09
CA TYR G 76 -10.62 68.56 -23.39
C TYR G 76 -9.69 67.59 -22.67
N SER G 77 -8.66 68.09 -21.97
CA SER G 77 -7.79 67.25 -21.19
C SER G 77 -7.70 67.68 -19.73
N ARG G 78 -8.62 68.53 -19.27
CA ARG G 78 -8.55 69.15 -17.96
C ARG G 78 -9.87 69.88 -17.68
N ARG G 79 -10.16 70.09 -16.41
CA ARG G 79 -11.34 70.81 -15.98
C ARG G 79 -10.95 71.88 -14.98
N VAL G 80 -11.86 72.82 -14.75
CA VAL G 80 -11.67 73.85 -13.73
C VAL G 80 -12.37 73.38 -12.45
N THR G 81 -11.66 73.42 -11.34
CA THR G 81 -12.22 72.93 -10.08
C THR G 81 -12.96 74.05 -9.34
N SER G 82 -12.43 75.27 -9.39
CA SER G 82 -13.07 76.39 -8.73
C SER G 82 -12.69 77.68 -9.44
N PHE G 83 -13.54 78.69 -9.29
CA PHE G 83 -13.29 79.99 -9.89
C PHE G 83 -14.00 81.05 -9.06
N SER G 84 -13.35 82.19 -8.88
CA SER G 84 -13.91 83.28 -8.10
C SER G 84 -13.41 84.60 -8.67
N LEU G 85 -14.26 85.62 -8.58
CA LEU G 85 -13.96 86.94 -9.12
C LEU G 85 -13.84 87.92 -7.95
N SER G 86 -12.62 88.09 -7.46
CA SER G 86 -12.31 89.02 -6.38
C SER G 86 -13.25 88.86 -5.19
N GLY G 87 -13.97 89.92 -4.86
CA GLY G 87 -14.97 89.89 -3.81
C GLY G 87 -16.40 89.84 -4.30
N GLU G 88 -16.63 89.42 -5.55
CA GLU G 88 -17.98 89.41 -6.09
C GLU G 88 -18.69 88.10 -5.79
N PHE G 89 -18.11 86.97 -6.22
CA PHE G 89 -18.73 85.68 -6.02
C PHE G 89 -17.65 84.60 -6.06
N SER G 90 -18.01 83.42 -5.57
CA SER G 90 -17.12 82.27 -5.56
C SER G 90 -17.92 81.03 -5.91
N GLN G 91 -17.23 80.02 -6.44
CA GLN G 91 -17.89 78.79 -6.85
C GLN G 91 -16.87 77.66 -6.89
N THR G 92 -17.31 76.49 -6.45
CA THR G 92 -16.49 75.28 -6.47
C THR G 92 -17.23 74.20 -7.25
N PHE G 93 -16.46 73.28 -7.83
CA PHE G 93 -17.00 72.31 -8.77
C PHE G 93 -16.52 70.92 -8.39
N GLY G 94 -17.28 69.91 -8.80
CA GLY G 94 -16.93 68.55 -8.45
C GLY G 94 -17.50 67.55 -9.44
N GLU G 95 -17.01 66.32 -9.33
CA GLU G 95 -17.46 65.23 -10.19
C GLU G 95 -18.86 64.77 -9.78
N VAL G 96 -19.53 64.07 -10.69
CA VAL G 96 -20.93 63.72 -10.47
C VAL G 96 -21.04 62.42 -9.67
N THR G 97 -20.12 61.48 -9.89
CA THR G 97 -20.15 60.21 -9.18
C THR G 97 -18.83 59.47 -9.40
N LYS G 98 -18.50 58.61 -8.44
CA LYS G 98 -17.30 57.79 -8.50
C LYS G 98 -17.71 56.33 -8.71
N ASN G 99 -17.20 55.71 -9.77
CA ASN G 99 -17.44 54.30 -10.06
C ASN G 99 -16.21 53.51 -9.64
N GLN G 100 -16.40 52.55 -8.73
CA GLN G 100 -15.27 51.77 -8.24
C GLN G 100 -14.68 50.91 -9.36
N SER G 101 -15.52 50.20 -10.09
CA SER G 101 -15.05 49.35 -11.17
C SER G 101 -14.59 50.19 -12.35
N GLY G 102 -13.46 49.82 -12.93
CA GLY G 102 -12.95 50.50 -14.10
C GLY G 102 -13.65 50.02 -15.37
N ASP G 103 -14.97 50.10 -15.39
CA ASP G 103 -15.78 49.61 -16.48
C ASP G 103 -16.60 50.74 -17.08
N MET G 104 -16.55 50.88 -18.39
CA MET G 104 -17.44 51.80 -19.08
C MET G 104 -18.86 51.24 -19.06
N MET G 105 -19.83 52.14 -19.25
CA MET G 105 -21.28 51.91 -19.20
C MET G 105 -21.82 51.90 -17.77
N LEU G 106 -20.94 52.04 -16.76
CA LEU G 106 -21.37 52.21 -15.39
C LEU G 106 -21.04 53.61 -14.86
N SER G 107 -20.73 54.54 -15.76
CA SER G 107 -20.37 55.90 -15.38
C SER G 107 -21.55 56.87 -15.43
N THR G 108 -22.60 56.54 -16.17
CA THR G 108 -23.76 57.40 -16.34
C THR G 108 -25.04 56.60 -16.14
N PRO G 109 -26.12 57.25 -15.69
CA PRO G 109 -27.39 56.52 -15.53
C PRO G 109 -27.91 55.90 -16.81
N TRP G 110 -27.70 56.55 -17.96
CA TRP G 110 -28.14 55.97 -19.22
C TRP G 110 -27.40 54.67 -19.54
N GLY G 111 -26.11 54.60 -19.22
CA GLY G 111 -25.39 53.35 -19.41
C GLY G 111 -25.95 52.22 -18.56
N LYS G 112 -26.27 52.51 -17.30
CA LYS G 112 -26.86 51.50 -16.43
C LYS G 112 -28.23 51.06 -16.94
N MET G 113 -29.04 52.01 -17.39
CA MET G 113 -30.35 51.66 -17.94
C MET G 113 -30.20 50.78 -19.17
N PHE G 114 -29.26 51.11 -20.06
CA PHE G 114 -29.03 50.29 -21.24
C PHE G 114 -28.55 48.90 -20.86
N GLU G 115 -27.66 48.80 -19.87
CA GLU G 115 -27.15 47.51 -19.44
C GLU G 115 -28.27 46.63 -18.89
N GLN G 116 -29.14 47.21 -18.06
CA GLN G 116 -30.23 46.42 -17.52
C GLN G 116 -31.25 46.07 -18.58
N LEU G 117 -31.48 46.95 -19.55
CA LEU G 117 -32.37 46.60 -20.66
C LEU G 117 -31.83 45.44 -21.47
N LYS G 118 -30.52 45.45 -21.75
CA LYS G 118 -29.90 44.35 -22.48
C LYS G 118 -29.97 43.06 -21.68
N ALA G 119 -29.75 43.14 -20.36
CA ALA G 119 -29.88 41.96 -19.51
C ALA G 119 -31.31 41.42 -19.54
N ARG G 120 -32.29 42.32 -19.55
CA ARG G 120 -33.68 41.89 -19.59
C ARG G 120 -34.03 41.21 -20.91
N ARG G 121 -33.54 41.75 -22.03
CA ARG G 121 -33.99 41.25 -23.32
C ARG G 121 -33.18 40.07 -23.84
N ARG G 122 -31.86 40.14 -23.78
CA ARG G 122 -31.01 39.04 -24.21
C ARG G 122 -30.19 38.45 -23.07
N GLY G 123 -29.46 39.29 -22.34
CA GLY G 123 -28.55 38.82 -21.31
C GLY G 123 -27.12 39.24 -21.58
N ARG G 124 -26.31 39.12 -20.54
CA ARG G 124 -24.90 39.49 -20.60
C ARG G 124 -24.06 38.22 -20.43
N PHE G 125 -23.85 37.51 -21.53
CA PHE G 125 -23.07 36.28 -21.52
C PHE G 125 -22.70 35.92 -22.95
N ALA G 126 -21.73 35.03 -23.09
CA ALA G 126 -21.33 34.51 -24.38
C ALA G 126 -20.80 33.10 -24.17
N LEU G 127 -21.65 32.09 -24.42
CA LEU G 127 -21.31 30.69 -24.24
C LEU G 127 -21.12 30.07 -25.61
N MET G 128 -19.88 29.66 -25.91
CA MET G 128 -19.51 29.25 -27.26
C MET G 128 -18.82 27.90 -27.25
N THR G 129 -18.87 27.22 -28.39
CA THR G 129 -18.09 26.03 -28.66
C THR G 129 -17.57 26.10 -30.09
N GLY G 130 -16.46 25.40 -30.34
CA GLY G 130 -15.84 25.46 -31.64
C GLY G 130 -16.71 24.84 -32.72
N LEU G 131 -16.42 25.24 -33.97
CA LEU G 131 -17.15 24.72 -35.12
C LEU G 131 -16.47 23.47 -35.67
N HIS H 32 -42.27 -10.06 27.35
CA HIS H 32 -42.67 -11.43 27.03
C HIS H 32 -41.80 -11.98 25.91
N VAL H 33 -41.38 -13.24 26.06
CA VAL H 33 -40.47 -13.84 25.09
C VAL H 33 -41.21 -14.35 23.86
N GLY H 34 -42.53 -14.48 23.92
CA GLY H 34 -43.28 -14.97 22.77
C GLY H 34 -43.22 -14.04 21.59
N SER H 35 -43.41 -12.74 21.83
CA SER H 35 -43.35 -11.77 20.74
C SER H 35 -41.96 -11.70 20.13
N PHE H 36 -40.92 -11.72 20.96
CA PHE H 36 -39.55 -11.70 20.45
C PHE H 36 -39.25 -12.97 19.66
N TYR H 37 -39.75 -14.13 20.11
CA TYR H 37 -39.56 -15.36 19.36
C TYR H 37 -40.26 -15.30 18.01
N ASN H 38 -41.47 -14.74 17.99
CA ASN H 38 -42.24 -14.70 16.75
C ASN H 38 -41.63 -13.73 15.74
N ASP H 39 -41.27 -12.52 16.19
CA ASP H 39 -40.85 -11.49 15.25
C ASP H 39 -39.45 -11.74 14.70
N ASN H 40 -38.51 -12.15 15.56
CA ASN H 40 -37.12 -12.26 15.17
C ASN H 40 -36.82 -13.65 14.61
N ALA H 41 -36.15 -13.68 13.46
CA ALA H 41 -35.77 -14.95 12.85
C ALA H 41 -34.55 -15.57 13.51
N THR H 42 -33.60 -14.73 13.95
CA THR H 42 -32.40 -15.25 14.59
C THR H 42 -32.73 -15.96 15.89
N ALA H 43 -33.61 -15.38 16.71
CA ALA H 43 -34.01 -16.02 17.94
C ALA H 43 -34.73 -17.33 17.67
N LYS H 44 -35.59 -17.35 16.64
CA LYS H 44 -36.29 -18.58 16.28
C LYS H 44 -35.31 -19.68 15.88
N ARG H 45 -34.32 -19.33 15.05
CA ARG H 45 -33.32 -20.33 14.67
C ARG H 45 -32.54 -20.82 15.88
N ILE H 46 -32.16 -19.90 16.77
CA ILE H 46 -31.42 -20.29 17.98
C ILE H 46 -32.24 -21.26 18.81
N VAL H 47 -33.54 -21.00 18.95
CA VAL H 47 -34.38 -21.85 19.78
C VAL H 47 -34.58 -23.22 19.15
N ASP H 48 -34.88 -23.27 17.84
CA ASP H 48 -35.32 -24.52 17.23
C ASP H 48 -34.23 -25.24 16.43
N VAL H 49 -32.97 -24.82 16.49
CA VAL H 49 -31.97 -25.53 15.70
C VAL H 49 -31.52 -26.83 16.37
N ILE H 50 -31.49 -26.87 17.70
CA ILE H 50 -30.98 -28.04 18.41
C ILE H 50 -32.00 -29.18 18.46
N PRO H 51 -33.23 -28.97 18.96
CA PRO H 51 -34.13 -30.12 19.13
C PRO H 51 -34.42 -30.87 17.84
N GLU H 52 -34.58 -30.15 16.73
CA GLU H 52 -34.81 -30.81 15.45
C GLU H 52 -33.60 -31.65 15.06
N GLU H 53 -32.40 -31.12 15.27
CA GLU H 53 -31.19 -31.87 14.95
C GLU H 53 -31.10 -33.14 15.77
N MET H 54 -31.45 -33.07 17.06
CA MET H 54 -31.40 -34.27 17.89
C MET H 54 -32.44 -35.29 17.47
N VAL H 55 -33.68 -34.84 17.24
CA VAL H 55 -34.77 -35.78 16.99
C VAL H 55 -34.62 -36.43 15.61
N THR H 56 -34.17 -35.66 14.61
CA THR H 56 -34.12 -36.19 13.25
C THR H 56 -33.17 -37.38 13.14
N ALA H 57 -32.06 -37.34 13.89
CA ALA H 57 -31.08 -38.42 13.80
C ALA H 57 -31.68 -39.76 14.24
N GLY H 58 -32.47 -39.75 15.31
CA GLY H 58 -33.12 -40.96 15.77
C GLY H 58 -32.30 -41.72 16.79
N PHE H 59 -32.85 -42.85 17.22
CA PHE H 59 -32.24 -43.69 18.22
C PHE H 59 -32.32 -45.15 17.79
N LYS H 60 -31.40 -45.95 18.33
CA LYS H 60 -31.33 -47.38 18.04
C LYS H 60 -31.33 -48.15 19.35
N MET H 61 -32.16 -49.18 19.44
CA MET H 61 -32.27 -50.00 20.64
C MET H 61 -31.73 -51.40 20.39
N SER H 62 -31.01 -51.93 21.37
CA SER H 62 -30.45 -53.27 21.32
C SER H 62 -31.00 -54.08 22.47
N GLY H 63 -31.08 -55.40 22.27
CA GLY H 63 -31.59 -56.31 23.26
C GLY H 63 -33.00 -56.80 23.01
N VAL H 64 -33.73 -56.17 22.10
CA VAL H 64 -35.09 -56.61 21.76
C VAL H 64 -35.01 -57.76 20.77
N LYS H 65 -36.02 -58.62 20.79
CA LYS H 65 -36.05 -59.77 19.89
C LYS H 65 -36.44 -59.36 18.47
N ASP H 66 -37.59 -58.72 18.32
CA ASP H 66 -38.07 -58.26 17.02
C ASP H 66 -37.72 -56.79 16.87
N GLU H 67 -36.97 -56.46 15.82
CA GLU H 67 -36.58 -55.07 15.58
C GLU H 67 -37.54 -54.39 14.62
N LYS H 68 -37.98 -55.11 13.57
CA LYS H 68 -38.91 -54.53 12.61
C LYS H 68 -40.29 -54.34 13.23
N GLU H 69 -40.72 -55.28 14.06
CA GLU H 69 -41.98 -55.12 14.76
C GLU H 69 -41.94 -53.91 15.70
N PHE H 70 -40.83 -53.74 16.41
CA PHE H 70 -40.68 -52.56 17.26
C PHE H 70 -40.69 -51.28 16.44
N LYS H 71 -40.01 -51.29 15.29
CA LYS H 71 -40.01 -50.10 14.43
C LYS H 71 -41.41 -49.75 13.97
N SER H 72 -42.18 -50.75 13.56
CA SER H 72 -43.57 -50.52 13.15
C SER H 72 -44.40 -49.98 14.30
N LEU H 73 -44.23 -50.55 15.50
CA LEU H 73 -44.98 -50.08 16.65
C LEU H 73 -44.63 -48.64 16.98
N TRP H 74 -43.34 -48.29 16.93
CA TRP H 74 -42.92 -46.93 17.23
C TRP H 74 -43.46 -45.94 16.19
N ASP H 75 -43.39 -46.30 14.91
CA ASP H 75 -43.91 -45.43 13.87
C ASP H 75 -45.43 -45.35 13.87
N SER H 76 -46.11 -46.31 14.50
CA SER H 76 -47.57 -46.23 14.62
C SER H 76 -48.00 -45.02 15.44
N TYR H 77 -47.29 -44.73 16.53
CA TYR H 77 -47.70 -43.65 17.42
C TYR H 77 -47.39 -42.27 16.86
N LYS H 78 -46.39 -42.16 15.97
CA LYS H 78 -45.98 -40.91 15.33
C LYS H 78 -45.90 -39.75 16.33
N LEU H 79 -45.03 -39.92 17.34
CA LEU H 79 -44.84 -38.92 18.39
C LEU H 79 -43.72 -37.94 18.09
N ASP H 80 -43.35 -37.77 16.82
CA ASP H 80 -42.24 -36.89 16.47
C ASP H 80 -42.57 -35.43 16.78
N SER H 81 -43.72 -34.95 16.30
CA SER H 81 -44.06 -33.54 16.47
C SER H 81 -44.21 -33.18 17.94
N SER H 82 -44.82 -34.07 18.73
CA SER H 82 -44.99 -33.79 20.15
C SER H 82 -43.64 -33.67 20.85
N LEU H 83 -42.71 -34.57 20.54
CA LEU H 83 -41.38 -34.51 21.15
C LEU H 83 -40.66 -33.22 20.78
N VAL H 84 -40.69 -32.87 19.48
CA VAL H 84 -40.00 -31.66 19.04
C VAL H 84 -40.61 -30.42 19.70
N ASP H 85 -41.94 -30.36 19.76
CA ASP H 85 -42.60 -29.22 20.38
C ASP H 85 -42.29 -29.14 21.86
N LEU H 86 -42.26 -30.28 22.55
CA LEU H 86 -41.93 -30.29 23.98
C LEU H 86 -40.53 -29.75 24.21
N LEU H 87 -39.55 -30.21 23.43
CA LEU H 87 -38.19 -29.71 23.61
C LEU H 87 -38.09 -28.22 23.26
N CYS H 88 -38.79 -27.79 22.21
CA CYS H 88 -38.75 -26.37 21.83
C CYS H 88 -39.35 -25.49 22.93
N TRP H 89 -40.48 -25.91 23.50
CA TRP H 89 -41.09 -25.13 24.58
C TRP H 89 -40.21 -25.13 25.82
N ALA H 90 -39.55 -26.26 26.11
CA ALA H 90 -38.64 -26.31 27.25
C ALA H 90 -37.48 -25.32 27.06
N ARG H 91 -36.92 -25.26 25.85
CA ARG H 91 -35.85 -24.31 25.60
C ARG H 91 -36.33 -22.87 25.60
N LEU H 92 -37.56 -22.62 25.15
CA LEU H 92 -38.03 -21.25 25.01
C LEU H 92 -38.52 -20.68 26.34
N TYR H 93 -39.56 -21.28 26.92
CA TYR H 93 -40.16 -20.71 28.12
C TYR H 93 -39.35 -20.97 29.38
N GLY H 94 -38.69 -22.12 29.46
CA GLY H 94 -37.96 -22.53 30.65
C GLY H 94 -38.45 -23.82 31.26
N GLY H 95 -39.63 -24.28 30.87
CA GLY H 95 -40.14 -25.54 31.38
C GLY H 95 -41.31 -26.01 30.55
N ALA H 96 -41.54 -27.32 30.58
CA ALA H 96 -42.65 -27.93 29.86
C ALA H 96 -42.90 -29.31 30.46
N ALA H 97 -43.99 -29.93 30.03
CA ALA H 97 -44.35 -31.26 30.53
C ALA H 97 -45.16 -32.00 29.48
N MET H 98 -45.19 -33.32 29.62
CA MET H 98 -45.91 -34.19 28.71
C MET H 98 -46.70 -35.21 29.52
N VAL H 99 -47.95 -35.44 29.14
CA VAL H 99 -48.85 -36.36 29.84
C VAL H 99 -49.08 -37.57 28.96
N ALA H 100 -48.91 -38.76 29.54
CA ALA H 100 -49.06 -40.02 28.81
C ALA H 100 -50.42 -40.61 29.09
N ILE H 101 -51.14 -41.01 28.04
CA ILE H 101 -52.47 -41.61 28.18
C ILE H 101 -52.30 -43.11 28.20
N ILE H 102 -52.51 -43.74 29.35
CA ILE H 102 -52.26 -45.17 29.45
C ILE H 102 -53.54 -45.98 29.66
N LYS H 103 -53.49 -47.26 29.33
CA LYS H 103 -54.67 -48.10 29.48
C LYS H 103 -54.60 -48.89 30.77
N ASP H 104 -54.56 -48.19 31.90
CA ASP H 104 -54.50 -48.86 33.19
C ASP H 104 -55.88 -49.17 33.76
N ASN H 105 -56.94 -48.56 33.21
CA ASN H 105 -58.31 -48.82 33.65
C ASN H 105 -58.51 -48.50 35.14
N ARG H 106 -57.86 -47.44 35.60
CA ARG H 106 -58.07 -46.92 36.95
C ARG H 106 -58.19 -45.40 36.89
N MET H 107 -58.27 -44.78 38.06
CA MET H 107 -58.36 -43.34 38.16
C MET H 107 -57.04 -42.69 37.76
N LEU H 108 -57.12 -41.42 37.36
CA LEU H 108 -55.91 -40.68 37.01
C LEU H 108 -55.00 -40.50 38.22
N THR H 109 -55.59 -40.38 39.41
CA THR H 109 -54.79 -40.22 40.63
C THR H 109 -54.05 -41.50 40.99
N SER H 110 -54.65 -42.66 40.69
CA SER H 110 -54.01 -43.94 41.02
C SER H 110 -52.76 -44.16 40.17
N GLN H 111 -51.84 -44.95 40.71
CA GLN H 111 -50.58 -45.22 40.03
C GLN H 111 -50.81 -46.05 38.78
N ALA H 112 -49.89 -45.92 37.82
CA ALA H 112 -49.96 -46.65 36.56
C ALA H 112 -49.25 -47.99 36.73
N LYS H 113 -50.02 -49.08 36.67
CA LYS H 113 -49.45 -50.41 36.81
C LYS H 113 -48.71 -50.80 35.53
N PRO H 114 -47.55 -51.45 35.67
CA PRO H 114 -46.81 -51.90 34.48
C PRO H 114 -47.63 -52.93 33.69
N GLY H 115 -47.54 -52.82 32.36
CA GLY H 115 -48.23 -53.73 31.47
C GLY H 115 -49.08 -53.05 30.41
N ALA H 116 -49.59 -51.85 30.69
CA ALA H 116 -50.39 -51.14 29.70
C ALA H 116 -49.52 -50.68 28.53
N LYS H 117 -50.17 -50.36 27.41
CA LYS H 117 -49.46 -50.18 26.15
C LYS H 117 -49.74 -48.83 25.49
N LEU H 118 -50.15 -47.82 26.26
CA LEU H 118 -50.22 -46.43 25.80
C LEU H 118 -51.30 -46.19 24.75
N GLU H 119 -51.86 -44.97 24.74
CA GLU H 119 -52.74 -44.52 23.67
C GLU H 119 -52.19 -43.33 22.92
N GLY H 120 -51.38 -42.50 23.56
CA GLY H 120 -50.93 -41.24 22.99
C GLY H 120 -50.50 -40.30 24.09
N VAL H 121 -50.00 -39.14 23.66
CA VAL H 121 -49.46 -38.14 24.59
C VAL H 121 -50.14 -36.80 24.34
N ARG H 122 -50.08 -35.95 25.37
CA ARG H 122 -50.47 -34.55 25.22
C ARG H 122 -49.38 -33.69 25.84
N VAL H 123 -48.77 -32.84 25.04
CA VAL H 123 -47.77 -31.91 25.53
C VAL H 123 -48.46 -30.68 26.10
N TYR H 124 -47.80 -30.01 27.04
CA TYR H 124 -48.37 -28.86 27.71
C TYR H 124 -47.32 -27.76 27.83
N ASP H 125 -47.72 -26.66 28.46
CA ASP H 125 -46.87 -25.49 28.63
C ASP H 125 -46.52 -25.31 30.11
N ARG H 126 -45.55 -24.44 30.37
CA ARG H 126 -45.03 -24.28 31.72
C ARG H 126 -46.10 -23.76 32.68
N PHE H 127 -46.88 -22.77 32.25
CA PHE H 127 -47.84 -22.12 33.13
C PHE H 127 -49.12 -22.92 33.32
N ALA H 128 -49.28 -24.04 32.61
CA ALA H 128 -50.50 -24.83 32.66
C ALA H 128 -50.46 -25.94 33.70
N ILE H 129 -49.39 -26.04 34.49
CA ILE H 129 -49.22 -27.13 35.44
C ILE H 129 -48.79 -26.55 36.79
N THR H 130 -49.47 -26.96 37.86
CA THR H 130 -49.08 -26.58 39.21
C THR H 130 -49.26 -27.78 40.13
N VAL H 131 -48.49 -27.80 41.22
CA VAL H 131 -48.46 -28.92 42.15
C VAL H 131 -49.52 -28.73 43.22
N GLU H 132 -50.11 -29.83 43.66
CA GLU H 132 -51.11 -29.83 44.73
C GLU H 132 -50.54 -30.37 46.05
N LYS H 133 -50.00 -31.59 46.03
CA LYS H 133 -49.49 -32.23 47.23
C LYS H 133 -48.12 -32.83 46.93
N ARG H 134 -47.27 -32.87 47.96
CA ARG H 134 -45.92 -33.39 47.82
C ARG H 134 -45.60 -34.31 48.99
N VAL H 135 -44.44 -34.96 48.90
CA VAL H 135 -44.05 -35.97 49.89
C VAL H 135 -43.74 -35.28 51.22
N THR H 136 -44.25 -35.85 52.31
CA THR H 136 -44.01 -35.34 53.66
C THR H 136 -43.27 -36.32 54.55
N ASN H 137 -42.64 -37.35 53.98
CA ASN H 137 -41.91 -38.36 54.74
C ASN H 137 -40.42 -38.02 54.68
N ALA H 138 -39.87 -37.64 55.84
CA ALA H 138 -38.48 -37.18 55.88
C ALA H 138 -37.49 -38.29 55.52
N ARG H 139 -37.73 -39.50 56.01
CA ARG H 139 -36.78 -40.58 55.79
C ARG H 139 -36.76 -41.07 54.35
N SER H 140 -37.81 -40.82 53.59
CA SER H 140 -37.86 -41.27 52.20
C SER H 140 -36.85 -40.49 51.37
N PRO H 141 -36.07 -41.15 50.51
CA PRO H 141 -35.14 -40.40 49.64
C PRO H 141 -35.85 -39.44 48.70
N ARG H 142 -37.05 -39.78 48.25
CA ARG H 142 -37.85 -38.90 47.39
C ARG H 142 -38.73 -38.02 48.27
N TYR H 143 -38.07 -37.09 48.96
CA TYR H 143 -38.72 -36.22 49.95
C TYR H 143 -38.76 -34.80 49.40
N GLY H 144 -39.95 -34.21 49.40
CA GLY H 144 -40.16 -32.88 48.88
C GLY H 144 -40.56 -32.82 47.42
N GLU H 145 -40.42 -33.90 46.67
CA GLU H 145 -40.79 -33.90 45.28
C GLU H 145 -42.31 -33.90 45.13
N PRO H 146 -42.82 -33.38 44.01
CA PRO H 146 -44.27 -33.36 43.80
C PRO H 146 -44.84 -34.77 43.70
N GLU H 147 -46.11 -34.89 44.08
CA GLU H 147 -46.84 -36.15 44.05
C GLU H 147 -48.02 -36.12 43.09
N ILE H 148 -48.84 -35.07 43.12
CA ILE H 148 -49.99 -34.94 42.24
C ILE H 148 -49.96 -33.55 41.61
N TYR H 149 -50.09 -33.50 40.29
CA TYR H 149 -50.11 -32.25 39.55
C TYR H 149 -51.54 -31.90 39.13
N LYS H 150 -51.85 -30.61 39.18
CA LYS H 150 -53.19 -30.16 38.81
C LYS H 150 -53.44 -30.34 37.32
N VAL H 151 -52.49 -29.91 36.49
CA VAL H 151 -52.56 -30.02 35.03
C VAL H 151 -53.81 -29.26 34.57
N SER H 152 -53.68 -27.94 34.43
CA SER H 152 -54.75 -27.13 33.88
C SER H 152 -54.65 -27.17 32.36
N PRO H 153 -55.69 -27.64 31.66
CA PRO H 153 -55.60 -27.77 30.19
C PRO H 153 -55.91 -26.50 29.42
N GLY H 154 -56.30 -25.42 30.09
CA GLY H 154 -56.65 -24.21 29.39
C GLY H 154 -57.88 -24.41 28.52
N ASP H 155 -58.00 -23.58 27.49
CA ASP H 155 -59.10 -23.66 26.52
C ASP H 155 -60.45 -23.66 27.22
N ASN H 156 -61.22 -24.74 27.03
CA ASN H 156 -62.54 -24.86 27.62
C ASN H 156 -62.65 -25.95 28.68
N MET H 157 -61.64 -26.83 28.78
CA MET H 157 -61.72 -27.94 29.72
C MET H 157 -61.38 -27.47 31.13
N GLN H 158 -61.59 -28.37 32.10
CA GLN H 158 -61.35 -28.12 33.51
C GLN H 158 -60.13 -28.89 33.99
N PRO H 159 -59.44 -28.40 35.02
CA PRO H 159 -58.26 -29.10 35.53
C PRO H 159 -58.59 -30.51 36.01
N TYR H 160 -57.65 -31.43 35.77
CA TYR H 160 -57.82 -32.82 36.17
C TYR H 160 -56.51 -33.31 36.76
N LEU H 161 -56.54 -33.71 38.03
CA LEU H 161 -55.34 -34.13 38.73
C LEU H 161 -54.80 -35.42 38.15
N ILE H 162 -53.47 -35.53 38.12
CA ILE H 162 -52.77 -36.69 37.55
C ILE H 162 -51.68 -37.11 38.51
N HIS H 163 -51.51 -38.43 38.68
CA HIS H 163 -50.42 -38.95 39.48
C HIS H 163 -49.08 -38.62 38.84
N HIS H 164 -48.05 -38.48 39.67
CA HIS H 164 -46.73 -38.08 39.17
C HIS H 164 -46.07 -39.15 38.32
N SER H 165 -46.59 -40.39 38.33
CA SER H 165 -46.01 -41.45 37.53
C SER H 165 -46.43 -41.38 36.07
N ARG H 166 -47.34 -40.48 35.72
CA ARG H 166 -47.81 -40.32 34.34
C ARG H 166 -47.45 -38.96 33.76
N VAL H 167 -46.59 -38.19 34.43
CA VAL H 167 -46.21 -36.85 33.99
C VAL H 167 -44.70 -36.77 33.97
N PHE H 168 -44.14 -36.31 32.86
CA PHE H 168 -42.72 -36.09 32.71
C PHE H 168 -42.45 -34.59 32.68
N ILE H 169 -41.54 -34.14 33.54
CA ILE H 169 -41.23 -32.72 33.70
C ILE H 169 -39.90 -32.44 33.01
N ALA H 170 -39.93 -31.59 31.98
CA ALA H 170 -38.73 -31.20 31.26
C ALA H 170 -38.28 -29.82 31.71
N ASP H 171 -37.01 -29.71 32.09
CA ASP H 171 -36.46 -28.48 32.63
C ASP H 171 -35.53 -27.83 31.60
N GLY H 172 -35.43 -26.52 31.69
CA GLY H 172 -34.63 -25.74 30.77
C GLY H 172 -33.21 -25.54 31.25
N GLU H 173 -32.66 -24.35 30.96
CA GLU H 173 -31.29 -24.05 31.34
C GLU H 173 -31.13 -24.01 32.86
N ARG H 174 -29.95 -24.40 33.32
CA ARG H 174 -29.67 -24.45 34.75
C ARG H 174 -29.59 -23.04 35.34
N VAL H 175 -30.14 -22.89 36.54
CA VAL H 175 -30.21 -21.59 37.21
C VAL H 175 -29.80 -21.81 38.67
N ALA H 176 -29.31 -20.75 39.29
CA ALA H 176 -28.97 -20.80 40.71
C ALA H 176 -30.22 -21.11 41.53
N GLN H 177 -30.01 -21.84 42.63
CA GLN H 177 -31.14 -22.32 43.43
C GLN H 177 -31.98 -21.17 43.99
N GLN H 178 -31.32 -20.07 44.38
CA GLN H 178 -32.05 -18.93 44.93
C GLN H 178 -33.01 -18.35 43.90
N ALA H 179 -32.57 -18.21 42.66
CA ALA H 179 -33.47 -17.75 41.60
C ALA H 179 -34.45 -18.82 41.18
N ARG H 180 -34.08 -20.10 41.33
CA ARG H 180 -34.99 -21.19 41.01
C ARG H 180 -36.20 -21.19 41.95
N LYS H 181 -35.97 -20.88 43.23
CA LYS H 181 -37.08 -20.79 44.18
C LYS H 181 -38.05 -19.69 43.78
N GLN H 182 -37.53 -18.53 43.36
CA GLN H 182 -38.40 -17.46 42.88
C GLN H 182 -39.06 -17.80 41.55
N ASN H 183 -38.53 -18.79 40.82
CA ASN H 183 -39.11 -19.24 39.57
C ASN H 183 -40.01 -20.46 39.75
N GLN H 184 -40.61 -20.61 40.93
CA GLN H 184 -41.48 -21.74 41.31
C GLN H 184 -40.95 -23.07 40.77
N GLY H 185 -39.67 -23.31 41.01
CA GLY H 185 -39.06 -24.59 40.66
C GLY H 185 -38.98 -24.87 39.17
N TRP H 186 -38.73 -23.85 38.36
CA TRP H 186 -38.56 -24.03 36.92
C TRP H 186 -37.24 -23.40 36.49
N GLY H 187 -36.67 -23.94 35.41
CA GLY H 187 -35.40 -23.47 34.92
C GLY H 187 -35.52 -22.11 34.24
N ALA H 188 -34.38 -21.67 33.71
CA ALA H 188 -34.30 -20.39 33.01
C ALA H 188 -34.53 -20.60 31.52
N SER H 189 -34.44 -19.53 30.74
CA SER H 189 -34.67 -19.57 29.31
C SER H 189 -33.35 -19.40 28.56
N VAL H 190 -33.33 -19.90 27.33
CA VAL H 190 -32.15 -19.76 26.49
C VAL H 190 -31.90 -18.29 26.16
N LEU H 191 -32.97 -17.53 25.93
CA LEU H 191 -32.87 -16.11 25.59
C LEU H 191 -32.77 -15.30 26.87
N ASN H 192 -31.56 -15.21 27.40
CA ASN H 192 -31.30 -14.40 28.58
C ASN H 192 -31.15 -12.93 28.16
N LYS H 193 -30.74 -12.08 29.10
CA LYS H 193 -30.68 -10.64 28.83
C LYS H 193 -29.61 -10.31 27.80
N SER H 194 -28.46 -10.98 27.87
CA SER H 194 -27.34 -10.64 27.00
C SER H 194 -27.68 -10.87 25.53
N LEU H 195 -28.34 -12.00 25.22
CA LEU H 195 -28.67 -12.31 23.84
C LEU H 195 -29.64 -11.27 23.26
N ILE H 196 -30.66 -10.91 24.03
CA ILE H 196 -31.63 -9.92 23.57
C ILE H 196 -30.95 -8.58 23.36
N ASP H 197 -30.08 -8.17 24.28
CA ASP H 197 -29.36 -6.91 24.12
C ASP H 197 -28.50 -6.93 22.87
N ALA H 198 -27.79 -8.04 22.61
CA ALA H 198 -26.95 -8.14 21.43
C ALA H 198 -27.76 -8.05 20.15
N ILE H 199 -28.90 -8.75 20.10
CA ILE H 199 -29.72 -8.73 18.88
C ILE H 199 -30.27 -7.33 18.63
N CYS H 200 -30.77 -6.67 19.68
CA CYS H 200 -31.27 -5.31 19.51
C CYS H 200 -30.16 -4.36 19.06
N ASP H 201 -28.97 -4.51 19.63
CA ASP H 201 -27.84 -3.67 19.23
C ASP H 201 -27.48 -3.88 17.77
N TYR H 202 -27.49 -5.13 17.31
CA TYR H 202 -27.18 -5.39 15.91
C TYR H 202 -28.21 -4.77 14.98
N ASP H 203 -29.50 -4.89 15.33
CA ASP H 203 -30.54 -4.27 14.51
C ASP H 203 -30.37 -2.75 14.46
N TYR H 204 -30.09 -2.13 15.61
CA TYR H 204 -29.89 -0.69 15.64
C TYR H 204 -28.70 -0.28 14.79
N CYS H 205 -27.60 -1.05 14.85
CA CYS H 205 -26.43 -0.74 14.06
C CYS H 205 -26.71 -0.87 12.56
N GLU H 206 -27.50 -1.87 12.17
CA GLU H 206 -27.86 -1.99 10.76
C GLU H 206 -28.69 -0.80 10.30
N SER H 207 -29.63 -0.35 11.13
CA SER H 207 -30.41 0.83 10.79
C SER H 207 -29.51 2.06 10.65
N LEU H 208 -28.55 2.21 11.56
CA LEU H 208 -27.62 3.34 11.47
C LEU H 208 -26.77 3.26 10.21
N ALA H 209 -26.38 2.04 9.81
CA ALA H 209 -25.61 1.88 8.58
C ALA H 209 -26.42 2.32 7.36
N THR H 210 -27.70 1.93 7.31
CA THR H 210 -28.54 2.37 6.21
C THR H 210 -28.67 3.89 6.20
N GLN H 211 -28.86 4.49 7.38
CA GLN H 211 -28.96 5.95 7.46
C GLN H 211 -27.67 6.63 7.01
N ILE H 212 -26.51 6.02 7.33
CA ILE H 212 -25.24 6.61 6.94
C ILE H 212 -25.06 6.55 5.43
N LEU H 213 -25.45 5.44 4.81
CA LEU H 213 -25.40 5.37 3.35
C LEU H 213 -26.33 6.40 2.73
N ARG H 214 -27.50 6.60 3.33
CA ARG H 214 -28.50 7.50 2.77
C ARG H 214 -27.97 8.92 2.59
N ARG H 215 -27.25 9.43 3.59
CA ARG H 215 -26.74 10.81 3.57
C ARG H 215 -25.25 10.78 3.26
N LYS H 216 -24.92 10.73 1.98
CA LYS H 216 -23.53 10.80 1.52
C LYS H 216 -23.19 12.14 0.87
N GLN H 217 -24.11 12.72 0.11
CA GLN H 217 -23.94 14.02 -0.50
C GLN H 217 -25.13 14.91 -0.15
N GLN H 218 -24.88 16.21 -0.03
CA GLN H 218 -25.93 17.18 0.24
C GLN H 218 -25.68 18.42 -0.59
N ALA H 219 -26.71 18.87 -1.31
CA ALA H 219 -26.63 20.07 -2.14
C ALA H 219 -27.37 21.20 -1.44
N VAL H 220 -26.65 22.29 -1.14
CA VAL H 220 -27.19 23.41 -0.40
C VAL H 220 -27.35 24.59 -1.36
N TRP H 221 -28.55 25.16 -1.39
CA TRP H 221 -28.89 26.25 -2.31
C TRP H 221 -29.14 27.51 -1.50
N LYS H 222 -28.40 28.58 -1.83
CA LYS H 222 -28.48 29.83 -1.10
C LYS H 222 -29.03 30.94 -2.01
N VAL H 223 -29.97 31.71 -1.47
CA VAL H 223 -30.57 32.84 -2.18
C VAL H 223 -30.47 34.06 -1.27
N LYS H 224 -30.46 35.25 -1.89
CA LYS H 224 -30.30 36.48 -1.11
C LYS H 224 -31.58 36.81 -0.34
N GLY H 225 -32.66 37.08 -1.05
CA GLY H 225 -33.93 37.40 -0.42
C GLY H 225 -34.88 36.24 -0.26
N LEU H 226 -34.50 35.24 0.55
CA LEU H 226 -35.30 34.03 0.67
C LEU H 226 -36.19 34.01 1.91
N ALA H 227 -35.93 34.85 2.91
CA ALA H 227 -36.73 34.85 4.13
C ALA H 227 -37.88 35.84 4.08
N GLU H 228 -38.03 36.58 2.99
CA GLU H 228 -39.13 37.54 2.85
C GLU H 228 -40.31 36.88 2.14
N MET H 229 -40.82 35.81 2.75
CA MET H 229 -41.89 35.02 2.17
C MET H 229 -42.99 34.82 3.21
N CYS H 230 -44.22 34.64 2.71
CA CYS H 230 -45.39 34.49 3.58
C CYS H 230 -45.52 33.06 4.15
N ASP H 231 -44.67 32.14 3.69
CA ASP H 231 -44.55 30.79 4.21
C ASP H 231 -45.72 29.89 3.83
N ASP H 232 -46.75 30.46 3.18
CA ASP H 232 -47.88 29.66 2.73
C ASP H 232 -48.47 30.13 1.41
N ASP H 233 -47.90 31.13 0.75
CA ASP H 233 -48.49 31.70 -0.44
C ASP H 233 -47.96 31.00 -1.69
N ASP H 234 -48.24 31.56 -2.87
CA ASP H 234 -47.88 30.92 -4.12
C ASP H 234 -46.38 30.96 -4.36
N ALA H 235 -45.69 31.96 -3.78
CA ALA H 235 -44.26 32.11 -4.02
C ALA H 235 -43.47 30.90 -3.52
N GLN H 236 -43.77 30.44 -2.31
CA GLN H 236 -43.09 29.27 -1.77
C GLN H 236 -43.40 28.03 -2.59
N TYR H 237 -44.65 27.88 -3.01
CA TYR H 237 -45.03 26.74 -3.84
C TYR H 237 -44.23 26.71 -5.13
N ALA H 238 -44.13 27.86 -5.80
CA ALA H 238 -43.38 27.94 -7.05
C ALA H 238 -41.91 27.67 -6.83
N ALA H 239 -41.33 28.23 -5.75
CA ALA H 239 -39.91 28.01 -5.48
C ALA H 239 -39.61 26.55 -5.21
N ARG H 240 -40.46 25.89 -4.42
CA ARG H 240 -40.23 24.48 -4.11
C ARG H 240 -40.44 23.60 -5.35
N LEU H 241 -41.42 23.92 -6.19
CA LEU H 241 -41.58 23.19 -7.44
C LEU H 241 -40.36 23.34 -8.33
N ARG H 242 -39.83 24.57 -8.43
CA ARG H 242 -38.64 24.81 -9.23
C ARG H 242 -37.45 24.02 -8.71
N LEU H 243 -37.26 24.02 -7.38
CA LEU H 243 -36.15 23.28 -6.79
C LEU H 243 -36.30 21.78 -7.04
N ALA H 244 -37.52 21.25 -6.90
CA ALA H 244 -37.75 19.84 -7.16
C ALA H 244 -37.42 19.48 -8.59
N GLN H 245 -37.91 20.28 -9.56
CA GLN H 245 -37.64 19.99 -10.96
C GLN H 245 -36.15 20.07 -11.26
N VAL H 246 -35.47 21.08 -10.72
CA VAL H 246 -34.04 21.27 -11.01
C VAL H 246 -33.22 20.12 -10.45
N ASP H 247 -33.51 19.69 -9.21
CA ASP H 247 -32.76 18.56 -8.67
C ASP H 247 -33.17 17.24 -9.33
N ASP H 248 -34.35 17.18 -9.95
CA ASP H 248 -34.74 15.98 -10.67
C ASP H 248 -34.02 15.87 -12.01
N ASN H 249 -33.82 17.00 -12.70
CA ASN H 249 -33.26 16.96 -14.05
C ASN H 249 -31.75 17.16 -14.08
N SER H 250 -31.10 17.36 -12.95
CA SER H 250 -29.66 17.57 -12.93
C SER H 250 -28.92 16.24 -12.97
N GLY H 251 -27.60 16.31 -12.92
CA GLY H 251 -26.76 15.14 -12.91
C GLY H 251 -25.48 15.39 -13.69
N VAL H 252 -24.86 14.31 -14.14
CA VAL H 252 -23.67 14.39 -14.98
C VAL H 252 -24.12 14.57 -16.43
N GLY H 253 -23.54 15.56 -17.11
CA GLY H 253 -23.98 15.94 -18.43
C GLY H 253 -25.06 16.99 -18.45
N ARG H 254 -25.55 17.43 -17.29
CA ARG H 254 -26.52 18.50 -17.19
C ARG H 254 -26.00 19.57 -16.23
N ALA H 255 -26.25 20.82 -16.59
CA ALA H 255 -25.73 21.96 -15.84
C ALA H 255 -26.87 22.79 -15.29
N ILE H 256 -26.54 23.63 -14.30
CA ILE H 256 -27.48 24.57 -13.72
C ILE H 256 -27.01 25.98 -14.02
N GLY H 257 -27.95 26.85 -14.37
CA GLY H 257 -27.64 28.26 -14.53
C GLY H 257 -27.87 29.01 -13.23
N ILE H 258 -26.83 29.64 -12.70
CA ILE H 258 -26.88 30.35 -11.43
C ILE H 258 -26.66 31.82 -11.68
N ASP H 259 -27.46 32.66 -11.03
CA ASP H 259 -27.25 34.09 -11.09
C ASP H 259 -26.17 34.49 -10.09
N ALA H 260 -25.12 35.14 -10.57
CA ALA H 260 -24.03 35.55 -9.71
C ALA H 260 -24.48 36.68 -8.78
N GLU H 261 -23.67 36.94 -7.77
CA GLU H 261 -23.79 38.06 -6.84
C GLU H 261 -25.09 38.04 -6.04
N THR H 262 -25.93 37.01 -6.24
CA THR H 262 -27.15 36.88 -5.45
C THR H 262 -27.50 35.44 -5.10
N GLU H 263 -26.68 34.46 -5.48
CA GLU H 263 -27.07 33.06 -5.32
C GLU H 263 -25.86 32.17 -5.53
N GLU H 264 -25.76 31.11 -4.72
CA GLU H 264 -24.66 30.18 -4.79
C GLU H 264 -25.20 28.76 -4.75
N TYR H 265 -24.30 27.80 -5.00
CA TYR H 265 -24.66 26.38 -5.02
C TYR H 265 -23.45 25.58 -4.56
N ASP H 266 -23.61 24.81 -3.48
CA ASP H 266 -22.52 24.03 -2.91
C ASP H 266 -22.96 22.59 -2.72
N VAL H 267 -21.98 21.69 -2.68
CA VAL H 267 -22.21 20.27 -2.44
C VAL H 267 -21.28 19.82 -1.31
N LEU H 268 -21.84 19.15 -0.31
CA LEU H 268 -21.09 18.63 0.82
C LEU H 268 -21.07 17.11 0.76
N ASN H 269 -19.88 16.52 0.93
CA ASN H 269 -19.69 15.09 0.81
C ASN H 269 -19.39 14.47 2.18
N SER H 270 -19.30 13.15 2.18
CA SER H 270 -19.00 12.37 3.38
C SER H 270 -18.28 11.11 2.93
N ASP H 271 -18.21 10.11 3.82
CA ASP H 271 -17.54 8.86 3.46
C ASP H 271 -18.21 7.70 4.18
N ILE H 272 -17.97 6.49 3.64
CA ILE H 272 -18.39 5.24 4.26
C ILE H 272 -17.18 4.31 4.21
N SER H 273 -16.42 4.26 5.30
CA SER H 273 -15.12 3.59 5.31
C SER H 273 -15.20 2.16 5.85
N GLY H 274 -15.59 2.00 7.11
CA GLY H 274 -15.52 0.70 7.74
C GLY H 274 -16.81 0.19 8.32
N VAL H 275 -17.93 0.51 7.67
CA VAL H 275 -19.23 0.01 8.14
C VAL H 275 -19.34 -1.52 8.07
N PRO H 276 -19.01 -2.18 6.95
CA PRO H 276 -19.19 -3.64 6.91
C PRO H 276 -18.41 -4.39 7.97
N GLU H 277 -17.19 -3.94 8.27
CA GLU H 277 -16.42 -4.59 9.32
C GLU H 277 -17.07 -4.40 10.69
N PHE H 278 -17.65 -3.23 10.93
CA PHE H 278 -18.37 -2.99 12.18
C PHE H 278 -19.55 -3.94 12.31
N LEU H 279 -20.33 -4.07 11.24
CA LEU H 279 -21.49 -4.96 11.28
C LEU H 279 -21.05 -6.41 11.46
N SER H 280 -19.97 -6.81 10.80
CA SER H 280 -19.46 -8.17 10.96
C SER H 280 -18.99 -8.42 12.39
N SER H 281 -18.37 -7.43 13.01
CA SER H 281 -17.94 -7.58 14.40
C SER H 281 -19.14 -7.74 15.33
N LYS H 282 -20.21 -6.96 15.10
CA LYS H 282 -21.39 -7.12 15.94
C LYS H 282 -22.03 -8.49 15.76
N MET H 283 -22.09 -8.97 14.51
CA MET H 283 -22.61 -10.32 14.28
C MET H 283 -21.71 -11.37 14.92
N ASP H 284 -20.40 -11.14 14.95
CA ASP H 284 -19.49 -12.05 15.63
C ASP H 284 -19.76 -12.08 17.13
N ARG H 285 -20.06 -10.93 17.72
CA ARG H 285 -20.44 -10.92 19.14
C ARG H 285 -21.72 -11.72 19.36
N ILE H 286 -22.69 -11.57 18.47
CA ILE H 286 -23.93 -12.33 18.61
C ILE H 286 -23.64 -13.83 18.53
N VAL H 287 -22.79 -14.24 17.59
CA VAL H 287 -22.42 -15.65 17.45
C VAL H 287 -21.73 -16.14 18.72
N SER H 288 -20.81 -15.35 19.26
CA SER H 288 -20.08 -15.76 20.46
C SER H 288 -21.02 -15.93 21.64
N LEU H 289 -21.97 -15.00 21.82
CA LEU H 289 -22.87 -15.09 22.96
C LEU H 289 -23.92 -16.19 22.80
N SER H 290 -24.33 -16.49 21.57
CA SER H 290 -25.41 -17.45 21.36
C SER H 290 -25.05 -18.84 21.83
N GLY H 291 -23.81 -19.27 21.60
CA GLY H 291 -23.41 -20.62 21.94
C GLY H 291 -23.53 -21.61 20.81
N ILE H 292 -23.66 -21.15 19.56
CA ILE H 292 -23.81 -22.00 18.39
C ILE H 292 -22.77 -21.58 17.37
N HIS H 293 -22.33 -22.55 16.55
CA HIS H 293 -21.28 -22.29 15.57
C HIS H 293 -21.72 -21.23 14.57
N GLU H 294 -20.74 -20.51 14.03
CA GLU H 294 -21.04 -19.41 13.13
C GLU H 294 -21.58 -19.88 11.79
N ILE H 295 -21.25 -21.10 11.37
CA ILE H 295 -21.76 -21.62 10.12
C ILE H 295 -23.27 -21.80 10.19
N ILE H 296 -23.78 -22.21 11.35
CA ILE H 296 -25.22 -22.39 11.51
C ILE H 296 -25.95 -21.06 11.52
N ILE H 297 -25.42 -20.09 12.28
CA ILE H 297 -26.13 -18.83 12.46
C ILE H 297 -25.98 -17.95 11.23
N LYS H 298 -24.75 -17.65 10.83
CA LYS H 298 -24.51 -16.84 9.64
C LYS H 298 -24.97 -17.54 8.37
N ASN H 299 -25.10 -18.88 8.40
CA ASN H 299 -25.57 -19.68 7.28
C ASN H 299 -24.82 -19.34 6.00
N LYS H 300 -23.51 -19.10 6.12
CA LYS H 300 -22.68 -18.73 4.99
C LYS H 300 -21.32 -19.38 5.17
N ASN H 301 -20.97 -20.29 4.26
CA ASN H 301 -19.66 -20.91 4.26
C ASN H 301 -18.66 -19.94 3.65
N VAL H 302 -17.49 -20.41 3.26
CA VAL H 302 -16.47 -19.62 2.57
C VAL H 302 -15.76 -18.71 3.59
N GLY H 303 -16.35 -18.55 4.77
CA GLY H 303 -15.69 -17.80 5.81
C GLY H 303 -14.30 -18.33 6.11
N GLY H 304 -14.14 -19.65 6.11
CA GLY H 304 -12.84 -20.26 6.16
C GLY H 304 -12.45 -20.90 4.84
N VAL H 305 -11.21 -21.38 4.74
CA VAL H 305 -10.80 -22.05 3.52
C VAL H 305 -11.55 -23.37 3.37
N SER H 306 -11.62 -23.85 2.13
CA SER H 306 -12.36 -25.07 1.84
C SER H 306 -11.74 -26.27 2.56
N ALA H 307 -12.44 -26.78 3.56
CA ALA H 307 -12.00 -27.94 4.32
C ALA H 307 -12.64 -29.20 3.74
N SER H 308 -12.47 -30.32 4.43
CA SER H 308 -13.07 -31.57 3.99
C SER H 308 -14.59 -31.46 4.01
N GLN H 309 -15.17 -31.30 5.21
CA GLN H 309 -16.62 -31.18 5.38
C GLN H 309 -16.97 -31.05 6.86
N ASN H 310 -17.00 -32.18 7.56
CA ASN H 310 -17.42 -32.19 8.95
C ASN H 310 -16.40 -31.55 9.87
N THR H 311 -15.20 -31.24 9.37
CA THR H 311 -14.14 -30.70 10.21
C THR H 311 -14.55 -29.40 10.89
N ALA H 312 -15.22 -28.52 10.15
CA ALA H 312 -15.68 -27.27 10.74
C ALA H 312 -16.93 -27.47 11.60
N LEU H 313 -17.67 -28.55 11.40
CA LEU H 313 -18.90 -28.81 12.11
C LEU H 313 -18.74 -29.76 13.29
N GLU H 314 -17.50 -30.16 13.61
CA GLU H 314 -17.30 -31.08 14.72
C GLU H 314 -17.73 -30.47 16.05
N THR H 315 -17.49 -29.17 16.25
CA THR H 315 -17.92 -28.52 17.48
C THR H 315 -19.43 -28.56 17.63
N PHE H 316 -20.15 -28.24 16.56
CA PHE H 316 -21.61 -28.29 16.59
C PHE H 316 -22.09 -29.72 16.84
N TYR H 317 -21.44 -30.70 16.22
CA TYR H 317 -21.83 -32.10 16.42
C TYR H 317 -21.60 -32.53 17.86
N LYS H 318 -20.49 -32.10 18.47
CA LYS H 318 -20.23 -32.41 19.87
C LYS H 318 -21.28 -31.79 20.77
N LEU H 319 -21.63 -30.53 20.51
CA LEU H 319 -22.67 -29.87 21.30
C LEU H 319 -24.00 -30.60 21.16
N VAL H 320 -24.34 -31.01 19.94
CA VAL H 320 -25.59 -31.73 19.71
C VAL H 320 -25.58 -33.06 20.46
N ASP H 321 -24.47 -33.79 20.41
CA ASP H 321 -24.39 -35.08 21.10
C ASP H 321 -24.54 -34.91 22.60
N ARG H 322 -23.88 -33.90 23.17
CA ARG H 322 -24.05 -33.64 24.60
C ARG H 322 -25.50 -33.30 24.93
N LYS H 323 -26.15 -32.51 24.07
CA LYS H 323 -27.54 -32.16 24.31
C LYS H 323 -28.45 -33.39 24.25
N ARG H 324 -28.20 -34.30 23.31
CA ARG H 324 -28.97 -35.56 23.30
C ARG H 324 -28.77 -36.30 24.61
N GLU H 325 -27.51 -36.55 24.99
CA GLU H 325 -27.23 -37.31 26.20
C GLU H 325 -27.81 -36.66 27.44
N GLU H 326 -28.01 -35.34 27.42
CA GLU H 326 -28.55 -34.68 28.60
C GLU H 326 -30.07 -34.68 28.61
N ASP H 327 -30.72 -34.34 27.50
CA ASP H 327 -32.17 -34.13 27.48
C ASP H 327 -32.97 -35.23 26.82
N TYR H 328 -32.50 -35.80 25.71
CA TYR H 328 -33.34 -36.68 24.92
C TYR H 328 -33.48 -38.05 25.58
N ARG H 329 -32.41 -38.54 26.21
CA ARG H 329 -32.43 -39.88 26.78
C ARG H 329 -33.50 -40.05 27.87
N PRO H 330 -33.66 -39.14 28.84
CA PRO H 330 -34.72 -39.37 29.84
C PRO H 330 -36.11 -39.48 29.25
N LEU H 331 -36.42 -38.72 28.19
CA LEU H 331 -37.73 -38.82 27.57
C LEU H 331 -37.97 -40.20 26.99
N LEU H 332 -36.98 -40.74 26.30
CA LEU H 332 -37.10 -42.09 25.74
C LEU H 332 -37.19 -43.13 26.85
N GLU H 333 -36.39 -42.99 27.91
CA GLU H 333 -36.45 -43.94 29.00
C GLU H 333 -37.76 -43.85 29.78
N PHE H 334 -38.47 -42.73 29.68
CA PHE H 334 -39.80 -42.63 30.27
C PHE H 334 -40.86 -43.24 29.37
N LEU H 335 -40.75 -43.01 28.05
CA LEU H 335 -41.77 -43.48 27.13
C LEU H 335 -41.68 -44.99 26.85
N LEU H 336 -40.47 -45.54 26.80
CA LEU H 336 -40.30 -46.93 26.35
C LEU H 336 -41.00 -47.97 27.22
N PRO H 337 -40.96 -47.92 28.56
CA PRO H 337 -41.58 -48.99 29.34
C PRO H 337 -43.06 -49.20 29.05
N PHE H 338 -43.75 -48.18 28.55
CA PHE H 338 -45.15 -48.32 28.19
C PHE H 338 -45.34 -48.81 26.76
N ILE H 339 -44.27 -49.10 26.04
CA ILE H 339 -44.36 -49.59 24.67
C ILE H 339 -43.68 -50.95 24.56
N VAL H 340 -42.39 -51.00 24.91
CA VAL H 340 -41.62 -52.22 24.75
C VAL H 340 -42.06 -53.25 25.79
N ASP H 341 -42.37 -54.46 25.32
CA ASP H 341 -42.83 -55.51 26.22
C ASP H 341 -41.68 -56.10 27.04
N GLU H 342 -40.52 -56.31 26.41
CA GLU H 342 -39.39 -56.92 27.10
C GLU H 342 -38.89 -56.02 28.22
N GLU H 343 -38.49 -56.63 29.34
CA GLU H 343 -38.04 -55.86 30.49
C GLU H 343 -36.61 -55.37 30.35
N GLU H 344 -35.80 -56.04 29.53
CA GLU H 344 -34.40 -55.68 29.36
C GLU H 344 -34.19 -55.01 28.00
N TRP H 345 -33.62 -53.81 28.01
CA TRP H 345 -33.35 -53.06 26.79
C TRP H 345 -32.40 -51.93 27.12
N SER H 346 -31.83 -51.33 26.07
CA SER H 346 -30.93 -50.20 26.22
C SER H 346 -30.99 -49.36 24.94
N ILE H 347 -30.68 -48.07 25.08
CA ILE H 347 -30.81 -47.11 23.99
C ILE H 347 -29.43 -46.68 23.55
N GLU H 348 -29.16 -46.83 22.25
CA GLU H 348 -27.89 -46.41 21.65
C GLU H 348 -28.19 -45.38 20.57
N PHE H 349 -27.55 -44.22 20.67
CA PHE H 349 -27.84 -43.10 19.78
C PHE H 349 -27.03 -43.22 18.49
N GLU H 350 -27.70 -43.01 17.36
CA GLU H 350 -27.03 -43.06 16.08
C GLU H 350 -26.11 -41.85 15.91
N PRO H 351 -24.96 -42.04 15.24
CA PRO H 351 -24.05 -40.91 15.03
C PRO H 351 -24.65 -39.85 14.11
N LEU H 352 -24.25 -38.60 14.36
CA LEU H 352 -24.72 -37.49 13.54
C LEU H 352 -24.02 -37.44 12.20
N SER H 353 -22.75 -37.81 12.16
CA SER H 353 -21.94 -37.73 10.95
C SER H 353 -21.82 -39.11 10.32
N VAL H 354 -22.18 -39.20 9.03
CA VAL H 354 -22.12 -40.47 8.30
C VAL H 354 -21.14 -40.32 7.15
N PRO H 355 -20.37 -41.36 6.84
CA PRO H 355 -19.40 -41.27 5.74
C PRO H 355 -20.09 -41.41 4.39
N SER H 356 -19.32 -41.11 3.34
CA SER H 356 -19.82 -41.26 1.98
C SER H 356 -19.90 -42.74 1.60
N LYS H 357 -20.53 -43.01 0.46
CA LYS H 357 -20.77 -44.38 0.04
C LYS H 357 -19.46 -45.12 -0.22
N LYS H 358 -18.49 -44.44 -0.84
CA LYS H 358 -17.20 -45.07 -1.12
C LYS H 358 -16.48 -45.46 0.18
N GLU H 359 -16.50 -44.56 1.16
CA GLU H 359 -15.90 -44.88 2.45
C GLU H 359 -16.65 -46.03 3.13
N GLU H 360 -17.97 -46.08 2.97
CA GLU H 360 -18.74 -47.18 3.52
C GLU H 360 -18.34 -48.50 2.90
N SER H 361 -18.14 -48.52 1.57
CA SER H 361 -17.69 -49.74 0.91
C SER H 361 -16.32 -50.17 1.39
N GLU H 362 -15.40 -49.21 1.54
CA GLU H 362 -14.07 -49.55 2.05
C GLU H 362 -14.14 -50.09 3.47
N ILE H 363 -14.99 -49.50 4.31
CA ILE H 363 -15.15 -49.98 5.69
C ILE H 363 -15.68 -51.40 5.70
N THR H 364 -16.70 -51.68 4.88
CA THR H 364 -17.24 -53.04 4.81
C THR H 364 -16.19 -54.03 4.32
N LYS H 365 -15.40 -53.64 3.33
CA LYS H 365 -14.34 -54.51 2.83
C LYS H 365 -13.32 -54.82 3.92
N ASN H 366 -12.89 -53.80 4.67
CA ASN H 366 -11.93 -54.01 5.73
C ASN H 366 -12.49 -54.92 6.81
N ASN H 367 -13.75 -54.69 7.21
CA ASN H 367 -14.36 -55.52 8.25
C ASN H 367 -14.50 -56.98 7.80
N VAL H 368 -14.91 -57.19 6.54
CA VAL H 368 -15.06 -58.54 6.03
C VAL H 368 -13.69 -59.23 5.97
N GLU H 369 -12.66 -58.51 5.55
CA GLU H 369 -11.32 -59.08 5.52
C GLU H 369 -10.86 -59.48 6.91
N SER H 370 -11.12 -58.62 7.91
CA SER H 370 -10.71 -58.93 9.27
C SER H 370 -11.44 -60.16 9.80
N VAL H 371 -12.75 -60.25 9.54
CA VAL H 371 -13.52 -61.41 10.00
C VAL H 371 -13.02 -62.68 9.31
N THR H 372 -12.75 -62.62 8.01
CA THR H 372 -12.27 -63.78 7.29
C THR H 372 -10.91 -64.23 7.82
N LYS H 373 -10.01 -63.29 8.09
CA LYS H 373 -8.73 -63.64 8.68
C LYS H 373 -8.90 -64.25 10.07
N ALA H 374 -9.91 -63.79 10.81
CA ALA H 374 -10.18 -64.39 12.12
C ALA H 374 -10.69 -65.81 11.99
N ILE H 375 -11.47 -66.09 10.94
CA ILE H 375 -11.98 -67.45 10.73
C ILE H 375 -10.83 -68.44 10.58
N THR H 376 -9.84 -68.09 9.77
CA THR H 376 -8.67 -68.94 9.61
C THR H 376 -7.93 -69.06 10.95
N GLU H 377 -7.14 -70.13 11.07
CA GLU H 377 -6.44 -70.54 12.28
C GLU H 377 -7.38 -70.99 13.39
N GLN H 378 -8.69 -70.95 13.18
CA GLN H 378 -9.70 -71.53 14.07
C GLN H 378 -9.58 -70.93 15.48
N ILE H 379 -9.84 -69.62 15.55
CA ILE H 379 -9.78 -68.92 16.82
C ILE H 379 -11.08 -68.16 17.09
N ILE H 380 -11.98 -68.11 16.12
CA ILE H 380 -13.17 -67.27 16.23
C ILE H 380 -14.48 -68.04 16.11
N ASP H 381 -14.46 -69.30 15.64
CA ASP H 381 -15.67 -70.11 15.47
C ASP H 381 -16.57 -69.55 14.38
N LEU H 382 -17.42 -70.42 13.82
CA LEU H 382 -18.32 -69.97 12.76
C LEU H 382 -19.44 -69.10 13.31
N GLU H 383 -20.03 -69.49 14.44
CA GLU H 383 -21.20 -68.79 14.97
C GLU H 383 -20.85 -67.36 15.41
N GLU H 384 -19.73 -67.22 16.13
CA GLU H 384 -19.31 -65.89 16.57
C GLU H 384 -18.98 -65.00 15.39
N ALA H 385 -18.33 -65.56 14.37
CA ALA H 385 -18.03 -64.78 13.17
C ALA H 385 -19.29 -64.35 12.45
N ARG H 386 -20.29 -65.24 12.38
CA ARG H 386 -21.56 -64.89 11.74
C ARG H 386 -22.27 -63.78 12.51
N ASP H 387 -22.26 -63.86 13.84
CA ASP H 387 -22.87 -62.78 14.63
C ASP H 387 -22.12 -61.47 14.44
N THR H 388 -20.79 -61.53 14.40
CA THR H 388 -19.99 -60.32 14.18
C THR H 388 -20.29 -59.72 12.81
N LEU H 389 -20.43 -60.56 11.79
CA LEU H 389 -20.77 -60.05 10.46
C LEU H 389 -22.17 -59.45 10.45
N ARG H 390 -23.11 -60.06 11.17
CA ARG H 390 -24.46 -59.53 11.23
C ARG H 390 -24.48 -58.15 11.88
N SER H 391 -23.71 -57.97 12.95
CA SER H 391 -23.75 -56.71 13.68
C SER H 391 -22.91 -55.63 13.02
N ILE H 392 -21.66 -55.94 12.70
CA ILE H 392 -20.72 -54.94 12.19
C ILE H 392 -21.18 -54.39 10.84
N ALA H 393 -21.64 -55.26 9.95
CA ALA H 393 -22.02 -54.87 8.60
C ALA H 393 -23.50 -55.11 8.39
N PRO H 394 -24.36 -54.10 8.61
CA PRO H 394 -25.80 -54.28 8.32
C PRO H 394 -26.10 -54.54 6.86
N GLU H 395 -25.18 -54.21 5.94
CA GLU H 395 -25.47 -54.35 4.52
C GLU H 395 -25.75 -55.79 4.13
N PHE H 396 -24.98 -56.72 4.68
CA PHE H 396 -25.22 -58.14 4.42
C PHE H 396 -26.59 -58.55 4.97
N LYS H 397 -27.37 -59.27 4.16
CA LYS H 397 -28.68 -59.75 4.56
C LYS H 397 -28.55 -61.21 4.98
N LEU H 398 -28.01 -61.41 6.18
CA LEU H 398 -27.84 -62.75 6.71
C LEU H 398 -29.19 -63.37 7.05
N LYS H 399 -29.28 -64.69 6.89
CA LYS H 399 -30.48 -65.42 7.25
C LYS H 399 -30.41 -65.88 8.70
N ASP H 400 -31.57 -65.84 9.37
CA ASP H 400 -31.63 -66.20 10.77
C ASP H 400 -31.16 -67.63 11.00
N GLY H 401 -30.39 -67.83 12.05
CA GLY H 401 -29.84 -69.14 12.37
C GLY H 401 -28.42 -69.29 11.86
N ASN H 402 -27.63 -70.10 12.58
CA ASN H 402 -26.24 -70.36 12.24
C ASN H 402 -26.03 -71.78 11.72
N ASN H 403 -27.09 -72.39 11.18
CA ASN H 403 -27.02 -73.77 10.70
C ASN H 403 -26.57 -73.88 9.25
N ILE H 404 -26.48 -72.75 8.53
CA ILE H 404 -26.16 -72.66 7.11
C ILE H 404 -26.68 -73.86 6.33
N ASN H 405 -25.87 -74.39 5.42
CA ASN H 405 -26.24 -75.59 4.67
C ASN H 405 -25.00 -76.39 4.28
N ASN I 2 -3.94 56.97 -49.30
CA ASN I 2 -4.87 57.64 -50.18
C ASN I 2 -4.98 59.13 -49.85
N GLN I 3 -5.90 59.83 -50.52
CA GLN I 3 -6.13 61.23 -50.26
C GLN I 3 -7.53 61.54 -49.75
N GLU I 4 -8.57 61.07 -50.45
CA GLU I 4 -9.93 61.36 -50.02
C GLU I 4 -10.21 60.85 -48.63
N THR I 5 -9.52 59.78 -48.21
CA THR I 5 -9.66 59.28 -46.85
C THR I 5 -9.23 60.33 -45.84
N LEU I 6 -8.19 61.10 -46.15
CA LEU I 6 -7.73 62.14 -45.23
C LEU I 6 -8.80 63.21 -45.01
N ILE I 7 -9.40 63.70 -46.10
CA ILE I 7 -10.45 64.71 -45.97
C ILE I 7 -11.65 64.13 -45.23
N ALA I 8 -12.02 62.89 -45.54
CA ALA I 8 -13.16 62.27 -44.86
C ALA I 8 -12.90 62.16 -43.35
N VAL I 9 -11.70 61.72 -42.97
CA VAL I 9 -11.38 61.57 -41.55
C VAL I 9 -11.37 62.91 -40.84
N VAL I 10 -10.74 63.92 -41.46
CA VAL I 10 -10.69 65.24 -40.84
C VAL I 10 -12.09 65.81 -40.70
N GLU I 11 -12.93 65.65 -41.73
CA GLU I 11 -14.29 66.16 -41.66
C GLU I 11 -15.09 65.46 -40.57
N GLN I 12 -14.90 64.15 -40.42
CA GLN I 12 -15.57 63.43 -39.34
C GLN I 12 -15.10 63.91 -37.97
N MET I 13 -13.79 64.14 -37.81
CA MET I 13 -13.28 64.64 -36.55
C MET I 13 -13.87 66.01 -36.22
N ARG I 14 -13.97 66.89 -37.22
CA ARG I 14 -14.55 68.19 -36.99
C ARG I 14 -16.05 68.10 -36.71
N LYS I 15 -16.74 67.13 -37.32
CA LYS I 15 -18.16 66.93 -37.01
C LYS I 15 -18.34 66.48 -35.57
N LEU I 16 -17.53 65.51 -35.12
CA LEU I 16 -17.68 64.98 -33.77
C LEU I 16 -17.38 66.04 -32.72
N VAL I 17 -16.24 66.71 -32.85
CA VAL I 17 -15.80 67.72 -31.89
C VAL I 17 -15.74 69.07 -32.61
N PRO I 18 -16.55 70.04 -32.18
CA PRO I 18 -16.40 71.40 -32.71
C PRO I 18 -15.18 72.09 -32.10
N ALA I 19 -14.91 73.31 -32.54
CA ALA I 19 -13.79 74.15 -32.12
C ALA I 19 -12.44 73.60 -32.56
N LEU I 20 -12.41 72.43 -33.19
CA LEU I 20 -11.23 71.94 -33.88
C LEU I 20 -11.15 72.46 -35.30
N ARG I 21 -12.18 73.17 -35.75
CA ARG I 21 -12.19 73.72 -37.10
C ARG I 21 -11.14 74.81 -37.26
N LYS I 22 -10.87 75.56 -36.18
CA LYS I 22 -9.91 76.65 -36.22
C LYS I 22 -8.47 76.16 -36.35
N VAL I 23 -8.21 74.89 -36.07
CA VAL I 23 -6.85 74.35 -36.17
C VAL I 23 -6.45 74.27 -37.64
N PRO I 24 -5.23 74.65 -38.01
CA PRO I 24 -4.81 74.53 -39.41
C PRO I 24 -4.89 73.10 -39.91
N ASP I 25 -5.23 72.97 -41.20
CA ASP I 25 -5.50 71.66 -41.78
C ASP I 25 -4.28 70.75 -41.82
N GLU I 26 -3.07 71.32 -41.87
CA GLU I 26 -1.88 70.50 -42.04
C GLU I 26 -1.57 69.70 -40.76
N THR I 27 -1.78 70.31 -39.59
CA THR I 27 -1.55 69.60 -38.34
C THR I 27 -2.50 68.40 -38.21
N LEU I 28 -3.76 68.59 -38.57
CA LEU I 28 -4.71 67.48 -38.55
C LEU I 28 -4.30 66.39 -39.53
N TYR I 29 -3.81 66.76 -40.70
CA TYR I 29 -3.32 65.75 -41.65
C TYR I 29 -2.16 64.97 -41.05
N ALA I 30 -1.21 65.66 -40.41
CA ALA I 30 -0.07 64.97 -39.82
C ALA I 30 -0.51 64.01 -38.73
N TRP I 31 -1.43 64.46 -37.86
CA TRP I 31 -1.92 63.57 -36.81
C TRP I 31 -2.67 62.38 -37.38
N VAL I 32 -3.40 62.59 -38.48
CA VAL I 32 -4.13 61.48 -39.10
C VAL I 32 -3.16 60.46 -39.69
N GLU I 33 -2.12 60.91 -40.38
CA GLU I 33 -1.13 59.97 -40.89
C GLU I 33 -0.41 59.24 -39.77
N MET I 34 -0.18 59.92 -38.64
CA MET I 34 0.40 59.24 -37.48
C MET I 34 -0.56 58.18 -36.94
N ALA I 35 -1.86 58.49 -36.90
CA ALA I 35 -2.83 57.55 -36.35
C ALA I 35 -3.03 56.36 -37.29
N GLU I 36 -2.85 56.56 -38.59
CA GLU I 36 -3.09 55.48 -39.55
C GLU I 36 -2.13 54.32 -39.36
N LEU I 37 -0.97 54.55 -38.74
CA LEU I 37 -0.03 53.47 -38.49
C LEU I 37 -0.61 52.40 -37.57
N PHE I 38 -1.41 52.80 -36.58
CA PHE I 38 -1.92 51.88 -35.58
C PHE I 38 -3.18 51.15 -36.03
N VAL I 39 -4.12 51.87 -36.63
CA VAL I 39 -5.40 51.26 -37.02
C VAL I 39 -5.29 50.34 -38.22
N CYS I 40 -6.10 49.28 -38.26
CA CYS I 40 -6.10 48.36 -39.39
C CYS I 40 -7.46 48.37 -40.08
N GLN I 41 -7.47 48.63 -41.38
CA GLN I 41 -8.74 48.71 -42.10
C GLN I 41 -9.49 47.39 -42.17
N LYS I 42 -8.80 46.33 -42.58
CA LYS I 42 -9.45 45.02 -42.74
C LYS I 42 -10.52 44.77 -41.69
N THR I 43 -10.10 44.45 -40.48
CA THR I 43 -11.04 44.15 -39.40
C THR I 43 -12.19 45.14 -39.37
N PHE I 44 -11.88 46.45 -39.44
CA PHE I 44 -12.93 47.46 -39.30
C PHE I 44 -13.80 47.54 -40.55
N LYS I 45 -13.21 47.31 -41.73
CA LYS I 45 -13.96 47.26 -42.98
C LYS I 45 -14.71 48.56 -43.26
N ASP I 46 -16.03 48.55 -43.05
CA ASP I 46 -16.86 49.68 -43.43
C ASP I 46 -16.64 50.88 -42.51
N ALA I 47 -16.35 50.64 -41.24
CA ALA I 47 -16.20 51.70 -40.24
C ALA I 47 -14.77 52.25 -40.17
N TYR I 48 -14.01 52.14 -41.26
CA TYR I 48 -12.61 52.53 -41.26
C TYR I 48 -12.44 54.01 -40.94
N VAL I 49 -13.24 54.86 -41.58
CA VAL I 49 -13.11 56.31 -41.40
C VAL I 49 -13.40 56.69 -39.95
N LYS I 50 -14.47 56.15 -39.38
CA LYS I 50 -14.85 56.49 -38.02
C LYS I 50 -13.82 55.97 -37.02
N ALA I 51 -13.30 54.76 -37.25
CA ALA I 51 -12.26 54.24 -36.36
C ALA I 51 -11.00 55.08 -36.42
N LEU I 52 -10.61 55.51 -37.63
CA LEU I 52 -9.44 56.37 -37.78
C LEU I 52 -9.65 57.70 -37.07
N ALA I 53 -10.85 58.28 -37.19
CA ALA I 53 -11.13 59.53 -36.50
C ALA I 53 -11.05 59.36 -34.99
N LEU I 54 -11.61 58.27 -34.47
CA LEU I 54 -11.56 58.04 -33.02
C LEU I 54 -10.13 57.88 -32.54
N TYR I 55 -9.31 57.11 -33.27
CA TYR I 55 -7.93 56.93 -32.86
C TYR I 55 -7.14 58.22 -32.95
N ALA I 56 -7.38 59.02 -33.99
CA ALA I 56 -6.71 60.30 -34.11
C ALA I 56 -7.06 61.23 -32.96
N LEU I 57 -8.35 61.26 -32.57
CA LEU I 57 -8.75 62.07 -31.43
C LEU I 57 -8.08 61.57 -30.15
N HIS I 58 -8.03 60.24 -29.96
CA HIS I 58 -7.40 59.69 -28.77
C HIS I 58 -5.92 60.08 -28.70
N LEU I 59 -5.21 59.99 -29.82
CA LEU I 59 -3.82 60.41 -29.83
C LEU I 59 -3.67 61.90 -29.60
N ALA I 60 -4.60 62.71 -30.12
CA ALA I 60 -4.53 64.14 -29.93
C ALA I 60 -4.82 64.57 -28.50
N PHE I 61 -5.55 63.76 -27.74
CA PHE I 61 -5.90 64.13 -26.37
C PHE I 61 -5.42 63.08 -25.37
N LEU I 62 -4.28 62.44 -25.64
CA LEU I 62 -3.79 61.40 -24.74
C LEU I 62 -3.46 61.98 -23.37
N ASP I 63 -2.47 62.86 -23.30
CA ASP I 63 -2.12 63.56 -22.06
C ASP I 63 -1.96 65.05 -22.29
N GLY I 64 -2.39 65.53 -23.45
CA GLY I 64 -2.16 66.89 -23.89
C GLY I 64 -1.01 66.91 -24.87
N ALA I 65 -1.32 66.83 -26.16
CA ALA I 65 -0.28 66.72 -27.17
C ALA I 65 -0.44 67.75 -28.28
N LEU I 66 -1.69 68.16 -28.54
CA LEU I 66 -1.94 69.13 -29.60
C LEU I 66 -1.32 70.48 -29.25
N LYS I 67 -1.61 70.99 -28.07
CA LYS I 67 -1.00 72.23 -27.54
C LYS I 67 -1.28 73.35 -28.54
N GLY I 68 -0.28 74.15 -28.89
CA GLY I 68 -0.46 75.25 -29.82
C GLY I 68 0.87 75.71 -30.36
N GLU I 69 0.81 76.75 -31.19
CA GLU I 69 2.02 77.27 -31.83
C GLU I 69 2.93 77.95 -30.82
N ASP I 70 2.36 78.68 -29.87
CA ASP I 70 3.15 79.54 -28.98
C ASP I 70 3.33 78.98 -27.57
N GLU I 71 2.85 77.78 -27.29
CA GLU I 71 3.01 77.19 -25.96
C GLU I 71 4.47 77.03 -25.60
N ASP I 72 4.84 77.42 -24.38
CA ASP I 72 6.23 77.38 -23.94
C ASP I 72 6.73 75.94 -23.82
N LEU I 73 8.04 75.75 -23.99
CA LEU I 73 8.61 74.40 -23.97
C LEU I 73 8.50 73.76 -22.60
N GLU I 74 8.44 74.56 -21.53
CA GLU I 74 8.43 74.00 -20.18
C GLU I 74 7.15 73.24 -19.89
N SER I 75 6.02 73.66 -20.47
CA SER I 75 4.72 73.11 -20.11
C SER I 75 4.51 71.68 -20.59
N TYR I 76 5.48 71.08 -21.28
CA TYR I 76 5.31 69.72 -21.77
C TYR I 76 5.68 68.66 -20.75
N SER I 77 6.27 69.04 -19.61
CA SER I 77 6.58 68.10 -18.55
C SER I 77 5.94 68.47 -17.22
N ARG I 78 4.98 69.40 -17.22
CA ARG I 78 4.41 69.96 -16.01
C ARG I 78 3.20 70.82 -16.38
N ARG I 79 2.34 71.05 -15.40
CA ARG I 79 1.13 71.84 -15.59
C ARG I 79 1.01 72.88 -14.49
N VAL I 80 0.08 73.81 -14.66
CA VAL I 80 -0.20 74.83 -13.66
C VAL I 80 -1.44 74.39 -12.89
N THR I 81 -1.30 74.16 -11.59
CA THR I 81 -2.43 73.71 -10.78
C THR I 81 -3.40 74.87 -10.51
N SER I 82 -2.88 76.05 -10.20
CA SER I 82 -3.73 77.19 -9.90
C SER I 82 -2.99 78.47 -10.24
N PHE I 83 -3.76 79.54 -10.42
CA PHE I 83 -3.20 80.85 -10.72
C PHE I 83 -4.17 81.92 -10.25
N SER I 84 -3.62 83.03 -9.77
CA SER I 84 -4.44 84.13 -9.28
C SER I 84 -3.67 85.44 -9.46
N LEU I 85 -4.40 86.51 -9.75
CA LEU I 85 -3.83 87.83 -10.00
C LEU I 85 -4.28 88.76 -8.88
N SER I 86 -3.44 88.87 -7.84
CA SER I 86 -3.67 89.78 -6.72
C SER I 86 -5.08 89.64 -6.15
N GLY I 87 -5.83 90.74 -6.16
CA GLY I 87 -7.21 90.78 -5.76
C GLY I 87 -8.20 90.81 -6.91
N GLU I 88 -7.80 90.42 -8.12
CA GLU I 88 -8.69 90.50 -9.27
C GLU I 88 -9.51 89.22 -9.42
N PHE I 89 -8.84 88.08 -9.56
CA PHE I 89 -9.53 86.81 -9.77
C PHE I 89 -8.63 85.68 -9.32
N SER I 90 -9.24 84.49 -9.18
CA SER I 90 -8.52 83.29 -8.82
C SER I 90 -9.12 82.11 -9.57
N GLN I 91 -8.32 81.07 -9.74
CA GLN I 91 -8.76 79.89 -10.48
C GLN I 91 -7.91 78.70 -10.11
N THR I 92 -8.52 77.52 -10.10
CA THR I 92 -7.84 76.27 -9.79
C THR I 92 -8.16 75.25 -10.87
N PHE I 93 -7.21 74.34 -11.11
CA PHE I 93 -7.32 73.35 -12.16
C PHE I 93 -7.07 71.96 -11.59
N GLY I 94 -7.49 70.94 -12.34
CA GLY I 94 -7.30 69.56 -11.93
C GLY I 94 -7.40 68.63 -13.11
N GLU I 95 -7.13 67.35 -12.84
CA GLU I 95 -7.19 66.34 -13.89
C GLU I 95 -8.63 66.01 -14.24
N VAL I 96 -8.81 65.45 -15.44
CA VAL I 96 -10.15 65.20 -15.94
C VAL I 96 -10.73 63.91 -15.35
N THR I 97 -9.87 62.92 -15.13
CA THR I 97 -10.30 61.64 -14.57
C THR I 97 -9.09 60.84 -14.11
N LYS I 98 -9.35 59.86 -13.26
CA LYS I 98 -8.32 58.96 -12.76
C LYS I 98 -8.62 57.55 -13.25
N ASN I 99 -7.67 56.93 -13.93
CA ASN I 99 -7.79 55.55 -14.37
C ASN I 99 -6.94 54.68 -13.44
N GLN I 100 -7.59 53.72 -12.77
CA GLN I 100 -6.87 52.87 -11.82
C GLN I 100 -5.84 52.00 -12.54
N SER I 101 -6.24 51.35 -13.62
CA SER I 101 -5.33 50.49 -14.36
C SER I 101 -4.32 51.33 -15.14
N GLY I 102 -3.06 50.90 -15.11
CA GLY I 102 -2.03 51.57 -15.87
C GLY I 102 -2.04 51.19 -17.34
N ASP I 103 -3.19 51.32 -17.97
CA ASP I 103 -3.39 50.92 -19.36
C ASP I 103 -3.78 52.13 -20.20
N MET I 104 -3.06 52.33 -21.30
CA MET I 104 -3.45 53.34 -22.27
C MET I 104 -4.68 52.86 -23.04
N MET I 105 -5.40 53.81 -23.64
CA MET I 105 -6.70 53.67 -24.33
C MET I 105 -7.85 53.63 -23.33
N LEU I 106 -7.58 53.68 -22.03
CA LEU I 106 -8.61 53.84 -21.02
C LEU I 106 -8.50 55.17 -20.29
N SER I 107 -7.76 56.13 -20.86
CA SER I 107 -7.57 57.44 -20.26
C SER I 107 -8.52 58.49 -20.83
N THR I 108 -9.07 58.26 -22.01
CA THR I 108 -9.97 59.21 -22.66
C THR I 108 -11.20 58.49 -23.18
N PRO I 109 -12.34 59.18 -23.28
CA PRO I 109 -13.55 58.53 -23.80
C PRO I 109 -13.41 57.99 -25.21
N TRP I 110 -12.63 58.66 -26.07
CA TRP I 110 -12.42 58.17 -27.42
C TRP I 110 -11.68 56.83 -27.42
N GLY I 111 -10.71 56.65 -26.52
CA GLY I 111 -10.05 55.37 -26.42
C GLY I 111 -11.00 54.25 -26.01
N LYS I 112 -11.88 54.53 -25.05
CA LYS I 112 -12.85 53.52 -24.63
C LYS I 112 -13.81 53.19 -25.78
N MET I 113 -14.27 54.21 -26.51
CA MET I 113 -15.16 53.96 -27.64
C MET I 113 -14.48 53.13 -28.71
N PHE I 114 -13.21 53.44 -29.01
CA PHE I 114 -12.46 52.66 -29.99
C PHE I 114 -12.29 51.22 -29.52
N GLU I 115 -11.98 51.02 -28.24
CA GLU I 115 -11.78 49.69 -27.71
C GLU I 115 -13.07 48.86 -27.82
N GLN I 116 -14.21 49.46 -27.48
CA GLN I 116 -15.46 48.73 -27.57
C GLN I 116 -15.85 48.46 -29.01
N LEU I 117 -15.57 49.40 -29.93
CA LEU I 117 -15.83 49.13 -31.34
C LEU I 117 -14.98 47.98 -31.85
N LYS I 118 -13.70 47.94 -31.48
CA LYS I 118 -12.85 46.82 -31.88
C LYS I 118 -13.34 45.52 -31.28
N ALA I 119 -13.79 45.54 -30.03
CA ALA I 119 -14.33 44.33 -29.42
C ALA I 119 -15.58 43.86 -30.14
N ARG I 120 -16.43 44.79 -30.58
CA ARG I 120 -17.63 44.42 -31.31
C ARG I 120 -17.30 43.83 -32.67
N ARG I 121 -16.35 44.42 -33.40
CA ARG I 121 -16.13 43.98 -34.77
C ARG I 121 -15.21 42.77 -34.87
N ARG I 122 -14.10 42.75 -34.15
CA ARG I 122 -13.21 41.59 -34.16
C ARG I 122 -13.08 40.93 -32.81
N GLY I 123 -12.76 41.68 -31.77
CA GLY I 123 -12.51 41.14 -30.45
C GLY I 123 -11.12 41.50 -29.95
N ARG I 124 -10.92 41.26 -28.66
CA ARG I 124 -9.66 41.55 -27.99
C ARG I 124 -9.08 40.23 -27.50
N PHE I 125 -8.37 39.53 -28.38
CA PHE I 125 -7.74 38.27 -28.05
C PHE I 125 -6.72 37.93 -29.12
N ALA I 126 -5.85 36.97 -28.79
CA ALA I 126 -4.86 36.46 -29.74
C ALA I 126 -4.57 35.01 -29.36
N LEU I 127 -5.14 34.08 -30.10
CA LEU I 127 -5.01 32.66 -29.85
C LEU I 127 -4.24 32.03 -31.00
N MET I 128 -3.02 31.58 -30.72
CA MET I 128 -2.09 31.16 -31.76
C MET I 128 -1.53 29.78 -31.45
N THR I 129 -1.06 29.10 -32.50
CA THR I 129 -0.30 27.87 -32.38
C THR I 129 0.87 27.94 -33.36
N GLY I 130 1.92 27.19 -33.06
CA GLY I 130 3.12 27.24 -33.87
C GLY I 130 2.90 26.71 -35.27
N LEU I 131 3.77 27.13 -36.19
CA LEU I 131 3.69 26.70 -37.57
C LEU I 131 4.60 25.49 -37.81
N HIS J 32 -50.73 -8.15 2.38
CA HIS J 32 -51.02 -9.42 1.72
C HIS J 32 -49.74 -9.99 1.10
N VAL J 33 -49.41 -11.22 1.47
CA VAL J 33 -48.15 -11.83 1.02
C VAL J 33 -48.22 -12.26 -0.44
N GLY J 34 -49.41 -12.30 -1.04
CA GLY J 34 -49.50 -12.72 -2.42
C GLY J 34 -48.81 -11.76 -3.37
N SER J 35 -49.03 -10.46 -3.19
CA SER J 35 -48.40 -9.47 -4.06
C SER J 35 -46.89 -9.47 -3.89
N PHE J 36 -46.41 -9.59 -2.66
CA PHE J 36 -44.97 -9.66 -2.42
C PHE J 36 -44.36 -10.91 -3.03
N TYR J 37 -45.06 -12.04 -2.94
CA TYR J 37 -44.59 -13.26 -3.58
C TYR J 37 -44.53 -13.11 -5.09
N ASN J 38 -45.53 -12.47 -5.67
CA ASN J 38 -45.58 -12.33 -7.13
C ASN J 38 -44.51 -11.39 -7.65
N ASP J 39 -44.36 -10.23 -7.01
CA ASP J 39 -43.48 -9.20 -7.55
C ASP J 39 -42.00 -9.53 -7.35
N ASN J 40 -41.63 -10.01 -6.17
CA ASN J 40 -40.23 -10.24 -5.84
C ASN J 40 -39.79 -11.62 -6.29
N ALA J 41 -38.66 -11.69 -6.99
CA ALA J 41 -38.10 -12.97 -7.42
C ALA J 41 -37.38 -13.67 -6.27
N THR J 42 -36.74 -12.90 -5.38
CA THR J 42 -36.02 -13.51 -4.27
C THR J 42 -36.96 -14.23 -3.32
N ALA J 43 -38.10 -13.61 -3.00
CA ALA J 43 -39.09 -14.26 -2.14
C ALA J 43 -39.64 -15.51 -2.80
N LYS J 44 -39.90 -15.45 -4.11
CA LYS J 44 -40.40 -16.62 -4.82
C LYS J 44 -39.39 -17.76 -4.77
N ARG J 45 -38.11 -17.46 -4.99
CA ARG J 45 -37.08 -18.50 -4.89
C ARG J 45 -37.01 -19.07 -3.48
N ILE J 46 -37.07 -18.20 -2.47
CA ILE J 46 -37.01 -18.67 -1.09
C ILE J 46 -38.16 -19.62 -0.78
N VAL J 47 -39.35 -19.29 -1.28
CA VAL J 47 -40.52 -20.12 -1.00
C VAL J 47 -40.43 -21.46 -1.75
N ASP J 48 -40.07 -21.43 -3.03
CA ASP J 48 -40.19 -22.61 -3.88
C ASP J 48 -38.93 -23.45 -4.01
N VAL J 49 -37.81 -23.06 -3.40
CA VAL J 49 -36.59 -23.83 -3.62
C VAL J 49 -36.62 -25.18 -2.90
N ILE J 50 -37.24 -25.24 -1.72
CA ILE J 50 -37.18 -26.44 -0.88
C ILE J 50 -38.14 -27.53 -1.36
N PRO J 51 -39.45 -27.23 -1.55
CA PRO J 51 -40.38 -28.32 -1.93
C PRO J 51 -40.00 -29.01 -3.23
N GLU J 52 -39.54 -28.26 -4.23
CA GLU J 52 -39.13 -28.88 -5.49
C GLU J 52 -37.94 -29.79 -5.28
N GLU J 53 -36.96 -29.35 -4.48
CA GLU J 53 -35.81 -30.18 -4.19
C GLU J 53 -36.21 -31.48 -3.48
N MET J 54 -37.17 -31.38 -2.56
CA MET J 54 -37.63 -32.60 -1.89
C MET J 54 -38.33 -33.54 -2.86
N VAL J 55 -39.29 -33.02 -3.64
CA VAL J 55 -40.14 -33.88 -4.45
C VAL J 55 -39.37 -34.49 -5.61
N THR J 56 -38.43 -33.73 -6.20
CA THR J 56 -37.74 -34.22 -7.40
C THR J 56 -36.94 -35.49 -7.10
N ALA J 57 -36.32 -35.57 -5.93
CA ALA J 57 -35.48 -36.72 -5.61
C ALA J 57 -36.29 -38.01 -5.59
N GLY J 58 -37.48 -37.97 -5.01
CA GLY J 58 -38.33 -39.15 -4.97
C GLY J 58 -38.13 -39.98 -3.71
N PHE J 59 -38.85 -41.10 -3.67
CA PHE J 59 -38.83 -41.99 -2.52
C PHE J 59 -38.74 -43.44 -3.00
N LYS J 60 -38.26 -44.31 -2.12
CA LYS J 60 -38.10 -45.73 -2.40
C LYS J 60 -38.79 -46.52 -1.31
N MET J 61 -39.69 -47.42 -1.70
CA MET J 61 -40.41 -48.27 -0.75
C MET J 61 -39.91 -49.71 -0.82
N SER J 62 -39.74 -50.31 0.35
CA SER J 62 -39.30 -51.69 0.46
C SER J 62 -40.38 -52.51 1.15
N GLY J 63 -40.41 -53.80 0.86
CA GLY J 63 -41.38 -54.71 1.42
C GLY J 63 -42.50 -55.11 0.49
N VAL J 64 -42.66 -54.41 -0.64
CA VAL J 64 -43.69 -54.77 -1.61
C VAL J 64 -43.20 -55.90 -2.49
N LYS J 65 -44.15 -56.70 -2.98
CA LYS J 65 -43.79 -57.84 -3.84
C LYS J 65 -43.40 -57.37 -5.23
N ASP J 66 -44.22 -56.55 -5.85
CA ASP J 66 -43.95 -56.05 -7.21
C ASP J 66 -43.46 -54.61 -7.12
N GLU J 67 -42.26 -54.36 -7.63
CA GLU J 67 -41.71 -53.02 -7.63
C GLU J 67 -42.12 -52.24 -8.87
N LYS J 68 -41.93 -52.84 -10.05
CA LYS J 68 -42.26 -52.16 -11.29
C LYS J 68 -43.76 -51.90 -11.42
N GLU J 69 -44.58 -52.86 -10.96
CA GLU J 69 -46.02 -52.65 -10.97
C GLU J 69 -46.43 -51.48 -10.08
N PHE J 70 -45.82 -51.39 -8.89
CA PHE J 70 -46.09 -50.25 -8.02
C PHE J 70 -45.63 -48.95 -8.67
N LYS J 71 -44.48 -48.96 -9.34
CA LYS J 71 -44.00 -47.76 -10.00
C LYS J 71 -44.97 -47.31 -11.09
N SER J 72 -45.47 -48.25 -11.88
CA SER J 72 -46.45 -47.92 -12.91
C SER J 72 -47.73 -47.37 -12.28
N LEU J 73 -48.20 -48.00 -11.20
CA LEU J 73 -49.41 -47.51 -10.54
C LEU J 73 -49.22 -46.10 -10.00
N TRP J 74 -48.07 -45.83 -9.39
CA TRP J 74 -47.80 -44.49 -8.85
C TRP J 74 -47.71 -43.46 -9.96
N ASP J 75 -47.02 -43.79 -11.06
CA ASP J 75 -46.92 -42.85 -12.17
C ASP J 75 -48.24 -42.68 -12.92
N SER J 76 -49.18 -43.61 -12.75
CA SER J 76 -50.50 -43.44 -13.36
C SER J 76 -51.23 -42.23 -12.79
N TYR J 77 -51.12 -42.01 -11.48
CA TYR J 77 -51.87 -40.92 -10.85
C TYR J 77 -51.26 -39.55 -11.11
N LYS J 78 -49.95 -39.49 -11.36
CA LYS J 78 -49.22 -38.25 -11.68
C LYS J 78 -49.58 -37.11 -10.72
N LEU J 79 -49.37 -37.36 -9.42
CA LEU J 79 -49.68 -36.41 -8.37
C LEU J 79 -48.51 -35.50 -8.01
N ASP J 80 -47.55 -35.33 -8.92
CA ASP J 80 -46.36 -34.52 -8.61
C ASP J 80 -46.73 -33.05 -8.43
N SER J 81 -47.46 -32.48 -9.39
CA SER J 81 -47.77 -31.05 -9.35
C SER J 81 -48.63 -30.72 -8.13
N SER J 82 -49.59 -31.59 -7.79
CA SER J 82 -50.43 -31.34 -6.63
C SER J 82 -49.60 -31.32 -5.35
N LEU J 83 -48.68 -32.27 -5.20
CA LEU J 83 -47.82 -32.30 -4.01
C LEU J 83 -46.96 -31.05 -3.92
N VAL J 84 -46.33 -30.66 -5.04
CA VAL J 84 -45.47 -29.49 -5.02
C VAL J 84 -46.27 -28.24 -4.68
N ASP J 85 -47.46 -28.09 -5.27
CA ASP J 85 -48.29 -26.93 -4.99
C ASP J 85 -48.76 -26.91 -3.54
N LEU J 86 -49.10 -28.09 -2.99
CA LEU J 86 -49.52 -28.16 -1.60
C LEU J 86 -48.40 -27.69 -0.67
N LEU J 87 -47.18 -28.19 -0.90
CA LEU J 87 -46.07 -27.78 -0.04
C LEU J 87 -45.75 -26.30 -0.21
N CYS J 88 -45.82 -25.79 -1.44
CA CYS J 88 -45.55 -24.37 -1.66
C CYS J 88 -46.58 -23.49 -0.97
N TRP J 89 -47.86 -23.86 -1.06
CA TRP J 89 -48.90 -23.08 -0.38
C TRP J 89 -48.75 -23.17 1.13
N ALA J 90 -48.37 -24.34 1.64
CA ALA J 90 -48.15 -24.49 3.07
C ALA J 90 -47.03 -23.58 3.56
N ARG J 91 -45.93 -23.51 2.79
CA ARG J 91 -44.84 -22.62 3.18
C ARG J 91 -45.21 -21.15 3.02
N LEU J 92 -46.03 -20.81 2.03
CA LEU J 92 -46.32 -19.41 1.76
C LEU J 92 -47.40 -18.86 2.70
N TYR J 93 -48.61 -19.42 2.64
CA TYR J 93 -49.73 -18.87 3.39
C TYR J 93 -49.68 -19.23 4.87
N GLY J 94 -49.04 -20.34 5.22
CA GLY J 94 -48.99 -20.84 6.57
C GLY J 94 -49.80 -22.11 6.79
N GLY J 95 -50.70 -22.45 5.87
CA GLY J 95 -51.48 -23.67 5.98
C GLY J 95 -52.11 -24.03 4.67
N ALA J 96 -52.39 -25.33 4.52
CA ALA J 96 -53.01 -25.85 3.31
C ALA J 96 -53.59 -27.22 3.64
N ALA J 97 -54.35 -27.75 2.69
CA ALA J 97 -54.96 -29.07 2.87
C ALA J 97 -55.19 -29.71 1.51
N MET J 98 -55.32 -31.04 1.53
CA MET J 98 -55.55 -31.82 0.32
C MET J 98 -56.68 -32.80 0.59
N VAL J 99 -57.62 -32.89 -0.34
CA VAL J 99 -58.78 -33.77 -0.22
C VAL J 99 -58.62 -34.92 -1.18
N ALA J 100 -58.73 -36.14 -0.68
CA ALA J 100 -58.60 -37.35 -1.49
C ALA J 100 -59.98 -37.83 -1.91
N ILE J 101 -60.23 -37.86 -3.22
CA ILE J 101 -61.48 -38.38 -3.76
C ILE J 101 -61.35 -39.89 -3.84
N ILE J 102 -62.22 -40.60 -3.12
CA ILE J 102 -62.07 -42.04 -2.96
C ILE J 102 -63.35 -42.73 -3.42
N LYS J 103 -63.18 -43.96 -3.90
CA LYS J 103 -64.30 -44.77 -4.39
C LYS J 103 -64.81 -45.71 -3.29
N ASP J 104 -65.27 -45.12 -2.20
CA ASP J 104 -65.79 -45.89 -1.08
C ASP J 104 -67.28 -46.18 -1.19
N ASN J 105 -67.99 -45.52 -2.11
CA ASN J 105 -69.41 -45.78 -2.37
C ASN J 105 -70.28 -45.51 -1.14
N ARG J 106 -70.16 -44.30 -0.59
CA ARG J 106 -71.07 -43.82 0.44
C ARG J 106 -71.02 -42.30 0.49
N MET J 107 -71.56 -41.75 1.58
CA MET J 107 -71.55 -40.31 1.78
C MET J 107 -70.14 -39.82 2.10
N LEU J 108 -69.91 -38.53 1.84
CA LEU J 108 -68.62 -37.93 2.16
C LEU J 108 -68.41 -37.89 3.67
N THR J 109 -69.48 -37.72 4.44
CA THR J 109 -69.36 -37.66 5.90
C THR J 109 -68.97 -39.01 6.49
N SER J 110 -69.41 -40.10 5.86
CA SER J 110 -69.11 -41.43 6.38
C SER J 110 -67.61 -41.74 6.26
N GLN J 111 -67.13 -42.58 7.17
CA GLN J 111 -65.73 -42.95 7.20
C GLN J 111 -65.35 -43.80 5.99
N ALA J 112 -64.07 -43.77 5.64
CA ALA J 112 -63.55 -44.53 4.51
C ALA J 112 -62.93 -45.82 5.02
N LYS J 113 -63.47 -46.96 4.59
CA LYS J 113 -62.94 -48.25 4.99
C LYS J 113 -61.69 -48.59 4.17
N PRO J 114 -60.81 -49.42 4.72
CA PRO J 114 -59.68 -49.91 3.90
C PRO J 114 -60.18 -50.76 2.75
N GLY J 115 -59.48 -50.67 1.63
CA GLY J 115 -59.81 -51.40 0.42
C GLY J 115 -60.01 -50.55 -0.81
N ALA J 116 -60.42 -49.29 -0.65
CA ALA J 116 -60.60 -48.42 -1.79
C ALA J 116 -59.24 -48.07 -2.41
N LYS J 117 -59.26 -47.71 -3.70
CA LYS J 117 -58.03 -47.58 -4.46
C LYS J 117 -57.85 -46.21 -5.09
N LEU J 118 -58.55 -45.18 -4.59
CA LEU J 118 -58.31 -43.79 -4.95
C LEU J 118 -58.73 -43.47 -6.38
N GLU J 119 -59.22 -42.24 -6.61
CA GLU J 119 -59.48 -41.73 -7.95
C GLU J 119 -58.71 -40.46 -8.27
N GLY J 120 -58.22 -39.74 -7.27
CA GLY J 120 -57.53 -38.49 -7.50
C GLY J 120 -57.56 -37.64 -6.25
N VAL J 121 -56.82 -36.53 -6.31
CA VAL J 121 -56.66 -35.62 -5.19
C VAL J 121 -57.16 -34.24 -5.59
N ARG J 122 -57.25 -33.35 -4.60
CA ARG J 122 -57.69 -31.98 -4.82
C ARG J 122 -57.10 -31.11 -3.72
N VAL J 123 -56.12 -30.28 -4.09
CA VAL J 123 -55.46 -29.39 -3.13
C VAL J 123 -56.31 -28.15 -2.94
N TYR J 124 -56.16 -27.49 -1.79
CA TYR J 124 -56.93 -26.32 -1.44
C TYR J 124 -56.04 -25.30 -0.75
N ASP J 125 -56.64 -24.17 -0.39
CA ASP J 125 -55.96 -23.07 0.26
C ASP J 125 -56.37 -23.00 1.72
N ARG J 126 -55.61 -22.22 2.51
CA ARG J 126 -55.86 -22.16 3.94
C ARG J 126 -57.24 -21.59 4.26
N PHE J 127 -57.63 -20.53 3.56
CA PHE J 127 -58.89 -19.85 3.86
C PHE J 127 -60.12 -20.59 3.36
N ALA J 128 -59.94 -21.65 2.58
CA ALA J 128 -61.05 -22.36 1.98
C ALA J 128 -61.59 -23.50 2.84
N ILE J 129 -61.03 -23.72 4.04
CA ILE J 129 -61.41 -24.84 4.89
C ILE J 129 -61.65 -24.33 6.30
N THR J 130 -62.78 -24.71 6.90
CA THR J 130 -63.08 -24.39 8.28
C THR J 130 -63.75 -25.60 8.94
N VAL J 131 -63.64 -25.67 10.26
CA VAL J 131 -64.11 -26.80 11.04
C VAL J 131 -65.56 -26.57 11.45
N GLU J 132 -66.34 -27.66 11.45
CA GLU J 132 -67.74 -27.62 11.85
C GLU J 132 -67.96 -28.23 13.24
N LYS J 133 -67.53 -29.48 13.44
CA LYS J 133 -67.73 -30.18 14.69
C LYS J 133 -66.44 -30.88 15.09
N ARG J 134 -66.22 -31.00 16.40
CA ARG J 134 -65.01 -31.61 16.93
C ARG J 134 -65.36 -32.59 18.04
N VAL J 135 -64.34 -33.29 18.52
CA VAL J 135 -64.54 -34.33 19.52
C VAL J 135 -64.89 -33.71 20.87
N THR J 136 -65.90 -34.28 21.54
CA THR J 136 -66.34 -33.82 22.85
C THR J 136 -66.16 -34.87 23.94
N ASN J 137 -65.39 -35.92 23.69
CA ASN J 137 -65.18 -37.00 24.66
C ASN J 137 -63.85 -36.74 25.38
N ALA J 138 -63.93 -36.43 26.67
CA ALA J 138 -62.73 -36.05 27.42
C ALA J 138 -61.74 -37.21 27.53
N ARG J 139 -62.23 -38.42 27.77
CA ARG J 139 -61.34 -39.55 28.00
C ARG J 139 -60.62 -40.00 26.73
N SER J 140 -61.15 -39.65 25.56
CA SER J 140 -60.51 -40.06 24.32
C SER J 140 -59.19 -39.32 24.14
N PRO J 141 -58.12 -40.00 23.72
CA PRO J 141 -56.86 -39.29 23.46
C PRO J 141 -56.98 -38.24 22.37
N ARG J 142 -57.81 -38.48 21.36
CA ARG J 142 -58.04 -37.52 20.27
C ARG J 142 -59.21 -36.62 20.66
N TYR J 143 -58.96 -35.80 21.67
CA TYR J 143 -59.98 -34.92 22.24
C TYR J 143 -59.69 -33.48 21.84
N GLY J 144 -60.69 -32.82 21.27
CA GLY J 144 -60.55 -31.47 20.78
C GLY J 144 -60.17 -31.35 19.32
N GLU J 145 -59.70 -32.42 18.70
CA GLU J 145 -59.34 -32.36 17.29
C GLU J 145 -60.59 -32.27 16.42
N PRO J 146 -60.45 -31.70 15.22
CA PRO J 146 -61.61 -31.59 14.32
C PRO J 146 -62.11 -32.95 13.88
N GLU J 147 -63.40 -32.99 13.55
CA GLU J 147 -64.06 -34.20 13.08
C GLU J 147 -64.59 -34.07 11.66
N ILE J 148 -65.29 -32.97 11.35
CA ILE J 148 -65.84 -32.73 10.03
C ILE J 148 -65.44 -31.34 9.58
N TYR J 149 -64.89 -31.23 8.37
CA TYR J 149 -64.49 -29.96 7.79
C TYR J 149 -65.51 -29.51 6.75
N LYS J 150 -65.72 -28.20 6.69
CA LYS J 150 -66.69 -27.65 5.73
C LYS J 150 -66.18 -27.80 4.30
N VAL J 151 -64.93 -27.42 4.05
CA VAL J 151 -64.29 -27.49 2.74
C VAL J 151 -65.10 -26.63 1.77
N SER J 152 -64.82 -25.34 1.75
CA SER J 152 -65.44 -24.44 0.79
C SER J 152 -64.60 -24.42 -0.48
N PRO J 153 -65.15 -24.79 -1.64
CA PRO J 153 -64.35 -24.85 -2.87
C PRO J 153 -64.20 -23.53 -3.61
N GLY J 154 -64.87 -22.47 -3.15
CA GLY J 154 -64.81 -21.21 -3.86
C GLY J 154 -65.44 -21.32 -5.24
N ASP J 155 -65.00 -20.45 -6.14
CA ASP J 155 -65.47 -20.45 -7.52
C ASP J 155 -66.99 -20.40 -7.60
N ASN J 156 -67.60 -21.42 -8.21
CA ASN J 156 -69.05 -21.48 -8.36
C ASN J 156 -69.69 -22.60 -7.55
N MET J 157 -68.91 -23.54 -7.01
CA MET J 157 -69.48 -24.66 -6.28
C MET J 157 -69.86 -24.25 -4.86
N GLN J 158 -70.54 -25.16 -4.18
CA GLN J 158 -71.01 -24.96 -2.81
C GLN J 158 -70.21 -25.82 -1.84
N PRO J 159 -70.10 -25.41 -0.57
CA PRO J 159 -69.34 -26.21 0.40
C PRO J 159 -69.94 -27.59 0.58
N TYR J 160 -69.05 -28.58 0.78
CA TYR J 160 -69.46 -29.96 0.97
C TYR J 160 -68.65 -30.56 2.11
N LEU J 161 -69.34 -30.96 3.18
CA LEU J 161 -68.66 -31.48 4.36
C LEU J 161 -67.97 -32.80 4.05
N ILE J 162 -66.81 -33.00 4.69
CA ILE J 162 -65.98 -34.19 4.48
C ILE J 162 -65.53 -34.70 5.83
N HIS J 163 -65.51 -36.03 5.98
CA HIS J 163 -64.98 -36.64 7.19
C HIS J 163 -63.48 -36.38 7.31
N HIS J 164 -63.00 -36.32 8.55
CA HIS J 164 -61.60 -35.98 8.78
C HIS J 164 -60.64 -37.06 8.31
N SER J 165 -61.14 -38.27 8.04
CA SER J 165 -60.26 -39.34 7.56
C SER J 165 -59.90 -39.20 6.09
N ARG J 166 -60.53 -38.27 5.37
CA ARG J 166 -60.25 -38.04 3.96
C ARG J 166 -59.60 -36.68 3.71
N VAL J 167 -59.15 -35.99 4.76
CA VAL J 167 -58.55 -34.67 4.63
C VAL J 167 -57.22 -34.68 5.37
N PHE J 168 -56.17 -34.22 4.69
CA PHE J 168 -54.84 -34.09 5.28
C PHE J 168 -54.53 -32.61 5.47
N ILE J 169 -54.11 -32.23 6.67
CA ILE J 169 -53.86 -30.85 7.02
C ILE J 169 -52.34 -30.64 7.09
N ALA J 170 -51.84 -29.75 6.24
CA ALA J 170 -50.42 -29.42 6.21
C ALA J 170 -50.21 -28.08 6.91
N ASP J 171 -49.29 -28.06 7.89
CA ASP J 171 -49.02 -26.89 8.69
C ASP J 171 -47.68 -26.27 8.29
N GLY J 172 -47.59 -24.96 8.45
CA GLY J 172 -46.39 -24.21 8.11
C GLY J 172 -45.40 -24.14 9.26
N GLU J 173 -44.74 -22.98 9.36
CA GLU J 173 -43.73 -22.80 10.38
C GLU J 173 -44.34 -22.81 11.78
N ARG J 174 -43.56 -23.26 12.75
CA ARG J 174 -44.03 -23.36 14.13
C ARG J 174 -44.23 -21.99 14.74
N VAL J 175 -45.33 -21.84 15.48
CA VAL J 175 -45.68 -20.58 16.11
C VAL J 175 -46.06 -20.85 17.55
N ALA J 176 -45.88 -19.84 18.40
CA ALA J 176 -46.28 -19.96 19.81
C ALA J 176 -47.77 -20.21 19.91
N GLN J 177 -48.16 -20.98 20.94
CA GLN J 177 -49.56 -21.40 21.08
C GLN J 177 -50.49 -20.21 21.21
N GLN J 178 -50.07 -19.16 21.94
CA GLN J 178 -50.93 -18.00 22.12
C GLN J 178 -51.23 -17.33 20.79
N ALA J 179 -50.21 -17.19 19.92
CA ALA J 179 -50.44 -16.64 18.60
C ALA J 179 -51.12 -17.65 17.68
N ARG J 180 -50.93 -18.94 17.93
CA ARG J 180 -51.60 -19.96 17.13
C ARG J 180 -53.12 -19.90 17.33
N LYS J 181 -53.55 -19.65 18.57
CA LYS J 181 -54.98 -19.51 18.83
C LYS J 181 -55.57 -18.33 18.07
N GLN J 182 -54.85 -17.21 18.04
CA GLN J 182 -55.31 -16.06 17.26
C GLN J 182 -55.23 -16.32 15.76
N ASN J 183 -54.45 -17.31 15.33
CA ASN J 183 -54.36 -17.71 13.93
C ASN J 183 -55.28 -18.88 13.60
N GLN J 184 -56.39 -19.02 14.32
CA GLN J 184 -57.37 -20.10 14.17
C GLN J 184 -56.71 -21.45 13.90
N GLY J 185 -55.73 -21.78 14.73
CA GLY J 185 -55.09 -23.08 14.66
C GLY J 185 -54.29 -23.34 13.40
N TRP J 186 -53.66 -22.31 12.84
CA TRP J 186 -52.79 -22.46 11.67
C TRP J 186 -51.42 -21.90 11.99
N GLY J 187 -50.41 -22.44 11.31
CA GLY J 187 -49.04 -22.04 11.54
C GLY J 187 -48.75 -20.67 10.97
N ALA J 188 -47.48 -20.28 11.09
CA ALA J 188 -47.03 -19.00 10.59
C ALA J 188 -46.48 -19.16 9.17
N SER J 189 -46.00 -18.07 8.59
CA SER J 189 -45.48 -18.07 7.23
C SER J 189 -43.97 -17.97 7.23
N VAL J 190 -43.37 -18.44 6.14
CA VAL J 190 -41.92 -18.35 5.99
C VAL J 190 -41.49 -16.89 5.90
N LEU J 191 -42.28 -16.05 5.22
CA LEU J 191 -41.98 -14.63 5.04
C LEU J 191 -42.47 -13.87 6.28
N ASN J 192 -41.63 -13.86 7.31
CA ASN J 192 -41.93 -13.11 8.52
C ASN J 192 -41.57 -11.64 8.29
N LYS J 193 -41.60 -10.85 9.37
CA LYS J 193 -41.35 -9.42 9.25
C LYS J 193 -39.90 -9.12 8.90
N SER J 194 -38.97 -9.88 9.48
CA SER J 194 -37.54 -9.58 9.29
C SER J 194 -37.12 -9.75 7.84
N LEU J 195 -37.56 -10.83 7.18
CA LEU J 195 -37.20 -11.05 5.79
C LEU J 195 -37.73 -9.95 4.89
N ILE J 196 -38.98 -9.55 5.09
CA ILE J 196 -39.58 -8.49 4.28
C ILE J 196 -38.82 -7.19 4.48
N ASP J 197 -38.51 -6.85 5.74
CA ASP J 197 -37.75 -5.63 6.01
C ASP J 197 -36.39 -5.67 5.34
N ALA J 198 -35.70 -6.81 5.41
CA ALA J 198 -34.37 -6.91 4.81
C ALA J 198 -34.44 -6.76 3.29
N ILE J 199 -35.43 -7.38 2.64
CA ILE J 199 -35.54 -7.28 1.19
C ILE J 199 -35.84 -5.85 0.77
N CYS J 200 -36.77 -5.18 1.46
CA CYS J 200 -37.08 -3.80 1.12
C CYS J 200 -35.87 -2.90 1.34
N ASP J 201 -35.12 -3.13 2.42
CA ASP J 201 -33.93 -2.34 2.69
C ASP J 201 -32.89 -2.53 1.60
N TYR J 202 -32.70 -3.76 1.13
CA TYR J 202 -31.73 -4.00 0.07
C TYR J 202 -32.14 -3.31 -1.23
N ASP J 203 -33.43 -3.37 -1.58
CA ASP J 203 -33.88 -2.68 -2.78
C ASP J 203 -33.66 -1.18 -2.67
N TYR J 204 -33.97 -0.60 -1.50
CA TYR J 204 -33.77 0.82 -1.29
C TYR J 204 -32.29 1.19 -1.40
N CYS J 205 -31.41 0.34 -0.84
CA CYS J 205 -29.98 0.61 -0.93
C CYS J 205 -29.48 0.54 -2.36
N GLU J 206 -29.99 -0.41 -3.16
CA GLU J 206 -29.60 -0.46 -4.57
C GLU J 206 -30.04 0.79 -5.31
N SER J 207 -31.26 1.26 -5.04
CA SER J 207 -31.71 2.51 -5.66
C SER J 207 -30.82 3.68 -5.26
N LEU J 208 -30.45 3.75 -3.98
CA LEU J 208 -29.56 4.82 -3.55
C LEU J 208 -28.20 4.72 -4.22
N ALA J 209 -27.70 3.50 -4.43
CA ALA J 209 -26.43 3.33 -5.11
C ALA J 209 -26.50 3.84 -6.55
N THR J 210 -27.58 3.54 -7.25
CA THR J 210 -27.75 4.06 -8.61
C THR J 210 -27.80 5.59 -8.60
N GLN J 211 -28.52 6.17 -7.64
CA GLN J 211 -28.59 7.63 -7.55
C GLN J 211 -27.22 8.23 -7.25
N ILE J 212 -26.41 7.56 -6.42
CA ILE J 212 -25.08 8.06 -6.11
C ILE J 212 -24.19 8.03 -7.34
N LEU J 213 -24.27 6.96 -8.13
CA LEU J 213 -23.51 6.91 -9.38
C LEU J 213 -23.95 8.02 -10.33
N ARG J 214 -25.25 8.30 -10.37
CA ARG J 214 -25.79 9.27 -11.31
C ARG J 214 -25.18 10.65 -11.13
N ARG J 215 -25.03 11.10 -9.89
CA ARG J 215 -24.50 12.42 -9.58
C ARG J 215 -23.06 12.30 -9.09
N LYS J 216 -22.13 12.25 -10.04
CA LYS J 216 -20.70 12.24 -9.73
C LYS J 216 -20.03 13.56 -10.05
N GLN J 217 -20.42 14.22 -11.13
CA GLN J 217 -19.90 15.54 -11.50
C GLN J 217 -21.05 16.49 -11.74
N GLN J 218 -20.89 17.74 -11.31
CA GLN J 218 -21.86 18.79 -11.60
C GLN J 218 -21.13 20.01 -12.09
N ALA J 219 -21.58 20.56 -13.21
CA ALA J 219 -21.01 21.77 -13.79
C ALA J 219 -21.98 22.93 -13.55
N VAL J 220 -21.52 23.96 -12.85
CA VAL J 220 -22.34 25.09 -12.46
C VAL J 220 -21.94 26.29 -13.29
N TRP J 221 -22.92 26.93 -13.92
CA TRP J 221 -22.71 28.06 -14.81
C TRP J 221 -23.29 29.32 -14.18
N LYS J 222 -22.47 30.35 -14.03
CA LYS J 222 -22.88 31.60 -13.39
C LYS J 222 -22.81 32.75 -14.38
N VAL J 223 -23.83 33.61 -14.33
CA VAL J 223 -23.90 34.80 -15.16
C VAL J 223 -24.13 36.00 -14.25
N LYS J 224 -23.69 37.17 -14.70
CA LYS J 224 -23.85 38.38 -13.90
C LYS J 224 -25.31 38.75 -13.75
N GLY J 225 -26.00 39.02 -14.87
CA GLY J 225 -27.41 39.31 -14.84
C GLY J 225 -28.25 38.17 -15.36
N LEU J 226 -28.91 37.44 -14.45
CA LEU J 226 -29.73 36.31 -14.84
C LEU J 226 -31.10 36.29 -14.18
N ALA J 227 -31.31 37.10 -13.14
CA ALA J 227 -32.61 37.18 -12.49
C ALA J 227 -33.54 38.20 -13.15
N GLU J 228 -33.05 38.92 -14.15
CA GLU J 228 -33.87 39.91 -14.86
C GLU J 228 -34.55 39.29 -16.08
N MET J 229 -35.28 38.20 -15.86
CA MET J 229 -35.94 37.49 -16.95
C MET J 229 -37.40 37.29 -16.59
N CYS J 230 -38.26 37.31 -17.61
CA CYS J 230 -39.71 37.18 -17.44
C CYS J 230 -40.15 35.77 -17.05
N ASP J 231 -39.21 34.81 -17.11
CA ASP J 231 -39.40 33.44 -16.66
C ASP J 231 -40.26 32.62 -17.63
N ASP J 232 -40.83 33.28 -18.64
CA ASP J 232 -41.62 32.60 -19.66
C ASP J 232 -41.43 33.16 -21.06
N ASP J 233 -40.55 34.13 -21.25
CA ASP J 233 -40.41 34.81 -22.53
C ASP J 233 -39.38 34.09 -23.41
N ASP J 234 -38.99 34.74 -24.51
CA ASP J 234 -38.08 34.11 -25.46
C ASP J 234 -36.66 34.06 -24.92
N ALA J 235 -36.30 34.97 -24.01
CA ALA J 235 -34.93 35.02 -23.52
C ALA J 235 -34.57 33.74 -22.77
N GLN J 236 -35.45 33.27 -21.90
CA GLN J 236 -35.19 32.03 -21.17
C GLN J 236 -35.10 30.84 -22.12
N TYR J 237 -35.98 30.80 -23.12
CA TYR J 237 -35.95 29.71 -24.09
C TYR J 237 -34.61 29.67 -24.82
N ALA J 238 -34.16 30.84 -25.29
CA ALA J 238 -32.88 30.90 -25.99
C ALA J 238 -31.72 30.52 -25.09
N ALA J 239 -31.73 31.00 -23.85
CA ALA J 239 -30.64 30.68 -22.93
C ALA J 239 -30.58 29.18 -22.63
N ARG J 240 -31.74 28.56 -22.41
CA ARG J 240 -31.76 27.13 -22.11
C ARG J 240 -31.37 26.31 -23.32
N LEU J 241 -31.79 26.71 -24.52
CA LEU J 241 -31.34 26.02 -25.73
C LEU J 241 -29.83 26.12 -25.89
N ARG J 242 -29.28 27.31 -25.64
CA ARG J 242 -27.83 27.49 -25.73
C ARG J 242 -27.11 26.60 -24.72
N LEU J 243 -27.61 26.55 -23.48
CA LEU J 243 -26.98 25.72 -22.47
C LEU J 243 -27.04 24.25 -22.84
N ALA J 244 -28.19 23.80 -23.35
CA ALA J 244 -28.33 22.40 -23.75
C ALA J 244 -27.35 22.05 -24.87
N GLN J 245 -27.27 22.91 -25.89
CA GLN J 245 -26.35 22.64 -27.00
C GLN J 245 -24.90 22.64 -26.52
N VAL J 246 -24.53 23.58 -25.66
CA VAL J 246 -23.15 23.68 -25.20
C VAL J 246 -22.77 22.46 -24.38
N ASP J 247 -23.64 22.02 -23.46
CA ASP J 247 -23.30 20.83 -22.69
C ASP J 247 -23.39 19.56 -23.53
N ASP J 248 -24.12 19.59 -24.65
CA ASP J 248 -24.14 18.44 -25.54
C ASP J 248 -22.86 18.32 -26.34
N ASN J 249 -22.31 19.45 -26.80
CA ASN J 249 -21.17 19.42 -27.70
C ASN J 249 -19.82 19.51 -26.99
N SER J 250 -19.80 19.66 -25.67
CA SER J 250 -18.55 19.78 -24.95
C SER J 250 -17.97 18.40 -24.62
N GLY J 251 -16.83 18.39 -23.96
CA GLY J 251 -16.17 17.16 -23.58
C GLY J 251 -14.66 17.34 -23.59
N VAL J 252 -13.95 16.22 -23.75
CA VAL J 252 -12.50 16.26 -23.88
C VAL J 252 -12.15 16.50 -25.35
N GLY J 253 -11.27 17.47 -25.59
CA GLY J 253 -10.97 17.91 -26.93
C GLY J 253 -11.81 19.05 -27.43
N ARG J 254 -12.83 19.46 -26.67
CA ARG J 254 -13.67 20.60 -27.01
C ARG J 254 -13.62 21.61 -25.87
N ALA J 255 -13.67 22.89 -26.24
CA ALA J 255 -13.51 23.98 -25.28
C ALA J 255 -14.74 24.87 -25.28
N ILE J 256 -14.88 25.64 -24.21
CA ILE J 256 -15.95 26.62 -24.06
C ILE J 256 -15.33 28.00 -23.98
N GLY J 257 -15.90 28.94 -24.73
CA GLY J 257 -15.50 30.32 -24.63
C GLY J 257 -16.33 31.06 -23.60
N ILE J 258 -15.69 31.59 -22.56
CA ILE J 258 -16.36 32.26 -21.47
C ILE J 258 -15.99 33.74 -21.50
N ASP J 259 -16.99 34.60 -21.42
CA ASP J 259 -16.72 36.03 -21.31
C ASP J 259 -16.25 36.33 -19.89
N ALA J 260 -15.11 37.02 -19.79
CA ALA J 260 -14.57 37.35 -18.47
C ALA J 260 -15.41 38.44 -17.81
N GLU J 261 -15.13 38.65 -16.53
CA GLU J 261 -15.68 39.72 -15.68
C GLU J 261 -17.20 39.75 -15.68
N THR J 262 -17.86 38.77 -16.29
CA THR J 262 -19.31 38.68 -16.22
C THR J 262 -19.84 37.25 -16.14
N GLU J 263 -18.98 36.25 -16.08
CA GLU J 263 -19.44 34.87 -16.21
C GLU J 263 -18.31 33.92 -15.86
N GLU J 264 -18.65 32.82 -15.19
CA GLU J 264 -17.67 31.81 -14.79
C GLU J 264 -18.21 30.43 -15.14
N TYR J 265 -17.38 29.42 -14.87
CA TYR J 265 -17.73 28.02 -15.14
C TYR J 265 -16.94 27.14 -14.19
N ASP J 266 -17.64 26.38 -13.35
CA ASP J 266 -17.02 25.53 -12.35
C ASP J 266 -17.56 24.11 -12.45
N VAL J 267 -16.76 23.15 -12.01
CA VAL J 267 -17.13 21.74 -11.99
C VAL J 267 -16.91 21.20 -10.58
N LEU J 268 -17.92 20.53 -10.05
CA LEU J 268 -17.86 19.93 -8.72
C LEU J 268 -17.86 18.42 -8.83
N ASN J 269 -16.95 17.77 -8.11
CA ASN J 269 -16.76 16.33 -8.19
C ASN J 269 -17.23 15.66 -6.91
N SER J 270 -17.23 14.33 -6.94
CA SER J 270 -17.60 13.50 -5.80
C SER J 270 -16.80 12.19 -5.90
N ASP J 271 -17.21 11.18 -5.15
CA ASP J 271 -16.53 9.90 -5.18
C ASP J 271 -17.51 8.77 -4.92
N ILE J 272 -17.12 7.58 -5.34
CA ILE J 272 -17.86 6.34 -5.05
C ILE J 272 -16.84 5.32 -4.56
N SER J 273 -16.72 5.20 -3.23
CA SER J 273 -15.64 4.44 -2.63
C SER J 273 -16.02 3.00 -2.29
N GLY J 274 -17.00 2.82 -1.41
CA GLY J 274 -17.29 1.50 -0.90
C GLY J 274 -18.72 1.03 -1.07
N VAL J 275 -19.36 1.44 -2.17
CA VAL J 275 -20.74 1.02 -2.43
C VAL J 275 -20.86 -0.48 -2.62
N PRO J 276 -20.06 -1.14 -3.47
CA PRO J 276 -20.27 -2.59 -3.67
C PRO J 276 -20.13 -3.41 -2.41
N GLU J 277 -19.20 -3.04 -1.51
CA GLU J 277 -19.08 -3.77 -0.25
C GLU J 277 -20.31 -3.57 0.62
N PHE J 278 -20.87 -2.36 0.62
CA PHE J 278 -22.11 -2.11 1.36
C PHE J 278 -23.24 -2.98 0.84
N LEU J 279 -23.41 -3.04 -0.48
CA LEU J 279 -24.46 -3.85 -1.06
C LEU J 279 -24.25 -5.34 -0.77
N SER J 280 -22.99 -5.79 -0.85
CA SER J 280 -22.68 -7.19 -0.53
C SER J 280 -23.00 -7.50 0.93
N SER J 281 -22.72 -6.56 1.84
CA SER J 281 -23.05 -6.77 3.24
C SER J 281 -24.55 -6.89 3.45
N LYS J 282 -25.34 -6.04 2.78
CA LYS J 282 -26.79 -6.14 2.90
C LYS J 282 -27.30 -7.47 2.35
N MET J 283 -26.76 -7.91 1.21
CA MET J 283 -27.14 -9.22 0.68
C MET J 283 -26.73 -10.35 1.62
N ASP J 284 -25.60 -10.20 2.30
CA ASP J 284 -25.18 -11.19 3.29
C ASP J 284 -26.16 -11.25 4.45
N ARG J 285 -26.67 -10.08 4.89
CA ARG J 285 -27.71 -10.09 5.92
C ARG J 285 -28.95 -10.81 5.44
N ILE J 286 -29.35 -10.57 4.18
CA ILE J 286 -30.51 -11.27 3.65
C ILE J 286 -30.28 -12.78 3.66
N VAL J 287 -29.09 -13.21 3.24
CA VAL J 287 -28.76 -14.64 3.23
C VAL J 287 -28.83 -15.20 4.65
N SER J 288 -28.28 -14.48 5.62
CA SER J 288 -28.29 -14.96 7.00
C SER J 288 -29.70 -15.11 7.55
N LEU J 289 -30.57 -14.13 7.27
CA LEU J 289 -31.93 -14.19 7.79
C LEU J 289 -32.79 -15.23 7.09
N SER J 290 -32.55 -15.45 5.78
CA SER J 290 -33.43 -16.34 5.01
C SER J 290 -33.36 -17.77 5.52
N GLY J 291 -32.18 -18.26 5.88
CA GLY J 291 -32.04 -19.64 6.28
C GLY J 291 -31.62 -20.59 5.17
N ILE J 292 -31.12 -20.06 4.06
CA ILE J 292 -30.70 -20.87 2.93
C ILE J 292 -29.27 -20.49 2.57
N HIS J 293 -28.52 -21.46 2.04
CA HIS J 293 -27.12 -21.25 1.74
C HIS J 293 -26.94 -20.13 0.72
N GLU J 294 -25.79 -19.45 0.80
CA GLU J 294 -25.54 -18.31 -0.08
C GLU J 294 -25.38 -18.72 -1.53
N ILE J 295 -24.94 -19.96 -1.78
CA ILE J 295 -24.79 -20.43 -3.16
C ILE J 295 -26.14 -20.48 -3.85
N ILE J 296 -27.18 -20.92 -3.13
CA ILE J 296 -28.51 -21.02 -3.72
C ILE J 296 -29.09 -19.64 -3.99
N ILE J 297 -29.01 -18.74 -3.01
CA ILE J 297 -29.66 -17.45 -3.13
C ILE J 297 -28.91 -16.54 -4.09
N LYS J 298 -27.60 -16.34 -3.84
CA LYS J 298 -26.80 -15.53 -4.73
C LYS J 298 -26.60 -16.15 -6.10
N ASN J 299 -26.81 -17.46 -6.21
CA ASN J 299 -26.68 -18.21 -7.46
C ASN J 299 -25.38 -17.89 -8.16
N LYS J 300 -24.31 -17.74 -7.38
CA LYS J 300 -22.99 -17.38 -7.92
C LYS J 300 -21.94 -18.11 -7.11
N ASN J 301 -21.24 -19.02 -7.77
CA ASN J 301 -20.11 -19.72 -7.15
C ASN J 301 -18.91 -18.79 -7.16
N VAL J 302 -17.71 -19.32 -6.93
CA VAL J 302 -16.45 -18.57 -7.00
C VAL J 302 -16.30 -17.73 -5.72
N GLY J 303 -17.40 -17.58 -4.97
CA GLY J 303 -17.30 -16.90 -3.69
C GLY J 303 -16.24 -17.52 -2.79
N GLY J 304 -16.13 -18.84 -2.79
CA GLY J 304 -15.04 -19.52 -2.14
C GLY J 304 -14.10 -20.17 -3.14
N VAL J 305 -12.99 -20.71 -2.64
CA VAL J 305 -12.05 -21.38 -3.53
C VAL J 305 -12.71 -22.65 -4.09
N SER J 306 -12.18 -23.10 -5.23
CA SER J 306 -12.73 -24.27 -5.91
C SER J 306 -12.59 -25.51 -5.05
N ALA J 307 -13.71 -26.01 -4.53
CA ALA J 307 -13.73 -27.21 -3.72
C ALA J 307 -14.08 -28.41 -4.61
N SER J 308 -14.31 -29.56 -4.00
CA SER J 308 -14.68 -30.75 -4.75
C SER J 308 -16.01 -30.54 -5.47
N GLN J 309 -17.09 -30.37 -4.71
CA GLN J 309 -18.42 -30.15 -5.26
C GLN J 309 -19.46 -30.03 -4.15
N ASN J 310 -19.88 -31.17 -3.61
CA ASN J 310 -20.94 -31.19 -2.60
C ASN J 310 -20.47 -30.65 -1.26
N THR J 311 -19.17 -30.42 -1.09
CA THR J 311 -18.64 -30.01 0.20
C THR J 311 -19.26 -28.69 0.66
N ALA J 312 -19.49 -27.76 -0.26
CA ALA J 312 -20.14 -26.51 0.09
C ALA J 312 -21.64 -26.68 0.26
N LEU J 313 -22.25 -27.65 -0.41
CA LEU J 313 -23.70 -27.84 -0.41
C LEU J 313 -24.16 -28.84 0.64
N GLU J 314 -23.26 -29.34 1.50
CA GLU J 314 -23.67 -30.29 2.52
C GLU J 314 -24.68 -29.68 3.50
N THR J 315 -24.51 -28.40 3.84
CA THR J 315 -25.46 -27.76 4.75
C THR J 315 -26.86 -27.70 4.12
N PHE J 316 -26.94 -27.32 2.84
CA PHE J 316 -28.22 -27.29 2.16
C PHE J 316 -28.82 -28.69 2.06
N TYR J 317 -27.99 -29.70 1.81
CA TYR J 317 -28.50 -31.07 1.72
C TYR J 317 -29.02 -31.55 3.07
N LYS J 318 -28.34 -31.20 4.17
CA LYS J 318 -28.83 -31.54 5.49
C LYS J 318 -30.16 -30.86 5.78
N LEU J 319 -30.28 -29.58 5.40
CA LEU J 319 -31.55 -28.88 5.58
C LEU J 319 -32.67 -29.55 4.79
N VAL J 320 -32.39 -29.94 3.54
CA VAL J 320 -33.39 -30.59 2.71
C VAL J 320 -33.78 -31.94 3.30
N ASP J 321 -32.81 -32.68 3.84
CA ASP J 321 -33.12 -33.96 4.45
C ASP J 321 -34.00 -33.80 5.68
N ARG J 322 -33.67 -32.82 6.54
CA ARG J 322 -34.51 -32.58 7.71
C ARG J 322 -35.92 -32.16 7.29
N LYS J 323 -36.03 -31.30 6.28
CA LYS J 323 -37.34 -30.85 5.84
C LYS J 323 -38.15 -32.00 5.24
N ARG J 324 -37.51 -32.87 4.45
CA ARG J 324 -38.25 -33.99 3.88
C ARG J 324 -38.73 -34.92 4.99
N GLU J 325 -37.87 -35.23 5.97
CA GLU J 325 -38.28 -36.08 7.07
C GLU J 325 -39.42 -35.46 7.87
N GLU J 326 -39.43 -34.14 8.03
CA GLU J 326 -40.46 -33.50 8.82
C GLU J 326 -41.80 -33.41 8.08
N ASP J 327 -41.76 -33.12 6.77
CA ASP J 327 -42.98 -32.77 6.04
C ASP J 327 -43.42 -33.78 5.00
N TYR J 328 -42.49 -34.31 4.18
CA TYR J 328 -42.91 -35.12 3.05
C TYR J 328 -43.38 -36.50 3.48
N ARG J 329 -42.78 -37.05 4.54
CA ARG J 329 -43.13 -38.40 4.98
C ARG J 329 -44.59 -38.55 5.38
N PRO J 330 -45.17 -37.65 6.20
CA PRO J 330 -46.60 -37.83 6.56
C PRO J 330 -47.53 -37.83 5.35
N LEU J 331 -47.24 -37.02 4.32
CA LEU J 331 -48.09 -37.01 3.15
C LEU J 331 -48.07 -38.36 2.43
N LEU J 332 -46.87 -38.95 2.29
CA LEU J 332 -46.78 -40.26 1.66
C LEU J 332 -47.45 -41.33 2.51
N GLU J 333 -47.26 -41.27 3.84
CA GLU J 333 -47.89 -42.26 4.70
C GLU J 333 -49.41 -42.09 4.74
N PHE J 334 -49.92 -40.92 4.37
CA PHE J 334 -51.37 -40.76 4.26
C PHE J 334 -51.87 -41.25 2.91
N LEU J 335 -51.13 -41.00 1.84
CA LEU J 335 -51.58 -41.37 0.49
C LEU J 335 -51.43 -42.87 0.21
N LEU J 336 -50.38 -43.50 0.73
CA LEU J 336 -50.08 -44.88 0.35
C LEU J 336 -51.16 -45.89 0.71
N PRO J 337 -51.76 -45.89 1.90
CA PRO J 337 -52.73 -46.96 2.22
C PRO J 337 -53.89 -47.05 1.24
N PHE J 338 -54.20 -45.97 0.52
CA PHE J 338 -55.24 -46.02 -0.51
C PHE J 338 -54.71 -46.46 -1.86
N ILE J 339 -53.42 -46.80 -1.97
CA ILE J 339 -52.84 -47.24 -3.23
C ILE J 339 -52.25 -48.63 -3.08
N VAL J 340 -51.33 -48.79 -2.13
CA VAL J 340 -50.63 -50.06 -1.97
C VAL J 340 -51.57 -51.08 -1.35
N ASP J 341 -51.67 -52.26 -1.97
CA ASP J 341 -52.55 -53.30 -1.48
C ASP J 341 -51.98 -53.98 -0.24
N GLU J 342 -50.67 -54.24 -0.22
CA GLU J 342 -50.06 -54.94 0.90
C GLU J 342 -50.13 -54.09 2.17
N GLU J 343 -50.38 -54.76 3.29
CA GLU J 343 -50.53 -54.05 4.56
C GLU J 343 -49.20 -53.64 5.15
N GLU J 344 -48.11 -54.35 4.85
CA GLU J 344 -46.81 -54.08 5.41
C GLU J 344 -45.91 -53.40 4.37
N TRP J 345 -45.37 -52.24 4.73
CA TRP J 345 -44.50 -51.48 3.85
C TRP J 345 -43.78 -50.42 4.68
N SER J 346 -42.75 -49.84 4.07
CA SER J 346 -41.99 -48.75 4.70
C SER J 346 -41.37 -47.90 3.61
N ILE J 347 -41.12 -46.63 3.94
CA ILE J 347 -40.66 -45.64 2.98
C ILE J 347 -39.21 -45.28 3.30
N GLU J 348 -38.32 -45.44 2.32
CA GLU J 348 -36.92 -45.07 2.45
C GLU J 348 -36.60 -43.99 1.44
N PHE J 349 -36.06 -42.86 1.91
CA PHE J 349 -35.82 -41.72 1.05
C PHE J 349 -34.49 -41.84 0.32
N GLU J 350 -34.52 -41.55 -0.98
CA GLU J 350 -33.31 -41.60 -1.78
C GLU J 350 -32.38 -40.45 -1.41
N PRO J 351 -31.07 -40.68 -1.45
CA PRO J 351 -30.12 -39.61 -1.11
C PRO J 351 -30.15 -38.49 -2.14
N LEU J 352 -29.83 -37.28 -1.67
CA LEU J 352 -29.78 -36.12 -2.56
C LEU J 352 -28.49 -36.12 -3.39
N SER J 353 -27.39 -36.56 -2.81
CA SER J 353 -26.08 -36.51 -3.46
C SER J 353 -25.73 -37.88 -4.03
N VAL J 354 -25.42 -37.90 -5.33
CA VAL J 354 -25.06 -39.15 -6.00
C VAL J 354 -23.63 -39.05 -6.51
N PRO J 355 -22.84 -40.11 -6.43
CA PRO J 355 -21.45 -40.06 -6.90
C PRO J 355 -21.38 -40.13 -8.43
N SER J 356 -20.18 -39.84 -8.94
CA SER J 356 -19.93 -39.93 -10.37
C SER J 356 -19.88 -41.39 -10.81
N LYS J 357 -19.87 -41.59 -12.13
CA LYS J 357 -19.92 -42.94 -12.69
C LYS J 357 -18.67 -43.74 -12.32
N LYS J 358 -17.50 -43.12 -12.33
CA LYS J 358 -16.28 -43.82 -11.96
C LYS J 358 -16.31 -44.29 -10.51
N GLU J 359 -16.78 -43.42 -9.61
CA GLU J 359 -16.93 -43.80 -8.20
C GLU J 359 -17.95 -44.91 -8.05
N GLU J 360 -19.03 -44.87 -8.83
CA GLU J 360 -20.02 -45.93 -8.79
C GLU J 360 -19.42 -47.27 -9.21
N SER J 361 -18.61 -47.26 -10.27
CA SER J 361 -17.95 -48.49 -10.71
C SER J 361 -17.01 -49.02 -9.64
N GLU J 362 -16.25 -48.13 -9.00
CA GLU J 362 -15.36 -48.58 -7.93
C GLU J 362 -16.14 -49.16 -6.75
N ILE J 363 -17.26 -48.52 -6.39
CA ILE J 363 -18.08 -49.02 -5.30
C ILE J 363 -18.64 -50.40 -5.62
N THR J 364 -19.12 -50.59 -6.84
CA THR J 364 -19.63 -51.90 -7.24
C THR J 364 -18.52 -52.94 -7.22
N LYS J 365 -17.33 -52.57 -7.69
CA LYS J 365 -16.20 -53.50 -7.66
C LYS J 365 -15.88 -53.92 -6.23
N ASN J 366 -15.83 -52.96 -5.31
CA ASN J 366 -15.52 -53.29 -3.92
C ASN J 366 -16.59 -54.18 -3.31
N ASN J 367 -17.87 -53.86 -3.56
CA ASN J 367 -18.94 -54.67 -2.98
C ASN J 367 -18.91 -56.09 -3.53
N VAL J 368 -18.68 -56.24 -4.84
CA VAL J 368 -18.60 -57.57 -5.44
C VAL J 368 -17.44 -58.35 -4.85
N GLU J 369 -16.28 -57.70 -4.69
CA GLU J 369 -15.12 -58.38 -4.13
C GLU J 369 -15.41 -58.84 -2.71
N SER J 370 -16.06 -57.98 -1.92
CA SER J 370 -16.40 -58.36 -0.54
C SER J 370 -17.35 -59.55 -0.50
N VAL J 371 -18.38 -59.53 -1.36
CA VAL J 371 -19.34 -60.64 -1.39
C VAL J 371 -18.64 -61.92 -1.80
N THR J 372 -17.77 -61.85 -2.81
CA THR J 372 -17.05 -63.03 -3.26
C THR J 372 -16.16 -63.59 -2.16
N LYS J 373 -15.47 -62.71 -1.44
CA LYS J 373 -14.65 -63.17 -0.31
C LYS J 373 -15.51 -63.79 0.78
N ALA J 374 -16.73 -63.28 0.97
CA ALA J 374 -17.65 -63.88 1.94
C ALA J 374 -18.07 -65.27 1.49
N ILE J 375 -18.24 -65.48 0.18
CA ILE J 375 -18.64 -66.80 -0.33
C ILE J 375 -17.60 -67.85 0.04
N THR J 376 -16.32 -67.53 -0.15
CA THR J 376 -15.27 -68.46 0.22
C THR J 376 -15.28 -68.66 1.74
N GLU J 377 -14.69 -69.78 2.17
CA GLU J 377 -14.67 -70.26 3.55
C GLU J 377 -16.05 -70.65 4.07
N GLN J 378 -17.10 -70.53 3.24
CA GLN J 378 -18.43 -71.09 3.53
C GLN J 378 -18.99 -70.54 4.84
N ILE J 379 -19.21 -69.23 4.85
CA ILE J 379 -19.77 -68.57 6.03
C ILE J 379 -21.02 -67.78 5.68
N ILE J 380 -21.36 -67.72 4.39
CA ILE J 380 -22.44 -66.85 3.94
C ILE J 380 -23.51 -67.58 3.13
N ASP J 381 -23.21 -68.74 2.54
CA ASP J 381 -24.15 -69.49 1.71
C ASP J 381 -24.48 -68.76 0.41
N LEU J 382 -24.87 -69.53 -0.62
CA LEU J 382 -25.12 -68.94 -1.94
C LEU J 382 -26.34 -68.04 -1.92
N GLU J 383 -27.42 -68.44 -1.25
CA GLU J 383 -28.68 -67.71 -1.33
C GLU J 383 -28.55 -66.31 -0.71
N GLU J 384 -27.97 -66.23 0.49
CA GLU J 384 -27.82 -64.94 1.16
C GLU J 384 -26.92 -64.02 0.35
N ALA J 385 -25.85 -64.57 -0.22
CA ALA J 385 -24.98 -63.77 -1.08
C ALA J 385 -25.73 -63.27 -2.31
N ARG J 386 -26.62 -64.09 -2.87
CA ARG J 386 -27.40 -63.65 -4.02
C ARG J 386 -28.34 -62.51 -3.65
N ASP J 387 -29.02 -62.60 -2.50
CA ASP J 387 -29.86 -61.49 -2.09
C ASP J 387 -29.03 -60.24 -1.79
N THR J 388 -27.85 -60.42 -1.19
CA THR J 388 -26.97 -59.28 -0.93
C THR J 388 -26.54 -58.60 -2.22
N LEU J 389 -26.22 -59.40 -3.25
CA LEU J 389 -25.86 -58.83 -4.54
C LEU J 389 -27.05 -58.14 -5.19
N ARG J 390 -28.25 -58.70 -5.04
CA ARG J 390 -29.44 -58.08 -5.60
C ARG J 390 -29.71 -56.73 -4.96
N SER J 391 -29.52 -56.62 -3.65
CA SER J 391 -29.86 -55.39 -2.94
C SER J 391 -28.75 -54.35 -3.04
N ILE J 392 -27.51 -54.73 -2.70
CA ILE J 392 -26.41 -53.78 -2.65
C ILE J 392 -26.11 -53.20 -4.01
N ALA J 393 -26.07 -54.05 -5.04
CA ALA J 393 -25.69 -53.64 -6.40
C ALA J 393 -26.90 -53.75 -7.32
N PRO J 394 -27.65 -52.65 -7.53
CA PRO J 394 -28.79 -52.72 -8.45
C PRO J 394 -28.39 -52.88 -9.90
N GLU J 395 -27.13 -52.61 -10.25
CA GLU J 395 -26.70 -52.68 -11.65
C GLU J 395 -26.84 -54.10 -12.19
N PHE J 396 -26.47 -55.10 -11.39
CA PHE J 396 -26.62 -56.48 -11.81
C PHE J 396 -28.09 -56.83 -11.98
N LYS J 397 -28.43 -57.47 -13.11
CA LYS J 397 -29.79 -57.92 -13.37
C LYS J 397 -29.89 -59.40 -13.04
N LEU J 398 -30.02 -59.68 -11.74
CA LEU J 398 -30.18 -61.05 -11.28
C LEU J 398 -31.55 -61.59 -11.68
N LYS J 399 -31.60 -62.87 -12.00
CA LYS J 399 -32.85 -63.53 -12.36
C LYS J 399 -33.54 -64.02 -11.09
N ASP J 400 -34.87 -63.91 -11.09
CA ASP J 400 -35.66 -64.30 -9.92
C ASP J 400 -35.42 -65.77 -9.58
N GLY J 401 -35.30 -66.04 -8.29
CA GLY J 401 -35.02 -67.38 -7.81
C GLY J 401 -33.54 -67.60 -7.58
N ASN J 402 -33.24 -68.47 -6.61
CA ASN J 402 -31.86 -68.80 -6.25
C ASN J 402 -31.48 -70.20 -6.68
N ASN J 403 -32.15 -70.75 -7.68
CA ASN J 403 -31.91 -72.12 -8.14
C ASN J 403 -30.79 -72.20 -9.19
N ILE J 404 -30.30 -71.07 -9.68
CA ILE J 404 -29.31 -70.95 -10.75
C ILE J 404 -29.44 -72.08 -11.77
N ASN J 405 -28.31 -72.65 -12.19
CA ASN J 405 -28.33 -73.79 -13.09
C ASN J 405 -27.11 -74.67 -12.89
N ASN K 2 23.39 58.53 -41.47
CA ASN K 2 23.10 59.27 -42.69
C ASN K 2 22.91 60.75 -42.40
N GLN K 3 22.51 61.51 -43.43
CA GLN K 3 22.26 62.93 -43.27
C GLN K 3 20.82 63.32 -43.55
N GLU K 4 20.25 62.87 -44.67
CA GLU K 4 18.85 63.21 -44.98
C GLU K 4 17.90 62.67 -43.91
N THR K 5 18.26 61.55 -43.29
CA THR K 5 17.45 61.00 -42.21
C THR K 5 17.35 61.97 -41.05
N LEU K 6 18.46 62.65 -40.73
CA LEU K 6 18.43 63.63 -39.64
C LEU K 6 17.47 64.76 -39.93
N ILE K 7 17.53 65.31 -41.14
CA ILE K 7 16.63 66.41 -41.51
C ILE K 7 15.18 65.93 -41.49
N ALA K 8 14.91 64.73 -42.02
CA ALA K 8 13.55 64.22 -42.01
C ALA K 8 13.03 64.04 -40.58
N VAL K 9 13.86 63.50 -39.69
CA VAL K 9 13.43 63.26 -38.31
C VAL K 9 13.17 64.58 -37.61
N VAL K 10 14.07 65.57 -37.79
CA VAL K 10 13.87 66.86 -37.16
C VAL K 10 12.60 67.53 -37.68
N GLU K 11 12.37 67.44 -38.99
CA GLU K 11 11.17 68.04 -39.56
C GLU K 11 9.92 67.38 -39.03
N GLN K 12 9.94 66.04 -38.89
CA GLN K 12 8.78 65.35 -38.32
C GLN K 12 8.57 65.76 -36.86
N MET K 13 9.65 65.90 -36.10
CA MET K 13 9.52 66.32 -34.70
C MET K 13 8.91 67.70 -34.61
N ARG K 14 9.34 68.63 -35.47
CA ARG K 14 8.78 69.97 -35.45
C ARG K 14 7.34 69.99 -35.95
N LYS K 15 6.98 69.08 -36.87
CA LYS K 15 5.61 69.00 -37.34
C LYS K 15 4.68 68.50 -36.23
N LEU K 16 5.10 67.46 -35.52
CA LEU K 16 4.25 66.88 -34.47
C LEU K 16 4.04 67.87 -33.33
N VAL K 17 5.12 68.45 -32.83
CA VAL K 17 5.07 69.39 -31.73
C VAL K 17 5.56 70.76 -32.23
N PRO K 18 4.69 71.77 -32.20
CA PRO K 18 5.15 73.14 -32.51
C PRO K 18 5.94 73.72 -31.35
N ALA K 19 6.43 74.94 -31.52
CA ALA K 19 7.26 75.68 -30.56
C ALA K 19 8.62 75.06 -30.36
N LEU K 20 8.91 73.91 -30.98
CA LEU K 20 10.25 73.37 -31.05
C LEU K 20 11.04 73.95 -32.21
N ARG K 21 10.38 74.75 -33.06
CA ARG K 21 11.05 75.35 -34.20
C ARG K 21 12.08 76.39 -33.75
N LYS K 22 11.79 77.10 -32.66
CA LYS K 22 12.71 78.12 -32.17
C LYS K 22 13.98 77.53 -31.58
N VAL K 23 13.98 76.25 -31.25
CA VAL K 23 15.17 75.60 -30.68
C VAL K 23 16.25 75.51 -31.75
N PRO K 24 17.51 75.80 -31.42
CA PRO K 24 18.57 75.69 -32.44
C PRO K 24 18.70 74.29 -32.99
N ASP K 25 19.07 74.21 -34.28
CA ASP K 25 19.07 72.93 -34.99
C ASP K 25 20.11 71.96 -34.46
N GLU K 26 21.21 72.44 -33.89
CA GLU K 26 22.30 71.54 -33.49
C GLU K 26 21.90 70.68 -32.30
N THR K 27 21.17 71.26 -31.33
CA THR K 27 20.73 70.49 -30.19
C THR K 27 19.77 69.38 -30.59
N LEU K 28 18.86 69.68 -31.52
CA LEU K 28 17.96 68.64 -32.03
C LEU K 28 18.73 67.55 -32.75
N TYR K 29 19.77 67.91 -33.51
CA TYR K 29 20.61 66.90 -34.15
C TYR K 29 21.28 66.01 -33.11
N ALA K 30 21.82 66.62 -32.04
CA ALA K 30 22.48 65.83 -31.00
C ALA K 30 21.51 64.88 -30.33
N TRP K 31 20.30 65.36 -30.02
CA TRP K 31 19.30 64.49 -29.40
C TRP K 31 18.88 63.37 -30.33
N VAL K 32 18.79 63.66 -31.64
CA VAL K 32 18.42 62.62 -32.59
C VAL K 32 19.50 61.55 -32.68
N GLU K 33 20.77 61.95 -32.74
CA GLU K 33 21.84 60.95 -32.75
C GLU K 33 21.85 60.15 -31.46
N MET K 34 21.55 60.79 -30.33
CA MET K 34 21.46 60.05 -29.08
C MET K 34 20.32 59.03 -29.11
N ALA K 35 19.18 59.41 -29.68
CA ALA K 35 18.04 58.50 -29.76
C ALA K 35 18.30 57.38 -30.75
N GLU K 36 19.15 57.61 -31.74
CA GLU K 36 19.41 56.60 -32.76
C GLU K 36 20.10 55.37 -32.19
N LEU K 37 20.75 55.50 -31.02
CA LEU K 37 21.41 54.35 -30.41
C LEU K 37 20.41 53.29 -29.96
N PHE K 38 19.24 53.71 -29.52
CA PHE K 38 18.27 52.79 -28.94
C PHE K 38 17.35 52.17 -29.98
N VAL K 39 16.90 52.94 -30.96
CA VAL K 39 15.89 52.49 -31.92
C VAL K 39 16.53 51.56 -32.94
N CYS K 40 15.89 50.43 -33.18
CA CYS K 40 16.32 49.51 -34.23
C CYS K 40 15.81 49.99 -35.58
N GLN K 41 16.23 49.30 -36.63
CA GLN K 41 15.86 49.67 -37.98
C GLN K 41 15.18 48.53 -38.73
N LYS K 42 15.64 47.29 -38.57
CA LYS K 42 15.07 46.19 -39.33
C LYS K 42 13.60 45.97 -38.97
N THR K 43 13.26 46.07 -37.69
CA THR K 43 11.89 45.80 -37.26
C THR K 43 10.94 46.87 -37.76
N PHE K 44 11.30 48.15 -37.59
CA PHE K 44 10.38 49.23 -37.94
C PHE K 44 10.26 49.42 -39.45
N LYS K 45 11.35 49.19 -40.19
CA LYS K 45 11.33 49.24 -41.64
C LYS K 45 10.87 50.60 -42.17
N ASP K 46 9.63 50.66 -42.66
CA ASP K 46 9.14 51.87 -43.33
C ASP K 46 8.92 53.01 -42.33
N ALA K 47 8.50 52.70 -41.11
CA ALA K 47 8.18 53.71 -40.11
C ALA K 47 9.39 54.16 -39.29
N TYR K 48 10.59 54.02 -39.86
CA TYR K 48 11.81 54.32 -39.12
C TYR K 48 11.86 55.78 -38.70
N VAL K 49 11.52 56.70 -39.60
CA VAL K 49 11.61 58.13 -39.30
C VAL K 49 10.64 58.49 -38.17
N LYS K 50 9.41 58.00 -38.25
CA LYS K 50 8.41 58.33 -37.22
C LYS K 50 8.79 57.72 -35.88
N ALA K 51 9.30 56.49 -35.89
CA ALA K 51 9.74 55.86 -34.64
C ALA K 51 10.89 56.64 -34.02
N LEU K 52 11.84 57.08 -34.85
CA LEU K 52 12.96 57.86 -34.34
C LEU K 52 12.49 59.18 -33.77
N ALA K 53 11.53 59.84 -34.42
CA ALA K 53 10.99 61.09 -33.89
C ALA K 53 10.30 60.87 -32.55
N LEU K 54 9.51 59.80 -32.44
CA LEU K 54 8.82 59.52 -31.18
C LEU K 54 9.83 59.26 -30.06
N TYR K 55 10.87 58.46 -30.33
CA TYR K 55 11.86 58.18 -29.31
C TYR K 55 12.64 59.43 -28.92
N ALA K 56 12.96 60.28 -29.90
CA ALA K 56 13.66 61.52 -29.59
C ALA K 56 12.82 62.43 -28.71
N LEU K 57 11.52 62.53 -29.01
CA LEU K 57 10.64 63.32 -28.15
C LEU K 57 10.56 62.74 -26.76
N HIS K 58 10.47 61.41 -26.65
CA HIS K 58 10.41 60.77 -25.34
C HIS K 58 11.67 61.07 -24.53
N LEU K 59 12.85 60.97 -25.15
CA LEU K 59 14.08 61.28 -24.44
C LEU K 59 14.18 62.76 -24.08
N ALA K 60 13.64 63.64 -24.94
CA ALA K 60 13.70 65.06 -24.67
C ALA K 60 12.75 65.48 -23.56
N PHE K 61 11.68 64.72 -23.31
CA PHE K 61 10.72 65.07 -22.27
C PHE K 61 10.59 63.97 -21.23
N LEU K 62 11.69 63.27 -20.93
CA LEU K 62 11.62 62.19 -19.95
C LEU K 62 11.24 62.70 -18.57
N ASP K 63 12.11 63.52 -17.97
CA ASP K 63 11.85 64.14 -16.68
C ASP K 63 12.19 65.63 -16.71
N GLY K 64 12.43 66.16 -17.90
CA GLY K 64 12.93 67.50 -18.08
C GLY K 64 14.41 67.45 -18.35
N ALA K 65 14.79 67.43 -19.63
CA ALA K 65 16.19 67.27 -20.00
C ALA K 65 16.64 68.34 -20.99
N LEU K 66 15.70 68.81 -21.81
CA LEU K 66 16.04 69.82 -22.81
C LEU K 66 16.47 71.13 -22.16
N LYS K 67 15.65 71.62 -21.23
CA LYS K 67 15.95 72.81 -20.40
C LYS K 67 16.26 73.98 -21.35
N GLY K 68 17.33 74.72 -21.09
CA GLY K 68 17.68 75.86 -21.92
C GLY K 68 19.12 76.26 -21.69
N GLU K 69 19.53 77.32 -22.39
CA GLU K 69 20.91 77.77 -22.30
C GLU K 69 21.21 78.39 -20.93
N ASP K 70 20.28 79.15 -20.38
CA ASP K 70 20.53 79.93 -19.17
C ASP K 70 19.96 79.33 -17.90
N GLU K 71 19.37 78.13 -17.96
CA GLU K 71 18.82 77.49 -16.76
C GLU K 71 19.91 77.24 -15.73
N ASP K 72 19.64 77.57 -14.47
CA ASP K 72 20.64 77.44 -13.41
C ASP K 72 20.97 75.97 -13.14
N LEU K 73 22.18 75.72 -12.65
CA LEU K 73 22.63 74.35 -12.42
C LEU K 73 21.84 73.66 -11.33
N GLU K 74 21.26 74.42 -10.40
CA GLU K 74 20.56 73.81 -9.27
C GLU K 74 19.27 73.12 -9.69
N SER K 75 18.60 73.64 -10.72
CA SER K 75 17.26 73.16 -11.08
C SER K 75 17.25 71.75 -11.68
N TYR K 76 18.40 71.09 -11.78
CA TYR K 76 18.44 69.76 -12.37
C TYR K 76 18.21 68.65 -11.36
N SER K 77 18.13 68.97 -10.07
CA SER K 77 17.83 67.99 -9.04
C SER K 77 16.62 68.37 -8.20
N ARG K 78 15.84 69.36 -8.63
CA ARG K 78 14.77 69.94 -7.82
C ARG K 78 13.95 70.88 -8.69
N ARG K 79 12.71 71.13 -8.25
CA ARG K 79 11.80 72.01 -8.95
C ARG K 79 11.18 73.01 -7.98
N VAL K 80 10.50 74.01 -8.52
CA VAL K 80 9.78 74.98 -7.71
C VAL K 80 8.30 74.59 -7.71
N THR K 81 7.74 74.38 -6.52
CA THR K 81 6.34 73.98 -6.43
C THR K 81 5.41 75.17 -6.58
N SER K 82 5.80 76.33 -6.05
CA SER K 82 4.98 77.52 -6.12
C SER K 82 5.85 78.75 -6.02
N PHE K 83 5.32 79.88 -6.47
CA PHE K 83 6.02 81.15 -6.41
C PHE K 83 5.00 82.28 -6.42
N SER K 84 5.27 83.32 -5.62
CA SER K 84 4.38 84.47 -5.53
C SER K 84 5.21 85.71 -5.22
N LEU K 85 4.79 86.83 -5.78
CA LEU K 85 5.50 88.11 -5.62
C LEU K 85 4.58 89.07 -4.86
N SER K 86 4.77 89.12 -3.54
CA SER K 86 4.02 90.02 -2.66
C SER K 86 2.52 89.94 -2.90
N GLY K 87 1.91 91.08 -3.20
CA GLY K 87 0.50 91.16 -3.53
C GLY K 87 0.19 91.30 -5.01
N GLU K 88 1.13 90.93 -5.89
CA GLU K 88 0.91 91.10 -7.32
C GLU K 88 0.24 89.88 -7.93
N PHE K 89 0.86 88.71 -7.78
CA PHE K 89 0.31 87.48 -8.36
C PHE K 89 0.87 86.29 -7.62
N SER K 90 0.22 85.15 -7.82
CA SER K 90 0.66 83.89 -7.23
C SER K 90 0.45 82.77 -8.23
N GLN K 91 1.21 81.69 -8.08
CA GLN K 91 1.12 80.56 -8.99
C GLN K 91 1.62 79.31 -8.30
N THR K 92 0.98 78.18 -8.64
CA THR K 92 1.36 76.88 -8.11
C THR K 92 1.59 75.92 -9.25
N PHE K 93 2.45 74.92 -9.01
CA PHE K 93 2.85 73.98 -10.02
C PHE K 93 2.71 72.55 -9.50
N GLY K 94 2.61 71.61 -10.43
CA GLY K 94 2.48 70.21 -10.07
C GLY K 94 2.95 69.31 -11.19
N GLU K 95 3.01 68.02 -10.89
CA GLU K 95 3.45 67.03 -11.87
C GLU K 95 2.36 66.78 -12.91
N VAL K 96 2.75 66.18 -14.03
CA VAL K 96 1.84 66.03 -15.15
C VAL K 96 1.02 64.75 -15.03
N THR K 97 1.63 63.68 -14.54
CA THR K 97 0.96 62.39 -14.44
C THR K 97 1.78 61.46 -13.56
N LYS K 98 1.09 60.74 -12.69
CA LYS K 98 1.69 59.75 -11.81
C LYS K 98 1.58 58.37 -12.45
N ASN K 99 2.71 57.72 -12.66
CA ASN K 99 2.76 56.37 -13.20
C ASN K 99 2.98 55.40 -12.04
N GLN K 100 2.05 54.46 -11.86
CA GLN K 100 2.16 53.51 -10.76
C GLN K 100 3.38 52.61 -10.92
N SER K 101 3.56 52.06 -12.13
CA SER K 101 4.67 51.16 -12.38
C SER K 101 5.97 51.93 -12.47
N GLY K 102 7.02 51.42 -11.81
CA GLY K 102 8.33 52.04 -11.90
C GLY K 102 9.05 51.67 -13.18
N ASP K 103 8.41 51.95 -14.31
CA ASP K 103 8.93 51.59 -15.62
C ASP K 103 9.07 52.85 -16.48
N MET K 104 10.24 53.01 -17.11
CA MET K 104 10.42 54.06 -18.08
C MET K 104 9.72 53.67 -19.38
N MET K 105 9.43 54.68 -20.22
CA MET K 105 8.65 54.64 -21.45
C MET K 105 7.15 54.65 -21.16
N LEU K 106 6.73 54.65 -19.89
CA LEU K 106 5.34 54.84 -19.53
C LEU K 106 5.13 56.14 -18.77
N SER K 107 6.06 57.09 -18.88
CA SER K 107 5.96 58.37 -18.21
C SER K 107 5.46 59.49 -19.11
N THR K 108 5.58 59.33 -20.43
CA THR K 108 5.15 60.34 -21.38
C THR K 108 4.30 59.71 -22.47
N PRO K 109 3.39 60.48 -23.07
CA PRO K 109 2.58 59.91 -24.17
C PRO K 109 3.39 59.40 -25.34
N TRP K 110 4.51 60.04 -25.66
CA TRP K 110 5.36 59.57 -26.75
C TRP K 110 5.93 58.20 -26.45
N GLY K 111 6.31 57.94 -25.20
CA GLY K 111 6.79 56.61 -24.85
C GLY K 111 5.73 55.54 -25.03
N LYS K 112 4.50 55.84 -24.61
CA LYS K 112 3.40 54.88 -24.79
C LYS K 112 3.13 54.65 -26.27
N MET K 113 3.15 55.71 -27.07
CA MET K 113 2.93 55.56 -28.50
C MET K 113 4.02 54.70 -29.14
N PHE K 114 5.27 54.93 -28.75
CA PHE K 114 6.37 54.12 -29.28
C PHE K 114 6.22 52.67 -28.85
N GLU K 115 5.82 52.43 -27.60
CA GLU K 115 5.66 51.06 -27.11
C GLU K 115 4.57 50.33 -27.89
N GLN K 116 3.45 51.00 -28.15
CA GLN K 116 2.38 50.36 -28.89
C GLN K 116 2.76 50.16 -30.35
N LEU K 117 3.53 51.08 -30.93
CA LEU K 117 4.01 50.88 -32.30
C LEU K 117 4.93 49.67 -32.38
N LYS K 118 5.84 49.53 -31.41
CA LYS K 118 6.72 48.37 -31.39
C LYS K 118 5.93 47.08 -31.19
N ALA K 119 4.91 47.11 -30.33
CA ALA K 119 4.07 45.93 -30.14
C ALA K 119 3.35 45.56 -31.43
N ARG K 120 2.89 46.56 -32.18
CA ARG K 120 2.20 46.29 -33.43
C ARG K 120 3.14 45.71 -34.48
N ARG K 121 4.35 46.25 -34.60
CA ARG K 121 5.21 45.85 -35.71
C ARG K 121 5.99 44.57 -35.41
N ARG K 122 6.61 44.46 -34.24
CA ARG K 122 7.34 43.25 -33.88
C ARG K 122 6.74 42.54 -32.67
N GLY K 123 6.54 43.25 -31.57
CA GLY K 123 6.07 42.68 -30.33
C GLY K 123 7.04 42.90 -29.19
N ARG K 124 6.54 42.66 -27.99
CA ARG K 124 7.32 42.84 -26.75
C ARG K 124 7.51 41.48 -26.11
N PHE K 125 8.52 40.75 -26.57
CA PHE K 125 8.83 39.43 -26.03
C PHE K 125 10.23 39.04 -26.47
N ALA K 126 10.77 38.03 -25.80
CA ALA K 126 12.07 37.45 -26.14
C ALA K 126 12.03 35.97 -25.79
N LEU K 127 11.92 35.11 -26.80
CA LEU K 127 11.84 33.67 -26.61
C LEU K 127 13.06 33.04 -27.28
N MET K 128 13.95 32.49 -26.46
CA MET K 128 15.26 32.03 -26.93
C MET K 128 15.54 30.62 -26.45
N THR K 129 16.45 29.95 -27.16
CA THR K 129 17.01 28.68 -26.74
C THR K 129 18.52 28.71 -27.00
N GLY K 130 19.26 27.91 -26.23
CA GLY K 130 20.70 27.92 -26.35
C GLY K 130 21.17 27.39 -27.69
N LEU K 131 22.38 27.80 -28.07
CA LEU K 131 22.99 27.36 -29.33
C LEU K 131 23.69 26.01 -29.14
N HIS L 32 -45.50 -4.92 -23.39
CA HIS L 32 -45.48 -6.14 -24.18
C HIS L 32 -44.09 -6.78 -24.12
N VAL L 33 -44.04 -8.07 -23.77
CA VAL L 33 -42.76 -8.74 -23.59
C VAL L 33 -42.09 -9.11 -24.90
N GLY L 34 -42.84 -9.08 -26.01
CA GLY L 34 -42.23 -9.44 -27.28
C GLY L 34 -41.12 -8.50 -27.71
N SER L 35 -41.36 -7.19 -27.58
CA SER L 35 -40.34 -6.22 -27.96
C SER L 35 -39.11 -6.32 -27.07
N PHE L 36 -39.32 -6.49 -25.76
CA PHE L 36 -38.19 -6.66 -24.85
C PHE L 36 -37.40 -7.93 -25.15
N TYR L 37 -38.08 -9.02 -25.48
CA TYR L 37 -37.40 -10.25 -25.86
C TYR L 37 -36.61 -10.08 -27.14
N ASN L 38 -37.17 -9.35 -28.11
CA ASN L 38 -36.50 -9.16 -29.39
C ASN L 38 -35.26 -8.29 -29.26
N ASP L 39 -35.40 -7.14 -28.58
CA ASP L 39 -34.32 -6.16 -28.56
C ASP L 39 -33.16 -6.59 -27.66
N ASN L 40 -33.46 -7.13 -26.48
CA ASN L 40 -32.45 -7.44 -25.49
C ASN L 40 -31.88 -8.83 -25.70
N ALA L 41 -30.55 -8.94 -25.75
CA ALA L 41 -29.91 -10.23 -25.91
C ALA L 41 -29.88 -11.03 -24.60
N THR L 42 -29.74 -10.33 -23.47
CA THR L 42 -29.71 -11.03 -22.18
C THR L 42 -31.05 -11.71 -21.89
N ALA L 43 -32.15 -11.02 -22.16
CA ALA L 43 -33.47 -11.63 -21.96
C ALA L 43 -33.66 -12.83 -22.88
N LYS L 44 -33.21 -12.71 -24.13
CA LYS L 44 -33.30 -13.82 -25.07
C LYS L 44 -32.52 -15.03 -24.58
N ARG L 45 -31.30 -14.81 -24.09
CA ARG L 45 -30.52 -15.93 -23.56
C ARG L 45 -31.20 -16.54 -22.34
N ILE L 46 -31.72 -15.69 -21.44
CA ILE L 46 -32.39 -16.20 -20.25
C ILE L 46 -33.58 -17.07 -20.64
N VAL L 47 -34.34 -16.65 -21.65
CA VAL L 47 -35.52 -17.42 -22.04
C VAL L 47 -35.13 -18.72 -22.72
N ASP L 48 -34.16 -18.68 -23.63
CA ASP L 48 -33.89 -19.83 -24.49
C ASP L 48 -32.77 -20.75 -24.01
N VAL L 49 -32.12 -20.46 -22.89
CA VAL L 49 -30.97 -21.30 -22.52
C VAL L 49 -31.41 -22.65 -21.98
N ILE L 50 -32.53 -22.72 -21.27
CA ILE L 50 -32.95 -23.96 -20.60
C ILE L 50 -33.58 -24.95 -21.58
N PRO L 51 -34.60 -24.57 -22.37
CA PRO L 51 -35.25 -25.58 -23.22
C PRO L 51 -34.31 -26.26 -24.19
N GLU L 52 -33.38 -25.52 -24.79
CA GLU L 52 -32.42 -26.12 -25.72
C GLU L 52 -31.52 -27.12 -24.99
N GLU L 53 -31.06 -26.77 -23.80
CA GLU L 53 -30.22 -27.67 -23.02
C GLU L 53 -30.97 -28.94 -22.66
N MET L 54 -32.26 -28.82 -22.32
CA MET L 54 -33.04 -30.01 -21.98
C MET L 54 -33.25 -30.89 -23.21
N VAL L 55 -33.66 -30.29 -24.33
CA VAL L 55 -34.04 -31.09 -25.49
C VAL L 55 -32.81 -31.73 -26.14
N THR L 56 -31.68 -31.03 -26.19
CA THR L 56 -30.51 -31.53 -26.90
C THR L 56 -30.01 -32.85 -26.30
N ALA L 57 -30.06 -32.97 -24.97
CA ALA L 57 -29.55 -34.18 -24.33
C ALA L 57 -30.34 -35.42 -24.77
N GLY L 58 -31.65 -35.30 -24.90
CA GLY L 58 -32.46 -36.41 -25.35
C GLY L 58 -32.97 -37.28 -24.22
N PHE L 59 -33.66 -38.35 -24.62
CA PHE L 59 -34.26 -39.29 -23.68
C PHE L 59 -34.02 -40.71 -24.15
N LYS L 60 -34.07 -41.64 -23.21
CA LYS L 60 -33.87 -43.06 -23.47
C LYS L 60 -35.05 -43.85 -22.91
N MET L 61 -35.60 -44.74 -23.72
CA MET L 61 -36.73 -45.57 -23.31
C MET L 61 -36.31 -47.02 -23.16
N SER L 62 -36.82 -47.65 -22.10
CA SER L 62 -36.56 -49.05 -21.83
C SER L 62 -37.88 -49.81 -21.80
N GLY L 63 -37.81 -51.10 -22.14
CA GLY L 63 -38.98 -51.95 -22.19
C GLY L 63 -39.49 -52.25 -23.59
N VAL L 64 -39.05 -51.51 -24.59
CA VAL L 64 -39.45 -51.77 -25.97
C VAL L 64 -38.62 -52.90 -26.54
N LYS L 65 -39.18 -53.62 -27.51
CA LYS L 65 -38.48 -54.73 -28.14
C LYS L 65 -37.42 -54.23 -29.13
N ASP L 66 -37.85 -53.47 -30.13
CA ASP L 66 -36.94 -52.94 -31.14
C ASP L 66 -36.56 -51.51 -30.74
N GLU L 67 -35.26 -51.27 -30.57
CA GLU L 67 -34.79 -49.94 -30.20
C GLU L 67 -34.40 -49.12 -31.43
N LYS L 68 -33.77 -49.77 -32.41
CA LYS L 68 -33.37 -49.04 -33.61
C LYS L 68 -34.58 -48.68 -34.45
N GLU L 69 -35.59 -49.57 -34.52
CA GLU L 69 -36.82 -49.24 -35.22
C GLU L 69 -37.53 -48.07 -34.57
N PHE L 70 -37.57 -48.06 -33.22
CA PHE L 70 -38.17 -46.92 -32.53
C PHE L 70 -37.39 -45.64 -32.78
N LYS L 71 -36.06 -45.72 -32.81
CA LYS L 71 -35.25 -44.54 -33.08
C LYS L 71 -35.54 -43.99 -34.48
N SER L 72 -35.64 -44.88 -35.47
CA SER L 72 -35.98 -44.45 -36.82
C SER L 72 -37.36 -43.83 -36.87
N LEU L 73 -38.34 -44.44 -36.18
CA LEU L 73 -39.69 -43.88 -36.17
C LEU L 73 -39.71 -42.50 -35.52
N TRP L 74 -38.98 -42.33 -34.42
CA TRP L 74 -38.95 -41.03 -33.74
C TRP L 74 -38.28 -39.98 -34.62
N ASP L 75 -37.17 -40.32 -35.27
CA ASP L 75 -36.50 -39.36 -36.15
C ASP L 75 -37.27 -39.10 -37.43
N SER L 76 -38.22 -39.97 -37.79
CA SER L 76 -39.05 -39.71 -38.95
C SER L 76 -39.93 -38.47 -38.76
N TYR L 77 -40.47 -38.30 -37.55
CA TYR L 77 -41.39 -37.19 -37.30
C TYR L 77 -40.67 -35.85 -37.17
N LYS L 78 -39.40 -35.86 -36.75
CA LYS L 78 -38.56 -34.66 -36.59
C LYS L 78 -39.32 -33.53 -35.90
N LEU L 79 -39.74 -33.80 -34.66
CA LEU L 79 -40.51 -32.85 -33.86
C LEU L 79 -39.63 -32.03 -32.91
N ASP L 80 -38.33 -31.91 -33.19
CA ASP L 80 -37.43 -31.19 -32.30
C ASP L 80 -37.76 -29.71 -32.23
N SER L 81 -37.89 -29.07 -33.39
CA SER L 81 -38.12 -27.62 -33.43
C SER L 81 -39.46 -27.27 -32.78
N SER L 82 -40.49 -28.08 -33.01
CA SER L 82 -41.78 -27.82 -32.39
C SER L 82 -41.69 -27.90 -30.87
N LEU L 83 -40.99 -28.90 -30.34
CA LEU L 83 -40.83 -29.02 -28.89
C LEU L 83 -40.08 -27.81 -28.32
N VAL L 84 -38.98 -27.42 -28.97
CA VAL L 84 -38.19 -26.29 -28.46
C VAL L 84 -39.02 -25.01 -28.50
N ASP L 85 -39.75 -24.78 -29.59
CA ASP L 85 -40.58 -23.59 -29.69
C ASP L 85 -41.70 -23.59 -28.66
N LEU L 86 -42.31 -24.75 -28.42
CA LEU L 86 -43.36 -24.83 -27.41
C LEU L 86 -42.83 -24.47 -26.04
N LEU L 87 -41.68 -25.04 -25.65
CA LEU L 87 -41.12 -24.72 -24.35
C LEU L 87 -40.72 -23.26 -24.25
N CYS L 88 -40.13 -22.71 -25.31
CA CYS L 88 -39.73 -21.30 -25.28
C CYS L 88 -40.93 -20.38 -25.15
N TRP L 89 -42.01 -20.66 -25.89
CA TRP L 89 -43.21 -19.83 -25.78
C TRP L 89 -43.84 -19.96 -24.41
N ALA L 90 -43.85 -21.18 -23.84
CA ALA L 90 -44.39 -21.36 -22.51
C ALA L 90 -43.61 -20.57 -21.47
N ARG L 91 -42.28 -20.55 -21.59
CA ARG L 91 -41.48 -19.76 -20.66
C ARG L 91 -41.66 -18.26 -20.88
N LEU L 92 -41.84 -17.83 -22.12
CA LEU L 92 -41.89 -16.40 -22.40
C LEU L 92 -43.26 -15.80 -22.10
N TYR L 93 -44.31 -16.26 -22.78
CA TYR L 93 -45.62 -15.65 -22.63
C TYR L 93 -46.32 -16.07 -21.34
N GLY L 94 -46.02 -17.27 -20.84
CA GLY L 94 -46.70 -17.82 -19.67
C GLY L 94 -47.58 -19.01 -19.99
N GLY L 95 -47.86 -19.28 -21.26
CA GLY L 95 -48.66 -20.42 -21.63
C GLY L 95 -48.52 -20.72 -23.10
N ALA L 96 -48.76 -21.98 -23.45
CA ALA L 96 -48.71 -22.44 -24.83
C ALA L 96 -49.46 -23.76 -24.91
N ALA L 97 -49.62 -24.26 -26.13
CA ALA L 97 -50.31 -25.53 -26.33
C ALA L 97 -49.85 -26.16 -27.63
N MET L 98 -50.07 -27.47 -27.72
CA MET L 98 -49.70 -28.25 -28.89
C MET L 98 -50.88 -29.12 -29.29
N VAL L 99 -51.26 -29.06 -30.57
CA VAL L 99 -52.36 -29.85 -31.11
C VAL L 99 -51.78 -30.98 -31.94
N ALA L 100 -52.21 -32.21 -31.65
CA ALA L 100 -51.70 -33.38 -32.34
C ALA L 100 -52.69 -33.80 -33.43
N ILE L 101 -52.23 -33.77 -34.67
CA ILE L 101 -53.05 -34.20 -35.80
C ILE L 101 -52.96 -35.72 -35.91
N ILE L 102 -54.11 -36.38 -35.88
CA ILE L 102 -54.16 -37.83 -35.81
C ILE L 102 -55.03 -38.40 -36.91
N LYS L 103 -54.75 -39.64 -37.28
CA LYS L 103 -55.52 -40.36 -38.29
C LYS L 103 -56.55 -41.28 -37.64
N ASP L 104 -57.47 -40.66 -36.90
CA ASP L 104 -58.47 -41.42 -36.16
C ASP L 104 -59.75 -41.66 -36.96
N ASN L 105 -59.91 -41.02 -38.11
CA ASN L 105 -61.06 -41.22 -39.00
C ASN L 105 -62.38 -40.92 -38.29
N ARG L 106 -62.42 -39.82 -37.54
CA ARG L 106 -63.66 -39.31 -36.97
C ARG L 106 -63.56 -37.80 -36.80
N MET L 107 -64.54 -37.24 -36.10
CA MET L 107 -64.60 -35.81 -35.89
C MET L 107 -63.52 -35.35 -34.91
N LEU L 108 -63.17 -34.07 -35.00
CA LEU L 108 -62.22 -33.49 -34.06
C LEU L 108 -62.79 -33.48 -32.65
N THR L 109 -64.08 -33.20 -32.52
CA THR L 109 -64.72 -33.18 -31.20
C THR L 109 -64.76 -34.56 -30.57
N SER L 110 -64.86 -35.61 -31.38
CA SER L 110 -64.92 -36.96 -30.87
C SER L 110 -63.57 -37.37 -30.26
N GLN L 111 -63.65 -38.27 -29.27
CA GLN L 111 -62.45 -38.72 -28.58
C GLN L 111 -61.56 -39.55 -29.50
N ALA L 112 -60.26 -39.54 -29.22
CA ALA L 112 -59.28 -40.29 -30.00
C ALA L 112 -59.10 -41.67 -29.37
N LYS L 113 -59.50 -42.71 -30.11
CA LYS L 113 -59.34 -44.07 -29.62
C LYS L 113 -57.86 -44.48 -29.69
N PRO L 114 -57.43 -45.40 -28.83
CA PRO L 114 -56.08 -45.94 -28.95
C PRO L 114 -55.92 -46.73 -30.24
N GLY L 115 -54.71 -46.68 -30.80
CA GLY L 115 -54.35 -47.42 -31.99
C GLY L 115 -53.81 -46.57 -33.13
N ALA L 116 -54.23 -45.31 -33.24
CA ALA L 116 -53.73 -44.47 -34.32
C ALA L 116 -52.25 -44.14 -34.09
N LYS L 117 -51.58 -43.71 -35.17
CA LYS L 117 -50.13 -43.60 -35.15
C LYS L 117 -49.62 -42.22 -35.52
N LEU L 118 -50.44 -41.18 -35.40
CA LEU L 118 -50.01 -39.78 -35.52
C LEU L 118 -49.62 -39.39 -36.94
N GLU L 119 -49.88 -38.14 -37.32
CA GLU L 119 -49.39 -37.58 -38.57
C GLU L 119 -48.50 -36.37 -38.39
N GLY L 120 -48.59 -35.67 -37.27
CA GLY L 120 -47.83 -34.47 -37.04
C GLY L 120 -48.44 -33.64 -35.94
N VAL L 121 -47.73 -32.57 -35.56
CA VAL L 121 -48.13 -31.70 -34.47
C VAL L 121 -48.20 -30.27 -34.97
N ARG L 122 -48.92 -29.43 -34.22
CA ARG L 122 -49.01 -28.01 -34.51
C ARG L 122 -48.94 -27.25 -33.19
N VAL L 123 -47.89 -26.46 -33.01
CA VAL L 123 -47.73 -25.65 -31.81
C VAL L 123 -48.54 -24.38 -31.97
N TYR L 124 -48.96 -23.81 -30.84
CA TYR L 124 -49.77 -22.61 -30.84
C TYR L 124 -49.28 -21.66 -29.75
N ASP L 125 -49.98 -20.54 -29.62
CA ASP L 125 -49.64 -19.48 -28.68
C ASP L 125 -50.73 -19.36 -27.61
N ARG L 126 -50.42 -18.65 -26.53
CA ARG L 126 -51.32 -18.58 -25.39
C ARG L 126 -52.64 -17.93 -25.77
N PHE L 127 -52.60 -16.83 -26.53
CA PHE L 127 -53.81 -16.08 -26.84
C PHE L 127 -54.63 -16.70 -27.95
N ALA L 128 -54.15 -17.76 -28.58
CA ALA L 128 -54.84 -18.40 -29.70
C ALA L 128 -55.80 -19.50 -29.28
N ILE L 129 -55.93 -19.77 -27.99
CA ILE L 129 -56.75 -20.88 -27.50
C ILE L 129 -57.64 -20.39 -26.37
N THR L 130 -58.93 -20.72 -26.44
CA THR L 130 -59.88 -20.42 -25.38
C THR L 130 -60.82 -21.61 -25.20
N VAL L 131 -61.34 -21.75 -23.99
CA VAL L 131 -62.19 -22.88 -23.61
C VAL L 131 -63.64 -22.57 -23.96
N GLU L 132 -64.37 -23.61 -24.39
CA GLU L 132 -65.78 -23.48 -24.73
C GLU L 132 -66.68 -24.10 -23.66
N LYS L 133 -66.47 -25.38 -23.33
CA LYS L 133 -67.30 -26.09 -22.37
C LYS L 133 -66.40 -26.87 -21.42
N ARG L 134 -66.87 -27.05 -20.19
CA ARG L 134 -66.11 -27.73 -19.16
C ARG L 134 -67.01 -28.72 -18.43
N VAL L 135 -66.39 -29.50 -17.53
CA VAL L 135 -67.10 -30.56 -16.83
C VAL L 135 -68.06 -29.96 -15.80
N THR L 136 -69.28 -30.50 -15.75
CA THR L 136 -70.30 -30.04 -14.81
C THR L 136 -70.75 -31.13 -13.84
N ASN L 137 -70.00 -32.24 -13.75
CA ASN L 137 -70.35 -33.34 -12.86
C ASN L 137 -69.54 -33.20 -11.58
N ALA L 138 -70.22 -32.91 -10.47
CA ALA L 138 -69.53 -32.62 -9.22
C ALA L 138 -68.79 -33.84 -8.69
N ARG L 139 -69.39 -35.03 -8.77
CA ARG L 139 -68.78 -36.21 -8.19
C ARG L 139 -67.55 -36.68 -8.97
N SER L 140 -67.42 -36.29 -10.22
CA SER L 140 -66.27 -36.72 -11.02
C SER L 140 -65.01 -36.06 -10.47
N PRO L 141 -63.90 -36.80 -10.32
CA PRO L 141 -62.65 -36.16 -9.88
C PRO L 141 -62.16 -35.09 -10.83
N ARG L 142 -62.39 -35.26 -12.13
CA ARG L 142 -62.00 -34.25 -13.12
C ARG L 142 -63.16 -33.28 -13.33
N TYR L 143 -63.41 -32.49 -12.28
CA TYR L 143 -64.54 -31.57 -12.25
C TYR L 143 -64.04 -30.14 -12.38
N GLY L 144 -64.62 -29.39 -13.32
CA GLY L 144 -64.22 -28.03 -13.58
C GLY L 144 -63.15 -27.88 -14.65
N GLU L 145 -62.51 -28.97 -15.06
CA GLU L 145 -61.48 -28.90 -16.06
C GLU L 145 -62.08 -28.72 -17.46
N PRO L 146 -61.34 -28.12 -18.38
CA PRO L 146 -61.88 -27.91 -19.73
C PRO L 146 -62.15 -29.21 -20.45
N GLU L 147 -63.11 -29.15 -21.37
CA GLU L 147 -63.50 -30.31 -22.18
C GLU L 147 -63.25 -30.09 -23.67
N ILE L 148 -63.63 -28.93 -24.21
CA ILE L 148 -63.45 -28.62 -25.62
C ILE L 148 -62.82 -27.25 -25.74
N TYR L 149 -61.74 -27.14 -26.52
CA TYR L 149 -61.06 -25.88 -26.75
C TYR L 149 -61.41 -25.35 -28.14
N LYS L 150 -61.51 -24.02 -28.23
CA LYS L 150 -61.85 -23.41 -29.51
C LYS L 150 -60.71 -23.54 -30.52
N VAL L 151 -59.49 -23.23 -30.10
CA VAL L 151 -58.29 -23.30 -30.93
C VAL L 151 -58.48 -22.37 -32.11
N SER L 152 -58.19 -21.09 -31.92
CA SER L 152 -58.21 -20.14 -33.02
C SER L 152 -56.85 -20.12 -33.70
N PRO L 153 -56.76 -20.47 -34.98
CA PRO L 153 -55.45 -20.55 -35.65
C PRO L 153 -54.89 -19.22 -36.12
N GLY L 154 -55.65 -18.14 -36.00
CA GLY L 154 -55.16 -16.87 -36.50
C GLY L 154 -55.04 -16.90 -38.02
N ASP L 155 -54.18 -16.02 -38.54
CA ASP L 155 -53.90 -15.95 -39.97
C ASP L 155 -55.18 -15.80 -40.77
N ASN L 156 -55.44 -16.76 -41.68
CA ASN L 156 -56.62 -16.73 -42.52
C ASN L 156 -57.63 -17.82 -42.19
N MET L 157 -57.26 -18.82 -41.41
CA MET L 157 -58.15 -19.93 -41.11
C MET L 157 -59.18 -19.52 -40.06
N GLN L 158 -60.16 -20.40 -39.86
CA GLN L 158 -61.24 -20.21 -38.92
C GLN L 158 -61.10 -21.15 -37.72
N PRO L 159 -61.63 -20.77 -36.56
CA PRO L 159 -61.50 -21.64 -35.38
C PRO L 159 -62.16 -22.99 -35.59
N TYR L 160 -61.53 -24.03 -35.03
CA TYR L 160 -62.03 -25.39 -35.14
C TYR L 160 -61.90 -26.07 -33.78
N LEU L 161 -63.04 -26.46 -33.21
CA LEU L 161 -63.04 -27.05 -31.88
C LEU L 161 -62.36 -28.42 -31.88
N ILE L 162 -61.67 -28.71 -30.77
CA ILE L 162 -60.91 -29.95 -30.61
C ILE L 162 -61.21 -30.53 -29.23
N HIS L 163 -61.36 -31.85 -29.17
CA HIS L 163 -61.52 -32.53 -27.89
C HIS L 163 -60.27 -32.38 -27.04
N HIS L 164 -60.46 -32.35 -25.72
CA HIS L 164 -59.33 -32.13 -24.82
C HIS L 164 -58.31 -33.26 -24.84
N SER L 165 -58.68 -34.43 -25.37
CA SER L 165 -57.75 -35.54 -25.42
C SER L 165 -56.68 -35.38 -26.51
N ARG L 166 -56.82 -34.38 -27.37
CA ARG L 166 -55.86 -34.13 -28.44
C ARG L 166 -55.11 -32.81 -28.28
N VAL L 167 -55.20 -32.18 -27.10
CA VAL L 167 -54.55 -30.91 -26.84
C VAL L 167 -53.76 -31.03 -25.55
N PHE L 168 -52.49 -30.61 -25.60
CA PHE L 168 -51.63 -30.58 -24.43
C PHE L 168 -51.38 -29.13 -24.03
N ILE L 169 -51.60 -28.83 -22.75
CA ILE L 169 -51.49 -27.46 -22.23
C ILE L 169 -50.22 -27.38 -21.40
N ALA L 170 -49.30 -26.50 -21.80
CA ALA L 170 -48.06 -26.29 -21.09
C ALA L 170 -48.15 -24.98 -20.30
N ASP L 171 -47.87 -25.05 -19.00
CA ASP L 171 -47.99 -23.91 -18.11
C ASP L 171 -46.60 -23.36 -17.78
N GLY L 172 -46.56 -22.06 -17.52
CA GLY L 172 -45.34 -21.36 -17.19
C GLY L 172 -45.01 -21.38 -15.72
N GLU L 173 -44.44 -20.28 -15.24
CA GLU L 173 -44.06 -20.16 -13.84
C GLU L 173 -45.28 -20.18 -12.94
N ARG L 174 -45.09 -20.72 -11.74
CA ARG L 174 -46.18 -20.83 -10.78
C ARG L 174 -46.59 -19.45 -10.27
N VAL L 175 -47.90 -19.25 -10.12
CA VAL L 175 -48.46 -17.98 -9.68
C VAL L 175 -49.52 -18.28 -8.62
N ALA L 176 -49.74 -17.30 -7.74
CA ALA L 176 -50.79 -17.43 -6.74
C ALA L 176 -52.15 -17.57 -7.41
N GLN L 177 -53.04 -18.34 -6.77
CA GLN L 177 -54.32 -18.67 -7.39
C GLN L 177 -55.16 -17.42 -7.67
N GLN L 178 -55.10 -16.44 -6.76
CA GLN L 178 -55.87 -15.22 -6.95
C GLN L 178 -55.46 -14.49 -8.23
N ALA L 179 -54.16 -14.39 -8.49
CA ALA L 179 -53.68 -13.80 -9.73
C ALA L 179 -53.87 -14.73 -10.91
N ARG L 180 -53.88 -16.05 -10.67
CA ARG L 180 -54.13 -17.01 -11.74
C ARG L 180 -55.53 -16.87 -12.30
N LYS L 181 -56.51 -16.61 -11.42
CA LYS L 181 -57.88 -16.40 -11.89
C LYS L 181 -57.97 -15.17 -12.78
N GLN L 182 -57.28 -14.08 -12.40
CA GLN L 182 -57.24 -12.90 -13.26
C GLN L 182 -56.45 -13.13 -14.53
N ASN L 183 -55.60 -14.15 -14.56
CA ASN L 183 -54.83 -14.51 -15.76
C ASN L 183 -55.49 -15.60 -16.58
N GLN L 184 -56.83 -15.69 -16.53
CA GLN L 184 -57.64 -16.70 -17.21
C GLN L 184 -56.98 -18.08 -17.18
N GLY L 185 -56.57 -18.49 -15.99
CA GLY L 185 -56.04 -19.82 -15.78
C GLY L 185 -54.74 -20.10 -16.49
N TRP L 186 -53.88 -19.09 -16.66
CA TRP L 186 -52.56 -19.26 -17.25
C TRP L 186 -51.49 -18.82 -16.27
N GLY L 187 -50.32 -19.44 -16.38
CA GLY L 187 -49.23 -19.13 -15.48
C GLY L 187 -48.61 -17.77 -15.76
N ALA L 188 -47.58 -17.45 -14.98
CA ALA L 188 -46.88 -16.19 -15.10
C ALA L 188 -45.72 -16.33 -16.08
N SER L 189 -44.93 -15.28 -16.23
CA SER L 189 -43.82 -15.26 -17.16
C SER L 189 -42.50 -15.25 -16.42
N VAL L 190 -41.46 -15.74 -17.09
CA VAL L 190 -40.12 -15.74 -16.51
C VAL L 190 -39.64 -14.32 -16.26
N LEU L 191 -39.88 -13.43 -17.21
CA LEU L 191 -39.45 -12.03 -17.10
C LEU L 191 -40.47 -11.26 -16.28
N ASN L 192 -40.31 -11.32 -14.97
CA ASN L 192 -41.16 -10.55 -14.06
C ASN L 192 -40.65 -9.12 -13.98
N LYS L 193 -41.19 -8.35 -13.04
CA LYS L 193 -40.85 -6.94 -12.94
C LYS L 193 -39.40 -6.74 -12.51
N SER L 194 -38.91 -7.59 -11.59
CA SER L 194 -37.57 -7.40 -11.03
C SER L 194 -36.49 -7.54 -12.10
N LEU L 195 -36.61 -8.55 -12.96
CA LEU L 195 -35.59 -8.75 -13.99
C LEU L 195 -35.56 -7.59 -14.98
N ILE L 196 -36.74 -7.11 -15.40
CA ILE L 196 -36.80 -5.99 -16.32
C ILE L 196 -36.19 -4.75 -15.69
N ASP L 197 -36.52 -4.48 -14.43
CA ASP L 197 -35.94 -3.33 -13.74
C ASP L 197 -34.43 -3.44 -13.65
N ALA L 198 -33.92 -4.63 -13.31
CA ALA L 198 -32.48 -4.82 -13.20
C ALA L 198 -31.78 -4.60 -14.53
N ILE L 199 -32.34 -5.14 -15.61
CA ILE L 199 -31.70 -4.99 -16.92
C ILE L 199 -31.69 -3.53 -17.36
N CYS L 200 -32.82 -2.83 -17.17
CA CYS L 200 -32.86 -1.41 -17.53
C CYS L 200 -31.88 -0.60 -16.69
N ASP L 201 -31.77 -0.91 -15.41
CA ASP L 201 -30.82 -0.21 -14.54
C ASP L 201 -29.39 -0.45 -15.00
N TYR L 202 -29.06 -1.68 -15.38
CA TYR L 202 -27.71 -1.96 -15.85
C TYR L 202 -27.39 -1.20 -17.13
N ASP L 203 -28.34 -1.16 -18.07
CA ASP L 203 -28.11 -0.41 -19.30
C ASP L 203 -27.91 1.08 -19.02
N TYR L 204 -28.73 1.64 -18.13
CA TYR L 204 -28.60 3.05 -17.77
C TYR L 204 -27.25 3.32 -17.11
N CYS L 205 -26.80 2.41 -16.24
CA CYS L 205 -25.51 2.58 -15.59
C CYS L 205 -24.37 2.51 -16.59
N GLU L 206 -24.46 1.62 -17.59
CA GLU L 206 -23.43 1.57 -18.62
C GLU L 206 -23.38 2.87 -19.42
N SER L 207 -24.55 3.42 -19.76
CA SER L 207 -24.58 4.70 -20.46
C SER L 207 -23.94 5.80 -19.61
N LEU L 208 -24.25 5.82 -18.31
CA LEU L 208 -23.65 6.81 -17.42
C LEU L 208 -22.14 6.63 -17.34
N ALA L 209 -21.66 5.39 -17.34
CA ALA L 209 -20.22 5.15 -17.31
C ALA L 209 -19.55 5.71 -18.56
N THR L 210 -20.15 5.49 -19.72
CA THR L 210 -19.59 6.07 -20.95
C THR L 210 -19.58 7.58 -20.88
N GLN L 211 -20.66 8.19 -20.38
CA GLN L 211 -20.70 9.64 -20.25
C GLN L 211 -19.64 10.16 -19.27
N ILE L 212 -19.38 9.40 -18.21
CA ILE L 212 -18.36 9.81 -17.24
C ILE L 212 -16.97 9.75 -17.87
N LEU L 213 -16.70 8.71 -18.66
CA LEU L 213 -15.41 8.65 -19.34
C LEU L 213 -15.27 9.80 -20.33
N ARG L 214 -16.38 10.17 -20.98
CA ARG L 214 -16.34 11.20 -22.01
C ARG L 214 -15.83 12.54 -21.47
N ARG L 215 -16.32 12.95 -20.30
CA ARG L 215 -15.97 14.24 -19.72
C ARG L 215 -14.95 14.02 -18.59
N LYS L 216 -13.68 13.94 -18.96
CA LYS L 216 -12.60 13.84 -17.99
C LYS L 216 -11.79 15.12 -17.87
N GLN L 217 -11.57 15.84 -18.97
CA GLN L 217 -10.88 17.12 -18.97
C GLN L 217 -11.72 18.14 -19.71
N GLN L 218 -11.79 19.35 -19.17
CA GLN L 218 -12.46 20.46 -19.84
C GLN L 218 -11.53 21.67 -19.83
N ALA L 219 -11.33 22.27 -21.00
CA ALA L 219 -10.49 23.44 -21.15
C ALA L 219 -11.37 24.66 -21.38
N VAL L 220 -11.29 25.63 -20.48
CA VAL L 220 -12.15 26.81 -20.50
C VAL L 220 -11.32 28.00 -20.98
N TRP L 221 -11.84 28.72 -21.97
CA TRP L 221 -11.16 29.85 -22.57
C TRP L 221 -11.91 31.13 -22.24
N LYS L 222 -11.23 32.08 -21.62
CA LYS L 222 -11.84 33.34 -21.19
C LYS L 222 -11.25 34.51 -21.97
N VAL L 223 -12.11 35.41 -22.40
CA VAL L 223 -11.73 36.63 -23.10
C VAL L 223 -12.36 37.81 -22.37
N LYS L 224 -11.68 38.97 -22.42
CA LYS L 224 -12.17 40.14 -21.71
C LYS L 224 -13.49 40.62 -22.31
N GLY L 225 -13.48 40.96 -23.60
CA GLY L 225 -14.71 41.36 -24.28
C GLY L 225 -15.23 40.29 -25.21
N LEU L 226 -16.29 39.59 -24.80
CA LEU L 226 -16.85 38.50 -25.58
C LEU L 226 -18.36 38.56 -25.72
N ALA L 227 -19.05 39.29 -24.85
CA ALA L 227 -20.50 39.43 -24.94
C ALA L 227 -20.92 40.57 -25.87
N GLU L 228 -19.96 41.29 -26.44
CA GLU L 228 -20.27 42.41 -27.34
C GLU L 228 -20.24 41.93 -28.80
N MET L 229 -21.10 40.95 -29.09
CA MET L 229 -21.22 40.41 -30.44
C MET L 229 -22.69 40.24 -30.79
N CYS L 230 -22.99 40.32 -32.09
CA CYS L 230 -24.33 40.22 -32.65
C CYS L 230 -24.87 38.78 -32.63
N ASP L 231 -24.00 37.82 -32.29
CA ASP L 231 -24.36 36.42 -32.08
C ASP L 231 -24.63 35.67 -33.38
N ASP L 232 -24.65 36.39 -34.51
CA ASP L 232 -24.87 35.75 -35.81
C ASP L 232 -24.01 36.33 -36.93
N ASP L 233 -23.12 37.27 -36.65
CA ASP L 233 -22.34 37.92 -37.68
C ASP L 233 -21.00 37.20 -37.88
N ASP L 234 -20.10 37.82 -38.64
CA ASP L 234 -18.85 37.16 -39.01
C ASP L 234 -17.91 37.00 -37.83
N ALA L 235 -18.05 37.86 -36.81
CA ALA L 235 -17.13 37.82 -35.69
C ALA L 235 -17.22 36.50 -34.93
N GLN L 236 -18.45 36.05 -34.65
CA GLN L 236 -18.64 34.78 -33.97
C GLN L 236 -18.12 33.62 -34.80
N TYR L 237 -18.38 33.66 -36.11
CA TYR L 237 -17.91 32.60 -37.00
C TYR L 237 -16.39 32.50 -36.98
N ALA L 238 -15.71 33.65 -37.08
CA ALA L 238 -14.25 33.65 -37.05
C ALA L 238 -13.72 33.16 -35.70
N ALA L 239 -14.33 33.62 -34.60
CA ALA L 239 -13.87 33.19 -33.29
C ALA L 239 -14.03 31.69 -33.10
N ARG L 240 -15.17 31.14 -33.52
CA ARG L 240 -15.40 29.70 -33.37
C ARG L 240 -14.48 28.89 -34.27
N LEU L 241 -14.22 29.36 -35.49
CA LEU L 241 -13.27 28.67 -36.35
C LEU L 241 -11.87 28.68 -35.75
N ARG L 242 -11.45 29.82 -35.20
CA ARG L 242 -10.15 29.90 -34.57
C ARG L 242 -10.05 28.95 -33.38
N LEU L 243 -11.09 28.92 -32.55
CA LEU L 243 -11.09 28.01 -31.39
C LEU L 243 -11.04 26.56 -31.83
N ALA L 244 -11.80 26.20 -32.87
CA ALA L 244 -11.79 24.83 -33.37
C ALA L 244 -10.41 24.43 -33.86
N GLN L 245 -9.78 25.30 -34.66
CA GLN L 245 -8.45 24.99 -35.17
C GLN L 245 -7.43 24.88 -34.04
N VAL L 246 -7.52 25.77 -33.05
CA VAL L 246 -6.55 25.75 -31.96
C VAL L 246 -6.69 24.48 -31.13
N ASP L 247 -7.92 24.08 -30.80
CA ASP L 247 -8.06 22.85 -30.04
C ASP L 247 -7.80 21.62 -30.89
N ASP L 248 -7.84 21.75 -32.22
CA ASP L 248 -7.48 20.62 -33.08
C ASP L 248 -5.96 20.44 -33.14
N ASN L 249 -5.21 21.53 -33.16
CA ASN L 249 -3.76 21.44 -33.37
C ASN L 249 -2.95 21.42 -32.07
N SER L 250 -3.60 21.57 -30.91
CA SER L 250 -2.86 21.61 -29.66
C SER L 250 -2.61 20.19 -29.15
N GLY L 251 -1.87 20.10 -28.05
CA GLY L 251 -1.55 18.83 -27.43
C GLY L 251 -0.21 18.91 -26.74
N VAL L 252 0.38 17.73 -26.51
CA VAL L 252 1.73 17.65 -25.93
C VAL L 252 2.74 17.89 -27.04
N GLY L 253 3.68 18.80 -26.79
CA GLY L 253 4.62 19.22 -27.80
C GLY L 253 4.20 20.44 -28.60
N ARG L 254 2.98 20.93 -28.39
CA ARG L 254 2.50 22.15 -29.04
C ARG L 254 1.99 23.12 -27.98
N ALA L 255 2.23 24.41 -28.23
CA ALA L 255 1.92 25.46 -27.27
C ALA L 255 0.90 26.43 -27.85
N ILE L 256 0.27 27.19 -26.96
CA ILE L 256 -0.65 28.26 -27.34
C ILE L 256 -0.07 29.58 -26.87
N GLY L 257 -0.13 30.60 -27.73
CA GLY L 257 0.24 31.94 -27.34
C GLY L 257 -0.96 32.70 -26.83
N ILE L 258 -0.92 33.12 -25.57
CA ILE L 258 -2.02 33.82 -24.92
C ILE L 258 -1.61 35.27 -24.72
N ASP L 259 -2.52 36.19 -25.04
CA ASP L 259 -2.31 37.59 -24.73
C ASP L 259 -2.63 37.84 -23.26
N ALA L 260 -1.66 38.40 -22.53
CA ALA L 260 -1.86 38.64 -21.11
C ALA L 260 -2.86 39.77 -20.90
N GLU L 261 -3.27 39.93 -19.64
CA GLU L 261 -4.11 41.02 -19.11
C GLU L 261 -5.43 41.16 -19.87
N THR L 262 -5.75 40.23 -20.78
CA THR L 262 -7.03 40.25 -21.45
C THR L 262 -7.61 38.87 -21.73
N GLU L 263 -6.94 37.79 -21.31
CA GLU L 263 -7.34 36.46 -21.74
C GLU L 263 -6.59 35.42 -20.93
N GLU L 264 -7.28 34.34 -20.58
CA GLU L 264 -6.71 33.26 -19.78
C GLU L 264 -7.07 31.92 -20.41
N TYR L 265 -6.47 30.86 -19.86
CA TYR L 265 -6.69 29.50 -20.35
C TYR L 265 -6.53 28.55 -19.17
N ASP L 266 -7.59 27.81 -18.85
CA ASP L 266 -7.57 26.89 -17.71
C ASP L 266 -8.05 25.52 -18.15
N VAL L 267 -7.63 24.49 -17.41
CA VAL L 267 -8.03 23.11 -17.65
C VAL L 267 -8.56 22.53 -16.34
N LEU L 268 -9.73 21.93 -16.39
CA LEU L 268 -10.35 21.30 -15.23
C LEU L 268 -10.36 19.79 -15.41
N ASN L 269 -9.90 19.07 -14.39
CA ASN L 269 -9.75 17.62 -14.45
C ASN L 269 -10.84 16.94 -13.63
N SER L 270 -10.88 15.62 -13.76
CA SER L 270 -11.81 14.77 -13.01
C SER L 270 -11.12 13.42 -12.82
N ASP L 271 -11.90 12.40 -12.44
CA ASP L 271 -11.33 11.09 -12.23
C ASP L 271 -12.37 10.01 -12.52
N ILE L 272 -11.88 8.80 -12.74
CA ILE L 272 -12.72 7.61 -12.91
C ILE L 272 -12.13 6.52 -12.03
N SER L 273 -12.67 6.37 -10.82
CA SER L 273 -12.06 5.53 -9.79
C SER L 273 -12.62 4.12 -9.75
N GLY L 274 -13.92 3.97 -9.48
CA GLY L 274 -14.47 2.65 -9.25
C GLY L 274 -15.66 2.28 -10.10
N VAL L 275 -15.67 2.76 -11.35
CA VAL L 275 -16.76 2.41 -12.26
C VAL L 275 -16.82 0.92 -12.57
N PRO L 276 -15.72 0.24 -12.94
CA PRO L 276 -15.86 -1.18 -13.29
C PRO L 276 -16.41 -2.05 -12.18
N GLU L 277 -16.04 -1.77 -10.93
CA GLU L 277 -16.59 -2.53 -9.81
C GLU L 277 -18.08 -2.28 -9.66
N PHE L 278 -18.52 -1.04 -9.89
CA PHE L 278 -19.94 -0.72 -9.84
C PHE L 278 -20.71 -1.50 -10.89
N LEU L 279 -20.19 -1.53 -12.12
CA LEU L 279 -20.87 -2.26 -13.20
C LEU L 279 -20.87 -3.76 -12.91
N SER L 280 -19.77 -4.28 -12.36
CA SER L 280 -19.72 -5.70 -12.01
C SER L 280 -20.74 -6.02 -10.92
N SER L 281 -20.91 -5.12 -9.96
CA SER L 281 -21.91 -5.35 -8.91
C SER L 281 -23.32 -5.37 -9.49
N LYS L 282 -23.62 -4.46 -10.41
CA LYS L 282 -24.95 -4.47 -11.02
C LYS L 282 -25.18 -5.75 -11.83
N MET L 283 -24.17 -6.19 -12.57
CA MET L 283 -24.29 -7.45 -13.29
C MET L 283 -24.44 -8.63 -12.34
N ASP L 284 -23.80 -8.57 -11.18
CA ASP L 284 -23.97 -9.61 -10.17
C ASP L 284 -25.40 -9.63 -9.65
N ARG L 285 -26.01 -8.46 -9.46
CA ARG L 285 -27.42 -8.43 -9.08
C ARG L 285 -28.29 -9.06 -10.15
N ILE L 286 -28.00 -8.76 -11.42
CA ILE L 286 -28.77 -9.37 -12.51
C ILE L 286 -28.63 -10.89 -12.47
N VAL L 287 -27.41 -11.38 -12.26
CA VAL L 287 -27.18 -12.82 -12.20
C VAL L 287 -27.95 -13.44 -11.05
N SER L 288 -27.93 -12.78 -9.88
CA SER L 288 -28.64 -13.30 -8.72
C SER L 288 -30.15 -13.36 -8.97
N LEU L 289 -30.72 -12.33 -9.59
CA LEU L 289 -32.16 -12.30 -9.82
C LEU L 289 -32.59 -13.27 -10.92
N SER L 290 -31.75 -13.48 -11.93
CA SER L 290 -32.18 -14.26 -13.09
C SER L 290 -32.46 -15.71 -12.74
N GLY L 291 -31.68 -16.29 -11.83
CA GLY L 291 -31.84 -17.70 -11.51
C GLY L 291 -30.96 -18.64 -12.30
N ILE L 292 -29.92 -18.12 -12.96
CA ILE L 292 -29.02 -18.92 -13.77
C ILE L 292 -27.59 -18.63 -13.32
N HIS L 293 -26.72 -19.62 -13.49
CA HIS L 293 -25.34 -19.49 -13.05
C HIS L 293 -24.65 -18.33 -13.76
N GLU L 294 -23.63 -17.77 -13.09
CA GLU L 294 -22.93 -16.62 -13.65
C GLU L 294 -22.08 -17.00 -14.86
N ILE L 295 -21.63 -18.24 -14.93
CA ILE L 295 -20.84 -18.67 -16.09
C ILE L 295 -21.67 -18.61 -17.36
N ILE L 296 -22.94 -19.02 -17.27
CA ILE L 296 -23.80 -19.01 -18.45
C ILE L 296 -24.11 -17.57 -18.88
N ILE L 297 -24.49 -16.72 -17.93
CA ILE L 297 -24.93 -15.38 -18.28
C ILE L 297 -23.76 -14.51 -18.69
N LYS L 298 -22.73 -14.41 -17.85
CA LYS L 298 -21.55 -13.63 -18.17
C LYS L 298 -20.73 -14.22 -19.30
N ASN L 299 -20.90 -15.52 -19.57
CA ASN L 299 -20.20 -16.23 -20.64
C ASN L 299 -18.70 -15.97 -20.59
N LYS L 300 -18.15 -15.92 -19.38
CA LYS L 300 -16.73 -15.63 -19.18
C LYS L 300 -16.26 -16.46 -18.00
N ASN L 301 -15.35 -17.39 -18.26
CA ASN L 301 -14.71 -18.18 -17.20
C ASN L 301 -13.63 -17.33 -16.57
N VAL L 302 -12.73 -17.95 -15.81
CA VAL L 302 -11.58 -17.28 -15.19
C VAL L 302 -12.04 -16.49 -13.97
N GLY L 303 -13.35 -16.27 -13.85
CA GLY L 303 -13.87 -15.62 -12.66
C GLY L 303 -13.45 -16.33 -11.39
N GLY L 304 -13.41 -17.66 -11.41
CA GLY L 304 -12.83 -18.43 -10.34
C GLY L 304 -11.54 -19.11 -10.76
N VAL L 305 -10.85 -19.74 -9.81
CA VAL L 305 -9.63 -20.46 -10.15
C VAL L 305 -9.98 -21.66 -11.03
N SER L 306 -8.98 -22.11 -11.79
CA SER L 306 -9.17 -23.21 -12.72
C SER L 306 -9.54 -24.49 -11.98
N ALA L 307 -10.78 -24.92 -12.12
CA ALA L 307 -11.26 -26.15 -11.52
C ALA L 307 -11.15 -27.29 -12.52
N SER L 308 -11.71 -28.45 -12.17
CA SER L 308 -11.70 -29.60 -13.07
C SER L 308 -12.47 -29.27 -14.35
N GLN L 309 -13.78 -29.06 -14.22
CA GLN L 309 -14.66 -28.75 -15.34
C GLN L 309 -16.09 -28.58 -14.89
N ASN L 310 -16.78 -29.71 -14.68
CA ASN L 310 -18.20 -29.68 -14.33
C ASN L 310 -18.44 -29.19 -12.91
N THR L 311 -17.38 -29.02 -12.12
CA THR L 311 -17.56 -28.64 -10.71
C THR L 311 -18.30 -27.33 -10.57
N ALA L 312 -17.96 -26.33 -11.39
CA ALA L 312 -18.66 -25.05 -11.33
C ALA L 312 -20.03 -25.12 -11.99
N LEU L 313 -20.26 -26.10 -12.85
CA LEU L 313 -21.52 -26.22 -13.59
C LEU L 313 -22.49 -27.20 -12.96
N GLU L 314 -22.15 -27.77 -11.79
CA GLU L 314 -23.05 -28.72 -11.16
C GLU L 314 -24.39 -28.07 -10.77
N THR L 315 -24.36 -26.82 -10.31
CA THR L 315 -25.60 -26.15 -9.96
C THR L 315 -26.51 -25.99 -11.18
N PHE L 316 -25.94 -25.57 -12.31
CA PHE L 316 -26.72 -25.43 -13.53
C PHE L 316 -27.25 -26.79 -13.99
N TYR L 317 -26.43 -27.83 -13.86
CA TYR L 317 -26.89 -29.17 -14.26
C TYR L 317 -28.03 -29.65 -13.37
N LYS L 318 -27.95 -29.38 -12.06
CA LYS L 318 -29.06 -29.74 -11.17
C LYS L 318 -30.33 -28.99 -11.55
N LEU L 319 -30.19 -27.70 -11.86
CA LEU L 319 -31.36 -26.93 -12.28
C LEU L 319 -31.96 -27.50 -13.55
N VAL L 320 -31.12 -27.89 -14.51
CA VAL L 320 -31.63 -28.43 -15.77
C VAL L 320 -32.30 -29.78 -15.54
N ASP L 321 -31.74 -30.61 -14.65
CA ASP L 321 -32.39 -31.87 -14.34
C ASP L 321 -33.76 -31.66 -13.69
N ARG L 322 -33.85 -30.73 -12.75
CA ARG L 322 -35.15 -30.43 -12.15
C ARG L 322 -36.13 -29.94 -13.19
N LYS L 323 -35.68 -29.05 -14.08
CA LYS L 323 -36.58 -28.49 -15.09
C LYS L 323 -37.03 -29.57 -16.07
N ARG L 324 -36.13 -30.48 -16.48
CA ARG L 324 -36.57 -31.53 -17.40
C ARG L 324 -37.57 -32.46 -16.71
N GLU L 325 -37.28 -32.86 -15.47
CA GLU L 325 -38.22 -33.72 -14.75
C GLU L 325 -39.57 -33.05 -14.55
N GLU L 326 -39.60 -31.72 -14.46
CA GLU L 326 -40.86 -31.04 -14.22
C GLU L 326 -41.65 -30.81 -15.51
N ASP L 327 -40.97 -30.44 -16.60
CA ASP L 327 -41.66 -30.01 -17.82
C ASP L 327 -41.57 -31.00 -18.98
N TYR L 328 -40.39 -31.57 -19.25
CA TYR L 328 -40.21 -32.31 -20.48
C TYR L 328 -40.92 -33.67 -20.42
N ARG L 329 -40.93 -34.30 -19.24
CA ARG L 329 -41.52 -35.63 -19.11
C ARG L 329 -42.99 -35.68 -19.47
N PRO L 330 -43.87 -34.77 -19.01
CA PRO L 330 -45.28 -34.86 -19.41
C PRO L 330 -45.49 -34.78 -20.92
N LEU L 331 -44.71 -33.96 -21.62
CA LEU L 331 -44.86 -33.88 -23.07
C LEU L 331 -44.56 -35.21 -23.74
N LEU L 332 -43.47 -35.87 -23.33
CA LEU L 332 -43.14 -37.17 -23.88
C LEU L 332 -44.18 -38.22 -23.52
N GLU L 333 -44.67 -38.20 -22.28
CA GLU L 333 -45.69 -39.16 -21.88
C GLU L 333 -47.02 -38.92 -22.58
N PHE L 334 -47.25 -37.70 -23.07
CA PHE L 334 -48.43 -37.44 -23.88
C PHE L 334 -48.24 -37.89 -25.32
N LEU L 335 -47.05 -37.66 -25.88
CA LEU L 335 -46.82 -37.98 -27.28
C LEU L 335 -46.59 -39.47 -27.53
N LEU L 336 -45.92 -40.16 -26.61
CA LEU L 336 -45.50 -41.54 -26.87
C LEU L 336 -46.63 -42.53 -27.12
N PRO L 337 -47.74 -42.55 -26.36
CA PRO L 337 -48.76 -43.57 -26.62
C PRO L 337 -49.31 -43.54 -28.02
N PHE L 338 -49.14 -42.43 -28.74
CA PHE L 338 -49.62 -42.30 -30.10
C PHE L 338 -48.57 -42.69 -31.13
N ILE L 339 -47.40 -43.17 -30.68
CA ILE L 339 -46.33 -43.60 -31.57
C ILE L 339 -45.95 -45.04 -31.24
N VAL L 340 -45.63 -45.28 -29.96
CA VAL L 340 -45.14 -46.59 -29.54
C VAL L 340 -46.30 -47.57 -29.50
N ASP L 341 -46.12 -48.72 -30.15
CA ASP L 341 -47.18 -49.73 -30.21
C ASP L 341 -47.32 -50.48 -28.88
N GLU L 342 -46.20 -50.81 -28.24
CA GLU L 342 -46.25 -51.57 -27.00
C GLU L 342 -46.90 -50.76 -25.88
N GLU L 343 -47.71 -51.44 -25.07
CA GLU L 343 -48.43 -50.76 -24.00
C GLU L 343 -47.54 -50.44 -22.80
N GLU L 344 -46.49 -51.22 -22.58
CA GLU L 344 -45.61 -51.04 -21.43
C GLU L 344 -44.30 -50.39 -21.86
N TRP L 345 -43.96 -49.28 -21.22
CA TRP L 345 -42.73 -48.55 -21.52
C TRP L 345 -42.46 -47.56 -20.38
N SER L 346 -41.25 -47.03 -20.37
CA SER L 346 -40.85 -46.03 -19.38
C SER L 346 -39.73 -45.19 -19.97
N ILE L 347 -39.61 -43.95 -19.48
CA ILE L 347 -38.68 -42.97 -20.03
C ILE L 347 -37.58 -42.72 -19.01
N GLU L 348 -36.34 -42.89 -19.44
CA GLU L 348 -35.16 -42.63 -18.61
C GLU L 348 -34.33 -41.54 -19.28
N PHE L 349 -34.03 -40.48 -18.54
CA PHE L 349 -33.35 -39.33 -19.11
C PHE L 349 -31.84 -39.51 -19.07
N GLU L 350 -31.19 -39.19 -20.19
CA GLU L 350 -29.75 -39.31 -20.28
C GLU L 350 -29.08 -38.22 -19.44
N PRO L 351 -27.97 -38.55 -18.79
CA PRO L 351 -27.25 -37.54 -17.99
C PRO L 351 -26.65 -36.46 -18.88
N LEU L 352 -26.59 -35.24 -18.33
CA LEU L 352 -26.01 -34.12 -19.06
C LEU L 352 -24.50 -34.19 -19.09
N SER L 353 -23.88 -34.62 -18.00
CA SER L 353 -22.43 -34.65 -17.86
C SER L 353 -21.90 -36.02 -18.27
N VAL L 354 -21.01 -36.04 -19.25
CA VAL L 354 -20.43 -37.29 -19.74
C VAL L 354 -18.93 -37.27 -19.46
N PRO L 355 -18.33 -38.39 -19.07
CA PRO L 355 -16.90 -38.43 -18.79
C PRO L 355 -16.09 -38.44 -20.07
N SER L 356 -14.77 -38.23 -19.91
CA SER L 356 -13.86 -38.28 -21.03
C SER L 356 -13.64 -39.72 -21.48
N LYS L 357 -12.99 -39.88 -22.63
CA LYS L 357 -12.81 -41.20 -23.22
C LYS L 357 -11.97 -42.11 -22.33
N LYS L 358 -10.91 -41.56 -21.72
CA LYS L 358 -10.07 -42.35 -20.84
C LYS L 358 -10.85 -42.85 -19.62
N GLU L 359 -11.66 -41.97 -19.03
CA GLU L 359 -12.50 -42.38 -17.91
C GLU L 359 -13.51 -43.42 -18.35
N GLU L 360 -14.05 -43.30 -19.57
CA GLU L 360 -14.97 -44.30 -20.08
C GLU L 360 -14.31 -45.66 -20.21
N SER L 361 -13.06 -45.68 -20.71
CA SER L 361 -12.34 -46.94 -20.83
C SER L 361 -12.09 -47.56 -19.46
N GLU L 362 -11.70 -46.73 -18.48
CA GLU L 362 -11.49 -47.26 -17.13
C GLU L 362 -12.77 -47.81 -16.53
N ILE L 363 -13.89 -47.12 -16.75
CA ILE L 363 -15.18 -47.60 -16.25
C ILE L 363 -15.54 -48.93 -16.89
N THR L 364 -15.35 -49.05 -18.20
CA THR L 364 -15.65 -50.32 -18.87
C THR L 364 -14.77 -51.44 -18.35
N LYS L 365 -13.48 -51.16 -18.13
CA LYS L 365 -12.59 -52.19 -17.60
C LYS L 365 -13.02 -52.64 -16.22
N ASN L 366 -13.37 -51.68 -15.35
CA ASN L 366 -13.83 -52.04 -14.01
C ASN L 366 -15.10 -52.88 -14.06
N ASN L 367 -16.07 -52.48 -14.89
CA ASN L 367 -17.31 -53.24 -14.99
C ASN L 367 -17.06 -54.64 -15.52
N VAL L 368 -16.21 -54.77 -16.53
CA VAL L 368 -15.92 -56.08 -17.11
C VAL L 368 -15.24 -56.98 -16.08
N GLU L 369 -14.28 -56.43 -15.33
CA GLU L 369 -13.59 -57.24 -14.33
C GLU L 369 -14.55 -57.67 -13.22
N SER L 370 -15.45 -56.77 -12.80
CA SER L 370 -16.44 -57.13 -11.80
C SER L 370 -17.36 -58.25 -12.29
N VAL L 371 -17.83 -58.15 -13.53
CA VAL L 371 -18.68 -59.19 -14.08
C VAL L 371 -17.93 -60.52 -14.16
N THR L 372 -16.67 -60.48 -14.60
CA THR L 372 -15.87 -61.69 -14.69
C THR L 372 -15.67 -62.34 -13.34
N LYS L 373 -15.39 -61.53 -12.30
CA LYS L 373 -15.28 -62.07 -10.95
C LYS L 373 -16.60 -62.64 -10.48
N ALA L 374 -17.71 -62.06 -10.91
CA ALA L 374 -19.02 -62.63 -10.57
C ALA L 374 -19.23 -63.99 -11.25
N ILE L 375 -18.73 -64.15 -12.48
CA ILE L 375 -18.87 -65.41 -13.19
C ILE L 375 -18.19 -66.54 -12.42
N THR L 376 -16.98 -66.29 -11.94
CA THR L 376 -16.28 -67.28 -11.13
C THR L 376 -17.07 -67.53 -9.84
N GLU L 377 -16.83 -68.70 -9.25
CA GLU L 377 -17.52 -69.22 -8.07
C GLU L 377 -18.99 -69.54 -8.33
N GLN L 378 -19.48 -69.32 -9.56
CA GLN L 378 -20.79 -69.79 -10.01
C GLN L 378 -21.92 -69.25 -9.12
N ILE L 379 -22.06 -67.92 -9.14
CA ILE L 379 -23.10 -67.27 -8.36
C ILE L 379 -23.97 -66.39 -9.25
N ILE L 380 -23.61 -66.26 -10.52
CA ILE L 380 -24.27 -65.30 -11.39
C ILE L 380 -24.84 -65.92 -12.67
N ASP L 381 -24.36 -67.10 -13.08
CA ASP L 381 -24.81 -67.76 -14.32
C ASP L 381 -24.42 -66.98 -15.57
N LEU L 382 -24.36 -67.67 -16.71
CA LEU L 382 -23.87 -67.04 -17.93
C LEU L 382 -24.88 -66.06 -18.49
N GLU L 383 -26.18 -66.39 -18.44
CA GLU L 383 -27.19 -65.56 -19.08
C GLU L 383 -27.31 -64.20 -18.39
N GLU L 384 -27.37 -64.20 -17.06
CA GLU L 384 -27.47 -62.95 -16.32
C GLU L 384 -26.23 -62.08 -16.54
N ALA L 385 -25.05 -62.71 -16.57
CA ALA L 385 -23.82 -61.96 -16.83
C ALA L 385 -23.84 -61.37 -18.24
N ARG L 386 -24.33 -62.12 -19.22
CA ARG L 386 -24.41 -61.59 -20.57
C ARG L 386 -25.37 -60.40 -20.65
N ASP L 387 -26.51 -60.49 -19.98
CA ASP L 387 -27.43 -59.35 -19.95
C ASP L 387 -26.81 -58.14 -19.26
N THR L 388 -26.10 -58.38 -18.15
CA THR L 388 -25.42 -57.30 -17.44
C THR L 388 -24.37 -56.64 -18.33
N LEU L 389 -23.61 -57.44 -19.08
CA LEU L 389 -22.63 -56.88 -20.00
C LEU L 389 -23.31 -56.08 -21.11
N ARG L 390 -24.45 -56.59 -21.60
CA ARG L 390 -25.17 -55.89 -22.67
C ARG L 390 -25.66 -54.52 -22.19
N SER L 391 -26.16 -54.45 -20.96
CA SER L 391 -26.75 -53.21 -20.48
C SER L 391 -25.70 -52.24 -19.94
N ILE L 392 -24.86 -52.71 -19.02
CA ILE L 392 -23.89 -51.83 -18.35
C ILE L 392 -22.90 -51.26 -19.35
N ALA L 393 -22.37 -52.10 -20.23
CA ALA L 393 -21.36 -51.68 -21.20
C ALA L 393 -21.96 -51.72 -22.60
N PRO L 394 -22.42 -50.59 -23.13
CA PRO L 394 -22.97 -50.59 -24.50
C PRO L 394 -21.90 -50.63 -25.58
N GLU L 395 -20.63 -50.44 -25.22
CA GLU L 395 -19.57 -50.49 -26.22
C GLU L 395 -19.47 -51.88 -26.85
N PHE L 396 -19.64 -52.92 -26.05
CA PHE L 396 -19.61 -54.29 -26.56
C PHE L 396 -20.81 -54.52 -27.47
N LYS L 397 -20.55 -55.10 -28.65
CA LYS L 397 -21.61 -55.44 -29.59
C LYS L 397 -21.96 -56.92 -29.43
N LEU L 398 -22.73 -57.21 -28.38
CA LEU L 398 -23.17 -58.58 -28.13
C LEU L 398 -24.18 -59.02 -29.19
N LYS L 399 -24.14 -60.30 -29.52
CA LYS L 399 -25.07 -60.88 -30.48
C LYS L 399 -26.32 -61.37 -29.74
N ASP L 400 -27.48 -61.18 -30.39
CA ASP L 400 -28.75 -61.56 -29.78
C ASP L 400 -28.77 -63.04 -29.44
N GLY L 401 -29.30 -63.37 -28.28
CA GLY L 401 -29.34 -64.72 -27.80
C GLY L 401 -28.20 -65.03 -26.86
N ASN L 402 -28.47 -65.95 -25.91
CA ASN L 402 -27.48 -66.37 -24.92
C ASN L 402 -26.99 -67.78 -25.17
N ASN L 403 -27.02 -68.25 -26.42
CA ASN L 403 -26.68 -69.62 -26.75
C ASN L 403 -25.21 -69.82 -27.09
N ILE L 404 -24.43 -68.72 -27.19
CA ILE L 404 -23.03 -68.71 -27.65
C ILE L 404 -22.79 -69.78 -28.71
N ASN L 405 -21.70 -70.53 -28.59
CA ASN L 405 -21.46 -71.66 -29.47
C ASN L 405 -20.64 -72.73 -28.76
N ASN M 2 43.46 58.01 -21.16
CA ASN M 2 43.82 58.79 -22.34
C ASN M 2 43.55 60.27 -22.12
N GLN M 3 43.74 61.08 -23.15
CA GLN M 3 43.51 62.52 -23.08
C GLN M 3 42.42 63.00 -24.01
N GLU M 4 42.46 62.60 -25.29
CA GLU M 4 41.42 63.02 -26.23
C GLU M 4 40.06 62.51 -25.82
N THR M 5 40.01 61.35 -25.17
CA THR M 5 38.73 60.82 -24.67
C THR M 5 38.11 61.77 -23.66
N LEU M 6 38.94 62.35 -22.79
CA LEU M 6 38.41 63.29 -21.79
C LEU M 6 37.78 64.50 -22.46
N ILE M 7 38.46 65.07 -23.46
CA ILE M 7 37.93 66.24 -24.15
C ILE M 7 36.63 65.88 -24.87
N ALA M 8 36.60 64.73 -25.55
CA ALA M 8 35.39 64.32 -26.25
C ALA M 8 34.23 64.12 -25.28
N VAL M 9 34.48 63.48 -24.15
CA VAL M 9 33.43 63.24 -23.17
C VAL M 9 32.91 64.56 -22.59
N VAL M 10 33.81 65.47 -22.22
CA VAL M 10 33.38 66.74 -21.67
C VAL M 10 32.58 67.53 -22.70
N GLU M 11 33.01 67.52 -23.96
CA GLU M 11 32.28 68.23 -25.00
C GLU M 11 30.90 67.61 -25.21
N GLN M 12 30.80 66.28 -25.15
CA GLN M 12 29.48 65.64 -25.26
C GLN M 12 28.58 66.02 -24.10
N MET M 13 29.11 66.05 -22.87
CA MET M 13 28.30 66.47 -21.74
C MET M 13 27.81 67.91 -21.90
N ARG M 14 28.68 68.79 -22.37
CA ARG M 14 28.27 70.18 -22.59
C ARG M 14 27.26 70.29 -23.73
N LYS M 15 27.34 69.41 -24.73
CA LYS M 15 26.35 69.40 -25.79
C LYS M 15 24.98 68.96 -25.28
N LEU M 16 24.94 67.86 -24.52
CA LEU M 16 23.67 67.33 -24.07
C LEU M 16 22.98 68.28 -23.11
N VAL M 17 23.71 68.79 -22.12
CA VAL M 17 23.17 69.71 -21.14
C VAL M 17 23.88 71.06 -21.30
N PRO M 18 23.14 72.11 -21.63
CA PRO M 18 23.75 73.45 -21.62
C PRO M 18 23.90 73.98 -20.19
N ALA M 19 24.44 75.18 -20.06
CA ALA M 19 24.71 75.85 -18.78
C ALA M 19 25.78 75.13 -17.95
N LEU M 20 26.29 74.00 -18.42
CA LEU M 20 27.46 73.38 -17.83
C LEU M 20 28.75 73.91 -18.43
N ARG M 21 28.65 74.75 -19.46
CA ARG M 21 29.82 75.34 -20.08
C ARG M 21 30.53 76.29 -19.13
N LYS M 22 29.76 76.96 -18.25
CA LYS M 22 30.34 77.92 -17.32
C LYS M 22 31.13 77.24 -16.20
N VAL M 23 30.94 75.94 -16.00
CA VAL M 23 31.68 75.23 -14.95
C VAL M 23 33.14 75.11 -15.35
N PRO M 24 34.09 75.33 -14.43
CA PRO M 24 35.50 75.17 -14.78
C PRO M 24 35.82 73.77 -15.28
N ASP M 25 36.75 73.69 -16.22
CA ASP M 25 37.04 72.44 -16.91
C ASP M 25 37.64 71.38 -15.99
N GLU M 26 38.36 71.78 -14.95
CA GLU M 26 39.05 70.80 -14.11
C GLU M 26 38.05 69.95 -13.31
N THR M 27 36.97 70.57 -12.83
CA THR M 27 35.96 69.81 -12.09
C THR M 27 35.31 68.76 -12.98
N LEU M 28 34.99 69.12 -14.23
CA LEU M 28 34.45 68.15 -15.17
C LEU M 28 35.43 67.03 -15.44
N TYR M 29 36.72 67.35 -15.57
CA TYR M 29 37.73 66.32 -15.75
C TYR M 29 37.75 65.35 -14.57
N ALA M 30 37.73 65.89 -13.35
CA ALA M 30 37.76 65.04 -12.16
C ALA M 30 36.53 64.13 -12.10
N TRP M 31 35.35 64.68 -12.39
CA TRP M 31 34.14 63.88 -12.37
C TRP M 31 34.18 62.81 -13.45
N VAL M 32 34.78 63.12 -14.61
CA VAL M 32 34.88 62.14 -15.68
C VAL M 32 35.83 61.00 -15.28
N GLU M 33 36.97 61.33 -14.67
CA GLU M 33 37.86 60.27 -14.21
C GLU M 33 37.21 59.41 -13.14
N MET M 34 36.41 60.02 -12.25
CA MET M 34 35.68 59.22 -11.27
C MET M 34 34.66 58.31 -11.96
N ALA M 35 33.96 58.83 -12.97
CA ALA M 35 32.96 58.03 -13.67
C ALA M 35 33.58 56.89 -14.45
N GLU M 36 34.82 57.08 -14.93
CA GLU M 36 35.47 56.07 -15.76
C GLU M 36 35.74 54.78 -14.97
N LEU M 37 35.80 54.85 -13.64
CA LEU M 37 36.02 53.66 -12.83
C LEU M 37 34.87 52.67 -12.97
N PHE M 38 33.65 53.16 -13.17
CA PHE M 38 32.47 52.30 -13.19
C PHE M 38 32.14 51.78 -14.59
N VAL M 39 32.40 52.58 -15.62
CA VAL M 39 31.95 52.24 -16.97
C VAL M 39 32.93 51.25 -17.60
N CYS M 40 32.38 50.20 -18.20
CA CYS M 40 33.19 49.27 -18.97
C CYS M 40 33.48 49.82 -20.35
N GLN M 41 34.35 49.13 -21.09
CA GLN M 41 34.72 49.54 -22.43
C GLN M 41 34.52 48.45 -23.48
N LYS M 42 34.77 47.19 -23.15
CA LYS M 42 34.62 46.12 -24.12
C LYS M 42 33.17 45.96 -24.55
N THR M 43 32.23 46.10 -23.61
CA THR M 43 30.82 45.91 -23.94
C THR M 43 30.28 47.05 -24.79
N PHE M 44 30.59 48.29 -24.43
CA PHE M 44 30.00 49.43 -25.13
C PHE M 44 30.64 49.65 -26.49
N LYS M 45 31.95 49.41 -26.62
CA LYS M 45 32.65 49.53 -27.89
C LYS M 45 32.54 50.93 -28.49
N ASP M 46 31.70 51.07 -29.51
CA ASP M 46 31.60 52.33 -30.24
C ASP M 46 31.03 53.43 -29.35
N ALA M 47 30.02 53.12 -28.54
CA ALA M 47 29.29 54.10 -27.75
C ALA M 47 29.98 54.45 -26.43
N TYR M 48 31.29 54.23 -26.34
CA TYR M 48 32.02 54.45 -25.09
C TYR M 48 31.91 55.89 -24.61
N VAL M 49 32.08 56.85 -25.53
CA VAL M 49 32.07 58.26 -25.14
C VAL M 49 30.70 58.66 -24.61
N LYS M 50 29.64 58.24 -25.31
CA LYS M 50 28.29 58.60 -24.89
C LYS M 50 27.93 57.94 -23.56
N ALA M 51 28.33 56.67 -23.38
CA ALA M 51 28.07 56.00 -22.11
C ALA M 51 28.80 56.68 -20.97
N LEU M 52 30.05 57.08 -21.21
CA LEU M 52 30.80 57.80 -20.18
C LEU M 52 30.14 59.12 -19.84
N ALA M 53 29.65 59.85 -20.85
CA ALA M 53 28.96 61.10 -20.59
C ALA M 53 27.70 60.88 -19.76
N LEU M 54 26.92 59.85 -20.10
CA LEU M 54 25.71 59.56 -19.34
C LEU M 54 26.03 59.23 -17.89
N TYR M 55 27.04 58.38 -17.67
CA TYR M 55 27.40 58.00 -16.31
C TYR M 55 27.91 59.20 -15.51
N ALA M 56 28.73 60.05 -16.16
CA ALA M 56 29.24 61.23 -15.47
C ALA M 56 28.11 62.18 -15.09
N LEU M 57 27.15 62.38 -15.99
CA LEU M 57 26.00 63.22 -15.65
C LEU M 57 25.19 62.62 -14.51
N HIS M 58 24.99 61.30 -14.54
CA HIS M 58 24.25 60.63 -13.46
C HIS M 58 24.95 60.82 -12.12
N LEU M 59 26.27 60.65 -12.10
CA LEU M 59 27.01 60.86 -10.85
C LEU M 59 26.98 62.32 -10.41
N ALA M 60 26.98 63.26 -11.36
CA ALA M 60 26.96 64.67 -11.02
C ALA M 60 25.60 65.13 -10.50
N PHE M 61 24.53 64.44 -10.87
CA PHE M 61 23.19 64.84 -10.44
C PHE M 61 22.49 63.73 -9.66
N LEU M 62 23.25 62.92 -8.91
CA LEU M 62 22.66 61.82 -8.17
C LEU M 62 21.68 62.34 -7.13
N ASP M 63 22.18 63.05 -6.12
CA ASP M 63 21.34 63.66 -5.10
C ASP M 63 21.71 65.12 -4.88
N GLY M 64 22.52 65.68 -5.77
CA GLY M 64 23.10 67.00 -5.61
C GLY M 64 24.53 66.86 -5.13
N ALA M 65 25.48 66.86 -6.06
CA ALA M 65 26.87 66.62 -5.71
C ALA M 65 27.79 67.69 -6.27
N LEU M 66 27.40 68.27 -7.41
CA LEU M 66 28.25 69.29 -8.04
C LEU M 66 28.33 70.54 -7.16
N LYS M 67 27.19 71.05 -6.74
CA LYS M 67 27.09 72.18 -5.79
C LYS M 67 27.87 73.36 -6.39
N GLY M 68 28.73 74.01 -5.60
CA GLY M 68 29.49 75.15 -6.09
C GLY M 68 30.66 75.43 -5.16
N GLU M 69 31.40 76.48 -5.51
CA GLU M 69 32.58 76.83 -4.74
C GLU M 69 32.20 77.38 -3.36
N ASP M 70 31.14 78.18 -3.29
CA ASP M 70 30.80 78.91 -2.08
C ASP M 70 29.65 78.31 -1.28
N GLU M 71 29.12 77.16 -1.69
CA GLU M 71 28.02 76.54 -0.97
C GLU M 71 28.42 76.18 0.46
N ASP M 72 27.56 76.49 1.43
CA ASP M 72 27.88 76.26 2.84
C ASP M 72 27.97 74.77 3.15
N LEU M 73 28.75 74.43 4.17
CA LEU M 73 28.98 73.02 4.51
C LEU M 73 27.70 72.35 5.01
N GLU M 74 26.78 73.12 5.60
CA GLU M 74 25.59 72.52 6.19
C GLU M 74 24.67 71.92 5.12
N SER M 75 24.61 72.53 3.94
CA SER M 75 23.63 72.15 2.93
C SER M 75 23.87 70.77 2.33
N TYR M 76 24.90 70.05 2.78
CA TYR M 76 25.16 68.72 2.24
C TYR M 76 24.42 67.61 2.98
N SER M 77 23.75 67.92 4.09
CA SER M 77 22.95 66.95 4.81
C SER M 77 21.49 67.41 4.98
N ARG M 78 21.06 68.42 4.25
CA ARG M 78 19.76 69.05 4.43
C ARG M 78 19.51 70.01 3.28
N ARG M 79 18.23 70.31 3.06
CA ARG M 79 17.82 71.26 2.03
C ARG M 79 16.85 72.26 2.62
N VAL M 80 16.65 73.37 1.91
CA VAL M 80 15.65 74.36 2.31
C VAL M 80 14.36 74.07 1.54
N THR M 81 13.24 73.99 2.26
CA THR M 81 11.98 73.66 1.61
C THR M 81 11.29 74.91 1.10
N SER M 82 11.33 76.00 1.86
CA SER M 82 10.70 77.25 1.46
C SER M 82 11.46 78.41 2.07
N PHE M 83 11.32 79.57 1.44
CA PHE M 83 11.95 80.79 1.92
C PHE M 83 11.14 81.99 1.44
N SER M 84 10.99 82.97 2.32
CA SER M 84 10.23 84.17 2.00
C SER M 84 10.84 85.36 2.71
N LEU M 85 10.78 86.52 2.07
CA LEU M 85 11.36 87.76 2.59
C LEU M 85 10.22 88.72 2.90
N SER M 86 9.73 88.67 4.15
CA SER M 86 8.69 89.56 4.64
C SER M 86 7.49 89.60 3.70
N GLY M 87 7.18 90.79 3.20
CA GLY M 87 6.12 90.99 2.23
C GLY M 87 6.62 91.18 0.81
N GLU M 88 7.84 90.78 0.48
CA GLU M 88 8.37 91.00 -0.86
C GLU M 88 8.03 89.86 -1.79
N PHE M 89 8.44 88.64 -1.43
CA PHE M 89 8.20 87.48 -2.29
C PHE M 89 8.22 86.22 -1.44
N SER M 90 7.69 85.14 -2.00
CA SER M 90 7.68 83.85 -1.35
C SER M 90 7.99 82.77 -2.39
N GLN M 91 8.51 81.65 -1.93
CA GLN M 91 8.90 80.57 -2.83
C GLN M 91 8.94 79.26 -2.06
N THR M 92 8.53 78.18 -2.72
CA THR M 92 8.54 76.85 -2.15
C THR M 92 9.25 75.90 -3.10
N PHE M 93 9.84 74.85 -2.53
CA PHE M 93 10.64 73.90 -3.29
C PHE M 93 10.21 72.48 -2.98
N GLY M 94 10.53 71.57 -3.89
CA GLY M 94 10.18 70.17 -3.73
C GLY M 94 11.11 69.28 -4.51
N GLU M 95 10.98 67.98 -4.26
CA GLU M 95 11.82 67.00 -4.94
C GLU M 95 11.38 66.83 -6.39
N VAL M 96 12.29 66.29 -7.20
CA VAL M 96 12.04 66.23 -8.64
C VAL M 96 11.21 65.00 -9.00
N THR M 97 11.40 63.89 -8.27
CA THR M 97 10.65 62.67 -8.54
C THR M 97 10.86 61.70 -7.39
N LYS M 98 9.89 60.82 -7.21
CA LYS M 98 9.93 59.77 -6.19
C LYS M 98 10.11 58.43 -6.88
N ASN M 99 11.15 57.69 -6.50
CA ASN M 99 11.40 56.35 -7.01
C ASN M 99 10.97 55.35 -5.93
N GLN M 100 10.02 54.47 -6.28
CA GLN M 100 9.53 53.50 -5.32
C GLN M 100 10.62 52.51 -4.92
N SER M 101 11.33 51.98 -5.90
CA SER M 101 12.39 51.02 -5.61
C SER M 101 13.59 51.72 -5.00
N GLY M 102 14.17 51.12 -3.96
CA GLY M 102 15.37 51.65 -3.35
C GLY M 102 16.62 51.29 -4.13
N ASP M 103 16.62 51.61 -5.42
CA ASP M 103 17.70 51.26 -6.33
C ASP M 103 18.31 52.53 -6.92
N MET M 104 19.64 52.62 -6.86
CA MET M 104 20.33 53.68 -7.57
C MET M 104 20.29 53.41 -9.07
N MET M 105 20.49 54.47 -9.86
CA MET M 105 20.42 54.53 -11.32
C MET M 105 18.99 54.64 -11.83
N LEU M 106 17.99 54.63 -10.95
CA LEU M 106 16.61 54.94 -11.33
C LEU M 106 16.14 56.24 -10.71
N SER M 107 17.07 57.08 -10.24
CA SER M 107 16.74 58.36 -9.64
C SER M 107 16.81 59.52 -10.61
N THR M 108 17.54 59.38 -11.71
CA THR M 108 17.72 60.44 -12.69
C THR M 108 17.50 59.89 -14.10
N PRO M 109 17.07 60.75 -15.03
CA PRO M 109 16.87 60.28 -16.41
C PRO M 109 18.14 59.73 -17.05
N TRP M 110 19.30 60.29 -16.75
CA TRP M 110 20.54 59.78 -17.30
C TRP M 110 20.83 58.36 -16.83
N GLY M 111 20.52 58.05 -15.57
CA GLY M 111 20.67 56.68 -15.10
C GLY M 111 19.79 55.70 -15.84
N LYS M 112 18.54 56.08 -16.08
CA LYS M 112 17.64 55.22 -16.84
C LYS M 112 18.13 55.03 -18.28
N MET M 113 18.61 56.11 -18.90
CA MET M 113 19.14 56.01 -20.26
C MET M 113 20.34 55.07 -20.30
N PHE M 114 21.23 55.20 -19.32
CA PHE M 114 22.40 54.32 -19.26
C PHE M 114 21.99 52.87 -19.05
N GLU M 115 21.00 52.65 -18.18
CA GLU M 115 20.55 51.28 -17.92
C GLU M 115 19.96 50.65 -19.18
N GLN M 116 19.14 51.40 -19.92
CA GLN M 116 18.57 50.85 -21.13
C GLN M 116 19.62 50.66 -22.22
N LEU M 117 20.61 51.55 -22.29
CA LEU M 117 21.69 51.35 -23.24
C LEU M 117 22.48 50.08 -22.93
N LYS M 118 22.77 49.84 -21.64
CA LYS M 118 23.48 48.62 -21.26
C LYS M 118 22.63 47.38 -21.56
N ALA M 119 21.32 47.46 -21.31
CA ALA M 119 20.45 46.35 -21.65
C ALA M 119 20.44 46.10 -23.15
N ARG M 120 20.48 47.16 -23.96
CA ARG M 120 20.50 46.99 -25.40
C ARG M 120 21.80 46.36 -25.88
N ARG M 121 22.93 46.77 -25.32
CA ARG M 121 24.21 46.33 -25.87
C ARG M 121 24.69 45.01 -25.30
N ARG M 122 24.64 44.83 -23.97
CA ARG M 122 25.05 43.57 -23.36
C ARG M 122 23.90 42.86 -22.65
N GLY M 123 23.21 43.57 -21.78
CA GLY M 123 22.16 42.98 -20.96
C GLY M 123 22.45 43.12 -19.48
N ARG M 124 21.41 42.86 -18.69
CA ARG M 124 21.49 42.95 -17.23
C ARG M 124 21.29 41.56 -16.65
N PHE M 125 22.37 40.79 -16.60
CA PHE M 125 22.33 39.44 -16.05
C PHE M 125 23.77 38.99 -15.79
N ALA M 126 23.88 37.93 -14.99
CA ALA M 126 25.17 37.30 -14.71
C ALA M 126 24.92 35.82 -14.46
N LEU M 127 25.14 35.00 -15.48
CA LEU M 127 24.91 33.56 -15.41
C LEU M 127 26.27 32.87 -15.36
N MET M 128 26.57 32.21 -14.24
CA MET M 128 27.90 31.71 -13.97
C MET M 128 27.86 30.26 -13.53
N THR M 129 28.99 29.58 -13.73
CA THR M 129 29.23 28.25 -13.19
C THR M 129 30.67 28.19 -12.68
N GLY M 130 30.91 27.29 -11.73
CA GLY M 130 32.22 27.20 -11.12
C GLY M 130 33.28 26.73 -12.11
N LEU M 131 34.53 27.01 -11.75
CA LEU M 131 35.66 26.62 -12.58
C LEU M 131 36.19 25.24 -12.17
N HIS N 32 -27.88 -1.19 -43.11
CA HIS N 32 -27.60 -2.46 -43.75
C HIS N 32 -26.50 -3.21 -43.00
N VAL N 33 -26.69 -4.52 -42.82
CA VAL N 33 -25.72 -5.31 -42.07
C VAL N 33 -24.51 -5.69 -42.89
N GLY N 34 -24.59 -5.57 -44.23
CA GLY N 34 -23.46 -5.95 -45.05
C GLY N 34 -22.24 -5.07 -44.84
N SER N 35 -22.45 -3.75 -44.77
CA SER N 35 -21.33 -2.84 -44.56
C SER N 35 -20.71 -3.05 -43.18
N PHE N 36 -21.54 -3.25 -42.15
CA PHE N 36 -21.02 -3.50 -40.82
C PHE N 36 -20.25 -4.82 -40.76
N TYR N 37 -20.74 -5.84 -41.46
CA TYR N 37 -20.03 -7.11 -41.52
C TYR N 37 -18.69 -6.96 -42.22
N ASN N 38 -18.65 -6.17 -43.30
CA ASN N 38 -17.41 -6.02 -44.06
C ASN N 38 -16.37 -5.21 -43.29
N ASP N 39 -16.79 -4.08 -42.70
CA ASP N 39 -15.82 -3.16 -42.10
C ASP N 39 -15.27 -3.70 -40.79
N ASN N 40 -16.14 -4.25 -39.94
CA ASN N 40 -15.75 -4.64 -38.58
C ASN N 40 -15.22 -6.06 -38.57
N ALA N 41 -14.07 -6.26 -37.92
CA ALA N 41 -13.48 -7.60 -37.81
C ALA N 41 -14.16 -8.41 -36.71
N THR N 42 -14.57 -7.76 -35.62
CA THR N 42 -15.21 -8.47 -34.53
C THR N 42 -16.54 -9.09 -34.97
N ALA N 43 -17.35 -8.32 -35.71
CA ALA N 43 -18.60 -8.85 -36.22
C ALA N 43 -18.37 -10.01 -37.19
N LYS N 44 -17.34 -9.89 -38.04
CA LYS N 44 -17.02 -10.96 -38.96
C LYS N 44 -16.63 -12.24 -38.22
N ARG N 45 -15.80 -12.12 -37.18
CA ARG N 45 -15.43 -13.29 -36.39
C ARG N 45 -16.66 -13.88 -35.71
N ILE N 46 -17.52 -13.04 -35.14
CA ILE N 46 -18.72 -13.52 -34.47
C ILE N 46 -19.59 -14.31 -35.44
N VAL N 47 -19.73 -13.80 -36.67
CA VAL N 47 -20.59 -14.46 -37.64
C VAL N 47 -19.99 -15.78 -38.11
N ASP N 48 -18.70 -15.80 -38.43
CA ASP N 48 -18.10 -16.95 -39.10
C ASP N 48 -17.34 -17.91 -38.18
N VAL N 49 -17.37 -17.72 -36.86
CA VAL N 49 -16.59 -18.63 -36.03
C VAL N 49 -17.30 -19.96 -35.82
N ILE N 50 -18.63 -19.98 -35.78
CA ILE N 50 -19.37 -21.20 -35.50
C ILE N 50 -19.44 -22.13 -36.71
N PRO N 51 -19.95 -21.68 -37.87
CA PRO N 51 -20.16 -22.64 -38.97
C PRO N 51 -18.89 -23.34 -39.42
N GLU N 52 -17.76 -22.64 -39.46
CA GLU N 52 -16.51 -23.28 -39.82
C GLU N 52 -16.12 -24.34 -38.80
N GLU N 53 -16.32 -24.04 -37.51
CA GLU N 53 -16.00 -25.02 -36.47
C GLU N 53 -16.87 -26.27 -36.61
N MET N 54 -18.15 -26.09 -36.92
CA MET N 54 -19.03 -27.25 -37.09
C MET N 54 -18.64 -28.06 -38.32
N VAL N 55 -18.41 -27.40 -39.45
CA VAL N 55 -18.18 -28.12 -40.69
C VAL N 55 -16.82 -28.83 -40.69
N THR N 56 -15.79 -28.19 -40.13
CA THR N 56 -14.44 -28.74 -40.20
C THR N 56 -14.36 -30.09 -39.47
N ALA N 57 -15.10 -30.24 -38.37
CA ALA N 57 -15.04 -31.49 -37.61
C ALA N 57 -15.51 -32.68 -38.44
N GLY N 58 -16.58 -32.50 -39.21
CA GLY N 58 -17.07 -33.56 -40.08
C GLY N 58 -18.12 -34.42 -39.40
N PHE N 59 -18.58 -35.42 -40.16
CA PHE N 59 -19.61 -36.33 -39.69
C PHE N 59 -19.22 -37.76 -40.05
N LYS N 60 -19.77 -38.71 -39.30
CA LYS N 60 -19.52 -40.13 -39.49
C LYS N 60 -20.86 -40.85 -39.62
N MET N 61 -20.98 -41.70 -40.63
CA MET N 61 -22.20 -42.46 -40.88
C MET N 61 -21.97 -43.94 -40.62
N SER N 62 -22.96 -44.57 -39.99
CA SER N 62 -22.95 -45.99 -39.71
C SER N 62 -24.13 -46.66 -40.38
N GLY N 63 -23.96 -47.94 -40.72
CA GLY N 63 -24.98 -48.71 -41.38
C GLY N 63 -24.75 -48.93 -42.86
N VAL N 64 -23.83 -48.21 -43.47
CA VAL N 64 -23.52 -48.40 -44.89
C VAL N 64 -22.55 -49.57 -45.04
N LYS N 65 -22.61 -50.22 -46.20
CA LYS N 65 -21.73 -51.36 -46.45
C LYS N 65 -20.30 -50.92 -46.76
N ASP N 66 -20.15 -50.08 -47.78
CA ASP N 66 -18.84 -49.57 -48.18
C ASP N 66 -18.64 -48.19 -47.56
N GLU N 67 -17.59 -48.04 -46.77
CA GLU N 67 -17.31 -46.75 -46.13
C GLU N 67 -16.32 -45.93 -46.96
N LYS N 68 -15.31 -46.59 -47.53
CA LYS N 68 -14.34 -45.86 -48.35
C LYS N 68 -14.96 -45.39 -49.65
N GLU N 69 -15.82 -46.21 -50.25
CA GLU N 69 -16.53 -45.79 -51.46
C GLU N 69 -17.42 -44.60 -51.18
N PHE N 70 -18.13 -44.62 -50.04
CA PHE N 70 -18.95 -43.47 -49.66
C PHE N 70 -18.09 -42.23 -49.44
N LYS N 71 -16.93 -42.39 -48.79
CA LYS N 71 -16.05 -41.25 -48.57
C LYS N 71 -15.58 -40.66 -49.90
N SER N 72 -15.21 -41.51 -50.84
CA SER N 72 -14.79 -41.02 -52.16
C SER N 72 -15.95 -40.30 -52.87
N LEU N 73 -17.15 -40.88 -52.80
CA LEU N 73 -18.30 -40.24 -53.42
C LEU N 73 -18.59 -38.87 -52.81
N TRP N 74 -18.52 -38.78 -51.48
CA TRP N 74 -18.78 -37.51 -50.80
C TRP N 74 -17.72 -36.48 -51.16
N ASP N 75 -16.44 -36.88 -51.17
CA ASP N 75 -15.38 -35.94 -51.53
C ASP N 75 -15.39 -35.59 -53.01
N SER N 76 -16.06 -36.37 -53.85
CA SER N 76 -16.18 -36.02 -55.27
C SER N 76 -16.98 -34.74 -55.45
N TYR N 77 -18.05 -34.56 -54.68
CA TYR N 77 -18.92 -33.40 -54.87
C TYR N 77 -18.33 -32.12 -54.31
N LYS N 78 -17.42 -32.22 -53.33
CA LYS N 78 -16.74 -31.08 -52.71
C LYS N 78 -17.71 -29.93 -52.39
N LEU N 79 -18.70 -30.23 -51.54
CA LEU N 79 -19.72 -29.28 -51.16
C LEU N 79 -19.39 -28.52 -49.87
N ASP N 80 -18.12 -28.46 -49.49
CA ASP N 80 -17.74 -27.81 -48.24
C ASP N 80 -18.01 -26.31 -48.28
N SER N 81 -17.52 -25.63 -49.33
CA SER N 81 -17.66 -24.18 -49.41
C SER N 81 -19.12 -23.76 -49.46
N SER N 82 -19.93 -24.49 -50.23
CA SER N 82 -21.35 -24.15 -50.32
C SER N 82 -22.05 -24.28 -48.96
N LEU N 83 -21.75 -25.34 -48.22
CA LEU N 83 -22.35 -25.52 -46.90
C LEU N 83 -21.93 -24.40 -45.95
N VAL N 84 -20.64 -24.08 -45.93
CA VAL N 84 -20.16 -23.04 -45.03
C VAL N 84 -20.78 -21.70 -45.40
N ASP N 85 -20.85 -21.38 -46.69
CA ASP N 85 -21.45 -20.11 -47.11
C ASP N 85 -22.93 -20.06 -46.78
N LEU N 86 -23.64 -21.18 -46.95
CA LEU N 86 -25.06 -21.21 -46.61
C LEU N 86 -25.27 -20.92 -45.13
N LEU N 87 -24.50 -21.59 -44.27
CA LEU N 87 -24.65 -21.35 -42.83
C LEU N 87 -24.27 -19.92 -42.46
N CYS N 88 -23.21 -19.38 -43.07
CA CYS N 88 -22.80 -18.01 -42.78
C CYS N 88 -23.86 -17.01 -43.18
N TRP N 89 -24.46 -17.20 -44.37
CA TRP N 89 -25.53 -16.29 -44.80
C TRP N 89 -26.75 -16.41 -43.92
N ALA N 90 -27.07 -17.64 -43.49
CA ALA N 90 -28.21 -17.83 -42.59
C ALA N 90 -27.99 -17.10 -41.27
N ARG N 91 -26.76 -17.16 -40.73
CA ARG N 91 -26.48 -16.44 -39.49
C ARG N 91 -26.45 -14.93 -39.69
N LEU N 92 -26.00 -14.47 -40.86
CA LEU N 92 -25.83 -13.04 -41.07
C LEU N 92 -27.15 -12.35 -41.42
N TYR N 93 -27.75 -12.73 -42.54
CA TYR N 93 -28.94 -12.03 -43.03
C TYR N 93 -30.20 -12.41 -42.25
N GLY N 94 -30.31 -13.66 -41.83
CA GLY N 94 -31.51 -14.17 -41.17
C GLY N 94 -32.15 -15.34 -41.89
N GLY N 95 -31.79 -15.57 -43.14
CA GLY N 95 -32.32 -16.70 -43.88
C GLY N 95 -31.51 -16.96 -45.13
N ALA N 96 -31.58 -18.19 -45.60
CA ALA N 96 -30.88 -18.61 -46.81
C ALA N 96 -31.52 -19.90 -47.31
N ALA N 97 -31.10 -20.32 -48.50
CA ALA N 97 -31.65 -21.53 -49.09
C ALA N 97 -30.62 -22.14 -50.04
N MET N 98 -30.80 -23.43 -50.32
CA MET N 98 -29.92 -24.18 -51.21
C MET N 98 -30.76 -25.00 -52.17
N VAL N 99 -30.39 -24.99 -53.45
CA VAL N 99 -31.13 -25.70 -54.49
C VAL N 99 -30.30 -26.87 -54.97
N ALA N 100 -30.91 -28.05 -55.01
CA ALA N 100 -30.22 -29.27 -55.45
C ALA N 100 -30.58 -29.58 -56.89
N ILE N 101 -29.57 -29.80 -57.72
CA ILE N 101 -29.75 -30.14 -59.12
C ILE N 101 -29.74 -31.66 -59.25
N ILE N 102 -30.85 -32.23 -59.68
CA ILE N 102 -31.06 -33.68 -59.61
C ILE N 102 -31.30 -34.24 -61.00
N LYS N 103 -31.00 -35.53 -61.15
CA LYS N 103 -31.22 -36.25 -62.40
C LYS N 103 -32.53 -37.02 -62.38
N ASP N 104 -33.64 -36.28 -62.25
CA ASP N 104 -34.95 -36.87 -62.32
C ASP N 104 -35.52 -36.90 -63.74
N ASN N 105 -34.94 -36.12 -64.65
CA ASN N 105 -35.36 -36.06 -66.06
C ASN N 105 -36.83 -35.67 -66.20
N ARG N 106 -37.28 -34.74 -65.35
CA ARG N 106 -38.61 -34.16 -65.46
C ARG N 106 -38.50 -32.65 -65.28
N MET N 107 -39.67 -31.99 -65.22
CA MET N 107 -39.71 -30.55 -65.03
C MET N 107 -39.29 -30.18 -63.62
N LEU N 108 -38.85 -28.93 -63.47
CA LEU N 108 -38.47 -28.43 -62.15
C LEU N 108 -39.67 -28.40 -61.20
N THR N 109 -40.86 -28.13 -61.75
CA THR N 109 -42.07 -28.10 -60.92
C THR N 109 -42.46 -29.48 -60.43
N SER N 110 -42.19 -30.52 -61.23
CA SER N 110 -42.55 -31.88 -60.85
C SER N 110 -41.69 -32.36 -59.68
N GLN N 111 -42.26 -33.29 -58.90
CA GLN N 111 -41.57 -33.81 -57.73
C GLN N 111 -40.34 -34.62 -58.13
N ALA N 112 -39.38 -34.69 -57.21
CA ALA N 112 -38.14 -35.42 -57.42
C ALA N 112 -38.33 -36.87 -56.98
N LYS N 113 -38.34 -37.79 -57.95
CA LYS N 113 -38.49 -39.20 -57.64
C LYS N 113 -37.23 -39.75 -57.00
N PRO N 114 -37.37 -40.61 -55.98
CA PRO N 114 -36.19 -41.23 -55.37
C PRO N 114 -35.43 -42.10 -56.37
N GLY N 115 -34.11 -42.06 -56.28
CA GLY N 115 -33.24 -42.83 -57.15
C GLY N 115 -32.17 -42.03 -57.86
N ALA N 116 -32.42 -40.74 -58.11
CA ALA N 116 -31.42 -39.91 -58.78
C ALA N 116 -30.23 -39.68 -57.86
N LYS N 117 -29.10 -39.27 -58.46
CA LYS N 117 -27.83 -39.26 -57.74
C LYS N 117 -27.12 -37.90 -57.78
N LEU N 118 -27.87 -36.81 -58.01
CA LEU N 118 -27.37 -35.45 -57.83
C LEU N 118 -26.30 -35.05 -58.84
N GLU N 119 -26.25 -33.75 -59.16
CA GLU N 119 -25.12 -33.16 -59.87
C GLU N 119 -24.37 -32.12 -59.05
N GLY N 120 -25.06 -31.39 -58.18
CA GLY N 120 -24.46 -30.29 -57.45
C GLY N 120 -25.53 -29.42 -56.85
N VAL N 121 -25.08 -28.37 -56.17
CA VAL N 121 -25.96 -27.48 -55.44
C VAL N 121 -25.70 -26.05 -55.87
N ARG N 122 -26.67 -25.18 -55.60
CA ARG N 122 -26.50 -23.74 -55.78
C ARG N 122 -27.10 -23.04 -54.56
N VAL N 123 -26.25 -22.37 -53.79
CA VAL N 123 -26.70 -21.63 -52.62
C VAL N 123 -27.23 -20.28 -53.07
N TYR N 124 -28.17 -19.74 -52.29
CA TYR N 124 -28.81 -18.47 -52.63
C TYR N 124 -28.89 -17.60 -51.39
N ASP N 125 -29.49 -16.42 -51.57
CA ASP N 125 -29.63 -15.44 -50.50
C ASP N 125 -31.10 -15.30 -50.10
N ARG N 126 -31.33 -14.61 -48.98
CA ARG N 126 -32.68 -14.52 -48.43
C ARG N 126 -33.62 -13.78 -49.37
N PHE N 127 -33.16 -12.67 -49.96
CA PHE N 127 -34.04 -11.84 -50.77
C PHE N 127 -34.25 -12.38 -52.18
N ALA N 128 -33.57 -13.46 -52.55
CA ALA N 128 -33.66 -14.01 -53.89
C ALA N 128 -34.73 -15.08 -54.06
N ILE N 129 -35.51 -15.37 -53.01
CA ILE N 129 -36.49 -16.43 -53.05
C ILE N 129 -37.82 -15.92 -52.49
N THR N 130 -38.90 -16.16 -53.22
CA THR N 130 -40.24 -15.83 -52.76
C THR N 130 -41.20 -16.95 -53.16
N VAL N 131 -42.27 -17.08 -52.39
CA VAL N 131 -43.24 -18.17 -52.55
C VAL N 131 -44.31 -17.74 -53.54
N GLU N 132 -44.79 -18.71 -54.34
CA GLU N 132 -45.87 -18.49 -55.29
C GLU N 132 -47.19 -19.09 -54.83
N LYS N 133 -47.19 -20.40 -54.52
CA LYS N 133 -48.42 -21.10 -54.13
C LYS N 133 -48.13 -21.95 -52.91
N ARG N 134 -49.14 -22.13 -52.06
CA ARG N 134 -49.01 -22.90 -50.84
C ARG N 134 -50.20 -23.83 -50.69
N VAL N 135 -50.13 -24.69 -49.68
CA VAL N 135 -51.14 -25.72 -49.46
C VAL N 135 -52.45 -25.07 -49.01
N THR N 136 -53.56 -25.51 -49.61
CA THR N 136 -54.88 -25.01 -49.27
C THR N 136 -55.79 -26.10 -48.71
N ASN N 137 -55.24 -27.24 -48.29
CA ASN N 137 -56.03 -28.34 -47.75
C ASN N 137 -55.96 -28.29 -46.23
N ALA N 138 -57.11 -28.00 -45.60
CA ALA N 138 -57.12 -27.81 -44.15
C ALA N 138 -56.78 -29.09 -43.40
N ARG N 139 -57.30 -30.23 -43.85
CA ARG N 139 -57.10 -31.48 -43.13
C ARG N 139 -55.68 -31.99 -43.22
N SER N 140 -54.92 -31.57 -44.21
CA SER N 140 -53.54 -32.03 -44.36
C SER N 140 -52.68 -31.47 -43.22
N PRO N 141 -51.84 -32.29 -42.59
CA PRO N 141 -50.95 -31.75 -41.54
C PRO N 141 -49.99 -30.69 -42.06
N ARG N 142 -49.54 -30.81 -43.31
CA ARG N 142 -48.68 -29.80 -43.94
C ARG N 142 -49.54 -28.76 -44.63
N TYR N 143 -50.22 -27.95 -43.81
CA TYR N 143 -51.18 -26.96 -44.28
C TYR N 143 -50.60 -25.56 -44.07
N GLY N 144 -50.57 -24.77 -45.13
CA GLY N 144 -50.01 -23.44 -45.10
C GLY N 144 -48.56 -23.34 -45.50
N GLU N 145 -47.85 -24.46 -45.56
CA GLU N 145 -46.44 -24.43 -45.94
C GLU N 145 -46.31 -24.14 -47.44
N PRO N 146 -45.19 -23.56 -47.86
CA PRO N 146 -44.98 -23.28 -49.29
C PRO N 146 -44.92 -24.56 -50.11
N GLU N 147 -45.31 -24.42 -51.37
CA GLU N 147 -45.32 -25.53 -52.32
C GLU N 147 -44.37 -25.30 -53.48
N ILE N 148 -44.37 -24.12 -54.08
CA ILE N 148 -43.50 -23.78 -55.20
C ILE N 148 -42.83 -22.46 -54.92
N TYR N 149 -41.51 -22.41 -55.05
CA TYR N 149 -40.73 -21.19 -54.84
C TYR N 149 -40.33 -20.59 -56.17
N LYS N 150 -40.33 -19.26 -56.23
CA LYS N 150 -39.95 -18.57 -57.47
C LYS N 150 -38.47 -18.75 -57.77
N VAL N 151 -37.62 -18.52 -56.77
CA VAL N 151 -36.18 -18.65 -56.87
C VAL N 151 -35.71 -17.67 -57.96
N SER N 152 -35.54 -16.42 -57.58
CA SER N 152 -34.96 -15.43 -58.48
C SER N 152 -33.45 -15.52 -58.43
N PRO N 153 -32.76 -15.80 -59.53
CA PRO N 153 -31.31 -15.98 -59.48
C PRO N 153 -30.50 -14.70 -59.55
N GLY N 154 -31.15 -13.55 -59.73
CA GLY N 154 -30.40 -12.31 -59.85
C GLY N 154 -29.55 -12.31 -61.11
N ASP N 155 -28.50 -11.49 -61.08
CA ASP N 155 -27.55 -11.38 -62.18
C ASP N 155 -28.26 -11.12 -63.51
N ASN N 156 -28.09 -12.02 -64.47
CA ASN N 156 -28.69 -11.88 -65.78
C ASN N 156 -29.79 -12.91 -66.07
N MET N 157 -29.91 -13.95 -65.26
CA MET N 157 -30.87 -15.00 -65.52
C MET N 157 -32.27 -14.57 -65.08
N GLN N 158 -33.27 -15.39 -65.44
CA GLN N 158 -34.66 -15.16 -65.14
C GLN N 158 -35.15 -16.13 -64.08
N PRO N 159 -36.18 -15.76 -63.30
CA PRO N 159 -36.69 -16.67 -62.27
C PRO N 159 -37.21 -17.97 -62.86
N TYR N 160 -37.00 -19.06 -62.13
CA TYR N 160 -37.43 -20.39 -62.55
C TYR N 160 -38.03 -21.11 -61.35
N LEU N 161 -39.30 -21.45 -61.44
CA LEU N 161 -40.01 -22.08 -60.33
C LEU N 161 -39.45 -23.46 -60.05
N ILE N 162 -39.41 -23.82 -58.77
CA ILE N 162 -38.89 -25.10 -58.31
C ILE N 162 -39.85 -25.70 -57.30
N HIS N 163 -40.05 -27.02 -57.39
CA HIS N 163 -40.86 -27.72 -56.40
C HIS N 163 -40.19 -27.67 -55.03
N HIS N 164 -41.02 -27.70 -53.98
CA HIS N 164 -40.50 -27.56 -52.62
C HIS N 164 -39.67 -28.76 -52.18
N SER N 165 -39.72 -29.88 -52.92
CA SER N 165 -38.94 -31.05 -52.56
C SER N 165 -37.48 -30.94 -52.97
N ARG N 166 -37.11 -29.90 -53.72
CA ARG N 166 -35.74 -29.69 -54.15
C ARG N 166 -35.12 -28.44 -53.55
N VAL N 167 -35.77 -27.83 -52.56
CA VAL N 167 -35.30 -26.59 -51.95
C VAL N 167 -35.27 -26.79 -50.44
N PHE N 168 -34.13 -26.46 -49.82
CA PHE N 168 -33.96 -26.53 -48.38
C PHE N 168 -33.89 -25.10 -47.84
N ILE N 169 -34.73 -24.81 -46.85
CA ILE N 169 -34.84 -23.48 -46.26
C ILE N 169 -34.14 -23.48 -44.92
N ALA N 170 -33.09 -22.67 -44.80
CA ALA N 170 -32.34 -22.53 -43.56
C ALA N 170 -32.76 -21.25 -42.85
N ASP N 171 -33.13 -21.36 -41.59
CA ASP N 171 -33.63 -20.24 -40.80
C ASP N 171 -32.57 -19.81 -39.79
N GLY N 172 -32.63 -18.53 -39.42
CA GLY N 172 -31.69 -17.94 -38.50
C GLY N 172 -32.15 -18.00 -37.06
N GLU N 173 -31.83 -16.96 -36.30
CA GLU N 173 -32.19 -16.91 -34.90
C GLU N 173 -33.70 -16.85 -34.72
N ARG N 174 -34.17 -17.44 -33.62
CA ARG N 174 -35.59 -17.51 -33.34
C ARG N 174 -36.14 -16.13 -33.00
N VAL N 175 -37.34 -15.84 -33.50
CA VAL N 175 -37.98 -14.55 -33.31
C VAL N 175 -39.44 -14.79 -32.94
N ALA N 176 -40.03 -13.83 -32.23
CA ALA N 176 -41.44 -13.91 -31.90
C ALA N 176 -42.29 -13.95 -33.17
N GLN N 177 -43.41 -14.69 -33.11
CA GLN N 177 -44.23 -14.91 -34.28
C GLN N 177 -44.75 -13.60 -34.86
N GLN N 178 -45.11 -12.64 -33.99
CA GLN N 178 -45.63 -11.37 -34.47
C GLN N 178 -44.61 -10.64 -35.33
N ALA N 179 -43.34 -10.62 -34.91
CA ALA N 179 -42.29 -10.03 -35.72
C ALA N 179 -41.91 -10.92 -36.90
N ARG N 180 -42.10 -12.23 -36.76
CA ARG N 180 -41.82 -13.14 -37.88
C ARG N 180 -42.77 -12.90 -39.04
N LYS N 181 -44.04 -12.60 -38.74
CA LYS N 181 -44.98 -12.28 -39.80
C LYS N 181 -44.57 -11.02 -40.56
N GLN N 182 -44.10 -10.00 -39.84
CA GLN N 182 -43.60 -8.80 -40.49
C GLN N 182 -42.29 -9.05 -41.22
N ASN N 183 -41.58 -10.13 -40.90
CA ASN N 183 -40.34 -10.50 -41.57
C ASN N 183 -40.56 -11.52 -42.68
N GLN N 184 -41.75 -11.52 -43.29
CA GLN N 184 -42.16 -12.45 -44.35
C GLN N 184 -41.65 -13.87 -44.10
N GLY N 185 -41.89 -14.36 -42.88
CA GLY N 185 -41.56 -15.73 -42.53
C GLY N 185 -40.09 -16.06 -42.52
N TRP N 186 -39.24 -15.13 -42.10
CA TRP N 186 -37.82 -15.37 -41.97
C TRP N 186 -37.35 -15.01 -40.56
N GLY N 187 -36.29 -15.67 -40.12
CA GLY N 187 -35.77 -15.46 -38.79
C GLY N 187 -35.06 -14.13 -38.65
N ALA N 188 -34.50 -13.92 -37.46
CA ALA N 188 -33.78 -12.71 -37.15
C ALA N 188 -32.29 -12.90 -37.44
N SER N 189 -31.49 -11.88 -37.15
CA SER N 189 -30.06 -11.92 -37.39
C SER N 189 -29.30 -12.03 -36.08
N VAL N 190 -28.07 -12.54 -36.17
CA VAL N 190 -27.23 -12.64 -34.98
C VAL N 190 -26.86 -11.26 -34.47
N LEU N 191 -26.62 -10.32 -35.38
CA LEU N 191 -26.22 -8.95 -35.02
C LEU N 191 -27.49 -8.14 -34.75
N ASN N 192 -28.00 -8.27 -33.54
CA ASN N 192 -29.17 -7.50 -33.13
C ASN N 192 -28.71 -6.10 -32.70
N LYS N 193 -29.62 -5.31 -32.12
CA LYS N 193 -29.30 -3.93 -31.80
C LYS N 193 -28.26 -3.82 -30.70
N SER N 194 -28.34 -4.69 -29.70
CA SER N 194 -27.46 -4.59 -28.54
C SER N 194 -26.00 -4.80 -28.93
N LEU N 195 -25.72 -5.79 -29.79
CA LEU N 195 -24.34 -6.05 -30.20
C LEU N 195 -23.76 -4.88 -30.97
N ILE N 196 -24.53 -4.30 -31.89
CA ILE N 196 -24.05 -3.16 -32.66
C ILE N 196 -23.78 -1.97 -31.74
N ASP N 197 -24.70 -1.72 -30.80
CA ASP N 197 -24.49 -0.62 -29.85
C ASP N 197 -23.23 -0.84 -29.03
N ALA N 198 -23.00 -2.07 -28.55
CA ALA N 198 -21.82 -2.35 -27.75
C ALA N 198 -20.53 -2.15 -28.55
N ILE N 199 -20.51 -2.62 -29.80
CA ILE N 199 -19.32 -2.48 -30.62
C ILE N 199 -19.02 -1.00 -30.89
N CYS N 200 -20.05 -0.23 -31.24
CA CYS N 200 -19.85 1.20 -31.49
C CYS N 200 -19.38 1.91 -30.22
N ASP N 201 -19.94 1.54 -29.07
CA ASP N 201 -19.51 2.15 -27.81
C ASP N 201 -18.06 1.84 -27.51
N TYR N 202 -17.63 0.60 -27.76
CA TYR N 202 -16.22 0.25 -27.53
C TYR N 202 -15.30 1.03 -28.44
N ASP N 203 -15.66 1.17 -29.71
CA ASP N 203 -14.82 1.95 -30.63
C ASP N 203 -14.73 3.41 -30.17
N TYR N 204 -15.86 3.99 -29.76
CA TYR N 204 -15.86 5.37 -29.29
C TYR N 204 -14.99 5.53 -28.05
N CYS N 205 -15.06 4.56 -27.14
CA CYS N 205 -14.24 4.63 -25.92
C CYS N 205 -12.76 4.51 -26.24
N GLU N 206 -12.40 3.67 -27.21
CA GLU N 206 -11.00 3.59 -27.61
C GLU N 206 -10.51 4.90 -28.20
N SER N 207 -11.34 5.54 -29.04
CA SER N 207 -10.96 6.84 -29.58
C SER N 207 -10.79 7.88 -28.47
N LEU N 208 -11.69 7.86 -27.48
CA LEU N 208 -11.56 8.78 -26.36
C LEU N 208 -10.29 8.51 -25.55
N ALA N 209 -9.93 7.24 -25.41
CA ALA N 209 -8.70 6.90 -24.70
C ALA N 209 -7.47 7.46 -25.42
N THR N 210 -7.43 7.31 -26.75
CA THR N 210 -6.33 7.88 -27.52
C THR N 210 -6.28 9.40 -27.36
N GLN N 211 -7.44 10.05 -27.40
CA GLN N 211 -7.48 11.51 -27.23
C GLN N 211 -7.01 11.91 -25.83
N ILE N 212 -7.35 11.11 -24.82
CA ILE N 212 -6.93 11.43 -23.45
C ILE N 212 -5.42 11.31 -23.32
N LEU N 213 -4.83 10.27 -23.91
CA LEU N 213 -3.38 10.16 -23.89
C LEU N 213 -2.72 11.32 -24.62
N ARG N 214 -3.34 11.76 -25.71
CA ARG N 214 -2.76 12.82 -26.54
C ARG N 214 -2.54 14.10 -25.76
N ARG N 215 -3.51 14.50 -24.94
CA ARG N 215 -3.45 15.75 -24.18
C ARG N 215 -3.13 15.44 -22.73
N LYS N 216 -1.85 15.29 -22.42
CA LYS N 216 -1.37 15.09 -21.06
C LYS N 216 -0.69 16.33 -20.48
N GLN N 217 0.08 17.05 -21.28
CA GLN N 217 0.73 18.28 -20.87
C GLN N 217 0.38 19.38 -21.86
N GLN N 218 0.29 20.62 -21.37
CA GLN N 218 0.04 21.77 -22.22
C GLN N 218 0.92 22.93 -21.75
N ALA N 219 1.64 23.54 -22.68
CA ALA N 219 2.51 24.67 -22.39
C ALA N 219 1.84 25.94 -22.89
N VAL N 220 1.55 26.87 -21.98
CA VAL N 220 0.84 28.10 -22.28
C VAL N 220 1.84 29.25 -22.24
N TRP N 221 1.88 30.04 -23.30
CA TRP N 221 2.82 31.15 -23.44
C TRP N 221 2.05 32.46 -23.44
N LYS N 222 2.40 33.34 -22.50
CA LYS N 222 1.72 34.62 -22.33
C LYS N 222 2.66 35.77 -22.65
N VAL N 223 2.16 36.75 -23.40
CA VAL N 223 2.89 37.95 -23.76
C VAL N 223 2.05 39.16 -23.38
N LYS N 224 2.71 40.28 -23.08
CA LYS N 224 2.00 41.48 -22.67
C LYS N 224 1.16 42.03 -23.81
N GLY N 225 1.80 42.42 -24.91
CA GLY N 225 1.08 42.88 -26.08
C GLY N 225 1.09 41.87 -27.21
N LEU N 226 -0.04 41.20 -27.42
CA LEU N 226 -0.13 40.16 -28.43
C LEU N 226 -1.38 40.28 -29.30
N ALA N 227 -2.39 41.04 -28.89
CA ALA N 227 -3.60 41.23 -29.66
C ALA N 227 -3.58 42.51 -30.49
N GLU N 228 -2.39 43.08 -30.71
CA GLU N 228 -2.23 44.29 -31.49
C GLU N 228 -1.79 44.01 -32.92
N MET N 229 -1.74 42.74 -33.31
CA MET N 229 -1.26 42.39 -34.65
C MET N 229 -2.39 42.32 -35.66
N CYS N 230 -2.06 42.39 -36.94
CA CYS N 230 -3.07 42.37 -38.00
C CYS N 230 -3.68 40.98 -38.19
N ASP N 231 -3.03 39.97 -37.61
CA ASP N 231 -3.54 38.60 -37.73
C ASP N 231 -3.34 38.06 -39.14
N ASP N 232 -2.43 38.66 -39.90
CA ASP N 232 -2.18 38.21 -41.27
C ASP N 232 -0.89 38.79 -41.83
N ASP N 233 -0.26 39.69 -41.09
CA ASP N 233 0.94 40.34 -41.58
C ASP N 233 2.17 39.50 -41.24
N ASP N 234 3.36 40.08 -41.44
CA ASP N 234 4.60 39.33 -41.23
C ASP N 234 4.86 39.06 -39.76
N ALA N 235 4.32 39.92 -38.88
CA ALA N 235 4.59 39.79 -37.45
C ALA N 235 4.07 38.46 -36.90
N GLN N 236 2.83 38.11 -37.27
CA GLN N 236 2.26 36.84 -36.82
C GLN N 236 3.05 35.66 -37.36
N TYR N 237 3.46 35.73 -38.62
CA TYR N 237 4.26 34.66 -39.22
C TYR N 237 5.56 34.47 -38.45
N ALA N 238 6.25 35.56 -38.15
CA ALA N 238 7.50 35.46 -37.42
C ALA N 238 7.29 34.92 -36.02
N ALA N 239 6.23 35.38 -35.33
CA ALA N 239 5.96 34.91 -33.97
C ALA N 239 5.65 33.42 -33.96
N ARG N 240 4.84 32.95 -34.91
CA ARG N 240 4.50 31.52 -34.94
C ARG N 240 5.71 30.67 -35.32
N LEU N 241 6.56 31.16 -36.23
CA LEU N 241 7.78 30.43 -36.54
C LEU N 241 8.68 30.34 -35.32
N ARG N 242 8.82 31.44 -34.58
CA ARG N 242 9.64 31.42 -33.37
C ARG N 242 9.10 30.44 -32.35
N LEU N 243 7.78 30.44 -32.15
CA LEU N 243 7.17 29.52 -31.20
C LEU N 243 7.38 28.07 -31.62
N ALA N 244 7.23 27.78 -32.92
CA ALA N 244 7.44 26.43 -33.42
C ALA N 244 8.87 25.98 -33.18
N GLN N 245 9.85 26.83 -33.51
CA GLN N 245 11.24 26.46 -33.32
C GLN N 245 11.56 26.26 -31.84
N VAL N 246 11.05 27.13 -30.98
CA VAL N 246 11.35 27.04 -29.55
C VAL N 246 10.76 25.76 -28.95
N ASP N 247 9.52 25.43 -29.30
CA ASP N 247 8.96 24.19 -28.77
C ASP N 247 9.57 22.96 -29.42
N ASP N 248 10.18 23.11 -30.60
CA ASP N 248 10.87 21.98 -31.22
C ASP N 248 12.21 21.71 -30.55
N ASN N 249 12.93 22.75 -30.15
CA ASN N 249 14.27 22.58 -29.62
C ASN N 249 14.33 22.48 -28.10
N SER N 250 13.20 22.60 -27.41
CA SER N 250 13.21 22.53 -25.95
C SER N 250 13.22 21.08 -25.49
N GLY N 251 13.17 20.90 -24.18
CA GLY N 251 13.13 19.59 -23.57
C GLY N 251 13.93 19.57 -22.27
N VAL N 252 14.35 18.38 -21.88
CA VAL N 252 15.22 18.22 -20.71
C VAL N 252 16.66 18.44 -21.13
N GLY N 253 17.36 19.29 -20.38
CA GLY N 253 18.69 19.71 -20.77
C GLY N 253 18.74 20.95 -21.62
N ARG N 254 17.58 21.50 -22.00
CA ARG N 254 17.49 22.74 -22.76
C ARG N 254 16.58 23.71 -22.03
N ALA N 255 16.96 24.98 -22.04
CA ALA N 255 16.25 26.02 -21.30
C ALA N 255 15.72 27.08 -22.26
N ILE N 256 14.77 27.86 -21.77
CA ILE N 256 14.19 28.97 -22.51
C ILE N 256 14.55 30.26 -21.79
N GLY N 257 14.90 31.28 -22.55
CA GLY N 257 15.09 32.60 -21.99
C GLY N 257 13.82 33.41 -22.05
N ILE N 258 13.32 33.85 -20.91
CA ILE N 258 12.07 34.58 -20.81
C ILE N 258 12.37 35.99 -20.31
N ASP N 259 11.72 36.97 -20.93
CA ASP N 259 11.83 38.34 -20.45
C ASP N 259 10.84 38.55 -19.30
N ALA N 260 11.35 38.97 -18.16
CA ALA N 260 10.50 39.19 -16.99
C ALA N 260 9.62 40.42 -17.22
N GLU N 261 8.61 40.54 -16.36
CA GLU N 261 7.70 41.69 -16.26
C GLU N 261 6.91 41.93 -17.54
N THR N 262 7.08 41.07 -18.56
CA THR N 262 6.30 41.20 -19.77
C THR N 262 5.90 39.86 -20.39
N GLU N 263 6.24 38.73 -19.76
CA GLU N 263 6.04 37.45 -20.42
C GLU N 263 6.23 36.34 -19.40
N GLU N 264 5.39 35.30 -19.50
CA GLU N 264 5.43 34.16 -18.57
C GLU N 264 5.35 32.87 -19.37
N TYR N 265 5.59 31.76 -18.69
CA TYR N 265 5.57 30.43 -19.30
C TYR N 265 5.10 29.43 -18.25
N ASP N 266 4.00 28.74 -18.54
CA ASP N 266 3.42 27.78 -17.61
C ASP N 266 3.18 26.45 -18.32
N VAL N 267 3.12 25.39 -17.52
CA VAL N 267 2.84 24.04 -18.02
C VAL N 267 1.71 23.46 -17.18
N LEU N 268 0.69 22.92 -17.84
CA LEU N 268 -0.46 22.30 -17.19
C LEU N 268 -0.43 20.81 -17.45
N ASN N 269 -0.62 20.02 -16.41
CA ASN N 269 -0.54 18.57 -16.49
C ASN N 269 -1.91 17.94 -16.30
N SER N 270 -1.95 16.62 -16.47
CA SER N 270 -3.16 15.83 -16.31
C SER N 270 -2.73 14.43 -15.84
N ASP N 271 -3.63 13.47 -15.93
CA ASP N 271 -3.31 12.11 -15.52
C ASP N 271 -4.08 11.10 -16.37
N ILE N 272 -3.58 9.87 -16.37
CA ILE N 272 -4.24 8.73 -17.01
C ILE N 272 -4.21 7.58 -16.01
N SER N 273 -5.29 7.43 -15.25
CA SER N 273 -5.32 6.52 -14.11
C SER N 273 -5.90 5.14 -14.44
N GLY N 274 -7.16 5.09 -14.86
CA GLY N 274 -7.83 3.81 -15.02
C GLY N 274 -8.43 3.55 -16.39
N VAL N 275 -7.78 4.07 -17.43
CA VAL N 275 -8.26 3.84 -18.79
C VAL N 275 -8.23 2.37 -19.18
N PRO N 276 -7.13 1.62 -19.01
CA PRO N 276 -7.12 0.23 -19.46
C PRO N 276 -8.21 -0.63 -18.82
N GLU N 277 -8.49 -0.42 -17.53
CA GLU N 277 -9.55 -1.17 -16.88
C GLU N 277 -10.92 -0.82 -17.47
N PHE N 278 -11.13 0.45 -17.81
CA PHE N 278 -12.37 0.85 -18.46
C PHE N 278 -12.55 0.14 -19.80
N LEU N 279 -11.48 0.14 -20.61
CA LEU N 279 -11.55 -0.53 -21.91
C LEU N 279 -11.78 -2.03 -21.75
N SER N 280 -11.11 -2.64 -20.77
CA SER N 280 -11.31 -4.07 -20.53
C SER N 280 -12.74 -4.36 -20.09
N SER N 281 -13.33 -3.49 -19.28
CA SER N 281 -14.72 -3.68 -18.88
C SER N 281 -15.66 -3.60 -20.08
N LYS N 282 -15.42 -2.64 -20.98
CA LYS N 282 -16.27 -2.53 -22.16
C LYS N 282 -16.14 -3.77 -23.04
N MET N 283 -14.92 -4.26 -23.23
CA MET N 283 -14.73 -5.49 -23.99
C MET N 283 -15.38 -6.68 -23.30
N ASP N 284 -15.39 -6.69 -21.96
CA ASP N 284 -16.08 -7.74 -21.22
C ASP N 284 -17.58 -7.69 -21.48
N ARG N 285 -18.15 -6.49 -21.55
CA ARG N 285 -19.56 -6.37 -21.90
C ARG N 285 -19.82 -6.91 -23.31
N ILE N 286 -18.93 -6.60 -24.25
CA ILE N 286 -19.09 -7.11 -25.61
C ILE N 286 -19.07 -8.63 -25.60
N VAL N 287 -18.12 -9.22 -24.85
CA VAL N 287 -18.03 -10.68 -24.77
C VAL N 287 -19.30 -11.26 -24.16
N SER N 288 -19.81 -10.64 -23.10
CA SER N 288 -21.02 -11.16 -22.45
C SER N 288 -22.22 -11.11 -23.40
N LEU N 289 -22.36 -10.02 -24.15
CA LEU N 289 -23.51 -9.91 -25.04
C LEU N 289 -23.39 -10.80 -26.27
N SER N 290 -22.17 -11.05 -26.76
CA SER N 290 -22.00 -11.77 -28.00
C SER N 290 -22.49 -13.21 -27.91
N GLY N 291 -22.27 -13.87 -26.76
CA GLY N 291 -22.64 -15.27 -26.63
C GLY N 291 -21.54 -16.24 -26.94
N ILE N 292 -20.29 -15.79 -27.00
CA ILE N 292 -19.15 -16.63 -27.32
C ILE N 292 -18.09 -16.45 -26.23
N HIS N 293 -17.30 -17.49 -26.00
CA HIS N 293 -16.31 -17.47 -24.93
C HIS N 293 -15.28 -16.37 -25.17
N GLU N 294 -14.71 -15.86 -24.07
CA GLU N 294 -13.79 -14.74 -24.16
C GLU N 294 -12.46 -15.15 -24.81
N ILE N 295 -12.08 -16.42 -24.71
CA ILE N 295 -10.83 -16.87 -25.34
C ILE N 295 -10.93 -16.74 -26.85
N ILE N 296 -12.11 -17.02 -27.41
CA ILE N 296 -12.28 -16.93 -28.87
C ILE N 296 -12.26 -15.48 -29.32
N ILE N 297 -12.99 -14.61 -28.61
CA ILE N 297 -13.14 -13.23 -29.07
C ILE N 297 -11.88 -12.42 -28.78
N LYS N 298 -11.46 -12.36 -27.50
CA LYS N 298 -10.25 -11.65 -27.14
C LYS N 298 -9.00 -12.29 -27.74
N ASN N 299 -9.08 -13.57 -28.12
CA ASN N 299 -7.97 -14.30 -28.74
C ASN N 299 -6.69 -14.15 -27.95
N LYS N 300 -6.80 -14.15 -26.62
CA LYS N 300 -5.64 -13.97 -25.74
C LYS N 300 -5.84 -14.87 -24.54
N ASN N 301 -4.95 -15.85 -24.38
CA ASN N 301 -4.95 -16.70 -23.20
C ASN N 301 -4.31 -15.94 -22.06
N VAL N 302 -3.93 -16.65 -20.98
CA VAL N 302 -3.21 -16.07 -19.84
C VAL N 302 -4.20 -15.30 -18.96
N GLY N 303 -5.38 -14.99 -19.51
CA GLY N 303 -6.41 -14.36 -18.70
C GLY N 303 -6.70 -15.14 -17.43
N GLY N 304 -6.74 -16.46 -17.53
CA GLY N 304 -6.80 -17.31 -16.35
C GLY N 304 -5.49 -18.04 -16.11
N VAL N 305 -5.40 -18.75 -14.99
CA VAL N 305 -4.19 -19.51 -14.72
C VAL N 305 -4.08 -20.67 -15.71
N SER N 306 -2.85 -21.15 -15.89
CA SER N 306 -2.59 -22.23 -16.85
C SER N 306 -3.34 -23.49 -16.46
N ALA N 307 -4.36 -23.85 -17.23
CA ALA N 307 -5.14 -25.05 -17.02
C ALA N 307 -4.59 -26.18 -17.89
N SER N 308 -5.31 -27.30 -17.93
CA SER N 308 -4.90 -28.42 -18.77
C SER N 308 -4.93 -28.02 -20.23
N GLN N 309 -6.13 -27.73 -20.76
CA GLN N 309 -6.32 -27.32 -22.14
C GLN N 309 -7.80 -27.09 -22.45
N ASN N 310 -8.53 -28.18 -22.68
CA ASN N 310 -9.93 -28.08 -23.07
C ASN N 310 -10.83 -27.61 -21.94
N THR N 311 -10.30 -27.54 -20.72
CA THR N 311 -11.13 -27.21 -19.56
C THR N 311 -11.77 -25.83 -19.71
N ALA N 312 -11.02 -24.86 -20.21
CA ALA N 312 -11.57 -23.53 -20.42
C ALA N 312 -12.45 -23.46 -21.67
N LEU N 313 -12.28 -24.41 -22.60
CA LEU N 313 -13.01 -24.40 -23.87
C LEU N 313 -14.22 -25.34 -23.86
N GLU N 314 -14.53 -25.95 -22.72
CA GLU N 314 -15.68 -26.87 -22.68
C GLU N 314 -16.98 -26.15 -22.97
N THR N 315 -17.14 -24.91 -22.49
CA THR N 315 -18.37 -24.18 -22.77
C THR N 315 -18.53 -23.92 -24.27
N PHE N 316 -17.45 -23.49 -24.93
CA PHE N 316 -17.50 -23.28 -26.37
C PHE N 316 -17.78 -24.57 -27.11
N TYR N 317 -17.18 -25.68 -26.66
CA TYR N 317 -17.43 -26.97 -27.30
C TYR N 317 -18.88 -27.40 -27.14
N LYS N 318 -19.47 -27.18 -25.97
CA LYS N 318 -20.87 -27.50 -25.76
C LYS N 318 -21.77 -26.66 -26.66
N LEU N 319 -21.48 -25.36 -26.77
CA LEU N 319 -22.25 -24.50 -27.65
C LEU N 319 -22.14 -24.97 -29.10
N VAL N 320 -20.92 -25.33 -29.53
CA VAL N 320 -20.74 -25.81 -30.90
C VAL N 320 -21.52 -27.10 -31.13
N ASP N 321 -21.48 -28.03 -30.17
CA ASP N 321 -22.19 -29.29 -30.32
C ASP N 321 -23.70 -29.06 -30.43
N ARG N 322 -24.25 -28.18 -29.59
CA ARG N 322 -25.66 -27.85 -29.69
C ARG N 322 -25.99 -27.23 -31.04
N LYS N 323 -25.11 -26.36 -31.55
CA LYS N 323 -25.35 -25.75 -32.84
C LYS N 323 -25.34 -26.79 -33.96
N ARG N 324 -24.41 -27.76 -33.90
CA ARG N 324 -24.45 -28.84 -34.88
C ARG N 324 -25.78 -29.58 -34.82
N GLU N 325 -26.15 -30.04 -33.62
CA GLU N 325 -27.37 -30.83 -33.48
C GLU N 325 -28.61 -30.04 -33.92
N GLU N 326 -28.55 -28.71 -33.85
CA GLU N 326 -29.72 -27.92 -34.25
C GLU N 326 -29.75 -27.64 -35.75
N ASP N 327 -28.62 -27.21 -36.33
CA ASP N 327 -28.60 -26.72 -37.71
C ASP N 327 -27.98 -27.68 -38.72
N TYR N 328 -26.87 -28.34 -38.37
CA TYR N 328 -26.13 -29.08 -39.38
C TYR N 328 -26.81 -30.38 -39.76
N ARG N 329 -27.46 -31.04 -38.80
CA ARG N 329 -28.07 -32.33 -39.06
C ARG N 329 -29.15 -32.29 -40.13
N PRO N 330 -30.11 -31.34 -40.11
CA PRO N 330 -31.13 -31.33 -41.18
C PRO N 330 -30.54 -31.20 -42.57
N LEU N 331 -29.47 -30.41 -42.74
CA LEU N 331 -28.87 -30.27 -44.06
C LEU N 331 -28.32 -31.60 -44.56
N LEU N 332 -27.63 -32.35 -43.69
CA LEU N 332 -27.12 -33.66 -44.08
C LEU N 332 -28.25 -34.64 -44.35
N GLU N 333 -29.30 -34.61 -43.53
CA GLU N 333 -30.42 -35.52 -43.75
C GLU N 333 -31.20 -35.16 -45.01
N PHE N 334 -31.08 -33.92 -45.49
CA PHE N 334 -31.68 -33.56 -46.77
C PHE N 334 -30.79 -33.98 -47.94
N LEU N 335 -29.48 -33.82 -47.80
CA LEU N 335 -28.57 -34.11 -48.92
C LEU N 335 -28.33 -35.60 -49.11
N LEU N 336 -28.28 -36.38 -48.03
CA LEU N 336 -27.88 -37.78 -48.12
C LEU N 336 -28.78 -38.65 -49.00
N PRO N 337 -30.11 -38.57 -48.93
CA PRO N 337 -30.93 -39.50 -49.74
C PRO N 337 -30.66 -39.43 -51.23
N PHE N 338 -30.13 -38.31 -51.72
CA PHE N 338 -29.78 -38.19 -53.13
C PHE N 338 -28.37 -38.67 -53.43
N ILE N 339 -27.65 -39.18 -52.43
CA ILE N 339 -26.29 -39.68 -52.64
C ILE N 339 -26.21 -41.14 -52.22
N VAL N 340 -26.56 -41.43 -50.96
CA VAL N 340 -26.42 -42.78 -50.43
C VAL N 340 -27.50 -43.68 -51.04
N ASP N 341 -27.07 -44.81 -51.59
CA ASP N 341 -28.00 -45.74 -52.22
C ASP N 341 -28.82 -46.51 -51.21
N GLU N 342 -28.19 -46.95 -50.11
CA GLU N 342 -28.89 -47.75 -49.12
C GLU N 342 -29.97 -46.92 -48.42
N GLU N 343 -31.10 -47.57 -48.15
CA GLU N 343 -32.24 -46.88 -47.54
C GLU N 343 -32.07 -46.67 -46.05
N GLU N 344 -31.27 -47.50 -45.39
CA GLU N 344 -31.07 -47.41 -43.95
C GLU N 344 -29.70 -46.84 -43.63
N TRP N 345 -29.68 -45.76 -42.85
CA TRP N 345 -28.43 -45.10 -42.45
C TRP N 345 -28.73 -44.17 -41.29
N SER N 346 -27.66 -43.71 -40.64
CA SER N 346 -27.77 -42.76 -39.54
C SER N 346 -26.47 -41.97 -39.46
N ILE N 347 -26.58 -40.76 -38.91
CA ILE N 347 -25.46 -39.81 -38.87
C ILE N 347 -25.00 -39.68 -37.43
N GLU N 348 -23.70 -39.90 -37.21
CA GLU N 348 -23.09 -39.74 -35.90
C GLU N 348 -21.98 -38.69 -36.00
N PHE N 349 -22.04 -37.67 -35.15
CA PHE N 349 -21.12 -36.56 -35.24
C PHE N 349 -19.83 -36.85 -34.47
N GLU N 350 -18.70 -36.54 -35.12
CA GLU N 350 -17.41 -36.75 -34.49
C GLU N 350 -17.21 -35.75 -33.34
N PRO N 351 -16.53 -36.15 -32.27
CA PRO N 351 -16.30 -35.22 -31.16
C PRO N 351 -15.35 -34.10 -31.56
N LEU N 352 -15.55 -32.94 -30.94
CA LEU N 352 -14.70 -31.78 -31.21
C LEU N 352 -13.35 -31.91 -30.51
N SER N 353 -13.32 -32.50 -29.32
CA SER N 353 -12.10 -32.61 -28.53
C SER N 353 -11.51 -34.01 -28.69
N VAL N 354 -10.24 -34.06 -29.08
CA VAL N 354 -9.54 -35.34 -29.26
C VAL N 354 -8.38 -35.41 -28.28
N PRO N 355 -8.09 -36.59 -27.72
CA PRO N 355 -6.98 -36.71 -26.77
C PRO N 355 -5.64 -36.74 -27.50
N SER N 356 -4.57 -36.62 -26.70
CA SER N 356 -3.23 -36.70 -27.23
C SER N 356 -2.89 -38.15 -27.59
N LYS N 357 -1.76 -38.32 -28.28
CA LYS N 357 -1.38 -39.64 -28.77
C LYS N 357 -1.13 -40.61 -27.63
N LYS N 358 -0.48 -40.15 -26.55
CA LYS N 358 -0.21 -41.02 -25.41
C LYS N 358 -1.51 -41.50 -24.77
N GLU N 359 -2.48 -40.60 -24.59
CA GLU N 359 -3.77 -40.99 -24.06
C GLU N 359 -4.48 -41.95 -25.01
N GLU N 360 -4.33 -41.76 -26.31
CA GLU N 360 -4.92 -42.68 -27.27
C GLU N 360 -4.32 -44.08 -27.13
N SER N 361 -3.01 -44.16 -26.95
CA SER N 361 -2.36 -45.46 -26.75
C SER N 361 -2.86 -46.13 -25.48
N GLU N 362 -2.98 -45.36 -24.40
CA GLU N 362 -3.48 -45.93 -23.15
C GLU N 362 -4.92 -46.41 -23.30
N ILE N 363 -5.75 -45.65 -24.02
CA ILE N 363 -7.14 -46.05 -24.24
C ILE N 363 -7.20 -47.35 -25.04
N THR N 364 -6.38 -47.45 -26.10
CA THR N 364 -6.36 -48.69 -26.89
C THR N 364 -5.89 -49.87 -26.06
N LYS N 365 -4.87 -49.65 -25.21
CA LYS N 365 -4.40 -50.74 -24.35
C LYS N 365 -5.49 -51.20 -23.39
N ASN N 366 -6.20 -50.25 -22.77
CA ASN N 366 -7.27 -50.62 -21.85
C ASN N 366 -8.39 -51.38 -22.56
N ASN N 367 -8.78 -50.91 -23.74
CA ASN N 367 -9.85 -51.58 -24.48
C ASN N 367 -9.43 -52.99 -24.90
N VAL N 368 -8.20 -53.15 -25.37
CA VAL N 368 -7.72 -54.47 -25.77
C VAL N 368 -7.67 -55.41 -24.57
N GLU N 369 -7.22 -54.90 -23.42
CA GLU N 369 -7.19 -55.71 -22.22
C GLU N 369 -8.59 -56.15 -21.82
N SER N 370 -9.56 -55.25 -21.89
CA SER N 370 -10.93 -55.60 -21.55
C SER N 370 -11.49 -56.66 -22.49
N VAL N 371 -11.25 -56.50 -23.80
CA VAL N 371 -11.74 -57.48 -24.77
C VAL N 371 -11.10 -58.84 -24.53
N THR N 372 -9.79 -58.85 -24.27
CA THR N 372 -9.10 -60.11 -24.02
C THR N 372 -9.63 -60.80 -22.76
N LYS N 373 -9.87 -60.03 -21.70
CA LYS N 373 -10.46 -60.61 -20.50
C LYS N 373 -11.87 -61.13 -20.76
N ALA N 374 -12.61 -60.48 -21.66
CA ALA N 374 -13.93 -60.97 -22.02
C ALA N 374 -13.85 -62.29 -22.79
N ILE N 375 -12.80 -62.44 -23.62
CA ILE N 375 -12.63 -63.68 -24.37
C ILE N 375 -12.49 -64.87 -23.43
N THR N 376 -11.67 -64.72 -22.40
CA THR N 376 -11.53 -65.79 -21.41
C THR N 376 -12.87 -66.01 -20.70
N GLU N 377 -13.02 -67.21 -20.13
CA GLU N 377 -14.23 -67.71 -19.50
C GLU N 377 -15.36 -67.94 -20.50
N GLN N 378 -15.14 -67.66 -21.79
CA GLN N 378 -16.07 -68.01 -22.87
C GLN N 378 -17.46 -67.42 -22.63
N ILE N 379 -17.50 -66.08 -22.63
CA ILE N 379 -18.75 -65.36 -22.42
C ILE N 379 -19.01 -64.37 -23.55
N ILE N 380 -18.04 -64.19 -24.44
CA ILE N 380 -18.14 -63.16 -25.46
C ILE N 380 -18.05 -63.68 -26.88
N ASP N 381 -17.59 -64.92 -27.11
CA ASP N 381 -17.44 -65.50 -28.44
C ASP N 381 -16.35 -64.80 -29.25
N LEU N 382 -15.80 -65.49 -30.24
CA LEU N 382 -14.74 -64.91 -31.06
C LEU N 382 -15.29 -63.82 -31.98
N GLU N 383 -16.43 -64.07 -32.61
CA GLU N 383 -16.95 -63.15 -33.62
C GLU N 383 -17.35 -61.80 -33.00
N GLU N 384 -18.06 -61.86 -31.87
CA GLU N 384 -18.47 -60.62 -31.21
C GLU N 384 -17.26 -59.82 -30.73
N ALA N 385 -16.25 -60.52 -30.21
CA ALA N 385 -15.02 -59.84 -29.77
C ALA N 385 -14.31 -59.20 -30.95
N ARG N 386 -14.27 -59.89 -32.09
CA ARG N 386 -13.63 -59.33 -33.27
C ARG N 386 -14.36 -58.08 -33.75
N ASP N 387 -15.70 -58.12 -33.76
CA ASP N 387 -16.48 -56.94 -34.13
C ASP N 387 -16.24 -55.79 -33.16
N THR N 388 -16.19 -56.10 -31.85
CA THR N 388 -15.93 -55.08 -30.85
C THR N 388 -14.56 -54.45 -31.03
N LEU N 389 -13.55 -55.28 -31.35
CA LEU N 389 -12.22 -54.75 -31.61
C LEU N 389 -12.19 -53.90 -32.88
N ARG N 390 -12.94 -54.31 -33.90
CA ARG N 390 -13.00 -53.52 -35.13
C ARG N 390 -13.61 -52.16 -34.89
N SER N 391 -14.67 -52.09 -34.06
CA SER N 391 -15.37 -50.83 -33.87
C SER N 391 -14.68 -49.93 -32.84
N ILE N 392 -14.35 -50.49 -31.68
CA ILE N 392 -13.81 -49.70 -30.57
C ILE N 392 -12.46 -49.10 -30.94
N ALA N 393 -11.58 -49.90 -31.55
CA ALA N 393 -10.22 -49.48 -31.88
C ALA N 393 -10.02 -49.44 -33.39
N PRO N 394 -10.23 -48.29 -34.03
CA PRO N 394 -9.96 -48.19 -35.47
C PRO N 394 -8.50 -48.43 -35.84
N GLU N 395 -7.58 -48.30 -34.89
CA GLU N 395 -6.15 -48.41 -35.20
C GLU N 395 -5.81 -49.79 -35.76
N PHE N 396 -6.39 -50.84 -35.18
CA PHE N 396 -6.18 -52.18 -35.69
C PHE N 396 -6.77 -52.31 -37.09
N LYS N 397 -5.98 -52.87 -38.02
CA LYS N 397 -6.43 -53.09 -39.39
C LYS N 397 -6.85 -54.55 -39.52
N LEU N 398 -8.05 -54.85 -39.03
CA LEU N 398 -8.60 -56.20 -39.11
C LEU N 398 -8.97 -56.54 -40.54
N LYS N 399 -8.84 -57.81 -40.89
CA LYS N 399 -9.21 -58.30 -42.20
C LYS N 399 -10.67 -58.73 -42.20
N ASP N 400 -11.35 -58.45 -43.32
CA ASP N 400 -12.77 -58.74 -43.43
C ASP N 400 -13.03 -60.23 -43.24
N GLY N 401 -14.08 -60.55 -42.51
CA GLY N 401 -14.44 -61.92 -42.21
C GLY N 401 -13.93 -62.35 -40.85
N ASN N 402 -14.67 -63.27 -40.22
CA ASN N 402 -14.33 -63.80 -38.90
C ASN N 402 -13.85 -65.25 -38.97
N ASN N 403 -13.33 -65.66 -40.12
CA ASN N 403 -12.88 -67.04 -40.31
C ASN N 403 -11.43 -67.26 -39.90
N ILE N 404 -10.69 -66.20 -39.60
CA ILE N 404 -9.26 -66.19 -39.29
C ILE N 404 -8.51 -67.28 -40.05
N ASN N 405 -7.60 -67.99 -39.37
CA ASN N 405 -6.85 -69.07 -39.98
C ASN N 405 -6.44 -70.11 -38.95
N ASN O 2 50.80 55.43 6.33
CA ASN O 2 51.69 56.25 5.52
C ASN O 2 51.39 57.73 5.69
N GLN O 3 52.08 58.56 4.92
CA GLN O 3 51.86 60.00 4.96
C GLN O 3 51.35 60.57 3.65
N GLU O 4 52.03 60.29 2.53
CA GLU O 4 51.60 60.85 1.24
C GLU O 4 50.18 60.44 0.89
N THR O 5 49.75 59.27 1.37
CA THR O 5 48.37 58.84 1.16
C THR O 5 47.40 59.82 1.78
N LEU O 6 47.74 60.37 2.96
CA LEU O 6 46.85 61.32 3.61
C LEU O 6 46.64 62.58 2.76
N ILE O 7 47.75 63.15 2.26
CA ILE O 7 47.63 64.34 1.43
C ILE O 7 46.88 64.02 0.14
N ALA O 8 47.15 62.86 -0.46
CA ALA O 8 46.44 62.49 -1.68
C ALA O 8 44.94 62.37 -1.44
N VAL O 9 44.55 61.73 -0.34
CA VAL O 9 43.13 61.55 -0.03
C VAL O 9 42.46 62.88 0.25
N VAL O 10 43.11 63.74 1.03
CA VAL O 10 42.53 65.04 1.34
C VAL O 10 42.39 65.87 0.08
N GLU O 11 43.40 65.84 -0.78
CA GLU O 11 43.34 66.60 -2.02
C GLU O 11 42.23 66.10 -2.93
N GLN O 12 42.04 64.77 -2.98
CA GLN O 12 40.94 64.22 -3.77
C GLN O 12 39.59 64.64 -3.20
N MET O 13 39.45 64.61 -1.87
CA MET O 13 38.19 65.05 -1.26
C MET O 13 37.90 66.51 -1.58
N ARG O 14 38.93 67.36 -1.52
CA ARG O 14 38.72 68.77 -1.85
C ARG O 14 38.43 68.97 -3.34
N LYS O 15 39.01 68.13 -4.20
CA LYS O 15 38.69 68.21 -5.62
C LYS O 15 37.24 67.83 -5.88
N LEU O 16 36.76 66.76 -5.25
CA LEU O 16 35.40 66.30 -5.48
C LEU O 16 34.39 67.31 -4.97
N VAL O 17 34.52 67.75 -3.74
CA VAL O 17 33.61 68.69 -3.11
C VAL O 17 34.37 69.98 -2.81
N PRO O 18 33.96 71.10 -3.40
CA PRO O 18 34.53 72.39 -3.00
C PRO O 18 33.95 72.85 -1.68
N ALA O 19 34.41 73.99 -1.18
CA ALA O 19 34.02 74.61 0.09
C ALA O 19 34.46 73.80 1.29
N LEU O 20 35.06 72.62 1.10
CA LEU O 20 35.74 71.91 2.16
C LEU O 20 37.19 72.36 2.31
N ARG O 21 37.65 73.24 1.43
CA ARG O 21 39.01 73.75 1.51
C ARG O 21 39.20 74.63 2.74
N LYS O 22 38.15 75.35 3.14
CA LYS O 22 38.24 76.24 4.29
C LYS O 22 38.35 75.47 5.60
N VAL O 23 38.04 74.19 5.61
CA VAL O 23 38.12 73.39 6.84
C VAL O 23 39.58 73.19 7.21
N PRO O 24 39.96 73.30 8.49
CA PRO O 24 41.35 73.07 8.87
C PRO O 24 41.81 71.67 8.52
N ASP O 25 43.10 71.56 8.16
CA ASP O 25 43.65 70.31 7.65
C ASP O 25 43.67 69.20 8.68
N GLU O 26 43.77 69.53 9.98
CA GLU O 26 43.92 68.50 10.99
C GLU O 26 42.65 67.67 11.17
N THR O 27 41.49 68.33 11.10
CA THR O 27 40.23 67.60 11.23
C THR O 27 40.03 66.64 10.07
N LEU O 28 40.39 67.06 8.85
CA LEU O 28 40.33 66.16 7.71
C LEU O 28 41.26 64.99 7.88
N TYR O 29 42.47 65.22 8.40
CA TYR O 29 43.38 64.12 8.68
C TYR O 29 42.78 63.14 9.67
N ALA O 30 42.18 63.65 10.75
CA ALA O 30 41.56 62.78 11.75
C ALA O 30 40.44 61.94 11.14
N TRP O 31 39.59 62.57 10.33
CA TRP O 31 38.50 61.84 9.69
C TRP O 31 39.04 60.80 8.71
N VAL O 32 40.14 61.11 8.01
CA VAL O 32 40.73 60.15 7.08
C VAL O 32 41.28 58.94 7.83
N GLU O 33 41.99 59.17 8.94
CA GLU O 33 42.48 58.04 9.72
C GLU O 33 41.34 57.21 10.30
N MET O 34 40.24 57.87 10.68
CA MET O 34 39.07 57.13 11.13
C MET O 34 38.50 56.27 9.99
N ALA O 35 38.44 56.83 8.78
CA ALA O 35 37.87 56.10 7.65
C ALA O 35 38.77 54.94 7.22
N GLU O 36 40.08 55.07 7.42
CA GLU O 36 41.01 54.05 6.97
C GLU O 36 40.79 52.72 7.69
N LEU O 37 40.19 52.75 8.89
CA LEU O 37 39.92 51.52 9.61
C LEU O 37 38.97 50.60 8.84
N PHE O 38 37.98 51.17 8.16
CA PHE O 38 36.93 50.39 7.51
C PHE O 38 37.34 49.91 6.11
N VAL O 39 38.05 50.74 5.35
CA VAL O 39 38.33 50.45 3.95
C VAL O 39 39.48 49.45 3.86
N CYS O 40 39.30 48.42 3.05
CA CYS O 40 40.37 47.47 2.76
C CYS O 40 41.30 48.03 1.70
N GLN O 41 42.39 47.30 1.45
CA GLN O 41 43.38 47.74 0.49
C GLN O 41 43.60 46.73 -0.63
N LYS O 42 43.64 45.44 -0.32
CA LYS O 42 43.94 44.45 -1.35
C LYS O 42 42.87 44.42 -2.44
N THR O 43 41.60 44.53 -2.04
CA THR O 43 40.51 44.44 -3.02
C THR O 43 40.50 45.65 -3.95
N PHE O 44 40.59 46.86 -3.39
CA PHE O 44 40.49 48.05 -4.22
C PHE O 44 41.73 48.26 -5.07
N LYS O 45 42.91 47.90 -4.54
CA LYS O 45 44.16 47.95 -5.29
C LYS O 45 44.48 49.36 -5.79
N ASP O 46 44.25 49.61 -7.08
CA ASP O 46 44.65 50.87 -7.69
C ASP O 46 43.77 52.03 -7.22
N ALA O 47 42.49 51.76 -6.98
CA ALA O 47 41.53 52.79 -6.61
C ALA O 47 41.47 53.07 -5.11
N TYR O 48 42.56 52.79 -4.40
CA TYR O 48 42.57 52.91 -2.94
C TYR O 48 42.31 54.34 -2.50
N VAL O 49 42.96 55.31 -3.14
CA VAL O 49 42.81 56.71 -2.73
C VAL O 49 41.38 57.18 -2.92
N LYS O 50 40.80 56.86 -4.08
CA LYS O 50 39.43 57.29 -4.36
C LYS O 50 38.43 56.62 -3.44
N ALA O 51 38.62 55.33 -3.16
CA ALA O 51 37.74 54.64 -2.22
C ALA O 51 37.83 55.24 -0.83
N LEU O 52 39.05 55.55 -0.38
CA LEU O 52 39.23 56.17 0.92
C LEU O 52 38.56 57.54 0.98
N ALA O 53 38.69 58.32 -0.09
CA ALA O 53 38.03 59.62 -0.13
C ALA O 53 36.51 59.49 -0.06
N LEU O 54 35.96 58.54 -0.81
CA LEU O 54 34.51 58.33 -0.79
C LEU O 54 34.03 57.91 0.60
N TYR O 55 34.75 56.99 1.25
CA TYR O 55 34.34 56.55 2.57
C TYR O 55 34.47 57.68 3.59
N ALA O 56 35.53 58.48 3.49
CA ALA O 56 35.69 59.61 4.40
C ALA O 56 34.55 60.61 4.23
N LEU O 57 34.16 60.90 2.98
CA LEU O 57 33.03 61.80 2.76
C LEU O 57 31.74 61.22 3.32
N HIS O 58 31.53 59.91 3.13
CA HIS O 58 30.33 59.28 3.66
C HIS O 58 30.27 59.38 5.18
N LEU O 59 31.39 59.13 5.85
CA LEU O 59 31.43 59.26 7.31
C LEU O 59 31.24 60.72 7.73
N ALA O 60 31.77 61.66 6.96
CA ALA O 60 31.63 63.08 7.29
C ALA O 60 30.20 63.58 7.11
N PHE O 61 29.42 62.95 6.25
CA PHE O 61 28.05 63.41 5.99
C PHE O 61 27.03 62.31 6.28
N LEU O 62 27.30 61.46 7.27
CA LEU O 62 26.38 60.37 7.58
C LEU O 62 25.02 60.91 8.02
N ASP O 63 24.98 61.60 9.16
CA ASP O 63 23.76 62.23 9.66
C ASP O 63 24.03 63.67 10.08
N GLY O 64 25.21 64.19 9.73
CA GLY O 64 25.67 65.47 10.21
C GLY O 64 26.66 65.24 11.35
N ALA O 65 27.95 65.20 11.02
CA ALA O 65 28.96 64.87 12.01
C ALA O 65 30.09 65.89 12.02
N LEU O 66 30.36 66.51 10.87
CA LEU O 66 31.45 67.48 10.80
C LEU O 66 31.15 68.70 11.67
N LYS O 67 29.97 69.30 11.49
CA LYS O 67 29.48 70.41 12.33
C LYS O 67 30.51 71.54 12.25
N GLY O 68 30.89 72.12 13.39
CA GLY O 68 31.85 73.20 13.40
C GLY O 68 32.41 73.39 14.79
N GLU O 69 33.27 74.40 14.92
CA GLU O 69 33.93 74.67 16.19
C GLU O 69 32.93 75.18 17.23
N ASP O 70 32.01 76.05 16.82
CA ASP O 70 31.14 76.75 17.76
C ASP O 70 29.72 76.21 17.84
N GLU O 71 29.41 75.12 17.14
CA GLU O 71 28.07 74.55 17.19
C GLU O 71 27.72 74.11 18.61
N ASP O 72 26.51 74.45 19.07
CA ASP O 72 26.10 74.16 20.43
C ASP O 72 25.94 72.66 20.65
N LEU O 73 26.12 72.21 21.90
CA LEU O 73 26.06 70.79 22.22
C LEU O 73 24.67 70.22 21.99
N GLU O 74 23.62 71.04 22.13
CA GLU O 74 22.26 70.54 22.03
C GLU O 74 21.93 70.04 20.63
N SER O 75 22.50 70.66 19.60
CA SER O 75 22.11 70.39 18.23
C SER O 75 22.56 69.01 17.72
N TYR O 76 23.23 68.21 18.56
CA TYR O 76 23.67 66.89 18.12
C TYR O 76 22.62 65.81 18.29
N SER O 77 21.51 66.10 18.96
CA SER O 77 20.42 65.15 19.09
C SER O 77 19.10 65.67 18.54
N ARG O 78 19.13 66.76 17.78
CA ARG O 78 17.92 67.45 17.34
C ARG O 78 18.31 68.51 16.31
N ARG O 79 17.33 68.92 15.52
CA ARG O 79 17.53 69.93 14.48
C ARG O 79 16.46 70.99 14.57
N VAL O 80 16.66 72.08 13.83
CA VAL O 80 15.67 73.16 13.76
C VAL O 80 14.89 72.99 12.45
N THR O 81 13.59 72.76 12.58
CA THR O 81 12.76 72.57 11.39
C THR O 81 12.52 73.88 10.66
N SER O 82 12.23 74.96 11.41
CA SER O 82 11.95 76.24 10.79
C SER O 82 12.33 77.36 11.75
N PHE O 83 12.53 78.55 11.20
CA PHE O 83 12.88 79.72 11.99
C PHE O 83 12.42 80.97 11.24
N SER O 84 11.98 81.97 11.99
CA SER O 84 11.52 83.21 11.41
C SER O 84 11.73 84.34 12.40
N LEU O 85 12.06 85.52 11.88
CA LEU O 85 12.35 86.71 12.70
C LEU O 85 11.25 87.73 12.45
N SER O 86 10.22 87.71 13.29
CA SER O 86 9.12 88.66 13.26
C SER O 86 8.54 88.83 11.85
N GLY O 87 8.58 90.04 11.34
CA GLY O 87 8.18 90.35 9.98
C GLY O 87 9.31 90.54 9.01
N GLU O 88 10.51 90.04 9.31
CA GLU O 88 11.66 90.26 8.43
C GLU O 88 11.77 89.16 7.38
N PHE O 89 11.88 87.91 7.83
CA PHE O 89 12.05 86.80 6.90
C PHE O 89 11.58 85.51 7.58
N SER O 90 11.40 84.48 6.76
CA SER O 90 11.01 83.16 7.24
C SER O 90 11.72 82.11 6.42
N GLN O 91 11.88 80.93 7.02
CA GLN O 91 12.59 79.85 6.35
C GLN O 91 12.18 78.51 6.97
N THR O 92 12.14 77.48 6.14
CA THR O 92 11.80 76.13 6.57
C THR O 92 12.84 75.16 6.05
N PHE O 93 13.07 74.09 6.83
CA PHE O 93 14.08 73.10 6.52
C PHE O 93 13.47 71.71 6.51
N GLY O 94 14.19 70.77 5.90
CA GLY O 94 13.73 69.40 5.82
C GLY O 94 14.88 68.46 5.52
N GLU O 95 14.56 67.17 5.55
CA GLU O 95 15.57 66.15 5.29
C GLU O 95 15.90 66.09 3.80
N VAL O 96 17.03 65.46 3.48
CA VAL O 96 17.51 65.46 2.10
C VAL O 96 16.92 64.30 1.32
N THR O 97 16.75 63.14 1.95
CA THR O 97 16.25 61.96 1.26
C THR O 97 15.86 60.91 2.30
N LYS O 98 14.72 60.26 2.05
CA LYS O 98 14.22 59.18 2.90
C LYS O 98 14.63 57.85 2.29
N ASN O 99 15.37 57.06 3.07
CA ASN O 99 15.77 55.71 2.67
C ASN O 99 14.85 54.72 3.34
N GLN O 100 14.16 53.90 2.53
CA GLN O 100 13.21 52.94 3.08
C GLN O 100 13.91 51.89 3.93
N SER O 101 14.96 51.29 3.40
CA SER O 101 15.68 50.25 4.12
C SER O 101 16.48 50.86 5.26
N GLY O 102 16.45 50.20 6.42
CA GLY O 102 17.24 50.65 7.55
C GLY O 102 18.69 50.21 7.44
N ASP O 103 19.34 50.57 6.34
CA ASP O 103 20.70 50.17 6.06
C ASP O 103 21.57 51.40 5.90
N MET O 104 22.69 51.43 6.62
CA MET O 104 23.69 52.47 6.42
C MET O 104 24.44 52.20 5.12
N MET O 105 25.05 53.26 4.58
CA MET O 105 25.73 53.35 3.28
C MET O 105 24.73 53.55 2.15
N LEU O 106 23.43 53.58 2.43
CA LEU O 106 22.42 53.96 1.44
C LEU O 106 21.73 55.27 1.82
N SER O 107 22.32 56.03 2.74
CA SER O 107 21.76 57.30 3.18
C SER O 107 22.34 58.50 2.43
N THR O 108 23.52 58.36 1.83
CA THR O 108 24.19 59.44 1.11
C THR O 108 24.67 58.94 -0.23
N PRO O 109 24.79 59.84 -1.22
CA PRO O 109 25.28 59.41 -2.54
C PRO O 109 26.69 58.82 -2.52
N TRP O 110 27.56 59.32 -1.64
CA TRP O 110 28.90 58.76 -1.54
C TRP O 110 28.87 57.30 -1.07
N GLY O 111 27.98 56.98 -0.15
CA GLY O 111 27.84 55.59 0.27
C GLY O 111 27.41 54.68 -0.86
N LYS O 112 26.43 55.14 -1.67
CA LYS O 112 25.99 54.35 -2.82
C LYS O 112 27.11 54.17 -3.83
N MET O 113 27.87 55.23 -4.09
CA MET O 113 28.98 55.14 -5.04
C MET O 113 30.04 54.16 -4.53
N PHE O 114 30.36 54.22 -3.23
CA PHE O 114 31.32 53.29 -2.66
C PHE O 114 30.82 51.85 -2.75
N GLU O 115 29.53 51.64 -2.47
CA GLU O 115 28.96 50.29 -2.52
C GLU O 115 29.04 49.73 -3.93
N GLN O 116 28.71 50.54 -4.94
CA GLN O 116 28.78 50.06 -6.31
C GLN O 116 30.21 49.84 -6.76
N LEU O 117 31.15 50.67 -6.32
CA LEU O 117 32.56 50.43 -6.64
C LEU O 117 33.04 49.12 -6.04
N LYS O 118 32.67 48.86 -4.78
CA LYS O 118 33.05 47.59 -4.15
C LYS O 118 32.42 46.40 -4.88
N ALA O 119 31.15 46.55 -5.30
CA ALA O 119 30.50 45.49 -6.06
C ALA O 119 31.22 45.23 -7.38
N ARG O 120 31.67 46.30 -8.04
CA ARG O 120 32.38 46.16 -9.30
C ARG O 120 33.74 45.48 -9.11
N ARG O 121 34.47 45.85 -8.06
CA ARG O 121 35.84 45.34 -7.95
C ARG O 121 35.91 43.97 -7.28
N ARG O 122 35.20 43.76 -6.18
CA ARG O 122 35.20 42.46 -5.52
C ARG O 122 33.82 41.81 -5.50
N GLY O 123 32.81 42.54 -5.04
CA GLY O 123 31.47 41.99 -4.88
C GLY O 123 31.00 42.06 -3.44
N ARG O 124 29.70 41.86 -3.28
CA ARG O 124 29.05 41.92 -1.97
C ARG O 124 28.52 40.53 -1.64
N PHE O 125 29.39 39.69 -1.08
CA PHE O 125 29.03 38.33 -0.71
C PHE O 125 30.10 37.77 0.21
N ALA O 126 29.75 36.69 0.90
CA ALA O 126 30.67 35.98 1.76
C ALA O 126 30.26 34.51 1.77
N LEU O 127 30.98 33.68 1.03
CA LEU O 127 30.69 32.26 0.89
C LEU O 127 31.83 31.48 1.53
N MET O 128 31.54 30.80 2.64
CA MET O 128 32.58 30.18 3.45
C MET O 128 32.24 28.72 3.74
N THR O 129 33.28 27.96 4.06
CA THR O 129 33.13 26.61 4.58
C THR O 129 34.11 26.42 5.73
N GLY O 130 33.78 25.50 6.63
CA GLY O 130 34.61 25.30 7.81
C GLY O 130 36.00 24.78 7.47
N LEU O 131 36.92 25.02 8.39
CA LEU O 131 38.30 24.57 8.21
C LEU O 131 38.51 23.20 8.87
N HIS P 32 -2.93 1.65 -51.33
CA HIS P 32 -2.31 0.45 -51.85
C HIS P 32 -1.70 -0.37 -50.72
N VAL P 33 -2.11 -1.64 -50.62
CA VAL P 33 -1.66 -2.48 -49.51
C VAL P 33 -0.22 -2.93 -49.66
N GLY P 34 0.37 -2.77 -50.85
CA GLY P 34 1.76 -3.19 -51.04
C GLY P 34 2.74 -2.41 -50.19
N SER P 35 2.59 -1.08 -50.16
CA SER P 35 3.48 -0.25 -49.36
C SER P 35 3.33 -0.53 -47.87
N PHE P 36 2.09 -0.70 -47.42
CA PHE P 36 1.86 -1.04 -46.01
C PHE P 36 2.44 -2.40 -45.65
N TYR P 37 2.32 -3.37 -46.55
CA TYR P 37 2.92 -4.68 -46.32
C TYR P 37 4.44 -4.59 -46.26
N ASN P 38 5.04 -3.77 -47.13
CA ASN P 38 6.49 -3.68 -47.18
C ASN P 38 7.04 -2.96 -45.95
N ASP P 39 6.43 -1.83 -45.57
CA ASP P 39 7.02 -1.00 -44.51
C ASP P 39 6.82 -1.61 -43.14
N ASN P 40 5.62 -2.11 -42.84
CA ASN P 40 5.30 -2.59 -41.50
C ASN P 40 5.70 -4.06 -41.34
N ALA P 41 6.42 -4.34 -40.25
CA ALA P 41 6.82 -5.71 -39.95
C ALA P 41 5.65 -6.52 -39.36
N THR P 42 4.78 -5.86 -38.58
CA THR P 42 3.66 -6.56 -37.96
C THR P 42 2.68 -7.06 -39.02
N ALA P 43 2.39 -6.23 -40.02
CA ALA P 43 1.50 -6.67 -41.10
C ALA P 43 2.12 -7.80 -41.89
N LYS P 44 3.43 -7.73 -42.15
CA LYS P 44 4.11 -8.81 -42.86
C LYS P 44 4.02 -10.12 -42.09
N ARG P 45 4.26 -10.06 -40.77
CA ARG P 45 4.14 -11.27 -39.96
C ARG P 45 2.72 -11.81 -39.98
N ILE P 46 1.72 -10.92 -39.86
CA ILE P 46 0.33 -11.36 -39.87
C ILE P 46 0.00 -12.06 -41.19
N VAL P 47 0.50 -11.53 -42.30
CA VAL P 47 0.19 -12.13 -43.60
C VAL P 47 0.90 -13.46 -43.77
N ASP P 48 2.18 -13.54 -43.42
CA ASP P 48 3.00 -14.69 -43.78
C ASP P 48 3.13 -15.76 -42.70
N VAL P 49 2.52 -15.57 -41.52
CA VAL P 49 2.73 -16.57 -40.47
C VAL P 49 1.98 -17.86 -40.75
N ILE P 50 0.80 -17.78 -41.35
CA ILE P 50 -0.07 -18.96 -41.51
C ILE P 50 0.36 -19.84 -42.66
N PRO P 51 0.56 -19.32 -43.89
CA PRO P 51 0.90 -20.22 -45.00
C PRO P 51 2.18 -21.01 -44.79
N GLU P 52 3.20 -20.37 -44.21
CA GLU P 52 4.45 -21.08 -43.94
C GLU P 52 4.22 -22.20 -42.93
N GLU P 53 3.43 -21.94 -41.89
CA GLU P 53 3.13 -22.97 -40.90
C GLU P 53 2.39 -24.14 -41.53
N MET P 54 1.46 -23.85 -42.45
CA MET P 54 0.76 -24.94 -43.13
C MET P 54 1.71 -25.76 -44.00
N VAL P 55 2.49 -25.07 -44.84
CA VAL P 55 3.26 -25.79 -45.86
C VAL P 55 4.42 -26.56 -45.23
N THR P 56 5.03 -26.02 -44.18
CA THR P 56 6.22 -26.65 -43.60
C THR P 56 5.90 -28.04 -43.05
N ALA P 57 4.72 -28.20 -42.43
CA ALA P 57 4.39 -29.48 -41.82
C ALA P 57 4.32 -30.59 -42.86
N GLY P 58 3.74 -30.32 -44.03
CA GLY P 58 3.65 -31.31 -45.08
C GLY P 58 2.38 -32.13 -45.02
N PHE P 59 2.31 -33.09 -45.94
CA PHE P 59 1.13 -33.94 -46.07
C PHE P 59 1.57 -35.39 -46.27
N LYS P 60 0.68 -36.32 -45.94
CA LYS P 60 0.92 -37.75 -46.06
C LYS P 60 -0.21 -38.38 -46.88
N MET P 61 0.16 -39.10 -47.92
CA MET P 61 -0.81 -39.77 -48.78
C MET P 61 -0.77 -41.28 -48.56
N SER P 62 -1.97 -41.87 -48.49
CA SER P 62 -2.13 -43.31 -48.32
C SER P 62 -2.84 -43.89 -49.54
N GLY P 63 -2.58 -45.16 -49.80
CA GLY P 63 -3.17 -45.85 -50.93
C GLY P 63 -2.26 -46.05 -52.12
N VAL P 64 -1.12 -45.37 -52.16
CA VAL P 64 -0.16 -45.54 -53.25
C VAL P 64 0.69 -46.77 -52.99
N LYS P 65 1.16 -47.39 -54.07
CA LYS P 65 1.98 -48.59 -53.95
C LYS P 65 3.39 -48.25 -53.48
N ASP P 66 4.03 -47.30 -54.14
CA ASP P 66 5.40 -46.90 -53.81
C ASP P 66 5.35 -45.57 -53.05
N GLU P 67 5.88 -45.57 -51.82
CA GLU P 67 5.91 -44.35 -51.03
C GLU P 67 7.18 -43.54 -51.30
N LYS P 68 8.34 -44.21 -51.26
CA LYS P 68 9.60 -43.50 -51.45
C LYS P 68 9.72 -42.97 -52.88
N GLU P 69 9.23 -43.74 -53.86
CA GLU P 69 9.24 -43.27 -55.24
C GLU P 69 8.38 -42.03 -55.40
N PHE P 70 7.20 -42.01 -54.78
CA PHE P 70 6.36 -40.82 -54.82
C PHE P 70 7.03 -39.64 -54.14
N LYS P 71 7.71 -39.90 -53.01
CA LYS P 71 8.41 -38.82 -52.31
C LYS P 71 9.50 -38.22 -53.20
N SER P 72 10.26 -39.08 -53.88
CA SER P 72 11.30 -38.58 -54.80
C SER P 72 10.68 -37.79 -55.94
N LEU P 73 9.58 -38.29 -56.50
CA LEU P 73 8.92 -37.58 -57.59
C LEU P 73 8.42 -36.20 -57.13
N TRP P 74 7.83 -36.14 -55.94
CA TRP P 74 7.33 -34.88 -55.42
C TRP P 74 8.47 -33.89 -55.15
N ASP P 75 9.56 -34.37 -54.55
CA ASP P 75 10.70 -33.50 -54.30
C ASP P 75 11.45 -33.12 -55.57
N SER P 76 11.24 -33.84 -56.66
CA SER P 76 11.86 -33.44 -57.93
C SER P 76 11.32 -32.10 -58.41
N TYR P 77 10.01 -31.86 -58.25
CA TYR P 77 9.39 -30.65 -58.77
C TYR P 77 9.70 -29.42 -57.92
N LYS P 78 9.98 -29.61 -56.63
CA LYS P 78 10.32 -28.54 -55.68
C LYS P 78 9.39 -27.33 -55.82
N LEU P 79 8.09 -27.58 -55.63
CA LEU P 79 7.06 -26.57 -55.75
C LEU P 79 6.74 -25.88 -54.41
N ASP P 80 7.65 -25.92 -53.45
CA ASP P 80 7.38 -25.34 -52.14
C ASP P 80 7.24 -23.82 -52.22
N SER P 81 8.20 -23.15 -52.83
CA SER P 81 8.18 -21.69 -52.88
C SER P 81 6.97 -21.17 -53.63
N SER P 82 6.62 -21.83 -54.74
CA SER P 82 5.45 -21.40 -55.50
C SER P 82 4.17 -21.51 -54.68
N LEU P 83 4.01 -22.61 -53.94
CA LEU P 83 2.82 -22.77 -53.10
C LEU P 83 2.77 -21.70 -52.02
N VAL P 84 3.90 -21.47 -51.34
CA VAL P 84 3.92 -20.48 -50.27
C VAL P 84 3.61 -19.09 -50.82
N ASP P 85 4.20 -18.74 -51.96
CA ASP P 85 3.95 -17.43 -52.56
C ASP P 85 2.49 -17.30 -53.00
N LEU P 86 1.91 -18.37 -53.55
CA LEU P 86 0.52 -18.32 -53.95
C LEU P 86 -0.39 -18.06 -52.76
N LEU P 87 -0.18 -18.79 -51.66
CA LEU P 87 -1.01 -18.57 -50.48
C LEU P 87 -0.81 -17.17 -49.89
N CYS P 88 0.44 -16.69 -49.87
CA CYS P 88 0.71 -15.35 -49.34
C CYS P 88 0.03 -14.28 -50.18
N TRP P 89 0.10 -14.40 -51.51
CA TRP P 89 -0.56 -13.42 -52.37
C TRP P 89 -2.08 -13.50 -52.23
N ALA P 90 -2.62 -14.71 -52.07
CA ALA P 90 -4.05 -14.85 -51.87
C ALA P 90 -4.50 -14.16 -50.59
N ARG P 91 -3.72 -14.32 -49.51
CA ARG P 91 -4.09 -13.66 -48.27
C ARG P 91 -3.88 -12.14 -48.35
N LEU P 92 -2.89 -11.68 -49.11
CA LEU P 92 -2.59 -10.25 -49.13
C LEU P 92 -3.52 -9.49 -50.07
N TYR P 93 -3.48 -9.81 -51.37
CA TYR P 93 -4.23 -9.03 -52.35
C TYR P 93 -5.72 -9.36 -52.34
N GLY P 94 -6.08 -10.58 -51.92
CA GLY P 94 -7.46 -11.04 -51.96
C GLY P 94 -7.71 -12.11 -53.00
N GLY P 95 -6.80 -12.30 -53.95
CA GLY P 95 -6.96 -13.35 -54.94
C GLY P 95 -5.65 -13.62 -55.64
N ALA P 96 -5.54 -14.83 -56.17
CA ALA P 96 -4.36 -15.27 -56.89
C ALA P 96 -4.72 -16.49 -57.72
N ALA P 97 -3.79 -16.90 -58.58
CA ALA P 97 -4.01 -18.07 -59.41
C ALA P 97 -2.67 -18.69 -59.77
N MET P 98 -2.73 -19.97 -60.16
CA MET P 98 -1.55 -20.74 -60.55
C MET P 98 -1.86 -21.47 -61.84
N VAL P 99 -0.94 -21.40 -62.79
CA VAL P 99 -1.09 -22.04 -64.10
C VAL P 99 -0.16 -23.24 -64.17
N ALA P 100 -0.71 -24.40 -64.49
CA ALA P 100 0.08 -25.62 -64.58
C ALA P 100 0.47 -25.87 -66.04
N ILE P 101 1.77 -25.84 -66.30
CA ILE P 101 2.30 -26.14 -67.62
C ILE P 101 2.35 -27.65 -67.79
N ILE P 102 1.62 -28.17 -68.76
CA ILE P 102 1.42 -29.60 -68.90
C ILE P 102 1.88 -30.05 -70.28
N LYS P 103 2.30 -31.31 -70.37
CA LYS P 103 2.78 -31.89 -71.62
C LYS P 103 1.68 -32.71 -72.29
N ASP P 104 0.61 -32.01 -72.68
CA ASP P 104 -0.54 -32.67 -73.29
C ASP P 104 -0.49 -32.68 -74.81
N ASN P 105 0.47 -31.98 -75.42
CA ASN P 105 0.68 -31.98 -76.87
C ASN P 105 -0.58 -31.52 -77.62
N ARG P 106 -1.19 -30.43 -77.15
CA ARG P 106 -2.30 -29.80 -77.83
C ARG P 106 -2.29 -28.31 -77.53
N MET P 107 -3.31 -27.61 -78.00
CA MET P 107 -3.42 -26.18 -77.77
C MET P 107 -3.70 -25.89 -76.30
N LEU P 108 -3.36 -24.66 -75.90
CA LEU P 108 -3.65 -24.23 -74.53
C LEU P 108 -5.16 -24.17 -74.29
N THR P 109 -5.92 -23.78 -75.30
CA THR P 109 -7.37 -23.70 -75.16
C THR P 109 -8.00 -25.08 -75.02
N SER P 110 -7.43 -26.09 -75.67
CA SER P 110 -7.99 -27.44 -75.60
C SER P 110 -7.87 -28.02 -74.20
N GLN P 111 -8.81 -28.90 -73.86
CA GLN P 111 -8.84 -29.50 -72.53
C GLN P 111 -7.62 -30.40 -72.32
N ALA P 112 -7.23 -30.54 -71.05
CA ALA P 112 -6.11 -31.38 -70.67
C ALA P 112 -6.62 -32.80 -70.41
N LYS P 113 -6.26 -33.72 -71.29
CA LYS P 113 -6.70 -35.10 -71.12
C LYS P 113 -5.89 -35.78 -70.02
N PRO P 114 -6.47 -36.76 -69.34
CA PRO P 114 -5.72 -37.49 -68.31
C PRO P 114 -4.56 -38.26 -68.93
N GLY P 115 -3.47 -38.36 -68.16
CA GLY P 115 -2.28 -39.08 -68.57
C GLY P 115 -1.01 -38.27 -68.56
N ALA P 116 -1.09 -36.95 -68.71
CA ALA P 116 0.10 -36.12 -68.70
C ALA P 116 0.72 -36.08 -67.31
N LYS P 117 2.01 -35.72 -67.25
CA LYS P 117 2.77 -35.85 -66.02
C LYS P 117 3.45 -34.55 -65.58
N LEU P 118 2.96 -33.41 -66.07
CA LEU P 118 3.38 -32.09 -65.57
C LEU P 118 4.81 -31.72 -65.95
N GLU P 119 5.06 -30.44 -66.18
CA GLU P 119 6.41 -29.92 -66.37
C GLU P 119 6.78 -28.84 -65.36
N GLY P 120 5.81 -28.19 -64.75
CA GLY P 120 6.07 -27.10 -63.83
C GLY P 120 4.84 -26.23 -63.68
N VAL P 121 4.95 -25.27 -62.75
CA VAL P 121 3.84 -24.39 -62.42
C VAL P 121 4.28 -22.94 -62.64
N ARG P 122 3.31 -22.03 -62.55
CA ARG P 122 3.56 -20.61 -62.74
C ARG P 122 2.50 -19.83 -61.98
N VAL P 123 2.89 -19.21 -60.87
CA VAL P 123 1.98 -18.44 -60.04
C VAL P 123 1.82 -17.06 -60.63
N TYR P 124 0.67 -16.43 -60.35
CA TYR P 124 0.35 -15.12 -60.89
C TYR P 124 -0.30 -14.26 -59.81
N ASP P 125 -0.64 -13.04 -60.19
CA ASP P 125 -1.25 -12.07 -59.30
C ASP P 125 -2.72 -11.89 -59.67
N ARG P 126 -3.47 -11.25 -58.77
CA ARG P 126 -4.91 -11.09 -58.98
C ARG P 126 -5.22 -10.27 -60.23
N PHE P 127 -4.49 -9.17 -60.44
CA PHE P 127 -4.79 -8.26 -61.53
C PHE P 127 -4.30 -8.76 -62.88
N ALA P 128 -3.56 -9.86 -62.92
CA ALA P 128 -2.99 -10.37 -64.16
C ALA P 128 -3.88 -11.36 -64.89
N ILE P 129 -5.08 -11.65 -64.37
CA ILE P 129 -5.96 -12.65 -64.94
C ILE P 129 -7.36 -12.07 -65.05
N THR P 130 -7.97 -12.22 -66.23
CA THR P 130 -9.35 -11.80 -66.46
C THR P 130 -10.04 -12.84 -67.34
N VAL P 131 -11.36 -12.92 -67.20
CA VAL P 131 -12.17 -13.93 -67.88
C VAL P 131 -12.57 -13.42 -69.26
N GLU P 132 -12.62 -14.33 -70.23
CA GLU P 132 -13.04 -14.00 -71.58
C GLU P 132 -14.44 -14.53 -71.90
N LYS P 133 -14.67 -15.83 -71.72
CA LYS P 133 -15.95 -16.44 -72.03
C LYS P 133 -16.35 -17.37 -70.90
N ARG P 134 -17.67 -17.50 -70.70
CA ARG P 134 -18.20 -18.32 -69.61
C ARG P 134 -19.35 -19.17 -70.12
N VAL P 135 -19.83 -20.05 -69.25
CA VAL P 135 -20.85 -21.02 -69.63
C VAL P 135 -22.18 -20.30 -69.85
N THR P 136 -22.88 -20.66 -70.93
CA THR P 136 -24.18 -20.07 -71.26
C THR P 136 -25.29 -21.11 -71.28
N ASN P 137 -25.07 -22.29 -70.72
CA ASN P 137 -26.07 -23.36 -70.69
C ASN P 137 -26.77 -23.34 -69.34
N ALA P 138 -28.06 -22.99 -69.34
CA ALA P 138 -28.79 -22.83 -68.08
C ALA P 138 -28.92 -24.13 -67.33
N ARG P 139 -29.21 -25.23 -68.03
CA ARG P 139 -29.45 -26.51 -67.35
C ARG P 139 -28.17 -27.10 -66.76
N SER P 140 -27.00 -26.68 -67.23
CA SER P 140 -25.75 -27.21 -66.69
C SER P 140 -25.55 -26.73 -65.26
N PRO P 141 -25.13 -27.61 -64.34
CA PRO P 141 -24.84 -27.14 -62.97
C PRO P 141 -23.74 -26.11 -62.91
N ARG P 142 -22.73 -26.23 -63.76
CA ARG P 142 -21.62 -25.28 -63.82
C ARG P 142 -21.98 -24.15 -64.79
N TYR P 143 -23.00 -23.39 -64.39
CA TYR P 143 -23.56 -22.33 -65.22
C TYR P 143 -23.13 -20.98 -64.68
N GLY P 144 -22.54 -20.16 -65.54
CA GLY P 144 -22.01 -18.87 -65.15
C GLY P 144 -20.54 -18.88 -64.77
N GLU P 145 -19.96 -20.04 -64.54
CA GLU P 145 -18.55 -20.12 -64.17
C GLU P 145 -17.67 -19.81 -65.38
N PRO P 146 -16.46 -19.31 -65.17
CA PRO P 146 -15.57 -19.01 -66.29
C PRO P 146 -15.16 -20.26 -67.04
N GLU P 147 -14.86 -20.06 -68.33
CA GLU P 147 -14.42 -21.14 -69.21
C GLU P 147 -13.00 -20.93 -69.72
N ILE P 148 -12.67 -19.73 -70.20
CA ILE P 148 -11.34 -19.43 -70.71
C ILE P 148 -10.85 -18.15 -70.05
N TYR P 149 -9.64 -18.18 -69.51
CA TYR P 149 -9.02 -17.02 -68.88
C TYR P 149 -7.98 -16.41 -69.82
N LYS P 150 -7.87 -15.08 -69.77
CA LYS P 150 -6.90 -14.40 -70.63
C LYS P 150 -5.48 -14.67 -70.18
N VAL P 151 -5.22 -14.54 -68.88
CA VAL P 151 -3.90 -14.77 -68.28
C VAL P 151 -2.92 -13.80 -68.93
N SER P 152 -2.85 -12.59 -68.41
CA SER P 152 -1.87 -11.61 -68.86
C SER P 152 -0.59 -11.77 -68.06
N PRO P 153 0.54 -12.11 -68.69
CA PRO P 153 1.78 -12.33 -67.94
C PRO P 153 2.53 -11.07 -67.54
N GLY P 154 2.10 -9.90 -68.00
CA GLY P 154 2.84 -8.69 -67.71
C GLY P 154 4.21 -8.71 -68.35
N ASP P 155 5.14 -7.95 -67.77
CA ASP P 155 6.52 -7.89 -68.23
C ASP P 155 6.59 -7.56 -69.72
N ASN P 156 7.19 -8.46 -70.51
CA ASN P 156 7.33 -8.26 -71.94
C ASN P 156 6.49 -9.21 -72.78
N MET P 157 5.92 -10.26 -72.18
CA MET P 157 5.16 -11.24 -72.94
C MET P 157 3.75 -10.73 -73.22
N GLN P 158 3.04 -11.48 -74.06
CA GLN P 158 1.68 -11.15 -74.46
C GLN P 158 0.69 -12.13 -73.84
N PRO P 159 -0.57 -11.71 -73.64
CA PRO P 159 -1.56 -12.61 -73.04
C PRO P 159 -1.79 -13.85 -73.87
N TYR P 160 -2.00 -14.98 -73.19
CA TYR P 160 -2.23 -16.26 -73.85
C TYR P 160 -3.39 -16.96 -73.15
N LEU P 161 -4.47 -17.21 -73.89
CA LEU P 161 -5.66 -17.82 -73.31
C LEU P 161 -5.38 -19.25 -72.88
N ILE P 162 -6.02 -19.65 -71.78
CA ILE P 162 -5.84 -20.98 -71.19
C ILE P 162 -7.20 -21.53 -70.83
N HIS P 163 -7.38 -22.84 -71.05
CA HIS P 163 -8.61 -23.51 -70.65
C HIS P 163 -8.71 -23.52 -69.12
N HIS P 164 -9.94 -23.53 -68.62
CA HIS P 164 -10.17 -23.45 -67.17
C HIS P 164 -9.70 -24.71 -66.44
N SER P 165 -9.47 -25.81 -67.16
CA SER P 165 -9.02 -27.04 -66.51
C SER P 165 -7.55 -27.00 -66.15
N ARG P 166 -6.81 -25.98 -66.60
CA ARG P 166 -5.39 -25.85 -66.29
C ARG P 166 -5.10 -24.65 -65.40
N VAL P 167 -6.12 -24.03 -64.82
CA VAL P 167 -5.96 -22.85 -63.98
C VAL P 167 -6.69 -23.09 -62.67
N PHE P 168 -5.99 -22.86 -61.56
CA PHE P 168 -6.57 -22.96 -60.22
C PHE P 168 -6.70 -21.56 -59.63
N ILE P 169 -7.90 -21.25 -59.14
CA ILE P 169 -8.21 -19.92 -58.61
C ILE P 169 -8.26 -20.01 -57.10
N ALA P 170 -7.39 -19.25 -56.44
CA ALA P 170 -7.34 -19.19 -54.98
C ALA P 170 -8.00 -17.90 -54.52
N ASP P 171 -8.96 -18.04 -53.61
CA ASP P 171 -9.74 -16.90 -53.11
C ASP P 171 -9.32 -16.56 -51.68
N GLY P 172 -9.43 -15.29 -51.34
CA GLY P 172 -9.06 -14.78 -50.04
C GLY P 172 -10.19 -14.88 -49.03
N GLU P 173 -10.27 -13.87 -48.17
CA GLU P 173 -11.29 -13.86 -47.12
C GLU P 173 -12.68 -13.72 -47.72
N ARG P 174 -13.66 -14.29 -47.02
CA ARG P 174 -15.04 -14.26 -47.48
C ARG P 174 -15.61 -12.85 -47.41
N VAL P 175 -16.36 -12.49 -48.45
CA VAL P 175 -16.96 -11.16 -48.56
C VAL P 175 -18.42 -11.32 -48.95
N ALA P 176 -19.23 -10.34 -48.59
CA ALA P 176 -20.64 -10.34 -48.98
C ALA P 176 -20.76 -10.31 -50.49
N GLN P 177 -21.82 -10.94 -51.00
CA GLN P 177 -21.97 -11.09 -52.45
C GLN P 177 -22.08 -9.74 -53.15
N GLN P 178 -22.78 -8.79 -52.53
CA GLN P 178 -22.94 -7.47 -53.14
C GLN P 178 -21.58 -6.80 -53.33
N ALA P 179 -20.71 -6.86 -52.33
CA ALA P 179 -19.37 -6.33 -52.46
C ALA P 179 -18.49 -7.21 -53.33
N ARG P 180 -18.77 -8.51 -53.37
CA ARG P 180 -18.01 -9.40 -54.24
C ARG P 180 -18.22 -9.05 -55.71
N LYS P 181 -19.44 -8.69 -56.08
CA LYS P 181 -19.72 -8.28 -57.46
C LYS P 181 -18.92 -7.03 -57.82
N GLN P 182 -18.86 -6.06 -56.90
CA GLN P 182 -18.04 -4.87 -57.14
C GLN P 182 -16.56 -5.18 -57.13
N ASN P 183 -16.15 -6.31 -56.55
CA ASN P 183 -14.76 -6.75 -56.56
C ASN P 183 -14.46 -7.73 -57.69
N GLN P 184 -15.20 -7.64 -58.80
CA GLN P 184 -15.08 -8.52 -59.97
C GLN P 184 -14.83 -9.98 -59.57
N GLY P 185 -15.68 -10.47 -58.67
CA GLY P 185 -15.63 -11.87 -58.28
C GLY P 185 -14.38 -12.31 -57.56
N TRP P 186 -13.78 -11.43 -56.76
CA TRP P 186 -12.62 -11.77 -55.94
C TRP P 186 -12.91 -11.48 -54.48
N GLY P 187 -12.25 -12.21 -53.61
CA GLY P 187 -12.46 -12.07 -52.18
C GLY P 187 -11.83 -10.80 -51.63
N ALA P 188 -11.96 -10.65 -50.32
CA ALA P 188 -11.42 -9.49 -49.62
C ALA P 188 -10.00 -9.79 -49.16
N SER P 189 -9.37 -8.83 -48.48
CA SER P 189 -8.02 -8.95 -47.99
C SER P 189 -8.01 -9.16 -46.48
N VAL P 190 -6.91 -9.75 -46.00
CA VAL P 190 -6.76 -9.93 -44.56
C VAL P 190 -6.63 -8.58 -43.86
N LEU P 191 -5.93 -7.64 -44.49
CA LEU P 191 -5.72 -6.30 -43.93
C LEU P 191 -6.93 -5.44 -44.26
N ASN P 192 -7.96 -5.55 -43.42
CA ASN P 192 -9.14 -4.73 -43.56
C ASN P 192 -8.89 -3.36 -42.93
N LYS P 193 -9.94 -2.54 -42.78
CA LYS P 193 -9.77 -1.19 -42.28
C LYS P 193 -9.40 -1.18 -40.79
N SER P 194 -9.99 -2.09 -40.02
CA SER P 194 -9.79 -2.08 -38.57
C SER P 194 -8.34 -2.36 -38.20
N LEU P 195 -7.72 -3.34 -38.86
CA LEU P 195 -6.33 -3.67 -38.54
C LEU P 195 -5.40 -2.51 -38.87
N ILE P 196 -5.60 -1.87 -40.03
CA ILE P 196 -4.76 -0.74 -40.42
C ILE P 196 -4.93 0.40 -39.43
N ASP P 197 -6.17 0.70 -39.04
CA ASP P 197 -6.41 1.76 -38.07
C ASP P 197 -5.73 1.45 -36.75
N ALA P 198 -5.83 0.20 -36.28
CA ALA P 198 -5.21 -0.17 -35.01
C ALA P 198 -3.70 -0.04 -35.06
N ILE P 199 -3.08 -0.48 -36.15
CA ILE P 199 -1.62 -0.40 -36.26
C ILE P 199 -1.15 1.05 -36.29
N CYS P 200 -1.84 1.90 -37.08
CA CYS P 200 -1.46 3.31 -37.12
C CYS P 200 -1.66 3.97 -35.76
N ASP P 201 -2.75 3.63 -35.06
CA ASP P 201 -2.98 4.19 -33.74
C ASP P 201 -1.88 3.78 -32.75
N TYR P 202 -1.44 2.52 -32.81
CA TYR P 202 -0.38 2.07 -31.91
C TYR P 202 0.93 2.80 -32.21
N ASP P 203 1.26 2.98 -33.48
CA ASP P 203 2.49 3.71 -33.81
C ASP P 203 2.41 5.14 -33.31
N TYR P 204 1.26 5.80 -33.50
CA TYR P 204 1.09 7.16 -33.02
C TYR P 204 1.22 7.24 -31.50
N CYS P 205 0.65 6.26 -30.79
CA CYS P 205 0.74 6.25 -29.34
C CYS P 205 2.18 6.04 -28.87
N GLU P 206 2.94 5.19 -29.56
CA GLU P 206 4.35 5.03 -29.20
C GLU P 206 5.13 6.32 -29.41
N SER P 207 4.87 7.03 -30.51
CA SER P 207 5.52 8.32 -30.74
C SER P 207 5.16 9.31 -29.64
N LEU P 208 3.89 9.34 -29.24
CA LEU P 208 3.48 10.23 -28.16
C LEU P 208 4.16 9.86 -26.85
N ALA P 209 4.34 8.57 -26.60
CA ALA P 209 5.03 8.14 -25.38
C ALA P 209 6.47 8.62 -25.37
N THR P 210 7.17 8.50 -26.51
CA THR P 210 8.53 9.01 -26.58
C THR P 210 8.57 10.51 -26.35
N GLN P 211 7.61 11.24 -26.93
CA GLN P 211 7.56 12.69 -26.71
C GLN P 211 7.30 13.03 -25.26
N ILE P 212 6.45 12.25 -24.58
CA ILE P 212 6.16 12.50 -23.17
C ILE P 212 7.40 12.27 -22.32
N LEU P 213 8.16 11.21 -22.62
CA LEU P 213 9.41 11.00 -21.90
C LEU P 213 10.40 12.13 -22.14
N ARG P 214 10.42 12.66 -23.36
CA ARG P 214 11.39 13.69 -23.72
C ARG P 214 11.25 14.93 -22.84
N ARG P 215 10.01 15.37 -22.61
CA ARG P 215 9.75 16.59 -21.83
C ARG P 215 9.28 16.20 -20.43
N LYS P 216 10.23 15.95 -19.54
CA LYS P 216 9.93 15.68 -18.14
C LYS P 216 10.29 16.85 -17.22
N GLN P 217 11.38 17.54 -17.50
CA GLN P 217 11.78 18.72 -16.74
C GLN P 217 12.05 19.87 -17.70
N GLN P 218 11.64 21.07 -17.31
CA GLN P 218 11.95 22.28 -18.06
C GLN P 218 12.49 23.33 -17.11
N ALA P 219 13.62 23.93 -17.47
CA ALA P 219 14.24 25.00 -16.68
C ALA P 219 14.03 26.31 -17.42
N VAL P 220 13.36 27.25 -16.76
CA VAL P 220 12.99 28.54 -17.36
C VAL P 220 13.87 29.62 -16.74
N TRP P 221 14.50 30.42 -17.59
CA TRP P 221 15.42 31.47 -17.18
C TRP P 221 14.82 32.82 -17.51
N LYS P 222 14.70 33.68 -16.50
CA LYS P 222 14.09 35.00 -16.66
C LYS P 222 15.12 36.10 -16.39
N VAL P 223 15.08 37.13 -17.22
CA VAL P 223 15.94 38.30 -17.09
C VAL P 223 15.07 39.54 -17.08
N LYS P 224 15.55 40.60 -16.43
CA LYS P 224 14.78 41.84 -16.34
C LYS P 224 14.63 42.48 -17.72
N GLY P 225 15.74 42.83 -18.34
CA GLY P 225 15.71 43.40 -19.68
C GLY P 225 16.20 42.42 -20.74
N LEU P 226 15.27 41.86 -21.51
CA LEU P 226 15.61 40.88 -22.54
C LEU P 226 14.95 41.16 -23.88
N ALA P 227 13.95 42.03 -23.92
CA ALA P 227 13.30 42.40 -25.17
C ALA P 227 14.00 43.55 -25.88
N GLU P 228 15.02 44.14 -25.27
CA GLU P 228 15.76 45.25 -25.88
C GLU P 228 16.96 44.73 -26.66
N MET P 229 16.68 43.81 -27.59
CA MET P 229 17.71 43.17 -28.39
C MET P 229 17.33 43.27 -29.86
N CYS P 230 18.35 43.41 -30.72
CA CYS P 230 18.17 43.57 -32.15
C CYS P 230 17.74 42.27 -32.86
N ASP P 231 17.78 41.16 -32.12
CA ASP P 231 17.31 39.85 -32.57
C ASP P 231 18.25 39.20 -33.57
N ASP P 232 19.26 39.93 -34.02
CA ASP P 232 20.26 39.39 -34.95
C ASP P 232 21.68 39.86 -34.67
N ASP P 233 21.91 40.64 -33.61
CA ASP P 233 23.21 41.24 -33.37
C ASP P 233 24.07 40.32 -32.49
N ASP P 234 25.19 40.85 -32.01
CA ASP P 234 26.13 40.04 -31.25
C ASP P 234 25.60 39.72 -29.85
N ALA P 235 24.72 40.58 -29.32
CA ALA P 235 24.22 40.38 -27.96
C ALA P 235 23.45 39.07 -27.84
N GLN P 236 22.56 38.80 -28.79
CA GLN P 236 21.80 37.55 -28.76
C GLN P 236 22.72 36.35 -28.90
N TYR P 237 23.71 36.45 -29.79
CA TYR P 237 24.66 35.35 -29.97
C TYR P 237 25.39 35.04 -28.67
N ALA P 238 25.90 36.08 -28.00
CA ALA P 238 26.61 35.90 -26.75
C ALA P 238 25.69 35.32 -25.68
N ALA P 239 24.47 35.82 -25.57
CA ALA P 239 23.54 35.33 -24.56
C ALA P 239 23.21 33.86 -24.79
N ARG P 240 22.97 33.47 -26.04
CA ARG P 240 22.61 32.08 -26.32
C ARG P 240 23.81 31.15 -26.11
N LEU P 241 25.02 31.60 -26.46
CA LEU P 241 26.21 30.81 -26.17
C LEU P 241 26.38 30.62 -24.67
N ARG P 242 26.17 31.69 -23.89
CA ARG P 242 26.27 31.59 -22.44
C ARG P 242 25.25 30.61 -21.89
N LEU P 243 24.02 30.69 -22.37
CA LEU P 243 22.98 29.78 -21.90
C LEU P 243 23.31 28.34 -22.24
N ALA P 244 23.80 28.10 -23.46
CA ALA P 244 24.17 26.74 -23.87
C ALA P 244 25.27 26.19 -22.98
N GLN P 245 26.32 26.99 -22.75
CA GLN P 245 27.42 26.52 -21.91
C GLN P 245 26.96 26.26 -20.49
N VAL P 246 26.12 27.14 -19.94
CA VAL P 246 25.69 26.98 -18.56
C VAL P 246 24.83 25.73 -18.40
N ASP P 247 23.90 25.50 -19.33
CA ASP P 247 23.10 24.29 -19.21
C ASP P 247 23.89 23.04 -19.55
N ASP P 248 25.01 23.18 -20.26
CA ASP P 248 25.87 22.02 -20.52
C ASP P 248 26.67 21.64 -19.29
N ASN P 249 27.17 22.64 -18.54
CA ASN P 249 28.07 22.36 -17.43
C ASN P 249 27.37 22.23 -16.08
N SER P 250 26.05 22.40 -16.03
CA SER P 250 25.34 22.30 -14.76
C SER P 250 24.99 20.84 -14.46
N GLY P 251 24.34 20.63 -13.34
CA GLY P 251 23.92 19.31 -12.91
C GLY P 251 23.95 19.19 -11.39
N VAL P 252 24.09 17.96 -10.91
CA VAL P 252 24.24 17.72 -9.49
C VAL P 252 25.70 17.86 -9.11
N GLY P 253 25.98 18.64 -8.07
CA GLY P 253 27.33 18.98 -7.70
C GLY P 253 27.86 20.24 -8.32
N ARG P 254 27.11 20.85 -9.25
CA ARG P 254 27.47 22.12 -9.85
C ARG P 254 26.36 23.13 -9.60
N ALA P 255 26.75 24.39 -9.41
CA ALA P 255 25.83 25.44 -9.05
C ALA P 255 25.84 26.56 -10.09
N ILE P 256 24.80 27.37 -10.05
CA ILE P 256 24.68 28.54 -10.92
C ILE P 256 24.63 29.79 -10.05
N GLY P 257 25.40 30.80 -10.45
CA GLY P 257 25.34 32.08 -9.79
C GLY P 257 24.33 32.99 -10.46
N ILE P 258 23.31 33.40 -9.71
CA ILE P 258 22.23 34.23 -10.23
C ILE P 258 22.31 35.61 -9.58
N ASP P 259 22.24 36.65 -10.40
CA ASP P 259 22.17 38.00 -9.87
C ASP P 259 20.76 38.25 -9.34
N ALA P 260 20.67 38.70 -8.09
CA ALA P 260 19.38 38.95 -7.48
C ALA P 260 18.75 40.20 -8.09
N GLU P 261 17.46 40.39 -7.76
CA GLU P 261 16.65 41.56 -8.09
C GLU P 261 16.64 41.89 -9.58
N THR P 262 17.21 41.02 -10.41
CA THR P 262 17.14 41.22 -11.86
C THR P 262 17.00 39.92 -12.65
N GLU P 263 16.92 38.76 -11.99
CA GLU P 263 17.03 37.50 -12.70
C GLU P 263 16.66 36.36 -11.77
N GLU P 264 15.96 35.36 -12.30
CA GLU P 264 15.53 34.20 -11.52
C GLU P 264 15.83 32.93 -12.32
N TYR P 265 15.55 31.79 -11.70
CA TYR P 265 15.77 30.48 -12.30
C TYR P 265 14.80 29.49 -11.67
N ASP P 266 13.94 28.91 -12.50
CA ASP P 266 12.92 27.97 -12.04
C ASP P 266 12.98 26.68 -12.84
N VAL P 267 12.52 25.60 -12.23
CA VAL P 267 12.46 24.28 -12.86
C VAL P 267 11.05 23.75 -12.73
N LEU P 268 10.49 23.29 -13.85
CA LEU P 268 9.13 22.73 -13.88
C LEU P 268 9.21 21.24 -14.17
N ASN P 269 8.48 20.45 -13.39
CA ASN P 269 8.52 19.00 -13.48
C ASN P 269 7.21 18.46 -14.05
N SER P 270 7.22 17.15 -14.30
CA SER P 270 6.06 16.43 -14.81
C SER P 270 6.12 15.01 -14.27
N ASP P 271 5.34 14.10 -14.86
CA ASP P 271 5.35 12.71 -14.42
C ASP P 271 5.05 11.80 -15.60
N ILE P 272 5.44 10.54 -15.45
CA ILE P 272 5.11 9.48 -16.41
C ILE P 272 4.59 8.29 -15.59
N SER P 273 3.27 8.18 -15.48
CA SER P 273 2.64 7.25 -14.54
C SER P 273 2.27 5.92 -15.18
N GLY P 274 1.38 5.94 -16.19
CA GLY P 274 0.83 4.72 -16.71
C GLY P 274 0.97 4.53 -18.20
N VAL P 275 2.08 5.02 -18.76
CA VAL P 275 2.32 4.86 -20.20
C VAL P 275 2.47 3.40 -20.62
N PRO P 276 3.31 2.58 -19.95
CA PRO P 276 3.47 1.19 -20.43
C PRO P 276 2.18 0.40 -20.44
N GLU P 277 1.30 0.61 -19.46
CA GLU P 277 0.02 -0.09 -19.45
C GLU P 277 -0.85 0.35 -20.62
N PHE P 278 -0.82 1.65 -20.94
CA PHE P 278 -1.57 2.15 -22.10
C PHE P 278 -1.08 1.48 -23.38
N LEU P 279 0.24 1.43 -23.56
CA LEU P 279 0.80 0.81 -24.77
C LEU P 279 0.47 -0.68 -24.83
N SER P 280 0.53 -1.36 -23.68
CA SER P 280 0.19 -2.78 -23.65
C SER P 280 -1.29 -2.99 -23.99
N SER P 281 -2.16 -2.10 -23.54
CA SER P 281 -3.57 -2.21 -23.88
C SER P 281 -3.80 -2.04 -25.38
N LYS P 282 -3.10 -1.08 -25.99
CA LYS P 282 -3.24 -0.89 -27.43
C LYS P 282 -2.73 -2.11 -28.19
N MET P 283 -1.60 -2.68 -27.75
CA MET P 283 -1.11 -3.90 -28.39
C MET P 283 -2.08 -5.06 -28.19
N ASP P 284 -2.75 -5.11 -27.04
CA ASP P 284 -3.76 -6.13 -26.80
C ASP P 284 -4.93 -5.98 -27.77
N ARG P 285 -5.34 -4.73 -28.03
CA ARG P 285 -6.38 -4.52 -29.04
C ARG P 285 -5.93 -5.01 -30.41
N ILE P 286 -4.67 -4.73 -30.77
CA ILE P 286 -4.15 -5.22 -32.05
C ILE P 286 -4.21 -6.74 -32.11
N VAL P 287 -3.79 -7.40 -31.03
CA VAL P 287 -3.82 -8.86 -30.98
C VAL P 287 -5.25 -9.36 -31.13
N SER P 288 -6.20 -8.73 -30.44
CA SER P 288 -7.59 -9.16 -30.52
C SER P 288 -8.14 -9.02 -31.92
N LEU P 289 -7.84 -7.90 -32.60
CA LEU P 289 -8.39 -7.69 -33.94
C LEU P 289 -7.71 -8.57 -34.99
N SER P 290 -6.42 -8.87 -34.82
CA SER P 290 -5.68 -9.59 -35.85
C SER P 290 -6.21 -11.00 -36.06
N GLY P 291 -6.58 -11.69 -34.97
CA GLY P 291 -7.02 -13.06 -35.09
C GLY P 291 -5.94 -14.10 -34.87
N ILE P 292 -4.80 -13.70 -34.30
CA ILE P 292 -3.68 -14.61 -34.05
C ILE P 292 -3.32 -14.52 -32.57
N HIS P 293 -2.81 -15.62 -32.03
CA HIS P 293 -2.48 -15.69 -30.62
C HIS P 293 -1.44 -14.66 -30.25
N GLU P 294 -1.49 -14.19 -28.99
CA GLU P 294 -0.59 -13.15 -28.54
C GLU P 294 0.85 -13.63 -28.47
N ILE P 295 1.07 -14.93 -28.27
CA ILE P 295 2.44 -15.44 -28.23
C ILE P 295 3.12 -15.26 -29.58
N ILE P 296 2.38 -15.47 -30.67
CA ILE P 296 2.97 -15.34 -32.00
C ILE P 296 3.27 -13.88 -32.32
N ILE P 297 2.31 -12.99 -32.05
CA ILE P 297 2.47 -11.60 -32.46
C ILE P 297 3.45 -10.87 -31.54
N LYS P 298 3.21 -10.92 -30.23
CA LYS P 298 4.13 -10.28 -29.29
C LYS P 298 5.48 -10.98 -29.23
N ASN P 299 5.56 -12.23 -29.68
CA ASN P 299 6.79 -13.02 -29.71
C ASN P 299 7.51 -12.97 -28.37
N LYS P 300 6.74 -13.00 -27.28
CA LYS P 300 7.29 -12.90 -25.94
C LYS P 300 6.47 -13.82 -25.03
N ASN P 301 7.10 -14.86 -24.51
CA ASN P 301 6.47 -15.73 -23.53
C ASN P 301 6.52 -15.04 -22.18
N VAL P 302 6.29 -15.79 -21.10
CA VAL P 302 6.37 -15.29 -19.73
C VAL P 302 5.13 -14.46 -19.40
N GLY P 303 4.37 -14.09 -20.44
CA GLY P 303 3.12 -13.40 -20.21
C GLY P 303 2.20 -14.18 -19.28
N GLY P 304 2.17 -15.50 -19.43
CA GLY P 304 1.50 -16.35 -18.47
C GLY P 304 2.48 -17.20 -17.68
N VAL P 305 1.98 -17.92 -16.68
CA VAL P 305 2.86 -18.79 -15.90
C VAL P 305 3.37 -19.93 -16.79
N SER P 306 4.51 -20.49 -16.40
CA SER P 306 5.14 -21.56 -17.16
C SER P 306 4.25 -22.78 -17.24
N ALA P 307 3.70 -23.05 -18.41
CA ALA P 307 2.87 -24.23 -18.65
C ALA P 307 3.73 -25.34 -19.21
N SER P 308 3.09 -26.43 -19.65
CA SER P 308 3.81 -27.55 -20.25
C SER P 308 4.53 -27.10 -21.51
N GLN P 309 3.76 -26.72 -22.54
CA GLN P 309 4.29 -26.25 -23.81
C GLN P 309 3.18 -25.90 -24.78
N ASN P 310 2.61 -26.93 -25.41
CA ASN P 310 1.60 -26.73 -26.44
C ASN P 310 0.26 -26.25 -25.88
N THR P 311 0.10 -26.26 -24.56
CA THR P 311 -1.19 -25.90 -23.97
C THR P 311 -1.60 -24.48 -24.34
N ALA P 312 -0.64 -23.56 -24.38
CA ALA P 312 -0.95 -22.19 -24.79
C ALA P 312 -1.13 -22.07 -26.29
N LEU P 313 -0.48 -22.94 -27.07
CA LEU P 313 -0.50 -22.86 -28.53
C LEU P 313 -1.59 -23.72 -29.16
N GLU P 314 -2.45 -24.35 -28.36
CA GLU P 314 -3.50 -25.18 -28.93
C GLU P 314 -4.46 -24.37 -29.79
N THR P 315 -4.78 -23.14 -29.39
CA THR P 315 -5.67 -22.31 -30.19
C THR P 315 -5.05 -22.01 -31.56
N PHE P 316 -3.76 -21.66 -31.58
CA PHE P 316 -3.09 -21.40 -32.84
C PHE P 316 -3.03 -22.66 -33.70
N TYR P 317 -2.80 -23.82 -33.07
CA TYR P 317 -2.76 -25.06 -33.83
C TYR P 317 -4.12 -25.39 -34.42
N LYS P 318 -5.20 -25.16 -33.66
CA LYS P 318 -6.54 -25.38 -34.19
C LYS P 318 -6.81 -24.44 -35.37
N LEU P 319 -6.40 -23.18 -35.25
CA LEU P 319 -6.58 -22.25 -36.36
C LEU P 319 -5.81 -22.71 -37.60
N VAL P 320 -4.57 -23.18 -37.41
CA VAL P 320 -3.76 -23.64 -38.53
C VAL P 320 -4.39 -24.88 -39.17
N ASP P 321 -4.94 -25.78 -38.34
CA ASP P 321 -5.59 -26.97 -38.88
C ASP P 321 -6.82 -26.60 -39.70
N ARG P 322 -7.65 -25.69 -39.19
CA ARG P 322 -8.82 -25.26 -39.94
C ARG P 322 -8.40 -24.60 -41.25
N LYS P 323 -7.37 -23.75 -41.22
CA LYS P 323 -6.92 -23.08 -42.42
C LYS P 323 -6.35 -24.07 -43.44
N ARG P 324 -5.59 -25.06 -42.99
CA ARG P 324 -5.05 -26.04 -43.93
C ARG P 324 -6.19 -26.83 -44.56
N GLU P 325 -7.17 -27.27 -43.77
CA GLU P 325 -8.30 -28.01 -44.31
C GLU P 325 -9.08 -27.16 -45.32
N GLU P 326 -9.20 -25.86 -45.07
CA GLU P 326 -9.99 -25.01 -45.95
C GLU P 326 -9.25 -24.69 -47.26
N ASP P 327 -7.94 -24.45 -47.18
CA ASP P 327 -7.21 -23.89 -48.32
C ASP P 327 -6.19 -24.83 -48.95
N TYR P 328 -5.39 -25.54 -48.15
CA TYR P 328 -4.28 -26.29 -48.73
C TYR P 328 -4.75 -27.54 -49.44
N ARG P 329 -5.81 -28.17 -48.95
CA ARG P 329 -6.29 -29.42 -49.54
C ARG P 329 -6.72 -29.27 -51.00
N PRO P 330 -7.51 -28.26 -51.39
CA PRO P 330 -7.88 -28.16 -52.82
C PRO P 330 -6.69 -28.02 -53.75
N LEU P 331 -5.64 -27.30 -53.32
CA LEU P 331 -4.46 -27.15 -54.16
C LEU P 331 -3.78 -28.50 -54.41
N LEU P 332 -3.64 -29.31 -53.35
CA LEU P 332 -3.06 -30.64 -53.51
C LEU P 332 -3.95 -31.54 -54.37
N GLU P 333 -5.26 -31.49 -54.15
CA GLU P 333 -6.17 -32.31 -54.95
C GLU P 333 -6.20 -31.87 -56.41
N PHE P 334 -5.81 -30.63 -56.69
CA PHE P 334 -5.69 -30.19 -58.09
C PHE P 334 -4.37 -30.62 -58.69
N LEU P 335 -3.28 -30.54 -57.92
CA LEU P 335 -1.96 -30.85 -58.45
C LEU P 335 -1.71 -32.35 -58.59
N LEU P 336 -2.24 -33.16 -57.68
CA LEU P 336 -1.89 -34.59 -57.65
C LEU P 336 -2.28 -35.37 -58.90
N PRO P 337 -3.47 -35.21 -59.48
CA PRO P 337 -3.82 -36.06 -60.64
C PRO P 337 -2.84 -35.96 -61.79
N PHE P 338 -2.11 -34.86 -61.90
CA PHE P 338 -1.09 -34.73 -62.94
C PHE P 338 0.26 -35.31 -62.51
N ILE P 339 0.35 -35.89 -61.31
CA ILE P 339 1.60 -36.46 -60.83
C ILE P 339 1.41 -37.95 -60.52
N VAL P 340 0.49 -38.25 -59.62
CA VAL P 340 0.29 -39.62 -59.17
C VAL P 340 -0.38 -40.43 -60.27
N ASP P 341 0.22 -41.58 -60.60
CA ASP P 341 -0.31 -42.42 -61.66
C ASP P 341 -1.57 -43.17 -61.22
N GLU P 342 -1.58 -43.68 -59.99
CA GLU P 342 -2.72 -44.45 -59.51
C GLU P 342 -3.96 -43.58 -59.40
N GLU P 343 -5.11 -44.15 -59.76
CA GLU P 343 -6.35 -43.39 -59.76
C GLU P 343 -6.92 -43.22 -58.35
N GLU P 344 -6.63 -44.13 -57.44
CA GLU P 344 -7.17 -44.09 -56.09
C GLU P 344 -6.11 -43.62 -55.10
N TRP P 345 -6.44 -42.58 -54.35
CA TRP P 345 -5.52 -42.02 -53.36
C TRP P 345 -6.32 -41.10 -52.43
N SER P 346 -5.69 -40.73 -51.32
CA SER P 346 -6.28 -39.80 -50.37
C SER P 346 -5.17 -39.09 -49.61
N ILE P 347 -5.46 -37.90 -49.13
CA ILE P 347 -4.47 -37.03 -48.49
C ILE P 347 -4.78 -36.94 -47.00
N GLU P 348 -3.80 -37.29 -46.17
CA GLU P 348 -3.91 -37.19 -44.73
C GLU P 348 -2.86 -36.21 -44.22
N PHE P 349 -3.30 -35.21 -43.47
CA PHE P 349 -2.42 -34.14 -43.03
C PHE P 349 -1.68 -34.54 -41.75
N GLU P 350 -0.38 -34.30 -41.74
CA GLU P 350 0.43 -34.59 -40.57
C GLU P 350 0.10 -33.62 -39.43
N PRO P 351 0.14 -34.10 -38.19
CA PRO P 351 -0.16 -33.22 -37.05
C PRO P 351 0.90 -32.14 -36.88
N LEU P 352 0.47 -31.00 -36.35
CA LEU P 352 1.39 -29.90 -36.08
C LEU P 352 2.22 -30.15 -34.83
N SER P 353 1.64 -30.78 -33.81
CA SER P 353 2.31 -30.99 -32.54
C SER P 353 2.84 -32.41 -32.46
N VAL P 354 4.13 -32.54 -32.17
CA VAL P 354 4.78 -33.84 -32.06
C VAL P 354 5.29 -34.02 -30.64
N PRO P 355 5.19 -35.22 -30.07
CA PRO P 355 5.68 -35.44 -28.71
C PRO P 355 7.20 -35.56 -28.66
N SER P 356 7.72 -35.52 -27.44
CA SER P 356 9.15 -35.69 -27.23
C SER P 356 9.55 -37.15 -27.45
N LYS P 357 10.87 -37.37 -27.49
CA LYS P 357 11.39 -38.70 -27.80
C LYS P 357 11.00 -39.72 -26.74
N LYS P 358 11.04 -39.33 -25.46
CA LYS P 358 10.67 -40.25 -24.39
C LYS P 358 9.20 -40.66 -24.49
N GLU P 359 8.32 -39.69 -24.78
CA GLU P 359 6.91 -40.00 -24.97
C GLU P 359 6.72 -40.89 -26.18
N GLU P 360 7.50 -40.67 -27.25
CA GLU P 360 7.42 -41.53 -28.42
C GLU P 360 7.80 -42.96 -28.09
N SER P 361 8.87 -43.13 -27.30
CA SER P 361 9.28 -44.48 -26.90
C SER P 361 8.20 -45.15 -26.06
N GLU P 362 7.59 -44.40 -25.14
CA GLU P 362 6.51 -44.98 -24.33
C GLU P 362 5.32 -45.36 -25.19
N ILE P 363 4.97 -44.53 -26.17
CA ILE P 363 3.85 -44.84 -27.06
C ILE P 363 4.13 -46.10 -27.87
N THR P 364 5.35 -46.22 -28.40
CA THR P 364 5.70 -47.42 -29.15
C THR P 364 5.67 -48.65 -28.26
N LYS P 365 6.15 -48.53 -27.02
CA LYS P 365 6.10 -49.65 -26.09
C LYS P 365 4.67 -50.09 -25.82
N ASN P 366 3.78 -49.13 -25.59
CA ASN P 366 2.39 -49.47 -25.34
C ASN P 366 1.74 -50.13 -26.55
N ASN P 367 1.98 -49.58 -27.75
CA ASN P 367 1.39 -50.16 -28.94
C ASN P 367 1.89 -51.58 -29.18
N VAL P 368 3.20 -51.79 -29.01
CA VAL P 368 3.76 -53.13 -29.19
C VAL P 368 3.17 -54.11 -28.19
N GLU P 369 3.03 -53.68 -26.92
CA GLU P 369 2.46 -54.55 -25.91
C GLU P 369 1.02 -54.92 -26.26
N SER P 370 0.24 -53.93 -26.73
CA SER P 370 -1.14 -54.21 -27.11
C SER P 370 -1.21 -55.18 -28.28
N VAL P 371 -0.37 -54.99 -29.29
CA VAL P 371 -0.38 -55.90 -30.43
C VAL P 371 0.01 -57.31 -30.01
N THR P 372 1.02 -57.43 -29.15
CA THR P 372 1.45 -58.75 -28.68
C THR P 372 0.34 -59.43 -27.89
N LYS P 373 -0.35 -58.67 -27.03
CA LYS P 373 -1.49 -59.25 -26.31
C LYS P 373 -2.61 -59.66 -27.26
N ALA P 374 -2.79 -58.93 -28.36
CA ALA P 374 -3.77 -59.33 -29.36
C ALA P 374 -3.37 -60.62 -30.05
N ILE P 375 -2.08 -60.82 -30.27
CA ILE P 375 -1.60 -62.05 -30.91
C ILE P 375 -1.99 -63.27 -30.09
N THR P 376 -1.78 -63.21 -28.78
CA THR P 376 -2.18 -64.31 -27.91
C THR P 376 -3.70 -64.46 -27.93
N GLU P 377 -4.15 -65.66 -27.57
CA GLU P 377 -5.54 -66.11 -27.61
C GLU P 377 -6.08 -66.21 -29.04
N GLN P 378 -5.26 -65.92 -30.06
CA GLN P 378 -5.58 -66.21 -31.46
C GLN P 378 -6.89 -65.53 -31.90
N ILE P 379 -6.86 -64.20 -31.87
CA ILE P 379 -8.02 -63.42 -32.29
C ILE P 379 -7.65 -62.43 -33.38
N ILE P 380 -6.37 -62.33 -33.71
CA ILE P 380 -5.89 -61.30 -34.62
C ILE P 380 -5.10 -61.83 -35.81
N ASP P 381 -4.55 -63.05 -35.74
CA ASP P 381 -3.73 -63.64 -36.80
C ASP P 381 -2.42 -62.88 -36.99
N LEU P 382 -1.41 -63.57 -37.55
CA LEU P 382 -0.09 -62.97 -37.69
C LEU P 382 -0.08 -61.85 -38.72
N GLU P 383 -0.78 -62.03 -39.84
CA GLU P 383 -0.69 -61.07 -40.94
C GLU P 383 -1.27 -59.72 -40.54
N GLU P 384 -2.47 -59.71 -39.95
CA GLU P 384 -3.09 -58.45 -39.55
C GLU P 384 -2.26 -57.74 -38.50
N ALA P 385 -1.70 -58.49 -37.55
CA ALA P 385 -0.81 -57.89 -36.56
C ALA P 385 0.43 -57.29 -37.22
N ARG P 386 0.95 -57.95 -38.25
CA ARG P 386 2.12 -57.41 -38.95
C ARG P 386 1.78 -56.10 -39.65
N ASP P 387 0.63 -56.02 -40.32
CA ASP P 387 0.24 -54.75 -40.94
C ASP P 387 -0.01 -53.68 -39.88
N THR P 388 -0.61 -54.06 -38.74
CA THR P 388 -0.83 -53.10 -37.67
C THR P 388 0.48 -52.56 -37.13
N LEU P 389 1.49 -53.44 -36.97
CA LEU P 389 2.80 -52.99 -36.53
C LEU P 389 3.46 -52.10 -37.56
N ARG P 390 3.29 -52.43 -38.85
CA ARG P 390 3.88 -51.61 -39.91
C ARG P 390 3.28 -50.20 -39.91
N SER P 391 1.97 -50.09 -39.70
CA SER P 391 1.32 -48.79 -39.81
C SER P 391 1.42 -47.99 -38.52
N ILE P 392 1.08 -48.60 -37.38
CA ILE P 392 1.02 -47.88 -36.12
C ILE P 392 2.41 -47.37 -35.72
N ALA P 393 3.43 -48.22 -35.86
CA ALA P 393 4.78 -47.89 -35.43
C ALA P 393 5.71 -47.82 -36.64
N PRO P 394 5.91 -46.63 -37.21
CA PRO P 394 6.86 -46.52 -38.34
C PRO P 394 8.29 -46.80 -37.98
N GLU P 395 8.64 -46.78 -36.69
CA GLU P 395 10.03 -46.96 -36.29
C GLU P 395 10.54 -48.35 -36.68
N PHE P 396 9.71 -49.38 -36.51
CA PHE P 396 10.09 -50.72 -36.92
C PHE P 396 10.25 -50.79 -38.44
N LYS P 397 11.36 -51.37 -38.89
CA LYS P 397 11.62 -51.56 -40.32
C LYS P 397 11.23 -52.98 -40.70
N LEU P 398 9.93 -53.20 -40.87
CA LEU P 398 9.44 -54.50 -41.27
C LEU P 398 9.80 -54.78 -42.73
N LYS P 399 10.10 -56.03 -43.03
CA LYS P 399 10.41 -56.46 -44.38
C LYS P 399 9.14 -56.78 -45.15
N ASP P 400 9.13 -56.42 -46.42
CA ASP P 400 7.95 -56.63 -47.26
C ASP P 400 7.56 -58.10 -47.30
N GLY P 401 6.27 -58.36 -47.21
CA GLY P 401 5.75 -59.71 -47.18
C GLY P 401 5.52 -60.20 -45.76
N ASN P 402 4.53 -61.08 -45.63
CA ASN P 402 4.17 -61.66 -44.33
C ASN P 402 4.56 -63.12 -44.22
N ASN P 403 5.54 -63.56 -45.00
CA ASN P 403 5.97 -64.96 -45.01
C ASN P 403 7.01 -65.29 -43.95
N ILE P 404 7.55 -64.27 -43.26
CA ILE P 404 8.63 -64.38 -42.28
C ILE P 404 9.62 -65.49 -42.63
N ASN P 405 10.02 -66.26 -41.63
CA ASN P 405 10.94 -67.39 -41.86
C ASN P 405 10.75 -68.47 -40.80
N ASN Q 2 43.21 51.98 33.53
CA ASN Q 2 44.45 52.74 33.36
C ASN Q 2 44.19 54.23 33.46
N GLN Q 3 45.22 55.02 33.21
CA GLN Q 3 45.12 56.48 33.23
C GLN Q 3 45.39 57.13 31.88
N GLU Q 4 46.50 56.79 31.22
CA GLU Q 4 46.80 57.37 29.92
C GLU Q 4 45.73 57.05 28.90
N THR Q 5 45.07 55.89 29.04
CA THR Q 5 43.98 55.53 28.15
C THR Q 5 42.84 56.54 28.25
N LEU Q 6 42.54 57.01 29.47
CA LEU Q 6 41.48 57.99 29.65
C LEU Q 6 41.80 59.28 28.90
N ILE Q 7 43.02 59.79 29.04
CA ILE Q 7 43.40 61.01 28.37
C ILE Q 7 43.36 60.82 26.85
N ALA Q 8 43.86 59.68 26.37
CA ALA Q 8 43.83 59.43 24.92
C ALA Q 8 42.40 59.38 24.40
N VAL Q 9 41.50 58.71 25.11
CA VAL Q 9 40.12 58.60 24.68
C VAL Q 9 39.43 59.97 24.69
N VAL Q 10 39.66 60.76 25.73
CA VAL Q 10 39.05 62.09 25.80
C VAL Q 10 39.58 62.97 24.67
N GLU Q 11 40.90 62.89 24.41
CA GLU Q 11 41.48 63.69 23.34
C GLU Q 11 40.92 63.29 21.98
N GLN Q 12 40.75 61.99 21.75
CA GLN Q 12 40.14 61.54 20.50
C GLN Q 12 38.70 62.01 20.39
N MET Q 13 37.95 61.96 21.49
CA MET Q 13 36.56 62.42 21.47
C MET Q 13 36.50 63.91 21.11
N ARG Q 14 37.39 64.71 21.70
CA ARG Q 14 37.40 66.13 21.40
C ARG Q 14 37.89 66.41 19.98
N LYS Q 15 38.77 65.57 19.46
CA LYS Q 15 39.22 65.73 18.07
C LYS Q 15 38.10 65.44 17.09
N LEU Q 16 37.36 64.35 17.32
CA LEU Q 16 36.30 63.97 16.39
C LEU Q 16 35.18 65.00 16.39
N VAL Q 17 34.70 65.39 17.57
CA VAL Q 17 33.63 66.37 17.71
C VAL Q 17 34.18 67.59 18.42
N PRO Q 18 34.17 68.76 17.77
CA PRO Q 18 34.53 69.99 18.48
C PRO Q 18 33.39 70.45 19.37
N ALA Q 19 33.60 71.56 20.08
CA ALA Q 19 32.67 72.17 21.03
C ALA Q 19 32.44 71.30 22.26
N LEU Q 20 33.02 70.10 22.32
CA LEU Q 20 33.07 69.32 23.54
C LEU Q 20 34.26 69.69 24.40
N ARG Q 21 35.13 70.58 23.90
CA ARG Q 21 36.29 71.01 24.66
C ARG Q 21 35.87 71.85 25.87
N LYS Q 22 34.81 72.63 25.72
CA LYS Q 22 34.34 73.48 26.82
C LYS Q 22 33.75 72.68 27.97
N VAL Q 23 33.41 71.42 27.74
CA VAL Q 23 32.83 70.58 28.79
C VAL Q 23 33.91 70.26 29.83
N PRO Q 24 33.60 70.32 31.13
CA PRO Q 24 34.60 70.00 32.15
C PRO Q 24 35.12 68.58 31.98
N ASP Q 25 36.40 68.39 32.32
CA ASP Q 25 37.08 67.13 32.07
C ASP Q 25 36.54 65.99 32.92
N GLU Q 26 35.98 66.27 34.10
CA GLU Q 26 35.57 65.20 34.99
C GLU Q 26 34.36 64.45 34.46
N THR Q 27 33.41 65.17 33.86
CA THR Q 27 32.23 64.53 33.31
C THR Q 27 32.60 63.61 32.15
N LEU Q 28 33.53 64.05 31.29
CA LEU Q 28 34.00 63.19 30.22
C LEU Q 28 34.68 61.95 30.76
N TYR Q 29 35.48 62.09 31.84
CA TYR Q 29 36.08 60.92 32.46
C TYR Q 29 35.02 59.95 32.96
N ALA Q 30 33.98 60.48 33.63
CA ALA Q 30 32.93 59.61 34.14
C ALA Q 30 32.22 58.88 33.01
N TRP Q 31 31.91 59.58 31.92
CA TRP Q 31 31.25 58.94 30.79
C TRP Q 31 32.16 57.88 30.15
N VAL Q 32 33.46 58.15 30.10
CA VAL Q 32 34.39 57.18 29.53
C VAL Q 32 34.46 55.91 30.39
N GLU Q 33 34.53 56.07 31.72
CA GLU Q 33 34.51 54.88 32.58
C GLU Q 33 33.19 54.13 32.46
N MET Q 34 32.08 54.86 32.29
CA MET Q 34 30.80 54.18 32.07
C MET Q 34 30.81 53.39 30.77
N ALA Q 35 31.40 53.96 29.71
CA ALA Q 35 31.43 53.28 28.43
C ALA Q 35 32.40 52.10 28.44
N GLU Q 36 33.40 52.14 29.31
CA GLU Q 36 34.40 51.07 29.37
C GLU Q 36 33.79 49.75 29.81
N LEU Q 37 32.64 49.78 30.49
CA LEU Q 37 32.00 48.54 30.92
C LEU Q 37 31.50 47.71 29.75
N PHE Q 38 31.10 48.35 28.66
CA PHE Q 38 30.48 47.65 27.54
C PHE Q 38 31.50 47.19 26.50
N VAL Q 39 32.52 48.00 26.23
CA VAL Q 39 33.45 47.73 25.14
C VAL Q 39 34.44 46.66 25.57
N CYS Q 40 34.64 45.67 24.71
CA CYS Q 40 35.67 44.66 24.94
C CYS Q 40 37.04 45.20 24.53
N GLN Q 41 38.08 44.41 24.78
CA GLN Q 41 39.44 44.81 24.48
C GLN Q 41 40.17 43.82 23.60
N LYS Q 42 39.99 42.51 23.82
CA LYS Q 42 40.70 41.51 23.04
C LYS Q 42 40.32 41.58 21.56
N THR Q 43 39.04 41.78 21.27
CA THR Q 43 38.58 41.78 19.89
C THR Q 43 39.10 43.00 19.14
N PHE Q 44 38.96 44.19 19.74
CA PHE Q 44 39.33 45.42 19.03
C PHE Q 44 40.84 45.58 18.94
N LYS Q 45 41.58 45.15 19.96
CA LYS Q 45 43.04 45.16 19.94
C LYS Q 45 43.60 46.56 19.72
N ASP Q 46 44.09 46.84 18.52
CA ASP Q 46 44.77 48.10 18.26
C ASP Q 46 43.82 49.29 18.27
N ALA Q 47 42.58 49.10 17.81
CA ALA Q 47 41.61 50.17 17.69
C ALA Q 47 40.81 50.40 18.98
N TYR Q 48 41.37 50.03 20.12
CA TYR Q 48 40.66 50.11 21.39
C TYR Q 48 40.27 51.55 21.72
N VAL Q 49 41.19 52.49 21.54
CA VAL Q 49 40.93 53.87 21.91
C VAL Q 49 39.81 54.45 21.04
N LYS Q 50 39.86 54.19 19.74
CA LYS Q 50 38.85 54.72 18.83
C LYS Q 50 37.50 54.10 19.11
N ALA Q 51 37.46 52.79 19.38
CA ALA Q 51 36.21 52.13 19.70
C ALA Q 51 35.61 52.69 20.99
N LEU Q 52 36.46 52.92 21.99
CA LEU Q 52 35.99 53.49 23.24
C LEU Q 52 35.43 54.89 23.03
N ALA Q 53 36.11 55.70 22.21
CA ALA Q 53 35.61 57.04 21.93
C ALA Q 53 34.26 56.99 21.23
N LEU Q 54 34.12 56.10 20.25
CA LEU Q 54 32.85 55.98 19.53
C LEU Q 54 31.72 55.56 20.48
N TYR Q 55 31.98 54.58 21.35
CA TYR Q 55 30.96 54.13 22.28
C TYR Q 55 30.61 55.22 23.28
N ALA Q 56 31.60 55.97 23.76
CA ALA Q 56 31.33 57.06 24.68
C ALA Q 56 30.48 58.14 24.04
N LEU Q 57 30.77 58.47 22.77
CA LEU Q 57 29.93 59.44 22.06
C LEU Q 57 28.52 58.92 21.89
N HIS Q 58 28.38 57.63 21.56
CA HIS Q 58 27.04 57.04 21.40
C HIS Q 58 26.25 57.13 22.69
N LEU Q 59 26.88 56.79 23.82
CA LEU Q 59 26.18 56.88 25.10
C LEU Q 59 25.87 58.32 25.47
N ALA Q 60 26.74 59.26 25.10
CA ALA Q 60 26.50 60.66 25.42
C ALA Q 60 25.40 61.27 24.58
N PHE Q 61 25.13 60.72 23.40
CA PHE Q 61 24.10 61.28 22.52
C PHE Q 61 23.02 60.26 22.21
N LEU Q 62 22.71 59.37 23.16
CA LEU Q 62 21.70 58.33 22.92
C LEU Q 62 20.33 58.96 22.65
N ASP Q 63 19.76 59.61 23.67
CA ASP Q 63 18.49 60.30 23.55
C ASP Q 63 18.55 61.68 24.18
N GLY Q 64 19.75 62.15 24.48
CA GLY Q 64 19.96 63.37 25.24
C GLY Q 64 20.27 63.01 26.68
N ALA Q 65 21.55 62.91 27.00
CA ALA Q 65 21.96 62.48 28.34
C ALA Q 65 22.95 63.45 28.96
N LEU Q 66 23.81 64.05 28.15
CA LEU Q 66 24.82 64.96 28.67
C LEU Q 66 24.18 66.17 29.34
N LYS Q 67 23.27 66.83 28.64
CA LYS Q 67 22.48 67.96 29.17
C LYS Q 67 23.45 69.02 29.69
N GLY Q 68 23.22 69.56 30.88
CA GLY Q 68 24.09 70.58 31.43
C GLY Q 68 23.87 70.71 32.92
N GLU Q 69 24.62 71.64 33.52
CA GLU Q 69 24.54 71.84 34.97
C GLU Q 69 23.18 72.41 35.38
N ASP Q 70 22.65 73.36 34.61
CA ASP Q 70 21.47 74.10 35.03
C ASP Q 70 20.18 73.65 34.37
N GLU Q 71 20.20 72.58 33.57
CA GLU Q 71 18.98 72.09 32.94
C GLU Q 71 17.95 71.66 33.97
N ASP Q 72 16.70 72.06 33.79
CA ASP Q 72 15.65 71.75 34.75
C ASP Q 72 15.34 70.26 34.79
N LEU Q 73 14.86 69.79 35.94
CA LEU Q 73 14.61 68.36 36.11
C LEU Q 73 13.48 67.86 35.22
N GLU Q 74 12.57 68.75 34.80
CA GLU Q 74 11.42 68.33 34.02
C GLU Q 74 11.81 67.86 32.62
N SER Q 75 12.84 68.48 32.03
CA SER Q 75 13.16 68.24 30.63
C SER Q 75 13.73 66.86 30.35
N TYR Q 76 13.84 65.98 31.35
CA TYR Q 76 14.41 64.66 31.13
C TYR Q 76 13.39 63.62 30.70
N SER Q 77 12.10 63.96 30.71
CA SER Q 77 11.06 63.05 30.22
C SER Q 77 10.23 63.66 29.10
N ARG Q 78 10.66 64.78 28.53
CA ARG Q 78 9.86 65.57 27.62
C ARG Q 78 10.73 66.65 27.00
N ARG Q 79 10.28 67.17 25.85
CA ARG Q 79 11.01 68.20 25.12
C ARG Q 79 10.07 69.33 24.72
N VAL Q 80 10.66 70.39 24.15
CA VAL Q 80 9.88 71.52 23.64
C VAL Q 80 9.83 71.40 22.12
N THR Q 81 8.62 71.40 21.57
CA THR Q 81 8.48 71.27 20.11
C THR Q 81 8.64 72.62 19.42
N SER Q 82 8.14 73.69 20.02
CA SER Q 82 8.26 75.02 19.43
C SER Q 82 8.20 76.06 20.54
N PHE Q 83 8.68 77.26 20.22
CA PHE Q 83 8.66 78.37 21.15
C PHE Q 83 8.69 79.67 20.36
N SER Q 84 7.91 80.65 20.82
CA SER Q 84 7.86 81.96 20.17
C SER Q 84 7.58 83.01 21.23
N LEU Q 85 8.17 84.19 21.04
CA LEU Q 85 8.05 85.30 21.98
C LEU Q 85 7.31 86.43 21.27
N SER Q 86 6.00 86.49 21.48
CA SER Q 86 5.14 87.54 20.93
C SER Q 86 5.35 87.72 19.43
N GLY Q 87 5.68 88.95 19.03
CA GLY Q 87 5.99 89.27 17.65
C GLY Q 87 7.46 89.45 17.36
N GLU Q 88 8.36 88.90 18.20
CA GLU Q 88 9.79 89.10 17.98
C GLU Q 88 10.37 88.00 17.09
N PHE Q 89 10.19 86.74 17.48
CA PHE Q 89 10.73 85.63 16.71
C PHE Q 89 9.96 84.36 17.05
N SER Q 90 10.12 83.35 16.20
CA SER Q 90 9.49 82.06 16.41
C SER Q 90 10.46 80.98 15.96
N GLN Q 91 10.30 79.78 16.53
CA GLN Q 91 11.18 78.67 16.20
C GLN Q 91 10.46 77.36 16.46
N THR Q 92 10.76 76.36 15.64
CA THR Q 92 10.19 75.03 15.75
C THR Q 92 11.31 74.00 15.79
N PHE Q 93 11.04 72.88 16.43
CA PHE Q 93 12.04 71.84 16.64
C PHE Q 93 11.47 70.48 16.23
N GLY Q 94 12.38 69.55 15.95
CA GLY Q 94 11.98 68.20 15.57
C GLY Q 94 13.09 67.22 15.84
N GLU Q 95 12.75 65.94 15.66
CA GLU Q 95 13.71 64.87 15.90
C GLU Q 95 14.73 64.80 14.77
N VAL Q 96 15.83 64.09 15.03
CA VAL Q 96 16.95 64.09 14.08
C VAL Q 96 16.79 62.99 13.04
N THR Q 97 16.26 61.83 13.44
CA THR Q 97 16.14 60.70 12.55
C THR Q 97 15.24 59.66 13.19
N LYS Q 98 14.34 59.10 12.37
CA LYS Q 98 13.43 58.05 12.79
C LYS Q 98 14.03 56.70 12.42
N ASN Q 99 14.24 55.84 13.42
CA ASN Q 99 14.74 54.49 13.21
C ASN Q 99 13.56 53.53 13.26
N GLN Q 100 13.35 52.78 12.18
CA GLN Q 100 12.22 51.86 12.12
C GLN Q 100 12.38 50.73 13.13
N SER Q 101 13.55 50.11 13.18
CA SER Q 101 13.78 49.01 14.11
C SER Q 101 13.92 49.53 15.53
N GLY Q 102 13.26 48.86 16.47
CA GLY Q 102 13.36 49.22 17.87
C GLY Q 102 14.64 48.71 18.50
N ASP Q 103 15.79 49.07 17.90
CA ASP Q 103 17.09 48.58 18.33
C ASP Q 103 17.97 49.77 18.70
N MET Q 104 18.60 49.69 19.87
CA MET Q 104 19.61 50.66 20.25
C MET Q 104 20.89 50.38 19.46
N MET Q 105 21.75 51.40 19.36
CA MET Q 105 22.98 51.47 18.55
C MET Q 105 22.68 51.77 17.09
N LEU Q 106 21.41 51.88 16.70
CA LEU Q 106 21.04 52.34 15.37
C LEU Q 106 20.31 53.68 15.42
N SER Q 107 20.47 54.42 16.51
CA SER Q 107 19.82 55.72 16.65
C SER Q 107 20.76 56.89 16.37
N THR Q 108 22.07 56.68 16.43
CA THR Q 108 23.05 57.72 16.20
C THR Q 108 24.11 57.23 15.22
N PRO Q 109 24.73 58.14 14.47
CA PRO Q 109 25.80 57.73 13.54
C PRO Q 109 26.97 57.04 14.23
N TRP Q 110 27.32 57.45 15.46
CA TRP Q 110 28.39 56.79 16.19
C TRP Q 110 28.06 55.34 16.50
N GLY Q 111 26.80 55.05 16.84
CA GLY Q 111 26.41 53.67 17.06
C GLY Q 111 26.56 52.81 15.82
N LYS Q 112 26.13 53.34 14.67
CA LYS Q 112 26.29 52.61 13.40
C LYS Q 112 27.76 52.39 13.08
N MET Q 113 28.60 53.41 13.29
CA MET Q 113 30.02 53.28 13.03
C MET Q 113 30.65 52.21 13.93
N PHE Q 114 30.27 52.21 15.21
CA PHE Q 114 30.77 51.19 16.13
C PHE Q 114 30.31 49.80 15.71
N GLU Q 115 29.06 49.68 15.29
CA GLU Q 115 28.53 48.38 14.88
C GLU Q 115 29.27 47.85 13.66
N GLN Q 116 29.54 48.71 12.69
CA GLN Q 116 30.27 48.25 11.50
C GLN Q 116 31.72 47.95 11.83
N LEU Q 117 32.34 48.70 12.75
CA LEU Q 117 33.70 48.38 13.16
C LEU Q 117 33.76 47.01 13.84
N LYS Q 118 32.78 46.72 14.71
CA LYS Q 118 32.74 45.42 15.36
C LYS Q 118 32.50 44.31 14.36
N ALA Q 119 31.63 44.56 13.37
CA ALA Q 119 31.40 43.57 12.32
C ALA Q 119 32.67 43.30 11.53
N ARG Q 120 33.45 44.35 11.26
CA ARG Q 120 34.70 44.18 10.51
C ARG Q 120 35.74 43.41 11.32
N ARG Q 121 35.88 43.72 12.61
CA ARG Q 121 36.98 43.13 13.36
C ARG Q 121 36.66 41.74 13.90
N ARG Q 122 35.48 41.54 14.48
CA ARG Q 122 35.09 40.22 14.97
C ARG Q 122 33.87 39.67 14.26
N GLY Q 123 32.78 40.43 14.21
CA GLY Q 123 31.53 39.98 13.66
C GLY Q 123 30.39 40.05 14.67
N ARG Q 124 29.18 39.93 14.14
CA ARG Q 124 27.96 40.00 14.95
C ARG Q 124 27.29 38.63 14.88
N PHE Q 125 27.73 37.71 15.74
CA PHE Q 125 27.16 36.38 15.80
C PHE Q 125 27.59 35.72 17.10
N ALA Q 126 26.89 34.63 17.45
CA ALA Q 126 27.24 33.82 18.62
C ALA Q 126 26.84 32.39 18.32
N LEU Q 127 27.83 31.56 18.01
CA LEU Q 127 27.60 30.15 17.68
C LEU Q 127 28.26 29.30 18.75
N MET Q 128 27.44 28.58 19.53
CA MET Q 128 27.91 27.88 20.71
C MET Q 128 27.39 26.45 20.72
N THR Q 129 28.08 25.61 21.49
CA THR Q 129 27.62 24.27 21.81
C THR Q 129 27.89 24.01 23.28
N GLY Q 130 27.10 23.12 23.87
CA GLY Q 130 27.23 22.84 25.29
C GLY Q 130 28.56 22.19 25.62
N LEU Q 131 28.96 22.36 26.88
CA LEU Q 131 30.20 21.76 27.37
C LEU Q 131 29.95 20.37 27.95
N HIS R 32 22.94 3.17 -45.88
CA HIS R 32 23.71 1.95 -46.09
C HIS R 32 23.64 1.07 -44.85
N VAL R 33 23.27 -0.20 -45.04
CA VAL R 33 23.05 -1.09 -43.91
C VAL R 33 24.36 -1.62 -43.34
N GLY R 34 25.47 -1.47 -44.07
CA GLY R 34 26.75 -1.98 -43.56
C GLY R 34 27.20 -1.27 -42.30
N SER R 35 27.10 0.06 -42.27
CA SER R 35 27.52 0.82 -41.10
C SER R 35 26.62 0.50 -39.90
N PHE R 36 25.31 0.41 -40.12
CA PHE R 36 24.40 0.05 -39.04
C PHE R 36 24.67 -1.35 -38.51
N TYR R 37 24.98 -2.29 -39.39
CA TYR R 37 25.32 -3.65 -38.96
C TYR R 37 26.62 -3.66 -38.16
N ASN R 38 27.60 -2.85 -38.58
CA ASN R 38 28.89 -2.84 -37.90
C ASN R 38 28.79 -2.20 -36.52
N ASP R 39 28.14 -1.03 -36.43
CA ASP R 39 28.16 -0.28 -35.19
C ASP R 39 27.25 -0.90 -34.13
N ASN R 40 26.05 -1.35 -34.51
CA ASN R 40 25.06 -1.81 -33.55
C ASN R 40 25.25 -3.30 -33.28
N ALA R 41 25.30 -3.65 -31.99
CA ALA R 41 25.43 -5.05 -31.60
C ALA R 41 24.11 -5.80 -31.71
N THR R 42 22.99 -5.12 -31.43
CA THR R 42 21.69 -5.77 -31.51
C THR R 42 21.37 -6.18 -32.94
N ALA R 43 21.64 -5.31 -33.91
CA ALA R 43 21.42 -5.66 -35.31
C ALA R 43 22.31 -6.81 -35.74
N LYS R 44 23.56 -6.82 -35.28
CA LYS R 44 24.47 -7.91 -35.60
C LYS R 44 23.94 -9.23 -35.06
N ARG R 45 23.48 -9.24 -33.81
CA ARG R 45 22.91 -10.46 -33.25
C ARG R 45 21.68 -10.90 -34.02
N ILE R 46 20.80 -9.96 -34.36
CA ILE R 46 19.59 -10.29 -35.10
C ILE R 46 19.94 -10.94 -36.43
N VAL R 47 20.96 -10.40 -37.12
CA VAL R 47 21.32 -10.94 -38.42
C VAL R 47 21.97 -12.32 -38.29
N ASP R 48 22.89 -12.49 -37.34
CA ASP R 48 23.72 -13.69 -37.31
C ASP R 48 23.23 -14.79 -36.37
N VAL R 49 22.12 -14.60 -35.67
CA VAL R 49 21.74 -15.63 -34.69
C VAL R 49 21.15 -16.87 -35.37
N ILE R 50 20.43 -16.69 -36.48
CA ILE R 50 19.73 -17.81 -37.11
C ILE R 50 20.68 -18.70 -37.93
N PRO R 51 21.47 -18.15 -38.86
CA PRO R 51 22.29 -19.04 -39.71
C PRO R 51 23.25 -19.92 -38.92
N GLU R 52 23.87 -19.37 -37.87
CA GLU R 52 24.78 -20.17 -37.07
C GLU R 52 24.04 -21.29 -36.36
N GLU R 53 22.86 -21.01 -35.82
CA GLU R 53 22.07 -22.03 -35.16
C GLU R 53 21.67 -23.13 -36.13
N MET R 54 21.31 -22.76 -37.36
CA MET R 54 20.94 -23.76 -38.36
C MET R 54 22.14 -24.62 -38.75
N VAL R 55 23.28 -23.99 -39.04
CA VAL R 55 24.42 -24.73 -39.58
C VAL R 55 25.06 -25.61 -38.51
N THR R 56 25.13 -25.13 -37.26
CA THR R 56 25.84 -25.86 -36.21
C THR R 56 25.21 -27.23 -35.97
N ALA R 57 23.89 -27.32 -36.01
CA ALA R 57 23.20 -28.59 -35.75
C ALA R 57 23.61 -29.66 -36.74
N GLY R 58 23.72 -29.29 -38.02
CA GLY R 58 24.14 -30.24 -39.03
C GLY R 58 22.99 -30.98 -39.68
N PHE R 59 23.35 -31.89 -40.57
CA PHE R 59 22.38 -32.68 -41.33
C PHE R 59 22.81 -34.13 -41.35
N LYS R 60 21.84 -35.02 -41.58
CA LYS R 60 22.08 -36.45 -41.64
C LYS R 60 21.49 -36.98 -42.95
N MET R 61 22.26 -37.79 -43.66
CA MET R 61 21.81 -38.38 -44.92
C MET R 61 21.63 -39.88 -44.78
N SER R 62 20.56 -40.39 -45.38
CA SER R 62 20.25 -41.82 -45.39
C SER R 62 20.20 -42.30 -46.83
N GLY R 63 20.50 -43.59 -47.01
CA GLY R 63 20.52 -44.20 -48.32
C GLY R 63 21.90 -44.43 -48.90
N VAL R 64 22.93 -43.81 -48.34
CA VAL R 64 24.30 -44.03 -48.81
C VAL R 64 24.85 -45.31 -48.20
N LYS R 65 25.81 -45.92 -48.90
CA LYS R 65 26.40 -47.17 -48.42
C LYS R 65 27.40 -46.90 -47.31
N ASP R 66 28.42 -46.09 -47.58
CA ASP R 66 29.45 -45.76 -46.60
C ASP R 66 29.09 -44.44 -45.95
N GLU R 67 28.94 -44.44 -44.63
CA GLU R 67 28.61 -43.22 -43.91
C GLU R 67 29.86 -42.51 -43.39
N LYS R 68 30.83 -43.28 -42.90
CA LYS R 68 32.06 -42.68 -42.40
C LYS R 68 32.90 -42.11 -43.53
N GLU R 69 32.93 -42.80 -44.67
CA GLU R 69 33.63 -42.27 -45.83
C GLU R 69 33.01 -40.97 -46.31
N PHE R 70 31.67 -40.91 -46.33
CA PHE R 70 31.00 -39.67 -46.70
C PHE R 70 31.29 -38.56 -45.69
N LYS R 71 31.32 -38.90 -44.41
CA LYS R 71 31.63 -37.90 -43.40
C LYS R 71 33.04 -37.33 -43.60
N SER R 72 34.01 -38.21 -43.87
CA SER R 72 35.37 -37.77 -44.13
C SER R 72 35.42 -36.89 -45.38
N LEU R 73 34.72 -37.29 -46.44
CA LEU R 73 34.70 -36.49 -47.66
C LEU R 73 34.11 -35.11 -47.41
N TRP R 74 33.01 -35.05 -46.66
CA TRP R 74 32.37 -33.78 -46.36
C TRP R 74 33.27 -32.89 -45.53
N ASP R 75 33.92 -33.45 -44.51
CA ASP R 75 34.82 -32.66 -43.68
C ASP R 75 36.11 -32.29 -44.40
N SER R 76 36.44 -32.97 -45.50
CA SER R 76 37.61 -32.59 -46.29
C SER R 76 37.44 -31.20 -46.91
N TYR R 77 36.23 -30.89 -47.39
CA TYR R 77 36.01 -29.62 -48.08
C TYR R 77 35.92 -28.45 -47.12
N LYS R 78 35.52 -28.68 -45.88
CA LYS R 78 35.38 -27.66 -44.82
C LYS R 78 34.72 -26.39 -45.35
N LEU R 79 33.47 -26.54 -45.80
CA LEU R 79 32.68 -25.44 -46.36
C LEU R 79 31.76 -24.79 -45.33
N ASP R 80 32.06 -24.92 -44.04
CA ASP R 80 31.19 -24.37 -43.01
C ASP R 80 31.17 -22.84 -43.06
N SER R 81 32.35 -22.22 -43.07
CA SER R 81 32.42 -20.76 -43.03
C SER R 81 31.77 -20.14 -44.26
N SER R 82 31.97 -20.75 -45.43
CA SER R 82 31.36 -20.23 -46.64
C SER R 82 29.83 -20.29 -46.56
N LEU R 83 29.28 -21.39 -46.05
CA LEU R 83 27.83 -21.49 -45.90
C LEU R 83 27.30 -20.44 -44.94
N VAL R 84 27.95 -20.28 -43.78
CA VAL R 84 27.49 -19.32 -42.80
C VAL R 84 27.55 -17.90 -43.36
N ASP R 85 28.65 -17.56 -44.05
CA ASP R 85 28.78 -16.23 -44.63
C ASP R 85 27.74 -16.00 -45.72
N LEU R 86 27.46 -17.02 -46.54
CA LEU R 86 26.45 -16.87 -47.58
C LEU R 86 25.09 -16.59 -46.98
N LEU R 87 24.70 -17.35 -45.96
CA LEU R 87 23.40 -17.12 -45.33
C LEU R 87 23.34 -15.75 -44.65
N CYS R 88 24.42 -15.34 -43.98
CA CYS R 88 24.44 -14.04 -43.32
C CYS R 88 24.31 -12.90 -44.33
N TRP R 89 25.04 -12.99 -45.45
CA TRP R 89 24.95 -11.95 -46.47
C TRP R 89 23.57 -11.92 -47.10
N ALA R 90 22.98 -13.10 -47.33
CA ALA R 90 21.63 -13.15 -47.88
C ALA R 90 20.62 -12.49 -46.95
N ARG R 91 20.74 -12.73 -45.64
CA ARG R 91 19.84 -12.08 -44.70
C ARG R 91 20.10 -10.59 -44.60
N LEU R 92 21.36 -10.15 -44.71
CA LEU R 92 21.68 -8.74 -44.49
C LEU R 92 21.37 -7.90 -45.71
N TYR R 93 22.04 -8.17 -46.84
CA TYR R 93 21.89 -7.32 -48.02
C TYR R 93 20.59 -7.56 -48.76
N GLY R 94 20.06 -8.78 -48.70
CA GLY R 94 18.87 -9.17 -49.44
C GLY R 94 19.14 -10.18 -50.54
N GLY R 95 20.41 -10.42 -50.88
CA GLY R 95 20.74 -11.40 -51.88
C GLY R 95 22.21 -11.76 -51.82
N ALA R 96 22.51 -12.96 -52.31
CA ALA R 96 23.89 -13.44 -52.37
C ALA R 96 23.93 -14.60 -53.36
N ALA R 97 25.13 -15.09 -53.62
CA ALA R 97 25.29 -16.20 -54.56
C ALA R 97 26.57 -16.97 -54.22
N MET R 98 26.62 -18.20 -54.71
CA MET R 98 27.75 -19.10 -54.47
C MET R 98 28.13 -19.77 -55.78
N VAL R 99 29.40 -19.63 -56.15
CA VAL R 99 29.93 -20.21 -57.39
C VAL R 99 30.73 -21.45 -57.05
N ALA R 100 30.40 -22.56 -57.68
CA ALA R 100 31.07 -23.84 -57.43
C ALA R 100 32.14 -24.08 -58.48
N ILE R 101 33.39 -24.20 -58.04
CA ILE R 101 34.50 -24.51 -58.93
C ILE R 101 34.49 -26.01 -59.17
N ILE R 102 34.48 -26.41 -60.44
CA ILE R 102 34.31 -27.81 -60.79
C ILE R 102 35.41 -28.23 -61.76
N LYS R 103 35.77 -29.51 -61.70
CA LYS R 103 36.77 -30.10 -62.58
C LYS R 103 36.11 -30.78 -63.77
N ASP R 104 35.38 -29.99 -64.54
CA ASP R 104 34.62 -30.53 -65.67
C ASP R 104 35.41 -30.54 -66.98
N ASN R 105 36.58 -29.92 -67.00
CA ASN R 105 37.45 -29.91 -68.18
C ASN R 105 36.74 -29.35 -69.41
N ARG R 106 36.03 -28.23 -69.23
CA ARG R 106 35.45 -27.49 -70.35
C ARG R 106 35.33 -26.02 -69.96
N MET R 107 34.65 -25.27 -70.82
CA MET R 107 34.47 -23.84 -70.61
C MET R 107 33.51 -23.59 -69.44
N LEU R 108 33.64 -22.39 -68.85
CA LEU R 108 32.72 -21.98 -67.80
C LEU R 108 31.31 -21.83 -68.34
N THR R 109 31.17 -21.31 -69.56
CA THR R 109 29.85 -21.13 -70.17
C THR R 109 29.18 -22.48 -70.46
N SER R 110 29.97 -23.50 -70.77
CA SER R 110 29.41 -24.82 -71.07
C SER R 110 28.80 -25.45 -69.82
N GLN R 111 27.79 -26.28 -70.05
CA GLN R 111 27.10 -26.93 -68.94
C GLN R 111 28.01 -27.94 -68.24
N ALA R 112 27.73 -28.17 -66.96
CA ALA R 112 28.50 -29.10 -66.15
C ALA R 112 27.84 -30.48 -66.23
N LYS R 113 28.55 -31.44 -66.83
CA LYS R 113 28.01 -32.79 -66.92
C LYS R 113 28.09 -33.48 -65.56
N PRO R 114 27.21 -34.45 -65.30
CA PRO R 114 27.33 -35.24 -64.07
C PRO R 114 28.61 -36.06 -64.08
N GLY R 115 29.17 -36.27 -62.89
CA GLY R 115 30.36 -37.08 -62.69
C GLY R 115 31.50 -36.37 -62.00
N ALA R 116 31.64 -35.05 -62.17
CA ALA R 116 32.72 -34.33 -61.52
C ALA R 116 32.52 -34.30 -60.00
N LYS R 117 33.61 -34.05 -59.28
CA LYS R 117 33.62 -34.24 -57.84
C LYS R 117 34.05 -32.98 -57.08
N LEU R 118 33.94 -31.80 -57.70
CA LEU R 118 34.10 -30.51 -57.01
C LEU R 118 35.54 -30.24 -56.57
N GLU R 119 35.95 -28.97 -56.61
CA GLU R 119 37.23 -28.55 -56.05
C GLU R 119 37.10 -27.52 -54.94
N GLY R 120 36.03 -26.76 -54.91
CA GLY R 120 35.86 -25.70 -53.92
C GLY R 120 34.76 -24.75 -54.36
N VAL R 121 34.46 -23.81 -53.46
CA VAL R 121 33.38 -22.87 -53.65
C VAL R 121 33.91 -21.45 -53.49
N ARG R 122 33.14 -20.48 -54.01
CA ARG R 122 33.44 -19.07 -53.82
C ARG R 122 32.13 -18.33 -53.58
N VAL R 123 32.01 -17.71 -52.41
CA VAL R 123 30.82 -16.94 -52.08
C VAL R 123 30.98 -15.54 -52.62
N TYR R 124 29.86 -14.89 -52.92
CA TYR R 124 29.87 -13.55 -53.50
C TYR R 124 28.81 -12.70 -52.83
N ASP R 125 28.73 -11.45 -53.28
CA ASP R 125 27.81 -10.46 -52.73
C ASP R 125 26.74 -10.12 -53.77
N ARG R 126 25.69 -9.45 -53.31
CA ARG R 126 24.54 -9.18 -54.18
C ARG R 126 24.92 -8.30 -55.37
N PHE R 127 25.70 -7.25 -55.12
CA PHE R 127 26.03 -6.29 -56.17
C PHE R 127 27.12 -6.77 -57.12
N ALA R 128 27.72 -7.92 -56.85
CA ALA R 128 28.82 -8.43 -57.65
C ALA R 128 28.37 -9.32 -58.81
N ILE R 129 27.07 -9.54 -58.98
CA ILE R 129 26.56 -10.47 -59.98
C ILE R 129 25.42 -9.79 -60.74
N THR R 130 25.47 -9.87 -62.07
CA THR R 130 24.40 -9.37 -62.93
C THR R 130 24.19 -10.35 -64.08
N VAL R 131 22.97 -10.36 -64.61
CA VAL R 131 22.56 -11.30 -65.64
C VAL R 131 22.91 -10.74 -67.02
N GLU R 132 23.30 -11.62 -67.93
CA GLU R 132 23.63 -11.25 -69.30
C GLU R 132 22.54 -11.66 -70.29
N LYS R 133 22.18 -12.94 -70.31
CA LYS R 133 21.19 -13.45 -71.25
C LYS R 133 20.23 -14.38 -70.51
N ARG R 134 18.98 -14.42 -70.99
CA ARG R 134 17.94 -15.21 -70.36
C ARG R 134 17.18 -16.00 -71.42
N VAL R 135 16.28 -16.87 -70.94
CA VAL R 135 15.54 -17.75 -71.84
C VAL R 135 14.53 -16.96 -72.64
N THR R 136 14.45 -17.25 -73.95
CA THR R 136 13.51 -16.58 -74.83
C THR R 136 12.51 -17.54 -75.47
N ASN R 137 12.39 -18.77 -74.96
CA ASN R 137 11.47 -19.77 -75.50
C ASN R 137 10.19 -19.75 -74.66
N ALA R 138 9.10 -19.31 -75.27
CA ALA R 138 7.85 -19.13 -74.52
C ALA R 138 7.31 -20.46 -74.00
N ARG R 139 7.35 -21.50 -74.83
CA ARG R 139 6.75 -22.77 -74.45
C ARG R 139 7.51 -23.48 -73.34
N SER R 140 8.78 -23.16 -73.15
CA SER R 140 9.57 -23.81 -72.11
C SER R 140 9.05 -23.37 -70.73
N PRO R 141 8.89 -24.32 -69.79
CA PRO R 141 8.48 -23.93 -68.43
C PRO R 141 9.46 -22.99 -67.75
N ARG R 142 10.76 -23.13 -68.03
CA ARG R 142 11.77 -22.25 -67.47
C ARG R 142 11.99 -21.08 -68.43
N TYR R 143 10.98 -20.23 -68.51
CA TYR R 143 10.94 -19.11 -69.45
C TYR R 143 11.13 -17.80 -68.68
N GLY R 144 12.07 -16.99 -69.13
CA GLY R 144 12.39 -15.73 -68.49
C GLY R 144 13.45 -15.81 -67.43
N GLU R 145 13.84 -17.01 -67.02
CA GLU R 145 14.86 -17.16 -65.99
C GLU R 145 16.25 -16.90 -66.57
N PRO R 146 17.20 -16.48 -65.75
CA PRO R 146 18.55 -16.21 -66.25
C PRO R 146 19.24 -17.45 -66.78
N GLU R 147 20.15 -17.24 -67.72
CA GLU R 147 20.92 -18.31 -68.33
C GLU R 147 22.41 -18.18 -68.06
N ILE R 148 22.98 -17.00 -68.22
CA ILE R 148 24.41 -16.76 -67.99
C ILE R 148 24.56 -15.53 -67.13
N TYR R 149 25.35 -15.65 -66.06
CA TYR R 149 25.63 -14.55 -65.15
C TYR R 149 27.03 -13.99 -65.41
N LYS R 150 27.16 -12.68 -65.26
CA LYS R 150 28.46 -12.04 -65.50
C LYS R 150 29.46 -12.42 -64.42
N VAL R 151 29.06 -12.34 -63.15
CA VAL R 151 29.89 -12.65 -62.00
C VAL R 151 31.11 -11.72 -62.03
N SER R 152 30.94 -10.53 -61.49
CA SER R 152 32.06 -9.61 -61.35
C SER R 152 32.75 -9.87 -60.01
N PRO R 153 34.03 -10.26 -60.00
CA PRO R 153 34.70 -10.60 -58.74
C PRO R 153 35.21 -9.41 -57.94
N GLY R 154 35.11 -8.20 -58.48
CA GLY R 154 35.65 -7.06 -57.77
C GLY R 154 37.17 -7.15 -57.67
N ASP R 155 37.72 -6.46 -56.67
CA ASP R 155 39.15 -6.47 -56.39
C ASP R 155 39.95 -6.10 -57.63
N ASN R 156 40.83 -7.01 -58.08
CA ASN R 156 41.67 -6.79 -59.24
C ASN R 156 41.30 -7.66 -60.44
N MET R 157 40.50 -8.70 -60.24
CA MET R 157 40.16 -9.61 -61.33
C MET R 157 39.11 -8.99 -62.26
N GLN R 158 38.88 -9.66 -63.39
CA GLN R 158 37.94 -9.24 -64.40
C GLN R 158 36.72 -10.16 -64.41
N PRO R 159 35.56 -9.66 -64.86
CA PRO R 159 34.36 -10.52 -64.88
C PRO R 159 34.54 -11.73 -65.78
N TYR R 160 33.96 -12.85 -65.35
CA TYR R 160 34.03 -14.10 -66.10
C TYR R 160 32.65 -14.76 -66.09
N LEU R 161 32.06 -14.92 -67.27
CA LEU R 161 30.71 -15.45 -67.37
C LEU R 161 30.68 -16.92 -66.95
N ILE R 162 29.58 -17.32 -66.32
CA ILE R 162 29.38 -18.67 -65.82
C ILE R 162 27.99 -19.15 -66.20
N HIS R 163 27.88 -20.42 -66.58
CA HIS R 163 26.59 -21.01 -66.86
C HIS R 163 25.74 -21.07 -65.59
N HIS R 164 24.43 -21.01 -65.76
CA HIS R 164 23.53 -20.97 -64.61
C HIS R 164 23.51 -22.28 -63.83
N SER R 165 24.06 -23.36 -64.39
CA SER R 165 24.08 -24.63 -63.68
C SER R 165 25.18 -24.70 -62.64
N ARG R 166 26.06 -23.70 -62.57
CA ARG R 166 27.15 -23.66 -61.60
C ARG R 166 27.02 -22.51 -60.61
N VAL R 167 25.87 -21.84 -60.58
CA VAL R 167 25.64 -20.71 -59.70
C VAL R 167 24.35 -20.95 -58.92
N PHE R 168 24.41 -20.77 -57.61
CA PHE R 168 23.25 -20.88 -56.74
C PHE R 168 22.88 -19.50 -56.21
N ILE R 169 21.62 -19.12 -56.37
CA ILE R 169 21.14 -17.80 -56.00
C ILE R 169 20.31 -17.92 -54.73
N ALA R 170 20.75 -17.26 -53.67
CA ALA R 170 20.05 -17.25 -52.39
C ALA R 170 19.30 -15.94 -52.23
N ASP R 171 18.00 -16.02 -51.94
CA ASP R 171 17.14 -14.87 -51.83
C ASP R 171 16.83 -14.57 -50.38
N GLY R 172 16.60 -13.30 -50.08
CA GLY R 172 16.31 -12.84 -48.74
C GLY R 172 14.84 -12.88 -48.41
N GLU R 173 14.39 -11.89 -47.63
CA GLU R 173 13.00 -11.83 -47.22
C GLU R 173 12.09 -11.58 -48.41
N ARG R 174 10.87 -12.12 -48.32
CA ARG R 174 9.91 -11.99 -49.40
C ARG R 174 9.43 -10.55 -49.54
N VAL R 175 9.28 -10.11 -50.78
CA VAL R 175 8.87 -8.75 -51.08
C VAL R 175 7.80 -8.81 -52.17
N ALA R 176 6.93 -7.79 -52.19
CA ALA R 176 5.92 -7.69 -53.23
C ALA R 176 6.58 -7.58 -54.60
N GLN R 177 5.92 -8.15 -55.62
CA GLN R 177 6.52 -8.25 -56.95
C GLN R 177 6.82 -6.88 -57.53
N GLN R 178 5.94 -5.90 -57.27
CA GLN R 178 6.17 -4.56 -57.81
C GLN R 178 7.46 -3.96 -57.29
N ALA R 179 7.72 -4.12 -55.99
CA ALA R 179 8.99 -3.65 -55.43
C ALA R 179 10.15 -4.56 -55.80
N ARG R 180 9.86 -5.85 -56.05
CA ARG R 180 10.91 -6.77 -56.48
C ARG R 180 11.47 -6.38 -57.84
N LYS R 181 10.59 -5.92 -58.75
CA LYS R 181 11.05 -5.46 -60.05
C LYS R 181 11.97 -4.26 -59.92
N GLN R 182 11.64 -3.32 -59.03
CA GLN R 182 12.50 -2.19 -58.78
C GLN R 182 13.79 -2.58 -58.06
N ASN R 183 13.80 -3.75 -57.41
CA ASN R 183 14.98 -4.27 -56.75
C ASN R 183 15.78 -5.24 -57.61
N GLN R 184 15.70 -5.08 -58.93
CA GLN R 184 16.37 -5.94 -59.93
C GLN R 184 16.30 -7.41 -59.55
N GLY R 185 15.09 -7.86 -59.21
CA GLY R 185 14.86 -9.27 -58.94
C GLY R 185 15.57 -9.81 -57.71
N TRP R 186 15.77 -8.99 -56.68
CA TRP R 186 16.37 -9.42 -55.43
C TRP R 186 15.41 -9.15 -54.29
N GLY R 187 15.50 -9.98 -53.25
CA GLY R 187 14.63 -9.87 -52.11
C GLY R 187 14.96 -8.66 -51.25
N ALA R 188 14.17 -8.51 -50.20
CA ALA R 188 14.33 -7.41 -49.26
C ALA R 188 15.32 -7.80 -48.17
N SER R 189 15.51 -6.92 -47.19
CA SER R 189 16.46 -7.14 -46.11
C SER R 189 15.71 -7.36 -44.80
N VAL R 190 16.38 -8.05 -43.88
CA VAL R 190 15.81 -8.30 -42.56
C VAL R 190 15.60 -6.98 -41.82
N LEU R 191 16.58 -6.08 -41.90
CA LEU R 191 16.51 -4.79 -41.21
C LEU R 191 15.71 -3.82 -42.06
N ASN R 192 14.39 -3.87 -41.89
CA ASN R 192 13.50 -2.95 -42.57
C ASN R 192 13.45 -1.63 -41.80
N LYS R 193 12.53 -0.75 -42.18
CA LYS R 193 12.48 0.59 -41.57
C LYS R 193 12.06 0.51 -40.10
N SER R 194 11.12 -0.40 -39.77
CA SER R 194 10.59 -0.44 -38.42
C SER R 194 11.65 -0.82 -37.39
N LEU R 195 12.48 -1.81 -37.71
CA LEU R 195 13.52 -2.22 -36.77
C LEU R 195 14.54 -1.12 -36.53
N ILE R 196 14.95 -0.43 -37.59
CA ILE R 196 15.91 0.66 -37.45
C ILE R 196 15.32 1.78 -36.61
N ASP R 197 14.06 2.13 -36.87
CA ASP R 197 13.40 3.17 -36.08
C ASP R 197 13.32 2.78 -34.61
N ALA R 198 12.96 1.52 -34.34
CA ALA R 198 12.85 1.08 -32.95
C ALA R 198 14.19 1.12 -32.24
N ILE R 199 15.26 0.68 -32.91
CA ILE R 199 16.58 0.67 -32.26
C ILE R 199 17.05 2.09 -31.99
N CYS R 200 16.87 3.00 -32.96
CA CYS R 200 17.27 4.38 -32.74
C CYS R 200 16.46 5.02 -31.61
N ASP R 201 15.16 4.71 -31.55
CA ASP R 201 14.33 5.24 -30.48
C ASP R 201 14.78 4.74 -29.12
N TYR R 202 15.15 3.46 -29.03
CA TYR R 202 15.61 2.91 -27.76
C TYR R 202 16.92 3.57 -27.33
N ASP R 203 17.85 3.77 -28.26
CA ASP R 203 19.10 4.44 -27.90
C ASP R 203 18.85 5.86 -27.43
N TYR R 204 17.98 6.59 -28.12
CA TYR R 204 17.67 7.95 -27.71
C TYR R 204 17.01 7.98 -26.33
N CYS R 205 16.12 7.03 -26.06
CA CYS R 205 15.48 6.96 -24.74
C CYS R 205 16.49 6.65 -23.64
N GLU R 206 17.47 5.78 -23.93
CA GLU R 206 18.50 5.51 -22.93
C GLU R 206 19.34 6.75 -22.65
N SER R 207 19.69 7.50 -23.70
CA SER R 207 20.42 8.75 -23.50
C SER R 207 19.60 9.73 -22.65
N LEU R 208 18.30 9.83 -22.94
CA LEU R 208 17.44 10.72 -22.14
C LEU R 208 17.37 10.26 -20.69
N ALA R 209 17.34 8.95 -20.45
CA ALA R 209 17.32 8.43 -19.09
C ALA R 209 18.58 8.83 -18.33
N THR R 210 19.73 8.69 -18.99
CA THR R 210 20.98 9.12 -18.35
C THR R 210 20.95 10.62 -18.03
N GLN R 211 20.45 11.43 -18.98
CA GLN R 211 20.36 12.87 -18.74
C GLN R 211 19.42 13.19 -17.60
N ILE R 212 18.33 12.43 -17.46
CA ILE R 212 17.38 12.66 -16.37
C ILE R 212 18.02 12.33 -15.04
N LEU R 213 18.77 11.23 -14.97
CA LEU R 213 19.47 10.91 -13.73
C LEU R 213 20.50 11.99 -13.38
N ARG R 214 21.15 12.55 -14.40
CA ARG R 214 22.20 13.53 -14.18
C ARG R 214 21.71 14.76 -13.43
N ARG R 215 20.54 15.28 -13.81
CA ARG R 215 19.99 16.49 -13.22
C ARG R 215 18.86 16.12 -12.25
N LYS R 216 19.24 15.79 -11.02
CA LYS R 216 18.29 15.50 -9.96
C LYS R 216 18.20 16.62 -8.93
N GLN R 217 19.32 17.26 -8.60
CA GLN R 217 19.35 18.38 -7.68
C GLN R 217 20.11 19.53 -8.32
N GLN R 218 19.61 20.75 -8.14
CA GLN R 218 20.30 21.95 -8.60
C GLN R 218 20.34 22.95 -7.46
N ALA R 219 21.52 23.48 -7.17
CA ALA R 219 21.71 24.47 -6.13
C ALA R 219 21.97 25.82 -6.77
N VAL R 220 21.09 26.79 -6.49
CA VAL R 220 21.14 28.11 -7.11
C VAL R 220 21.66 29.10 -6.08
N TRP R 221 22.65 29.89 -6.46
CA TRP R 221 23.29 30.86 -5.59
C TRP R 221 23.00 32.27 -6.08
N LYS R 222 22.41 33.09 -5.22
CA LYS R 222 22.00 34.45 -5.58
C LYS R 222 22.81 35.47 -4.78
N VAL R 223 23.26 36.52 -5.47
CA VAL R 223 24.00 37.61 -4.86
C VAL R 223 23.30 38.92 -5.24
N LYS R 224 23.40 39.91 -4.36
CA LYS R 224 22.75 41.20 -4.62
C LYS R 224 23.34 41.88 -5.84
N GLY R 225 24.63 42.18 -5.80
CA GLY R 225 25.30 42.77 -6.94
C GLY R 225 26.20 41.80 -7.67
N LEU R 226 25.76 41.32 -8.83
CA LEU R 226 26.52 40.33 -9.58
C LEU R 226 26.63 40.67 -11.06
N ALA R 227 25.78 41.53 -11.59
CA ALA R 227 25.86 41.95 -12.99
C ALA R 227 26.81 43.11 -13.21
N GLU R 228 27.41 43.64 -12.14
CA GLU R 228 28.35 44.76 -12.24
C GLU R 228 29.79 44.28 -12.35
N MET R 229 30.05 43.43 -13.34
CA MET R 229 31.40 42.92 -13.59
C MET R 229 31.73 43.01 -15.07
N CYS R 230 33.03 43.14 -15.34
CA CYS R 230 33.59 43.28 -16.70
C CYS R 230 33.52 41.96 -17.50
N ASP R 231 33.15 40.86 -16.82
CA ASP R 231 32.91 39.56 -17.43
C ASP R 231 34.19 38.84 -17.85
N ASP R 232 35.33 39.51 -17.75
CA ASP R 232 36.61 38.89 -18.09
C ASP R 232 37.75 39.26 -17.15
N ASP R 233 37.50 40.03 -16.10
CA ASP R 233 38.55 40.50 -15.22
C ASP R 233 38.74 39.53 -14.05
N ASP R 234 39.52 39.95 -13.05
CA ASP R 234 39.88 39.05 -11.96
C ASP R 234 38.70 38.75 -11.05
N ALA R 235 37.71 39.65 -11.01
CA ALA R 235 36.59 39.47 -10.11
C ALA R 235 35.80 38.20 -10.44
N GLN R 236 35.49 38.00 -11.72
CA GLN R 236 34.77 36.80 -12.13
C GLN R 236 35.59 35.55 -11.86
N TYR R 237 36.89 35.60 -12.12
CA TYR R 237 37.76 34.46 -11.87
C TYR R 237 37.73 34.07 -10.39
N ALA R 238 37.88 35.07 -9.51
CA ALA R 238 37.86 34.80 -8.07
C ALA R 238 36.51 34.25 -7.63
N ALA R 239 35.41 34.83 -8.14
CA ALA R 239 34.09 34.37 -7.75
C ALA R 239 33.86 32.92 -8.18
N ARG R 240 34.25 32.59 -9.42
CA ARG R 240 34.05 31.22 -9.90
C ARG R 240 34.94 30.23 -9.15
N LEU R 241 36.18 30.62 -8.83
CA LEU R 241 37.03 29.74 -8.04
C LEU R 241 36.43 29.49 -6.66
N ARG R 242 35.92 30.55 -6.03
CA ARG R 242 35.30 30.40 -4.72
C ARG R 242 34.09 29.48 -4.78
N LEU R 243 33.25 29.66 -5.81
CA LEU R 243 32.07 28.81 -5.97
C LEU R 243 32.47 27.36 -6.19
N ALA R 244 33.49 27.12 -7.02
CA ALA R 244 33.95 25.77 -7.27
C ALA R 244 34.45 25.10 -6.00
N GLN R 245 35.27 25.81 -5.23
CA GLN R 245 35.79 25.25 -3.98
C GLN R 245 34.66 24.98 -2.99
N VAL R 246 33.69 25.89 -2.90
CA VAL R 246 32.61 25.72 -1.94
C VAL R 246 31.75 24.52 -2.31
N ASP R 247 31.39 24.37 -3.58
CA ASP R 247 30.60 23.20 -3.95
C ASP R 247 31.42 21.92 -3.94
N ASP R 248 32.75 22.03 -3.96
CA ASP R 248 33.58 20.83 -3.83
C ASP R 248 33.65 20.36 -2.38
N ASN R 249 33.70 21.29 -1.43
CA ASN R 249 33.91 20.93 -0.03
C ASN R 249 32.63 20.78 0.77
N SER R 250 31.47 21.09 0.18
CA SER R 250 30.22 21.01 0.92
C SER R 250 29.67 19.59 0.91
N GLY R 251 28.58 19.39 1.64
CA GLY R 251 27.93 18.09 1.73
C GLY R 251 27.26 17.92 3.08
N VAL R 252 26.99 16.67 3.43
CA VAL R 252 26.43 16.35 4.73
C VAL R 252 27.54 16.37 5.77
N GLY R 253 27.32 17.10 6.86
CA GLY R 253 28.34 17.31 7.87
C GLY R 253 29.16 18.56 7.67
N ARG R 254 28.98 19.27 6.56
CA ARG R 254 29.67 20.53 6.30
C ARG R 254 28.63 21.61 5.99
N ALA R 255 28.90 22.82 6.47
CA ALA R 255 27.97 23.93 6.37
C ALA R 255 28.57 25.06 5.53
N ILE R 256 27.69 25.96 5.09
CA ILE R 256 28.09 27.17 4.38
C ILE R 256 27.66 28.38 5.20
N GLY R 257 28.55 29.36 5.32
CA GLY R 257 28.20 30.61 5.94
C GLY R 257 27.71 31.60 4.91
N ILE R 258 26.46 32.03 5.04
CA ILE R 258 25.82 32.95 4.11
C ILE R 258 25.67 34.31 4.78
N ASP R 259 26.00 35.37 4.06
CA ASP R 259 25.72 36.71 4.55
C ASP R 259 24.26 37.04 4.30
N ALA R 260 23.55 37.41 5.36
CA ALA R 260 22.14 37.72 5.23
C ALA R 260 21.95 39.03 4.46
N GLU R 261 20.69 39.31 4.10
CA GLU R 261 20.20 40.54 3.51
C GLU R 261 20.92 40.93 2.23
N THR R 262 21.81 40.05 1.73
CA THR R 262 22.48 40.32 0.46
C THR R 262 22.71 39.06 -0.37
N GLU R 263 22.29 37.89 0.09
CA GLU R 263 22.67 36.65 -0.57
C GLU R 263 21.84 35.50 -0.02
N GLU R 264 21.45 34.58 -0.91
CA GLU R 264 20.63 33.44 -0.53
C GLU R 264 21.22 32.17 -1.15
N TYR R 265 20.64 31.03 -0.77
CA TYR R 265 21.08 29.73 -1.25
C TYR R 265 19.89 28.79 -1.24
N ASP R 266 19.55 28.26 -2.42
CA ASP R 266 18.39 27.38 -2.57
C ASP R 266 18.79 26.11 -3.31
N VAL R 267 18.03 25.05 -3.07
CA VAL R 267 18.23 23.76 -3.73
C VAL R 267 16.90 23.32 -4.33
N LEU R 268 16.92 22.95 -5.61
CA LEU R 268 15.74 22.48 -6.32
C LEU R 268 15.88 20.99 -6.60
N ASN R 269 14.84 20.24 -6.27
CA ASN R 269 14.86 18.79 -6.40
C ASN R 269 14.01 18.33 -7.60
N SER R 270 14.11 17.05 -7.88
CA SER R 270 13.34 16.41 -8.94
C SER R 270 13.11 14.96 -8.53
N ASP R 271 12.69 14.12 -9.48
CA ASP R 271 12.46 12.71 -9.17
C ASP R 271 12.71 11.85 -10.40
N ILE R 272 12.91 10.56 -10.15
CA ILE R 272 13.04 9.55 -11.20
C ILE R 272 12.12 8.40 -10.81
N SER R 273 10.92 8.38 -11.36
CA SER R 273 9.87 7.47 -10.91
C SER R 273 9.79 6.18 -11.72
N GLY R 274 9.51 6.29 -13.02
CA GLY R 274 9.23 5.10 -13.81
C GLY R 274 10.07 4.94 -15.06
N VAL R 275 11.32 5.38 -15.00
CA VAL R 275 12.22 5.23 -16.15
C VAL R 275 12.48 3.76 -16.49
N PRO R 276 12.84 2.88 -15.54
CA PRO R 276 13.16 1.50 -15.95
C PRO R 276 12.01 0.79 -16.64
N GLU R 277 10.77 1.02 -16.21
CA GLU R 277 9.64 0.39 -16.87
C GLU R 277 9.48 0.94 -18.29
N PHE R 278 9.74 2.23 -18.49
CA PHE R 278 9.69 2.81 -19.82
C PHE R 278 10.71 2.15 -20.74
N LEU R 279 11.95 2.01 -20.25
CA LEU R 279 12.99 1.39 -21.06
C LEU R 279 12.67 -0.07 -21.35
N SER R 280 12.12 -0.79 -20.37
CA SER R 280 11.73 -2.17 -20.58
C SER R 280 10.63 -2.27 -21.62
N SER R 281 9.68 -1.33 -21.62
CA SER R 281 8.63 -1.33 -22.63
C SER R 281 9.18 -1.11 -24.02
N LYS R 282 10.14 -0.17 -24.16
CA LYS R 282 10.74 0.05 -25.47
C LYS R 282 11.51 -1.18 -25.95
N MET R 283 12.25 -1.83 -25.04
CA MET R 283 12.93 -3.06 -25.41
C MET R 283 11.95 -4.16 -25.77
N ASP R 284 10.79 -4.20 -25.11
CA ASP R 284 9.76 -5.16 -25.47
C ASP R 284 9.23 -4.91 -26.87
N ARG R 285 9.07 -3.63 -27.24
CA ARG R 285 8.66 -3.33 -28.62
C ARG R 285 9.72 -3.80 -29.61
N ILE R 286 10.99 -3.59 -29.28
CA ILE R 286 12.06 -4.07 -30.16
C ILE R 286 11.98 -5.59 -30.31
N VAL R 287 11.78 -6.30 -29.20
CA VAL R 287 11.67 -7.76 -29.25
C VAL R 287 10.49 -8.19 -30.11
N SER R 288 9.35 -7.52 -29.95
CA SER R 288 8.17 -7.86 -30.74
C SER R 288 8.40 -7.65 -32.23
N LEU R 289 9.04 -6.54 -32.60
CA LEU R 289 9.27 -6.25 -34.01
C LEU R 289 10.33 -7.14 -34.63
N SER R 290 11.36 -7.53 -33.86
CA SER R 290 12.49 -8.25 -34.43
C SER R 290 12.09 -9.62 -34.97
N GLY R 291 11.17 -10.31 -34.30
CA GLY R 291 10.81 -11.64 -34.72
C GLY R 291 11.59 -12.75 -34.05
N ILE R 292 12.26 -12.46 -32.94
CA ILE R 292 13.06 -13.44 -32.21
C ILE R 292 12.63 -13.41 -30.75
N HIS R 293 12.76 -14.56 -30.08
CA HIS R 293 12.34 -14.69 -28.70
C HIS R 293 13.08 -13.69 -27.81
N GLU R 294 12.44 -13.31 -26.70
CA GLU R 294 13.04 -12.33 -25.80
C GLU R 294 14.25 -12.89 -25.06
N ILE R 295 14.30 -14.21 -24.85
CA ILE R 295 15.45 -14.80 -24.17
C ILE R 295 16.71 -14.62 -24.99
N ILE R 296 16.60 -14.77 -26.32
CA ILE R 296 17.77 -14.63 -27.17
C ILE R 296 18.25 -13.18 -27.21
N ILE R 297 17.31 -12.25 -27.39
CA ILE R 297 17.70 -10.85 -27.59
C ILE R 297 18.14 -10.22 -26.27
N LYS R 298 17.30 -10.29 -25.24
CA LYS R 298 17.64 -9.75 -23.94
C LYS R 298 18.77 -10.53 -23.26
N ASN R 299 19.00 -11.78 -23.68
CA ASN R 299 20.04 -12.64 -23.14
C ASN R 299 20.01 -12.67 -21.61
N LYS R 300 18.81 -12.69 -21.05
CA LYS R 300 18.64 -12.67 -19.60
C LYS R 300 17.43 -13.54 -19.27
N ASN R 301 17.68 -14.64 -18.56
CA ASN R 301 16.61 -15.49 -18.07
C ASN R 301 16.01 -14.84 -16.84
N VAL R 302 15.23 -15.61 -16.05
CA VAL R 302 14.65 -15.14 -14.80
C VAL R 302 13.45 -14.25 -15.08
N GLY R 303 13.32 -13.79 -16.33
CA GLY R 303 12.14 -13.03 -16.71
C GLY R 303 10.86 -13.78 -16.41
N GLY R 304 10.85 -15.09 -16.63
CA GLY R 304 9.76 -15.93 -16.19
C GLY R 304 10.17 -16.85 -15.06
N VAL R 305 9.22 -17.58 -14.49
CA VAL R 305 9.55 -18.52 -13.42
C VAL R 305 10.42 -19.65 -13.99
N SER R 306 11.14 -20.31 -13.08
CA SER R 306 12.05 -21.38 -13.48
C SER R 306 11.28 -22.56 -14.07
N ALA R 307 11.36 -22.73 -15.38
CA ALA R 307 10.71 -23.83 -16.07
C ALA R 307 11.70 -24.98 -16.21
N SER R 308 11.32 -26.00 -16.98
CA SER R 308 12.19 -27.15 -17.21
C SER R 308 13.46 -26.72 -17.92
N GLN R 309 13.34 -26.26 -19.17
CA GLN R 309 14.46 -25.82 -19.98
C GLN R 309 14.00 -25.37 -21.36
N ASN R 310 13.78 -26.35 -22.25
CA ASN R 310 13.41 -26.05 -23.63
C ASN R 310 12.00 -25.50 -23.75
N THR R 311 11.21 -25.54 -22.68
CA THR R 311 9.81 -25.13 -22.75
C THR R 311 9.67 -23.68 -23.19
N ALA R 312 10.58 -22.82 -22.73
CA ALA R 312 10.55 -21.43 -23.15
C ALA R 312 11.16 -21.23 -24.53
N LEU R 313 12.03 -22.14 -24.96
CA LEU R 313 12.74 -22.01 -26.22
C LEU R 313 12.07 -22.78 -27.36
N GLU R 314 10.90 -23.37 -27.12
CA GLU R 314 10.22 -24.12 -28.18
C GLU R 314 9.85 -23.23 -29.35
N THR R 315 9.43 -21.99 -29.08
CA THR R 315 9.08 -21.08 -30.18
C THR R 315 10.30 -20.79 -31.06
N PHE R 316 11.44 -20.51 -30.43
CA PHE R 316 12.67 -20.26 -31.18
C PHE R 316 13.08 -21.50 -31.97
N TYR R 317 12.93 -22.68 -31.36
CA TYR R 317 13.30 -23.91 -32.07
C TYR R 317 12.39 -24.15 -33.26
N LYS R 318 11.09 -23.88 -33.13
CA LYS R 318 10.17 -23.99 -34.26
C LYS R 318 10.56 -23.02 -35.36
N LEU R 319 10.91 -21.79 -35.00
CA LEU R 319 11.35 -20.82 -36.00
C LEU R 319 12.60 -21.30 -36.72
N VAL R 320 13.56 -21.87 -35.98
CA VAL R 320 14.79 -22.32 -36.60
C VAL R 320 14.53 -23.52 -37.50
N ASP R 321 13.63 -24.41 -37.11
CA ASP R 321 13.27 -25.54 -37.98
C ASP R 321 12.62 -25.05 -39.27
N ARG R 322 11.70 -24.09 -39.17
CA ARG R 322 11.08 -23.56 -40.38
C ARG R 322 12.13 -22.89 -41.27
N LYS R 323 13.04 -22.11 -40.68
CA LYS R 323 14.05 -21.43 -41.46
C LYS R 323 15.00 -22.42 -42.13
N ARG R 324 15.41 -23.47 -41.42
CA ARG R 324 16.30 -24.45 -42.04
C ARG R 324 15.60 -25.16 -43.18
N GLU R 325 14.35 -25.59 -42.98
CA GLU R 325 13.60 -26.25 -44.04
C GLU R 325 13.42 -25.34 -45.25
N GLU R 326 13.33 -24.03 -45.03
CA GLU R 326 13.10 -23.12 -46.15
C GLU R 326 14.40 -22.78 -46.88
N ASP R 327 15.51 -22.56 -46.16
CA ASP R 327 16.72 -22.04 -46.77
C ASP R 327 17.86 -23.06 -46.88
N TYR R 328 18.13 -23.84 -45.84
CA TYR R 328 19.34 -24.65 -45.82
C TYR R 328 19.23 -25.83 -46.77
N ARG R 329 18.04 -26.42 -46.88
CA ARG R 329 17.88 -27.62 -47.70
C ARG R 329 18.22 -27.40 -49.17
N PRO R 330 17.77 -26.33 -49.84
CA PRO R 330 18.16 -26.16 -51.26
C PRO R 330 19.66 -26.07 -51.47
N LEU R 331 20.40 -25.45 -50.56
CA LEU R 331 21.85 -25.36 -50.70
C LEU R 331 22.48 -26.75 -50.67
N LEU R 332 22.05 -27.58 -49.71
CA LEU R 332 22.58 -28.94 -49.63
C LEU R 332 22.18 -29.76 -50.85
N GLU R 333 20.94 -29.62 -51.32
CA GLU R 333 20.51 -30.36 -52.50
C GLU R 333 21.20 -29.88 -53.77
N PHE R 334 21.72 -28.66 -53.77
CA PHE R 334 22.54 -28.21 -54.89
C PHE R 334 23.96 -28.73 -54.80
N LEU R 335 24.54 -28.73 -53.60
CA LEU R 335 25.94 -29.12 -53.45
C LEU R 335 26.15 -30.63 -53.51
N LEU R 336 25.21 -31.43 -52.98
CA LEU R 336 25.44 -32.86 -52.82
C LEU R 336 25.66 -33.61 -54.13
N PRO R 337 24.90 -33.41 -55.20
CA PRO R 337 25.12 -34.22 -56.41
C PRO R 337 26.53 -34.10 -56.97
N PHE R 338 27.28 -33.07 -56.60
CA PHE R 338 28.66 -32.92 -57.05
C PHE R 338 29.66 -33.54 -56.08
N ILE R 339 29.18 -34.21 -55.02
CA ILE R 339 30.06 -34.84 -54.05
C ILE R 339 29.68 -36.32 -53.94
N VAL R 340 28.40 -36.59 -53.65
CA VAL R 340 27.96 -37.96 -53.42
C VAL R 340 27.89 -38.70 -54.76
N ASP R 341 28.52 -39.88 -54.81
CA ASP R 341 28.54 -40.66 -56.03
C ASP R 341 27.19 -41.34 -56.30
N GLU R 342 26.55 -41.86 -55.26
CA GLU R 342 25.29 -42.57 -55.44
C GLU R 342 24.19 -41.63 -55.91
N GLU R 343 23.35 -42.11 -56.83
CA GLU R 343 22.29 -41.29 -57.40
C GLU R 343 21.11 -41.11 -56.45
N GLU R 344 20.88 -42.07 -55.55
CA GLU R 344 19.75 -42.03 -54.64
C GLU R 344 20.20 -41.65 -53.24
N TRP R 345 19.59 -40.60 -52.69
CA TRP R 345 19.91 -40.13 -51.34
C TRP R 345 18.81 -39.19 -50.89
N SER R 346 18.82 -38.89 -49.60
CA SER R 346 17.86 -37.96 -49.00
C SER R 346 18.48 -37.36 -47.74
N ILE R 347 18.03 -36.15 -47.40
CA ILE R 347 18.60 -35.37 -46.31
C ILE R 347 17.59 -35.33 -45.17
N GLU R 348 18.03 -35.74 -43.98
CA GLU R 348 17.22 -35.66 -42.77
C GLU R 348 17.92 -34.78 -41.75
N PHE R 349 17.22 -33.77 -41.25
CA PHE R 349 17.82 -32.78 -40.38
C PHE R 349 17.80 -33.25 -38.92
N GLU R 350 18.93 -33.10 -38.24
CA GLU R 350 19.03 -33.48 -36.85
C GLU R 350 18.21 -32.53 -35.97
N PRO R 351 17.56 -33.04 -34.94
CA PRO R 351 16.80 -32.16 -34.04
C PRO R 351 17.72 -31.23 -33.26
N LEU R 352 17.20 -30.03 -32.97
CA LEU R 352 17.96 -29.05 -32.20
C LEU R 352 17.99 -29.40 -30.72
N SER R 353 16.90 -29.93 -30.17
CA SER R 353 16.78 -30.23 -28.76
C SER R 353 17.16 -31.68 -28.51
N VAL R 354 18.13 -31.90 -27.64
CA VAL R 354 18.59 -33.24 -27.31
C VAL R 354 18.33 -33.50 -25.83
N PRO R 355 17.91 -34.71 -25.46
CA PRO R 355 17.64 -35.00 -24.05
C PRO R 355 18.93 -35.20 -23.27
N SER R 356 18.78 -35.23 -21.95
CA SER R 356 19.91 -35.49 -21.07
C SER R 356 20.31 -36.96 -21.14
N LYS R 357 21.47 -37.26 -20.54
CA LYS R 357 22.02 -38.61 -20.62
C LYS R 357 21.11 -39.64 -19.96
N LYS R 358 20.53 -39.28 -18.80
CA LYS R 358 19.63 -40.20 -18.11
C LYS R 358 18.39 -40.50 -18.96
N GLU R 359 17.82 -39.47 -19.58
CA GLU R 359 16.68 -39.69 -20.48
C GLU R 359 17.08 -40.54 -21.67
N GLU R 360 18.30 -40.34 -22.18
CA GLU R 360 18.78 -41.17 -23.29
C GLU R 360 18.88 -42.63 -22.88
N SER R 361 19.39 -42.90 -21.68
CA SER R 361 19.48 -44.27 -21.20
C SER R 361 18.09 -44.89 -21.05
N GLU R 362 17.14 -44.13 -20.52
CA GLU R 362 15.78 -44.65 -20.38
C GLU R 362 15.16 -44.94 -21.74
N ILE R 363 15.39 -44.05 -22.72
CA ILE R 363 14.87 -44.26 -24.06
C ILE R 363 15.46 -45.52 -24.68
N THR R 364 16.78 -45.71 -24.53
CA THR R 364 17.41 -46.90 -25.07
C THR R 364 16.86 -48.17 -24.41
N LYS R 365 16.66 -48.13 -23.09
CA LYS R 365 16.12 -49.30 -22.40
C LYS R 365 14.72 -49.61 -22.89
N ASN R 366 13.87 -48.60 -23.05
CA ASN R 366 12.52 -48.83 -23.54
C ASN R 366 12.53 -49.41 -24.94
N ASN R 367 13.36 -48.86 -25.83
CA ASN R 367 13.44 -49.36 -27.19
C ASN R 367 13.92 -50.81 -27.23
N VAL R 368 14.95 -51.11 -26.43
CA VAL R 368 15.49 -52.48 -26.41
C VAL R 368 14.44 -53.46 -25.89
N GLU R 369 13.72 -53.09 -24.83
CA GLU R 369 12.70 -53.99 -24.30
C GLU R 369 11.57 -54.19 -25.31
N SER R 370 11.17 -53.14 -26.02
CA SER R 370 10.15 -53.27 -27.05
C SER R 370 10.60 -54.21 -28.16
N VAL R 371 11.85 -54.06 -28.61
CA VAL R 371 12.37 -54.93 -29.67
C VAL R 371 12.43 -56.37 -29.18
N THR R 372 12.87 -56.58 -27.94
CA THR R 372 12.94 -57.93 -27.39
C THR R 372 11.55 -58.57 -27.29
N LYS R 373 10.56 -57.81 -26.86
CA LYS R 373 9.19 -58.32 -26.83
C LYS R 373 8.69 -58.63 -28.24
N ALA R 374 9.14 -57.86 -29.24
CA ALA R 374 8.77 -58.15 -30.62
C ALA R 374 9.40 -59.46 -31.08
N ILE R 375 10.64 -59.74 -30.65
CA ILE R 375 11.31 -60.98 -31.04
C ILE R 375 10.52 -62.19 -30.57
N THR R 376 10.05 -62.16 -29.33
CA THR R 376 9.22 -63.24 -28.83
C THR R 376 7.92 -63.31 -29.63
N GLU R 377 7.27 -64.47 -29.57
CA GLU R 377 6.07 -64.83 -30.33
C GLU R 377 6.32 -64.86 -31.83
N GLN R 378 7.55 -64.61 -32.29
CA GLN R 378 7.96 -64.84 -33.68
C GLN R 378 7.08 -64.08 -34.67
N ILE R 379 7.14 -62.75 -34.56
CA ILE R 379 6.36 -61.89 -35.46
C ILE R 379 7.27 -60.89 -36.16
N ILE R 380 8.56 -60.87 -35.81
CA ILE R 380 9.45 -59.85 -36.32
C ILE R 380 10.71 -60.40 -36.99
N ASP R 381 11.11 -61.64 -36.71
CA ASP R 381 12.33 -62.24 -37.26
C ASP R 381 13.59 -61.55 -36.74
N LEU R 382 14.72 -62.27 -36.77
CA LEU R 382 15.95 -61.75 -36.19
C LEU R 382 16.54 -60.61 -37.03
N GLU R 383 16.47 -60.71 -38.35
CA GLU R 383 17.13 -59.72 -39.21
C GLU R 383 16.48 -58.35 -39.10
N GLU R 384 15.15 -58.31 -39.15
CA GLU R 384 14.44 -57.03 -39.02
C GLU R 384 14.69 -56.40 -37.66
N ALA R 385 14.71 -57.22 -36.60
CA ALA R 385 15.00 -56.71 -35.27
C ALA R 385 16.42 -56.18 -35.19
N ARG R 386 17.37 -56.84 -35.83
CA ARG R 386 18.76 -56.37 -35.83
C ARG R 386 18.87 -55.02 -36.54
N ASP R 387 18.19 -54.86 -37.68
CA ASP R 387 18.19 -53.57 -38.36
C ASP R 387 17.52 -52.49 -37.52
N THR R 388 16.41 -52.84 -36.86
CA THR R 388 15.72 -51.89 -36.00
C THR R 388 16.62 -51.45 -34.85
N LEU R 389 17.37 -52.39 -34.25
CA LEU R 389 18.30 -52.04 -33.19
C LEU R 389 19.43 -51.17 -33.72
N ARG R 390 19.90 -51.45 -34.94
CA ARG R 390 20.97 -50.67 -35.52
C ARG R 390 20.54 -49.22 -35.75
N SER R 391 19.30 -49.02 -36.20
CA SER R 391 18.86 -47.67 -36.53
C SER R 391 18.33 -46.92 -35.31
N ILE R 392 17.41 -47.53 -34.56
CA ILE R 392 16.77 -46.85 -33.44
C ILE R 392 17.79 -46.50 -32.36
N ALA R 393 18.66 -47.44 -32.02
CA ALA R 393 19.65 -47.26 -30.95
C ALA R 393 21.04 -47.22 -31.56
N PRO R 394 21.60 -46.02 -31.82
CA PRO R 394 22.95 -45.96 -32.38
C PRO R 394 24.05 -46.21 -31.35
N GLU R 395 23.71 -46.26 -30.06
CA GLU R 395 24.71 -46.52 -29.04
C GLU R 395 25.31 -47.92 -29.20
N PHE R 396 24.48 -48.89 -29.56
CA PHE R 396 24.95 -50.25 -29.79
C PHE R 396 25.85 -50.28 -31.02
N LYS R 397 27.01 -50.94 -30.89
CA LYS R 397 27.95 -51.09 -32.01
C LYS R 397 27.74 -52.46 -32.63
N LEU R 398 26.68 -52.57 -33.42
CA LEU R 398 26.39 -53.82 -34.12
C LEU R 398 27.44 -54.09 -35.19
N LYS R 399 27.73 -55.37 -35.41
CA LYS R 399 28.67 -55.80 -36.43
C LYS R 399 27.92 -56.02 -37.75
N ASP R 400 28.57 -55.65 -38.85
CA ASP R 400 27.95 -55.76 -40.17
C ASP R 400 27.57 -57.20 -40.46
N GLY R 401 26.39 -57.38 -41.03
CA GLY R 401 25.87 -58.70 -41.33
C GLY R 401 24.92 -59.20 -40.27
N ASN R 402 23.95 -60.01 -40.69
CA ASN R 402 22.95 -60.58 -39.79
C ASN R 402 23.17 -62.08 -39.58
N ASN R 403 24.41 -62.56 -39.74
CA ASN R 403 24.71 -63.99 -39.64
C ASN R 403 25.06 -64.46 -38.24
N ILE R 404 25.17 -63.53 -37.27
CA ILE R 404 25.63 -63.79 -35.90
C ILE R 404 26.69 -64.89 -35.90
N ASN R 405 26.57 -65.83 -34.96
CA ASN R 405 27.36 -67.05 -35.02
C ASN R 405 26.59 -68.23 -34.41
N ASN S 2 22.97 48.14 53.39
CA ASN S 2 24.18 48.80 53.87
C ASN S 2 23.99 50.32 53.88
N GLN S 3 25.06 51.04 54.21
CA GLN S 3 25.03 52.50 54.24
C GLN S 3 25.97 53.15 53.24
N GLU S 4 27.25 52.75 53.21
CA GLU S 4 28.19 53.36 52.28
C GLU S 4 27.76 53.13 50.83
N THR S 5 27.08 52.02 50.56
CA THR S 5 26.56 51.77 49.22
C THR S 5 25.57 52.84 48.80
N LEU S 6 24.73 53.29 49.73
CA LEU S 6 23.76 54.33 49.42
C LEU S 6 24.45 55.62 49.01
N ILE S 7 25.47 56.04 49.78
CA ILE S 7 26.19 57.26 49.44
C ILE S 7 26.89 57.12 48.11
N ALA S 8 27.53 55.97 47.86
CA ALA S 8 28.21 55.76 46.59
C ALA S 8 27.24 55.83 45.42
N VAL S 9 26.07 55.19 45.57
CA VAL S 9 25.08 55.19 44.49
C VAL S 9 24.56 56.59 44.23
N VAL S 10 24.23 57.33 45.30
CA VAL S 10 23.72 58.68 45.12
C VAL S 10 24.76 59.57 44.46
N GLU S 11 26.02 59.43 44.87
CA GLU S 11 27.09 60.22 44.25
C GLU S 11 27.25 59.86 42.79
N GLN S 12 27.13 58.58 42.44
CA GLN S 12 27.21 58.20 41.03
C GLN S 12 26.06 58.77 40.22
N MET S 13 24.84 58.74 40.77
CA MET S 13 23.71 59.34 40.07
C MET S 13 23.92 60.84 39.86
N ARG S 14 24.42 61.53 40.87
CA ARG S 14 24.68 62.97 40.72
C ARG S 14 25.81 63.24 39.74
N LYS S 15 26.79 62.34 39.66
CA LYS S 15 27.86 62.49 38.68
C LYS S 15 27.36 62.31 37.26
N LEU S 16 26.54 61.28 37.02
CA LEU S 16 26.07 61.01 35.67
C LEU S 16 25.13 62.10 35.18
N VAL S 17 24.16 62.47 36.00
CA VAL S 17 23.19 63.51 35.66
C VAL S 17 23.39 64.69 36.60
N PRO S 18 23.74 65.87 36.08
CA PRO S 18 23.76 67.06 36.92
C PRO S 18 22.37 67.58 37.19
N ALA S 19 22.25 68.66 37.96
CA ALA S 19 21.00 69.31 38.36
C ALA S 19 20.17 68.42 39.27
N LEU S 20 20.60 67.20 39.56
CA LEU S 20 20.00 66.39 40.61
C LEU S 20 20.62 66.65 41.97
N ARG S 21 21.68 67.47 42.00
CA ARG S 21 22.31 67.82 43.27
C ARG S 21 21.38 68.64 44.15
N LYS S 22 20.52 69.46 43.54
CA LYS S 22 19.62 70.31 44.30
C LYS S 22 18.49 69.53 44.96
N VAL S 23 18.26 68.30 44.54
CA VAL S 23 17.19 67.48 45.13
C VAL S 23 17.60 67.08 46.54
N PRO S 24 16.69 67.14 47.52
CA PRO S 24 17.04 66.71 48.89
C PRO S 24 17.50 65.25 48.91
N ASP S 25 18.45 64.98 49.81
CA ASP S 25 19.11 63.68 49.84
C ASP S 25 18.18 62.55 50.25
N GLU S 26 17.14 62.83 51.04
CA GLU S 26 16.28 61.77 51.54
C GLU S 26 15.45 61.15 50.42
N THR S 27 14.98 61.97 49.47
CA THR S 27 14.23 61.43 48.34
C THR S 27 15.08 60.50 47.49
N LEU S 28 16.33 60.88 47.25
CA LEU S 28 17.24 60.00 46.52
C LEU S 28 17.48 58.71 47.27
N TYR S 29 17.62 58.78 48.60
CA TYR S 29 17.78 57.57 49.38
C TYR S 29 16.57 56.65 49.24
N ALA S 30 15.37 57.22 49.33
CA ALA S 30 14.16 56.41 49.21
C ALA S 30 14.07 55.75 47.84
N TRP S 31 14.37 56.51 46.79
CA TRP S 31 14.32 55.94 45.44
C TRP S 31 15.37 54.86 45.27
N VAL S 32 16.54 55.03 45.90
CA VAL S 32 17.59 54.00 45.80
C VAL S 32 17.16 52.72 46.52
N GLU S 33 16.57 52.84 47.70
CA GLU S 33 16.07 51.65 48.39
C GLU S 33 14.98 50.96 47.59
N MET S 34 14.10 51.73 46.94
CA MET S 34 13.09 51.13 46.09
C MET S 34 13.74 50.40 44.90
N ALA S 35 14.76 51.01 44.31
CA ALA S 35 15.42 50.39 43.15
C ALA S 35 16.18 49.13 43.55
N GLU S 36 16.68 49.07 44.78
CA GLU S 36 17.48 47.94 45.22
C GLU S 36 16.68 46.64 45.26
N LEU S 37 15.34 46.73 45.34
CA LEU S 37 14.52 45.53 45.34
C LEU S 37 14.63 44.77 44.03
N PHE S 38 14.83 45.47 42.92
CA PHE S 38 14.82 44.86 41.59
C PHE S 38 16.20 44.37 41.16
N VAL S 39 17.26 45.07 41.55
CA VAL S 39 18.59 44.79 41.04
C VAL S 39 19.20 43.63 41.83
N CYS S 40 19.73 42.64 41.11
CA CYS S 40 20.47 41.56 41.74
C CYS S 40 21.89 42.02 42.07
N GLN S 41 22.61 41.16 42.79
CA GLN S 41 23.98 41.48 43.21
C GLN S 41 24.99 40.43 42.78
N LYS S 42 24.63 39.15 42.79
CA LYS S 42 25.58 38.11 42.42
C LYS S 42 25.99 38.22 40.96
N THR S 43 25.04 38.56 40.09
CA THR S 43 25.34 38.64 38.66
C THR S 43 26.25 39.82 38.34
N PHE S 44 25.92 41.00 38.87
CA PHE S 44 26.66 42.21 38.49
C PHE S 44 28.03 42.27 39.15
N LYS S 45 28.15 41.79 40.38
CA LYS S 45 29.43 41.74 41.08
C LYS S 45 30.07 43.12 41.22
N ASP S 46 31.09 43.38 40.42
CA ASP S 46 31.85 44.62 40.55
C ASP S 46 30.99 45.84 40.21
N ALA S 47 30.17 45.74 39.17
CA ALA S 47 29.40 46.88 38.65
C ALA S 47 28.10 47.11 39.41
N TYR S 48 28.01 46.66 40.66
CA TYR S 48 26.77 46.77 41.43
C TYR S 48 26.33 48.22 41.59
N VAL S 49 27.28 49.10 41.93
CA VAL S 49 26.93 50.50 42.19
C VAL S 49 26.40 51.15 40.93
N LYS S 50 27.07 50.93 39.81
CA LYS S 50 26.66 51.56 38.56
C LYS S 50 25.32 51.00 38.08
N ALA S 51 25.11 49.70 38.24
CA ALA S 51 23.82 49.11 37.87
C ALA S 51 22.69 49.68 38.73
N LEU S 52 22.95 49.83 40.03
CA LEU S 52 21.95 50.41 40.92
C LEU S 52 21.63 51.83 40.53
N ALA S 53 22.66 52.61 40.17
CA ALA S 53 22.43 53.99 39.74
C ALA S 53 21.59 54.03 38.47
N LEU S 54 21.91 53.17 37.50
CA LEU S 54 21.14 53.14 36.25
C LEU S 54 19.68 52.78 36.53
N TYR S 55 19.44 51.76 37.35
CA TYR S 55 18.07 51.36 37.65
C TYR S 55 17.31 52.45 38.39
N ALA S 56 17.97 53.12 39.34
CA ALA S 56 17.32 54.19 40.08
C ALA S 56 16.96 55.34 39.16
N LEU S 57 17.86 55.70 38.23
CA LEU S 57 17.54 56.76 37.27
C LEU S 57 16.37 56.34 36.38
N HIS S 58 16.36 55.08 35.93
CA HIS S 58 15.27 54.61 35.09
C HIS S 58 13.93 54.68 35.82
N LEU S 59 13.91 54.27 37.09
CA LEU S 59 12.67 54.36 37.87
C LEU S 59 12.28 55.82 38.12
N ALA S 60 13.26 56.71 38.30
CA ALA S 60 12.95 58.11 38.55
C ALA S 60 12.43 58.82 37.31
N PHE S 61 12.78 58.35 36.11
CA PHE S 61 12.34 59.00 34.88
C PHE S 61 11.53 58.06 34.00
N LEU S 62 10.78 57.15 34.60
CA LEU S 62 9.99 56.20 33.81
C LEU S 62 8.95 56.91 32.97
N ASP S 63 7.97 57.56 33.61
CA ASP S 63 6.96 58.34 32.92
C ASP S 63 6.79 59.71 33.56
N GLY S 64 7.71 60.08 34.45
CA GLY S 64 7.59 61.26 35.26
C GLY S 64 7.12 60.88 36.65
N ALA S 65 8.07 60.68 37.57
CA ALA S 65 7.73 60.18 38.89
C ALA S 65 8.33 61.05 39.99
N LEU S 66 9.48 61.67 39.70
CA LEU S 66 10.12 62.53 40.69
C LEU S 66 9.25 63.73 41.03
N LYS S 67 8.82 64.46 40.01
CA LYS S 67 7.90 65.60 40.14
C LYS S 67 8.53 66.59 41.13
N GLY S 68 7.78 67.09 42.11
CA GLY S 68 8.29 68.04 43.07
C GLY S 68 7.39 68.11 44.28
N GLU S 69 7.79 69.00 45.21
CA GLU S 69 7.03 69.14 46.44
C GLU S 69 5.67 69.78 46.19
N ASP S 70 5.61 70.77 45.30
CA ASP S 70 4.42 71.59 45.12
C ASP S 70 3.59 71.24 43.88
N GLU S 71 3.98 70.20 43.13
CA GLU S 71 3.22 69.82 41.95
C GLU S 71 1.80 69.42 42.29
N ASP S 72 0.82 69.92 41.52
CA ASP S 72 -0.58 69.66 41.81
C ASP S 72 -0.94 68.20 41.61
N LEU S 73 -1.97 67.74 42.32
CA LEU S 73 -2.34 66.33 42.29
C LEU S 73 -2.87 65.91 40.92
N GLU S 74 -3.44 66.84 40.16
CA GLU S 74 -4.05 66.50 38.88
C GLU S 74 -3.01 66.04 37.86
N SER S 75 -1.81 66.63 37.89
CA SER S 75 -0.82 66.41 36.83
C SER S 75 -0.25 65.00 36.81
N TYR S 76 -0.73 64.10 37.68
CA TYR S 76 -0.21 62.74 37.69
C TYR S 76 -0.97 61.80 36.76
N SER S 77 -2.07 62.26 36.16
CA SER S 77 -2.80 61.46 35.18
C SER S 77 -2.97 62.18 33.85
N ARG S 78 -2.22 63.26 33.61
CA ARG S 78 -2.43 64.14 32.47
C ARG S 78 -1.26 65.13 32.40
N ARG S 79 -1.07 65.71 31.22
CA ARG S 79 -0.03 66.69 30.99
C ARG S 79 -0.60 67.89 30.24
N VAL S 80 0.19 68.95 30.17
CA VAL S 80 -0.18 70.14 29.40
C VAL S 80 0.56 70.10 28.07
N THR S 81 -0.21 70.14 26.97
CA THR S 81 0.40 70.05 25.65
C THR S 81 0.95 71.40 25.20
N SER S 82 0.26 72.49 25.51
CA SER S 82 0.71 73.81 25.12
C SER S 82 0.13 74.84 26.09
N PHE S 83 0.79 76.00 26.15
CA PHE S 83 0.34 77.09 27.00
C PHE S 83 0.87 78.39 26.44
N SER S 84 0.03 79.43 26.49
CA SER S 84 0.41 80.74 25.97
C SER S 84 -0.30 81.81 26.79
N LEU S 85 0.37 82.94 26.95
CA LEU S 85 -0.13 84.06 27.75
C LEU S 85 -0.42 85.22 26.82
N SER S 86 -1.67 85.30 26.35
CA SER S 86 -2.15 86.38 25.49
C SER S 86 -1.21 86.63 24.32
N GLY S 87 -0.68 87.84 24.22
CA GLY S 87 0.29 88.21 23.22
C GLY S 87 1.71 88.28 23.72
N GLU S 88 2.03 87.65 24.84
CA GLU S 88 3.37 87.74 25.39
C GLU S 88 4.28 86.65 24.84
N PHE S 89 3.90 85.39 25.00
CA PHE S 89 4.72 84.28 24.54
C PHE S 89 3.83 83.06 24.33
N SER S 90 4.37 82.09 23.60
CA SER S 90 3.67 80.84 23.34
C SER S 90 4.68 79.69 23.42
N GLN S 91 4.16 78.51 23.71
CA GLN S 91 5.02 77.34 23.87
C GLN S 91 4.20 76.08 23.66
N THR S 92 4.81 75.10 22.98
CA THR S 92 4.20 73.81 22.73
C THR S 92 5.11 72.72 23.26
N PHE S 93 4.52 71.59 23.63
CA PHE S 93 5.22 70.54 24.35
C PHE S 93 4.97 69.20 23.67
N GLY S 94 5.89 68.27 23.87
CA GLY S 94 5.77 66.98 23.23
C GLY S 94 6.50 65.89 23.99
N GLU S 95 6.21 64.65 23.59
CA GLU S 95 6.85 63.50 24.21
C GLU S 95 8.30 63.36 23.74
N VAL S 96 9.09 62.60 24.49
CA VAL S 96 10.52 62.53 24.23
C VAL S 96 10.83 61.48 23.17
N THR S 97 10.07 60.37 23.17
CA THR S 97 10.30 59.30 22.20
C THR S 97 9.12 58.34 22.23
N LYS S 98 8.91 57.66 21.11
CA LYS S 98 7.87 56.65 20.97
C LYS S 98 8.52 55.28 20.87
N ASN S 99 8.13 54.37 21.76
CA ASN S 99 8.60 52.99 21.75
C ASN S 99 7.51 52.12 21.15
N GLN S 100 7.82 51.42 20.06
CA GLN S 100 6.83 50.59 19.39
C GLN S 100 6.41 49.43 20.28
N SER S 101 7.37 48.72 20.86
CA SER S 101 7.05 47.59 21.72
C SER S 101 6.47 48.08 23.04
N GLY S 102 5.44 47.38 23.52
CA GLY S 102 4.85 47.70 24.81
C GLY S 102 5.63 47.11 25.95
N ASP S 103 6.94 47.36 25.99
CA ASP S 103 7.84 46.79 26.98
C ASP S 103 8.47 47.91 27.80
N MET S 104 8.42 47.76 29.12
CA MET S 104 9.15 48.65 30.00
C MET S 104 10.66 48.35 29.89
N MET S 105 11.47 49.34 30.27
CA MET S 105 12.93 49.39 30.21
C MET S 105 13.43 49.76 28.82
N LEU S 106 12.55 49.95 27.83
CA LEU S 106 12.93 50.50 26.54
C LEU S 106 12.33 51.89 26.33
N SER S 107 11.88 52.54 27.41
CA SER S 107 11.31 53.87 27.34
C SER S 107 12.32 54.98 27.62
N THR S 108 13.42 54.67 28.30
CA THR S 108 14.43 55.65 28.66
C THR S 108 15.82 55.13 28.31
N PRO S 109 16.77 56.02 28.04
CA PRO S 109 18.14 55.56 27.75
C PRO S 109 18.78 54.77 28.86
N TRP S 110 18.50 55.11 30.13
CA TRP S 110 19.05 54.36 31.24
C TRP S 110 18.54 52.92 31.26
N GLY S 111 17.27 52.72 30.91
CA GLY S 111 16.76 51.35 30.82
C GLY S 111 17.47 50.54 29.76
N LYS S 112 17.71 51.14 28.59
CA LYS S 112 18.45 50.44 27.53
C LYS S 112 19.88 50.13 27.96
N MET S 113 20.53 51.08 28.63
CA MET S 113 21.89 50.85 29.12
C MET S 113 21.91 49.70 30.12
N PHE S 114 20.94 49.68 31.04
CA PHE S 114 20.87 48.60 32.02
C PHE S 114 20.63 47.26 31.34
N GLU S 115 19.74 47.24 30.34
CA GLU S 115 19.44 46.00 29.64
C GLU S 115 20.67 45.45 28.93
N GLN S 116 21.42 46.34 28.27
CA GLN S 116 22.62 45.87 27.57
C GLN S 116 23.71 45.47 28.55
N LEU S 117 23.81 46.14 29.70
CA LEU S 117 24.77 45.71 30.72
C LEU S 117 24.42 44.33 31.25
N LYS S 118 23.14 44.07 31.50
CA LYS S 118 22.73 42.75 31.96
C LYS S 118 22.99 41.69 30.90
N ALA S 119 22.74 42.02 29.63
CA ALA S 119 23.06 41.09 28.56
C ALA S 119 24.56 40.81 28.49
N ARG S 120 25.38 41.84 28.73
CA ARG S 120 26.83 41.66 28.74
C ARG S 120 27.27 40.75 29.87
N ARG S 121 26.72 40.92 31.07
CA ARG S 121 27.28 40.23 32.22
C ARG S 121 26.67 38.85 32.45
N ARG S 122 25.34 38.73 32.37
CA ARG S 122 24.69 37.44 32.54
C ARG S 122 23.95 36.99 31.29
N GLY S 123 23.10 37.82 30.74
CA GLY S 123 22.26 37.46 29.61
C GLY S 123 20.79 37.58 29.95
N ARG S 124 19.98 37.56 28.89
CA ARG S 124 18.53 37.67 28.99
C ARG S 124 17.91 36.35 28.54
N PHE S 125 17.84 35.40 29.47
CA PHE S 125 17.26 34.09 29.18
C PHE S 125 17.00 33.38 30.50
N ALA S 126 16.18 32.32 30.43
CA ALA S 126 15.90 31.47 31.58
C ALA S 126 15.60 30.07 31.05
N LEU S 127 16.59 29.20 31.10
CA LEU S 127 16.48 27.83 30.61
C LEU S 127 16.42 26.90 31.81
N MET S 128 15.28 26.24 32.00
CA MET S 128 15.00 25.51 33.22
C MET S 128 14.53 24.09 32.91
N THR S 129 14.72 23.21 33.90
CA THR S 129 14.15 21.88 33.88
C THR S 129 13.65 21.55 35.28
N GLY S 130 12.67 20.65 35.35
CA GLY S 130 12.07 20.32 36.64
C GLY S 130 13.04 19.64 37.57
N LEU S 131 12.73 19.71 38.86
CA LEU S 131 13.54 19.07 39.89
C LEU S 131 13.09 17.64 40.14
N HIS T 32 42.87 3.02 -28.10
CA HIS T 32 43.49 1.69 -28.08
C HIS T 32 42.72 0.77 -27.13
N VAL T 33 42.50 -0.47 -27.56
CA VAL T 33 41.73 -1.41 -26.75
C VAL T 33 42.57 -2.04 -25.64
N GLY T 34 43.89 -1.94 -25.72
CA GLY T 34 44.72 -2.54 -24.69
C GLY T 34 44.53 -1.91 -23.32
N SER T 35 44.51 -0.57 -23.28
CA SER T 35 44.32 0.12 -22.01
C SER T 35 42.94 -0.17 -21.42
N PHE T 36 41.91 -0.17 -22.26
CA PHE T 36 40.57 -0.50 -21.79
C PHE T 36 40.48 -1.93 -21.28
N TYR T 37 41.14 -2.87 -21.96
CA TYR T 37 41.17 -4.25 -21.50
C TYR T 37 41.89 -4.37 -20.16
N ASN T 38 42.99 -3.63 -19.99
CA ASN T 38 43.77 -3.73 -18.76
C ASN T 38 43.02 -3.12 -17.57
N ASP T 39 42.47 -1.92 -17.76
CA ASP T 39 41.90 -1.18 -16.63
C ASP T 39 40.57 -1.77 -16.18
N ASN T 40 39.70 -2.14 -17.12
CA ASN T 40 38.34 -2.56 -16.79
C ASN T 40 38.29 -4.05 -16.54
N ALA T 41 37.65 -4.45 -15.44
CA ALA T 41 37.50 -5.87 -15.12
C ALA T 41 36.38 -6.52 -15.92
N THR T 42 35.30 -5.77 -16.19
CA THR T 42 34.18 -6.32 -16.94
C THR T 42 34.60 -6.68 -18.36
N ALA T 43 35.36 -5.80 -19.02
CA ALA T 43 35.85 -6.10 -20.37
C ALA T 43 36.78 -7.29 -20.35
N LYS T 44 37.64 -7.39 -19.34
CA LYS T 44 38.53 -8.54 -19.23
C LYS T 44 37.76 -9.84 -19.10
N ARG T 45 36.73 -9.85 -18.23
CA ARG T 45 35.91 -11.05 -18.09
C ARG T 45 35.20 -11.38 -19.40
N ILE T 46 34.66 -10.37 -20.08
CA ILE T 46 33.97 -10.61 -21.34
C ILE T 46 34.91 -11.24 -22.36
N VAL T 47 36.15 -10.74 -22.41
CA VAL T 47 37.10 -11.25 -23.40
C VAL T 47 37.53 -12.68 -23.06
N ASP T 48 37.86 -12.95 -21.79
CA ASP T 48 38.50 -14.21 -21.44
C ASP T 48 37.57 -15.27 -20.86
N VAL T 49 36.24 -15.05 -20.84
CA VAL T 49 35.40 -16.06 -20.23
C VAL T 49 35.15 -17.24 -21.17
N ILE T 50 35.10 -17.00 -22.48
CA ILE T 50 34.78 -18.05 -23.44
C ILE T 50 35.96 -18.97 -23.71
N PRO T 51 37.14 -18.47 -24.13
CA PRO T 51 38.22 -19.40 -24.53
C PRO T 51 38.64 -20.35 -23.43
N GLU T 52 38.72 -19.86 -22.17
CA GLU T 52 39.06 -20.74 -21.07
C GLU T 52 38.01 -21.83 -20.89
N GLU T 53 36.73 -21.47 -21.00
CA GLU T 53 35.67 -22.46 -20.86
C GLU T 53 35.77 -23.52 -21.96
N MET T 54 36.08 -23.12 -23.19
CA MET T 54 36.21 -24.09 -24.27
C MET T 54 37.41 -25.00 -24.04
N VAL T 55 38.56 -24.41 -23.70
CA VAL T 55 39.80 -25.21 -23.63
C VAL T 55 39.78 -26.15 -22.44
N THR T 56 39.24 -25.70 -21.30
CA THR T 56 39.30 -26.51 -20.09
C THR T 56 38.55 -27.83 -20.25
N ALA T 57 37.44 -27.81 -20.98
CA ALA T 57 36.64 -29.03 -21.16
C ALA T 57 37.44 -30.12 -21.85
N GLY T 58 38.21 -29.76 -22.87
CA GLY T 58 39.03 -30.73 -23.57
C GLY T 58 38.33 -31.36 -24.75
N PHE T 59 39.06 -32.27 -25.40
CA PHE T 59 38.57 -32.96 -26.58
C PHE T 59 38.88 -34.45 -26.48
N LYS T 60 38.10 -35.25 -27.19
CA LYS T 60 38.25 -36.70 -27.21
C LYS T 60 38.35 -37.16 -28.66
N MET T 61 39.34 -38.00 -28.95
CA MET T 61 39.54 -38.52 -30.29
C MET T 61 39.26 -40.01 -30.35
N SER T 62 38.62 -40.43 -31.44
CA SER T 62 38.29 -41.82 -31.68
C SER T 62 38.96 -42.28 -32.96
N GLY T 63 39.26 -43.57 -33.03
CA GLY T 63 39.90 -44.17 -34.18
C GLY T 63 41.38 -44.45 -34.01
N VAL T 64 42.01 -43.93 -32.97
CA VAL T 64 43.43 -44.19 -32.73
C VAL T 64 43.57 -45.53 -32.01
N LYS T 65 44.69 -46.21 -32.29
CA LYS T 65 44.95 -47.50 -31.67
C LYS T 65 45.28 -47.36 -30.19
N ASP T 66 46.20 -46.46 -29.85
CA ASP T 66 46.62 -46.25 -28.47
C ASP T 66 46.02 -44.94 -27.95
N GLU T 67 45.24 -45.03 -26.88
CA GLU T 67 44.63 -43.85 -26.30
C GLU T 67 45.53 -43.22 -25.24
N LYS T 68 46.03 -44.03 -24.31
CA LYS T 68 46.88 -43.50 -23.25
C LYS T 68 48.20 -42.97 -23.80
N GLU T 69 48.75 -43.65 -24.80
CA GLU T 69 49.98 -43.16 -25.42
C GLU T 69 49.75 -41.81 -26.09
N PHE T 70 48.62 -41.66 -26.79
CA PHE T 70 48.30 -40.37 -27.38
C PHE T 70 48.12 -39.30 -26.32
N LYS T 71 47.47 -39.64 -25.20
CA LYS T 71 47.27 -38.67 -24.14
C LYS T 71 48.61 -38.21 -23.57
N SER T 72 49.54 -39.16 -23.35
CA SER T 72 50.87 -38.80 -22.87
C SER T 72 51.59 -37.91 -23.87
N LEU T 73 51.50 -38.24 -25.17
CA LEU T 73 52.15 -37.43 -26.19
C LEU T 73 51.58 -36.01 -26.22
N TRP T 74 50.25 -35.89 -26.11
CA TRP T 74 49.63 -34.57 -26.12
C TRP T 74 50.02 -33.76 -24.89
N ASP T 75 50.02 -34.40 -23.71
CA ASP T 75 50.41 -33.69 -22.50
C ASP T 75 51.91 -33.39 -22.46
N SER T 76 52.72 -34.06 -23.27
CA SER T 76 54.14 -33.72 -23.34
C SER T 76 54.37 -32.32 -23.87
N TYR T 77 53.59 -31.92 -24.88
CA TYR T 77 53.81 -30.63 -25.53
C TYR T 77 53.29 -29.46 -24.69
N LYS T 78 52.32 -29.71 -23.80
CA LYS T 78 51.72 -28.69 -22.92
C LYS T 78 51.44 -27.37 -23.65
N LEU T 79 50.57 -27.46 -24.67
CA LEU T 79 50.21 -26.32 -25.49
C LEU T 79 48.95 -25.60 -25.01
N ASP T 80 48.58 -25.77 -23.74
CA ASP T 80 47.35 -25.17 -23.24
C ASP T 80 47.43 -23.64 -23.21
N SER T 81 48.50 -23.10 -22.63
CA SER T 81 48.61 -21.66 -22.49
C SER T 81 48.67 -20.97 -23.84
N SER T 82 49.41 -21.55 -24.79
CA SER T 82 49.50 -20.95 -26.12
C SER T 82 48.14 -20.91 -26.80
N LEU T 83 47.37 -22.00 -26.71
CA LEU T 83 46.04 -22.02 -27.31
C LEU T 83 45.13 -20.97 -26.68
N VAL T 84 45.13 -20.91 -25.34
CA VAL T 84 44.26 -19.94 -24.67
C VAL T 84 44.65 -18.52 -25.04
N ASP T 85 45.95 -18.22 -25.06
CA ASP T 85 46.41 -16.89 -25.41
C ASP T 85 46.06 -16.55 -26.86
N LEU T 86 46.20 -17.51 -27.77
CA LEU T 86 45.85 -17.26 -29.16
C LEU T 86 44.37 -16.90 -29.30
N LEU T 87 43.50 -17.68 -28.65
CA LEU T 87 42.07 -17.39 -28.74
C LEU T 87 41.74 -16.04 -28.09
N CYS T 88 42.38 -15.73 -26.96
CA CYS T 88 42.13 -14.46 -26.30
C CYS T 88 42.55 -13.28 -27.16
N TRP T 89 43.73 -13.38 -27.79
CA TRP T 89 44.17 -12.30 -28.66
C TRP T 89 43.28 -12.18 -29.89
N ALA T 90 42.81 -13.31 -30.43
CA ALA T 90 41.90 -13.25 -31.56
C ALA T 90 40.61 -12.54 -31.19
N ARG T 91 40.07 -12.81 -30.00
CA ARG T 91 38.85 -12.14 -29.57
C ARG T 91 39.10 -10.66 -29.25
N LEU T 92 40.29 -10.33 -28.74
CA LEU T 92 40.53 -8.95 -28.31
C LEU T 92 40.90 -8.04 -29.47
N TYR T 93 42.00 -8.33 -30.16
CA TYR T 93 42.49 -7.43 -31.19
C TYR T 93 41.71 -7.54 -32.49
N GLY T 94 41.23 -8.73 -32.84
CA GLY T 94 40.56 -8.99 -34.09
C GLY T 94 41.24 -10.04 -34.95
N GLY T 95 42.49 -10.37 -34.66
CA GLY T 95 43.19 -11.39 -35.40
C GLY T 95 44.44 -11.83 -34.67
N ALA T 96 44.89 -13.04 -34.99
CA ALA T 96 46.09 -13.61 -34.40
C ALA T 96 46.54 -14.76 -35.27
N ALA T 97 47.72 -15.30 -34.95
CA ALA T 97 48.28 -16.41 -35.71
C ALA T 97 49.23 -17.21 -34.84
N MET T 98 49.48 -18.45 -35.26
CA MET T 98 50.35 -19.37 -34.54
C MET T 98 51.28 -20.04 -35.55
N VAL T 99 52.56 -20.15 -35.19
CA VAL T 99 53.58 -20.73 -36.06
C VAL T 99 54.03 -22.06 -35.47
N ALA T 100 54.03 -23.09 -36.30
CA ALA T 100 54.41 -24.44 -35.86
C ALA T 100 55.86 -24.72 -36.24
N ILE T 101 56.64 -25.21 -35.28
CA ILE T 101 58.04 -25.53 -35.51
C ILE T 101 58.15 -27.03 -35.82
N ILE T 102 58.56 -27.35 -37.03
CA ILE T 102 58.47 -28.72 -37.53
C ILE T 102 59.87 -29.26 -37.85
N LYS T 103 59.99 -30.58 -37.80
CA LYS T 103 61.22 -31.29 -38.16
C LYS T 103 61.17 -31.78 -39.62
N ASP T 104 61.04 -30.84 -40.53
CA ASP T 104 61.08 -31.16 -41.96
C ASP T 104 62.48 -31.10 -42.54
N ASN T 105 63.42 -30.45 -41.85
CA ASN T 105 64.82 -30.37 -42.30
C ASN T 105 64.95 -29.73 -43.67
N ARG T 106 64.12 -28.70 -43.92
CA ARG T 106 64.24 -27.89 -45.12
C ARG T 106 64.10 -26.42 -44.74
N MET T 107 64.07 -25.57 -45.75
CA MET T 107 63.91 -24.13 -45.53
C MET T 107 62.52 -23.82 -45.02
N LEU T 108 62.39 -22.67 -44.34
CA LEU T 108 61.10 -22.22 -43.87
C LEU T 108 60.15 -21.94 -45.03
N THR T 109 60.69 -21.47 -46.15
CA THR T 109 59.86 -21.19 -47.32
C THR T 109 59.33 -22.47 -47.96
N SER T 110 60.10 -23.55 -47.91
CA SER T 110 59.67 -24.80 -48.52
C SER T 110 58.50 -25.40 -47.75
N GLN T 111 57.70 -26.19 -48.47
CA GLN T 111 56.52 -26.80 -47.88
C GLN T 111 56.90 -27.84 -46.83
N ALA T 112 55.99 -28.06 -45.89
CA ALA T 112 56.19 -29.01 -44.81
C ALA T 112 55.72 -30.40 -45.26
N LYS T 113 56.65 -31.31 -45.46
CA LYS T 113 56.32 -32.66 -45.87
C LYS T 113 55.67 -33.43 -44.74
N PRO T 114 54.63 -34.22 -45.03
CA PRO T 114 54.01 -35.03 -43.98
C PRO T 114 54.99 -36.05 -43.41
N GLY T 115 54.91 -36.25 -42.09
CA GLY T 115 55.75 -37.19 -41.40
C GLY T 115 56.50 -36.63 -40.20
N ALA T 116 56.79 -35.33 -40.19
CA ALA T 116 57.49 -34.73 -39.07
C ALA T 116 56.57 -34.69 -37.85
N LYS T 117 57.18 -34.51 -36.67
CA LYS T 117 56.47 -34.72 -35.42
C LYS T 117 56.53 -33.51 -34.49
N LEU T 118 56.78 -32.30 -35.01
CA LEU T 118 56.62 -31.06 -34.26
C LEU T 118 57.66 -30.87 -33.17
N GLU T 119 58.02 -29.62 -32.89
CA GLU T 119 58.81 -29.27 -31.72
C GLU T 119 58.03 -28.42 -30.74
N GLY T 120 57.13 -27.58 -31.20
CA GLY T 120 56.46 -26.59 -30.39
C GLY T 120 55.87 -25.51 -31.27
N VAL T 121 55.21 -24.56 -30.62
CA VAL T 121 54.49 -23.49 -31.29
C VAL T 121 54.97 -22.14 -30.77
N ARG T 122 54.74 -21.11 -31.57
CA ARG T 122 54.94 -19.73 -31.16
C ARG T 122 53.71 -18.93 -31.58
N VAL T 123 53.00 -18.37 -30.62
CA VAL T 123 51.85 -17.53 -30.90
C VAL T 123 52.32 -16.11 -31.19
N TYR T 124 51.54 -15.37 -31.97
CA TYR T 124 51.91 -14.03 -32.37
C TYR T 124 50.69 -13.11 -32.28
N ASP T 125 50.89 -11.86 -32.65
CA ASP T 125 49.86 -10.83 -32.59
C ASP T 125 49.46 -10.41 -34.00
N ARG T 126 48.36 -9.66 -34.09
CA ARG T 126 47.80 -9.31 -35.39
C ARG T 126 48.76 -8.42 -36.19
N PHE T 127 49.37 -7.43 -35.55
CA PHE T 127 50.21 -6.47 -36.25
C PHE T 127 51.59 -6.99 -36.59
N ALA T 128 51.93 -8.20 -36.13
CA ALA T 128 53.27 -8.75 -36.32
C ALA T 128 53.40 -9.60 -37.59
N ILE T 129 52.34 -9.71 -38.38
CA ILE T 129 52.34 -10.58 -39.56
C ILE T 129 51.79 -9.80 -40.75
N THR T 130 52.50 -9.86 -41.88
CA THR T 130 52.05 -9.26 -43.12
C THR T 130 52.40 -10.20 -44.28
N VAL T 131 51.62 -10.10 -45.35
CA VAL T 131 51.75 -10.99 -46.51
C VAL T 131 52.76 -10.40 -47.49
N GLU T 132 53.51 -11.28 -48.15
CA GLU T 132 54.47 -10.88 -49.18
C GLU T 132 53.97 -11.22 -50.58
N LYS T 133 53.64 -12.48 -50.84
CA LYS T 133 53.21 -12.92 -52.15
C LYS T 133 51.97 -13.79 -52.02
N ARG T 134 51.12 -13.75 -53.05
CA ARG T 134 49.87 -14.50 -53.04
C ARG T 134 49.69 -15.18 -54.39
N VAL T 135 48.65 -16.02 -54.47
CA VAL T 135 48.41 -16.82 -55.66
C VAL T 135 47.97 -15.94 -56.81
N THR T 136 48.54 -16.18 -57.99
CA THR T 136 48.21 -15.43 -59.19
C THR T 136 47.62 -16.30 -60.29
N ASN T 137 47.17 -17.52 -59.96
CA ASN T 137 46.60 -18.44 -60.93
C ASN T 137 45.07 -18.36 -60.84
N ALA T 138 44.44 -17.84 -61.89
CA ALA T 138 43.01 -17.61 -61.86
C ALA T 138 42.22 -18.91 -61.76
N ARG T 139 42.64 -19.95 -62.50
CA ARG T 139 41.87 -21.19 -62.54
C ARG T 139 41.96 -21.97 -61.22
N SER T 140 42.97 -21.72 -60.41
CA SER T 140 43.11 -22.43 -59.15
C SER T 140 42.00 -22.01 -58.18
N PRO T 141 41.35 -22.96 -57.50
CA PRO T 141 40.34 -22.59 -56.51
C PRO T 141 40.88 -21.74 -55.38
N ARG T 142 42.14 -21.96 -54.98
CA ARG T 142 42.78 -21.16 -53.94
C ARG T 142 43.51 -19.98 -54.61
N TYR T 143 42.70 -19.04 -55.10
CA TYR T 143 43.19 -17.90 -55.86
C TYR T 143 43.02 -16.63 -55.04
N GLY T 144 44.11 -15.88 -54.86
CA GLY T 144 44.11 -14.68 -54.07
C GLY T 144 44.52 -14.87 -52.63
N GLU T 145 44.56 -16.11 -52.14
CA GLU T 145 44.96 -16.35 -50.76
C GLU T 145 46.46 -16.15 -50.59
N PRO T 146 46.90 -15.80 -49.38
CA PRO T 146 48.33 -15.60 -49.15
C PRO T 146 49.12 -16.88 -49.32
N GLU T 147 50.39 -16.71 -49.71
CA GLU T 147 51.30 -17.82 -49.94
C GLU T 147 52.48 -17.81 -48.97
N ILE T 148 53.11 -16.65 -48.76
CA ILE T 148 54.24 -16.53 -47.85
C ILE T 148 54.00 -15.34 -46.94
N TYR T 149 54.15 -15.55 -45.63
CA TYR T 149 53.97 -14.50 -44.64
C TYR T 149 55.32 -14.02 -44.14
N LYS T 150 55.43 -12.71 -43.90
CA LYS T 150 56.68 -12.14 -43.42
C LYS T 150 56.98 -12.60 -42.00
N VAL T 151 55.99 -12.52 -41.11
CA VAL T 151 56.10 -12.91 -39.71
C VAL T 151 57.22 -12.07 -39.08
N SER T 152 56.87 -10.85 -38.67
CA SER T 152 57.81 -10.02 -37.93
C SER T 152 57.75 -10.41 -36.45
N PRO T 153 58.86 -10.81 -35.84
CA PRO T 153 58.81 -11.25 -34.45
C PRO T 153 58.93 -10.16 -33.40
N GLY T 154 59.12 -8.91 -33.82
CA GLY T 154 59.29 -7.84 -32.86
C GLY T 154 60.55 -8.02 -32.04
N ASP T 155 60.55 -7.42 -30.85
CA ASP T 155 61.66 -7.54 -29.91
C ASP T 155 62.99 -7.18 -30.56
N ASN T 156 63.92 -8.12 -30.60
CA ASN T 156 65.23 -7.91 -31.19
C ASN T 156 65.48 -8.71 -32.45
N MET T 157 64.65 -9.70 -32.75
CA MET T 157 64.87 -10.55 -33.91
C MET T 157 64.42 -9.86 -35.19
N GLN T 158 64.76 -10.48 -36.33
CA GLN T 158 64.45 -9.98 -37.65
C GLN T 158 63.37 -10.82 -38.32
N PRO T 159 62.60 -10.24 -39.24
CA PRO T 159 61.54 -11.01 -39.89
C PRO T 159 62.09 -12.20 -40.66
N TYR T 160 61.33 -13.30 -40.65
CA TYR T 160 61.72 -14.53 -41.33
C TYR T 160 60.50 -15.09 -42.05
N LEU T 161 60.57 -15.19 -43.37
CA LEU T 161 59.44 -15.64 -44.17
C LEU T 161 59.12 -17.10 -43.88
N ILE T 162 57.83 -17.43 -43.90
CA ILE T 162 57.34 -18.77 -43.61
C ILE T 162 56.31 -19.16 -44.66
N HIS T 163 56.35 -20.41 -45.10
CA HIS T 163 55.35 -20.93 -46.02
C HIS T 163 53.99 -20.96 -45.34
N HIS T 164 52.93 -20.81 -46.14
CA HIS T 164 51.58 -20.74 -45.59
C HIS T 164 51.13 -22.07 -45.01
N SER T 165 51.83 -23.17 -45.28
CA SER T 165 51.44 -24.46 -44.72
C SER T 165 51.87 -24.63 -43.28
N ARG T 166 52.65 -23.71 -42.74
CA ARG T 166 53.10 -23.77 -41.35
C ARG T 166 52.54 -22.64 -40.50
N VAL T 167 51.54 -21.91 -40.99
CA VAL T 167 50.97 -20.77 -40.30
C VAL T 167 49.45 -20.94 -40.27
N PHE T 168 48.86 -20.78 -39.09
CA PHE T 168 47.42 -20.84 -38.93
C PHE T 168 46.91 -19.45 -38.58
N ILE T 169 45.92 -18.97 -39.34
CA ILE T 169 45.38 -17.63 -39.18
C ILE T 169 44.04 -17.73 -38.48
N ALA T 170 43.94 -17.12 -37.30
CA ALA T 170 42.71 -17.09 -36.52
C ALA T 170 42.03 -15.74 -36.68
N ASP T 171 40.76 -15.75 -37.06
CA ASP T 171 40.00 -14.54 -37.32
C ASP T 171 39.01 -14.28 -36.20
N GLY T 172 38.69 -13.01 -35.99
CA GLY T 172 37.79 -12.58 -34.95
C GLY T 172 36.34 -12.53 -35.40
N GLU T 173 35.62 -11.55 -34.88
CA GLU T 173 34.21 -11.40 -35.20
C GLU T 173 34.02 -11.05 -36.68
N ARG T 174 32.90 -11.51 -37.23
CA ARG T 174 32.62 -11.30 -38.65
C ARG T 174 32.30 -9.85 -38.92
N VAL T 175 32.82 -9.34 -40.04
CA VAL T 175 32.65 -7.95 -40.43
C VAL T 175 32.27 -7.90 -41.90
N ALA T 176 31.59 -6.82 -42.29
CA ALA T 176 31.24 -6.64 -43.69
C ALA T 176 32.50 -6.54 -44.55
N GLN T 177 32.40 -7.05 -45.78
CA GLN T 177 33.58 -7.14 -46.65
C GLN T 177 34.18 -5.77 -46.93
N GLN T 178 33.33 -4.74 -47.07
CA GLN T 178 33.84 -3.41 -47.36
C GLN T 178 34.73 -2.90 -46.22
N ALA T 179 34.32 -3.11 -44.98
CA ALA T 179 35.15 -2.76 -43.85
C ALA T 179 36.30 -3.73 -43.66
N ARG T 180 36.14 -4.98 -44.08
CA ARG T 180 37.22 -5.96 -43.99
C ARG T 180 38.39 -5.56 -44.88
N LYS T 181 38.09 -5.03 -46.07
CA LYS T 181 39.15 -4.56 -46.96
C LYS T 181 39.95 -3.42 -46.31
N GLN T 182 39.26 -2.49 -45.67
CA GLN T 182 39.95 -1.42 -44.95
C GLN T 182 40.68 -1.92 -43.71
N ASN T 183 40.33 -3.12 -43.23
CA ASN T 183 41.01 -3.74 -42.08
C ASN T 183 42.09 -4.72 -42.51
N GLN T 184 42.69 -4.51 -43.68
CA GLN T 184 43.72 -5.38 -44.27
C GLN T 184 43.43 -6.87 -44.04
N GLY T 185 42.20 -7.26 -44.34
CA GLY T 185 41.82 -8.66 -44.29
C GLY T 185 41.80 -9.26 -42.90
N TRP T 186 41.41 -8.50 -41.89
CA TRP T 186 41.29 -9.00 -40.52
C TRP T 186 39.90 -8.71 -39.99
N GLY T 187 39.44 -9.54 -39.06
CA GLY T 187 38.12 -9.40 -38.50
C GLY T 187 38.02 -8.22 -37.54
N ALA T 188 36.84 -8.09 -36.95
CA ALA T 188 36.57 -7.03 -36.00
C ALA T 188 36.86 -7.51 -34.58
N SER T 189 36.61 -6.66 -33.60
CA SER T 189 36.86 -6.97 -32.21
C SER T 189 35.55 -7.18 -31.46
N VAL T 190 35.62 -7.92 -30.36
CA VAL T 190 34.45 -8.15 -29.53
C VAL T 190 33.98 -6.84 -28.91
N LEU T 191 34.92 -5.99 -28.50
CA LEU T 191 34.60 -4.72 -27.86
C LEU T 191 34.34 -3.67 -28.94
N ASN T 192 33.12 -3.67 -29.46
CA ASN T 192 32.71 -2.68 -30.44
C ASN T 192 32.34 -1.39 -29.72
N LYS T 193 31.78 -0.43 -30.46
CA LYS T 193 31.49 0.88 -29.90
C LYS T 193 30.40 0.82 -28.84
N SER T 194 29.37 0.00 -29.07
CA SER T 194 28.23 -0.04 -28.16
C SER T 194 28.63 -0.53 -26.77
N LEU T 195 29.46 -1.57 -26.71
CA LEU T 195 29.87 -2.10 -25.41
C LEU T 195 30.67 -1.09 -24.61
N ILE T 196 31.60 -0.39 -25.27
CA ILE T 196 32.41 0.62 -24.59
C ILE T 196 31.52 1.76 -24.10
N ASP T 197 30.58 2.19 -24.93
CA ASP T 197 29.67 3.25 -24.52
C ASP T 197 28.84 2.83 -23.31
N ALA T 198 28.34 1.60 -23.32
CA ALA T 198 27.53 1.12 -22.20
C ALA T 198 28.34 1.04 -20.91
N ILE T 199 29.58 0.55 -21.00
CA ILE T 199 30.41 0.45 -19.79
C ILE T 199 30.73 1.83 -19.23
N CYS T 200 31.10 2.78 -20.10
CA CYS T 200 31.37 4.13 -19.63
C CYS T 200 30.13 4.77 -19.02
N ASP T 201 28.97 4.55 -19.63
CA ASP T 201 27.73 5.10 -19.09
C ASP T 201 27.43 4.53 -17.71
N TYR T 202 27.65 3.22 -17.52
CA TYR T 202 27.41 2.62 -16.21
C TYR T 202 28.35 3.18 -15.15
N ASP T 203 29.63 3.36 -15.51
CA ASP T 203 30.57 3.94 -14.54
C ASP T 203 30.16 5.37 -14.18
N TYR T 204 29.76 6.16 -15.18
CA TYR T 204 29.33 7.53 -14.91
C TYR T 204 28.10 7.55 -14.00
N CYS T 205 27.15 6.64 -14.25
CA CYS T 205 25.95 6.58 -13.42
C CYS T 205 26.27 6.18 -11.99
N GLU T 206 27.22 5.26 -11.81
CA GLU T 206 27.62 4.89 -10.45
C GLU T 206 28.26 6.09 -9.72
N SER T 207 29.10 6.85 -10.43
CA SER T 207 29.68 8.04 -9.83
C SER T 207 28.60 9.04 -9.44
N LEU T 208 27.61 9.24 -10.32
CA LEU T 208 26.51 10.14 -10.01
C LEU T 208 25.71 9.65 -8.81
N ALA T 209 25.53 8.34 -8.68
CA ALA T 209 24.82 7.79 -7.53
C ALA T 209 25.56 8.09 -6.23
N THR T 210 26.88 7.90 -6.23
CA THR T 210 27.67 8.23 -5.05
C THR T 210 27.55 9.71 -4.71
N GLN T 211 27.61 10.57 -5.73
CA GLN T 211 27.48 12.01 -5.48
C GLN T 211 26.11 12.36 -4.94
N ILE T 212 25.06 11.67 -5.41
CA ILE T 212 23.71 11.94 -4.93
C ILE T 212 23.57 11.54 -3.47
N LEU T 213 24.15 10.39 -3.09
CA LEU T 213 24.13 10.00 -1.68
C LEU T 213 24.90 11.00 -0.83
N ARG T 214 26.01 11.53 -1.36
CA ARG T 214 26.86 12.43 -0.60
C ARG T 214 26.12 13.67 -0.13
N ARG T 215 25.30 14.27 -1.00
CA ARG T 215 24.58 15.51 -0.70
C ARG T 215 23.11 15.17 -0.43
N LYS T 216 22.82 14.79 0.82
CA LYS T 216 21.46 14.54 1.25
C LYS T 216 20.91 15.64 2.16
N GLN T 217 21.74 16.19 3.04
CA GLN T 217 21.37 17.29 3.92
C GLN T 217 22.38 18.41 3.77
N GLN T 218 21.93 19.65 3.92
CA GLN T 218 22.80 20.81 3.88
C GLN T 218 22.37 21.78 4.98
N ALA T 219 23.33 22.22 5.79
CA ALA T 219 23.07 23.18 6.85
C ALA T 219 23.61 24.54 6.43
N VAL T 220 22.71 25.53 6.33
CA VAL T 220 23.06 26.86 5.86
C VAL T 220 23.04 27.81 7.05
N TRP T 221 24.13 28.54 7.24
CA TRP T 221 24.30 29.44 8.37
C TRP T 221 24.32 30.88 7.87
N LYS T 222 23.42 31.71 8.39
CA LYS T 222 23.28 33.10 7.96
C LYS T 222 23.64 34.03 9.10
N VAL T 223 24.40 35.08 8.78
CA VAL T 223 24.79 36.11 9.72
C VAL T 223 24.44 37.46 9.13
N LYS T 224 24.17 38.43 10.00
CA LYS T 224 23.78 39.76 9.54
C LYS T 224 24.94 40.44 8.80
N GLY T 225 26.04 40.67 9.49
CA GLY T 225 27.21 41.24 8.85
C GLY T 225 28.32 40.22 8.64
N LEU T 226 28.50 39.76 7.40
CA LEU T 226 29.50 38.75 7.09
C LEU T 226 30.35 39.11 5.89
N ALA T 227 29.92 40.04 5.04
CA ALA T 227 30.70 40.47 3.90
C ALA T 227 31.67 41.59 4.24
N GLU T 228 31.65 42.10 5.48
CA GLU T 228 32.54 43.17 5.89
C GLU T 228 33.82 42.58 6.50
N MET T 229 34.49 41.72 5.73
CA MET T 229 35.70 41.08 6.18
C MET T 229 36.76 41.17 5.09
N CYS T 230 38.02 41.15 5.52
CA CYS T 230 39.19 41.35 4.65
C CYS T 230 39.50 40.11 3.80
N ASP T 231 38.82 38.99 4.06
CA ASP T 231 38.89 37.76 3.28
C ASP T 231 40.20 37.00 3.48
N ASP T 232 41.14 37.58 4.23
CA ASP T 232 42.39 36.90 4.53
C ASP T 232 42.93 37.18 5.94
N ASP T 233 42.20 37.91 6.77
CA ASP T 233 42.71 38.30 8.07
C ASP T 233 42.32 37.26 9.13
N ASP T 234 42.52 37.62 10.40
CA ASP T 234 42.28 36.68 11.49
C ASP T 234 40.79 36.42 11.70
N ALA T 235 39.94 37.39 11.32
CA ALA T 235 38.52 37.24 11.56
C ALA T 235 37.93 36.05 10.81
N GLN T 236 38.28 35.92 9.52
CA GLN T 236 37.80 34.80 8.72
C GLN T 236 38.31 33.48 9.28
N TYR T 237 39.59 33.45 9.68
CA TYR T 237 40.16 32.23 10.26
C TYR T 237 39.39 31.81 11.50
N ALA T 238 39.13 32.76 12.40
CA ALA T 238 38.40 32.44 13.63
C ALA T 238 36.97 31.99 13.32
N ALA T 239 36.30 32.66 12.38
CA ALA T 239 34.94 32.28 12.04
C ALA T 239 34.88 30.88 11.45
N ARG T 240 35.81 30.54 10.56
CA ARG T 240 35.81 29.21 9.96
C ARG T 240 36.17 28.14 10.98
N LEU T 241 37.10 28.43 11.89
CA LEU T 241 37.40 27.47 12.95
C LEU T 241 36.19 27.23 13.84
N ARG T 242 35.47 28.32 14.19
CA ARG T 242 34.27 28.18 15.00
C ARG T 242 33.22 27.34 14.30
N LEU T 243 33.01 27.60 13.00
CA LEU T 243 32.03 26.83 12.24
C LEU T 243 32.40 25.37 12.17
N ALA T 244 33.69 25.07 11.95
CA ALA T 244 34.15 23.69 11.88
C ALA T 244 33.91 22.97 13.21
N GLN T 245 34.29 23.61 14.31
CA GLN T 245 34.09 23.00 15.62
C GLN T 245 32.61 22.77 15.91
N VAL T 246 31.77 23.75 15.57
CA VAL T 246 30.34 23.64 15.87
C VAL T 246 29.71 22.51 15.07
N ASP T 247 30.03 22.41 13.77
CA ASP T 247 29.45 21.32 13.00
C ASP T 247 30.08 19.97 13.35
N ASP T 248 31.26 19.97 13.96
CA ASP T 248 31.85 18.72 14.42
C ASP T 248 31.19 18.22 15.70
N ASN T 249 30.84 19.13 16.60
CA ASN T 249 30.33 18.73 17.90
C ASN T 249 28.80 18.67 17.97
N SER T 250 28.10 18.98 16.89
CA SER T 250 26.65 18.96 16.90
C SER T 250 26.13 17.55 16.66
N GLY T 251 24.82 17.41 16.59
CA GLY T 251 24.17 16.14 16.34
C GLY T 251 22.89 16.02 17.14
N VAL T 252 22.45 14.78 17.30
CA VAL T 252 21.28 14.49 18.14
C VAL T 252 21.72 14.43 19.60
N GLY T 253 21.01 15.15 20.46
CA GLY T 253 21.41 15.31 21.84
C GLY T 253 22.30 16.50 22.11
N ARG T 254 22.69 17.24 21.07
CA ARG T 254 23.49 18.45 21.21
C ARG T 254 22.78 19.60 20.50
N ALA T 255 22.81 20.77 21.13
CA ALA T 255 22.10 21.94 20.62
C ALA T 255 23.07 23.06 20.31
N ILE T 256 22.61 24.00 19.49
CA ILE T 256 23.38 25.18 19.14
C ILE T 256 22.70 26.41 19.73
N GLY T 257 23.50 27.32 20.28
CA GLY T 257 22.97 28.59 20.72
C GLY T 257 23.05 29.62 19.61
N ILE T 258 21.92 30.20 19.25
CA ILE T 258 21.83 31.16 18.15
C ILE T 258 21.36 32.49 18.72
N ASP T 259 22.00 33.57 18.28
CA ASP T 259 21.53 34.91 18.64
C ASP T 259 20.39 35.31 17.72
N ALA T 260 19.25 35.66 18.31
CA ALA T 260 18.11 36.07 17.51
C ALA T 260 18.36 37.42 16.87
N GLU T 261 17.49 37.76 15.90
CA GLU T 261 17.43 39.06 15.24
C GLU T 261 18.71 39.41 14.49
N THR T 262 19.70 38.51 14.49
CA THR T 262 20.92 38.75 13.74
C THR T 262 21.50 37.50 13.09
N GLU T 263 20.85 36.34 13.21
CA GLU T 263 21.46 35.11 12.76
C GLU T 263 20.42 34.00 12.74
N GLU T 264 20.48 33.14 11.73
CA GLU T 264 19.54 32.04 11.56
C GLU T 264 20.30 30.77 11.23
N TYR T 265 19.58 29.64 11.26
CA TYR T 265 20.16 28.34 10.98
C TYR T 265 19.08 27.46 10.34
N ASP T 266 19.34 26.99 9.13
CA ASP T 266 18.39 26.19 8.38
C ASP T 266 19.05 24.90 7.90
N VAL T 267 18.23 23.89 7.64
CA VAL T 267 18.67 22.60 7.11
C VAL T 267 17.82 22.27 5.90
N LEU T 268 18.47 21.92 4.79
CA LEU T 268 17.79 21.55 3.56
C LEU T 268 18.01 20.07 3.30
N ASN T 269 16.94 19.35 2.97
CA ASN T 269 16.99 17.91 2.77
C ASN T 269 16.77 17.56 1.31
N SER T 270 16.91 16.27 1.03
CA SER T 270 16.71 15.72 -0.31
C SER T 270 16.21 14.28 -0.15
N ASP T 271 16.26 13.50 -1.22
CA ASP T 271 15.82 12.12 -1.15
C ASP T 271 16.63 11.25 -2.11
N ILE T 272 16.61 9.95 -1.85
CA ILE T 272 17.22 8.94 -2.72
C ILE T 272 16.17 7.84 -2.90
N SER T 273 15.41 7.91 -3.98
CA SER T 273 14.24 7.05 -4.17
C SER T 273 14.54 5.80 -4.99
N GLY T 274 14.95 5.97 -6.25
CA GLY T 274 15.06 4.84 -7.15
C GLY T 274 16.42 4.67 -7.80
N VAL T 275 17.48 5.03 -7.08
CA VAL T 275 18.83 4.86 -7.62
C VAL T 275 19.18 3.40 -7.87
N PRO T 276 18.99 2.46 -6.92
CA PRO T 276 19.41 1.07 -7.19
C PRO T 276 18.74 0.45 -8.40
N GLU T 277 17.45 0.75 -8.63
CA GLU T 277 16.78 0.23 -9.81
C GLU T 277 17.37 0.81 -11.09
N PHE T 278 17.75 2.09 -11.05
CA PHE T 278 18.40 2.71 -12.21
C PHE T 278 19.71 2.01 -12.52
N LEU T 279 20.52 1.77 -11.50
CA LEU T 279 21.81 1.11 -11.71
C LEU T 279 21.61 -0.32 -12.21
N SER T 280 20.62 -1.03 -11.65
CA SER T 280 20.33 -2.38 -12.12
C SER T 280 19.89 -2.39 -13.57
N SER T 281 19.09 -1.39 -13.97
CA SER T 281 18.67 -1.31 -15.37
C SER T 281 19.86 -1.08 -16.30
N LYS T 282 20.79 -0.21 -15.89
CA LYS T 282 21.97 0.03 -16.72
C LYS T 282 22.83 -1.23 -16.83
N MET T 283 23.00 -1.96 -15.72
CA MET T 283 23.74 -3.22 -15.78
C MET T 283 23.01 -4.24 -16.65
N ASP T 284 21.67 -4.21 -16.63
CA ASP T 284 20.90 -5.10 -17.51
C ASP T 284 21.14 -4.77 -18.97
N ARG T 285 21.24 -3.48 -19.31
CA ARG T 285 21.59 -3.11 -20.67
C ARG T 285 22.98 -3.63 -21.04
N ILE T 286 23.93 -3.51 -20.12
CA ILE T 286 25.28 -4.02 -20.40
C ILE T 286 25.23 -5.53 -20.65
N VAL T 287 24.47 -6.26 -19.83
CA VAL T 287 24.35 -7.70 -20.01
C VAL T 287 23.73 -8.03 -21.36
N SER T 288 22.68 -7.29 -21.74
CA SER T 288 22.00 -7.55 -23.00
C SER T 288 22.93 -7.30 -24.19
N LEU T 289 23.72 -6.22 -24.14
CA LEU T 289 24.61 -5.92 -25.26
C LEU T 289 25.82 -6.85 -25.32
N SER T 290 26.30 -7.33 -24.16
CA SER T 290 27.53 -8.12 -24.15
C SER T 290 27.39 -9.43 -24.91
N GLY T 291 26.23 -10.08 -24.81
CA GLY T 291 26.06 -11.38 -25.42
C GLY T 291 26.36 -12.56 -24.54
N ILE T 292 26.43 -12.35 -23.22
CA ILE T 292 26.73 -13.40 -22.27
C ILE T 292 25.65 -13.39 -21.18
N HIS T 293 25.40 -14.55 -20.60
CA HIS T 293 24.35 -14.70 -19.61
C HIS T 293 24.62 -13.82 -18.39
N GLU T 294 23.53 -13.40 -17.73
CA GLU T 294 23.67 -12.48 -16.60
C GLU T 294 24.30 -13.14 -15.39
N ILE T 295 24.17 -14.46 -15.24
CA ILE T 295 24.79 -15.15 -14.12
C ILE T 295 26.31 -15.03 -14.21
N ILE T 296 26.86 -15.11 -15.42
CA ILE T 296 28.30 -15.02 -15.58
C ILE T 296 28.81 -13.62 -15.30
N ILE T 297 28.12 -12.61 -15.84
CA ILE T 297 28.61 -11.24 -15.74
C ILE T 297 28.35 -10.67 -14.35
N LYS T 298 27.09 -10.66 -13.92
CA LYS T 298 26.74 -10.19 -12.58
C LYS T 298 27.33 -11.06 -11.49
N ASN T 299 27.68 -12.32 -11.80
CA ASN T 299 28.28 -13.26 -10.87
C ASN T 299 27.51 -13.33 -9.56
N LYS T 300 26.19 -13.28 -9.65
CA LYS T 300 25.31 -13.30 -8.49
C LYS T 300 24.07 -14.11 -8.83
N ASN T 301 23.89 -15.24 -8.14
CA ASN T 301 22.69 -16.05 -8.29
C ASN T 301 21.57 -15.39 -7.50
N VAL T 302 20.49 -16.12 -7.24
CA VAL T 302 19.38 -15.67 -6.42
C VAL T 302 18.51 -14.70 -7.22
N GLY T 303 19.05 -14.18 -8.33
CA GLY T 303 18.24 -13.35 -9.20
C GLY T 303 16.95 -14.01 -9.63
N GLY T 304 17.02 -15.32 -9.92
CA GLY T 304 15.82 -16.10 -10.12
C GLY T 304 15.57 -17.07 -8.98
N VAL T 305 14.42 -17.75 -9.00
CA VAL T 305 14.15 -18.73 -7.96
C VAL T 305 15.11 -19.91 -8.09
N SER T 306 15.28 -20.63 -6.98
CA SER T 306 16.22 -21.75 -6.95
C SER T 306 15.78 -22.84 -7.92
N ALA T 307 16.54 -23.01 -8.99
CA ALA T 307 16.28 -24.04 -9.97
C ALA T 307 17.14 -25.27 -9.65
N SER T 308 17.15 -26.25 -10.55
CA SER T 308 17.95 -27.44 -10.37
C SER T 308 19.44 -27.07 -10.34
N GLN T 309 19.94 -26.59 -11.48
CA GLN T 309 21.34 -26.18 -11.61
C GLN T 309 21.63 -25.68 -13.02
N ASN T 310 21.83 -26.61 -13.95
CA ASN T 310 22.23 -26.26 -15.31
C ASN T 310 21.10 -25.60 -16.10
N THR T 311 19.87 -25.61 -15.57
CA THR T 311 18.72 -25.10 -16.32
C THR T 311 18.90 -23.62 -16.67
N ALA T 312 19.47 -22.84 -15.75
CA ALA T 312 19.71 -21.43 -16.04
C ALA T 312 20.95 -21.24 -16.91
N LEU T 313 21.86 -22.21 -16.93
CA LEU T 313 23.12 -22.10 -17.66
C LEU T 313 23.08 -22.79 -19.02
N GLU T 314 21.92 -23.31 -19.43
CA GLU T 314 21.84 -23.99 -20.73
C GLU T 314 22.14 -23.04 -21.88
N THR T 315 21.70 -21.78 -21.78
CA THR T 315 22.00 -20.83 -22.85
C THR T 315 23.50 -20.60 -22.98
N PHE T 316 24.19 -20.42 -21.85
CA PHE T 316 25.64 -20.23 -21.89
C PHE T 316 26.33 -21.48 -22.41
N TYR T 317 25.85 -22.66 -22.03
CA TYR T 317 26.45 -23.90 -22.53
C TYR T 317 26.26 -24.04 -24.03
N LYS T 318 25.08 -23.67 -24.54
CA LYS T 318 24.85 -23.70 -25.98
C LYS T 318 25.77 -22.73 -26.71
N LEU T 319 25.94 -21.52 -26.15
CA LEU T 319 26.85 -20.56 -26.75
C LEU T 319 28.28 -21.09 -26.78
N VAL T 320 28.71 -21.72 -25.68
CA VAL T 320 30.07 -22.27 -25.62
C VAL T 320 30.23 -23.41 -26.62
N ASP T 321 29.20 -24.24 -26.78
CA ASP T 321 29.26 -25.32 -27.76
C ASP T 321 29.39 -24.78 -29.18
N ARG T 322 28.57 -23.78 -29.52
CA ARG T 322 28.67 -23.18 -30.84
C ARG T 322 30.04 -22.56 -31.06
N LYS T 323 30.57 -21.86 -30.05
CA LYS T 323 31.86 -21.22 -30.19
C LYS T 323 32.98 -22.24 -30.36
N ARG T 324 32.93 -23.36 -29.61
CA ARG T 324 33.95 -24.37 -29.79
C ARG T 324 33.87 -24.97 -31.18
N GLU T 325 32.66 -25.31 -31.64
CA GLU T 325 32.51 -25.88 -32.97
C GLU T 325 32.99 -24.92 -34.06
N GLU T 326 32.88 -23.62 -33.82
CA GLU T 326 33.28 -22.65 -34.84
C GLU T 326 34.79 -22.40 -34.82
N ASP T 327 35.39 -22.25 -33.65
CA ASP T 327 36.79 -21.81 -33.55
C ASP T 327 37.77 -22.89 -33.14
N TYR T 328 37.44 -23.74 -32.15
CA TYR T 328 38.43 -24.62 -31.58
C TYR T 328 38.77 -25.78 -32.52
N ARG T 329 37.77 -26.27 -33.26
CA ARG T 329 37.99 -27.43 -34.11
C ARG T 329 39.04 -27.20 -35.19
N PRO T 330 39.05 -26.10 -35.94
CA PRO T 330 40.10 -25.92 -36.96
C PRO T 330 41.51 -25.93 -36.38
N LEU T 331 41.71 -25.37 -35.18
CA LEU T 331 43.04 -25.38 -34.57
C LEU T 331 43.50 -26.81 -34.29
N LEU T 332 42.62 -27.64 -33.74
CA LEU T 332 42.97 -29.03 -33.50
C LEU T 332 43.21 -29.78 -34.80
N GLU T 333 42.37 -29.55 -35.82
CA GLU T 333 42.56 -30.22 -37.10
C GLU T 333 43.83 -29.76 -37.81
N PHE T 334 44.35 -28.58 -37.46
CA PHE T 334 45.64 -28.15 -37.98
C PHE T 334 46.80 -28.75 -37.21
N LEU T 335 46.67 -28.83 -35.89
CA LEU T 335 47.78 -29.33 -35.07
C LEU T 335 47.94 -30.84 -35.12
N LEU T 336 46.83 -31.58 -35.21
CA LEU T 336 46.89 -33.03 -35.07
C LEU T 336 47.74 -33.75 -36.13
N PRO T 337 47.67 -33.42 -37.42
CA PRO T 337 48.45 -34.19 -38.41
C PRO T 337 49.94 -34.20 -38.14
N PHE T 338 50.46 -33.21 -37.43
CA PHE T 338 51.87 -33.20 -37.08
C PHE T 338 52.17 -33.95 -35.79
N ILE T 339 51.16 -34.56 -35.16
CA ILE T 339 51.35 -35.31 -33.93
C ILE T 339 50.90 -36.75 -34.12
N VAL T 340 49.63 -36.94 -34.50
CA VAL T 340 49.07 -38.27 -34.63
C VAL T 340 49.65 -38.97 -35.85
N ASP T 341 50.17 -40.18 -35.65
CA ASP T 341 50.77 -40.93 -36.75
C ASP T 341 49.72 -41.51 -37.69
N GLU T 342 48.62 -42.02 -37.14
CA GLU T 342 47.60 -42.64 -37.97
C GLU T 342 46.93 -41.62 -38.87
N GLU T 343 46.62 -42.03 -40.10
CA GLU T 343 46.04 -41.13 -41.08
C GLU T 343 44.54 -40.90 -40.84
N GLU T 344 43.86 -41.86 -40.21
CA GLU T 344 42.42 -41.78 -39.99
C GLU T 344 42.14 -41.46 -38.53
N TRP T 345 41.39 -40.39 -38.29
CA TRP T 345 41.02 -39.97 -36.94
C TRP T 345 39.88 -38.97 -37.04
N SER T 346 39.26 -38.71 -35.90
CA SER T 346 38.18 -37.73 -35.81
C SER T 346 38.12 -37.19 -34.39
N ILE T 347 37.61 -35.97 -34.25
CA ILE T 347 37.60 -35.25 -32.98
C ILE T 347 36.16 -35.17 -32.49
N GLU T 348 35.94 -35.61 -31.26
CA GLU T 348 34.64 -35.54 -30.61
C GLU T 348 34.77 -34.74 -29.31
N PHE T 349 33.95 -33.70 -29.17
CA PHE T 349 34.09 -32.79 -28.06
C PHE T 349 33.32 -33.30 -26.84
N GLU T 350 33.96 -33.21 -25.68
CA GLU T 350 33.33 -33.63 -24.44
C GLU T 350 32.25 -32.64 -24.04
N PRO T 351 31.15 -33.13 -23.45
CA PRO T 351 30.08 -32.22 -23.02
C PRO T 351 30.53 -31.32 -21.88
N LEU T 352 29.94 -30.12 -21.83
CA LEU T 352 30.24 -29.19 -20.75
C LEU T 352 29.55 -29.58 -19.45
N SER T 353 28.35 -30.13 -19.54
CA SER T 353 27.54 -30.46 -18.37
C SER T 353 27.67 -31.94 -18.05
N VAL T 354 28.06 -32.25 -16.82
CA VAL T 354 28.21 -33.64 -16.38
C VAL T 354 27.25 -33.91 -15.24
N PRO T 355 26.65 -35.10 -15.17
CA PRO T 355 25.71 -35.39 -14.09
C PRO T 355 26.43 -35.70 -12.79
N SER T 356 25.65 -35.76 -11.72
CA SER T 356 26.19 -36.11 -10.41
C SER T 356 26.52 -37.60 -10.36
N LYS T 357 27.20 -38.00 -9.30
CA LYS T 357 27.66 -39.38 -9.17
C LYS T 357 26.49 -40.37 -9.09
N LYS T 358 25.44 -40.00 -8.36
CA LYS T 358 24.27 -40.88 -8.26
C LYS T 358 23.61 -41.08 -9.61
N GLU T 359 23.46 -40.01 -10.38
CA GLU T 359 22.91 -40.13 -11.73
C GLU T 359 23.82 -40.97 -12.62
N GLU T 360 25.13 -40.84 -12.44
CA GLU T 360 26.07 -41.66 -13.21
C GLU T 360 25.88 -43.14 -12.89
N SER T 361 25.72 -43.47 -11.61
CA SER T 361 25.49 -44.86 -11.22
C SER T 361 24.20 -45.39 -11.81
N GLU T 362 23.14 -44.58 -11.78
CA GLU T 362 21.87 -45.01 -12.37
C GLU T 362 22.00 -45.22 -13.88
N ILE T 363 22.74 -44.33 -14.55
CA ILE T 363 22.94 -44.47 -15.99
C ILE T 363 23.70 -45.75 -16.31
N THR T 364 24.75 -46.03 -15.54
CA THR T 364 25.51 -47.27 -15.76
C THR T 364 24.64 -48.50 -15.51
N LYS T 365 23.82 -48.45 -14.46
CA LYS T 365 22.91 -49.57 -14.18
C LYS T 365 21.95 -49.80 -15.33
N ASN T 366 21.35 -48.73 -15.86
CA ASN T 366 20.41 -48.87 -16.96
C ASN T 366 21.10 -49.43 -18.20
N ASN T 367 22.30 -48.92 -18.52
CA ASN T 367 23.01 -49.39 -19.70
C ASN T 367 23.39 -50.85 -19.57
N VAL T 368 23.87 -51.27 -18.38
CA VAL T 368 24.23 -52.66 -18.16
C VAL T 368 23.00 -53.55 -18.28
N GLU T 369 21.86 -53.11 -17.73
CA GLU T 369 20.64 -53.89 -17.84
C GLU T 369 20.23 -54.05 -19.30
N SER T 370 20.32 -52.97 -20.08
CA SER T 370 19.95 -53.06 -21.48
C SER T 370 20.86 -54.01 -22.25
N VAL T 371 22.17 -53.94 -21.99
CA VAL T 371 23.11 -54.83 -22.67
C VAL T 371 22.84 -56.28 -22.30
N THR T 372 22.59 -56.54 -21.01
CA THR T 372 22.31 -57.91 -20.57
C THR T 372 21.03 -58.44 -21.21
N LYS T 373 19.99 -57.61 -21.28
CA LYS T 373 18.78 -58.04 -21.96
C LYS T 373 19.02 -58.29 -23.44
N ALA T 374 19.92 -57.53 -24.06
CA ALA T 374 20.26 -57.78 -25.46
C ALA T 374 21.00 -59.09 -25.63
N ILE T 375 21.83 -59.46 -24.64
CA ILE T 375 22.56 -60.74 -24.73
C ILE T 375 21.59 -61.91 -24.81
N THR T 376 20.56 -61.89 -23.96
CA THR T 376 19.55 -62.94 -24.01
C THR T 376 18.82 -62.89 -25.35
N GLU T 377 18.21 -64.02 -25.72
CA GLU T 377 17.55 -64.26 -26.99
C GLU T 377 18.54 -64.31 -28.16
N GLN T 378 19.83 -64.11 -27.91
CA GLN T 378 20.89 -64.30 -28.91
C GLN T 378 20.65 -63.44 -30.15
N ILE T 379 20.69 -62.12 -29.92
CA ILE T 379 20.50 -61.17 -31.00
C ILE T 379 21.66 -60.18 -31.08
N ILE T 380 22.55 -60.19 -30.07
CA ILE T 380 23.59 -59.18 -30.00
C ILE T 380 25.00 -59.75 -29.99
N ASP T 381 25.18 -61.05 -29.76
CA ASP T 381 26.50 -61.69 -29.72
C ASP T 381 27.34 -61.20 -28.56
N LEU T 382 28.32 -62.02 -28.17
CA LEU T 382 29.17 -61.67 -27.04
C LEU T 382 30.11 -60.53 -27.39
N GLU T 383 30.73 -60.58 -28.58
CA GLU T 383 31.76 -59.61 -28.94
C GLU T 383 31.18 -58.21 -29.08
N GLU T 384 30.05 -58.09 -29.79
CA GLU T 384 29.42 -56.78 -29.96
C GLU T 384 28.97 -56.22 -28.62
N ALA T 385 28.43 -57.07 -27.74
CA ALA T 385 28.03 -56.62 -26.41
C ALA T 385 29.23 -56.16 -25.59
N ARG T 386 30.35 -56.88 -25.71
CA ARG T 386 31.56 -56.47 -25.00
C ARG T 386 32.06 -55.11 -25.49
N ASP T 387 32.07 -54.89 -26.80
CA ASP T 387 32.47 -53.59 -27.32
C ASP T 387 31.51 -52.50 -26.87
N THR T 388 30.20 -52.80 -26.86
CA THR T 388 29.21 -51.83 -26.40
C THR T 388 29.44 -51.49 -24.93
N LEU T 389 29.74 -52.48 -24.11
CA LEU T 389 30.02 -52.22 -22.70
C LEU T 389 31.30 -51.41 -22.53
N ARG T 390 32.31 -51.69 -23.37
CA ARG T 390 33.56 -50.95 -23.29
C ARG T 390 33.36 -49.48 -23.62
N SER T 391 32.53 -49.19 -24.63
CA SER T 391 32.37 -47.81 -25.07
C SER T 391 31.36 -47.06 -24.20
N ILE T 392 30.18 -47.65 -23.98
CA ILE T 392 29.10 -46.96 -23.29
C ILE T 392 29.48 -46.65 -21.84
N ALA T 393 30.11 -47.60 -21.15
CA ALA T 393 30.44 -47.46 -19.74
C ALA T 393 31.95 -47.49 -19.56
N PRO T 394 32.62 -46.34 -19.57
CA PRO T 394 34.07 -46.33 -19.29
C PRO T 394 34.44 -46.84 -17.92
N GLU T 395 33.50 -46.86 -16.97
CA GLU T 395 33.84 -47.25 -15.60
C GLU T 395 34.36 -48.68 -15.53
N PHE T 396 33.75 -49.59 -16.30
CA PHE T 396 34.22 -50.96 -16.35
C PHE T 396 35.62 -51.02 -16.96
N LYS T 397 36.52 -51.74 -16.31
CA LYS T 397 37.89 -51.92 -16.80
C LYS T 397 37.99 -53.27 -17.49
N LEU T 398 37.45 -53.31 -18.71
CA LEU T 398 37.50 -54.53 -19.51
C LEU T 398 38.92 -54.83 -19.96
N LYS T 399 39.23 -56.11 -20.07
CA LYS T 399 40.53 -56.56 -20.55
C LYS T 399 40.51 -56.69 -22.06
N ASP T 400 41.62 -56.32 -22.70
CA ASP T 400 41.72 -56.35 -24.15
C ASP T 400 41.48 -57.77 -24.68
N GLY T 401 40.74 -57.85 -25.76
CA GLY T 401 40.40 -59.13 -26.36
C GLY T 401 39.03 -59.61 -25.93
N ASN T 402 38.37 -60.35 -26.81
CA ASN T 402 37.04 -60.90 -26.57
C ASN T 402 37.07 -62.42 -26.37
N ASN T 403 38.22 -62.96 -25.95
CA ASN T 403 38.36 -64.40 -25.78
C ASN T 403 37.97 -64.88 -24.39
N ILE T 404 37.70 -63.96 -23.46
CA ILE T 404 37.40 -64.22 -22.05
C ILE T 404 38.15 -65.46 -21.53
N ASN T 405 37.46 -66.30 -20.77
CA ASN T 405 38.05 -67.52 -20.25
C ASN T 405 36.99 -68.60 -20.02
N ASN U 2 -4.50 44.97 60.41
CA ASN U 2 -3.66 45.59 61.43
C ASN U 2 -3.79 47.11 61.40
N GLN U 3 -3.01 47.77 62.25
CA GLN U 3 -3.00 49.22 62.30
C GLN U 3 -1.69 49.84 61.88
N GLU U 4 -0.57 49.43 62.50
CA GLU U 4 0.72 50.04 62.17
C GLU U 4 1.06 49.89 60.70
N THR U 5 0.55 48.82 60.06
CA THR U 5 0.76 48.65 58.63
C THR U 5 0.15 49.82 57.85
N LEU U 6 -1.01 50.32 58.29
CA LEU U 6 -1.64 51.44 57.61
C LEU U 6 -0.77 52.69 57.65
N ILE U 7 -0.24 53.03 58.82
CA ILE U 7 0.63 54.20 58.93
C ILE U 7 1.90 54.00 58.11
N ALA U 8 2.47 52.79 58.15
CA ALA U 8 3.67 52.53 57.38
C ALA U 8 3.42 52.70 55.88
N VAL U 9 2.30 52.17 55.38
CA VAL U 9 1.99 52.27 53.97
C VAL U 9 1.73 53.72 53.56
N VAL U 10 0.96 54.45 54.37
CA VAL U 10 0.69 55.85 54.05
C VAL U 10 1.97 56.66 54.05
N GLU U 11 2.85 56.41 55.03
CA GLU U 11 4.11 57.16 55.10
C GLU U 11 4.99 56.83 53.90
N GLN U 12 5.01 55.57 53.46
CA GLN U 12 5.77 55.22 52.27
C GLN U 12 5.20 55.89 51.03
N MET U 13 3.87 55.93 50.90
CA MET U 13 3.27 56.61 49.76
C MET U 13 3.61 58.09 49.75
N ARG U 14 3.59 58.73 50.91
CA ARG U 14 3.96 60.15 50.98
C ARG U 14 5.44 60.36 50.71
N LYS U 15 6.29 59.41 51.11
CA LYS U 15 7.72 59.51 50.80
C LYS U 15 7.96 59.41 49.29
N LEU U 16 7.30 58.46 48.63
CA LEU U 16 7.52 58.25 47.20
C LEU U 16 7.03 59.45 46.40
N VAL U 17 5.79 59.87 46.63
CA VAL U 17 5.19 60.98 45.92
C VAL U 17 4.93 62.12 46.90
N PRO U 18 5.55 63.28 46.71
CA PRO U 18 5.20 64.45 47.52
C PRO U 18 3.88 65.05 47.05
N ALA U 19 3.42 66.09 47.74
CA ALA U 19 2.17 66.80 47.48
C ALA U 19 0.94 65.96 47.78
N LEU U 20 1.11 64.69 48.15
CA LEU U 20 0.02 63.89 48.69
C LEU U 20 -0.10 64.07 50.19
N ARG U 21 0.80 64.82 50.81
CA ARG U 21 0.74 65.07 52.24
C ARG U 21 -0.46 65.93 52.60
N LYS U 22 -0.85 66.85 51.71
CA LYS U 22 -1.97 67.73 51.98
C LYS U 22 -3.31 66.99 51.96
N VAL U 23 -3.35 65.78 51.41
CA VAL U 23 -4.60 65.02 51.35
C VAL U 23 -4.97 64.55 52.76
N PRO U 24 -6.23 64.63 53.17
CA PRO U 24 -6.61 64.15 54.50
C PRO U 24 -6.30 62.67 54.69
N ASP U 25 -5.94 62.31 55.92
CA ASP U 25 -5.45 60.97 56.21
C ASP U 25 -6.52 59.90 56.04
N GLU U 26 -7.80 60.24 56.21
CA GLU U 26 -8.84 59.22 56.18
C GLU U 26 -9.04 58.66 54.77
N THR U 27 -8.98 59.51 53.76
CA THR U 27 -9.13 59.05 52.38
C THR U 27 -7.99 58.10 51.99
N LEU U 28 -6.77 58.43 52.41
CA LEU U 28 -5.64 57.53 52.16
C LEU U 28 -5.84 56.20 52.88
N TYR U 29 -6.36 56.22 54.11
CA TYR U 29 -6.66 54.97 54.80
C TYR U 29 -7.68 54.14 54.02
N ALA U 30 -8.74 54.79 53.54
CA ALA U 30 -9.76 54.07 52.79
C ALA U 30 -9.19 53.45 51.52
N TRP U 31 -8.37 54.20 50.79
CA TRP U 31 -7.76 53.67 49.58
C TRP U 31 -6.81 52.53 49.90
N VAL U 32 -6.09 52.61 51.03
CA VAL U 32 -5.18 51.53 51.42
C VAL U 32 -5.96 50.26 51.74
N GLU U 33 -7.05 50.38 52.50
CA GLU U 33 -7.87 49.19 52.78
C GLU U 33 -8.47 48.62 51.51
N MET U 34 -8.85 49.48 50.55
CA MET U 34 -9.32 48.97 49.27
C MET U 34 -8.21 48.23 48.54
N ALA U 35 -6.99 48.75 48.58
CA ALA U 35 -5.88 48.11 47.86
C ALA U 35 -5.48 46.80 48.52
N GLU U 36 -5.66 46.68 49.83
CA GLU U 36 -5.23 45.49 50.54
C GLU U 36 -5.99 44.24 50.10
N LEU U 37 -7.18 44.42 49.51
CA LEU U 37 -7.95 43.28 49.02
C LEU U 37 -7.22 42.54 47.91
N PHE U 38 -6.52 43.27 47.04
CA PHE U 38 -5.90 42.67 45.86
C PHE U 38 -4.51 42.10 46.15
N VAL U 39 -3.73 42.76 46.98
CA VAL U 39 -2.34 42.39 47.20
C VAL U 39 -2.26 41.18 48.14
N CYS U 40 -1.47 40.19 47.75
CA CYS U 40 -1.21 39.05 48.61
C CYS U 40 -0.13 39.41 49.64
N GLN U 41 0.12 38.48 50.55
CA GLN U 41 1.09 38.70 51.61
C GLN U 41 2.18 37.64 51.65
N LYS U 42 1.84 36.36 51.44
CA LYS U 42 2.84 35.31 51.53
C LYS U 42 3.92 35.45 50.46
N THR U 43 3.52 35.80 49.24
CA THR U 43 4.48 35.89 48.15
C THR U 43 5.45 37.06 48.34
N PHE U 44 4.93 38.24 48.66
CA PHE U 44 5.78 39.41 48.77
C PHE U 44 6.65 39.37 50.03
N LYS U 45 6.13 38.80 51.11
CA LYS U 45 6.89 38.60 52.34
C LYS U 45 7.42 39.90 52.91
N ASP U 46 8.71 40.16 52.73
CA ASP U 46 9.35 41.32 53.36
C ASP U 46 8.91 42.62 52.72
N ALA U 47 8.66 42.61 51.40
CA ALA U 47 8.31 43.82 50.66
C ALA U 47 6.82 44.14 50.67
N TYR U 48 6.11 43.66 51.70
CA TYR U 48 4.66 43.82 51.76
C TYR U 48 4.24 45.29 51.76
N VAL U 49 4.92 46.10 52.58
CA VAL U 49 4.54 47.51 52.71
C VAL U 49 4.74 48.24 51.39
N LYS U 50 5.88 48.00 50.73
CA LYS U 50 6.18 48.68 49.48
C LYS U 50 5.22 48.23 48.38
N ALA U 51 4.91 46.94 48.33
CA ALA U 51 3.95 46.45 47.34
C ALA U 51 2.57 47.06 47.57
N LEU U 52 2.15 47.14 48.83
CA LEU U 52 0.85 47.76 49.14
C LEU U 52 0.83 49.22 48.73
N ALA U 53 1.92 49.94 48.98
CA ALA U 53 1.99 51.34 48.59
C ALA U 53 1.91 51.49 47.08
N LEU U 54 2.63 50.64 46.34
CA LEU U 54 2.60 50.72 44.88
C LEU U 54 1.20 50.44 44.34
N TYR U 55 0.53 49.42 44.88
CA TYR U 55 -0.82 49.09 44.41
C TYR U 55 -1.80 50.20 44.78
N ALA U 56 -1.66 50.79 45.96
CA ALA U 56 -2.54 51.89 46.34
C ALA U 56 -2.36 53.09 45.42
N LEU U 57 -1.10 53.41 45.07
CA LEU U 57 -0.86 54.50 44.13
C LEU U 57 -1.46 54.18 42.76
N HIS U 58 -1.30 52.94 42.30
CA HIS U 58 -1.86 52.56 41.00
C HIS U 58 -3.37 52.71 40.99
N LEU U 59 -4.04 52.27 42.05
CA LEU U 59 -5.49 52.43 42.13
C LEU U 59 -5.88 53.90 42.22
N ALA U 60 -5.08 54.71 42.92
CA ALA U 60 -5.38 56.13 43.04
C ALA U 60 -5.19 56.89 41.74
N PHE U 61 -4.35 56.40 40.83
CA PHE U 61 -4.09 57.09 39.58
C PHE U 61 -4.41 56.23 38.37
N LEU U 62 -5.42 55.37 38.48
CA LEU U 62 -5.76 54.48 37.37
C LEU U 62 -6.20 55.27 36.15
N ASP U 63 -7.33 55.99 36.25
CA ASP U 63 -7.81 56.86 35.19
C ASP U 63 -8.20 58.22 35.74
N GLY U 64 -7.82 58.51 36.97
CA GLY U 64 -8.27 59.69 37.69
C GLY U 64 -9.39 59.30 38.62
N ALA U 65 -9.05 59.01 39.88
CA ALA U 65 -10.05 58.51 40.82
C ALA U 65 -10.03 59.30 42.12
N LEU U 66 -8.87 59.83 42.49
CA LEU U 66 -8.76 60.58 43.74
C LEU U 66 -9.60 61.86 43.68
N LYS U 67 -9.42 62.65 42.64
CA LYS U 67 -10.23 63.86 42.37
C LYS U 67 -10.11 64.78 43.60
N GLY U 68 -11.23 65.31 44.09
CA GLY U 68 -11.20 66.19 45.24
C GLY U 68 -12.59 66.31 45.84
N GLU U 69 -12.68 67.12 46.89
CA GLU U 69 -13.95 67.30 47.59
C GLU U 69 -14.98 68.01 46.72
N ASP U 70 -14.54 69.04 45.98
CA ASP U 70 -15.46 69.92 45.27
C ASP U 70 -15.57 69.65 43.78
N GLU U 71 -14.91 68.62 43.25
CA GLU U 71 -14.98 68.31 41.83
C GLU U 71 -16.42 67.99 41.42
N ASP U 72 -16.87 68.55 40.31
CA ASP U 72 -18.24 68.38 39.85
C ASP U 72 -18.51 66.94 39.43
N LEU U 73 -19.77 66.50 39.53
CA LEU U 73 -20.13 65.14 39.21
C LEU U 73 -19.92 64.82 37.73
N GLU U 74 -20.05 65.83 36.86
CA GLU U 74 -19.97 65.59 35.43
C GLU U 74 -18.57 65.13 35.00
N SER U 75 -17.53 65.63 35.65
CA SER U 75 -16.16 65.39 35.20
C SER U 75 -15.70 63.94 35.38
N TYR U 76 -16.55 63.05 35.88
CA TYR U 76 -16.15 61.66 36.06
C TYR U 76 -16.36 60.80 34.83
N SER U 77 -17.03 61.33 33.80
CA SER U 77 -17.21 60.60 32.55
C SER U 77 -16.67 61.37 31.34
N ARG U 78 -15.87 62.41 31.56
CA ARG U 78 -15.42 63.32 30.51
C ARG U 78 -14.35 64.25 31.08
N ARG U 79 -13.54 64.80 30.19
CA ARG U 79 -12.46 65.70 30.57
C ARG U 79 -12.50 66.95 29.71
N VAL U 80 -11.77 67.97 30.15
CA VAL U 80 -11.66 69.22 29.39
C VAL U 80 -10.37 69.14 28.57
N THR U 81 -10.50 69.25 27.25
CA THR U 81 -9.32 69.15 26.39
C THR U 81 -8.56 70.47 26.34
N SER U 82 -9.27 71.59 26.27
CA SER U 82 -8.64 72.90 26.22
C SER U 82 -9.57 73.94 26.82
N PHE U 83 -8.98 75.05 27.24
CA PHE U 83 -9.74 76.16 27.82
C PHE U 83 -8.97 77.45 27.60
N SER U 84 -9.70 78.53 27.36
CA SER U 84 -9.09 79.83 27.13
C SER U 84 -10.06 80.92 27.57
N LEU U 85 -9.50 82.00 28.10
CA LEU U 85 -10.27 83.12 28.63
C LEU U 85 -10.00 84.34 27.75
N SER U 86 -10.86 84.52 26.73
CA SER U 86 -10.79 85.66 25.83
C SER U 86 -9.39 85.89 25.28
N GLY U 87 -8.83 87.07 25.54
CA GLY U 87 -7.47 87.40 25.19
C GLY U 87 -6.49 87.36 26.34
N GLU U 88 -6.80 86.65 27.42
CA GLU U 88 -5.92 86.62 28.58
C GLU U 88 -4.89 85.50 28.48
N PHE U 89 -5.37 84.26 28.36
CA PHE U 89 -4.48 83.11 28.29
C PHE U 89 -5.19 81.96 27.60
N SER U 90 -4.40 80.96 27.20
CA SER U 90 -4.93 79.76 26.57
C SER U 90 -4.14 78.56 27.07
N GLN U 91 -4.76 77.38 27.00
CA GLN U 91 -4.13 76.16 27.48
C GLN U 91 -4.80 74.97 26.83
N THR U 92 -3.99 73.96 26.52
CA THR U 92 -4.46 72.71 25.94
C THR U 92 -3.97 71.55 26.80
N PHE U 93 -4.74 70.46 26.80
CA PHE U 93 -4.45 69.31 27.63
C PHE U 93 -4.49 68.04 26.79
N GLY U 94 -3.91 66.97 27.34
CA GLY U 94 -3.86 65.71 26.64
C GLY U 94 -3.57 64.57 27.59
N GLU U 95 -3.65 63.35 27.05
CA GLU U 95 -3.40 62.16 27.83
C GLU U 95 -1.91 62.00 28.12
N VAL U 96 -1.60 61.15 29.10
CA VAL U 96 -0.22 61.03 29.55
C VAL U 96 0.54 59.98 28.75
N THR U 97 -0.14 58.88 28.38
CA THR U 97 0.52 57.79 27.66
C THR U 97 -0.55 56.87 27.10
N LYS U 98 -0.32 56.43 25.86
CA LYS U 98 -1.20 55.49 25.18
C LYS U 98 -0.63 54.09 25.32
N ASN U 99 -1.43 53.18 25.90
CA ASN U 99 -1.05 51.78 26.03
C ASN U 99 -1.76 51.00 24.95
N GLN U 100 -0.98 50.30 24.11
CA GLN U 100 -1.56 49.56 23.00
C GLN U 100 -2.44 48.42 23.49
N SER U 101 -1.92 47.61 24.42
CA SER U 101 -2.67 46.47 24.92
C SER U 101 -3.79 46.95 25.84
N GLY U 102 -4.96 46.33 25.72
CA GLY U 102 -6.08 46.65 26.58
C GLY U 102 -5.97 45.96 27.92
N ASP U 103 -4.84 46.13 28.59
CA ASP U 103 -4.55 45.48 29.86
C ASP U 103 -4.35 46.53 30.95
N MET U 104 -5.07 46.37 32.05
CA MET U 104 -4.84 47.20 33.23
C MET U 104 -3.53 46.76 33.90
N MET U 105 -2.96 47.67 34.70
CA MET U 105 -1.66 47.60 35.36
C MET U 105 -0.53 47.96 34.40
N LEU U 106 -0.82 48.24 33.13
CA LEU U 106 0.16 48.78 32.21
C LEU U 106 -0.18 50.21 31.78
N SER U 107 -1.07 50.87 32.51
CA SER U 107 -1.47 52.24 32.22
C SER U 107 -0.69 53.28 33.00
N THR U 108 -0.10 52.90 34.12
CA THR U 108 0.66 53.81 34.97
C THR U 108 2.00 53.20 35.35
N PRO U 109 3.01 54.02 35.61
CA PRO U 109 4.32 53.48 36.00
C PRO U 109 4.28 52.65 37.27
N TRP U 110 3.43 52.98 38.23
CA TRP U 110 3.32 52.18 39.44
C TRP U 110 2.82 50.78 39.15
N GLY U 111 1.87 50.64 38.21
CA GLY U 111 1.43 49.32 37.83
C GLY U 111 2.53 48.48 37.21
N LYS U 112 3.33 49.09 36.34
CA LYS U 112 4.46 48.38 35.75
C LYS U 112 5.47 47.96 36.80
N MET U 113 5.77 48.85 37.74
CA MET U 113 6.72 48.52 38.81
C MET U 113 6.19 47.37 39.67
N PHE U 114 4.90 47.41 40.00
CA PHE U 114 4.31 46.32 40.78
C PHE U 114 4.35 45.00 40.01
N GLU U 115 4.06 45.05 38.71
CA GLU U 115 4.07 43.84 37.90
C GLU U 115 5.47 43.23 37.86
N GLN U 116 6.49 44.07 37.67
CA GLN U 116 7.85 43.55 37.62
C GLN U 116 8.31 43.04 38.99
N LEU U 117 7.89 43.70 40.07
CA LEU U 117 8.21 43.19 41.40
C LEU U 117 7.57 41.82 41.64
N LYS U 118 6.32 41.66 41.24
CA LYS U 118 5.66 40.36 41.38
C LYS U 118 6.35 39.31 40.53
N ALA U 119 6.76 39.68 39.31
CA ALA U 119 7.48 38.74 38.47
C ALA U 119 8.80 38.32 39.11
N ARG U 120 9.49 39.27 39.75
CA ARG U 120 10.76 38.95 40.40
C ARG U 120 10.56 38.04 41.60
N ARG U 121 9.53 38.29 42.41
CA ARG U 121 9.41 37.54 43.65
C ARG U 121 8.71 36.19 43.48
N ARG U 122 7.60 36.15 42.75
CA ARG U 122 6.90 34.89 42.50
C ARG U 122 6.86 34.52 41.03
N GLY U 123 6.41 35.43 40.17
CA GLY U 123 6.23 35.14 38.76
C GLY U 123 4.79 35.34 38.33
N ARG U 124 4.62 35.40 37.01
CA ARG U 124 3.31 35.61 36.41
C ARG U 124 2.94 34.35 35.63
N PHE U 125 2.36 33.38 36.33
CA PHE U 125 1.94 32.13 35.73
C PHE U 125 1.02 31.41 36.68
N ALA U 126 0.28 30.44 36.15
CA ALA U 126 -0.59 29.58 36.94
C ALA U 126 -0.66 28.22 36.26
N LEU U 127 0.10 27.25 36.79
CA LEU U 127 0.18 25.91 36.23
C LEU U 127 -0.46 24.94 37.21
N MET U 128 -1.57 24.35 36.81
CA MET U 128 -2.40 23.55 37.71
C MET U 128 -2.73 22.20 37.10
N THR U 129 -3.07 21.26 37.98
CA THR U 129 -3.63 19.97 37.60
C THR U 129 -4.78 19.64 38.55
N GLY U 130 -5.70 18.81 38.07
CA GLY U 130 -6.88 18.50 38.86
C GLY U 130 -6.55 17.72 40.12
N LEU U 131 -7.46 17.79 41.08
CA LEU U 131 -7.30 17.08 42.33
C LEU U 131 -7.99 15.72 42.29
N HIS V 32 51.32 0.89 -3.16
CA HIS V 32 51.82 -0.43 -2.79
C HIS V 32 50.69 -1.32 -2.32
N VAL V 33 50.53 -2.47 -2.97
CA VAL V 33 49.42 -3.38 -2.67
C VAL V 33 49.57 -4.09 -1.34
N GLY V 34 50.76 -4.08 -0.75
CA GLY V 34 50.95 -4.76 0.53
C GLY V 34 50.13 -4.15 1.65
N SER V 35 50.13 -2.82 1.75
CA SER V 35 49.36 -2.15 2.80
C SER V 35 47.87 -2.36 2.60
N PHE V 36 47.39 -2.29 1.36
CA PHE V 36 45.98 -2.53 1.09
C PHE V 36 45.59 -3.97 1.41
N TYR V 37 46.46 -4.93 1.10
CA TYR V 37 46.21 -6.33 1.44
C TYR V 37 46.15 -6.51 2.96
N ASN V 38 47.05 -5.85 3.69
CA ASN V 38 47.10 -6.03 5.13
C ASN V 38 45.90 -5.40 5.82
N ASP V 39 45.54 -4.17 5.44
CA ASP V 39 44.52 -3.43 6.17
C ASP V 39 43.12 -3.95 5.89
N ASN V 40 42.81 -4.22 4.63
CA ASN V 40 41.45 -4.59 4.22
C ASN V 40 41.26 -6.10 4.35
N ALA V 41 40.17 -6.49 5.01
CA ALA V 41 39.83 -7.90 5.13
C ALA V 41 39.21 -8.45 3.85
N THR V 42 38.43 -7.63 3.14
CA THR V 42 37.80 -8.08 1.91
C THR V 42 38.84 -8.42 0.84
N ALA V 43 39.86 -7.58 0.69
CA ALA V 43 40.92 -7.87 -0.28
C ALA V 43 41.68 -9.13 0.11
N LYS V 44 41.96 -9.30 1.40
CA LYS V 44 42.63 -10.50 1.86
C LYS V 44 41.82 -11.76 1.55
N ARG V 45 40.51 -11.71 1.81
CA ARG V 45 39.68 -12.86 1.47
C ARG V 45 39.68 -13.12 -0.03
N ILE V 46 39.57 -12.06 -0.83
CA ILE V 46 39.55 -12.22 -2.28
C ILE V 46 40.84 -12.88 -2.76
N VAL V 47 41.98 -12.48 -2.19
CA VAL V 47 43.25 -13.04 -2.61
C VAL V 47 43.40 -14.50 -2.17
N ASP V 48 43.05 -14.80 -0.92
CA ASP V 48 43.38 -16.10 -0.34
C ASP V 48 42.27 -17.14 -0.41
N VAL V 49 41.09 -16.82 -0.95
CA VAL V 49 40.02 -17.81 -0.91
C VAL V 49 40.26 -18.94 -1.90
N ILE V 50 40.85 -18.65 -3.06
CA ILE V 50 40.98 -19.65 -4.14
C ILE V 50 42.11 -20.63 -3.88
N PRO V 51 43.35 -20.18 -3.62
CA PRO V 51 44.45 -21.16 -3.46
C PRO V 51 44.22 -22.16 -2.34
N GLU V 52 43.66 -21.72 -1.21
CA GLU V 52 43.38 -22.65 -0.12
C GLU V 52 42.34 -23.68 -0.54
N GLU V 53 41.30 -23.24 -1.26
CA GLU V 53 40.29 -24.17 -1.73
C GLU V 53 40.87 -25.19 -2.69
N MET V 54 41.79 -24.77 -3.56
CA MET V 54 42.43 -25.72 -4.46
C MET V 54 43.29 -26.72 -3.70
N VAL V 55 44.16 -26.22 -2.81
CA VAL V 55 45.17 -27.09 -2.20
C VAL V 55 44.52 -28.05 -1.20
N THR V 56 43.49 -27.61 -0.48
CA THR V 56 42.90 -28.44 0.57
C THR V 56 42.30 -29.72 0.01
N ALA V 57 41.67 -29.64 -1.17
CA ALA V 57 41.03 -30.81 -1.74
C ALA V 57 42.03 -31.93 -2.03
N GLY V 58 43.21 -31.57 -2.56
CA GLY V 58 44.23 -32.56 -2.85
C GLY V 58 44.14 -33.12 -4.25
N PHE V 59 45.03 -34.08 -4.52
CA PHE V 59 45.13 -34.70 -5.83
C PHE V 59 45.29 -36.20 -5.67
N LYS V 60 44.93 -36.93 -6.72
CA LYS V 60 45.01 -38.39 -6.75
C LYS V 60 45.81 -38.81 -7.98
N MET V 61 46.83 -39.64 -7.76
CA MET V 61 47.67 -40.14 -8.85
C MET V 61 47.39 -41.62 -9.11
N SER V 62 47.32 -41.97 -10.39
CA SER V 62 47.11 -43.34 -10.82
C SER V 62 48.30 -43.80 -11.66
N GLY V 63 48.54 -45.11 -11.64
CA GLY V 63 49.64 -45.70 -12.37
C GLY V 63 50.83 -46.10 -11.52
N VAL V 64 50.89 -45.64 -10.27
CA VAL V 64 51.99 -46.02 -9.38
C VAL V 64 51.70 -47.39 -8.77
N LYS V 65 52.76 -48.11 -8.44
CA LYS V 65 52.61 -49.44 -7.85
C LYS V 65 52.16 -49.36 -6.41
N ASP V 66 52.86 -48.57 -5.59
CA ASP V 66 52.54 -48.42 -4.17
C ASP V 66 51.81 -47.09 -3.97
N GLU V 67 50.60 -47.16 -3.41
CA GLU V 67 49.84 -45.94 -3.15
C GLU V 67 50.12 -45.40 -1.76
N LYS V 68 50.07 -46.27 -0.74
CA LYS V 68 50.30 -45.82 0.63
C LYS V 68 51.74 -45.36 0.82
N GLU V 69 52.70 -46.04 0.19
CA GLU V 69 54.09 -45.62 0.28
C GLU V 69 54.28 -44.24 -0.34
N PHE V 70 53.65 -43.99 -1.49
CA PHE V 70 53.72 -42.67 -2.09
C PHE V 70 53.07 -41.62 -1.20
N LYS V 71 51.94 -41.96 -0.58
CA LYS V 71 51.29 -41.02 0.32
C LYS V 71 52.19 -40.66 1.50
N SER V 72 52.85 -41.66 2.08
CA SER V 72 53.79 -41.40 3.18
C SER V 72 54.95 -40.54 2.71
N LEU V 73 55.49 -40.83 1.52
CA LEU V 73 56.60 -40.03 1.00
C LEU V 73 56.18 -38.58 0.77
N TRP V 74 54.98 -38.37 0.21
CA TRP V 74 54.50 -37.02 -0.03
C TRP V 74 54.26 -36.27 1.27
N ASP V 75 53.66 -36.93 2.26
CA ASP V 75 53.43 -36.28 3.55
C ASP V 75 54.71 -36.07 4.34
N SER V 76 55.79 -36.77 3.99
CA SER V 76 57.07 -36.54 4.65
C SER V 76 57.59 -35.13 4.37
N TYR V 77 57.43 -34.65 3.14
CA TYR V 77 57.98 -33.35 2.76
C TYR V 77 57.18 -32.18 3.31
N LYS V 78 55.88 -32.39 3.57
CA LYS V 78 54.97 -31.37 4.11
C LYS V 78 55.13 -30.01 3.41
N LEU V 79 54.90 -30.01 2.10
CA LEU V 79 55.03 -28.82 1.28
C LEU V 79 53.72 -28.06 1.09
N ASP V 80 52.76 -28.25 2.00
CA ASP V 80 51.47 -27.58 1.86
C ASP V 80 51.59 -26.07 2.00
N SER V 81 52.23 -25.61 3.07
CA SER V 81 52.32 -24.18 3.33
C SER V 81 53.09 -23.46 2.24
N SER V 82 54.17 -24.06 1.74
CA SER V 82 54.94 -23.44 0.67
C SER V 82 54.11 -23.28 -0.59
N LEU V 83 53.33 -24.31 -0.96
CA LEU V 83 52.48 -24.22 -2.15
C LEU V 83 51.43 -23.15 -1.98
N VAL V 84 50.77 -23.11 -0.82
CA VAL V 84 49.73 -22.12 -0.60
C VAL V 84 50.30 -20.71 -0.66
N ASP V 85 51.46 -20.50 -0.01
CA ASP V 85 52.10 -19.19 -0.02
C ASP V 85 52.53 -18.79 -1.43
N LEU V 86 53.05 -19.75 -2.21
CA LEU V 86 53.44 -19.45 -3.58
C LEU V 86 52.25 -18.98 -4.40
N LEU V 87 51.13 -19.71 -4.32
CA LEU V 87 49.95 -19.32 -5.09
C LEU V 87 49.41 -17.97 -4.62
N CYS V 88 49.40 -17.73 -3.30
CA CYS V 88 48.91 -16.45 -2.78
C CYS V 88 49.77 -15.29 -3.25
N TRP V 89 51.10 -15.46 -3.22
CA TRP V 89 51.98 -14.40 -3.69
C TRP V 89 51.83 -14.18 -5.20
N ALA V 90 51.63 -15.26 -5.95
CA ALA V 90 51.43 -15.13 -7.39
C ALA V 90 50.16 -14.33 -7.68
N ARG V 91 49.09 -14.60 -6.94
CA ARG V 91 47.85 -13.85 -7.15
C ARG V 91 47.97 -12.40 -6.67
N LEU V 92 48.75 -12.15 -5.61
CA LEU V 92 48.83 -10.81 -5.05
C LEU V 92 49.78 -9.91 -5.83
N TYR V 93 51.05 -10.27 -5.87
CA TYR V 93 52.05 -9.39 -6.47
C TYR V 93 52.03 -9.43 -7.99
N GLY V 94 51.58 -10.54 -8.57
CA GLY V 94 51.60 -10.74 -10.01
C GLY V 94 52.60 -11.77 -10.49
N GLY V 95 53.54 -12.16 -9.64
CA GLY V 95 54.52 -13.17 -9.99
C GLY V 95 55.22 -13.71 -8.77
N ALA V 96 55.71 -14.93 -8.91
CA ALA V 96 56.43 -15.61 -7.82
C ALA V 96 57.22 -16.76 -8.42
N ALA V 97 58.07 -17.35 -7.60
CA ALA V 97 58.87 -18.48 -8.05
C ALA V 97 59.22 -19.36 -6.85
N MET V 98 59.56 -20.61 -7.16
CA MET V 98 59.94 -21.59 -6.15
C MET V 98 61.22 -22.29 -6.61
N VAL V 99 62.18 -22.42 -5.69
CA VAL V 99 63.47 -23.05 -5.98
C VAL V 99 63.50 -24.40 -5.29
N ALA V 100 63.80 -25.46 -6.06
CA ALA V 100 63.86 -26.81 -5.53
C ALA V 100 65.31 -27.15 -5.20
N ILE V 101 65.59 -27.40 -3.92
CA ILE V 101 66.91 -27.81 -3.48
C ILE V 101 67.03 -29.31 -3.74
N ILE V 102 67.98 -29.69 -4.58
CA ILE V 102 68.08 -31.07 -5.06
C ILE V 102 69.46 -31.63 -4.71
N LYS V 103 69.51 -32.94 -4.54
CA LYS V 103 70.76 -33.64 -4.22
C LYS V 103 71.38 -34.24 -5.48
N ASP V 104 71.77 -33.35 -6.40
CA ASP V 104 72.38 -33.77 -7.66
C ASP V 104 73.90 -33.87 -7.58
N ASN V 105 74.50 -33.38 -6.50
CA ASN V 105 75.95 -33.45 -6.29
C ASN V 105 76.73 -32.79 -7.42
N ARG V 106 76.18 -31.70 -7.95
CA ARG V 106 76.91 -30.84 -8.89
C ARG V 106 76.69 -29.39 -8.49
N MET V 107 77.14 -28.48 -9.35
CA MET V 107 76.96 -27.05 -9.13
C MET V 107 75.50 -26.66 -9.34
N LEU V 108 75.14 -25.48 -8.81
CA LEU V 108 73.79 -24.96 -9.02
C LEU V 108 73.55 -24.62 -10.49
N THR V 109 74.57 -24.10 -11.16
CA THR V 109 74.42 -23.75 -12.57
C THR V 109 74.26 -24.98 -13.46
N SER V 110 74.86 -26.10 -13.08
CA SER V 110 74.77 -27.31 -13.88
C SER V 110 73.35 -27.88 -13.85
N GLN V 111 72.99 -28.57 -14.92
CA GLN V 111 71.65 -29.14 -15.04
C GLN V 111 71.44 -30.24 -14.02
N ALA V 112 70.18 -30.43 -13.64
CA ALA V 112 69.79 -31.46 -12.67
C ALA V 112 69.51 -32.76 -13.40
N LYS V 113 70.28 -33.79 -13.10
CA LYS V 113 70.11 -35.08 -13.76
C LYS V 113 68.88 -35.79 -13.20
N PRO V 114 68.25 -36.66 -13.99
CA PRO V 114 67.17 -37.50 -13.45
C PRO V 114 67.72 -38.50 -12.44
N GLY V 115 66.91 -38.78 -11.43
CA GLY V 115 67.27 -39.74 -10.39
C GLY V 115 67.35 -39.14 -9.00
N ALA V 116 67.57 -37.84 -8.86
CA ALA V 116 67.63 -37.22 -7.54
C ALA V 116 66.25 -37.25 -6.89
N LYS V 117 66.24 -37.16 -5.56
CA LYS V 117 65.02 -37.40 -4.80
C LYS V 117 64.64 -36.24 -3.88
N LEU V 118 65.14 -35.04 -4.15
CA LEU V 118 64.69 -33.81 -3.49
C LEU V 118 65.09 -33.73 -2.03
N GLU V 119 65.36 -32.52 -1.54
CA GLU V 119 65.56 -32.27 -0.12
C GLU V 119 64.61 -31.24 0.46
N GLY V 120 64.02 -30.39 -0.37
CA GLY V 120 63.13 -29.34 0.11
C GLY V 120 62.98 -28.26 -0.93
N VAL V 121 62.09 -27.33 -0.65
CA VAL V 121 61.75 -26.24 -1.55
C VAL V 121 62.02 -24.91 -0.86
N ARG V 122 61.95 -23.83 -1.64
CA ARG V 122 62.17 -22.49 -1.13
C ARG V 122 61.42 -21.50 -2.01
N VAL V 123 60.33 -20.94 -1.49
CA VAL V 123 59.52 -20.00 -2.24
C VAL V 123 60.15 -18.61 -2.15
N TYR V 124 59.88 -17.78 -3.15
CA TYR V 124 60.46 -16.44 -3.21
C TYR V 124 59.40 -15.46 -3.69
N ASP V 125 59.80 -14.19 -3.79
CA ASP V 125 58.94 -13.11 -4.20
C ASP V 125 59.31 -12.65 -5.60
N ARG V 126 58.42 -11.87 -6.22
CA ARG V 126 58.64 -11.46 -7.61
C ARG V 126 59.90 -10.62 -7.77
N PHE V 127 60.13 -9.68 -6.85
CA PHE V 127 61.24 -8.75 -6.98
C PHE V 127 62.59 -9.38 -6.62
N ALA V 128 62.60 -10.59 -6.09
CA ALA V 128 63.83 -11.24 -5.63
C ALA V 128 64.52 -12.06 -6.71
N ILE V 129 63.99 -12.10 -7.93
CA ILE V 129 64.53 -12.93 -9.00
C ILE V 129 64.65 -12.11 -10.26
N THR V 130 65.82 -12.16 -10.90
CA THR V 130 66.06 -11.51 -12.18
C THR V 130 66.89 -12.42 -13.06
N VAL V 131 66.74 -12.24 -14.38
CA VAL V 131 67.38 -13.09 -15.37
C VAL V 131 68.77 -12.55 -15.69
N GLU V 132 69.72 -13.46 -15.92
CA GLU V 132 71.09 -13.09 -16.28
C GLU V 132 71.38 -13.35 -17.75
N LYS V 133 71.17 -14.58 -18.22
CA LYS V 133 71.46 -14.95 -19.59
C LYS V 133 70.29 -15.75 -20.16
N ARG V 134 70.07 -15.64 -21.46
CA ARG V 134 68.96 -16.30 -22.13
C ARG V 134 69.44 -16.94 -23.42
N VAL V 135 68.54 -17.69 -24.06
CA VAL V 135 68.89 -18.45 -25.25
C VAL V 135 69.12 -17.50 -26.42
N THR V 136 70.18 -17.75 -27.19
CA THR V 136 70.52 -16.95 -28.36
C THR V 136 70.50 -17.76 -29.65
N ASN V 137 69.90 -18.95 -29.65
CA ASN V 137 69.85 -19.80 -30.83
C ASN V 137 68.49 -19.63 -31.50
N ALA V 138 68.49 -19.03 -32.70
CA ALA V 138 67.24 -18.69 -33.36
C ALA V 138 66.43 -19.94 -33.74
N ARG V 139 67.12 -20.98 -34.22
CA ARG V 139 66.40 -22.17 -34.70
C ARG V 139 65.80 -22.99 -33.56
N SER V 140 66.30 -22.82 -32.34
CA SER V 140 65.77 -23.58 -31.21
C SER V 140 64.34 -23.13 -30.91
N PRO V 141 63.43 -24.07 -30.64
CA PRO V 141 62.07 -23.65 -30.25
C PRO V 141 62.04 -22.82 -28.99
N ARG V 142 62.90 -23.13 -28.02
CA ARG V 142 62.97 -22.40 -26.76
C ARG V 142 63.97 -21.24 -26.91
N TYR V 143 63.57 -20.28 -27.75
CA TYR V 143 64.42 -19.15 -28.11
C TYR V 143 63.92 -17.90 -27.42
N GLY V 144 64.81 -17.21 -26.71
CA GLY V 144 64.45 -16.04 -25.94
C GLY V 144 64.08 -16.31 -24.50
N GLU V 145 63.82 -17.56 -24.13
CA GLU V 145 63.47 -17.88 -22.76
C GLU V 145 64.70 -17.76 -21.87
N PRO V 146 64.50 -17.50 -20.57
CA PRO V 146 65.64 -17.39 -19.66
C PRO V 146 66.36 -18.72 -19.50
N GLU V 147 67.65 -18.61 -19.17
CA GLU V 147 68.51 -19.77 -18.96
C GLU V 147 69.04 -19.86 -17.53
N ILE V 148 69.54 -18.75 -16.99
CA ILE V 148 70.08 -18.72 -15.63
C ILE V 148 69.46 -17.54 -14.89
N TYR V 149 68.93 -17.78 -13.70
CA TYR V 149 68.33 -16.75 -12.87
C TYR V 149 69.29 -16.37 -11.74
N LYS V 150 69.29 -15.09 -11.38
CA LYS V 150 70.17 -14.61 -10.32
C LYS V 150 69.71 -15.14 -8.97
N VAL V 151 68.42 -15.03 -8.66
CA VAL V 151 67.83 -15.49 -7.41
C VAL V 151 68.51 -14.74 -6.26
N SER V 152 68.01 -13.55 -5.97
CA SER V 152 68.50 -12.79 -4.82
C SER V 152 67.70 -13.17 -3.59
N PRO V 153 68.33 -13.72 -2.55
CA PRO V 153 67.58 -14.16 -1.37
C PRO V 153 67.22 -13.05 -0.39
N GLY V 154 67.71 -11.84 -0.60
CA GLY V 154 67.45 -10.78 0.35
C GLY V 154 68.12 -11.08 1.68
N ASP V 155 67.56 -10.49 2.75
CA ASP V 155 68.03 -10.70 4.12
C ASP V 155 69.52 -10.43 4.23
N ASN V 156 70.28 -11.44 4.63
CA ASN V 156 71.72 -11.31 4.80
C ASN V 156 72.54 -12.10 3.79
N MET V 157 71.92 -13.01 3.05
CA MET V 157 72.64 -13.85 2.11
C MET V 157 72.93 -13.09 0.81
N GLN V 158 73.75 -13.71 -0.04
CA GLN V 158 74.16 -13.16 -1.31
C GLN V 158 73.49 -13.91 -2.46
N PRO V 159 73.30 -13.25 -3.61
CA PRO V 159 72.66 -13.93 -4.75
C PRO V 159 73.46 -15.13 -5.22
N TYR V 160 72.75 -16.18 -5.63
CA TYR V 160 73.37 -17.40 -6.11
C TYR V 160 72.64 -17.86 -7.37
N LEU V 161 73.36 -17.92 -8.48
CA LEU V 161 72.76 -18.28 -9.76
C LEU V 161 72.29 -19.73 -9.75
N ILE V 162 71.18 -19.97 -10.45
CA ILE V 162 70.56 -21.29 -10.52
C ILE V 162 70.17 -21.57 -11.96
N HIS V 163 70.37 -22.82 -12.39
CA HIS V 163 69.92 -23.24 -13.71
C HIS V 163 68.40 -23.20 -13.80
N HIS V 164 67.89 -22.96 -15.00
CA HIS V 164 66.46 -22.81 -15.20
C HIS V 164 65.69 -24.11 -14.97
N SER V 165 66.38 -25.25 -14.95
CA SER V 165 65.70 -26.52 -14.73
C SER V 165 65.34 -26.75 -13.27
N ARG V 166 65.83 -25.91 -12.35
CA ARG V 166 65.53 -26.04 -10.93
C ARG V 166 64.68 -24.90 -10.41
N VAL V 167 64.11 -24.08 -11.30
CA VAL V 167 63.30 -22.93 -10.91
C VAL V 167 61.97 -23.00 -11.65
N PHE V 168 60.88 -22.86 -10.91
CA PHE V 168 59.53 -22.82 -11.48
C PHE V 168 58.98 -21.41 -11.35
N ILE V 169 58.49 -20.87 -12.45
CA ILE V 169 58.00 -19.49 -12.51
C ILE V 169 56.48 -19.52 -12.56
N ALA V 170 55.85 -18.92 -11.55
CA ALA V 170 54.39 -18.84 -11.47
C ALA V 170 53.96 -17.44 -11.88
N ASP V 171 53.04 -17.36 -12.83
CA ASP V 171 52.55 -16.10 -13.37
C ASP V 171 51.14 -15.82 -12.88
N GLY V 172 50.83 -14.53 -12.75
CA GLY V 172 49.55 -14.07 -12.28
C GLY V 172 48.53 -13.92 -13.39
N GLU V 173 47.69 -12.90 -13.27
CA GLU V 173 46.64 -12.65 -14.24
C GLU V 173 47.23 -12.26 -15.59
N ARG V 174 46.52 -12.64 -16.66
CA ARG V 174 46.99 -12.37 -18.00
C ARG V 174 46.95 -10.88 -18.31
N VAL V 175 47.98 -10.38 -18.99
CA VAL V 175 48.12 -8.98 -19.32
C VAL V 175 48.51 -8.87 -20.78
N ALA V 176 48.15 -7.74 -21.40
CA ALA V 176 48.53 -7.49 -22.79
C ALA V 176 50.05 -7.47 -22.93
N GLN V 177 50.54 -7.92 -24.08
CA GLN V 177 51.98 -8.07 -24.28
C GLN V 177 52.71 -6.75 -24.14
N GLN V 178 52.12 -5.66 -24.64
CA GLN V 178 52.76 -4.36 -24.55
C GLN V 178 52.98 -3.94 -23.10
N ALA V 179 51.97 -4.16 -22.25
CA ALA V 179 52.13 -3.88 -20.82
C ALA V 179 52.98 -4.93 -20.13
N ARG V 180 52.99 -6.16 -20.65
CA ARG V 180 53.83 -7.20 -20.08
C ARG V 180 55.31 -6.87 -20.25
N LYS V 181 55.68 -6.28 -21.38
CA LYS V 181 57.07 -5.86 -21.59
C LYS V 181 57.47 -4.78 -20.58
N GLN V 182 56.58 -3.83 -20.32
CA GLN V 182 56.85 -2.82 -19.30
C GLN V 182 56.85 -3.40 -17.90
N ASN V 183 56.24 -4.58 -17.71
CA ASN V 183 56.25 -5.27 -16.42
C ASN V 183 57.35 -6.32 -16.33
N GLN V 184 58.45 -6.12 -17.05
CA GLN V 184 59.60 -7.03 -17.11
C GLN V 184 59.17 -8.50 -17.15
N GLY V 185 58.24 -8.80 -18.05
CA GLY V 185 57.82 -10.17 -18.27
C GLY V 185 57.11 -10.82 -17.11
N TRP V 186 56.33 -10.05 -16.36
CA TRP V 186 55.52 -10.58 -15.27
C TRP V 186 54.06 -10.20 -15.48
N GLY V 187 53.16 -11.03 -14.95
CA GLY V 187 51.75 -10.82 -15.12
C GLY V 187 51.24 -9.67 -14.27
N ALA V 188 49.93 -9.46 -14.33
CA ALA V 188 49.27 -8.41 -13.58
C ALA V 188 48.80 -8.96 -12.24
N SER V 189 48.16 -8.12 -11.43
CA SER V 189 47.68 -8.50 -10.12
C SER V 189 46.16 -8.65 -10.13
N VAL V 190 45.66 -9.42 -9.17
CA VAL V 190 44.22 -9.60 -9.02
C VAL V 190 43.56 -8.28 -8.64
N LEU V 191 44.23 -7.50 -7.78
CA LEU V 191 43.70 -6.22 -7.32
C LEU V 191 44.04 -5.15 -8.34
N ASN V 192 43.19 -5.04 -9.37
CA ASN V 192 43.35 -4.01 -10.38
C ASN V 192 42.76 -2.71 -9.86
N LYS V 193 42.64 -1.71 -10.74
CA LYS V 193 42.17 -0.39 -10.32
C LYS V 193 40.69 -0.42 -9.94
N SER V 194 39.88 -1.18 -10.67
CA SER V 194 38.44 -1.17 -10.46
C SER V 194 38.06 -1.70 -9.09
N LEU V 195 38.70 -2.81 -8.66
CA LEU V 195 38.39 -3.38 -7.35
C LEU V 195 38.76 -2.42 -6.23
N ILE V 196 39.92 -1.79 -6.32
CA ILE V 196 40.35 -0.85 -5.30
C ILE V 196 39.40 0.33 -5.22
N ASP V 197 39.00 0.86 -6.39
CA ASP V 197 38.06 1.98 -6.40
C ASP V 197 36.73 1.58 -5.78
N ALA V 198 36.23 0.38 -6.11
CA ALA V 198 34.96 -0.06 -5.56
C ALA V 198 35.02 -0.22 -4.05
N ILE V 199 36.10 -0.81 -3.53
CA ILE V 199 36.22 -1.00 -2.09
C ILE V 199 36.30 0.34 -1.37
N CYS V 200 37.10 1.28 -1.88
CA CYS V 200 37.18 2.59 -1.25
C CYS V 200 35.84 3.31 -1.29
N ASP V 201 35.12 3.19 -2.42
CA ASP V 201 33.81 3.82 -2.54
C ASP V 201 32.83 3.24 -1.52
N TYR V 202 32.86 1.92 -1.33
CA TYR V 202 31.95 1.30 -0.36
C TYR V 202 32.27 1.76 1.06
N ASP V 203 33.56 1.84 1.41
CA ASP V 203 33.91 2.33 2.74
C ASP V 203 33.45 3.76 2.94
N TYR V 204 33.65 4.61 1.94
CA TYR V 204 33.21 6.00 2.04
C TYR V 204 31.70 6.09 2.19
N CYS V 205 30.96 5.25 1.45
CA CYS V 205 29.50 5.25 1.57
C CYS V 205 29.05 4.80 2.95
N GLU V 206 29.71 3.80 3.53
CA GLU V 206 29.36 3.38 4.88
C GLU V 206 29.61 4.50 5.89
N SER V 207 30.73 5.22 5.74
CA SER V 207 31.00 6.35 6.62
C SER V 207 29.92 7.42 6.47
N LEU V 208 29.51 7.72 5.24
CA LEU V 208 28.45 8.69 5.01
C LEU V 208 27.13 8.23 5.63
N ALA V 209 26.85 6.92 5.57
CA ALA V 209 25.63 6.41 6.17
C ALA V 209 25.64 6.61 7.69
N THR V 210 26.78 6.34 8.33
CA THR V 210 26.89 6.58 9.77
C THR V 210 26.67 8.06 10.08
N GLN V 211 27.28 8.95 9.28
CA GLN V 211 27.09 10.38 9.51
C GLN V 211 25.65 10.80 9.33
N ILE V 212 24.94 10.20 8.36
CA ILE V 212 23.54 10.53 8.13
C ILE V 212 22.69 10.09 9.32
N LEU V 213 22.97 8.90 9.87
CA LEU V 213 22.25 8.46 11.07
C LEU V 213 22.52 9.38 12.24
N ARG V 214 23.76 9.87 12.35
CA ARG V 214 24.15 10.69 13.49
C ARG V 214 23.31 11.95 13.60
N ARG V 215 23.08 12.63 12.48
CA ARG V 215 22.34 13.89 12.45
C ARG V 215 20.92 13.64 11.92
N LYS V 216 20.03 13.23 12.82
CA LYS V 216 18.62 13.06 12.50
C LYS V 216 17.74 14.16 13.08
N GLN V 217 18.04 14.63 14.28
CA GLN V 217 17.32 15.73 14.90
C GLN V 217 18.31 16.79 15.36
N GLN V 218 17.94 18.05 15.21
CA GLN V 218 18.73 19.16 15.73
C GLN V 218 17.82 20.12 16.47
N ALA V 219 18.20 20.49 17.68
CA ALA V 219 17.46 21.46 18.49
C ALA V 219 18.23 22.77 18.51
N VAL V 220 17.58 23.84 18.08
CA VAL V 220 18.21 25.15 17.95
C VAL V 220 17.63 26.07 19.02
N TRP V 221 18.51 26.71 19.78
CA TRP V 221 18.13 27.58 20.88
C TRP V 221 18.49 29.02 20.55
N LYS V 222 17.51 29.91 20.61
CA LYS V 222 17.70 31.30 20.26
C LYS V 222 17.47 32.20 21.47
N VAL V 223 18.33 33.21 21.62
CA VAL V 223 18.24 34.19 22.69
C VAL V 223 18.26 35.58 22.06
N LYS V 224 17.59 36.53 22.71
CA LYS V 224 17.52 37.88 22.18
C LYS V 224 18.91 38.53 22.13
N GLY V 225 19.63 38.51 23.25
CA GLY V 225 20.98 39.03 23.27
C GLY V 225 21.99 37.95 23.60
N LEU V 226 22.80 37.56 22.62
CA LEU V 226 23.80 36.53 22.80
C LEU V 226 25.15 36.87 22.18
N ALA V 227 25.21 37.88 21.33
CA ALA V 227 26.45 38.29 20.68
C ALA V 227 27.22 39.32 21.49
N GLU V 228 26.75 39.62 22.71
CA GLU V 228 27.40 40.59 23.57
C GLU V 228 28.43 39.97 24.49
N MET V 229 28.61 38.66 24.44
CA MET V 229 29.55 37.99 25.32
C MET V 229 30.99 38.34 24.95
N CYS V 230 31.90 38.18 25.91
CA CYS V 230 33.31 38.49 25.71
C CYS V 230 34.01 37.32 25.04
N ASP V 231 33.28 36.22 24.85
CA ASP V 231 33.72 35.03 24.12
C ASP V 231 34.73 34.20 24.90
N ASP V 232 35.20 34.72 26.05
CA ASP V 232 36.13 33.99 26.90
C ASP V 232 35.87 34.19 28.39
N ASP V 233 34.83 34.92 28.77
CA ASP V 233 34.61 35.26 30.17
C ASP V 233 33.73 34.22 30.85
N ASP V 234 33.27 34.54 32.07
CA ASP V 234 32.49 33.58 32.85
C ASP V 234 31.09 33.41 32.29
N ALA V 235 30.57 34.43 31.60
CA ALA V 235 29.20 34.36 31.09
C ALA V 235 29.04 33.23 30.09
N GLN V 236 29.98 33.10 29.15
CA GLN V 236 29.91 32.02 28.17
C GLN V 236 30.02 30.67 28.84
N TYR V 237 30.92 30.54 29.82
CA TYR V 237 31.08 29.29 30.54
C TYR V 237 29.78 28.88 31.23
N ALA V 238 29.14 29.83 31.92
CA ALA V 238 27.89 29.53 32.60
C ALA V 238 26.79 29.16 31.60
N ALA V 239 26.70 29.90 30.49
CA ALA V 239 25.68 29.61 29.50
C ALA V 239 25.85 28.23 28.90
N ARG V 240 27.10 27.85 28.58
CA ARG V 240 27.33 26.54 27.99
C ARG V 240 27.11 25.41 28.99
N LEU V 241 27.48 25.63 30.26
CA LEU V 241 27.16 24.63 31.29
C LEU V 241 25.65 24.46 31.41
N ARG V 242 24.90 25.56 31.41
CA ARG V 242 23.44 25.49 31.50
C ARG V 242 22.86 24.73 30.32
N LEU V 243 23.34 25.04 29.12
CA LEU V 243 22.84 24.35 27.92
C LEU V 243 23.14 22.87 27.98
N ALA V 244 24.36 22.50 28.38
CA ALA V 244 24.73 21.09 28.47
C ALA V 244 23.84 20.36 29.47
N GLN V 245 23.65 20.94 30.65
CA GLN V 245 22.80 20.30 31.66
C GLN V 245 21.37 20.16 31.16
N VAL V 246 20.84 21.20 30.50
CA VAL V 246 19.46 21.15 30.06
C VAL V 246 19.26 20.09 29.00
N ASP V 247 20.17 20.00 28.02
CA ASP V 247 19.99 18.96 27.02
C ASP V 247 20.31 17.57 27.57
N ASP V 248 21.04 17.50 28.68
CA ASP V 248 21.28 16.21 29.32
C ASP V 248 20.04 15.71 30.06
N ASN V 249 19.33 16.62 30.73
CA ASN V 249 18.21 16.22 31.58
C ASN V 249 16.86 16.25 30.88
N SER V 250 16.81 16.66 29.61
CA SER V 250 15.54 16.73 28.91
C SER V 250 15.19 15.36 28.30
N GLY V 251 14.05 15.31 27.62
CA GLY V 251 13.59 14.10 26.98
C GLY V 251 12.08 14.03 27.00
N VAL V 252 11.57 12.80 26.91
CA VAL V 252 10.13 12.57 27.02
C VAL V 252 9.77 12.43 28.49
N GLY V 253 8.75 13.17 28.92
CA GLY V 253 8.40 13.25 30.32
C GLY V 253 9.07 14.38 31.08
N ARG V 254 9.98 15.10 30.44
CA ARG V 254 10.62 16.27 31.02
C ARG V 254 10.40 17.48 30.13
N ALA V 255 10.25 18.65 30.75
CA ALA V 255 9.91 19.86 30.04
C ALA V 255 10.98 20.93 30.26
N ILE V 256 10.95 21.94 29.39
CA ILE V 256 11.85 23.08 29.48
C ILE V 256 11.01 24.33 29.69
N GLY V 257 11.44 25.16 30.63
CA GLY V 257 10.82 26.45 30.83
C GLY V 257 11.52 27.52 29.99
N ILE V 258 10.77 28.14 29.08
CA ILE V 258 11.31 29.14 28.17
C ILE V 258 10.70 30.49 28.51
N ASP V 259 11.55 31.51 28.63
CA ASP V 259 11.05 32.86 28.82
C ASP V 259 10.52 33.38 27.49
N ALA V 260 9.27 33.86 27.50
CA ALA V 260 8.67 34.36 26.28
C ALA V 260 9.30 35.69 25.89
N GLU V 261 8.97 36.14 24.67
CA GLU V 261 9.32 37.44 24.09
C GLU V 261 10.81 37.73 24.13
N THR V 262 11.63 36.76 24.53
CA THR V 262 13.08 36.93 24.47
C THR V 262 13.83 35.67 24.08
N GLU V 263 13.14 34.56 23.79
CA GLU V 263 13.83 33.28 23.65
C GLU V 263 12.85 32.25 23.08
N GLU V 264 13.36 31.39 22.19
CA GLU V 264 12.55 30.35 21.56
C GLU V 264 13.31 29.04 21.60
N TYR V 265 12.65 27.99 21.12
CA TYR V 265 13.23 26.65 21.10
C TYR V 265 12.57 25.87 19.96
N ASP V 266 13.37 25.43 18.99
CA ASP V 266 12.87 24.72 17.82
C ASP V 266 13.64 23.42 17.63
N VAL V 267 13.00 22.46 16.98
CA VAL V 267 13.60 21.16 16.68
C VAL V 267 13.44 20.91 15.18
N LEU V 268 14.54 20.54 14.53
CA LEU V 268 14.55 20.24 13.10
C LEU V 268 14.80 18.76 12.90
N ASN V 269 13.99 18.14 12.04
CA ASN V 269 14.04 16.71 11.79
C ASN V 269 14.59 16.40 10.41
N SER V 270 14.80 15.12 10.15
CA SER V 270 15.28 14.61 8.87
C SER V 270 14.71 13.21 8.68
N ASP V 271 15.27 12.47 7.73
CA ASP V 271 14.79 11.11 7.49
C ASP V 271 15.94 10.24 7.00
N ILE V 272 15.77 8.93 7.14
CA ILE V 272 16.69 7.93 6.61
C ILE V 272 15.84 6.89 5.90
N SER V 273 15.71 7.03 4.58
CA SER V 273 14.75 6.25 3.80
C SER V 273 15.36 5.01 3.17
N GLY V 274 16.35 5.17 2.29
CA GLY V 274 16.84 4.05 1.51
C GLY V 274 18.33 3.80 1.60
N VAL V 275 18.90 4.06 2.78
CA VAL V 275 20.34 3.83 2.96
C VAL V 275 20.71 2.36 2.82
N PRO V 276 20.04 1.41 3.50
CA PRO V 276 20.48 0.01 3.39
C PRO V 276 20.46 -0.54 1.98
N GLU V 277 19.47 -0.15 1.16
CA GLU V 277 19.44 -0.59 -0.22
C GLU V 277 20.61 -0.02 -1.01
N PHE V 278 20.97 1.24 -0.74
CA PHE V 278 22.14 1.84 -1.39
C PHE V 278 23.41 1.06 -1.05
N LEU V 279 23.60 0.76 0.23
CA LEU V 279 24.78 0.02 0.64
C LEU V 279 24.81 -1.38 0.04
N SER V 280 23.64 -2.04 -0.01
CA SER V 280 23.56 -3.36 -0.62
C SER V 280 23.89 -3.30 -2.10
N SER V 281 23.45 -2.25 -2.80
CA SER V 281 23.79 -2.10 -4.21
C SER V 281 25.29 -1.93 -4.41
N LYS V 282 25.93 -1.13 -3.56
CA LYS V 282 27.37 -0.96 -3.67
C LYS V 282 28.11 -2.27 -3.41
N MET V 283 27.67 -3.03 -2.40
CA MET V 283 28.27 -4.34 -2.16
C MET V 283 28.03 -5.29 -3.32
N ASP V 284 26.87 -5.18 -3.98
CA ASP V 284 26.61 -5.99 -5.17
C ASP V 284 27.57 -5.64 -6.30
N ARG V 285 27.87 -4.35 -6.46
CA ARG V 285 28.87 -3.96 -7.46
C ARG V 285 30.24 -4.55 -7.12
N ILE V 286 30.60 -4.53 -5.83
CA ILE V 286 31.88 -5.14 -5.44
C ILE V 286 31.89 -6.62 -5.78
N VAL V 287 30.79 -7.32 -5.48
CA VAL V 287 30.70 -8.75 -5.78
C VAL V 287 30.83 -8.99 -7.29
N SER V 288 30.16 -8.17 -8.09
CA SER V 288 30.20 -8.33 -9.54
C SER V 288 31.62 -8.12 -10.08
N LEU V 289 32.31 -7.10 -9.58
CA LEU V 289 33.67 -6.82 -10.08
C LEU V 289 34.69 -7.84 -9.60
N SER V 290 34.52 -8.37 -8.38
CA SER V 290 35.54 -9.25 -7.81
C SER V 290 35.70 -10.54 -8.60
N GLY V 291 34.61 -11.11 -9.09
CA GLY V 291 34.68 -12.39 -9.77
C GLY V 291 34.44 -13.60 -8.90
N ILE V 292 33.89 -13.41 -7.70
CA ILE V 292 33.62 -14.51 -6.77
C ILE V 292 32.16 -14.44 -6.38
N HIS V 293 31.59 -15.61 -6.07
CA HIS V 293 30.16 -15.70 -5.75
C HIS V 293 29.83 -14.86 -4.52
N GLU V 294 28.59 -14.38 -4.48
CA GLU V 294 28.16 -13.52 -3.38
C GLU V 294 28.10 -14.26 -2.05
N ILE V 295 27.87 -15.57 -2.08
CA ILE V 295 27.83 -16.34 -0.84
C ILE V 295 29.19 -16.32 -0.16
N ILE V 296 30.26 -16.42 -0.93
CA ILE V 296 31.61 -16.43 -0.35
C ILE V 296 31.96 -15.06 0.21
N ILE V 297 31.70 -14.00 -0.56
CA ILE V 297 32.15 -12.68 -0.14
C ILE V 297 31.26 -12.12 0.97
N LYS V 298 29.95 -12.07 0.74
CA LYS V 298 29.03 -11.61 1.76
C LYS V 298 28.96 -12.54 2.96
N ASN V 299 29.37 -13.80 2.79
CA ASN V 299 29.38 -14.80 3.86
C ASN V 299 28.05 -14.85 4.59
N LYS V 300 26.96 -14.72 3.84
CA LYS V 300 25.62 -14.70 4.41
C LYS V 300 24.68 -15.41 3.45
N ASN V 301 24.14 -16.54 3.88
CA ASN V 301 23.14 -17.26 3.10
C ASN V 301 21.80 -16.56 3.30
N VAL V 302 20.70 -17.22 2.95
CA VAL V 302 19.34 -16.70 3.14
C VAL V 302 19.04 -15.65 2.07
N GLY V 303 20.07 -15.16 1.40
CA GLY V 303 19.86 -14.25 0.29
C GLY V 303 18.89 -14.81 -0.74
N GLY V 304 19.01 -16.11 -1.03
CA GLY V 304 18.03 -16.80 -1.84
C GLY V 304 17.22 -17.79 -1.02
N VAL V 305 16.20 -18.39 -1.63
CA VAL V 305 15.40 -19.38 -0.93
C VAL V 305 16.27 -20.61 -0.64
N SER V 306 15.85 -21.38 0.36
CA SER V 306 16.59 -22.56 0.78
C SER V 306 16.64 -23.59 -0.34
N ALA V 307 17.81 -23.78 -0.93
CA ALA V 307 18.02 -24.76 -1.98
C ALA V 307 18.56 -26.06 -1.36
N SER V 308 18.97 -26.99 -2.21
CA SER V 308 19.53 -28.25 -1.73
C SER V 308 20.80 -27.99 -0.94
N GLN V 309 21.85 -27.49 -1.61
CA GLN V 309 23.13 -27.18 -1.00
C GLN V 309 24.12 -26.66 -2.03
N ASN V 310 24.71 -27.57 -2.81
CA ASN V 310 25.74 -27.21 -3.77
C ASN V 310 25.18 -26.46 -4.97
N THR V 311 23.86 -26.39 -5.10
CA THR V 311 23.24 -25.78 -6.28
C THR V 311 23.69 -24.33 -6.45
N ALA V 312 23.72 -23.57 -5.35
CA ALA V 312 24.19 -22.19 -5.43
C ALA V 312 25.69 -22.09 -5.59
N LEU V 313 26.44 -23.09 -5.12
CA LEU V 313 27.89 -23.06 -5.13
C LEU V 313 28.50 -23.72 -6.36
N GLU V 314 27.68 -24.16 -7.32
CA GLU V 314 28.22 -24.79 -8.52
C GLU V 314 29.09 -23.84 -9.32
N THR V 315 28.71 -22.56 -9.40
CA THR V 315 29.53 -21.59 -10.12
C THR V 315 30.92 -21.45 -9.48
N PHE V 316 30.95 -21.35 -8.15
CA PHE V 316 32.23 -21.26 -7.45
C PHE V 316 33.05 -22.52 -7.65
N TYR V 317 32.40 -23.69 -7.63
CA TYR V 317 33.11 -24.94 -7.83
C TYR V 317 33.69 -25.03 -9.24
N LYS V 318 32.93 -24.57 -10.25
CA LYS V 318 33.45 -24.54 -11.61
C LYS V 318 34.65 -23.61 -11.72
N LEU V 319 34.57 -22.44 -11.07
CA LEU V 319 35.70 -21.51 -11.08
C LEU V 319 36.93 -22.16 -10.43
N VAL V 320 36.73 -22.85 -9.32
CA VAL V 320 37.86 -23.49 -8.62
C VAL V 320 38.44 -24.60 -9.48
N ASP V 321 37.58 -25.35 -10.18
CA ASP V 321 38.07 -26.41 -11.07
C ASP V 321 38.91 -25.83 -12.20
N ARG V 322 38.42 -24.76 -12.84
CA ARG V 322 39.19 -24.13 -13.90
C ARG V 322 40.52 -23.60 -13.38
N LYS V 323 40.51 -22.96 -12.21
CA LYS V 323 41.73 -22.42 -11.64
C LYS V 323 42.73 -23.52 -11.30
N ARG V 324 42.25 -24.64 -10.72
CA ARG V 324 43.17 -25.72 -10.40
C ARG V 324 43.78 -26.29 -11.67
N GLU V 325 42.96 -26.52 -12.70
CA GLU V 325 43.49 -27.04 -13.96
C GLU V 325 44.50 -26.09 -14.58
N GLU V 326 44.28 -24.78 -14.45
CA GLU V 326 45.20 -23.83 -15.07
C GLU V 326 46.51 -23.68 -14.29
N ASP V 327 46.45 -23.69 -12.96
CA ASP V 327 47.60 -23.31 -12.16
C ASP V 327 48.22 -24.44 -11.34
N TYR V 328 47.42 -25.27 -10.68
CA TYR V 328 47.97 -26.23 -9.73
C TYR V 328 48.64 -27.39 -10.44
N ARG V 329 48.13 -27.79 -11.60
CA ARG V 329 48.68 -28.94 -12.31
C ARG V 329 50.14 -28.75 -12.72
N PRO V 330 50.56 -27.63 -13.31
CA PRO V 330 51.99 -27.49 -13.67
C PRO V 330 52.92 -27.60 -12.48
N LEU V 331 52.52 -27.09 -11.31
CA LEU V 331 53.38 -27.18 -10.13
C LEU V 331 53.59 -28.64 -9.73
N LEU V 332 52.51 -29.44 -9.73
CA LEU V 332 52.64 -30.85 -9.41
C LEU V 332 53.45 -31.59 -10.46
N GLU V 333 53.24 -31.29 -11.74
CA GLU V 333 54.01 -31.94 -12.79
C GLU V 333 55.48 -31.54 -12.76
N PHE V 334 55.80 -30.41 -12.15
CA PHE V 334 57.21 -30.03 -11.97
C PHE V 334 57.81 -30.72 -10.75
N LEU V 335 57.05 -30.83 -9.66
CA LEU V 335 57.59 -31.39 -8.43
C LEU V 335 57.68 -32.92 -8.46
N LEU V 336 56.73 -33.59 -9.13
CA LEU V 336 56.67 -35.04 -9.05
C LEU V 336 57.89 -35.78 -9.60
N PRO V 337 58.48 -35.42 -10.74
CA PRO V 337 59.61 -36.22 -11.26
C PRO V 337 60.77 -36.34 -10.29
N PHE V 338 60.91 -35.40 -9.37
CA PHE V 338 61.96 -35.48 -8.35
C PHE V 338 61.52 -36.30 -7.14
N ILE V 339 60.31 -36.85 -7.14
CA ILE V 339 59.82 -37.64 -6.02
C ILE V 339 59.46 -39.04 -6.48
N VAL V 340 58.56 -39.14 -7.45
CA VAL V 340 58.07 -40.44 -7.90
C VAL V 340 59.15 -41.14 -8.71
N ASP V 341 59.44 -42.39 -8.33
CA ASP V 341 60.48 -43.15 -9.03
C ASP V 341 60.01 -43.65 -10.39
N GLU V 342 58.76 -44.10 -10.49
CA GLU V 342 58.25 -44.63 -11.74
C GLU V 342 58.15 -43.54 -12.80
N GLU V 343 58.50 -43.89 -14.04
CA GLU V 343 58.51 -42.91 -15.13
C GLU V 343 57.10 -42.60 -15.63
N GLU V 344 56.16 -43.53 -15.49
CA GLU V 344 54.82 -43.36 -16.02
C GLU V 344 53.85 -43.07 -14.87
N TRP V 345 53.13 -41.96 -14.98
CA TRP V 345 52.16 -41.55 -13.97
C TRP V 345 51.26 -40.48 -14.56
N SER V 346 50.16 -40.20 -13.87
CA SER V 346 49.22 -39.16 -14.27
C SER V 346 48.49 -38.66 -13.02
N ILE V 347 48.03 -37.42 -13.09
CA ILE V 347 47.42 -36.73 -11.94
C ILE V 347 45.94 -36.56 -12.22
N GLU V 348 45.11 -37.06 -11.30
CA GLU V 348 43.67 -36.91 -11.38
C GLU V 348 43.19 -36.14 -10.16
N PHE V 349 42.46 -35.04 -10.39
CA PHE V 349 42.06 -34.15 -9.32
C PHE V 349 40.78 -34.64 -8.65
N GLU V 350 40.78 -34.64 -7.31
CA GLU V 350 39.61 -35.05 -6.56
C GLU V 350 38.50 -34.00 -6.69
N PRO V 351 37.24 -34.45 -6.73
CA PRO V 351 36.13 -33.49 -6.83
C PRO V 351 35.99 -32.65 -5.58
N LEU V 352 35.49 -31.43 -5.77
CA LEU V 352 35.26 -30.53 -4.64
C LEU V 352 34.00 -30.91 -3.87
N SER V 353 32.96 -31.37 -4.58
CA SER V 353 31.68 -31.68 -3.98
C SER V 353 31.57 -33.18 -3.71
N VAL V 354 31.28 -33.54 -2.46
CA VAL V 354 31.15 -34.93 -2.07
C VAL V 354 29.73 -35.18 -1.58
N PRO V 355 29.13 -36.32 -1.90
CA PRO V 355 27.76 -36.59 -1.45
C PRO V 355 27.73 -37.00 0.02
N SER V 356 26.51 -37.03 0.56
CA SER V 356 26.30 -37.45 1.93
C SER V 356 26.50 -38.97 2.06
N LYS V 357 26.54 -39.43 3.31
CA LYS V 357 26.82 -40.84 3.56
C LYS V 357 25.72 -41.75 2.99
N LYS V 358 24.47 -41.33 3.13
CA LYS V 358 23.36 -42.13 2.60
C LYS V 358 23.45 -42.26 1.07
N GLU V 359 23.75 -41.15 0.40
CA GLU V 359 23.93 -41.20 -1.05
C GLU V 359 25.12 -42.07 -1.43
N GLU V 360 26.19 -42.02 -0.64
CA GLU V 360 27.34 -42.88 -0.90
C GLU V 360 26.97 -44.35 -0.78
N SER V 361 26.18 -44.70 0.24
CA SER V 361 25.74 -46.09 0.40
C SER V 361 24.88 -46.52 -0.77
N GLU V 362 23.97 -45.65 -1.23
CA GLU V 362 23.14 -46.00 -2.38
C GLU V 362 23.98 -46.17 -3.64
N ILE V 363 24.99 -45.31 -3.83
CA ILE V 363 25.86 -45.42 -4.99
C ILE V 363 26.63 -46.74 -4.96
N THR V 364 27.17 -47.11 -3.79
CA THR V 364 27.88 -48.37 -3.67
C THR V 364 26.96 -49.55 -3.94
N LYS V 365 25.72 -49.48 -3.43
CA LYS V 365 24.76 -50.55 -3.70
C LYS V 365 24.48 -50.70 -5.19
N ASN V 366 24.26 -49.58 -5.88
CA ASN V 366 23.99 -49.63 -7.31
C ASN V 366 25.18 -50.19 -8.08
N ASN V 367 26.39 -49.74 -7.74
CA ASN V 367 27.57 -50.23 -8.45
C ASN V 367 27.78 -51.72 -8.22
N VAL V 368 27.59 -52.17 -6.98
CA VAL V 368 27.77 -53.60 -6.67
C VAL V 368 26.73 -54.43 -7.42
N GLU V 369 25.49 -53.97 -7.46
CA GLU V 369 24.46 -54.71 -8.18
C GLU V 369 24.76 -54.77 -9.67
N SER V 370 25.24 -53.67 -10.24
CA SER V 370 25.60 -53.66 -11.65
C SER V 370 26.74 -54.64 -11.94
N VAL V 371 27.76 -54.65 -11.09
CA VAL V 371 28.88 -55.56 -11.28
C VAL V 371 28.42 -57.02 -11.17
N THR V 372 27.56 -57.30 -10.18
CA THR V 372 27.06 -58.66 -10.00
C THR V 372 26.25 -59.11 -11.20
N LYS V 373 25.40 -58.21 -11.73
CA LYS V 373 24.66 -58.55 -12.95
C LYS V 373 25.59 -58.76 -14.13
N ALA V 374 26.71 -58.03 -14.17
CA ALA V 374 27.69 -58.26 -15.24
C ALA V 374 28.35 -59.62 -15.10
N ILE V 375 28.59 -60.08 -13.87
CA ILE V 375 29.19 -61.40 -13.65
C ILE V 375 28.32 -62.49 -14.25
N THR V 376 27.02 -62.43 -13.99
CA THR V 376 26.10 -63.39 -14.59
C THR V 376 26.10 -63.23 -16.11
N GLU V 377 25.70 -64.31 -16.80
CA GLU V 377 25.73 -64.47 -18.25
C GLU V 377 27.16 -64.54 -18.79
N GLN V 378 28.19 -64.43 -17.95
CA GLN V 378 29.58 -64.70 -18.31
C GLN V 378 30.03 -63.83 -19.47
N ILE V 379 30.06 -62.53 -19.21
CA ILE V 379 30.49 -61.56 -20.22
C ILE V 379 31.62 -60.69 -19.69
N ILE V 380 31.96 -60.84 -18.41
CA ILE V 380 32.90 -59.94 -17.76
C ILE V 380 34.08 -60.64 -17.10
N ASP V 381 33.98 -61.93 -16.79
CA ASP V 381 35.03 -62.70 -16.10
C ASP V 381 35.25 -62.21 -14.67
N LEU V 382 35.79 -63.08 -13.83
CA LEU V 382 35.96 -62.75 -12.41
C LEU V 382 37.02 -61.68 -12.20
N GLU V 383 38.13 -61.76 -12.94
CA GLU V 383 39.25 -60.85 -12.68
C GLU V 383 38.89 -59.41 -12.98
N GLU V 384 38.29 -59.16 -14.16
CA GLU V 384 37.92 -57.81 -14.53
C GLU V 384 36.89 -57.23 -13.56
N ALA V 385 35.94 -58.06 -13.13
CA ALA V 385 34.97 -57.61 -12.14
C ALA V 385 35.65 -57.27 -10.82
N ARG V 386 36.67 -58.04 -10.43
CA ARG V 386 37.39 -57.73 -9.20
C ARG V 386 38.12 -56.40 -9.30
N ASP V 387 38.78 -56.13 -10.43
CA ASP V 387 39.43 -54.83 -10.58
C ASP V 387 38.40 -53.70 -10.60
N THR V 388 37.25 -53.94 -11.25
CA THR V 388 36.19 -52.92 -11.28
C THR V 388 35.68 -52.63 -9.88
N LEU V 389 35.51 -53.67 -9.06
CA LEU V 389 35.08 -53.47 -7.68
C LEU V 389 36.15 -52.74 -6.87
N ARG V 390 37.42 -53.06 -7.12
CA ARG V 390 38.51 -52.39 -6.41
C ARG V 390 38.55 -50.90 -6.73
N SER V 391 38.33 -50.55 -7.99
CA SER V 391 38.47 -49.15 -8.40
C SER V 391 37.21 -48.35 -8.11
N ILE V 392 36.05 -48.85 -8.54
CA ILE V 392 34.80 -48.11 -8.45
C ILE V 392 34.43 -47.85 -6.99
N ALA V 393 34.56 -48.87 -6.14
CA ALA V 393 34.15 -48.80 -4.74
C ALA V 393 35.37 -48.92 -3.83
N PRO V 394 35.99 -47.81 -3.42
CA PRO V 394 37.11 -47.90 -2.48
C PRO V 394 36.74 -48.47 -1.13
N GLU V 395 35.45 -48.47 -0.77
CA GLU V 395 35.06 -48.92 0.56
C GLU V 395 35.42 -50.38 0.80
N PHE V 396 35.20 -51.22 -0.21
CA PHE V 396 35.58 -52.63 -0.09
C PHE V 396 37.09 -52.76 0.02
N LYS V 397 37.55 -53.57 0.98
CA LYS V 397 38.97 -53.84 1.18
C LYS V 397 39.31 -55.19 0.54
N LEU V 398 39.46 -55.17 -0.78
CA LEU V 398 39.85 -56.37 -1.51
C LEU V 398 41.29 -56.73 -1.19
N LYS V 399 41.57 -58.03 -1.14
CA LYS V 399 42.91 -58.52 -0.92
C LYS V 399 43.66 -58.61 -2.25
N ASP V 400 44.94 -58.30 -2.22
CA ASP V 400 45.75 -58.29 -3.43
C ASP V 400 45.76 -59.66 -4.08
N GLY V 401 45.64 -59.67 -5.41
CA GLY V 401 45.59 -60.90 -6.16
C GLY V 401 44.15 -61.31 -6.48
N ASN V 402 43.99 -61.98 -7.61
CA ASN V 402 42.68 -62.44 -8.07
C ASN V 402 42.52 -63.96 -7.96
N ASN V 403 43.30 -64.59 -7.08
CA ASN V 403 43.27 -66.04 -6.93
C ASN V 403 42.21 -66.53 -5.97
N ILE V 404 41.55 -65.62 -5.24
CA ILE V 404 40.57 -65.90 -4.18
C ILE V 404 40.89 -67.19 -3.44
N ASN V 405 39.88 -68.01 -3.16
CA ASN V 405 40.07 -69.28 -2.47
C ASN V 405 38.98 -70.28 -2.84
N ASN W 2 -31.82 43.72 52.61
CA ASN W 2 -31.64 44.23 53.97
C ASN W 2 -31.69 45.74 54.01
N GLN W 3 -31.41 46.31 55.17
CA GLN W 3 -31.39 47.76 55.34
C GLN W 3 -30.03 48.31 55.71
N GLU W 4 -29.37 47.74 56.73
CA GLU W 4 -28.04 48.22 57.13
C GLU W 4 -27.04 48.08 56.00
N THR W 5 -27.22 47.07 55.14
CA THR W 5 -26.35 46.90 53.98
C THR W 5 -26.43 48.11 53.06
N LEU W 6 -27.64 48.64 52.86
CA LEU W 6 -27.80 49.81 52.00
C LEU W 6 -27.02 51.01 52.56
N ILE W 7 -27.14 51.27 53.86
CA ILE W 7 -26.43 52.39 54.46
C ILE W 7 -24.93 52.18 54.36
N ALA W 8 -24.46 50.95 54.64
CA ALA W 8 -23.03 50.69 54.55
C ALA W 8 -22.50 50.90 53.13
N VAL W 9 -23.25 50.42 52.13
CA VAL W 9 -22.82 50.56 50.74
C VAL W 9 -22.80 52.02 50.33
N VAL W 10 -23.83 52.79 50.69
CA VAL W 10 -23.86 54.21 50.36
C VAL W 10 -22.72 54.95 51.03
N GLU W 11 -22.45 54.62 52.30
CA GLU W 11 -21.36 55.28 53.02
C GLU W 11 -20.01 54.96 52.38
N GLN W 12 -19.82 53.70 51.97
CA GLN W 12 -18.58 53.35 51.28
C GLN W 12 -18.46 54.08 49.94
N MET W 13 -19.56 54.19 49.21
CA MET W 13 -19.54 54.92 47.94
C MET W 13 -19.16 56.37 48.15
N ARG W 14 -19.71 57.01 49.18
CA ARG W 14 -19.37 58.40 49.45
C ARG W 14 -17.94 58.53 49.96
N LYS W 15 -17.43 57.53 50.68
CA LYS W 15 -16.04 57.56 51.13
C LYS W 15 -15.07 57.47 49.96
N LEU W 16 -15.34 56.55 49.02
CA LEU W 16 -14.42 56.35 47.91
C LEU W 16 -14.39 57.58 47.00
N VAL W 17 -15.56 58.07 46.61
CA VAL W 17 -15.69 59.24 45.75
C VAL W 17 -16.36 60.36 46.53
N PRO W 18 -15.68 61.48 46.73
CA PRO W 18 -16.35 62.65 47.32
C PRO W 18 -17.24 63.34 46.31
N ALA W 19 -17.93 64.41 46.73
CA ALA W 19 -18.85 65.20 45.95
C ALA W 19 -20.11 64.42 45.58
N LEU W 20 -20.19 63.14 45.91
CA LEU W 20 -21.43 62.39 45.83
C LEU W 20 -22.28 62.55 47.08
N ARG W 21 -21.76 63.24 48.09
CA ARG W 21 -22.50 63.47 49.33
C ARG W 21 -23.69 64.39 49.09
N LYS W 22 -23.54 65.37 48.19
CA LYS W 22 -24.60 66.31 47.91
C LYS W 22 -25.79 65.67 47.19
N VAL W 23 -25.59 64.48 46.61
CA VAL W 23 -26.67 63.81 45.89
C VAL W 23 -27.71 63.31 46.90
N PRO W 24 -29.00 63.45 46.63
CA PRO W 24 -30.02 62.96 47.57
C PRO W 24 -29.89 61.47 47.80
N ASP W 25 -30.24 61.04 49.01
CA ASP W 25 -30.01 59.67 49.45
C ASP W 25 -30.88 58.66 48.70
N GLU W 26 -32.05 59.07 48.20
CA GLU W 26 -32.98 58.11 47.61
C GLU W 26 -32.47 57.59 46.27
N THR W 27 -31.87 58.48 45.46
CA THR W 27 -31.33 58.04 44.16
C THR W 27 -30.20 57.04 44.36
N LEU W 28 -29.31 57.30 45.32
CA LEU W 28 -28.26 56.34 45.63
C LEU W 28 -28.84 55.01 46.08
N TYR W 29 -29.89 55.04 46.90
CA TYR W 29 -30.55 53.79 47.30
C TYR W 29 -31.07 53.04 46.09
N ALA W 30 -31.75 53.73 45.17
CA ALA W 30 -32.29 53.05 43.99
C ALA W 30 -31.18 52.45 43.14
N TRP W 31 -30.09 53.20 42.93
CA TRP W 31 -28.97 52.67 42.17
C TRP W 31 -28.35 51.45 42.86
N VAL W 32 -28.29 51.47 44.19
CA VAL W 32 -27.72 50.34 44.92
C VAL W 32 -28.61 49.11 44.78
N GLU W 33 -29.94 49.29 44.88
CA GLU W 33 -30.83 48.15 44.70
C GLU W 33 -30.72 47.58 43.29
N MET W 34 -30.57 48.45 42.28
CA MET W 34 -30.36 47.92 40.94
C MET W 34 -29.03 47.19 40.82
N ALA W 35 -27.98 47.70 41.49
CA ALA W 35 -26.68 47.03 41.43
C ALA W 35 -26.71 45.71 42.17
N GLU W 36 -27.62 45.55 43.13
CA GLU W 36 -27.72 44.31 43.87
C GLU W 36 -28.20 43.15 43.01
N LEU W 37 -28.87 43.45 41.89
CA LEU W 37 -29.36 42.39 41.01
C LEU W 37 -28.21 41.63 40.35
N PHE W 38 -27.13 42.33 40.00
CA PHE W 38 -26.04 41.71 39.24
C PHE W 38 -25.01 41.03 40.15
N VAL W 39 -24.68 41.64 41.27
CA VAL W 39 -23.60 41.17 42.13
C VAL W 39 -24.06 39.95 42.90
N CYS W 40 -23.25 38.90 42.91
CA CYS W 40 -23.52 37.73 43.74
C CYS W 40 -23.07 37.98 45.17
N GLN W 41 -23.36 37.02 46.04
CA GLN W 41 -23.02 37.15 47.46
C GLN W 41 -22.16 36.02 47.96
N LYS W 42 -22.42 34.78 47.54
CA LYS W 42 -21.66 33.63 48.05
C LYS W 42 -20.19 33.74 47.67
N THR W 43 -19.90 34.17 46.44
CA THR W 43 -18.52 34.22 45.99
C THR W 43 -17.72 35.28 46.72
N PHE W 44 -18.29 36.49 46.85
CA PHE W 44 -17.54 37.59 47.43
C PHE W 44 -17.42 37.47 48.95
N LYS W 45 -18.44 36.92 49.61
CA LYS W 45 -18.41 36.67 51.05
C LYS W 45 -18.16 37.95 51.84
N ASP W 46 -16.95 38.12 52.35
CA ASP W 46 -16.65 39.21 53.26
C ASP W 46 -16.64 40.56 52.54
N ALA W 47 -16.20 40.59 51.29
CA ALA W 47 -16.06 41.83 50.52
C ALA W 47 -17.35 42.24 49.80
N TYR W 48 -18.50 41.79 50.30
CA TYR W 48 -19.77 42.05 49.63
C TYR W 48 -20.06 43.54 49.52
N VAL W 49 -19.85 44.28 50.61
CA VAL W 49 -20.17 45.71 50.62
C VAL W 49 -19.31 46.46 49.61
N LYS W 50 -18.01 46.16 49.60
CA LYS W 50 -17.09 46.86 48.70
C LYS W 50 -17.39 46.50 47.24
N ALA W 51 -17.69 45.23 46.98
CA ALA W 51 -18.05 44.83 45.61
C ALA W 51 -19.32 45.52 45.15
N LEU W 52 -20.31 45.61 46.04
CA LEU W 52 -21.55 46.29 45.70
C LEU W 52 -21.30 47.77 45.42
N ALA W 53 -20.46 48.42 46.22
CA ALA W 53 -20.14 49.82 45.98
C ALA W 53 -19.45 50.00 44.64
N LEU W 54 -18.49 49.13 44.32
CA LEU W 54 -17.80 49.24 43.04
C LEU W 54 -18.76 49.06 41.87
N TYR W 55 -19.65 48.07 41.95
CA TYR W 55 -20.60 47.85 40.87
C TYR W 55 -21.58 49.01 40.74
N ALA W 56 -22.02 49.57 41.87
CA ALA W 56 -22.92 50.71 41.82
C ALA W 56 -22.24 51.92 41.18
N LEU W 57 -20.98 52.16 41.51
CA LEU W 57 -20.25 53.25 40.87
C LEU W 57 -20.10 53.00 39.37
N HIS W 58 -19.80 51.75 38.99
CA HIS W 58 -19.67 51.42 37.57
C HIS W 58 -20.97 51.69 36.82
N LEU W 59 -22.10 51.26 37.39
CA LEU W 59 -23.39 51.51 36.75
C LEU W 59 -23.71 53.00 36.71
N ALA W 60 -23.31 53.75 37.74
CA ALA W 60 -23.60 55.18 37.76
C ALA W 60 -22.75 55.96 36.78
N PHE W 61 -21.57 55.45 36.40
CA PHE W 61 -20.69 56.16 35.48
C PHE W 61 -20.41 55.35 34.23
N LEU W 62 -21.39 54.56 33.77
CA LEU W 62 -21.19 53.74 32.59
C LEU W 62 -20.92 54.59 31.36
N ASP W 63 -21.92 55.37 30.93
CA ASP W 63 -21.78 56.29 29.82
C ASP W 63 -22.37 57.65 30.15
N GLY W 64 -22.66 57.89 31.43
CA GLY W 64 -23.37 59.07 31.88
C GLY W 64 -24.82 58.72 32.11
N ALA W 65 -25.15 58.36 33.35
CA ALA W 65 -26.51 57.92 33.65
C ALA W 65 -27.09 58.66 34.85
N LEU W 66 -26.23 59.09 35.77
CA LEU W 66 -26.72 59.79 36.96
C LEU W 66 -27.36 61.12 36.58
N LYS W 67 -26.65 61.94 35.81
CA LYS W 67 -27.17 63.20 35.25
C LYS W 67 -27.65 64.07 36.41
N GLY W 68 -28.83 64.67 36.30
CA GLY W 68 -29.35 65.54 37.35
C GLY W 68 -30.84 65.74 37.18
N GLU W 69 -31.40 66.54 38.08
CA GLU W 69 -32.85 66.77 38.06
C GLU W 69 -33.27 67.60 36.85
N ASP W 70 -32.47 68.60 36.48
CA ASP W 70 -32.86 69.57 35.47
C ASP W 70 -32.22 69.36 34.11
N GLU W 71 -31.46 68.28 33.91
CA GLU W 71 -30.83 68.02 32.62
C GLU W 71 -31.88 67.81 31.54
N ASP W 72 -31.70 68.44 30.39
CA ASP W 72 -32.68 68.37 29.31
C ASP W 72 -32.77 66.96 28.73
N LEU W 73 -33.94 66.62 28.18
CA LEU W 73 -34.17 65.28 27.67
C LEU W 73 -33.29 64.97 26.46
N GLU W 74 -32.85 66.00 25.74
CA GLU W 74 -32.09 65.77 24.51
C GLU W 74 -30.71 65.20 24.77
N SER W 75 -30.09 65.56 25.90
CA SER W 75 -28.69 65.24 26.14
C SER W 75 -28.44 63.77 26.45
N TYR W 76 -29.46 62.91 26.37
CA TYR W 76 -29.26 61.51 26.71
C TYR W 76 -28.87 60.64 25.51
N SER W 77 -28.85 61.20 24.30
CA SER W 77 -28.37 60.48 23.13
C SER W 77 -27.25 61.20 22.41
N ARG W 78 -26.63 62.20 23.03
CA ARG W 78 -25.74 63.15 22.39
C ARG W 78 -25.11 64.04 23.44
N ARG W 79 -23.95 64.62 23.09
CA ARG W 79 -23.21 65.47 24.00
C ARG W 79 -22.79 66.74 23.28
N VAL W 80 -22.20 67.67 24.04
CA VAL W 80 -21.66 68.90 23.48
C VAL W 80 -20.15 68.76 23.38
N THR W 81 -19.60 69.01 22.20
CA THR W 81 -18.16 68.87 22.00
C THR W 81 -17.42 70.14 22.43
N SER W 82 -17.99 71.30 22.14
CA SER W 82 -17.36 72.57 22.51
C SER W 82 -18.42 73.63 22.64
N PHE W 83 -18.07 74.71 23.35
CA PHE W 83 -18.98 75.83 23.54
C PHE W 83 -18.15 77.08 23.80
N SER W 84 -18.59 78.20 23.22
CA SER W 84 -17.91 79.48 23.40
C SER W 84 -18.93 80.59 23.35
N LEU W 85 -18.70 81.63 24.15
CA LEU W 85 -19.61 82.77 24.26
C LEU W 85 -18.87 84.00 23.74
N SER W 86 -19.09 84.31 22.46
CA SER W 86 -18.51 85.49 21.80
C SER W 86 -17.01 85.59 22.04
N GLY W 87 -16.58 86.72 22.59
CA GLY W 87 -15.20 86.96 22.94
C GLY W 87 -14.88 86.84 24.42
N GLU W 88 -15.72 86.14 25.20
CA GLU W 88 -15.49 86.06 26.64
C GLU W 88 -14.63 84.84 26.98
N PHE W 89 -15.06 83.65 26.58
CA PHE W 89 -14.32 82.43 26.89
C PHE W 89 -14.69 81.35 25.89
N SER W 90 -13.87 80.30 25.85
CA SER W 90 -14.13 79.15 25.00
C SER W 90 -13.70 77.89 25.76
N GLN W 91 -14.28 76.77 25.35
CA GLN W 91 -13.99 75.50 26.02
C GLN W 91 -14.27 74.36 25.05
N THR W 92 -13.46 73.31 25.15
CA THR W 92 -13.61 72.11 24.33
C THR W 92 -13.66 70.89 25.24
N PHE W 93 -14.36 69.85 24.77
CA PHE W 93 -14.59 68.66 25.55
C PHE W 93 -14.21 67.42 24.75
N GLY W 94 -13.96 66.33 25.46
CA GLY W 94 -13.59 65.07 24.82
C GLY W 94 -13.91 63.90 25.71
N GLU W 95 -13.77 62.70 25.15
CA GLU W 95 -14.04 61.48 25.89
C GLU W 95 -12.91 61.18 26.86
N VAL W 96 -13.19 60.31 27.82
CA VAL W 96 -12.24 60.08 28.91
C VAL W 96 -11.23 58.99 28.54
N THR W 97 -11.68 57.96 27.81
CA THR W 97 -10.80 56.85 27.46
C THR W 97 -11.48 56.01 26.38
N LYS W 98 -10.68 55.61 25.39
CA LYS W 98 -11.14 54.76 24.30
C LYS W 98 -10.79 53.32 24.63
N ASN W 99 -11.81 52.46 24.68
CA ASN W 99 -11.63 51.03 24.91
C ASN W 99 -11.72 50.31 23.57
N GLN W 100 -10.65 49.60 23.21
CA GLN W 100 -10.62 48.90 21.92
C GLN W 100 -11.67 47.79 21.88
N SER W 101 -11.74 46.98 22.93
CA SER W 101 -12.69 45.88 22.96
C SER W 101 -14.10 46.41 23.20
N GLY W 102 -15.06 45.88 22.43
CA GLY W 102 -16.45 46.24 22.62
C GLY W 102 -17.08 45.51 23.79
N ASP W 103 -16.48 45.63 24.97
CA ASP W 103 -16.91 44.92 26.17
C ASP W 103 -17.24 45.92 27.26
N MET W 104 -18.41 45.76 27.88
CA MET W 104 -18.74 46.53 29.06
C MET W 104 -17.96 45.99 30.26
N MET W 105 -17.82 46.83 31.28
CA MET W 105 -17.00 46.65 32.50
C MET W 105 -15.53 46.97 32.24
N LEU W 106 -15.15 47.30 31.01
CA LEU W 106 -13.81 47.79 30.72
C LEU W 106 -13.82 49.24 30.25
N SER W 107 -14.90 49.97 30.55
CA SER W 107 -15.01 51.37 30.17
C SER W 107 -14.69 52.34 31.30
N THR W 108 -14.75 51.88 32.55
CA THR W 108 -14.47 52.72 33.71
C THR W 108 -13.51 52.01 34.65
N PRO W 109 -12.73 52.76 35.43
CA PRO W 109 -11.81 52.13 36.39
C PRO W 109 -12.51 51.25 37.41
N TRP W 110 -13.72 51.62 37.83
CA TRP W 110 -14.46 50.79 38.78
C TRP W 110 -14.81 49.44 38.19
N GLY W 111 -15.16 49.40 36.90
CA GLY W 111 -15.42 48.12 36.26
C GLY W 111 -14.21 47.23 36.23
N LYS W 112 -13.05 47.79 35.90
CA LYS W 112 -11.80 47.02 35.90
C LYS W 112 -11.47 46.51 37.30
N MET W 113 -11.65 47.36 38.31
CA MET W 113 -11.38 46.95 39.69
C MET W 113 -12.31 45.81 40.11
N PHE W 114 -13.59 45.91 39.76
CA PHE W 114 -14.53 44.84 40.06
C PHE W 114 -14.15 43.55 39.35
N GLU W 115 -13.75 43.66 38.08
CA GLU W 115 -13.37 42.47 37.32
C GLU W 115 -12.17 41.78 37.93
N GLN W 116 -11.17 42.55 38.34
CA GLN W 116 -9.99 41.94 38.96
C GLN W 116 -10.32 41.37 40.34
N LEU W 117 -11.21 42.02 41.09
CA LEU W 117 -11.63 41.45 42.37
C LEU W 117 -12.34 40.11 42.17
N LYS W 118 -13.23 40.05 41.18
CA LYS W 118 -13.91 38.79 40.89
C LYS W 118 -12.93 37.72 40.44
N ALA W 119 -11.95 38.10 39.62
CA ALA W 119 -10.93 37.14 39.20
C ALA W 119 -10.14 36.62 40.39
N ARG W 120 -9.83 37.50 41.35
CA ARG W 120 -9.08 37.07 42.53
C ARG W 120 -9.91 36.14 43.41
N ARG W 121 -11.19 36.45 43.63
CA ARG W 121 -11.95 35.68 44.61
C ARG W 121 -12.52 34.39 44.03
N ARG W 122 -13.12 34.43 42.85
CA ARG W 122 -13.65 33.23 42.22
C ARG W 122 -12.96 32.90 40.90
N GLY W 123 -12.90 33.85 39.98
CA GLY W 123 -12.36 33.63 38.66
C GLY W 123 -13.38 33.94 37.57
N ARG W 124 -12.86 34.04 36.35
CA ARG W 124 -13.67 34.35 35.18
C ARG W 124 -13.65 33.15 34.26
N PHE W 125 -14.54 32.19 34.53
CA PHE W 125 -14.64 30.98 33.71
C PHE W 125 -15.95 30.28 34.03
N ALA W 126 -16.34 29.37 33.14
CA ALA W 126 -17.52 28.54 33.34
C ALA W 126 -17.25 27.20 32.67
N LEU W 127 -17.03 26.16 33.46
CA LEU W 127 -16.72 24.83 32.98
C LEU W 127 -17.81 23.88 33.44
N MET W 128 -18.61 23.37 32.50
CA MET W 128 -19.80 22.62 32.81
C MET W 128 -19.83 21.30 32.04
N THR W 129 -20.59 20.35 32.59
CA THR W 129 -20.92 19.10 31.92
C THR W 129 -22.39 18.80 32.16
N GLY W 130 -23.01 18.11 31.20
CA GLY W 130 -24.43 17.86 31.28
C GLY W 130 -24.81 16.99 32.47
N LEU W 131 -26.05 17.15 32.92
CA LEU W 131 -26.55 16.37 34.04
C LEU W 131 -27.09 15.02 33.58
N HIS X 32 46.05 -2.34 22.57
CA HIS X 32 46.25 -3.69 23.07
C HIS X 32 44.99 -4.52 22.85
N VAL X 33 45.16 -5.71 22.26
CA VAL X 33 44.01 -6.54 21.90
C VAL X 33 43.44 -7.28 23.10
N GLY X 34 44.17 -7.36 24.22
CA GLY X 34 43.67 -8.08 25.38
C GLY X 34 42.43 -7.44 25.97
N SER X 35 42.44 -6.11 26.13
CA SER X 35 41.28 -5.43 26.69
C SER X 35 40.07 -5.54 25.77
N PHE X 36 40.28 -5.40 24.46
CA PHE X 36 39.19 -5.55 23.51
C PHE X 36 38.62 -6.96 23.52
N TYR X 37 39.49 -7.97 23.63
CA TYR X 37 39.02 -9.35 23.72
C TYR X 37 38.23 -9.58 25.01
N ASN X 38 38.68 -8.99 26.11
CA ASN X 38 38.01 -9.21 27.39
C ASN X 38 36.64 -8.52 27.43
N ASP X 39 36.58 -7.26 27.01
CA ASP X 39 35.35 -6.49 27.18
C ASP X 39 34.27 -6.90 26.18
N ASN X 40 34.63 -7.12 24.93
CA ASN X 40 33.66 -7.37 23.87
C ASN X 40 33.34 -8.85 23.78
N ALA X 41 32.04 -9.18 23.78
CA ALA X 41 31.62 -10.57 23.64
C ALA X 41 31.70 -11.05 22.20
N THR X 42 31.43 -10.16 21.24
CA THR X 42 31.49 -10.56 19.83
C THR X 42 32.91 -10.94 19.42
N ALA X 43 33.90 -10.16 19.85
CA ALA X 43 35.29 -10.49 19.55
C ALA X 43 35.69 -11.81 20.20
N LYS X 44 35.24 -12.04 21.44
CA LYS X 44 35.53 -13.29 22.11
C LYS X 44 34.95 -14.48 21.36
N ARG X 45 33.71 -14.36 20.92
CA ARG X 45 33.10 -15.45 20.14
C ARG X 45 33.85 -15.66 18.83
N ILE X 46 34.20 -14.58 18.15
CA ILE X 46 34.93 -14.70 16.88
C ILE X 46 36.25 -15.43 17.08
N VAL X 47 36.95 -15.12 18.18
CA VAL X 47 38.24 -15.74 18.42
C VAL X 47 38.08 -17.21 18.80
N ASP X 48 37.13 -17.53 19.68
CA ASP X 48 37.07 -18.87 20.27
C ASP X 48 36.11 -19.84 19.58
N VAL X 49 35.39 -19.42 18.54
CA VAL X 49 34.40 -20.33 17.98
C VAL X 49 35.04 -21.45 17.16
N ILE X 50 36.15 -21.17 16.48
CA ILE X 50 36.74 -22.16 15.58
C ILE X 50 37.55 -23.22 16.33
N PRO X 51 38.51 -22.86 17.20
CA PRO X 51 39.33 -23.91 17.83
C PRO X 51 38.53 -24.92 18.61
N GLU X 52 37.49 -24.48 19.33
CA GLU X 52 36.67 -25.42 20.09
C GLU X 52 35.93 -26.37 19.16
N GLU X 53 35.39 -25.85 18.05
CA GLU X 53 34.69 -26.69 17.09
C GLU X 53 35.63 -27.72 16.48
N MET X 54 36.87 -27.32 16.20
CA MET X 54 37.84 -28.26 15.63
C MET X 54 38.22 -29.34 16.64
N VAL X 55 38.53 -28.94 17.88
CA VAL X 55 39.05 -29.89 18.85
C VAL X 55 37.96 -30.85 19.32
N THR X 56 36.73 -30.37 19.49
CA THR X 56 35.67 -31.19 20.07
C THR X 56 35.38 -32.41 19.19
N ALA X 57 35.43 -32.24 17.87
CA ALA X 57 35.11 -33.34 16.97
C ALA X 57 36.09 -34.50 17.14
N GLY X 58 37.37 -34.20 17.31
CA GLY X 58 38.36 -35.24 17.53
C GLY X 58 38.98 -35.76 16.25
N PHE X 59 39.85 -36.75 16.42
CA PHE X 59 40.57 -37.35 15.32
C PHE X 59 40.57 -38.87 15.47
N LYS X 60 40.75 -39.56 14.35
CA LYS X 60 40.79 -41.01 14.29
C LYS X 60 42.07 -41.45 13.61
N MET X 61 42.76 -42.41 14.20
CA MET X 61 44.00 -42.94 13.64
C MET X 61 43.82 -44.37 13.18
N SER X 62 44.40 -44.68 12.02
CA SER X 62 44.37 -46.02 11.45
C SER X 62 45.80 -46.53 11.29
N GLY X 63 45.95 -47.84 11.35
CA GLY X 63 47.24 -48.48 11.24
C GLY X 63 47.82 -48.98 12.54
N VAL X 64 47.28 -48.55 13.68
CA VAL X 64 47.76 -49.04 14.97
C VAL X 64 47.11 -50.39 15.28
N LYS X 65 47.80 -51.19 16.09
CA LYS X 65 47.29 -52.51 16.44
C LYS X 65 46.19 -52.40 17.50
N ASP X 66 46.51 -51.82 18.65
CA ASP X 66 45.54 -51.67 19.74
C ASP X 66 44.92 -50.28 19.65
N GLU X 67 43.60 -50.23 19.49
CA GLU X 67 42.91 -48.94 19.39
C GLU X 67 42.43 -48.47 20.77
N LYS X 68 41.92 -49.40 21.58
CA LYS X 68 41.44 -49.03 22.90
C LYS X 68 42.60 -48.65 23.82
N GLU X 69 43.72 -49.37 23.72
CA GLU X 69 44.89 -49.01 24.50
C GLU X 69 45.39 -47.63 24.12
N PHE X 70 45.42 -47.32 22.82
CA PHE X 70 45.81 -45.98 22.38
C PHE X 70 44.84 -44.93 22.90
N LYS X 71 43.54 -45.22 22.87
CA LYS X 71 42.56 -44.27 23.39
C LYS X 71 42.77 -44.00 24.87
N SER X 72 43.04 -45.05 25.64
CA SER X 72 43.32 -44.88 27.07
C SER X 72 44.59 -44.06 27.28
N LEU X 73 45.64 -44.34 26.50
CA LEU X 73 46.88 -43.59 26.62
C LEU X 73 46.66 -42.12 26.29
N TRP X 74 45.90 -41.83 25.24
CA TRP X 74 45.64 -40.44 24.85
C TRP X 74 44.83 -39.73 25.92
N ASP X 75 43.80 -40.37 26.46
CA ASP X 75 43.00 -39.76 27.51
C ASP X 75 43.74 -39.65 28.84
N SER X 76 44.82 -40.41 29.01
CA SER X 76 45.62 -40.27 30.23
C SER X 76 46.28 -38.89 30.31
N TYR X 77 46.77 -38.37 29.19
CA TYR X 77 47.49 -37.10 29.20
C TYR X 77 46.56 -35.90 29.33
N LYS X 78 45.30 -36.02 28.90
CA LYS X 78 44.28 -34.97 29.00
C LYS X 78 44.82 -33.60 28.56
N LEU X 79 45.29 -33.54 27.32
CA LEU X 79 45.87 -32.33 26.75
C LEU X 79 44.86 -31.49 25.97
N ASP X 80 43.56 -31.65 26.27
CA ASP X 80 42.55 -30.91 25.52
C ASP X 80 42.63 -29.41 25.79
N SER X 81 42.67 -29.02 27.06
CA SER X 81 42.67 -27.60 27.42
C SER X 81 43.91 -26.90 26.88
N SER X 82 45.07 -27.56 26.95
CA SER X 82 46.29 -26.97 26.42
C SER X 82 46.19 -26.73 24.91
N LEU X 83 45.65 -27.70 24.18
CA LEU X 83 45.48 -27.52 22.74
C LEU X 83 44.55 -26.36 22.42
N VAL X 84 43.40 -26.30 23.11
CA VAL X 84 42.44 -25.23 22.85
C VAL X 84 43.04 -23.88 23.17
N ASP X 85 43.75 -23.77 24.31
CA ASP X 85 44.37 -22.51 24.68
C ASP X 85 45.45 -22.11 23.68
N LEU X 86 46.25 -23.07 23.21
CA LEU X 86 47.28 -22.77 22.23
C LEU X 86 46.67 -22.20 20.95
N LEU X 87 45.63 -22.86 20.44
CA LEU X 87 45.01 -22.38 19.21
C LEU X 87 44.36 -21.00 19.43
N CYS X 88 43.72 -20.79 20.57
CA CYS X 88 43.09 -19.50 20.84
C CYS X 88 44.13 -18.39 20.93
N TRP X 89 45.25 -18.64 21.61
CA TRP X 89 46.29 -17.63 21.70
C TRP X 89 46.92 -17.35 20.34
N ALA X 90 47.11 -18.40 19.53
CA ALA X 90 47.66 -18.20 18.19
C ALA X 90 46.73 -17.35 17.34
N ARG X 91 45.42 -17.58 17.44
CA ARG X 91 44.49 -16.74 16.68
C ARG X 91 44.43 -15.31 17.22
N LEU X 92 44.56 -15.13 18.53
CA LEU X 92 44.38 -13.81 19.11
C LEU X 92 45.62 -12.94 18.96
N TYR X 93 46.75 -13.37 19.55
CA TYR X 93 47.95 -12.54 19.55
C TYR X 93 48.67 -12.55 18.21
N GLY X 94 48.57 -13.64 17.47
CA GLY X 94 49.30 -13.81 16.23
C GLY X 94 50.38 -14.88 16.28
N GLY X 95 50.71 -15.37 17.47
CA GLY X 95 51.69 -16.42 17.61
C GLY X 95 51.63 -17.05 18.98
N ALA X 96 52.09 -18.29 19.05
CA ALA X 96 52.15 -19.04 20.30
C ALA X 96 53.10 -20.20 20.11
N ALA X 97 53.36 -20.91 21.20
CA ALA X 97 54.26 -22.05 21.14
C ALA X 97 53.91 -23.04 22.24
N MET X 98 54.37 -24.27 22.06
CA MET X 98 54.12 -25.37 22.99
C MET X 98 55.41 -26.13 23.23
N VAL X 99 55.80 -26.24 24.49
CA VAL X 99 57.02 -26.94 24.89
C VAL X 99 56.65 -28.30 25.44
N ALA X 100 57.27 -29.34 24.91
CA ALA X 100 56.98 -30.71 25.33
C ALA X 100 58.04 -31.16 26.34
N ILE X 101 57.59 -31.46 27.55
CA ILE X 101 58.47 -31.97 28.60
C ILE X 101 58.64 -33.48 28.39
N ILE X 102 59.88 -33.92 28.25
CA ILE X 102 60.16 -35.29 27.84
C ILE X 102 61.13 -35.94 28.82
N LYS X 103 61.06 -37.27 28.89
CA LYS X 103 61.95 -38.07 29.73
C LYS X 103 63.09 -38.65 28.90
N ASP X 104 63.89 -37.77 28.32
CA ASP X 104 64.99 -38.19 27.46
C ASP X 104 66.30 -38.36 28.19
N ASN X 105 66.37 -37.96 29.45
CA ASN X 105 67.55 -38.16 30.30
C ASN X 105 68.81 -37.51 29.70
N ARG X 106 68.68 -36.28 29.23
CA ARG X 106 69.82 -35.47 28.81
C ARG X 106 69.47 -34.00 28.98
N MET X 107 70.34 -33.14 28.44
CA MET X 107 70.15 -31.70 28.53
C MET X 107 69.00 -31.25 27.65
N LEU X 108 68.45 -30.08 28.01
CA LEU X 108 67.40 -29.48 27.19
C LEU X 108 67.93 -29.08 25.82
N THR X 109 69.17 -28.58 25.77
CA THR X 109 69.77 -28.18 24.50
C THR X 109 70.02 -29.37 23.59
N SER X 110 70.31 -30.54 24.17
CA SER X 110 70.57 -31.72 23.38
C SER X 110 69.30 -32.19 22.66
N GLN X 111 69.50 -32.84 21.52
CA GLN X 111 68.38 -33.31 20.72
C GLN X 111 67.63 -34.44 21.44
N ALA X 112 66.35 -34.58 21.10
CA ALA X 112 65.51 -35.62 21.69
C ALA X 112 65.56 -36.85 20.79
N LYS X 113 66.12 -37.95 21.32
CA LYS X 113 66.18 -39.18 20.55
C LYS X 113 64.80 -39.84 20.50
N PRO X 114 64.51 -40.62 19.46
CA PRO X 114 63.27 -41.38 19.44
C PRO X 114 63.26 -42.44 20.54
N GLY X 115 62.06 -42.71 21.06
CA GLY X 115 61.85 -43.73 22.07
C GLY X 115 61.20 -43.24 23.35
N ALA X 116 61.41 -41.98 23.72
CA ALA X 116 60.79 -41.46 24.94
C ALA X 116 59.27 -41.35 24.77
N LYS X 117 58.57 -41.27 25.90
CA LYS X 117 57.11 -41.41 25.88
C LYS X 117 56.40 -40.24 26.54
N LEU X 118 57.05 -39.08 26.67
CA LEU X 118 56.41 -37.82 27.07
C LEU X 118 55.97 -37.82 28.53
N GLU X 119 56.05 -36.65 29.17
CA GLU X 119 55.50 -36.47 30.51
C GLU X 119 54.41 -35.41 30.58
N GLY X 120 54.37 -34.47 29.66
CA GLY X 120 53.41 -33.39 29.70
C GLY X 120 53.84 -32.26 28.78
N VAL X 121 52.95 -31.27 28.67
CA VAL X 121 53.14 -30.15 27.76
C VAL X 121 53.02 -28.85 28.56
N ARG X 122 53.59 -27.78 27.99
CA ARG X 122 53.51 -26.45 28.57
C ARG X 122 53.28 -25.45 27.45
N VAL X 123 52.12 -24.80 27.46
CA VAL X 123 51.80 -23.79 26.44
C VAL X 123 52.39 -22.46 26.87
N TYR X 124 52.69 -21.61 25.89
CA TYR X 124 53.30 -20.32 26.16
C TYR X 124 52.64 -19.25 25.29
N ASP X 125 53.14 -18.03 25.42
CA ASP X 125 52.61 -16.87 24.72
C ASP X 125 53.65 -16.35 23.72
N ARG X 126 53.21 -15.48 22.82
CA ARG X 126 54.07 -15.02 21.73
C ARG X 126 55.28 -14.26 22.26
N PHE X 127 55.07 -13.37 23.24
CA PHE X 127 56.15 -12.52 23.72
C PHE X 127 57.08 -13.23 24.69
N ALA X 128 56.79 -14.46 25.07
CA ALA X 128 57.60 -15.19 26.05
C ALA X 128 58.73 -16.01 25.42
N ILE X 129 58.87 -15.99 24.10
CA ILE X 129 59.85 -16.82 23.40
C ILE X 129 60.61 -15.97 22.41
N THR X 130 61.94 -16.08 22.44
CA THR X 130 62.81 -15.41 21.47
C THR X 130 63.92 -16.35 21.06
N VAL X 131 64.45 -16.14 19.86
CA VAL X 131 65.45 -17.01 19.26
C VAL X 131 66.85 -16.56 19.68
N GLU X 132 67.73 -17.53 19.90
CA GLU X 132 69.12 -17.25 20.28
C GLU X 132 70.09 -17.48 19.12
N LYS X 133 70.07 -18.67 18.53
CA LYS X 133 70.99 -19.01 17.45
C LYS X 133 70.23 -19.72 16.34
N ARG X 134 70.70 -19.54 15.10
CA ARG X 134 70.03 -20.11 13.94
C ARG X 134 71.07 -20.76 13.03
N VAL X 135 70.57 -21.42 11.99
CA VAL X 135 71.43 -22.17 11.08
C VAL X 135 72.26 -21.22 10.23
N THR X 136 73.55 -21.53 10.07
CA THR X 136 74.46 -20.72 9.27
C THR X 136 75.05 -21.49 8.10
N ASN X 137 74.51 -22.66 7.76
CA ASN X 137 75.02 -23.48 6.66
C ASN X 137 74.17 -23.20 5.42
N ALA X 138 74.77 -22.57 4.41
CA ALA X 138 74.02 -22.14 3.24
C ALA X 138 73.48 -23.33 2.46
N ARG X 139 74.27 -24.39 2.29
CA ARG X 139 73.85 -25.51 1.46
C ARG X 139 72.73 -26.33 2.10
N SER X 140 72.55 -26.24 3.41
CA SER X 140 71.50 -27.00 4.07
C SER X 140 70.13 -26.46 3.66
N PRO X 141 69.16 -27.32 3.34
CA PRO X 141 67.82 -26.81 3.02
C PRO X 141 67.17 -26.06 4.16
N ARG X 142 67.44 -26.46 5.40
CA ARG X 142 66.92 -25.77 6.59
C ARG X 142 67.92 -24.68 7.01
N TYR X 143 68.02 -23.66 6.16
CA TYR X 143 68.98 -22.58 6.34
C TYR X 143 68.26 -21.32 6.76
N GLY X 144 68.74 -20.70 7.84
CA GLY X 144 68.12 -19.51 8.40
C GLY X 144 67.06 -19.77 9.44
N GLU X 145 66.62 -21.02 9.60
CA GLU X 145 65.60 -21.33 10.59
C GLU X 145 66.21 -21.34 11.99
N PRO X 146 65.39 -21.10 13.01
CA PRO X 146 65.91 -21.08 14.39
C PRO X 146 66.41 -22.46 14.82
N GLU X 147 67.36 -22.44 15.74
CA GLU X 147 67.95 -23.66 16.30
C GLU X 147 67.69 -23.81 17.78
N ILE X 148 67.89 -22.75 18.58
CA ILE X 148 67.69 -22.79 20.02
C ILE X 148 66.85 -21.58 20.42
N TYR X 149 65.79 -21.82 21.17
CA TYR X 149 64.90 -20.77 21.66
C TYR X 149 65.19 -20.50 23.14
N LYS X 150 65.08 -19.23 23.53
CA LYS X 150 65.33 -18.85 24.91
C LYS X 150 64.25 -19.39 25.84
N VAL X 151 62.99 -19.20 25.48
CA VAL X 151 61.83 -19.65 26.26
C VAL X 151 61.89 -18.97 27.62
N SER X 152 61.38 -17.75 27.69
CA SER X 152 61.27 -17.05 28.97
C SER X 152 59.94 -17.40 29.61
N PRO X 153 59.92 -18.03 30.79
CA PRO X 153 58.66 -18.46 31.40
C PRO X 153 57.89 -17.36 32.13
N GLY X 154 58.46 -16.17 32.26
CA GLY X 154 57.79 -15.13 33.01
C GLY X 154 57.70 -15.50 34.48
N ASP X 155 56.71 -14.91 35.15
CA ASP X 155 56.44 -15.18 36.57
C ASP X 155 57.70 -15.01 37.41
N ASN X 156 58.12 -16.08 38.10
CA ASN X 156 59.29 -16.03 38.95
C ASN X 156 60.47 -16.85 38.43
N MET X 157 60.25 -17.69 37.43
CA MET X 157 61.31 -18.55 36.92
C MET X 157 62.24 -17.79 35.99
N GLN X 158 63.35 -18.43 35.62
CA GLN X 158 64.37 -17.87 34.76
C GLN X 158 64.35 -18.55 33.40
N PRO X 159 64.80 -17.86 32.34
CA PRO X 159 64.79 -18.47 31.01
C PRO X 159 65.66 -19.72 30.94
N TYR X 160 65.20 -20.69 30.17
CA TYR X 160 65.92 -21.96 29.99
C TYR X 160 65.87 -22.33 28.52
N LEU X 161 67.04 -22.41 27.89
CA LEU X 161 67.12 -22.68 26.47
C LEU X 161 66.66 -24.11 26.16
N ILE X 162 66.02 -24.27 25.00
CA ILE X 162 65.47 -25.55 24.56
C ILE X 162 65.83 -25.76 23.10
N HIS X 163 66.19 -27.00 22.75
CA HIS X 163 66.45 -27.34 21.37
C HIS X 163 65.17 -27.22 20.55
N HIS X 164 65.33 -26.91 19.26
CA HIS X 164 64.17 -26.67 18.39
C HIS X 164 63.36 -27.93 18.14
N SER X 165 63.89 -29.10 18.47
CA SER X 165 63.15 -30.34 18.26
C SER X 165 62.12 -30.60 19.34
N ARG X 166 62.08 -29.77 20.39
CA ARG X 166 61.12 -29.92 21.47
C ARG X 166 60.17 -28.74 21.57
N VAL X 167 60.13 -27.87 20.57
CA VAL X 167 59.28 -26.67 20.57
C VAL X 167 58.50 -26.65 19.27
N PHE X 168 57.19 -26.46 19.38
CA PHE X 168 56.31 -26.32 18.22
C PHE X 168 55.82 -24.89 18.13
N ILE X 169 55.98 -24.28 16.97
CA ILE X 169 55.64 -22.87 16.74
C ILE X 169 54.36 -22.82 15.92
N ALA X 170 53.33 -22.21 16.49
CA ALA X 170 52.05 -22.05 15.82
C ALA X 170 51.91 -20.61 15.33
N ASP X 171 51.62 -20.45 14.04
CA ASP X 171 51.52 -19.14 13.41
C ASP X 171 50.07 -18.76 13.18
N GLY X 172 49.81 -17.46 13.21
CA GLY X 172 48.48 -16.92 13.02
C GLY X 172 48.14 -16.67 11.57
N GLU X 173 47.39 -15.60 11.33
CA GLU X 173 46.97 -15.26 9.98
C GLU X 173 48.16 -14.88 9.11
N ARG X 174 48.05 -15.17 7.83
CA ARG X 174 49.13 -14.90 6.89
C ARG X 174 49.30 -13.40 6.68
N VAL X 175 50.55 -12.96 6.61
CA VAL X 175 50.89 -11.55 6.45
C VAL X 175 51.97 -11.43 5.39
N ALA X 176 52.01 -10.28 4.72
CA ALA X 176 53.05 -10.01 3.74
C ALA X 176 54.42 -10.07 4.39
N GLN X 177 55.42 -10.53 3.63
CA GLN X 177 56.75 -10.77 4.18
C GLN X 177 57.38 -9.49 4.73
N GLN X 178 57.14 -8.36 4.06
CA GLN X 178 57.71 -7.10 4.52
C GLN X 178 57.21 -6.74 5.91
N ALA X 179 55.91 -6.91 6.16
CA ALA X 179 55.37 -6.68 7.50
C ALA X 179 55.72 -7.81 8.45
N ARG X 180 55.94 -9.02 7.94
CA ARG X 180 56.35 -10.14 8.78
C ARG X 180 57.72 -9.89 9.38
N LYS X 181 58.63 -9.29 8.60
CA LYS X 181 59.96 -8.97 9.13
C LYS X 181 59.86 -7.96 10.27
N GLN X 182 59.00 -6.95 10.12
CA GLN X 182 58.79 -5.99 11.19
C GLN X 182 58.06 -6.61 12.38
N ASN X 183 57.38 -7.75 12.18
CA ASN X 183 56.70 -8.47 13.25
C ASN X 183 57.56 -9.59 13.83
N GLN X 184 58.88 -9.45 13.79
CA GLN X 184 59.86 -10.44 14.25
C GLN X 184 59.44 -11.87 13.91
N GLY X 185 59.08 -12.07 12.65
CA GLY X 185 58.76 -13.40 12.16
C GLY X 185 57.53 -14.03 12.77
N TRP X 186 56.53 -13.23 13.13
CA TRP X 186 55.27 -13.75 13.65
C TRP X 186 54.12 -13.27 12.78
N GLY X 187 53.07 -14.08 12.72
CA GLY X 187 51.93 -13.77 11.89
C GLY X 187 51.10 -12.63 12.44
N ALA X 188 50.04 -12.29 11.72
CA ALA X 188 49.15 -11.22 12.10
C ALA X 188 48.05 -11.77 13.02
N SER X 189 47.09 -10.92 13.38
CA SER X 189 46.01 -11.28 14.27
C SER X 189 44.69 -11.32 13.52
N VAL X 190 43.75 -12.11 14.06
CA VAL X 190 42.43 -12.21 13.46
C VAL X 190 41.72 -10.86 13.52
N LEU X 191 41.83 -10.16 14.65
CA LEU X 191 41.17 -8.87 14.83
C LEU X 191 42.04 -7.77 14.21
N ASN X 192 41.87 -7.58 12.91
CA ASN X 192 42.57 -6.52 12.20
C ASN X 192 41.83 -5.20 12.42
N LYS X 193 42.22 -4.17 11.68
CA LYS X 193 41.65 -2.84 11.88
C LYS X 193 40.18 -2.79 11.47
N SER X 194 39.82 -3.49 10.39
CA SER X 194 38.47 -3.40 9.86
C SER X 194 37.44 -3.94 10.84
N LEU X 195 37.73 -5.08 11.48
CA LEU X 195 36.78 -5.67 12.42
C LEU X 195 36.59 -4.76 13.64
N ILE X 196 37.68 -4.20 14.16
CA ILE X 196 37.57 -3.31 15.31
C ILE X 196 36.74 -2.07 14.95
N ASP X 197 37.01 -1.49 13.78
CA ASP X 197 36.24 -0.32 13.35
C ASP X 197 34.76 -0.66 13.20
N ALA X 198 34.45 -1.83 12.61
CA ALA X 198 33.06 -2.20 12.44
C ALA X 198 32.35 -2.40 13.77
N ILE X 199 33.01 -3.05 14.73
CA ILE X 199 32.39 -3.30 16.02
C ILE X 199 32.15 -1.97 16.76
N CYS X 200 33.14 -1.08 16.75
CA CYS X 200 32.96 0.21 17.40
C CYS X 200 31.84 1.01 16.74
N ASP X 201 31.77 0.97 15.40
CA ASP X 201 30.71 1.67 14.70
C ASP X 201 29.34 1.12 15.07
N TYR X 202 29.21 -0.21 15.18
CA TYR X 202 27.93 -0.80 15.56
C TYR X 202 27.53 -0.38 16.97
N ASP X 203 28.48 -0.38 17.90
CA ASP X 203 28.15 0.04 19.27
C ASP X 203 27.70 1.50 19.30
N TYR X 204 28.41 2.36 18.56
CA TYR X 204 28.04 3.77 18.52
C TYR X 204 26.66 3.96 17.91
N CYS X 205 26.35 3.19 16.86
CA CYS X 205 25.03 3.29 16.23
C CYS X 205 23.92 2.81 17.18
N GLU X 206 24.19 1.77 17.96
CA GLU X 206 23.20 1.33 18.94
C GLU X 206 22.95 2.40 20.00
N SER X 207 24.02 3.04 20.47
CA SER X 207 23.86 4.14 21.42
C SER X 207 23.03 5.27 20.81
N LEU X 208 23.31 5.61 19.56
CA LEU X 208 22.55 6.66 18.89
C LEU X 208 21.08 6.27 18.75
N ALA X 209 20.81 4.99 18.48
CA ALA X 209 19.43 4.53 18.37
C ALA X 209 18.69 4.70 19.70
N THR X 210 19.35 4.34 20.80
CA THR X 210 18.74 4.54 22.12
C THR X 210 18.46 6.02 22.36
N GLN X 211 19.43 6.88 22.02
CA GLN X 211 19.22 8.32 22.20
C GLN X 211 18.08 8.84 21.35
N ILE X 212 17.92 8.30 20.14
CA ILE X 212 16.83 8.73 19.26
C ILE X 212 15.48 8.32 19.83
N LEU X 213 15.40 7.11 20.37
CA LEU X 213 14.15 6.68 21.02
C LEU X 213 13.85 7.57 22.23
N ARG X 214 14.88 7.97 22.96
CA ARG X 214 14.70 8.74 24.19
C ARG X 214 13.97 10.04 23.94
N ARG X 215 14.35 10.78 22.89
CA ARG X 215 13.79 12.09 22.58
C ARG X 215 12.81 11.95 21.42
N LYS X 216 11.57 11.58 21.74
CA LYS X 216 10.50 11.52 20.75
C LYS X 216 9.50 12.65 20.90
N GLN X 217 9.19 13.07 22.13
CA GLN X 217 8.30 14.19 22.38
C GLN X 217 8.98 15.16 23.34
N GLN X 218 8.83 16.46 23.07
CA GLN X 218 9.33 17.49 23.97
C GLN X 218 8.21 18.49 24.21
N ALA X 219 7.95 18.81 25.48
CA ALA X 219 6.94 19.77 25.86
C ALA X 219 7.62 21.04 26.37
N VAL X 220 7.36 22.15 25.69
CA VAL X 220 8.01 23.42 25.98
C VAL X 220 7.01 24.33 26.68
N TRP X 221 7.43 24.91 27.80
CA TRP X 221 6.58 25.76 28.64
C TRP X 221 7.12 27.18 28.60
N LYS X 222 6.26 28.12 28.19
CA LYS X 222 6.65 29.52 28.04
C LYS X 222 5.90 30.39 29.04
N VAL X 223 6.62 31.31 29.66
CA VAL X 223 6.04 32.27 30.60
C VAL X 223 6.46 33.67 30.16
N LYS X 224 5.61 34.65 30.49
CA LYS X 224 5.89 36.03 30.09
C LYS X 224 7.14 36.56 30.78
N GLY X 225 7.12 36.62 32.12
CA GLY X 225 8.29 37.05 32.86
C GLY X 225 8.99 35.89 33.54
N LEU X 226 10.13 35.47 33.00
CA LEU X 226 10.87 34.33 33.54
C LEU X 226 12.35 34.60 33.71
N ALA X 227 12.90 35.60 33.03
CA ALA X 227 14.30 35.96 33.18
C ALA X 227 14.55 36.93 34.33
N GLU X 228 13.50 37.36 35.02
CA GLU X 228 13.63 38.28 36.15
C GLU X 228 13.70 37.50 37.47
N MET X 229 14.70 36.63 37.56
CA MET X 229 14.92 35.84 38.76
C MET X 229 16.40 35.82 39.10
N CYS X 230 16.71 35.66 40.38
CA CYS X 230 18.06 35.67 40.93
C CYS X 230 18.85 34.40 40.58
N ASP X 231 18.15 33.40 40.02
CA ASP X 231 18.74 32.17 39.52
C ASP X 231 19.15 31.22 40.65
N ASP X 232 19.06 31.67 41.90
CA ASP X 232 19.40 30.84 43.05
C ASP X 232 18.47 31.02 44.24
N ASP X 233 17.42 31.84 44.13
CA ASP X 233 16.56 32.13 45.27
C ASP X 233 15.40 31.15 45.33
N ASP X 234 14.40 31.45 46.16
CA ASP X 234 13.29 30.52 46.39
C ASP X 234 12.37 30.46 45.20
N ALA X 235 12.31 31.52 44.39
CA ALA X 235 11.38 31.56 43.27
C ALA X 235 11.69 30.47 42.25
N GLN X 236 12.96 30.31 41.90
CA GLN X 236 13.35 29.25 40.95
C GLN X 236 13.05 27.87 41.52
N TYR X 237 13.32 27.67 42.82
CA TYR X 237 13.04 26.39 43.45
C TYR X 237 11.55 26.06 43.37
N ALA X 238 10.70 27.03 43.70
CA ALA X 238 9.26 26.80 43.65
C ALA X 238 8.79 26.54 42.23
N ALA X 239 9.30 27.30 41.26
CA ALA X 239 8.89 27.10 39.87
C ALA X 239 9.29 25.71 39.36
N ARG X 240 10.51 25.28 39.69
CA ARG X 240 10.96 23.97 39.23
C ARG X 240 10.20 22.85 39.92
N LEU X 241 9.90 23.00 41.21
CA LEU X 241 9.09 22.00 41.89
C LEU X 241 7.69 21.90 41.27
N ARG X 242 7.09 23.05 40.98
CA ARG X 242 5.76 23.06 40.35
C ARG X 242 5.81 22.38 38.99
N LEU X 243 6.83 22.69 38.19
CA LEU X 243 6.96 22.08 36.87
C LEU X 243 7.15 20.56 36.99
N ALA X 244 7.96 20.12 37.94
CA ALA X 244 8.19 18.70 38.14
C ALA X 244 6.90 17.99 38.51
N GLN X 245 6.16 18.54 39.47
CA GLN X 245 4.89 17.92 39.86
C GLN X 245 3.90 17.89 38.71
N VAL X 246 3.83 18.98 37.93
CA VAL X 246 2.87 19.05 36.84
C VAL X 246 3.19 18.02 35.77
N ASP X 247 4.46 17.89 35.38
CA ASP X 247 4.78 16.88 34.38
C ASP X 247 4.74 15.47 34.95
N ASP X 248 4.78 15.33 36.27
CA ASP X 248 4.61 14.00 36.87
C ASP X 248 3.16 13.57 36.86
N ASN X 249 2.23 14.49 37.10
CA ASN X 249 0.82 14.14 37.25
C ASN X 249 0.00 14.26 35.97
N SER X 250 0.60 14.74 34.87
CA SER X 250 -0.14 14.93 33.64
C SER X 250 -0.18 13.63 32.83
N GLY X 251 -0.93 13.66 31.74
CA GLY X 251 -1.05 12.51 30.86
C GLY X 251 -2.40 12.52 30.17
N VAL X 252 -2.79 11.35 29.67
CA VAL X 252 -4.11 11.17 29.08
C VAL X 252 -5.14 11.01 30.19
N GLY X 253 -6.21 11.79 30.12
CA GLY X 253 -7.19 11.83 31.17
C GLY X 253 -6.96 12.90 32.22
N ARG X 254 -5.83 13.60 32.16
CA ARG X 254 -5.53 14.70 33.07
C ARG X 254 -5.21 15.95 32.27
N ALA X 255 -5.68 17.09 32.76
CA ALA X 255 -5.56 18.36 32.05
C ALA X 255 -4.69 19.32 32.83
N ILE X 256 -4.23 20.37 32.12
CA ILE X 256 -3.47 21.45 32.72
C ILE X 256 -4.23 22.75 32.54
N GLY X 257 -4.33 23.53 33.60
CA GLY X 257 -4.91 24.85 33.51
C GLY X 257 -3.87 25.90 33.21
N ILE X 258 -3.99 26.54 32.06
CA ILE X 258 -3.03 27.55 31.61
C ILE X 258 -3.67 28.92 31.72
N ASP X 259 -2.92 29.88 32.23
CA ASP X 259 -3.37 31.27 32.23
C ASP X 259 -3.12 31.86 30.86
N ALA X 260 -4.17 32.39 30.24
CA ALA X 260 -4.04 32.96 28.90
C ALA X 260 -3.25 34.26 28.96
N GLU X 261 -2.90 34.76 27.78
CA GLU X 261 -2.29 36.07 27.52
C GLU X 261 -0.97 36.27 28.27
N THR X 262 -0.50 35.25 28.99
CA THR X 262 0.78 35.35 29.68
C THR X 262 1.57 34.04 29.68
N GLU X 263 1.08 32.98 29.04
CA GLU X 263 1.72 31.68 29.18
C GLU X 263 1.13 30.73 28.15
N GLU X 264 1.99 29.88 27.58
CA GLU X 264 1.58 28.91 26.56
C GLU X 264 2.16 27.55 26.90
N TYR X 265 1.75 26.55 26.12
CA TYR X 265 2.19 25.17 26.30
C TYR X 265 2.16 24.47 24.94
N ASP X 266 3.32 23.98 24.50
CA ASP X 266 3.44 23.34 23.20
C ASP X 266 4.13 22.00 23.34
N VAL X 267 3.88 21.11 22.38
CA VAL X 267 4.50 19.80 22.33
C VAL X 267 5.09 19.59 20.94
N LEU X 268 6.35 19.18 20.87
CA LEU X 268 7.04 18.93 19.62
C LEU X 268 7.29 17.44 19.46
N ASN X 269 6.91 16.89 18.31
CA ASN X 269 7.01 15.46 18.05
C ASN X 269 8.18 15.16 17.13
N SER X 270 8.43 13.86 16.97
CA SER X 270 9.47 13.35 16.07
C SER X 270 9.01 11.98 15.58
N ASP X 271 9.93 11.21 15.01
CA ASP X 271 9.58 9.88 14.52
C ASP X 271 10.79 8.97 14.59
N ILE X 272 10.51 7.66 14.54
CA ILE X 272 11.54 6.63 14.48
C ILE X 272 11.12 5.67 13.36
N SER X 273 11.66 5.87 12.16
CA SER X 273 11.17 5.18 10.97
C SER X 273 11.96 3.92 10.64
N GLY X 274 13.25 4.05 10.36
CA GLY X 274 14.01 2.92 9.85
C GLY X 274 15.26 2.57 10.63
N VAL X 275 15.22 2.77 11.95
CA VAL X 275 16.37 2.42 12.79
C VAL X 275 16.68 0.92 12.77
N PRO X 276 15.71 0.01 12.97
CA PRO X 276 16.07 -1.42 13.01
C PRO X 276 16.74 -1.92 11.75
N GLU X 277 16.30 -1.45 10.58
CA GLU X 277 16.95 -1.85 9.33
C GLU X 277 18.38 -1.33 9.27
N PHE X 278 18.61 -0.12 9.76
CA PHE X 278 19.96 0.42 9.80
C PHE X 278 20.87 -0.43 10.68
N LEU X 279 20.39 -0.80 11.87
CA LEU X 279 21.18 -1.63 12.77
C LEU X 279 21.43 -3.00 12.17
N SER X 280 20.42 -3.57 11.51
CA SER X 280 20.59 -4.87 10.86
C SER X 280 21.63 -4.78 9.75
N SER X 281 21.64 -3.68 8.99
CA SER X 281 22.64 -3.51 7.95
C SER X 281 24.05 -3.43 8.53
N LYS X 282 24.22 -2.70 9.63
CA LYS X 282 25.54 -2.63 10.25
C LYS X 282 25.99 -3.99 10.77
N MET X 283 25.07 -4.74 11.38
CA MET X 283 25.42 -6.09 11.83
C MET X 283 25.74 -6.99 10.65
N ASP X 284 25.07 -6.79 9.51
CA ASP X 284 25.39 -7.55 8.30
C ASP X 284 26.80 -7.23 7.82
N ARG X 285 27.20 -5.97 7.89
CA ARG X 285 28.57 -5.62 7.54
C ARG X 285 29.56 -6.32 8.47
N ILE X 286 29.26 -6.35 9.78
CA ILE X 286 30.13 -7.04 10.71
C ILE X 286 30.24 -8.52 10.36
N VAL X 287 29.11 -9.15 10.02
CA VAL X 287 29.11 -10.56 9.65
C VAL X 287 29.96 -10.78 8.41
N SER X 288 29.81 -9.91 7.41
CA SER X 288 30.57 -10.04 6.17
C SER X 288 32.06 -9.91 6.42
N LEU X 289 32.47 -8.95 7.26
CA LEU X 289 33.89 -8.73 7.51
C LEU X 289 34.51 -9.83 8.38
N SER X 290 33.74 -10.40 9.31
CA SER X 290 34.31 -11.33 10.27
C SER X 290 34.82 -12.60 9.60
N GLY X 291 34.10 -13.10 8.60
CA GLY X 291 34.48 -14.37 7.99
C GLY X 291 33.78 -15.58 8.56
N ILE X 292 32.68 -15.39 9.29
CA ILE X 292 31.93 -16.47 9.90
C ILE X 292 30.46 -16.33 9.50
N HIS X 293 29.77 -17.46 9.43
CA HIS X 293 28.38 -17.47 9.00
C HIS X 293 27.52 -16.61 9.94
N GLU X 294 26.41 -16.10 9.40
CA GLU X 294 25.55 -15.21 10.18
C GLU X 294 24.81 -15.98 11.27
N ILE X 295 24.55 -17.27 11.06
CA ILE X 295 23.87 -18.05 12.08
C ILE X 295 24.70 -18.13 13.36
N ILE X 296 26.02 -18.28 13.21
CA ILE X 296 26.89 -18.41 14.38
C ILE X 296 26.96 -17.08 15.14
N ILE X 297 27.16 -15.98 14.41
CA ILE X 297 27.38 -14.70 15.07
C ILE X 297 26.07 -14.13 15.61
N LYS X 298 25.05 -14.02 14.77
CA LYS X 298 23.76 -13.52 15.21
C LYS X 298 23.06 -14.48 16.16
N ASN X 299 23.45 -15.76 16.16
CA ASN X 299 22.90 -16.78 17.03
C ASN X 299 21.38 -16.78 17.01
N LYS X 300 20.81 -16.54 15.84
CA LYS X 300 19.36 -16.46 15.68
C LYS X 300 19.00 -17.08 14.34
N ASN X 301 18.27 -18.18 14.37
CA ASN X 301 17.75 -18.81 13.16
C ASN X 301 16.53 -18.02 12.71
N VAL X 302 15.72 -18.61 11.81
CA VAL X 302 14.47 -18.01 11.34
C VAL X 302 14.77 -16.92 10.32
N GLY X 303 16.03 -16.46 10.27
CA GLY X 303 16.42 -15.51 9.25
C GLY X 303 16.09 -15.98 7.86
N GLY X 304 16.27 -17.27 7.59
CA GLY X 304 15.80 -17.88 6.37
C GLY X 304 14.64 -18.83 6.61
N VAL X 305 14.05 -19.35 5.53
CA VAL X 305 12.97 -20.31 5.70
C VAL X 305 13.51 -21.60 6.32
N SER X 306 12.61 -22.35 6.95
CA SER X 306 12.99 -23.58 7.63
C SER X 306 13.54 -24.60 6.64
N ALA X 307 14.84 -24.85 6.70
CA ALA X 307 15.50 -25.83 5.85
C ALA X 307 15.61 -27.15 6.58
N SER X 308 16.34 -28.09 6.01
CA SER X 308 16.53 -29.40 6.64
C SER X 308 17.28 -29.24 7.97
N GLN X 309 18.53 -28.80 7.90
CA GLN X 309 19.36 -28.58 9.08
C GLN X 309 20.75 -28.10 8.69
N ASN X 310 21.61 -29.04 8.29
CA ASN X 310 23.00 -28.71 7.97
C ASN X 310 23.14 -27.90 6.68
N THR X 311 22.05 -27.76 5.91
CA THR X 311 22.14 -27.10 4.61
C THR X 311 22.61 -25.66 4.75
N ALA X 312 22.17 -24.97 5.81
CA ALA X 312 22.63 -23.60 6.03
C ALA X 312 24.02 -23.57 6.66
N LEU X 313 24.43 -24.64 7.35
CA LEU X 313 25.71 -24.68 8.05
C LEU X 313 26.81 -25.33 7.24
N GLU X 314 26.55 -25.68 5.98
CA GLU X 314 27.58 -26.32 5.16
C GLU X 314 28.78 -25.40 4.94
N THR X 315 28.54 -24.10 4.77
CA THR X 315 29.66 -23.18 4.59
C THR X 315 30.55 -23.13 5.82
N PHE X 316 29.93 -23.05 7.00
CA PHE X 316 30.70 -23.07 8.24
C PHE X 316 31.46 -24.37 8.41
N TYR X 317 30.83 -25.50 8.05
CA TYR X 317 31.49 -26.78 8.16
C TYR X 317 32.69 -26.88 7.22
N LYS X 318 32.55 -26.36 5.99
CA LYS X 318 33.67 -26.33 5.05
C LYS X 318 34.81 -25.49 5.61
N LEU X 319 34.47 -24.33 6.19
CA LEU X 319 35.49 -23.48 6.79
C LEU X 319 36.21 -24.21 7.92
N VAL X 320 35.46 -24.93 8.77
CA VAL X 320 36.08 -25.63 9.89
C VAL X 320 36.95 -26.77 9.40
N ASP X 321 36.53 -27.48 8.34
CA ASP X 321 37.37 -28.53 7.78
C ASP X 321 38.66 -27.97 7.22
N ARG X 322 38.58 -26.86 6.48
CA ARG X 322 39.80 -26.24 5.97
C ARG X 322 40.72 -25.81 7.10
N LYS X 323 40.16 -25.20 8.14
CA LYS X 323 40.97 -24.74 9.27
C LYS X 323 41.61 -25.91 10.01
N ARG X 324 40.87 -27.00 10.22
CA ARG X 324 41.47 -28.15 10.90
C ARG X 324 42.60 -28.74 10.06
N GLU X 325 42.36 -28.92 8.75
CA GLU X 325 43.41 -29.46 7.89
C GLU X 325 44.63 -28.56 7.86
N GLU X 326 44.44 -27.24 8.02
CA GLU X 326 45.59 -26.34 7.97
C GLU X 326 46.34 -26.27 9.28
N ASP X 327 45.65 -26.25 10.42
CA ASP X 327 46.27 -25.99 11.72
C ASP X 327 46.36 -27.20 12.64
N TYR X 328 45.29 -27.99 12.76
CA TYR X 328 45.27 -29.01 13.81
C TYR X 328 46.18 -30.18 13.46
N ARG X 329 46.28 -30.53 12.18
CA ARG X 329 47.06 -31.69 11.78
C ARG X 329 48.53 -31.59 12.15
N PRO X 330 49.24 -30.47 11.90
CA PRO X 330 50.66 -30.41 12.30
C PRO X 330 50.89 -30.62 13.79
N LEU X 331 49.98 -30.12 14.64
CA LEU X 331 50.14 -30.31 16.07
C LEU X 331 50.07 -31.79 16.44
N LEU X 332 49.11 -32.50 15.87
CA LEU X 332 48.99 -33.93 16.13
C LEU X 332 50.19 -34.69 15.57
N GLU X 333 50.65 -34.33 14.37
CA GLU X 333 51.80 -35.01 13.79
C GLU X 333 53.09 -34.70 14.55
N PHE X 334 53.12 -33.61 15.30
CA PHE X 334 54.27 -33.34 16.16
C PHE X 334 54.17 -34.12 17.48
N LEU X 335 52.97 -34.20 18.06
CA LEU X 335 52.82 -34.85 19.36
C LEU X 335 52.83 -36.36 19.27
N LEU X 336 52.27 -36.95 18.21
CA LEU X 336 52.08 -38.39 18.16
C LEU X 336 53.36 -39.21 18.22
N PRO X 337 54.44 -38.89 17.49
CA PRO X 337 55.63 -39.77 17.54
C PRO X 337 56.19 -39.95 18.94
N PHE X 338 55.86 -39.06 19.87
CA PHE X 338 56.31 -39.17 21.25
C PHE X 338 55.35 -39.95 22.13
N ILE X 339 54.27 -40.48 21.56
CA ILE X 339 53.30 -41.27 22.30
C ILE X 339 53.15 -42.63 21.66
N VAL X 340 52.83 -42.65 20.36
CA VAL X 340 52.57 -43.89 19.66
C VAL X 340 53.88 -44.65 19.43
N ASP X 341 53.90 -45.92 19.82
CA ASP X 341 55.11 -46.73 19.67
C ASP X 341 55.35 -47.14 18.23
N GLU X 342 54.29 -47.51 17.51
CA GLU X 342 54.44 -47.98 16.14
C GLU X 342 54.92 -46.85 15.23
N GLU X 343 55.80 -47.20 14.29
CA GLU X 343 56.40 -46.20 13.41
C GLU X 343 55.47 -45.79 12.28
N GLU X 344 54.51 -46.65 11.90
CA GLU X 344 53.60 -46.37 10.80
C GLU X 344 52.22 -46.04 11.34
N TRP X 345 51.70 -44.89 10.95
CA TRP X 345 50.37 -44.45 11.37
C TRP X 345 49.93 -43.30 10.46
N SER X 346 48.64 -42.98 10.54
CA SER X 346 48.07 -41.88 9.78
C SER X 346 46.84 -41.37 10.52
N ILE X 347 46.52 -40.09 10.32
CA ILE X 347 45.45 -39.41 11.04
C ILE X 347 44.31 -39.14 10.08
N GLU X 348 43.11 -39.60 10.43
CA GLU X 348 41.90 -39.34 9.66
C GLU X 348 40.91 -38.58 10.54
N PHE X 349 40.44 -37.45 10.04
CA PHE X 349 39.59 -36.57 10.83
C PHE X 349 38.13 -36.99 10.74
N GLU X 350 37.47 -37.04 11.89
CA GLU X 350 36.06 -37.40 11.92
C GLU X 350 35.21 -36.28 11.31
N PRO X 351 34.15 -36.64 10.59
CA PRO X 351 33.27 -35.62 10.01
C PRO X 351 32.53 -34.84 11.09
N LEU X 352 32.26 -33.57 10.79
CA LEU X 352 31.54 -32.71 11.73
C LEU X 352 30.04 -33.02 11.73
N SER X 353 29.48 -33.33 10.57
CA SER X 353 28.05 -33.57 10.43
C SER X 353 27.76 -35.05 10.52
N VAL X 354 26.89 -35.43 11.45
CA VAL X 354 26.53 -36.82 11.65
C VAL X 354 25.04 -36.99 11.37
N PRO X 355 24.63 -38.09 10.74
CA PRO X 355 23.22 -38.29 10.43
C PRO X 355 22.44 -38.73 11.66
N SER X 356 21.11 -38.69 11.53
CA SER X 356 20.24 -39.13 12.59
C SER X 356 20.26 -40.65 12.72
N LYS X 357 19.66 -41.15 13.79
CA LYS X 357 19.71 -42.59 14.08
C LYS X 357 19.01 -43.40 13.00
N LYS X 358 17.87 -42.92 12.51
CA LYS X 358 17.15 -43.63 11.45
C LYS X 358 17.98 -43.72 10.18
N GLU X 359 18.62 -42.61 9.81
CA GLU X 359 19.50 -42.64 8.64
C GLU X 359 20.68 -43.57 8.86
N GLU X 360 21.21 -43.62 10.08
CA GLU X 360 22.29 -44.54 10.39
C GLU X 360 21.84 -45.99 10.21
N SER X 361 20.64 -46.32 10.68
CA SER X 361 20.12 -47.67 10.52
C SER X 361 19.95 -48.01 9.05
N GLU X 362 19.42 -47.08 8.25
CA GLU X 362 19.26 -47.32 6.82
C GLU X 362 20.61 -47.53 6.14
N ILE X 363 21.62 -46.73 6.52
CA ILE X 363 22.96 -46.87 5.95
C ILE X 363 23.55 -48.23 6.29
N THR X 364 23.40 -48.66 7.55
CA THR X 364 23.92 -49.97 7.95
C THR X 364 23.21 -51.09 7.18
N LYS X 365 21.89 -50.98 7.02
CA LYS X 365 21.17 -52.01 6.27
C LYS X 365 21.64 -52.07 4.82
N ASN X 366 21.82 -50.91 4.18
CA ASN X 366 22.29 -50.90 2.80
C ASN X 366 23.68 -51.51 2.68
N ASN X 367 24.59 -51.14 3.60
CA ASN X 367 25.94 -51.69 3.55
C ASN X 367 25.94 -53.20 3.76
N VAL X 368 25.15 -53.68 4.73
CA VAL X 368 25.10 -55.11 5.00
C VAL X 368 24.54 -55.86 3.81
N GLU X 369 23.49 -55.33 3.18
CA GLU X 369 22.91 -56.00 2.02
C GLU X 369 23.90 -56.03 0.85
N SER X 370 24.64 -54.93 0.64
CA SER X 370 25.64 -54.92 -0.42
C SER X 370 26.75 -55.94 -0.16
N VAL X 371 27.22 -56.03 1.09
CA VAL X 371 28.25 -57.01 1.41
C VAL X 371 27.72 -58.43 1.21
N THR X 372 26.48 -58.67 1.62
CA THR X 372 25.88 -60.00 1.45
C THR X 372 25.77 -60.37 -0.03
N LYS X 373 25.34 -59.42 -0.86
CA LYS X 373 25.30 -59.67 -2.29
C LYS X 373 26.68 -59.91 -2.86
N ALA X 374 27.71 -59.27 -2.30
CA ALA X 374 29.07 -59.52 -2.73
C ALA X 374 29.51 -60.94 -2.36
N ILE X 375 29.08 -61.43 -1.20
CA ILE X 375 29.44 -62.78 -0.77
C ILE X 375 28.94 -63.81 -1.78
N THR X 376 27.70 -63.66 -2.22
CA THR X 376 27.17 -64.55 -3.25
C THR X 376 27.96 -64.39 -4.54
N GLU X 377 27.86 -65.39 -5.40
CA GLU X 377 28.61 -65.55 -6.65
C GLU X 377 30.11 -65.66 -6.42
N GLN X 378 30.59 -65.66 -5.17
CA GLN X 378 31.97 -66.00 -4.81
C GLN X 378 32.98 -65.11 -5.55
N ILE X 379 32.91 -63.82 -5.23
CA ILE X 379 33.81 -62.85 -5.84
C ILE X 379 34.55 -62.05 -4.77
N ILE X 380 34.21 -62.27 -3.49
CA ILE X 380 34.74 -61.44 -2.42
C ILE X 380 35.41 -62.23 -1.30
N ASP X 381 35.13 -63.52 -1.15
CA ASP X 381 35.68 -64.36 -0.08
C ASP X 381 35.18 -63.91 1.29
N LEU X 382 35.24 -64.83 2.27
CA LEU X 382 34.69 -64.56 3.59
C LEU X 382 35.54 -63.56 4.36
N GLU X 383 36.87 -63.67 4.26
CA GLU X 383 37.76 -62.83 5.07
C GLU X 383 37.65 -61.37 4.70
N GLU X 384 37.68 -61.07 3.39
CA GLU X 384 37.57 -59.69 2.95
C GLU X 384 36.22 -59.09 3.32
N ALA X 385 35.15 -59.89 3.20
CA ALA X 385 33.83 -59.41 3.60
C ALA X 385 33.77 -59.15 5.10
N ARG X 386 34.40 -60.00 5.90
CA ARG X 386 34.41 -59.77 7.34
C ARG X 386 35.16 -58.49 7.69
N ASP X 387 36.30 -58.25 7.03
CA ASP X 387 37.03 -57.00 7.26
C ASP X 387 36.20 -55.79 6.83
N THR X 388 35.51 -55.90 5.69
CA THR X 388 34.67 -54.82 5.22
C THR X 388 33.54 -54.53 6.19
N LEU X 389 32.93 -55.58 6.75
CA LEU X 389 31.89 -55.39 7.75
C LEU X 389 32.44 -54.78 9.02
N ARG X 390 33.65 -55.17 9.42
CA ARG X 390 34.27 -54.60 10.61
C ARG X 390 34.53 -53.11 10.45
N SER X 391 34.98 -52.70 9.26
CA SER X 391 35.36 -51.30 9.07
C SER X 391 34.15 -50.43 8.73
N ILE X 392 33.38 -50.82 7.72
CA ILE X 392 32.28 -49.99 7.24
C ILE X 392 31.22 -49.81 8.32
N ALA X 393 30.85 -50.89 9.00
CA ALA X 393 29.80 -50.87 10.01
C ALA X 393 30.41 -51.11 11.38
N PRO X 394 30.70 -50.06 12.15
CA PRO X 394 31.27 -50.28 13.50
C PRO X 394 30.24 -50.70 14.53
N GLU X 395 28.95 -50.66 14.19
CA GLU X 395 27.93 -51.09 15.14
C GLU X 395 28.06 -52.57 15.45
N PHE X 396 28.39 -53.37 14.45
CA PHE X 396 28.60 -54.80 14.66
C PHE X 396 29.82 -55.03 15.52
N LYS X 397 29.69 -55.89 16.54
CA LYS X 397 30.81 -56.24 17.41
C LYS X 397 31.40 -57.58 16.94
N LEU X 398 32.17 -57.51 15.87
CA LEU X 398 32.83 -58.69 15.34
C LEU X 398 33.90 -59.19 16.30
N LYS X 399 34.08 -60.50 16.34
CA LYS X 399 35.11 -61.11 17.17
C LYS X 399 36.41 -61.23 16.38
N ASP X 400 37.52 -61.01 17.07
CA ASP X 400 38.83 -61.03 16.42
C ASP X 400 39.09 -62.39 15.77
N GLY X 401 39.64 -62.36 14.58
CA GLY X 401 39.90 -63.56 13.82
C GLY X 401 38.82 -63.84 12.80
N ASN X 402 39.20 -64.48 11.70
CA ASN X 402 38.30 -64.82 10.62
C ASN X 402 38.03 -66.32 10.54
N ASN X 403 38.18 -67.03 11.67
CA ASN X 403 38.05 -68.49 11.68
C ASN X 403 36.63 -68.97 11.95
N ILE X 404 35.69 -68.06 12.26
CA ILE X 404 34.32 -68.36 12.69
C ILE X 404 34.29 -69.65 13.51
N ASN X 405 33.34 -70.53 13.23
CA ASN X 405 33.36 -71.88 13.77
C ASN X 405 32.72 -72.87 12.79
#